data_8ODN
#
_entry.id   8ODN
#
_cell.length_a   1.00
_cell.length_b   1.00
_cell.length_c   1.00
_cell.angle_alpha   90.00
_cell.angle_beta   90.00
_cell.angle_gamma   90.00
#
_symmetry.space_group_name_H-M   'P 1'
#
loop_
_entity.id
_entity.type
_entity.pdbx_description
1 polymer RcpA
2 polymer 'TPR repeat-containing protein PA4299'
#
loop_
_entity_poly.entity_id
_entity_poly.type
_entity_poly.pdbx_seq_one_letter_code
_entity_poly.pdbx_strand_id
1 'polypeptide(L)'
;MHRSTGIGVSRWLGGLLGVALALPALALPQGCIELLAQAPRVDVVQGQQRDLRLAVPIERLAIGDPKIADVQLLDRRGFL
VTGKEQGSTSLLIWTGCSPEPLRSLVEVEGRGSVDTRGAPAFTVGAAEELPNQVQTDIRFVEVSRSKLKQASTSFVRRGG
NLWVLGAPGSLGDIKVNADGSGLGGTFGTGSSGFNLIFGGGKWLSFMNALEGSGFAYTLARPSLVAMSGQSASFLAGGEF
PIPVPNGTNDNVTIEYKEFGIRLTLTPTVMNNRRIALKVAPEVSELDYSAGIQSGGVAVPALRVRRTDTSVMLADGESFV
ISGLTSSNSVSNVDKFPWLGDIPILGAFFRSTKLDKDDRELLMIVTPHLVQPLAADAQLPDLPGEGLRHYDPGFSRLYFL
ERGEYDGQQNDTGLSDSAWSHPQFEK
;
A,C,E,G,I,K,M,O,Q,S,V,X,Z
2 'polypeptide(L)'
;MKALIGIGLCAALLGGCAALPGRDGPRECSQQLGQEQELQMNMVRDMIREGRLHAALANLESMPPGLLDVREERALILRR
IGDPRARAEYQALLETCKAPEAHHGLGLLALRNGDSARAVLELREAARLRPTESRFRNDLGVALLKRGDRVGARFEFITA
LELQQGGKLPATNLLGLLYLQGDREDAQRLIERLQLDARDIRAAEARARSWGAVPTPGAAPASDDPLAELPAEANMHTAM
ANEAPGSDYKDDDDK
;
B,D,F,H,J,L,N,P,R,T,W,Y,a
#
# COMPACT_ATOMS: atom_id res chain seq x y z
N PRO A 131 -49.53 39.05 10.95
CA PRO A 131 -48.26 38.66 10.33
C PRO A 131 -47.97 37.17 10.47
N ASN A 132 -47.34 36.59 9.44
CA ASN A 132 -47.00 35.17 9.42
C ASN A 132 -45.49 34.96 9.32
N GLN A 133 -44.70 35.99 9.59
CA GLN A 133 -43.24 35.92 9.49
C GLN A 133 -42.63 36.35 10.81
N VAL A 134 -41.56 35.65 11.21
CA VAL A 134 -40.99 35.78 12.54
C VAL A 134 -39.54 36.21 12.42
N GLN A 135 -39.15 37.21 13.20
CA GLN A 135 -37.77 37.60 13.39
C GLN A 135 -37.34 37.14 14.77
N THR A 136 -36.28 36.34 14.83
CA THR A 136 -35.80 35.76 16.08
C THR A 136 -34.49 36.41 16.46
N ASP A 137 -34.43 36.96 17.66
CA ASP A 137 -33.23 37.62 18.18
C ASP A 137 -32.59 36.75 19.24
N ILE A 138 -31.32 36.43 19.06
CA ILE A 138 -30.54 35.65 20.01
C ILE A 138 -29.57 36.59 20.71
N ARG A 139 -29.34 36.33 21.99
CA ARG A 139 -28.41 37.14 22.79
C ARG A 139 -27.55 36.20 23.60
N PHE A 140 -26.25 36.19 23.32
CA PHE A 140 -25.30 35.30 23.97
C PHE A 140 -24.21 36.11 24.66
N VAL A 141 -23.90 35.73 25.89
CA VAL A 141 -22.87 36.40 26.67
C VAL A 141 -22.06 35.34 27.41
N GLU A 142 -20.73 35.51 27.41
CA GLU A 142 -19.85 34.64 28.17
C GLU A 142 -18.77 35.48 28.83
N VAL A 143 -18.56 35.25 30.12
CA VAL A 143 -17.49 35.89 30.88
C VAL A 143 -16.70 34.81 31.59
N SER A 144 -15.38 34.89 31.49
CA SER A 144 -14.50 33.91 32.10
C SER A 144 -13.29 34.61 32.67
N ARG A 145 -12.82 34.10 33.81
CA ARG A 145 -11.63 34.62 34.47
C ARG A 145 -10.74 33.46 34.87
N SER A 146 -9.44 33.74 34.97
CA SER A 146 -8.47 32.72 35.33
C SER A 146 -7.34 33.35 36.11
N LYS A 147 -6.67 32.53 36.91
CA LYS A 147 -5.47 32.94 37.63
C LYS A 147 -4.47 31.80 37.60
N LEU A 148 -3.20 32.14 37.76
CA LEU A 148 -2.12 31.17 37.67
C LEU A 148 -0.96 31.63 38.54
N LYS A 149 -0.42 30.71 39.34
CA LYS A 149 0.74 30.99 40.17
C LYS A 149 1.67 29.80 40.13
N GLN A 150 2.96 30.07 40.30
CA GLN A 150 3.98 29.02 40.36
C GLN A 150 5.26 29.64 40.91
N ALA A 151 6.10 28.77 41.49
CA ALA A 151 7.37 29.22 42.04
C ALA A 151 8.27 28.02 42.26
N SER A 152 9.56 28.20 41.98
CA SER A 152 10.55 27.14 42.20
C SER A 152 11.93 27.80 42.26
N THR A 153 12.87 27.09 42.88
CA THR A 153 14.21 27.61 43.08
C THR A 153 15.22 26.48 43.00
N SER A 154 16.38 26.79 42.45
CA SER A 154 17.49 25.85 42.37
C SER A 154 18.79 26.63 42.46
N PHE A 155 19.86 25.94 42.86
CA PHE A 155 21.16 26.60 42.99
C PHE A 155 22.27 25.57 42.92
N VAL A 156 23.49 26.07 42.70
CA VAL A 156 24.70 25.26 42.64
C VAL A 156 25.82 26.02 43.33
N ARG A 157 26.78 25.27 43.87
CA ARG A 157 27.95 25.86 44.52
C ARG A 157 29.18 25.07 44.11
N ARG A 158 30.33 25.72 44.18
CA ARG A 158 31.57 25.16 43.67
C ARG A 158 32.72 25.53 44.59
N GLY A 159 33.87 24.88 44.37
CA GLY A 159 35.08 25.17 45.10
C GLY A 159 35.36 24.18 46.21
N GLY A 160 36.25 23.23 45.95
CA GLY A 160 36.56 22.21 46.93
C GLY A 160 35.39 21.29 47.14
N ASN A 161 34.34 21.83 47.76
CA ASN A 161 33.07 21.15 47.89
C ASN A 161 32.22 21.38 46.65
N LEU A 162 31.10 20.66 46.57
CA LEU A 162 30.12 20.87 45.51
C LEU A 162 28.75 20.57 46.08
N TRP A 163 27.80 21.47 45.86
CA TRP A 163 26.43 21.29 46.30
C TRP A 163 25.48 21.58 45.16
N VAL A 164 24.36 20.88 45.15
CA VAL A 164 23.33 21.07 44.14
C VAL A 164 21.98 20.81 44.79
N LEU A 165 20.99 21.62 44.44
CA LEU A 165 19.61 21.40 44.85
C LEU A 165 18.73 21.71 43.65
N GLY A 166 18.22 20.66 43.00
CA GLY A 166 17.38 20.80 41.84
C GLY A 166 15.93 20.60 42.19
N ALA A 167 15.12 21.62 41.91
CA ALA A 167 13.70 21.52 42.14
C ALA A 167 13.08 20.52 41.17
N PRO A 168 11.89 19.99 41.48
CA PRO A 168 11.30 18.95 40.63
C PRO A 168 11.28 19.34 39.16
N GLY A 169 11.93 18.52 38.32
CA GLY A 169 11.97 18.75 36.89
C GLY A 169 12.99 19.77 36.42
N SER A 170 13.79 20.32 37.32
CA SER A 170 14.73 21.38 36.96
C SER A 170 16.09 20.84 36.53
N LEU A 171 16.56 19.76 37.16
CA LEU A 171 17.91 19.27 36.98
C LEU A 171 18.03 18.16 35.94
N GLY A 172 16.94 17.82 35.25
CA GLY A 172 16.98 16.72 34.30
C GLY A 172 17.92 16.95 33.13
N ASP A 173 18.35 18.19 32.90
CA ASP A 173 19.16 18.50 31.73
C ASP A 173 20.62 18.09 31.89
N ILE A 174 21.07 17.76 33.10
CA ILE A 174 22.49 17.69 33.41
C ILE A 174 22.84 16.31 33.94
N LYS A 175 24.02 15.84 33.55
CA LYS A 175 24.63 14.64 34.11
C LYS A 175 26.01 14.99 34.65
N VAL A 176 26.41 14.33 35.73
CA VAL A 176 27.69 14.57 36.38
C VAL A 176 28.65 13.46 35.99
N ASN A 177 29.92 13.81 35.85
CA ASN A 177 30.91 12.89 35.33
C ASN A 177 31.23 11.81 36.37
N ALA A 178 31.95 10.77 35.91
CA ALA A 178 32.25 9.63 36.76
C ALA A 178 33.13 10.02 37.94
N ASP A 179 34.09 10.92 37.72
CA ASP A 179 35.07 11.25 38.75
C ASP A 179 34.60 12.38 39.67
N GLY A 180 33.41 12.91 39.47
CA GLY A 180 32.86 13.90 40.39
C GLY A 180 33.58 15.22 40.40
N SER A 181 34.32 15.55 39.34
CA SER A 181 35.05 16.81 39.29
C SER A 181 34.16 17.99 38.92
N GLY A 182 32.98 17.74 38.38
CA GLY A 182 32.09 18.83 37.99
C GLY A 182 30.94 18.31 37.15
N LEU A 183 29.96 19.18 36.97
CA LEU A 183 28.80 18.84 36.15
C LEU A 183 29.17 18.82 34.67
N GLY A 184 28.40 18.04 33.91
CA GLY A 184 28.68 17.87 32.49
C GLY A 184 27.51 18.19 31.58
N GLY A 185 26.65 19.13 31.99
CA GLY A 185 25.51 19.51 31.20
C GLY A 185 25.21 21.00 31.31
N THR A 186 24.28 21.44 30.49
CA THR A 186 23.87 22.84 30.44
C THR A 186 22.48 22.99 31.05
N PHE A 187 22.33 23.98 31.91
CA PHE A 187 21.04 24.22 32.57
C PHE A 187 20.03 24.80 31.59
N GLY A 188 18.76 24.43 31.79
CA GLY A 188 17.67 24.96 31.01
C GLY A 188 16.84 25.96 31.79
N THR A 189 15.74 26.38 31.16
CA THR A 189 14.84 27.37 31.73
C THR A 189 13.39 26.91 31.62
N GLY A 190 12.60 27.23 32.64
CA GLY A 190 11.16 27.01 32.55
C GLY A 190 10.53 28.01 31.61
N SER A 191 9.71 27.51 30.67
CA SER A 191 9.19 28.35 29.61
C SER A 191 8.09 29.29 30.10
N SER A 192 7.20 28.80 30.96
CA SER A 192 5.93 29.48 31.20
C SER A 192 6.04 30.75 32.02
N GLY A 193 7.07 30.89 32.86
CA GLY A 193 7.13 31.98 33.81
C GLY A 193 8.39 32.81 33.67
N PHE A 194 8.44 33.89 34.43
CA PHE A 194 9.64 34.71 34.50
C PHE A 194 10.81 33.88 35.03
N ASN A 195 11.94 33.95 34.34
CA ASN A 195 13.15 33.24 34.73
C ASN A 195 14.19 34.25 35.17
N LEU A 196 14.64 34.12 36.42
CA LEU A 196 15.71 34.95 36.96
C LEU A 196 16.91 34.06 37.29
N ILE A 197 18.10 34.52 36.89
CA ILE A 197 19.33 33.79 37.11
C ILE A 197 20.33 34.71 37.78
N PHE A 198 21.27 34.12 38.51
CA PHE A 198 22.33 34.88 39.17
C PHE A 198 23.58 34.03 39.20
N GLY A 199 24.60 34.45 38.45
CA GLY A 199 25.93 33.88 38.58
C GLY A 199 26.78 34.76 39.45
N GLY A 200 27.32 34.18 40.53
CA GLY A 200 28.08 34.94 41.51
C GLY A 200 29.44 34.32 41.79
N GLY A 201 30.07 33.79 40.76
CA GLY A 201 31.34 33.11 40.93
C GLY A 201 31.14 31.66 41.30
N LYS A 202 31.38 31.32 42.57
CA LYS A 202 31.08 29.97 43.04
C LYS A 202 29.59 29.70 43.03
N TRP A 203 28.80 30.63 43.56
CA TRP A 203 27.35 30.46 43.59
C TRP A 203 26.75 30.58 42.20
N LEU A 204 25.67 29.82 41.98
CA LEU A 204 24.87 29.92 40.77
C LEU A 204 23.45 29.49 41.12
N SER A 205 22.47 30.32 40.79
CA SER A 205 21.11 30.12 41.22
C SER A 205 20.14 30.42 40.08
N PHE A 206 18.97 29.79 40.15
CA PHE A 206 17.91 30.01 39.19
C PHE A 206 16.59 30.09 39.94
N MET A 207 15.67 30.90 39.43
CA MET A 207 14.36 31.08 40.05
C MET A 207 13.32 31.26 38.96
N ASN A 208 12.23 30.49 39.06
CA ASN A 208 11.09 30.63 38.17
C ASN A 208 9.88 31.03 39.01
N ALA A 209 9.18 32.08 38.59
CA ALA A 209 8.03 32.56 39.33
C ALA A 209 7.05 33.21 38.37
N LEU A 210 5.79 33.25 38.79
CA LEU A 210 4.73 33.86 37.99
C LEU A 210 3.48 33.96 38.84
N GLU A 211 2.78 35.09 38.73
CA GLU A 211 1.41 35.20 39.19
C GLU A 211 0.66 35.99 38.13
N GLY A 212 -0.20 35.31 37.36
CA GLY A 212 -0.86 35.93 36.24
C GLY A 212 -2.35 35.68 36.28
N SER A 213 -3.08 36.56 35.59
CA SER A 213 -4.53 36.50 35.53
C SER A 213 -4.99 36.82 34.13
N GLY A 214 -6.16 36.33 33.78
CA GLY A 214 -6.73 36.55 32.47
C GLY A 214 -8.20 36.87 32.56
N PHE A 215 -8.67 37.60 31.56
CA PHE A 215 -10.07 37.97 31.46
C PHE A 215 -10.51 37.86 30.00
N ALA A 216 -11.69 37.29 29.80
CA ALA A 216 -12.24 37.11 28.46
C ALA A 216 -13.71 37.46 28.47
N TYR A 217 -14.17 38.09 27.40
CA TYR A 217 -15.56 38.51 27.27
C TYR A 217 -16.01 38.28 25.83
N THR A 218 -17.25 37.82 25.68
CA THR A 218 -17.80 37.52 24.37
C THR A 218 -19.27 37.94 24.34
N LEU A 219 -19.69 38.53 23.23
CA LEU A 219 -21.06 38.96 23.03
C LEU A 219 -21.44 38.74 21.58
N ALA A 220 -22.63 38.18 21.35
CA ALA A 220 -23.11 37.93 20.01
C ALA A 220 -24.62 38.09 19.99
N ARG A 221 -25.13 38.83 19.01
CA ARG A 221 -26.56 39.11 18.90
C ARG A 221 -27.02 38.86 17.46
N PRO A 222 -26.96 37.62 17.00
CA PRO A 222 -27.46 37.32 15.65
C PRO A 222 -28.96 37.45 15.57
N SER A 223 -29.43 37.81 14.37
CA SER A 223 -30.85 37.90 14.08
C SER A 223 -31.12 37.21 12.75
N LEU A 224 -32.35 36.71 12.60
CA LEU A 224 -32.70 35.94 11.42
C LEU A 224 -34.20 35.95 11.24
N VAL A 225 -34.65 36.12 10.00
CA VAL A 225 -36.07 36.17 9.66
C VAL A 225 -36.42 34.93 8.86
N ALA A 226 -37.63 34.43 9.08
CA ALA A 226 -38.11 33.26 8.37
C ALA A 226 -39.63 33.23 8.42
N MET A 227 -40.23 32.67 7.37
CA MET A 227 -41.66 32.49 7.33
C MET A 227 -42.08 31.33 8.23
N SER A 228 -43.34 31.38 8.67
CA SER A 228 -43.84 30.36 9.58
C SER A 228 -43.73 28.98 8.95
N GLY A 229 -43.18 28.03 9.69
CA GLY A 229 -43.05 26.66 9.24
C GLY A 229 -41.86 26.38 8.34
N GLN A 230 -41.04 27.38 8.04
CA GLN A 230 -39.91 27.23 7.15
C GLN A 230 -38.61 27.29 7.95
N SER A 231 -37.69 26.38 7.63
CA SER A 231 -36.40 26.34 8.28
C SER A 231 -35.50 27.46 7.75
N ALA A 232 -34.56 27.89 8.59
CA ALA A 232 -33.61 28.92 8.21
C ALA A 232 -32.27 28.64 8.86
N SER A 233 -31.21 29.18 8.26
CA SER A 233 -29.86 28.96 8.74
C SER A 233 -29.04 30.23 8.55
N PHE A 234 -28.01 30.36 9.38
CA PHE A 234 -27.14 31.53 9.35
C PHE A 234 -25.75 31.13 9.78
N LEU A 235 -24.74 31.66 9.10
CA LEU A 235 -23.35 31.41 9.44
C LEU A 235 -22.58 32.72 9.32
N ALA A 236 -21.66 32.95 10.26
CA ALA A 236 -20.85 34.16 10.25
C ALA A 236 -19.40 33.91 10.61
N GLY A 237 -18.92 32.68 10.51
CA GLY A 237 -17.55 32.37 10.87
C GLY A 237 -16.70 32.01 9.67
N GLY A 238 -16.47 30.72 9.47
CA GLY A 238 -15.64 30.29 8.36
C GLY A 238 -15.58 28.78 8.29
N GLU A 239 -14.71 28.29 7.43
CA GLU A 239 -14.51 26.87 7.23
C GLU A 239 -13.02 26.59 7.05
N PHE A 240 -12.51 25.58 7.74
CA PHE A 240 -11.13 25.18 7.64
C PHE A 240 -11.04 23.75 7.13
N PRO A 241 -9.91 23.36 6.53
CA PRO A 241 -9.81 22.04 5.90
C PRO A 241 -10.00 20.89 6.87
N TYR A 256 -14.56 20.06 4.86
CA TYR A 256 -14.36 21.30 5.61
C TYR A 256 -15.32 21.38 6.79
N LYS A 257 -14.83 21.92 7.91
CA LYS A 257 -15.58 22.01 9.15
C LYS A 257 -15.86 23.47 9.46
N GLU A 258 -17.11 23.78 9.79
CA GLU A 258 -17.54 25.14 10.05
C GLU A 258 -17.21 25.55 11.49
N PHE A 259 -17.22 26.85 11.72
CA PHE A 259 -17.07 27.41 13.05
C PHE A 259 -17.57 28.84 13.02
N GLY A 260 -17.46 29.52 14.16
CA GLY A 260 -17.98 30.86 14.29
C GLY A 260 -19.46 30.86 14.65
N ILE A 261 -20.04 32.06 14.60
CA ILE A 261 -21.45 32.23 14.93
C ILE A 261 -22.29 31.41 13.96
N ARG A 262 -23.09 30.49 14.48
CA ARG A 262 -24.02 29.71 13.70
C ARG A 262 -25.39 29.76 14.35
N LEU A 263 -26.43 29.58 13.53
CA LEU A 263 -27.79 29.62 14.05
C LEU A 263 -28.71 28.92 13.05
N THR A 264 -29.37 27.86 13.52
CA THR A 264 -30.42 27.18 12.77
C THR A 264 -31.69 27.19 13.60
N LEU A 265 -32.81 27.54 12.98
CA LEU A 265 -34.06 27.67 13.70
C LEU A 265 -35.23 27.41 12.75
N THR A 266 -36.40 27.23 13.35
CA THR A 266 -37.62 26.92 12.61
C THR A 266 -38.84 27.42 13.38
N PRO A 267 -39.29 28.65 13.12
CA PRO A 267 -40.41 29.21 13.89
C PRO A 267 -41.76 28.82 13.32
N THR A 268 -42.67 28.45 14.24
CA THR A 268 -44.04 28.12 13.89
C THR A 268 -44.97 29.03 14.68
N VAL A 269 -45.83 29.76 13.97
CA VAL A 269 -46.80 30.64 14.60
C VAL A 269 -48.11 29.87 14.72
N MET A 270 -48.55 29.65 15.95
CA MET A 270 -49.73 28.85 16.21
C MET A 270 -50.99 29.71 16.13
N ASN A 271 -52.14 29.04 16.07
CA ASN A 271 -53.41 29.72 15.89
C ASN A 271 -53.71 30.70 17.03
N ASN A 272 -53.10 30.51 18.18
CA ASN A 272 -53.25 31.43 19.31
C ASN A 272 -52.22 32.55 19.30
N ARG A 273 -51.49 32.71 18.19
CA ARG A 273 -50.49 33.76 17.99
C ARG A 273 -49.23 33.56 18.82
N ARG A 274 -49.12 32.43 19.53
CA ARG A 274 -47.88 32.11 20.22
C ARG A 274 -46.89 31.47 19.25
N ILE A 275 -45.61 31.66 19.53
CA ILE A 275 -44.52 31.25 18.64
C ILE A 275 -43.82 30.05 19.26
N ALA A 276 -43.77 28.95 18.51
CA ALA A 276 -43.03 27.76 18.91
C ALA A 276 -41.71 27.74 18.16
N LEU A 277 -40.61 27.73 18.90
CA LEU A 277 -39.28 27.85 18.31
C LEU A 277 -38.51 26.54 18.47
N LYS A 278 -38.04 26.00 17.36
CA LYS A 278 -36.98 25.00 17.35
C LYS A 278 -35.69 25.73 16.99
N VAL A 279 -34.76 25.81 17.93
CA VAL A 279 -33.61 26.69 17.82
C VAL A 279 -32.36 25.96 18.27
N ALA A 280 -31.24 26.27 17.61
CA ALA A 280 -29.97 25.60 17.88
C ALA A 280 -28.82 26.56 17.63
N PRO A 281 -28.57 27.49 18.55
CA PRO A 281 -27.46 28.43 18.37
C PRO A 281 -26.11 27.79 18.66
N GLU A 282 -25.07 28.41 18.10
CA GLU A 282 -23.70 28.02 18.37
C GLU A 282 -22.79 29.25 18.36
N VAL A 283 -21.71 29.17 19.13
CA VAL A 283 -20.65 30.16 19.13
C VAL A 283 -19.34 29.42 19.32
N SER A 284 -18.51 29.39 18.29
CA SER A 284 -17.28 28.61 18.31
C SER A 284 -16.13 29.42 17.74
N GLU A 285 -14.92 29.01 18.10
CA GLU A 285 -13.71 29.68 17.65
C GLU A 285 -12.56 28.68 17.68
N LEU A 286 -11.50 29.02 16.97
CA LEU A 286 -10.37 28.11 16.82
C LEU A 286 -9.53 28.07 18.09
N ASP A 287 -9.08 26.86 18.44
CA ASP A 287 -8.15 26.63 19.53
C ASP A 287 -7.02 25.76 18.99
N TYR A 288 -5.79 26.18 19.22
CA TYR A 288 -4.62 25.62 18.54
C TYR A 288 -3.98 24.54 19.41
N SER A 289 -4.12 23.30 18.97
CA SER A 289 -3.46 22.16 19.62
C SER A 289 -3.74 20.91 18.79
N ALA A 290 -3.03 19.83 19.12
CA ALA A 290 -3.27 18.53 18.50
C ALA A 290 -2.87 18.50 17.03
N GLY A 291 -3.08 17.36 16.38
CA GLY A 291 -2.75 17.18 14.98
C GLY A 291 -3.54 16.01 14.43
N ILE A 292 -3.38 15.78 13.12
CA ILE A 292 -4.13 14.76 12.41
C ILE A 292 -3.31 14.29 11.21
N GLN A 293 -3.64 13.08 10.73
CA GLN A 293 -2.93 12.48 9.59
C GLN A 293 -3.86 12.21 8.41
N SER A 294 -5.15 12.54 8.52
CA SER A 294 -6.11 12.26 7.47
C SER A 294 -7.13 13.38 7.44
N GLY A 295 -7.49 13.81 6.24
CA GLY A 295 -8.43 14.91 6.08
C GLY A 295 -7.91 16.26 6.54
N GLY A 296 -6.62 16.37 6.81
CA GLY A 296 -6.05 17.62 7.26
C GLY A 296 -4.66 17.41 7.81
N VAL A 297 -4.06 18.52 8.25
CA VAL A 297 -2.73 18.50 8.86
C VAL A 297 -2.68 19.58 9.93
N ALA A 298 -2.12 19.23 11.09
CA ALA A 298 -1.94 20.17 12.20
C ALA A 298 -3.23 20.96 12.45
N VAL A 299 -4.37 20.32 12.21
CA VAL A 299 -5.65 21.04 12.29
C VAL A 299 -5.87 21.51 13.71
N PRO A 300 -6.39 22.72 13.95
CA PRO A 300 -6.61 23.19 15.31
C PRO A 300 -7.88 22.60 15.92
N ALA A 301 -8.02 22.81 17.22
CA ALA A 301 -9.21 22.41 17.94
C ALA A 301 -10.22 23.57 17.98
N LEU A 302 -11.41 23.29 18.49
CA LEU A 302 -12.47 24.26 18.59
C LEU A 302 -12.89 24.47 20.04
N ARG A 303 -13.10 25.73 20.41
CA ARG A 303 -13.73 26.09 21.67
C ARG A 303 -15.20 26.38 21.36
N VAL A 304 -16.09 25.50 21.83
CA VAL A 304 -17.46 25.45 21.35
C VAL A 304 -18.42 25.69 22.51
N ARG A 305 -19.42 26.52 22.27
CA ARG A 305 -20.54 26.73 23.19
C ARG A 305 -21.81 26.71 22.35
N ARG A 306 -22.64 25.68 22.53
CA ARG A 306 -23.83 25.50 21.71
C ARG A 306 -24.98 25.01 22.56
N THR A 307 -26.20 25.20 22.03
CA THR A 307 -27.42 24.76 22.67
C THR A 307 -28.40 24.30 21.60
N ASP A 308 -29.32 23.42 22.01
CA ASP A 308 -30.38 22.95 21.12
C ASP A 308 -31.58 22.57 21.97
N THR A 309 -32.73 23.14 21.66
CA THR A 309 -33.93 22.95 22.47
C THR A 309 -35.13 23.43 21.67
N SER A 310 -36.32 23.18 22.23
CA SER A 310 -37.58 23.64 21.65
C SER A 310 -38.41 24.29 22.75
N VAL A 311 -39.01 25.43 22.44
CA VAL A 311 -39.74 26.24 23.41
C VAL A 311 -40.93 26.90 22.73
N MET A 312 -41.82 27.47 23.55
CA MET A 312 -42.97 28.24 23.08
C MET A 312 -43.00 29.57 23.80
N LEU A 313 -43.17 30.65 23.04
CA LEU A 313 -43.24 31.99 23.59
C LEU A 313 -44.30 32.79 22.85
N ALA A 314 -44.75 33.86 23.49
CA ALA A 314 -45.63 34.82 22.85
C ALA A 314 -44.79 35.94 22.23
N ASP A 315 -45.40 36.66 21.29
CA ASP A 315 -44.71 37.74 20.60
C ASP A 315 -44.06 38.70 21.59
N GLY A 316 -42.73 38.78 21.53
CA GLY A 316 -41.97 39.68 22.36
C GLY A 316 -41.45 39.07 23.66
N GLU A 317 -41.97 37.93 24.08
CA GLU A 317 -41.50 37.31 25.30
C GLU A 317 -40.10 36.71 25.08
N SER A 318 -39.45 36.36 26.18
CA SER A 318 -38.06 35.93 26.14
C SER A 318 -37.84 34.76 27.10
N PHE A 319 -36.79 34.00 26.81
CA PHE A 319 -36.36 32.91 27.67
C PHE A 319 -34.85 32.94 27.82
N VAL A 320 -34.38 32.54 29.01
CA VAL A 320 -32.99 32.13 29.15
C VAL A 320 -32.96 30.62 28.93
N ILE A 321 -32.84 30.21 27.67
CA ILE A 321 -32.94 28.80 27.33
C ILE A 321 -31.78 28.00 27.90
N SER A 322 -30.67 28.65 28.21
CA SER A 322 -29.49 27.95 28.70
C SER A 322 -28.65 28.89 29.54
N GLY A 323 -27.94 28.33 30.49
CA GLY A 323 -27.05 29.09 31.36
C GLY A 323 -26.11 28.17 32.09
N LEU A 324 -25.00 28.74 32.54
CA LEU A 324 -23.97 27.96 33.20
C LEU A 324 -23.19 28.85 34.16
N THR A 325 -22.82 28.26 35.30
CA THR A 325 -21.81 28.81 36.19
C THR A 325 -20.85 27.69 36.53
N SER A 326 -19.55 27.96 36.41
CA SER A 326 -18.53 26.94 36.58
C SER A 326 -17.37 27.50 37.36
N SER A 327 -16.65 26.62 38.04
CA SER A 327 -15.46 27.00 38.79
C SER A 327 -14.57 25.79 38.95
N ASN A 328 -13.27 25.99 38.72
CA ASN A 328 -12.28 24.93 38.84
C ASN A 328 -11.08 25.45 39.60
N SER A 329 -10.52 24.60 40.46
CA SER A 329 -9.34 24.95 41.23
C SER A 329 -8.44 23.73 41.30
N VAL A 330 -7.15 23.94 41.07
CA VAL A 330 -6.15 22.88 41.13
C VAL A 330 -4.91 23.44 41.82
N SER A 331 -4.37 22.67 42.76
CA SER A 331 -3.22 23.11 43.53
C SER A 331 -2.28 21.93 43.75
N ASN A 332 -1.00 22.24 43.96
CA ASN A 332 0.01 21.23 44.22
C ASN A 332 1.19 21.88 44.90
N VAL A 333 1.74 21.20 45.90
CA VAL A 333 2.90 21.69 46.66
C VAL A 333 3.91 20.57 46.77
N ASP A 334 5.16 20.86 46.42
CA ASP A 334 6.26 19.93 46.58
C ASP A 334 7.31 20.58 47.47
N LYS A 335 7.85 19.80 48.41
CA LYS A 335 8.78 20.33 49.40
C LYS A 335 9.84 19.29 49.72
N PHE A 336 11.02 19.77 50.08
CA PHE A 336 12.01 18.89 50.68
C PHE A 336 11.50 18.46 52.07
N PRO A 337 11.63 17.17 52.41
CA PRO A 337 10.89 16.65 53.57
C PRO A 337 11.03 17.47 54.84
N TRP A 338 12.27 17.66 55.33
CA TRP A 338 12.47 18.35 56.60
C TRP A 338 12.65 19.85 56.43
N LEU A 339 13.41 20.28 55.42
CA LEU A 339 13.70 21.70 55.28
C LEU A 339 12.48 22.50 54.83
N GLY A 340 11.53 21.84 54.16
CA GLY A 340 10.38 22.55 53.64
C GLY A 340 9.48 23.16 54.70
N ASP A 341 9.59 22.71 55.94
CA ASP A 341 8.75 23.20 57.02
C ASP A 341 9.41 24.28 57.87
N ILE A 342 10.61 24.72 57.51
CA ILE A 342 11.22 25.83 58.23
C ILE A 342 10.33 27.07 58.06
N PRO A 343 10.00 27.79 59.13
CA PRO A 343 8.96 28.83 59.00
C PRO A 343 9.30 29.93 58.00
N ILE A 344 10.57 30.27 57.84
CA ILE A 344 10.99 31.34 56.94
C ILE A 344 11.75 30.81 55.73
N LEU A 345 12.87 30.11 55.98
CA LEU A 345 13.69 29.61 54.88
C LEU A 345 13.05 28.44 54.14
N GLY A 346 11.95 27.89 54.65
CA GLY A 346 11.32 26.76 53.99
C GLY A 346 10.85 27.07 52.59
N ALA A 347 10.50 28.34 52.32
CA ALA A 347 9.98 28.70 51.01
C ALA A 347 10.96 28.35 49.90
N PHE A 348 12.26 28.43 50.16
CA PHE A 348 13.27 28.11 49.17
C PHE A 348 13.40 26.61 48.92
N PHE A 349 12.78 25.78 49.76
CA PHE A 349 12.78 24.34 49.59
C PHE A 349 11.41 23.82 49.16
N ARG A 350 10.59 24.67 48.56
CA ARG A 350 9.24 24.32 48.14
C ARG A 350 9.01 24.73 46.70
N SER A 351 8.20 23.94 46.00
CA SER A 351 7.70 24.27 44.68
C SER A 351 6.19 24.23 44.70
N THR A 352 5.56 25.13 43.94
CA THR A 352 4.12 25.34 44.05
C THR A 352 3.52 25.58 42.67
N LYS A 353 2.24 25.27 42.56
CA LYS A 353 1.48 25.48 41.33
C LYS A 353 0.02 25.69 41.71
N LEU A 354 -0.62 26.67 41.08
CA LEU A 354 -2.02 26.97 41.34
C LEU A 354 -2.69 27.38 40.04
N ASP A 355 -3.85 26.79 39.78
CA ASP A 355 -4.65 27.12 38.59
C ASP A 355 -6.10 27.24 39.01
N LYS A 356 -6.71 28.38 38.69
CA LYS A 356 -8.11 28.63 39.01
C LYS A 356 -8.80 29.19 37.78
N ASP A 357 -10.09 28.88 37.65
CA ASP A 357 -10.87 29.30 36.51
C ASP A 357 -12.32 29.49 36.93
N ASP A 358 -12.98 30.46 36.29
CA ASP A 358 -14.39 30.72 36.52
C ASP A 358 -15.04 31.08 35.19
N ARG A 359 -16.36 30.89 35.12
CA ARG A 359 -17.06 31.08 33.86
C ARG A 359 -18.54 31.30 34.13
N GLU A 360 -19.17 32.07 33.24
CA GLU A 360 -20.60 32.30 33.29
C GLU A 360 -21.11 32.46 31.86
N LEU A 361 -22.32 31.94 31.61
CA LEU A 361 -22.91 31.93 30.29
C LEU A 361 -24.36 32.37 30.33
N LEU A 362 -24.85 32.85 29.20
CA LEU A 362 -26.26 33.15 29.01
C LEU A 362 -26.60 33.02 27.53
N MET A 363 -27.72 32.36 27.24
CA MET A 363 -28.28 32.32 25.90
C MET A 363 -29.75 32.68 25.99
N ILE A 364 -30.14 33.76 25.32
CA ILE A 364 -31.48 34.32 25.42
C ILE A 364 -32.08 34.40 24.02
N VAL A 365 -33.35 34.04 23.91
CA VAL A 365 -34.07 34.05 22.64
C VAL A 365 -35.26 34.98 22.77
N THR A 366 -35.58 35.66 21.68
CA THR A 366 -36.70 36.61 21.65
C THR A 366 -37.31 36.67 20.27
N PRO A 367 -38.49 36.08 20.06
CA PRO A 367 -39.14 36.15 18.74
C PRO A 367 -40.09 37.34 18.62
N HIS A 368 -40.07 37.94 17.43
CA HIS A 368 -40.95 39.06 17.11
C HIS A 368 -41.69 38.77 15.81
N LEU A 369 -42.97 39.12 15.77
CA LEU A 369 -43.72 39.11 14.52
C LEU A 369 -43.48 40.40 13.78
N VAL A 370 -43.13 40.31 12.50
CA VAL A 370 -42.68 41.45 11.72
C VAL A 370 -43.38 41.46 10.36
N GLN A 371 -43.26 42.58 9.68
CA GLN A 371 -43.80 42.77 8.34
C GLN A 371 -42.73 43.44 7.48
N PRO A 372 -42.80 43.26 6.16
CA PRO A 372 -41.77 43.84 5.30
C PRO A 372 -41.77 45.36 5.34
N LEU A 373 -40.59 45.93 5.11
CA LEU A 373 -40.49 47.38 4.95
C LEU A 373 -41.30 47.82 3.73
N ALA A 374 -41.91 49.00 3.83
CA ALA A 374 -42.73 49.50 2.74
C ALA A 374 -41.88 49.83 1.53
N ALA A 375 -42.55 49.89 0.37
CA ALA A 375 -41.84 50.12 -0.88
C ALA A 375 -41.08 51.45 -0.87
N ASP A 376 -41.59 52.44 -0.15
CA ASP A 376 -40.96 53.75 -0.09
C ASP A 376 -40.02 53.91 1.10
N ALA A 377 -39.83 52.86 1.89
CA ALA A 377 -39.05 52.97 3.11
C ALA A 377 -37.57 53.17 2.80
N GLN A 378 -36.91 54.00 3.60
CA GLN A 378 -35.46 54.11 3.56
C GLN A 378 -34.85 52.90 4.27
N LEU A 379 -33.95 52.21 3.60
CA LEU A 379 -33.41 50.97 4.13
C LEU A 379 -32.53 51.25 5.36
N PRO A 380 -32.47 50.32 6.30
CA PRO A 380 -31.45 50.42 7.36
C PRO A 380 -30.06 50.34 6.75
N ASP A 381 -29.11 51.01 7.40
CA ASP A 381 -27.76 51.11 6.87
C ASP A 381 -26.77 51.17 8.02
N LEU A 382 -25.50 50.99 7.66
CA LEU A 382 -24.38 51.05 8.59
C LEU A 382 -23.41 52.12 8.14
N PRO A 383 -22.62 52.70 9.06
CA PRO A 383 -21.74 53.81 8.68
C PRO A 383 -20.90 53.49 7.47
N THR A 412 -42.07 70.90 28.83
CA THR A 412 -41.45 72.15 28.39
C THR A 412 -40.85 71.99 27.00
N GLY A 413 -40.77 70.75 26.51
CA GLY A 413 -40.25 70.47 25.19
C GLY A 413 -38.79 70.05 25.20
N LEU A 414 -38.07 70.31 26.27
CA LEU A 414 -36.67 69.93 26.36
C LEU A 414 -36.54 68.41 26.46
N SER A 415 -35.33 67.92 26.16
CA SER A 415 -35.08 66.49 26.15
C SER A 415 -35.21 65.85 27.52
N ASP A 416 -35.01 66.62 28.59
CA ASP A 416 -34.98 66.52 30.04
C ASP A 416 -33.64 65.94 30.50
N GLU B 28 -11.06 64.90 20.15
CA GLU B 28 -11.29 63.49 20.45
C GLU B 28 -10.99 63.19 21.92
N CYS B 29 -11.34 61.99 22.35
CA CYS B 29 -11.15 61.55 23.74
C CYS B 29 -10.14 60.41 23.73
N SER B 30 -8.91 60.71 24.15
CA SER B 30 -7.84 59.72 24.17
C SER B 30 -7.72 59.10 25.56
N GLN B 31 -8.79 58.44 25.96
CA GLN B 31 -8.86 57.75 27.24
C GLN B 31 -9.81 56.58 27.12
N GLN B 32 -9.31 55.37 27.36
CA GLN B 32 -10.11 54.15 27.30
C GLN B 32 -9.92 53.36 28.59
N LEU B 33 -11.00 52.75 29.05
CA LEU B 33 -10.99 51.99 30.29
C LEU B 33 -11.06 50.50 30.02
N GLY B 34 -10.47 49.73 30.93
CA GLY B 34 -10.36 48.30 30.75
C GLY B 34 -11.67 47.57 30.87
N GLN B 35 -11.67 46.33 30.38
CA GLN B 35 -12.86 45.47 30.40
C GLN B 35 -13.33 45.15 31.82
N GLU B 36 -12.57 45.55 32.84
CA GLU B 36 -13.02 45.41 34.21
C GLU B 36 -13.82 46.63 34.68
N GLN B 37 -13.38 47.83 34.32
CA GLN B 37 -14.03 49.07 34.73
C GLN B 37 -14.89 49.68 33.63
N GLU B 38 -14.90 49.09 32.43
CA GLU B 38 -15.80 49.50 31.35
C GLU B 38 -17.05 48.63 31.29
N LEU B 39 -16.89 47.34 31.55
CA LEU B 39 -18.03 46.47 31.81
C LEU B 39 -18.87 47.05 32.94
N GLN B 40 -18.27 47.93 33.74
CA GLN B 40 -18.95 48.61 34.84
C GLN B 40 -19.72 49.84 34.35
N MET B 41 -19.09 50.63 33.46
CA MET B 41 -19.80 51.75 32.85
C MET B 41 -21.02 51.27 32.06
N ASN B 42 -20.97 50.07 31.50
CA ASN B 42 -22.16 49.51 30.86
C ASN B 42 -23.31 49.41 31.87
N MET B 43 -23.04 48.84 33.05
CA MET B 43 -24.06 48.75 34.08
C MET B 43 -24.52 50.14 34.52
N VAL B 44 -23.58 51.08 34.61
CA VAL B 44 -23.94 52.45 34.96
C VAL B 44 -24.96 53.00 33.97
N ARG B 45 -24.68 52.85 32.67
CA ARG B 45 -25.63 53.30 31.66
C ARG B 45 -26.97 52.62 31.79
N ASP B 46 -26.95 51.30 32.04
CA ASP B 46 -28.19 50.57 32.25
C ASP B 46 -29.01 51.20 33.37
N MET B 47 -28.34 51.53 34.48
CA MET B 47 -29.03 52.20 35.58
C MET B 47 -29.56 53.56 35.17
N ILE B 48 -28.77 54.32 34.40
CA ILE B 48 -29.20 55.65 33.98
C ILE B 48 -30.51 55.56 33.22
N ARG B 49 -30.57 54.68 32.23
CA ARG B 49 -31.78 54.56 31.43
C ARG B 49 -32.88 53.74 32.11
N GLU B 50 -32.57 53.10 33.24
CA GLU B 50 -33.58 52.35 33.99
C GLU B 50 -34.40 53.25 34.91
N GLY B 51 -34.02 54.52 35.06
CA GLY B 51 -34.60 55.36 36.07
C GLY B 51 -33.92 55.26 37.42
N ARG B 52 -32.82 54.50 37.49
CA ARG B 52 -32.04 54.32 38.71
C ARG B 52 -30.86 55.27 38.79
N LEU B 53 -31.04 56.50 38.33
CA LEU B 53 -30.00 57.52 38.34
C LEU B 53 -29.19 57.50 39.64
N HIS B 54 -29.88 57.36 40.77
CA HIS B 54 -29.20 57.42 42.06
C HIS B 54 -28.32 56.19 42.28
N ALA B 55 -28.83 55.00 41.91
CA ALA B 55 -28.00 53.80 41.95
C ALA B 55 -26.82 53.91 40.99
N ALA B 56 -27.06 54.52 39.81
CA ALA B 56 -25.95 54.77 38.90
C ALA B 56 -24.91 55.68 39.53
N LEU B 57 -25.36 56.69 40.28
CA LEU B 57 -24.44 57.55 41.01
C LEU B 57 -23.65 56.75 42.02
N ALA B 58 -24.32 55.85 42.74
CA ALA B 58 -23.62 55.00 43.69
C ALA B 58 -22.52 54.21 43.00
N ASN B 59 -22.87 53.53 41.91
CA ASN B 59 -21.90 52.69 41.21
C ASN B 59 -20.76 53.51 40.63
N LEU B 60 -21.06 54.72 40.14
CA LEU B 60 -20.00 55.62 39.68
C LEU B 60 -19.08 56.01 40.84
N GLU B 61 -19.66 56.35 41.99
CA GLU B 61 -18.87 56.65 43.17
C GLU B 61 -17.95 55.49 43.51
N SER B 62 -18.41 54.26 43.29
CA SER B 62 -17.53 53.11 43.41
C SER B 62 -16.35 53.22 42.47
N MET B 63 -16.62 53.66 41.23
CA MET B 63 -15.59 53.79 40.21
C MET B 63 -14.70 55.00 40.51
N PRO B 64 -13.53 55.08 39.88
CA PRO B 64 -12.55 56.10 40.26
C PRO B 64 -13.05 57.51 39.95
N PRO B 65 -12.97 58.43 40.90
CA PRO B 65 -13.25 59.84 40.59
C PRO B 65 -12.10 60.45 39.82
N GLY B 66 -12.44 61.36 38.91
CA GLY B 66 -11.49 61.93 37.98
C GLY B 66 -11.54 61.33 36.59
N LEU B 67 -12.18 60.17 36.45
CA LEU B 67 -12.39 59.57 35.14
C LEU B 67 -13.41 60.39 34.37
N LEU B 68 -12.99 60.94 33.22
CA LEU B 68 -13.84 61.86 32.47
C LEU B 68 -15.22 61.26 32.22
N ASP B 69 -15.27 60.00 31.79
CA ASP B 69 -16.56 59.34 31.57
C ASP B 69 -17.39 59.32 32.85
N VAL B 70 -16.79 58.86 33.96
CA VAL B 70 -17.50 58.84 35.22
C VAL B 70 -17.87 60.24 35.66
N ARG B 71 -17.00 61.22 35.40
CA ARG B 71 -17.29 62.58 35.81
C ARG B 71 -18.52 63.13 35.09
N GLU B 72 -18.57 62.95 33.77
CA GLU B 72 -19.72 63.45 33.01
C GLU B 72 -20.99 62.70 33.34
N GLU B 73 -20.89 61.38 33.55
CA GLU B 73 -22.08 60.62 33.94
C GLU B 73 -22.62 61.09 35.27
N ARG B 74 -21.71 61.30 36.24
CA ARG B 74 -22.11 61.81 37.55
C ARG B 74 -22.78 63.17 37.40
N ALA B 75 -22.21 64.05 36.58
CA ALA B 75 -22.80 65.37 36.36
C ALA B 75 -24.21 65.26 35.79
N LEU B 76 -24.40 64.37 34.81
CA LEU B 76 -25.73 64.12 34.26
C LEU B 76 -26.71 63.76 35.37
N ILE B 77 -26.33 62.77 36.19
CA ILE B 77 -27.21 62.33 37.27
C ILE B 77 -27.50 63.49 38.22
N LEU B 78 -26.46 64.21 38.63
CA LEU B 78 -26.62 65.31 39.58
C LEU B 78 -27.58 66.36 39.04
N ARG B 79 -27.43 66.73 37.77
CA ARG B 79 -28.32 67.75 37.19
C ARG B 79 -29.75 67.25 37.14
N ARG B 80 -29.95 65.99 36.74
CA ARG B 80 -31.32 65.50 36.64
C ARG B 80 -31.98 65.37 38.01
N ILE B 81 -31.24 64.94 39.03
CA ILE B 81 -31.83 64.71 40.35
C ILE B 81 -31.95 65.98 41.16
N GLY B 82 -31.33 67.08 40.74
CA GLY B 82 -31.41 68.33 41.44
C GLY B 82 -30.26 68.63 42.37
N ASP B 83 -29.17 67.87 42.32
CA ASP B 83 -28.04 68.12 43.18
C ASP B 83 -27.39 69.46 42.81
N PRO B 84 -26.70 70.10 43.76
CA PRO B 84 -26.06 71.39 43.48
C PRO B 84 -24.66 71.29 42.89
N ARG B 85 -24.09 70.08 42.81
CA ARG B 85 -22.72 69.91 42.33
C ARG B 85 -22.62 69.68 40.84
N ALA B 86 -23.74 69.39 40.17
CA ALA B 86 -23.72 69.23 38.71
C ALA B 86 -23.08 70.43 38.04
N ARG B 87 -23.35 71.63 38.55
CA ARG B 87 -22.78 72.85 37.97
C ARG B 87 -21.26 72.76 37.94
N ALA B 88 -20.64 72.46 39.08
CA ALA B 88 -19.19 72.36 39.14
C ALA B 88 -18.66 71.21 38.28
N GLU B 89 -19.37 70.08 38.26
CA GLU B 89 -18.93 68.96 37.44
C GLU B 89 -18.87 69.36 35.97
N TYR B 90 -19.95 69.95 35.46
CA TYR B 90 -19.92 70.47 34.10
C TYR B 90 -18.79 71.49 33.93
N GLN B 91 -18.62 72.38 34.91
CA GLN B 91 -17.59 73.41 34.80
C GLN B 91 -16.21 72.79 34.62
N ALA B 92 -15.86 71.80 35.46
CA ALA B 92 -14.56 71.17 35.35
C ALA B 92 -14.38 70.48 34.00
N LEU B 93 -15.43 69.82 33.52
CA LEU B 93 -15.35 69.07 32.27
C LEU B 93 -15.31 69.95 31.03
N LEU B 94 -15.61 71.25 31.17
CA LEU B 94 -15.48 72.15 30.02
C LEU B 94 -14.07 72.15 29.45
N GLU B 95 -13.07 72.00 30.32
CA GLU B 95 -11.66 72.08 29.91
C GLU B 95 -11.06 70.71 29.60
N THR B 96 -11.88 69.75 29.17
CA THR B 96 -11.44 68.39 28.88
C THR B 96 -12.04 67.96 27.55
N CYS B 97 -11.76 66.71 27.16
CA CYS B 97 -12.40 66.15 25.96
C CYS B 97 -13.91 66.11 26.13
N LYS B 98 -14.39 66.09 27.38
CA LYS B 98 -15.83 66.18 27.64
C LYS B 98 -16.28 67.63 27.63
N ALA B 99 -15.94 68.37 26.57
CA ALA B 99 -16.33 69.76 26.43
C ALA B 99 -17.78 69.90 25.96
N PRO B 100 -18.16 69.32 24.82
CA PRO B 100 -19.53 69.52 24.32
C PRO B 100 -20.60 69.27 25.36
N GLU B 101 -20.54 68.14 26.06
CA GLU B 101 -21.59 67.82 27.02
C GLU B 101 -21.51 68.70 28.26
N ALA B 102 -20.33 69.21 28.59
CA ALA B 102 -20.22 70.17 29.69
C ALA B 102 -20.91 71.48 29.33
N HIS B 103 -20.65 72.00 28.13
CA HIS B 103 -21.35 73.19 27.68
C HIS B 103 -22.86 72.96 27.68
N HIS B 104 -23.28 71.79 27.17
CA HIS B 104 -24.71 71.48 27.12
C HIS B 104 -25.32 71.41 28.52
N GLY B 105 -24.60 70.82 29.46
CA GLY B 105 -25.04 70.75 30.84
C GLY B 105 -25.22 72.11 31.47
N LEU B 106 -24.21 72.98 31.30
CA LEU B 106 -24.34 74.35 31.81
C LEU B 106 -25.52 75.07 31.16
N GLY B 107 -25.72 74.86 29.86
CA GLY B 107 -26.88 75.44 29.19
C GLY B 107 -28.19 74.97 29.77
N LEU B 108 -28.32 73.66 29.98
CA LEU B 108 -29.54 73.13 30.59
C LEU B 108 -29.72 73.65 32.01
N LEU B 109 -28.63 73.85 32.75
CA LEU B 109 -28.73 74.49 34.06
C LEU B 109 -29.32 75.89 33.93
N ALA B 110 -28.77 76.69 33.01
CA ALA B 110 -29.29 78.03 32.78
C ALA B 110 -30.78 77.98 32.43
N LEU B 111 -31.18 77.01 31.61
CA LEU B 111 -32.59 76.84 31.28
C LEU B 111 -33.41 76.52 32.53
N ARG B 112 -32.90 75.63 33.38
CA ARG B 112 -33.59 75.30 34.62
C ARG B 112 -33.79 76.55 35.48
N ASN B 113 -32.76 77.40 35.56
CA ASN B 113 -32.89 78.66 36.28
C ASN B 113 -33.77 79.66 35.56
N GLY B 114 -34.12 79.42 34.30
CA GLY B 114 -34.91 80.34 33.52
C GLY B 114 -34.12 81.40 32.81
N ASP B 115 -32.81 81.47 33.03
CA ASP B 115 -31.95 82.47 32.39
C ASP B 115 -31.64 81.99 30.97
N SER B 116 -32.60 82.22 30.08
CA SER B 116 -32.46 81.79 28.68
C SER B 116 -31.33 82.52 27.97
N ALA B 117 -30.93 83.69 28.44
CA ALA B 117 -29.94 84.51 27.74
C ALA B 117 -28.64 83.74 27.51
N ARG B 118 -27.97 83.35 28.61
CA ARG B 118 -26.75 82.57 28.49
C ARG B 118 -27.02 81.13 28.09
N ALA B 119 -28.23 80.62 28.34
CA ALA B 119 -28.56 79.26 27.94
C ALA B 119 -28.48 79.12 26.42
N VAL B 120 -29.01 80.10 25.69
CA VAL B 120 -28.94 80.04 24.23
C VAL B 120 -27.49 80.04 23.76
N LEU B 121 -26.66 80.89 24.37
CA LEU B 121 -25.26 80.96 24.00
C LEU B 121 -24.56 79.63 24.20
N GLU B 122 -24.74 79.03 25.39
CA GLU B 122 -24.05 77.77 25.69
C GLU B 122 -24.59 76.64 24.81
N LEU B 123 -25.90 76.62 24.55
CA LEU B 123 -26.46 75.61 23.67
C LEU B 123 -25.94 75.77 22.25
N ARG B 124 -25.78 77.01 21.78
CA ARG B 124 -25.17 77.22 20.47
C ARG B 124 -23.75 76.68 20.44
N GLU B 125 -22.97 76.97 21.47
CA GLU B 125 -21.60 76.46 21.52
C GLU B 125 -21.58 74.94 21.47
N ALA B 126 -22.42 74.30 22.29
CA ALA B 126 -22.46 72.84 22.34
C ALA B 126 -22.88 72.26 20.99
N ALA B 127 -23.95 72.78 20.41
CA ALA B 127 -24.41 72.31 19.11
C ALA B 127 -23.34 72.52 18.03
N ARG B 128 -22.52 73.55 18.18
CA ARG B 128 -21.43 73.75 17.23
C ARG B 128 -20.37 72.67 17.38
N LEU B 129 -19.88 72.47 18.60
CA LEU B 129 -18.71 71.60 18.80
C LEU B 129 -19.01 70.15 18.44
N ARG B 130 -20.21 69.64 18.77
CA ARG B 130 -20.64 68.30 18.37
C ARG B 130 -21.99 68.43 17.71
N PRO B 131 -22.02 68.64 16.38
CA PRO B 131 -23.30 68.99 15.74
C PRO B 131 -24.29 67.84 15.64
N THR B 132 -23.84 66.61 15.38
CA THR B 132 -24.77 65.54 15.07
C THR B 132 -25.66 65.16 16.23
N GLU B 133 -25.38 65.66 17.44
CA GLU B 133 -26.17 65.30 18.61
C GLU B 133 -27.59 65.86 18.49
N SER B 134 -28.55 64.98 18.23
CA SER B 134 -29.95 65.39 18.09
C SER B 134 -30.44 66.07 19.36
N ARG B 135 -30.06 65.54 20.52
CA ARG B 135 -30.47 66.14 21.79
C ARG B 135 -30.01 67.59 21.90
N PHE B 136 -28.75 67.87 21.55
CA PHE B 136 -28.24 69.24 21.59
C PHE B 136 -29.04 70.14 20.66
N ARG B 137 -29.31 69.68 19.44
CA ARG B 137 -30.04 70.50 18.48
C ARG B 137 -31.45 70.79 18.96
N ASN B 138 -32.13 69.78 19.49
CA ASN B 138 -33.50 69.99 19.96
C ASN B 138 -33.56 70.86 21.19
N ASP B 139 -32.53 70.85 22.03
CA ASP B 139 -32.48 71.76 23.16
C ASP B 139 -32.17 73.19 22.72
N LEU B 140 -31.22 73.35 21.80
CA LEU B 140 -30.88 74.68 21.31
C LEU B 140 -32.06 75.31 20.59
N GLY B 141 -32.84 74.52 19.84
CA GLY B 141 -34.01 75.07 19.19
C GLY B 141 -35.03 75.61 20.17
N VAL B 142 -35.26 74.85 21.25
CA VAL B 142 -36.18 75.31 22.29
C VAL B 142 -35.65 76.58 22.95
N ALA B 143 -34.35 76.62 23.22
CA ALA B 143 -33.77 77.82 23.81
C ALA B 143 -33.95 79.03 22.90
N LEU B 144 -33.71 78.86 21.60
CA LEU B 144 -33.92 79.96 20.65
C LEU B 144 -35.38 80.38 20.63
N LEU B 145 -36.29 79.42 20.54
CA LEU B 145 -37.71 79.73 20.53
C LEU B 145 -38.11 80.55 21.75
N LYS B 146 -37.60 80.17 22.92
CA LYS B 146 -37.84 80.96 24.12
C LYS B 146 -37.21 82.35 24.00
N ARG B 147 -36.02 82.44 23.41
CA ARG B 147 -35.31 83.71 23.32
C ARG B 147 -35.86 84.61 22.23
N GLY B 148 -36.55 84.06 21.22
CA GLY B 148 -37.22 84.86 20.21
C GLY B 148 -36.64 84.74 18.81
N ASP B 149 -35.50 84.10 18.64
CA ASP B 149 -34.93 83.89 17.30
C ASP B 149 -35.70 82.77 16.61
N ARG B 150 -36.89 83.13 16.11
CA ARG B 150 -37.79 82.14 15.54
C ARG B 150 -37.20 81.47 14.30
N VAL B 151 -36.51 82.24 13.46
CA VAL B 151 -35.90 81.63 12.27
C VAL B 151 -34.78 80.69 12.67
N GLY B 152 -33.93 81.12 13.62
CA GLY B 152 -32.89 80.23 14.12
C GLY B 152 -33.46 79.04 14.86
N ALA B 153 -34.55 79.26 15.60
CA ALA B 153 -35.21 78.16 16.29
C ALA B 153 -35.74 77.14 15.28
N ARG B 154 -36.32 77.62 14.18
CA ARG B 154 -36.77 76.72 13.12
C ARG B 154 -35.59 75.96 12.53
N PHE B 155 -34.48 76.64 12.28
CA PHE B 155 -33.27 75.99 11.79
C PHE B 155 -32.87 74.84 12.71
N GLU B 156 -32.77 75.12 14.00
CA GLU B 156 -32.28 74.11 14.94
C GLU B 156 -33.29 72.98 15.12
N PHE B 157 -34.58 73.30 15.18
CA PHE B 157 -35.59 72.25 15.28
C PHE B 157 -35.58 71.36 14.06
N ILE B 158 -35.42 71.93 12.87
CA ILE B 158 -35.36 71.12 11.66
C ILE B 158 -34.11 70.23 11.69
N THR B 159 -32.98 70.77 12.14
CA THR B 159 -31.78 69.94 12.26
C THR B 159 -32.04 68.76 13.18
N ALA B 160 -32.62 69.01 14.36
CA ALA B 160 -32.90 67.93 15.30
C ALA B 160 -33.88 66.92 14.71
N LEU B 161 -34.96 67.40 14.09
CA LEU B 161 -35.96 66.50 13.53
C LEU B 161 -35.41 65.65 12.40
N GLU B 162 -34.48 66.22 11.62
CA GLU B 162 -33.85 65.45 10.55
C GLU B 162 -32.87 64.43 11.10
N LEU B 163 -32.10 64.82 12.13
CA LEU B 163 -31.16 63.88 12.73
C LEU B 163 -31.88 62.64 13.26
N GLN B 164 -32.91 62.85 14.07
CA GLN B 164 -33.67 61.73 14.62
C GLN B 164 -34.50 61.07 13.52
N GLN B 165 -34.68 59.75 13.63
CA GLN B 165 -35.40 58.97 12.64
C GLN B 165 -36.89 59.26 12.77
N GLY B 166 -37.29 60.41 12.21
CA GLY B 166 -38.66 60.87 12.27
C GLY B 166 -38.97 61.77 13.45
N GLY B 167 -38.25 61.61 14.56
CA GLY B 167 -38.42 62.47 15.71
C GLY B 167 -39.66 62.20 16.52
N LYS B 168 -39.56 62.37 17.84
CA LYS B 168 -40.71 62.37 18.73
C LYS B 168 -40.87 63.71 19.41
N LEU B 169 -39.83 64.21 20.07
CA LEU B 169 -39.85 65.54 20.64
C LEU B 169 -39.62 66.57 19.53
N PRO B 170 -38.64 66.37 18.64
CA PRO B 170 -38.44 67.33 17.54
C PRO B 170 -39.66 67.61 16.69
N ALA B 171 -40.43 66.57 16.37
CA ALA B 171 -41.57 66.76 15.47
C ALA B 171 -42.59 67.71 16.07
N THR B 172 -42.96 67.51 17.33
CA THR B 172 -43.87 68.44 17.98
C THR B 172 -43.19 69.73 18.39
N ASN B 173 -41.85 69.75 18.45
CA ASN B 173 -41.13 70.99 18.68
C ASN B 173 -41.19 71.92 17.49
N LEU B 174 -41.29 71.36 16.28
CA LEU B 174 -41.54 72.19 15.10
C LEU B 174 -43.02 72.42 14.86
N LEU B 175 -43.88 71.46 15.22
CA LEU B 175 -45.32 71.68 15.11
C LEU B 175 -45.78 72.84 15.99
N GLY B 176 -45.33 72.87 17.25
CA GLY B 176 -45.71 73.96 18.14
C GLY B 176 -45.11 75.29 17.73
N LEU B 177 -43.91 75.27 17.16
CA LEU B 177 -43.35 76.49 16.60
C LEU B 177 -44.22 77.01 15.46
N LEU B 178 -44.67 76.10 14.58
CA LEU B 178 -45.60 76.49 13.52
C LEU B 178 -46.89 77.05 14.10
N TYR B 179 -47.43 76.40 15.13
CA TYR B 179 -48.65 76.88 15.77
C TYR B 179 -48.45 78.28 16.32
N LEU B 180 -47.34 78.51 17.02
CA LEU B 180 -47.01 79.86 17.47
C LEU B 180 -46.92 80.83 16.29
N GLN B 181 -46.46 80.35 15.13
CA GLN B 181 -46.37 81.18 13.95
C GLN B 181 -47.67 81.26 13.16
N GLY B 182 -48.66 80.43 13.49
CA GLY B 182 -49.98 80.55 12.89
C GLY B 182 -50.18 79.85 11.58
N ASP B 183 -49.15 79.21 11.03
CA ASP B 183 -49.30 78.49 9.76
C ASP B 183 -50.04 77.19 9.99
N ARG B 184 -51.36 77.27 10.19
CA ARG B 184 -52.14 76.09 10.55
C ARG B 184 -52.11 75.03 9.46
N GLU B 185 -52.18 75.45 8.18
CA GLU B 185 -52.19 74.47 7.12
C GLU B 185 -50.81 73.83 6.91
N ASP B 186 -49.73 74.58 7.15
CA ASP B 186 -48.40 73.97 7.16
C ASP B 186 -48.28 72.97 8.30
N ALA B 187 -48.81 73.33 9.47
CA ALA B 187 -48.84 72.40 10.59
C ALA B 187 -49.60 71.13 10.21
N GLN B 188 -50.73 71.27 9.52
CA GLN B 188 -51.51 70.12 9.09
C GLN B 188 -50.75 69.29 8.06
N ARG B 189 -50.02 69.96 7.16
CA ARG B 189 -49.10 69.26 6.27
C ARG B 189 -48.16 68.37 7.07
N LEU B 190 -47.61 68.90 8.15
CA LEU B 190 -46.73 68.08 8.98
C LEU B 190 -47.50 66.98 9.71
N ILE B 191 -48.74 67.26 10.11
CA ILE B 191 -49.57 66.22 10.72
C ILE B 191 -49.70 65.03 9.78
N GLU B 192 -49.97 65.32 8.50
CA GLU B 192 -50.08 64.25 7.51
C GLU B 192 -48.75 63.56 7.29
N ARG B 193 -47.68 64.33 7.06
CA ARG B 193 -46.40 63.76 6.72
C ARG B 193 -45.84 62.91 7.86
N LEU B 194 -45.70 63.50 9.04
CA LEU B 194 -45.23 62.77 10.22
C LEU B 194 -46.20 61.69 10.66
N GLN B 195 -47.46 61.77 10.23
CA GLN B 195 -48.51 60.86 10.69
C GLN B 195 -48.76 61.04 12.20
N LEU B 196 -48.81 62.30 12.64
CA LEU B 196 -49.06 62.59 14.04
C LEU B 196 -50.45 62.14 14.46
N ASP B 197 -50.59 61.84 15.75
CA ASP B 197 -51.84 61.40 16.34
C ASP B 197 -52.34 62.44 17.33
N ALA B 198 -53.65 62.44 17.57
CA ALA B 198 -54.24 63.38 18.51
C ALA B 198 -53.61 63.26 19.88
N ARG B 199 -53.21 62.05 20.27
CA ARG B 199 -52.49 61.86 21.53
C ARG B 199 -51.27 62.77 21.61
N ASP B 200 -50.66 63.06 20.45
CA ASP B 200 -49.57 64.02 20.39
C ASP B 200 -50.03 65.43 20.05
N ILE B 201 -51.21 65.58 19.44
CA ILE B 201 -51.72 66.92 19.16
C ILE B 201 -52.04 67.66 20.46
N ARG B 202 -52.58 66.95 21.45
CA ARG B 202 -52.85 67.59 22.74
C ARG B 202 -51.56 68.14 23.35
N ALA B 203 -50.51 67.30 23.41
CA ALA B 203 -49.24 67.77 23.93
C ALA B 203 -48.66 68.87 23.05
N ALA B 204 -48.93 68.83 21.74
CA ALA B 204 -48.43 69.87 20.85
C ALA B 204 -49.04 71.22 21.20
N GLU B 205 -50.35 71.28 21.38
CA GLU B 205 -50.96 72.54 21.77
C GLU B 205 -50.50 72.96 23.17
N ALA B 206 -50.33 72.00 24.07
CA ALA B 206 -49.86 72.33 25.41
C ALA B 206 -48.49 72.99 25.36
N ARG B 207 -47.56 72.41 24.59
CA ARG B 207 -46.22 72.99 24.50
C ARG B 207 -46.22 74.29 23.71
N ALA B 208 -47.11 74.42 22.71
CA ALA B 208 -47.25 75.69 22.01
C ALA B 208 -47.64 76.80 22.98
N ARG B 209 -48.57 76.50 23.89
CA ARG B 209 -48.87 77.45 24.96
C ARG B 209 -47.65 77.65 25.85
N SER B 210 -46.93 76.58 26.16
CA SER B 210 -45.74 76.72 27.00
C SER B 210 -44.74 77.70 26.41
N TRP B 211 -44.43 77.55 25.13
CA TRP B 211 -43.52 78.49 24.49
C TRP B 211 -44.12 79.89 24.46
N GLY B 212 -43.28 80.89 24.71
CA GLY B 212 -43.72 82.27 24.74
C GLY B 212 -43.94 82.77 26.15
N PRO C 131 -48.15 25.59 33.56
CA PRO C 131 -46.99 25.63 32.67
C PRO C 131 -46.64 24.25 32.09
N ASN C 132 -46.17 24.24 30.85
CA ASN C 132 -45.79 23.01 30.16
C ASN C 132 -44.32 23.00 29.77
N GLN C 133 -43.52 23.89 30.36
CA GLN C 133 -42.10 24.01 30.05
C GLN C 133 -41.29 23.88 31.32
N VAL C 134 -40.16 23.19 31.23
CA VAL C 134 -39.38 22.77 32.39
C VAL C 134 -37.97 23.35 32.28
N GLN C 135 -37.50 23.96 33.36
CA GLN C 135 -36.11 24.35 33.51
C GLN C 135 -35.45 23.38 34.48
N THR C 136 -34.37 22.74 34.04
CA THR C 136 -33.68 21.72 34.82
C THR C 136 -32.34 22.27 35.27
N ASP C 137 -32.10 22.25 36.58
CA ASP C 137 -30.86 22.74 37.17
C ASP C 137 -30.04 21.56 37.65
N ILE C 138 -28.80 21.47 37.17
CA ILE C 138 -27.85 20.43 37.56
C ILE C 138 -26.81 21.07 38.46
N ARG C 139 -26.37 20.32 39.46
CA ARG C 139 -25.35 20.79 40.40
C ARG C 139 -24.33 19.66 40.59
N PHE C 140 -23.10 19.91 40.16
CA PHE C 140 -22.04 18.92 40.22
C PHE C 140 -20.88 19.45 41.05
N VAL C 141 -20.35 18.61 41.94
CA VAL C 141 -19.23 18.97 42.78
C VAL C 141 -18.29 17.78 42.86
N GLU C 142 -16.98 18.06 42.76
CA GLU C 142 -15.96 17.03 42.93
C GLU C 142 -14.82 17.61 43.75
N VAL C 143 -14.39 16.87 44.75
CA VAL C 143 -13.24 17.22 45.57
C VAL C 143 -12.30 16.01 45.62
N SER C 144 -11.02 16.25 45.39
CA SER C 144 -10.03 15.19 45.39
C SER C 144 -8.76 15.69 46.04
N ARG C 145 -8.10 14.79 46.76
CA ARG C 145 -6.83 15.09 47.42
C ARG C 145 -5.86 13.96 47.14
N SER C 146 -4.57 14.29 47.18
CA SER C 146 -3.53 13.31 46.92
C SER C 146 -2.30 13.65 47.74
N LYS C 147 -1.49 12.63 47.99
CA LYS C 147 -0.20 12.80 48.66
C LYS C 147 0.81 11.88 48.00
N LEU C 148 2.09 12.25 48.12
CA LEU C 148 3.16 11.53 47.46
C LEU C 148 4.43 11.67 48.28
N LYS C 149 5.12 10.55 48.52
CA LYS C 149 6.39 10.55 49.22
C LYS C 149 7.34 9.59 48.54
N GLN C 150 8.63 9.88 48.64
CA GLN C 150 9.67 9.02 48.09
C GLN C 150 11.01 9.44 48.67
N ALA C 151 11.95 8.51 48.70
CA ALA C 151 13.29 8.79 49.21
C ALA C 151 14.24 7.70 48.76
N SER C 152 15.47 8.10 48.41
CA SER C 152 16.50 7.16 48.01
C SER C 152 17.85 7.85 48.17
N THR C 153 18.90 7.04 48.29
CA THR C 153 20.24 7.55 48.51
C THR C 153 21.26 6.67 47.81
N SER C 154 22.31 7.30 47.30
CA SER C 154 23.41 6.59 46.67
C SER C 154 24.69 7.38 46.92
N PHE C 155 25.83 6.69 46.82
CA PHE C 155 27.11 7.35 47.06
C PHE C 155 28.22 6.56 46.38
N VAL C 156 29.37 7.22 46.26
CA VAL C 156 30.58 6.63 45.69
C VAL C 156 31.78 7.13 46.48
N ARG C 157 32.83 6.32 46.51
CA ARG C 157 34.07 6.68 47.18
C ARG C 157 35.24 6.25 46.31
N ARG C 158 36.37 6.92 46.50
CA ARG C 158 37.53 6.75 45.63
C ARG C 158 38.80 6.81 46.46
N GLY C 159 39.92 6.42 45.84
CA GLY C 159 41.23 6.49 46.45
C GLY C 159 41.70 5.15 46.95
N GLY C 160 42.57 4.49 46.18
CA GLY C 160 43.07 3.18 46.56
C GLY C 160 41.96 2.16 46.50
N ASN C 161 41.01 2.27 47.42
CA ASN C 161 39.80 1.48 47.41
C ASN C 161 38.75 2.15 46.53
N LEU C 162 37.66 1.43 46.29
CA LEU C 162 36.52 1.98 45.58
C LEU C 162 35.26 1.33 46.14
N TRP C 163 34.27 2.15 46.45
CA TRP C 163 32.99 1.67 46.96
C TRP C 163 31.86 2.33 46.19
N VAL C 164 30.77 1.59 46.03
CA VAL C 164 29.59 2.09 45.35
C VAL C 164 28.37 1.46 46.00
N LEU C 165 27.31 2.24 46.17
CA LEU C 165 26.02 1.74 46.63
C LEU C 165 24.95 2.44 45.82
N GLY C 166 24.38 1.73 44.85
CA GLY C 166 23.36 2.28 43.98
C GLY C 166 21.98 1.82 44.40
N ALA C 167 21.12 2.77 44.71
CA ALA C 167 19.75 2.45 45.06
C ALA C 167 19.01 1.91 43.84
N PRO C 168 17.90 1.19 44.05
CA PRO C 168 17.20 0.57 42.91
C PRO C 168 16.94 1.55 41.77
N GLY C 169 17.47 1.23 40.58
CA GLY C 169 17.27 2.05 39.41
C GLY C 169 18.17 3.28 39.31
N SER C 170 19.09 3.46 40.24
CA SER C 170 19.93 4.66 40.25
C SER C 170 21.22 4.48 39.46
N LEU C 171 21.82 3.29 39.49
CA LEU C 171 23.13 3.05 38.93
C LEU C 171 23.11 2.52 37.50
N GLY C 172 21.94 2.41 36.88
CA GLY C 172 21.85 1.84 35.55
C GLY C 172 22.58 2.63 34.48
N ASP C 173 22.94 3.89 34.77
CA ASP C 173 23.53 4.75 33.76
C ASP C 173 25.01 4.45 33.52
N ILE C 174 25.66 3.68 34.39
CA ILE C 174 27.11 3.62 34.45
C ILE C 174 27.58 2.18 34.26
N LYS C 175 28.70 2.04 33.56
CA LYS C 175 29.42 0.78 33.43
C LYS C 175 30.85 1.00 33.89
N VAL C 176 31.45 -0.03 34.49
CA VAL C 176 32.80 0.04 35.02
C VAL C 176 33.72 -0.70 34.05
N ASN C 177 34.94 -0.19 33.91
CA ASN C 177 35.86 -0.71 32.91
C ASN C 177 36.37 -2.09 33.32
N ALA C 178 37.03 -2.76 32.36
CA ALA C 178 37.50 -4.12 32.57
C ALA C 178 38.55 -4.20 33.67
N ASP C 179 39.44 -3.21 33.75
CA ASP C 179 40.56 -3.26 34.67
C ASP C 179 40.22 -2.69 36.05
N GLY C 180 38.99 -2.24 36.26
CA GLY C 180 38.57 -1.80 37.58
C GLY C 180 39.25 -0.55 38.08
N SER C 181 39.80 0.28 37.18
CA SER C 181 40.48 1.50 37.60
C SER C 181 39.51 2.63 37.92
N GLY C 182 38.26 2.52 37.49
CA GLY C 182 37.29 3.58 37.74
C GLY C 182 36.04 3.37 36.92
N LEU C 183 35.02 4.14 37.26
CA LEU C 183 33.75 4.06 36.55
C LEU C 183 33.88 4.72 35.18
N GLY C 184 33.02 4.29 34.26
CA GLY C 184 33.06 4.77 32.88
C GLY C 184 31.75 5.33 32.38
N GLY C 185 30.95 5.92 33.27
CA GLY C 185 29.68 6.49 32.88
C GLY C 185 29.37 7.74 33.68
N THR C 186 28.30 8.42 33.27
CA THR C 186 27.85 9.65 33.89
C THR C 186 26.58 9.39 34.69
N PHE C 187 26.53 9.89 35.92
CA PHE C 187 25.37 9.70 36.77
C PHE C 187 24.20 10.54 36.30
N GLY C 188 22.99 10.01 36.48
CA GLY C 188 21.77 10.71 36.17
C GLY C 188 21.05 11.20 37.41
N THR C 189 19.85 11.73 37.19
CA THR C 189 19.03 12.29 38.26
C THR C 189 17.60 11.79 38.15
N GLY C 190 16.97 11.56 39.29
CA GLY C 190 15.55 11.27 39.31
C GLY C 190 14.74 12.51 39.00
N SER C 191 13.80 12.38 38.06
CA SER C 191 13.09 13.56 37.56
C SER C 191 12.06 14.08 38.56
N SER C 192 11.33 13.18 39.22
CA SER C 192 10.10 13.56 39.90
C SER C 192 10.30 14.36 41.18
N GLY C 193 11.45 14.22 41.85
CA GLY C 193 11.63 14.80 43.16
C GLY C 193 12.84 15.72 43.22
N PHE C 194 12.98 16.36 44.38
CA PHE C 194 14.15 17.19 44.64
C PHE C 194 15.41 16.33 44.60
N ASN C 195 16.41 16.79 43.85
CA ASN C 195 17.69 16.10 43.72
C ASN C 195 18.76 16.92 44.43
N LEU C 196 19.41 16.31 45.42
CA LEU C 196 20.53 16.92 46.12
C LEU C 196 21.79 16.10 45.85
N ILE C 197 22.88 16.79 45.55
CA ILE C 197 24.16 16.16 45.25
C ILE C 197 25.23 16.80 46.12
N PHE C 198 26.29 16.04 46.39
CA PHE C 198 27.42 16.54 47.17
C PHE C 198 28.68 15.88 46.65
N GLY C 199 29.56 16.67 46.03
CA GLY C 199 30.90 16.23 45.72
C GLY C 199 31.86 16.72 46.77
N GLY C 200 32.58 15.80 47.40
CA GLY C 200 33.47 16.13 48.50
C GLY C 200 34.87 15.58 48.30
N GLY C 201 35.34 15.61 47.06
CA GLY C 201 36.64 15.06 46.74
C GLY C 201 36.54 13.57 46.45
N LYS C 202 36.99 12.75 47.40
CA LYS C 202 36.81 11.31 47.27
C LYS C 202 35.34 10.93 47.34
N TRP C 203 34.63 11.45 48.32
CA TRP C 203 33.21 11.14 48.47
C TRP C 203 32.39 11.79 47.37
N LEU C 204 31.31 11.10 46.97
CA LEU C 204 30.32 11.64 46.05
C LEU C 204 28.99 10.97 46.37
N SER C 205 27.95 11.76 46.58
CA SER C 205 26.68 11.26 47.05
C SER C 205 25.53 11.94 46.29
N PHE C 206 24.41 11.23 46.24
CA PHE C 206 23.19 11.73 45.63
C PHE C 206 22.01 11.35 46.50
N MET C 207 21.00 12.22 46.53
CA MET C 207 19.81 11.99 47.32
C MET C 207 18.60 12.52 46.58
N ASN C 208 17.56 11.69 46.48
CA ASN C 208 16.28 12.08 45.90
C ASN C 208 15.22 11.96 46.99
N ALA C 209 14.43 13.02 47.17
CA ALA C 209 13.40 13.02 48.20
C ALA C 209 12.26 13.93 47.76
N LEU C 210 11.09 13.66 48.32
CA LEU C 210 9.90 14.45 48.02
C LEU C 210 8.80 14.05 48.98
N GLU C 211 8.06 15.04 49.48
CA GLU C 211 6.77 14.81 50.12
C GLU C 211 5.84 15.91 49.62
N GLY C 212 4.89 15.55 48.76
CA GLY C 212 4.04 16.53 48.13
C GLY C 212 2.58 16.15 48.25
N SER C 213 1.73 17.16 48.12
CA SER C 213 0.29 16.99 48.24
C SER C 213 -0.40 17.85 47.20
N GLY C 214 -1.60 17.43 46.83
CA GLY C 214 -2.37 18.15 45.83
C GLY C 214 -3.82 18.25 46.26
N PHE C 215 -4.47 19.30 45.75
CA PHE C 215 -5.87 19.54 46.02
C PHE C 215 -6.54 20.02 44.74
N ALA C 216 -7.72 19.49 44.45
CA ALA C 216 -8.48 19.85 43.26
C ALA C 216 -9.94 20.01 43.62
N TYR C 217 -10.58 21.00 43.02
CA TYR C 217 -11.99 21.31 43.27
C TYR C 217 -12.65 21.68 41.95
N THR C 218 -13.88 21.21 41.78
CA THR C 218 -14.64 21.46 40.56
C THR C 218 -16.10 21.70 40.92
N LEU C 219 -16.71 22.67 40.25
CA LEU C 219 -18.11 23.01 40.44
C LEU C 219 -18.72 23.40 39.11
N ALA C 220 -19.90 22.88 38.82
CA ALA C 220 -20.59 23.19 37.58
C ALA C 220 -22.09 23.20 37.84
N ARG C 221 -22.77 24.24 37.37
CA ARG C 221 -24.21 24.40 37.57
C ARG C 221 -24.89 24.76 36.26
N PRO C 222 -24.87 23.85 35.28
CA PRO C 222 -25.57 24.11 34.02
C PRO C 222 -27.07 24.12 34.20
N SER C 223 -27.74 24.91 33.37
CA SER C 223 -29.19 24.98 33.34
C SER C 223 -29.65 24.92 31.89
N LEU C 224 -30.87 24.42 31.69
CA LEU C 224 -31.39 24.20 30.35
C LEU C 224 -32.90 24.14 30.40
N VAL C 225 -33.54 24.78 29.43
CA VAL C 225 -35.00 24.84 29.35
C VAL C 225 -35.45 24.04 28.14
N ALA C 226 -36.59 23.38 28.28
CA ALA C 226 -37.15 22.59 27.19
C ALA C 226 -38.64 22.40 27.42
N MET C 227 -39.38 22.29 26.32
CA MET C 227 -40.80 22.01 26.41
C MET C 227 -41.03 20.54 26.75
N SER C 228 -42.20 20.27 27.33
CA SER C 228 -42.52 18.91 27.75
C SER C 228 -42.48 17.96 26.56
N GLY C 229 -41.79 16.85 26.73
CA GLY C 229 -41.70 15.83 25.72
C GLY C 229 -40.67 16.08 24.64
N GLN C 230 -39.93 17.19 24.70
CA GLN C 230 -38.95 17.54 23.69
C GLN C 230 -37.54 17.37 24.25
N SER C 231 -36.66 16.78 23.44
CA SER C 231 -35.28 16.59 23.84
C SER C 231 -34.51 17.91 23.74
N ALA C 232 -33.46 18.02 24.54
CA ALA C 232 -32.61 19.21 24.53
C ALA C 232 -31.18 18.79 24.81
N SER C 233 -30.25 19.64 24.38
CA SER C 233 -28.83 19.36 24.51
C SER C 233 -28.09 20.66 24.81
N PHE C 234 -26.94 20.52 25.46
CA PHE C 234 -26.12 21.67 25.83
C PHE C 234 -24.66 21.25 25.86
N LEU C 235 -23.80 22.12 25.35
CA LEU C 235 -22.36 21.89 25.35
C LEU C 235 -21.65 23.18 25.71
N ALA C 236 -20.60 23.07 26.53
CA ALA C 236 -19.84 24.24 26.95
C ALA C 236 -18.35 24.00 26.97
N GLY C 237 -17.85 22.98 26.27
CA GLY C 237 -16.44 22.69 26.27
C GLY C 237 -15.78 22.96 24.93
N GLY C 238 -15.55 21.91 24.15
CA GLY C 238 -14.91 22.08 22.87
C GLY C 238 -14.81 20.76 22.14
N GLU C 239 -14.08 20.78 21.03
CA GLU C 239 -13.87 19.61 20.20
C GLU C 239 -12.43 19.59 19.73
N PHE C 240 -11.79 18.43 19.83
CA PHE C 240 -10.43 18.24 19.38
C PHE C 240 -10.38 17.18 18.28
N PRO C 241 -9.36 17.21 17.42
CA PRO C 241 -9.32 16.31 16.26
C PRO C 241 -9.32 14.83 16.65
N TYR C 256 -14.13 14.52 15.11
CA TYR C 256 -13.84 15.33 16.30
C TYR C 256 -14.60 14.80 17.51
N LYS C 257 -13.95 14.84 18.67
CA LYS C 257 -14.49 14.33 19.91
C LYS C 257 -14.76 15.47 20.87
N GLU C 258 -15.94 15.48 21.46
CA GLU C 258 -16.36 16.55 22.35
C GLU C 258 -15.82 16.33 23.76
N PHE C 259 -15.82 17.40 24.55
CA PHE C 259 -15.47 17.34 25.95
C PHE C 259 -16.01 18.59 26.63
N GLY C 260 -15.73 18.72 27.92
CA GLY C 260 -16.27 19.81 28.70
C GLY C 260 -17.67 19.52 29.22
N ILE C 261 -18.28 20.55 29.78
CA ILE C 261 -19.62 20.42 30.33
C ILE C 261 -20.58 20.04 29.22
N ARG C 262 -21.27 18.90 29.39
CA ARG C 262 -22.28 18.45 28.47
C ARG C 262 -23.54 18.09 29.25
N LEU C 263 -24.69 18.18 28.59
CA LEU C 263 -25.95 17.86 29.24
C LEU C 263 -26.99 17.57 28.18
N THR C 264 -27.55 16.37 28.21
CA THR C 264 -28.68 15.97 27.39
C THR C 264 -29.80 15.51 28.30
N LEU C 265 -31.02 15.99 28.04
CA LEU C 265 -32.14 15.67 28.92
C LEU C 265 -33.43 15.73 28.12
N THR C 266 -34.49 15.20 28.73
CA THR C 266 -35.80 15.13 28.09
C THR C 266 -36.89 15.13 29.17
N PRO C 267 -37.41 16.30 29.54
CA PRO C 267 -38.40 16.36 30.61
C PRO C 267 -39.82 16.12 30.12
N THR C 268 -40.56 15.32 30.88
CA THR C 268 -41.96 15.03 30.62
C THR C 268 -42.78 15.41 31.84
N VAL C 269 -43.75 16.30 31.65
CA VAL C 269 -44.63 16.72 32.73
C VAL C 269 -45.89 15.86 32.68
N MET C 270 -46.12 15.09 33.73
CA MET C 270 -47.22 14.15 33.77
C MET C 270 -48.50 14.83 34.24
N ASN C 271 -49.62 14.14 34.03
CA ASN C 271 -50.92 14.72 34.35
C ASN C 271 -51.06 15.07 35.83
N ASN C 272 -50.26 14.46 36.70
CA ASN C 272 -50.25 14.79 38.12
C ASN C 272 -49.27 15.90 38.46
N ARG C 273 -48.74 16.59 37.46
CA ARG C 273 -47.81 17.71 37.61
C ARG C 273 -46.43 17.28 38.09
N ARG C 274 -46.17 15.98 38.19
CA ARG C 274 -44.83 15.51 38.51
C ARG C 274 -44.00 15.46 37.24
N ILE C 275 -42.69 15.62 37.39
CA ILE C 275 -41.76 15.75 36.28
C ILE C 275 -40.93 14.47 36.20
N ALA C 276 -40.97 13.81 35.05
CA ALA C 276 -40.14 12.64 34.78
C ALA C 276 -38.96 13.07 33.92
N LEU C 277 -37.76 12.86 34.42
CA LEU C 277 -36.54 13.33 33.78
C LEU C 277 -35.72 12.17 33.25
N LYS C 278 -35.42 12.20 31.96
CA LYS C 278 -34.34 11.42 31.37
C LYS C 278 -33.16 12.36 31.19
N VAL C 279 -32.09 12.11 31.95
CA VAL C 279 -31.00 13.06 32.08
C VAL C 279 -29.67 12.33 31.99
N ALA C 280 -28.68 12.99 31.39
CA ALA C 280 -27.36 12.40 31.17
C ALA C 280 -26.30 13.49 31.21
N PRO C 281 -25.93 13.94 32.40
CA PRO C 281 -24.89 14.96 32.52
C PRO C 281 -23.49 14.39 32.30
N GLU C 282 -22.57 15.29 31.94
CA GLU C 282 -21.17 14.96 31.83
C GLU C 282 -20.31 16.15 32.24
N VAL C 283 -19.12 15.85 32.75
CA VAL C 283 -18.10 16.84 33.05
C VAL C 283 -16.75 16.21 32.71
N SER C 284 -16.10 16.73 31.67
CA SER C 284 -14.87 16.13 31.18
C SER C 284 -13.84 17.21 30.89
N GLU C 285 -12.58 16.80 30.85
CA GLU C 285 -11.48 17.72 30.59
C GLU C 285 -10.31 16.91 30.02
N LEU C 286 -9.39 17.63 29.40
CA LEU C 286 -8.27 16.98 28.71
C LEU C 286 -7.23 16.47 29.71
N ASP C 287 -6.71 15.29 29.42
CA ASP C 287 -5.60 14.69 30.16
C ASP C 287 -4.55 14.26 29.16
N TYR C 288 -3.31 14.66 29.38
CA TYR C 288 -2.26 14.56 28.37
C TYR C 288 -1.45 13.27 28.58
N SER C 289 -1.62 12.32 27.66
CA SER C 289 -0.84 11.09 27.65
C SER C 289 -1.22 10.31 26.40
N ALA C 290 -0.43 9.28 26.12
CA ALA C 290 -0.73 8.34 25.03
C ALA C 290 -0.58 8.99 23.66
N GLY C 291 -0.86 8.22 22.60
CA GLY C 291 -0.75 8.69 21.24
C GLY C 291 -1.60 7.81 20.34
N ILE C 292 -1.64 8.19 19.06
CA ILE C 292 -2.47 7.50 18.07
C ILE C 292 -1.85 7.68 16.70
N GLN C 293 -2.21 6.77 15.78
CA GLN C 293 -1.68 6.79 14.41
C GLN C 293 -2.78 6.97 13.36
N SER C 294 -4.04 7.09 13.78
CA SER C 294 -5.15 7.20 12.85
C SER C 294 -6.20 8.12 13.46
N GLY C 295 -6.76 9.00 12.63
CA GLY C 295 -7.74 9.96 13.10
C GLY C 295 -7.19 11.02 14.04
N GLY C 296 -5.88 11.13 14.15
CA GLY C 296 -5.28 12.11 15.03
C GLY C 296 -3.81 11.81 15.24
N VAL C 297 -3.17 12.67 16.03
CA VAL C 297 -1.76 12.52 16.39
C VAL C 297 -1.57 13.04 17.81
N ALA C 298 -0.82 12.27 18.60
CA ALA C 298 -0.49 12.66 19.98
C ALA C 298 -1.74 13.14 20.73
N VAL C 299 -2.89 12.56 20.39
CA VAL C 299 -4.16 13.05 20.94
C VAL C 299 -4.16 12.83 22.45
N PRO C 300 -4.66 13.76 23.25
CA PRO C 300 -4.67 13.58 24.70
C PRO C 300 -5.81 12.66 25.15
N ALA C 301 -5.74 12.28 26.42
CA ALA C 301 -6.79 11.50 27.05
C ALA C 301 -7.81 12.42 27.72
N LEU C 302 -8.89 11.83 28.21
CA LEU C 302 -9.96 12.57 28.87
C LEU C 302 -10.13 12.08 30.30
N ARG C 303 -10.32 13.03 31.21
CA ARG C 303 -10.75 12.76 32.58
C ARG C 303 -12.25 13.00 32.64
N VAL C 304 -13.03 11.94 32.77
CA VAL C 304 -14.46 11.97 32.51
C VAL C 304 -15.22 11.58 33.77
N ARG C 305 -16.28 12.34 34.05
CA ARG C 305 -17.24 12.02 35.11
C ARG C 305 -18.62 12.24 34.54
N ARG C 306 -19.38 11.16 34.35
CA ARG C 306 -20.68 11.25 33.69
C ARG C 306 -21.67 10.33 34.38
N THR C 307 -22.96 10.61 34.16
CA THR C 307 -24.05 9.82 34.71
C THR C 307 -25.18 9.77 33.69
N ASP C 308 -26.00 8.73 33.78
CA ASP C 308 -27.17 8.58 32.93
C ASP C 308 -28.21 7.76 33.67
N THR C 309 -29.41 8.29 33.80
CA THR C 309 -30.46 7.66 34.60
C THR C 309 -31.79 8.32 34.27
N SER C 310 -32.86 7.74 34.80
CA SER C 310 -34.20 8.28 34.68
C SER C 310 -34.87 8.31 36.04
N VAL C 311 -35.54 9.42 36.35
CA VAL C 311 -36.12 9.65 37.66
C VAL C 311 -37.43 10.42 37.51
N MET C 312 -38.18 10.50 38.61
CA MET C 312 -39.42 11.28 38.67
C MET C 312 -39.37 12.16 39.91
N LEU C 313 -39.69 13.44 39.73
CA LEU C 313 -39.70 14.39 40.83
C LEU C 313 -40.89 15.33 40.66
N ALA C 314 -41.26 15.97 41.77
CA ALA C 314 -42.26 17.04 41.73
C ALA C 314 -41.56 18.39 41.57
N ASP C 315 -42.34 19.38 41.14
CA ASP C 315 -41.80 20.71 40.90
C ASP C 315 -41.02 21.21 42.12
N GLY C 316 -39.72 21.42 41.92
CA GLY C 316 -38.86 21.94 42.96
C GLY C 316 -38.12 20.90 43.77
N GLU C 317 -38.54 19.63 43.71
CA GLU C 317 -37.85 18.59 44.45
C GLU C 317 -36.50 18.29 43.81
N SER C 318 -35.66 17.56 44.55
CA SER C 318 -34.29 17.33 44.13
C SER C 318 -33.89 15.89 44.43
N PHE C 319 -32.87 15.42 43.71
CA PHE C 319 -32.28 14.12 43.93
C PHE C 319 -30.76 14.23 43.88
N VAL C 320 -30.10 13.40 44.69
CA VAL C 320 -28.69 13.10 44.45
C VAL C 320 -28.66 11.85 43.59
N ILE C 321 -28.74 12.03 42.27
CA ILE C 321 -28.85 10.90 41.36
C ILE C 321 -27.59 10.05 41.35
N SER C 322 -26.46 10.61 41.78
CA SER C 322 -25.21 9.88 41.74
C SER C 322 -24.27 10.45 42.79
N GLY C 323 -23.39 9.59 43.29
CA GLY C 323 -22.40 10.00 44.28
C GLY C 323 -21.33 8.95 44.40
N LEU C 324 -20.18 9.37 44.90
CA LEU C 324 -19.03 8.48 45.01
C LEU C 324 -18.12 8.93 46.13
N THR C 325 -17.56 7.96 46.84
CA THR C 325 -16.44 8.16 47.74
C THR C 325 -15.40 7.09 47.43
N SER C 326 -14.15 7.52 47.27
CA SER C 326 -13.09 6.62 46.83
C SER C 326 -11.83 6.90 47.61
N SER C 327 -10.99 5.89 47.72
CA SER C 327 -9.70 6.02 48.40
C SER C 327 -8.76 4.95 47.88
N ASN C 328 -7.53 5.35 47.60
CA ASN C 328 -6.50 4.44 47.10
C ASN C 328 -5.21 4.70 47.84
N SER C 329 -4.50 3.62 48.17
CA SER C 329 -3.22 3.71 48.84
C SER C 329 -2.28 2.67 48.25
N VAL C 330 -1.05 3.09 47.96
CA VAL C 330 -0.03 2.21 47.42
C VAL C 330 1.29 2.52 48.11
N SER C 331 2.00 1.49 48.53
CA SER C 331 3.25 1.65 49.25
C SER C 331 4.24 0.59 48.80
N ASN C 332 5.52 0.91 48.96
CA ASN C 332 6.59 -0.02 48.61
C ASN C 332 7.85 0.39 49.35
N VAL C 333 8.57 -0.60 49.86
CA VAL C 333 9.82 -0.38 50.59
C VAL C 333 10.87 -1.34 50.06
N ASP C 334 12.04 -0.81 49.71
CA ASP C 334 13.19 -1.60 49.29
C ASP C 334 14.34 -1.32 50.23
N LYS C 335 15.04 -2.37 50.65
CA LYS C 335 16.10 -2.22 51.64
C LYS C 335 17.23 -3.20 51.31
N PHE C 336 18.44 -2.81 51.70
CA PHE C 336 19.54 -3.76 51.71
C PHE C 336 19.28 -4.78 52.80
N PRO C 337 19.49 -6.08 52.53
CA PRO C 337 18.97 -7.12 53.44
C PRO C 337 19.29 -6.92 54.91
N TRP C 338 20.58 -6.85 55.26
CA TRP C 338 20.97 -6.75 56.66
C TRP C 338 21.07 -5.32 57.15
N LEU C 339 21.65 -4.43 56.34
CA LEU C 339 21.88 -3.06 56.80
C LEU C 339 20.57 -2.27 56.92
N GLY C 340 19.54 -2.66 56.16
CA GLY C 340 18.31 -1.90 56.17
C GLY C 340 17.58 -1.90 57.48
N ASP C 341 17.91 -2.83 58.38
CA ASP C 341 17.23 -2.95 59.67
C ASP C 341 17.99 -2.27 60.80
N ILE C 342 19.11 -1.61 60.52
CA ILE C 342 19.79 -0.86 61.57
C ILE C 342 18.87 0.23 62.09
N PRO C 343 18.69 0.39 63.40
CA PRO C 343 17.61 1.28 63.89
C PRO C 343 17.75 2.72 63.44
N ILE C 344 18.97 3.22 63.27
CA ILE C 344 19.21 4.62 62.89
C ILE C 344 19.78 4.72 61.49
N LEU C 345 20.94 4.11 61.24
CA LEU C 345 21.59 4.21 59.94
C LEU C 345 20.87 3.42 58.85
N GLY C 346 19.88 2.60 59.22
CA GLY C 346 19.19 1.81 58.21
C GLY C 346 18.48 2.65 57.17
N ALA C 347 18.06 3.86 57.53
CA ALA C 347 17.33 4.71 56.60
C ALA C 347 18.12 4.97 55.32
N PHE C 348 19.44 5.05 55.42
CA PHE C 348 20.28 5.29 54.26
C PHE C 348 20.41 4.06 53.37
N PHE C 349 19.96 2.89 53.83
CA PHE C 349 19.98 1.67 53.04
C PHE C 349 18.57 1.26 52.61
N ARG C 350 17.63 2.21 52.57
CA ARG C 350 16.25 1.94 52.21
C ARG C 350 15.77 2.91 51.15
N SER C 351 14.89 2.42 50.29
CA SER C 351 14.18 3.25 49.32
C SER C 351 12.68 3.06 49.53
N THR C 352 11.92 4.12 49.34
CA THR C 352 10.51 4.14 49.72
C THR C 352 9.69 4.88 48.68
N LYS C 353 8.41 4.54 48.62
CA LYS C 353 7.46 5.17 47.72
C LYS C 353 6.08 5.06 48.36
N LEU C 354 5.32 6.16 48.31
CA LEU C 354 3.97 6.17 48.86
C LEU C 354 3.08 7.04 47.98
N ASP C 355 1.91 6.52 47.63
CA ASP C 355 0.93 7.24 46.84
C ASP C 355 -0.44 7.04 47.46
N LYS C 356 -1.13 8.14 47.76
CA LYS C 356 -2.46 8.09 48.34
C LYS C 356 -3.36 9.06 47.58
N ASP C 357 -4.64 8.71 47.51
CA ASP C 357 -5.61 9.51 46.77
C ASP C 357 -6.98 9.36 47.42
N ASP C 358 -7.76 10.43 47.37
CA ASP C 358 -9.12 10.44 47.88
C ASP C 358 -9.99 11.27 46.95
N ARG C 359 -11.29 11.01 46.98
CA ARG C 359 -12.19 11.66 46.04
C ARG C 359 -13.61 11.60 46.58
N GLU C 360 -14.40 12.60 46.21
CA GLU C 360 -15.81 12.66 46.54
C GLU C 360 -16.55 13.36 45.42
N LEU C 361 -17.77 12.89 45.12
CA LEU C 361 -18.57 13.41 44.03
C LEU C 361 -20.00 13.63 44.45
N LEU C 362 -20.68 14.51 43.73
CA LEU C 362 -22.11 14.72 43.88
C LEU C 362 -22.68 15.21 42.55
N MET C 363 -23.81 14.63 42.16
CA MET C 363 -24.59 15.13 41.01
C MET C 363 -26.03 15.28 41.46
N ILE C 364 -26.55 16.49 41.40
CA ILE C 364 -27.87 16.82 41.90
C ILE C 364 -28.69 17.44 40.78
N VAL C 365 -29.96 17.04 40.69
CA VAL C 365 -30.86 17.53 39.67
C VAL C 365 -32.05 18.20 40.35
N THR C 366 -32.56 19.25 39.72
CA THR C 366 -33.69 20.00 40.27
C THR C 366 -34.52 20.59 39.15
N PRO C 367 -35.70 20.04 38.86
CA PRO C 367 -36.56 20.62 37.82
C PRO C 367 -37.55 21.64 38.35
N HIS C 368 -37.74 22.70 37.56
CA HIS C 368 -38.69 23.76 37.89
C HIS C 368 -39.62 23.98 36.70
N LEU C 369 -40.91 24.19 37.00
CA LEU C 369 -41.84 24.64 35.98
C LEU C 369 -41.76 26.16 35.86
N VAL C 370 -41.62 26.66 34.64
CA VAL C 370 -41.34 28.05 34.39
C VAL C 370 -42.24 28.58 33.28
N GLN C 371 -42.27 29.90 33.16
CA GLN C 371 -43.02 30.59 32.12
C GLN C 371 -42.12 31.67 31.51
N PRO C 372 -42.40 32.07 30.27
CA PRO C 372 -41.54 33.05 29.62
C PRO C 372 -41.57 34.40 30.33
N LEU C 373 -40.46 35.13 30.22
CA LEU C 373 -40.43 36.51 30.70
C LEU C 373 -41.44 37.35 29.92
N ALA C 374 -42.05 38.31 30.61
CA ALA C 374 -43.06 39.14 29.98
C ALA C 374 -42.43 40.05 28.93
N ALA C 375 -43.27 40.54 28.02
CA ALA C 375 -42.78 41.35 26.91
C ALA C 375 -42.07 42.61 27.41
N ASP C 376 -42.49 43.15 28.56
CA ASP C 376 -41.89 44.35 29.10
C ASP C 376 -40.77 44.07 30.10
N ALA C 377 -40.42 42.80 30.32
CA ALA C 377 -39.46 42.45 31.34
C ALA C 377 -38.06 42.91 30.95
N GLN C 378 -37.30 43.37 31.94
CA GLN C 378 -35.88 43.63 31.77
C GLN C 378 -35.13 42.29 31.79
N LEU C 379 -34.33 42.05 30.76
CA LEU C 379 -33.68 40.76 30.62
C LEU C 379 -32.62 40.57 31.70
N PRO C 380 -32.38 39.33 32.13
CA PRO C 380 -31.21 39.06 32.97
C PRO C 380 -29.93 39.38 32.22
N ASP C 381 -28.91 39.79 32.95
CA ASP C 381 -27.66 40.23 32.35
C ASP C 381 -26.51 39.90 33.26
N LEU C 382 -25.30 40.01 32.71
CA LEU C 382 -24.05 39.77 33.39
C LEU C 382 -23.19 41.03 33.34
N PRO C 383 -22.29 41.21 34.32
CA PRO C 383 -21.51 42.46 34.35
C PRO C 383 -20.86 42.78 33.01
N THR C 412 -38.76 47.15 62.49
CA THR C 412 -38.25 48.53 62.56
C THR C 412 -37.88 49.05 61.17
N GLY C 413 -37.85 48.15 60.18
CA GLY C 413 -37.54 48.51 58.82
C GLY C 413 -36.09 48.27 58.44
N LEU C 414 -35.21 48.11 59.42
CA LEU C 414 -33.81 47.87 59.14
C LEU C 414 -33.62 46.47 58.54
N SER C 415 -32.47 46.28 57.90
CA SER C 415 -32.18 45.02 57.22
C SER C 415 -32.06 43.84 58.18
N ASP C 416 -31.72 44.10 59.44
CA ASP C 416 -31.45 43.38 60.67
C ASP C 416 -30.04 42.79 60.66
N GLU D 28 -9.41 48.48 47.98
CA GLU D 28 -9.55 47.06 47.66
C GLU D 28 -9.01 46.19 48.79
N CYS D 29 -9.26 44.89 48.70
CA CYS D 29 -8.83 43.92 49.70
C CYS D 29 -7.80 42.99 49.06
N SER D 30 -6.53 43.20 49.40
CA SER D 30 -5.44 42.41 48.84
C SER D 30 -5.09 41.27 49.79
N GLN D 31 -6.06 40.39 49.99
CA GLN D 31 -5.90 39.21 50.84
C GLN D 31 -6.82 38.12 50.33
N GLN D 32 -6.26 36.99 49.95
CA GLN D 32 -7.03 35.85 49.47
C GLN D 32 -6.60 34.60 50.23
N LEU D 33 -7.58 33.74 50.52
CA LEU D 33 -7.35 32.54 51.29
C LEU D 33 -7.43 31.30 50.39
N GLY D 34 -6.68 30.27 50.79
CA GLY D 34 -6.55 29.08 49.98
C GLY D 34 -7.81 28.25 49.94
N GLN D 35 -7.86 27.36 48.96
CA GLN D 35 -8.99 26.45 48.76
C GLN D 35 -9.23 25.52 49.93
N GLU D 36 -8.32 25.50 50.91
CA GLU D 36 -8.54 24.75 52.13
C GLU D 36 -9.28 25.55 53.19
N GLN D 37 -8.94 26.83 53.35
CA GLN D 37 -9.55 27.70 54.34
C GLN D 37 -10.59 28.65 53.75
N GLU D 38 -10.78 28.64 52.42
CA GLU D 38 -11.86 29.38 51.77
C GLU D 38 -13.07 28.51 51.50
N LEU D 39 -12.84 27.25 51.14
CA LEU D 39 -13.89 26.25 51.15
C LEU D 39 -14.56 26.20 52.52
N GLN D 40 -13.86 26.70 53.53
CA GLN D 40 -14.38 26.78 54.89
C GLN D 40 -15.25 28.02 55.10
N MET D 41 -14.79 29.17 54.58
CA MET D 41 -15.62 30.37 54.63
C MET D 41 -16.94 30.16 53.88
N ASN D 42 -16.95 29.33 52.84
CA ASN D 42 -18.21 28.99 52.19
C ASN D 42 -19.18 28.35 53.19
N MET D 43 -18.70 27.36 53.94
CA MET D 43 -19.54 26.74 54.97
C MET D 43 -19.96 27.75 56.03
N VAL D 44 -19.05 28.65 56.40
CA VAL D 44 -19.38 29.69 57.37
C VAL D 44 -20.57 30.51 56.86
N ARG D 45 -20.49 30.97 55.61
CA ARG D 45 -21.60 31.72 55.03
C ARG D 45 -22.88 30.92 55.03
N ASP D 46 -22.79 29.63 54.66
CA ASP D 46 -23.96 28.77 54.70
C ASP D 46 -24.60 28.77 56.08
N MET D 47 -23.77 28.65 57.12
CA MET D 47 -24.29 28.70 58.48
C MET D 47 -24.92 30.06 58.79
N ILE D 48 -24.28 31.15 58.33
CA ILE D 48 -24.81 32.48 58.61
C ILE D 48 -26.23 32.61 58.06
N ARG D 49 -26.42 32.23 56.80
CA ARG D 49 -27.74 32.36 56.20
C ARG D 49 -28.70 31.23 56.59
N GLU D 50 -28.19 30.19 57.27
CA GLU D 50 -29.04 29.10 57.75
C GLU D 50 -29.72 29.43 59.07
N GLY D 51 -29.37 30.54 59.71
CA GLY D 51 -29.80 30.80 61.06
C GLY D 51 -28.89 30.20 62.11
N ARG D 52 -27.78 29.59 61.70
CA ARG D 52 -26.81 28.97 62.60
C ARG D 52 -25.66 29.90 62.92
N LEU D 53 -25.95 31.20 63.09
CA LEU D 53 -24.95 32.20 63.41
C LEU D 53 -23.94 31.69 64.44
N HIS D 54 -24.43 31.02 65.48
CA HIS D 54 -23.55 30.58 66.56
C HIS D 54 -22.62 29.47 66.09
N ALA D 55 -23.14 28.52 65.30
CA ALA D 55 -22.29 27.50 64.70
C ALA D 55 -21.29 28.13 63.74
N ALA D 56 -21.72 29.15 62.99
CA ALA D 56 -20.79 29.88 62.15
C ALA D 56 -19.68 30.52 62.97
N LEU D 57 -20.04 31.06 64.14
CA LEU D 57 -19.04 31.62 65.05
C LEU D 57 -18.07 30.53 65.49
N ALA D 58 -18.59 29.35 65.82
CA ALA D 58 -17.72 28.24 66.20
C ALA D 58 -16.73 27.93 65.09
N ASN D 59 -17.23 27.77 63.85
CA ASN D 59 -16.36 27.40 62.74
C ASN D 59 -15.35 28.50 62.43
N LEU D 60 -15.76 29.77 62.57
CA LEU D 60 -14.81 30.87 62.43
C LEU D 60 -13.73 30.81 63.49
N GLU D 61 -14.13 30.57 64.74
CA GLU D 61 -13.16 30.40 65.83
C GLU D 61 -12.17 29.30 65.49
N SER D 62 -12.63 28.25 64.81
CA SER D 62 -11.71 27.24 64.30
C SER D 62 -10.70 27.87 63.34
N MET D 63 -11.17 28.77 62.47
CA MET D 63 -10.33 29.42 61.50
C MET D 63 -9.44 30.47 62.18
N PRO D 64 -8.38 30.92 61.50
CA PRO D 64 -7.39 31.77 62.16
C PRO D 64 -7.96 33.11 62.56
N PRO D 65 -7.76 33.54 63.81
CA PRO D 65 -8.12 34.91 64.19
C PRO D 65 -7.13 35.91 63.61
N GLY D 66 -7.64 37.08 63.26
CA GLY D 66 -6.87 38.09 62.57
C GLY D 66 -7.12 38.14 61.07
N LEU D 67 -7.75 37.09 60.52
CA LEU D 67 -8.15 37.10 59.11
C LEU D 67 -9.31 38.08 58.93
N LEU D 68 -9.09 39.10 58.10
CA LEU D 68 -10.08 40.16 57.95
C LEU D 68 -11.47 39.60 57.65
N ASP D 69 -11.55 38.66 56.73
CA ASP D 69 -12.84 38.04 56.41
C ASP D 69 -13.45 37.40 57.64
N VAL D 70 -12.67 36.57 58.34
CA VAL D 70 -13.16 35.92 59.55
C VAL D 70 -13.49 36.96 60.61
N ARG D 71 -12.70 38.03 60.69
CA ARG D 71 -12.95 39.05 61.69
C ARG D 71 -14.30 39.73 61.46
N GLU D 72 -14.56 40.14 60.22
CA GLU D 72 -15.84 40.81 59.93
C GLU D 72 -17.01 39.86 60.05
N GLU D 73 -16.85 38.60 59.64
CA GLU D 73 -17.93 37.65 59.80
C GLU D 73 -18.26 37.43 61.28
N ARG D 74 -17.22 37.29 62.11
CA ARG D 74 -17.42 37.15 63.54
C ARG D 74 -18.13 38.37 64.10
N ALA D 75 -17.72 39.57 63.68
CA ALA D 75 -18.38 40.78 64.16
C ALA D 75 -19.86 40.79 63.79
N LEU D 76 -20.18 40.41 62.54
CA LEU D 76 -21.57 40.29 62.13
C LEU D 76 -22.35 39.39 63.08
N ILE D 77 -21.82 38.19 63.32
CA ILE D 77 -22.50 37.25 64.21
C ILE D 77 -22.66 37.84 65.60
N LEU D 78 -21.59 38.42 66.13
CA LEU D 78 -21.63 38.97 67.49
C LEU D 78 -22.69 40.06 67.60
N ARG D 79 -22.76 40.97 66.62
CA ARG D 79 -23.75 42.03 66.67
C ARG D 79 -25.16 41.47 66.60
N ARG D 80 -25.39 40.49 65.73
CA ARG D 80 -26.74 39.96 65.58
C ARG D 80 -27.17 39.20 66.84
N ILE D 81 -26.26 38.44 67.44
CA ILE D 81 -26.63 37.61 68.60
C ILE D 81 -26.65 38.39 69.90
N GLY D 82 -26.13 39.61 69.92
CA GLY D 82 -26.13 40.42 71.12
C GLY D 82 -24.85 40.40 71.92
N ASP D 83 -23.77 39.84 71.38
CA ASP D 83 -22.52 39.81 72.12
C ASP D 83 -21.97 41.23 72.29
N PRO D 84 -21.16 41.47 73.33
CA PRO D 84 -20.60 42.80 73.55
C PRO D 84 -19.32 43.09 72.80
N ARG D 85 -18.74 42.11 72.12
CA ARG D 85 -17.46 42.29 71.44
C ARG D 85 -17.60 42.73 69.99
N ALA D 86 -18.80 42.66 69.43
CA ALA D 86 -19.01 43.14 68.06
C ALA D 86 -18.52 44.57 67.90
N ARG D 87 -18.74 45.40 68.94
CA ARG D 87 -18.30 46.79 68.88
C ARG D 87 -16.80 46.88 68.60
N ALA D 88 -16.01 46.17 69.40
CA ALA D 88 -14.56 46.20 69.22
C ALA D 88 -14.15 45.60 67.88
N GLU D 89 -14.82 44.52 67.45
CA GLU D 89 -14.48 43.90 66.17
C GLU D 89 -14.67 44.90 65.03
N TYR D 90 -15.84 45.56 64.99
CA TYR D 90 -16.05 46.62 64.01
C TYR D 90 -14.99 47.71 64.16
N GLN D 91 -14.69 48.10 65.40
CA GLN D 91 -13.70 49.16 65.62
C GLN D 91 -12.36 48.82 65.00
N ALA D 92 -11.86 47.61 65.26
CA ALA D 92 -10.57 47.21 64.71
C ALA D 92 -10.60 47.19 63.18
N LEU D 93 -11.69 46.71 62.60
CA LEU D 93 -11.80 46.58 61.15
C LEU D 93 -11.98 47.91 60.44
N LEU D 94 -12.29 48.99 61.17
CA LEU D 94 -12.38 50.30 60.54
C LEU D 94 -11.08 50.69 59.84
N GLU D 95 -9.94 50.27 60.40
CA GLU D 95 -8.62 50.65 59.90
C GLU D 95 -8.04 49.61 58.93
N THR D 96 -8.89 48.86 58.24
CA THR D 96 -8.47 47.81 57.32
C THR D 96 -9.27 47.94 56.02
N CYS D 97 -9.01 47.01 55.10
CA CYS D 97 -9.83 46.96 53.88
C CYS D 97 -11.29 46.70 54.21
N LYS D 98 -11.56 46.12 55.37
CA LYS D 98 -12.94 45.94 55.82
C LYS D 98 -13.42 47.21 56.53
N ALA D 99 -13.28 48.35 55.86
CA ALA D 99 -13.73 49.63 56.41
C ALA D 99 -15.24 49.82 56.26
N PRO D 100 -15.78 49.75 55.03
CA PRO D 100 -17.22 50.02 54.85
C PRO D 100 -18.10 49.24 55.81
N GLU D 101 -17.90 47.93 55.92
CA GLU D 101 -18.77 47.13 56.78
C GLU D 101 -18.52 47.40 58.26
N ALA D 102 -17.30 47.81 58.62
CA ALA D 102 -17.05 48.22 60.00
C ALA D 102 -17.82 49.48 60.36
N HIS D 103 -17.77 50.48 59.48
CA HIS D 103 -18.58 51.69 59.70
C HIS D 103 -20.06 51.33 59.80
N HIS D 104 -20.52 50.47 58.89
CA HIS D 104 -21.93 50.07 58.90
C HIS D 104 -22.30 49.34 60.18
N GLY D 105 -21.42 48.48 60.67
CA GLY D 105 -21.63 47.78 61.93
C GLY D 105 -21.74 48.71 63.11
N LEU D 106 -20.80 49.66 63.20
CA LEU D 106 -20.88 50.66 64.28
C LEU D 106 -22.17 51.48 64.18
N GLY D 107 -22.58 51.83 62.95
CA GLY D 107 -23.84 52.52 62.77
C GLY D 107 -25.03 51.73 63.25
N LEU D 108 -25.09 50.44 62.88
CA LEU D 108 -26.18 49.59 63.35
C LEU D 108 -26.14 49.42 64.86
N LEU D 109 -24.95 49.39 65.46
CA LEU D 109 -24.85 49.39 66.92
C LEU D 109 -25.49 50.65 67.51
N ALA D 110 -25.12 51.82 66.96
CA ALA D 110 -25.71 53.07 67.42
C ALA D 110 -27.24 53.03 67.29
N LEU D 111 -27.73 52.48 66.18
CA LEU D 111 -29.17 52.33 66.01
C LEU D 111 -29.77 51.42 67.09
N ARG D 112 -29.10 50.30 67.38
CA ARG D 112 -29.58 49.41 68.43
C ARG D 112 -29.66 50.15 69.77
N ASN D 113 -28.66 50.97 70.08
CA ASN D 113 -28.70 51.77 71.28
C ASN D 113 -29.72 52.90 71.21
N GLY D 114 -30.26 53.19 70.03
CA GLY D 114 -31.19 54.28 69.85
C GLY D 114 -30.56 55.63 69.57
N ASP D 115 -29.23 55.71 69.63
CA ASP D 115 -28.51 56.96 69.39
C ASP D 115 -28.42 57.18 67.87
N SER D 116 -29.53 57.68 67.31
CA SER D 116 -29.60 57.90 65.88
C SER D 116 -28.62 58.97 65.40
N ALA D 117 -28.18 59.86 66.29
CA ALA D 117 -27.34 60.99 65.90
C ALA D 117 -26.08 60.51 65.18
N ARG D 118 -25.23 59.77 65.89
CA ARG D 118 -24.02 59.24 65.27
C ARG D 118 -24.31 58.09 64.32
N ALA D 119 -25.45 57.41 64.49
CA ALA D 119 -25.81 56.34 63.57
C ALA D 119 -25.97 56.86 62.15
N VAL D 120 -26.63 58.00 62.01
CA VAL D 120 -26.80 58.59 60.67
C VAL D 120 -25.45 58.94 60.07
N LEU D 121 -24.56 59.51 60.88
CA LEU D 121 -23.23 59.87 60.37
C LEU D 121 -22.47 58.64 59.88
N GLU D 122 -22.44 57.58 60.70
CA GLU D 122 -21.69 56.40 60.31
C GLU D 122 -22.32 55.70 59.11
N LEU D 123 -23.66 55.67 59.05
CA LEU D 123 -24.32 55.09 57.89
C LEU D 123 -24.04 55.90 56.63
N ARG D 124 -24.00 57.23 56.74
CA ARG D 124 -23.62 58.05 55.60
C ARG D 124 -22.21 57.72 55.13
N GLU D 125 -21.27 57.60 56.08
CA GLU D 125 -19.90 57.26 55.71
C GLU D 125 -19.85 55.90 54.99
N ALA D 126 -20.53 54.90 55.55
CA ALA D 126 -20.52 53.57 54.95
C ALA D 126 -21.14 53.59 53.56
N ALA D 127 -22.31 54.21 53.42
CA ALA D 127 -22.95 54.30 52.11
C ALA D 127 -22.08 55.05 51.11
N ARG D 128 -21.27 56.00 51.59
CA ARG D 128 -20.35 56.68 50.68
C ARG D 128 -19.25 55.75 50.20
N LEU D 129 -18.57 55.10 51.13
CA LEU D 129 -17.36 54.34 50.76
C LEU D 129 -17.68 53.17 49.85
N ARG D 130 -18.79 52.45 50.08
CA ARG D 130 -19.24 51.38 49.18
C ARG D 130 -20.69 51.66 48.83
N PRO D 131 -20.94 52.40 47.76
CA PRO D 131 -22.31 52.88 47.50
C PRO D 131 -23.28 51.80 47.06
N THR D 132 -22.84 50.85 46.22
CA THR D 132 -23.78 49.93 45.58
C THR D 132 -24.46 49.01 46.58
N GLU D 133 -24.00 48.96 47.83
CA GLU D 133 -24.58 48.07 48.82
C GLU D 133 -26.01 48.48 49.15
N SER D 134 -26.98 47.71 48.65
CA SER D 134 -28.40 48.01 48.90
C SER D 134 -28.69 48.03 50.39
N ARG D 135 -28.11 47.08 51.13
CA ARG D 135 -28.33 47.02 52.58
C ARG D 135 -27.90 48.33 53.26
N PHE D 136 -26.72 48.84 52.90
CA PHE D 136 -26.25 50.10 53.48
C PHE D 136 -27.21 51.25 53.15
N ARG D 137 -27.66 51.33 51.90
CA ARG D 137 -28.55 52.41 51.51
C ARG D 137 -29.88 52.34 52.25
N ASN D 138 -30.43 51.13 52.37
CA ASN D 138 -31.72 50.99 53.06
C ASN D 138 -31.61 51.23 54.55
N ASP D 139 -30.45 50.95 55.15
CA ASP D 139 -30.25 51.29 56.55
C ASP D 139 -30.05 52.79 56.74
N LEU D 140 -29.27 53.42 55.87
CA LEU D 140 -29.04 54.85 55.98
C LEU D 140 -30.34 55.63 55.77
N GLY D 141 -31.20 55.16 54.86
CA GLY D 141 -32.48 55.83 54.68
C GLY D 141 -33.34 55.78 55.93
N VAL D 142 -33.38 54.62 56.59
CA VAL D 142 -34.14 54.50 57.84
C VAL D 142 -33.54 55.40 58.91
N ALA D 143 -32.21 55.44 58.99
CA ALA D 143 -31.57 56.32 59.98
C ALA D 143 -31.93 57.78 59.72
N LEU D 144 -31.90 58.21 58.46
CA LEU D 144 -32.29 59.59 58.13
C LEU D 144 -33.75 59.84 58.48
N LEU D 145 -34.63 58.93 58.11
CA LEU D 145 -36.05 59.08 58.43
C LEU D 145 -36.26 59.24 59.92
N LYS D 146 -35.56 58.44 60.73
CA LYS D 146 -35.62 58.61 62.18
C LYS D 146 -35.06 59.98 62.60
N ARG D 147 -33.98 60.42 61.95
CA ARG D 147 -33.34 61.67 62.34
C ARG D 147 -34.07 62.90 61.84
N GLY D 148 -34.91 62.77 60.80
CA GLY D 148 -35.75 63.85 60.34
C GLY D 148 -35.41 64.41 58.97
N ASP D 149 -34.28 64.02 58.37
CA ASP D 149 -33.94 64.46 57.02
C ASP D 149 -34.78 63.68 56.01
N ARG D 150 -36.04 64.10 55.90
CA ARG D 150 -37.00 63.37 55.07
C ARG D 150 -36.60 63.37 53.61
N VAL D 151 -36.07 64.48 53.10
CA VAL D 151 -35.66 64.52 51.70
C VAL D 151 -34.45 63.60 51.48
N GLY D 152 -33.47 63.66 52.40
CA GLY D 152 -32.34 62.75 52.31
C GLY D 152 -32.76 61.31 52.53
N ALA D 153 -33.71 61.08 53.43
CA ALA D 153 -34.22 59.73 53.63
C ALA D 153 -34.88 59.20 52.36
N ARG D 154 -35.64 60.05 51.67
CA ARG D 154 -36.23 59.66 50.39
C ARG D 154 -35.15 59.35 49.38
N PHE D 155 -34.11 60.17 49.31
CA PHE D 155 -32.98 59.91 48.42
C PHE D 155 -32.41 58.52 48.68
N GLU D 156 -32.10 58.22 49.94
CA GLU D 156 -31.44 56.96 50.26
C GLU D 156 -32.37 55.77 50.05
N PHE D 157 -33.65 55.91 50.42
CA PHE D 157 -34.60 54.83 50.19
C PHE D 157 -34.77 54.56 48.70
N ILE D 158 -34.81 55.60 47.88
CA ILE D 158 -34.92 55.40 46.44
C ILE D 158 -33.67 54.71 45.91
N THR D 159 -32.50 55.11 46.40
CA THR D 159 -31.27 54.43 45.98
C THR D 159 -31.34 52.94 46.31
N ALA D 160 -31.74 52.61 47.54
CA ALA D 160 -31.83 51.21 47.94
C ALA D 160 -32.86 50.45 47.10
N LEU D 161 -34.04 51.05 46.90
CA LEU D 161 -35.09 50.39 46.16
C LEU D 161 -34.71 50.18 44.70
N GLU D 162 -33.93 51.11 44.12
CA GLU D 162 -33.47 50.94 42.75
C GLU D 162 -32.38 49.87 42.66
N LEU D 163 -31.47 49.85 43.64
CA LEU D 163 -30.41 48.84 43.64
C LEU D 163 -31.00 47.43 43.66
N GLN D 164 -31.90 47.17 44.60
CA GLN D 164 -32.52 45.86 44.70
C GLN D 164 -33.51 45.67 43.54
N GLN D 165 -33.63 44.41 43.10
CA GLN D 165 -34.48 44.07 41.96
C GLN D 165 -35.94 44.14 42.40
N GLY D 166 -36.45 45.36 42.46
CA GLY D 166 -37.80 45.62 42.90
C GLY D 166 -37.94 45.89 44.39
N GLY D 167 -37.05 45.33 45.20
CA GLY D 167 -37.05 45.60 46.63
C GLY D 167 -38.14 44.89 47.40
N LYS D 168 -37.83 44.49 48.63
CA LYS D 168 -38.82 43.98 49.57
C LYS D 168 -38.91 44.88 50.80
N LEU D 169 -37.79 45.15 51.46
CA LEU D 169 -37.76 46.09 52.55
C LEU D 169 -37.73 47.51 51.99
N PRO D 170 -36.90 47.81 50.97
CA PRO D 170 -36.91 49.16 50.40
C PRO D 170 -38.26 49.67 49.94
N ALA D 171 -39.04 48.80 49.30
CA ALA D 171 -40.32 49.25 48.73
C ALA D 171 -41.25 49.75 49.82
N THR D 172 -41.41 48.99 50.90
CA THR D 172 -42.23 49.46 52.00
C THR D 172 -41.53 50.50 52.85
N ASN D 173 -40.20 50.62 52.73
CA ASN D 173 -39.48 51.70 53.39
C ASN D 173 -39.75 53.05 52.74
N LEU D 174 -40.04 53.06 51.45
CA LEU D 174 -40.49 54.28 50.79
C LEU D 174 -42.01 54.46 50.88
N LEU D 175 -42.76 53.36 50.89
CA LEU D 175 -44.21 53.46 51.08
C LEU D 175 -44.55 54.07 52.43
N GLY D 176 -43.91 53.60 53.51
CA GLY D 176 -44.16 54.16 54.83
C GLY D 176 -43.68 55.58 54.97
N LEU D 177 -42.58 55.93 54.30
CA LEU D 177 -42.15 57.33 54.26
C LEU D 177 -43.21 58.19 53.59
N LEU D 178 -43.77 57.72 52.47
CA LEU D 178 -44.87 58.44 51.83
C LEU D 178 -46.07 58.57 52.76
N TYR D 179 -46.42 57.48 53.46
CA TYR D 179 -47.53 57.51 54.40
C TYR D 179 -47.28 58.56 55.48
N LEU D 180 -46.08 58.58 56.06
CA LEU D 180 -45.71 59.62 57.01
C LEU D 180 -45.85 61.00 56.38
N GLN D 181 -45.57 61.12 55.08
CA GLN D 181 -45.70 62.39 54.38
C GLN D 181 -47.11 62.67 53.88
N GLY D 182 -48.01 61.69 53.94
CA GLY D 182 -49.41 61.92 53.65
C GLY D 182 -49.80 61.84 52.20
N ASP D 183 -48.85 61.61 51.29
CA ASP D 183 -49.19 61.50 49.88
C ASP D 183 -49.85 60.16 49.60
N ARG D 184 -51.12 60.03 49.99
CA ARG D 184 -51.79 58.73 49.90
C ARG D 184 -51.91 58.26 48.45
N GLU D 185 -52.20 59.17 47.52
CA GLU D 185 -52.36 58.75 46.13
C GLU D 185 -51.01 58.40 45.49
N ASP D 186 -49.93 59.08 45.88
CA ASP D 186 -48.60 58.65 45.44
C ASP D 186 -48.27 57.28 46.01
N ALA D 187 -48.62 57.04 47.28
CA ALA D 187 -48.43 55.72 47.85
C ALA D 187 -49.21 54.68 47.07
N GLN D 188 -50.44 54.99 46.67
CA GLN D 188 -51.24 54.06 45.88
C GLN D 188 -50.64 53.84 44.50
N ARG D 189 -50.09 54.90 43.90
CA ARG D 189 -49.31 54.74 42.68
C ARG D 189 -48.23 53.70 42.87
N LEU D 190 -47.52 53.75 43.99
CA LEU D 190 -46.49 52.73 44.24
C LEU D 190 -47.11 51.36 44.51
N ILE D 191 -48.28 51.33 45.15
CA ILE D 191 -48.97 50.05 45.35
C ILE D 191 -49.21 49.37 44.01
N GLU D 192 -49.69 50.16 43.03
CA GLU D 192 -49.94 49.62 41.70
C GLU D 192 -48.64 49.22 41.01
N ARG D 193 -47.65 50.11 41.02
CA ARG D 193 -46.41 49.87 40.29
C ARG D 193 -45.66 48.66 40.85
N LEU D 194 -45.34 48.70 42.15
CA LEU D 194 -44.67 47.59 42.80
C LEU D 194 -45.52 46.33 42.84
N GLN D 195 -46.84 46.47 42.67
CA GLN D 195 -47.78 45.36 42.82
C GLN D 195 -47.79 44.85 44.26
N LEU D 196 -47.80 45.77 45.22
CA LEU D 196 -47.82 45.42 46.63
C LEU D 196 -49.12 44.69 46.98
N ASP D 197 -49.03 43.85 48.01
CA ASP D 197 -50.16 43.09 48.51
C ASP D 197 -50.53 43.54 49.92
N ALA D 198 -51.78 43.31 50.30
CA ALA D 198 -52.24 43.70 51.63
C ALA D 198 -51.38 43.05 52.72
N ARG D 199 -50.89 41.83 52.47
CA ARG D 199 -49.98 41.20 53.41
C ARG D 199 -48.78 42.10 53.71
N ASP D 200 -48.38 42.91 52.74
CA ASP D 200 -47.34 43.91 52.96
C ASP D 200 -47.89 45.27 53.34
N ILE D 201 -49.16 45.56 53.03
CA ILE D 201 -49.74 46.83 53.44
C ILE D 201 -49.86 46.90 54.95
N ARG D 202 -50.21 45.79 55.60
CA ARG D 202 -50.28 45.77 57.05
C ARG D 202 -48.93 46.12 57.66
N ALA D 203 -47.87 45.46 57.22
CA ALA D 203 -46.55 45.78 57.71
C ALA D 203 -46.14 47.20 57.34
N ALA D 204 -46.62 47.69 56.20
CA ALA D 204 -46.30 49.06 55.79
C ALA D 204 -46.88 50.07 56.78
N GLU D 205 -48.14 49.92 57.14
CA GLU D 205 -48.72 50.82 58.13
C GLU D 205 -48.05 50.65 59.48
N ALA D 206 -47.71 49.40 59.84
CA ALA D 206 -47.03 49.17 61.12
C ALA D 206 -45.71 49.92 61.18
N ARG D 207 -44.91 49.82 60.12
CA ARG D 207 -43.61 50.50 60.11
C ARG D 207 -43.78 52.01 59.99
N ALA D 208 -44.81 52.47 59.28
CA ALA D 208 -45.10 53.90 59.23
C ALA D 208 -45.36 54.43 60.64
N ARG D 209 -46.13 53.69 61.43
CA ARG D 209 -46.28 54.04 62.84
C ARG D 209 -44.93 53.96 63.56
N SER D 210 -44.14 52.94 63.26
CA SER D 210 -42.83 52.81 63.91
C SER D 210 -41.97 54.05 63.69
N TRP D 211 -41.87 54.49 62.44
CA TRP D 211 -41.09 55.70 62.16
C TRP D 211 -41.74 56.91 62.84
N GLY D 212 -40.89 57.77 63.39
CA GLY D 212 -41.36 58.96 64.08
C GLY D 212 -41.37 58.78 65.58
N PRO E 131 -42.75 3.87 47.49
CA PRO E 131 -41.75 4.40 46.56
C PRO E 131 -41.46 3.45 45.41
N ASN E 132 -41.20 4.02 44.22
CA ASN E 132 -40.91 3.25 43.02
C ASN E 132 -39.52 3.56 42.48
N GLN E 133 -38.66 4.16 43.29
CA GLN E 133 -37.31 4.54 42.86
C GLN E 133 -36.30 3.97 43.83
N VAL E 134 -35.18 3.49 43.29
CA VAL E 134 -34.22 2.69 44.04
C VAL E 134 -32.86 3.39 44.01
N GLN E 135 -32.23 3.51 45.17
CA GLN E 135 -30.85 3.93 45.30
C GLN E 135 -30.02 2.71 45.64
N THR E 136 -29.01 2.43 44.83
CA THR E 136 -28.17 1.24 44.98
C THR E 136 -26.79 1.67 45.44
N ASP E 137 -26.34 1.11 46.56
CA ASP E 137 -25.03 1.41 47.12
C ASP E 137 -24.11 0.22 46.92
N ILE E 138 -22.97 0.48 46.29
CA ILE E 138 -21.95 -0.54 46.06
C ILE E 138 -20.79 -0.26 47.01
N ARG E 139 -20.17 -1.32 47.49
CA ARG E 139 -19.02 -1.21 48.40
C ARG E 139 -17.96 -2.20 47.94
N PHE E 140 -16.82 -1.68 47.51
CA PHE E 140 -15.73 -2.49 46.97
C PHE E 140 -14.47 -2.26 47.79
N VAL E 141 -13.79 -3.34 48.13
CA VAL E 141 -12.55 -3.28 48.89
C VAL E 141 -11.57 -4.29 48.31
N GLU E 142 -10.31 -3.87 48.16
CA GLU E 142 -9.25 -4.77 47.73
C GLU E 142 -8.00 -4.49 48.56
N VAL E 143 -7.40 -5.55 49.07
CA VAL E 143 -6.14 -5.48 49.79
C VAL E 143 -5.18 -6.49 49.18
N SER E 144 -3.96 -6.05 48.91
CA SER E 144 -2.95 -6.92 48.31
C SER E 144 -1.60 -6.62 48.93
N ARG E 145 -0.81 -7.68 49.09
CA ARG E 145 0.54 -7.57 49.64
C ARG E 145 1.49 -8.37 48.76
N SER E 146 2.75 -7.97 48.77
CA SER E 146 3.77 -8.64 47.96
C SER E 146 5.10 -8.57 48.68
N LYS E 147 5.97 -9.52 48.35
CA LYS E 147 7.34 -9.53 48.84
C LYS E 147 8.26 -9.97 47.71
N LEU E 148 9.53 -9.58 47.82
CA LEU E 148 10.50 -9.84 46.77
C LEU E 148 11.88 -9.94 47.39
N LYS E 149 12.63 -10.98 47.01
CA LYS E 149 14.00 -11.16 47.47
C LYS E 149 14.85 -11.64 46.31
N GLN E 150 16.13 -11.30 46.36
CA GLN E 150 17.09 -11.74 45.36
C GLN E 150 18.49 -11.48 45.88
N ALA E 151 19.45 -12.23 45.36
CA ALA E 151 20.84 -12.07 45.76
C ALA E 151 21.74 -12.77 44.76
N SER E 152 22.88 -12.14 44.46
CA SER E 152 23.86 -12.70 43.55
C SER E 152 25.20 -12.03 43.82
N THR E 153 26.28 -12.70 43.42
CA THR E 153 27.62 -12.22 43.67
C THR E 153 28.53 -12.61 42.52
N SER E 154 29.47 -11.73 42.20
CA SER E 154 30.48 -11.98 41.18
C SER E 154 31.76 -11.27 41.58
N PHE E 155 32.89 -11.73 41.04
CA PHE E 155 34.17 -11.12 41.37
C PHE E 155 35.18 -11.42 40.28
N VAL E 156 36.28 -10.67 40.30
CA VAL E 156 37.39 -10.84 39.37
C VAL E 156 38.69 -10.62 40.14
N ARG E 157 39.75 -11.26 39.65
CA ARG E 157 41.07 -11.11 40.25
C ARG E 157 42.10 -11.00 39.13
N ARG E 158 43.23 -10.38 39.45
CA ARG E 158 44.23 -10.04 38.45
C ARG E 158 45.62 -10.23 39.04
N GLY E 159 46.63 -10.19 38.16
CA GLY E 159 48.02 -10.27 38.56
C GLY E 159 48.61 -11.65 38.35
N GLY E 160 49.35 -11.82 37.26
CA GLY E 160 49.94 -13.11 36.95
C GLY E 160 48.87 -14.12 36.59
N ASN E 161 48.08 -14.50 37.59
CA ASN E 161 46.91 -15.32 37.40
C ASN E 161 45.71 -14.44 37.05
N LEU E 162 44.61 -15.09 36.67
CA LEU E 162 43.35 -14.39 36.42
C LEU E 162 42.23 -15.34 36.80
N TRP E 163 41.27 -14.84 37.59
CA TRP E 163 40.11 -15.61 37.99
C TRP E 163 38.85 -14.80 37.75
N VAL E 164 37.77 -15.49 37.42
CA VAL E 164 36.48 -14.86 37.21
C VAL E 164 35.40 -15.83 37.66
N LEU E 165 34.36 -15.30 38.31
CA LEU E 165 33.18 -16.07 38.65
C LEU E 165 31.97 -15.19 38.39
N GLY E 166 31.27 -15.46 37.29
CA GLY E 166 30.10 -14.69 36.90
C GLY E 166 28.84 -15.43 37.25
N ALA E 167 28.00 -14.78 38.07
CA ALA E 167 26.72 -15.36 38.42
C ALA E 167 25.80 -15.38 37.19
N PRO E 168 24.77 -16.22 37.20
CA PRO E 168 23.91 -16.35 36.02
C PRO E 168 23.44 -15.02 35.47
N GLY E 169 23.77 -14.73 34.22
CA GLY E 169 23.37 -13.51 33.56
C GLY E 169 24.21 -12.29 33.88
N SER E 170 25.26 -12.43 34.68
CA SER E 170 26.06 -11.28 35.10
C SER E 170 27.21 -10.98 34.15
N LEU E 171 27.83 -12.00 33.56
CA LEU E 171 29.05 -11.84 32.78
C LEU E 171 28.80 -11.70 31.29
N GLY E 172 27.55 -11.65 30.85
CA GLY E 172 27.26 -11.60 29.43
C GLY E 172 27.79 -10.36 28.74
N ASP E 173 28.16 -9.32 29.50
CA ASP E 173 28.55 -8.05 28.90
C ASP E 173 29.98 -8.08 28.36
N ILE E 174 30.78 -9.08 28.71
CA ILE E 174 32.23 -9.02 28.53
C ILE E 174 32.70 -10.18 27.68
N LYS E 175 33.69 -9.90 26.83
CA LYS E 175 34.42 -10.91 26.07
C LYS E 175 35.90 -10.77 26.39
N VAL E 176 36.61 -11.90 26.39
CA VAL E 176 38.03 -11.94 26.70
C VAL E 176 38.80 -12.10 25.40
N ASN E 177 39.97 -11.46 25.33
CA ASN E 177 40.72 -11.41 24.08
C ASN E 177 41.34 -12.77 23.77
N ALA E 178 41.85 -12.89 22.53
CA ALA E 178 42.38 -14.16 22.06
C ALA E 178 43.60 -14.60 22.86
N ASP E 179 44.46 -13.66 23.26
CA ASP E 179 45.72 -14.00 23.90
C ASP E 179 45.59 -14.12 25.41
N GLY E 180 44.40 -13.92 25.97
CA GLY E 180 44.19 -14.15 27.39
C GLY E 180 44.90 -13.17 28.30
N SER E 181 45.28 -11.99 27.79
CA SER E 181 45.98 -11.01 28.60
C SER E 181 45.04 -10.23 29.51
N GLY E 182 43.75 -10.25 29.25
CA GLY E 182 42.81 -9.51 30.07
C GLY E 182 41.44 -9.46 29.41
N LEU E 183 40.47 -9.02 30.20
CA LEU E 183 39.10 -8.90 29.71
C LEU E 183 38.99 -7.70 28.76
N GLY E 184 38.01 -7.77 27.86
CA GLY E 184 37.82 -6.75 26.85
C GLY E 184 36.42 -6.15 26.83
N GLY E 185 35.76 -6.09 28.00
CA GLY E 185 34.43 -5.52 28.07
C GLY E 185 34.22 -4.77 29.37
N THR E 186 33.08 -4.09 29.45
CA THR E 186 32.70 -3.30 30.60
C THR E 186 31.59 -4.00 31.37
N PHE E 187 31.73 -4.08 32.68
CA PHE E 187 30.72 -4.73 33.51
C PHE E 187 29.46 -3.88 33.62
N GLY E 188 28.31 -4.56 33.71
CA GLY E 188 27.04 -3.91 33.90
C GLY E 188 26.52 -4.09 35.32
N THR E 189 25.29 -3.62 35.52
CA THR E 189 24.64 -3.66 36.82
C THR E 189 23.22 -4.20 36.69
N GLY E 190 22.80 -4.97 37.69
CA GLY E 190 21.40 -5.37 37.77
C GLY E 190 20.52 -4.19 38.14
N SER E 191 19.44 -3.99 37.39
CA SER E 191 18.63 -2.79 37.55
C SER E 191 17.76 -2.85 38.80
N SER E 192 17.18 -4.01 39.10
CA SER E 192 16.05 -4.08 40.03
C SER E 192 16.45 -3.89 41.49
N GLY E 193 17.69 -4.20 41.87
CA GLY E 193 18.07 -4.23 43.27
C GLY E 193 19.24 -3.33 43.57
N PHE E 194 19.55 -3.22 44.85
CA PHE E 194 20.73 -2.49 45.29
C PHE E 194 21.98 -3.12 44.71
N ASN E 195 22.84 -2.29 44.12
CA ASN E 195 24.10 -2.73 43.54
C ASN E 195 25.25 -2.20 44.38
N LEU E 196 26.07 -3.10 44.89
CA LEU E 196 27.27 -2.75 45.63
C LEU E 196 28.49 -3.26 44.86
N ILE E 197 29.50 -2.40 44.76
CA ILE E 197 30.73 -2.72 44.05
C ILE E 197 31.90 -2.42 44.96
N PHE E 198 33.01 -3.10 44.71
CA PHE E 198 34.24 -2.89 45.47
C PHE E 198 35.42 -3.15 44.56
N GLY E 199 36.16 -2.08 44.24
CA GLY E 199 37.45 -2.21 43.59
C GLY E 199 38.55 -2.12 44.62
N GLY E 200 39.39 -3.16 44.67
CA GLY E 200 40.44 -3.25 45.67
C GLY E 200 41.80 -3.51 45.06
N GLY E 201 42.06 -2.92 43.91
CA GLY E 201 43.31 -3.15 43.21
C GLY E 201 43.21 -4.37 42.32
N LYS E 202 43.82 -5.48 42.73
CA LYS E 202 43.67 -6.73 42.00
C LYS E 202 42.24 -7.24 42.09
N TRP E 203 41.67 -7.26 43.30
CA TRP E 203 40.31 -7.74 43.48
C TRP E 203 39.30 -6.76 42.90
N LEU E 204 38.20 -7.32 42.39
CA LEU E 204 37.06 -6.53 41.95
C LEU E 204 35.81 -7.39 42.11
N SER E 205 34.80 -6.87 42.78
CA SER E 205 33.63 -7.64 43.15
C SER E 205 32.36 -6.82 42.93
N PHE E 206 31.26 -7.54 42.71
CA PHE E 206 29.95 -6.94 42.56
C PHE E 206 28.94 -7.77 43.32
N MET E 207 27.92 -7.10 43.87
CA MET E 207 26.88 -7.77 44.63
C MET E 207 25.55 -7.08 44.36
N ASN E 208 24.53 -7.89 44.05
CA ASN E 208 23.17 -7.42 43.88
C ASN E 208 22.30 -8.09 44.93
N ALA E 209 21.53 -7.30 45.67
CA ALA E 209 20.68 -7.83 46.71
C ALA E 209 19.46 -6.94 46.87
N LEU E 210 18.40 -7.53 47.41
CA LEU E 210 17.15 -6.81 47.66
C LEU E 210 16.24 -7.69 48.48
N GLU E 211 15.57 -7.09 49.46
CA GLU E 211 14.40 -7.69 50.09
C GLU E 211 13.37 -6.58 50.27
N GLY E 212 12.31 -6.62 49.46
CA GLY E 212 11.34 -5.55 49.45
C GLY E 212 9.93 -6.09 49.59
N SER E 213 9.04 -5.20 50.03
CA SER E 213 7.65 -5.54 50.25
C SER E 213 6.78 -4.39 49.80
N GLY E 214 5.54 -4.72 49.44
CA GLY E 214 4.60 -3.72 48.98
C GLY E 214 3.23 -3.95 49.60
N PHE E 215 2.49 -2.85 49.70
CA PHE E 215 1.13 -2.88 50.23
C PHE E 215 0.26 -1.96 49.39
N ALA E 216 -0.94 -2.43 49.07
CA ALA E 216 -1.89 -1.67 48.27
C ALA E 216 -3.27 -1.82 48.86
N TYR E 217 -4.03 -0.73 48.84
CA TYR E 217 -5.39 -0.70 49.39
C TYR E 217 -6.27 0.14 48.47
N THR E 218 -7.50 -0.33 48.27
CA THR E 218 -8.45 0.35 47.40
C THR E 218 -9.84 0.27 48.02
N LEU E 219 -10.58 1.38 47.94
CA LEU E 219 -11.93 1.46 48.45
C LEU E 219 -12.76 2.34 47.52
N ALA E 220 -13.96 1.88 47.19
CA ALA E 220 -14.85 2.63 46.32
C ALA E 220 -16.29 2.38 46.75
N ARG E 221 -17.06 3.45 46.88
CA ARG E 221 -18.45 3.36 47.33
C ARG E 221 -19.35 4.19 46.41
N PRO E 222 -19.46 3.79 45.14
CA PRO E 222 -20.36 4.50 44.23
C PRO E 222 -21.81 4.29 44.60
N SER E 223 -22.63 5.30 44.30
CA SER E 223 -24.07 5.24 44.50
C SER E 223 -24.76 5.76 43.24
N LEU E 224 -25.98 5.27 43.01
CA LEU E 224 -26.70 5.61 41.79
C LEU E 224 -28.18 5.39 42.02
N VAL E 225 -28.99 6.33 41.53
CA VAL E 225 -30.44 6.28 41.67
C VAL E 225 -31.06 6.03 40.30
N ALA E 226 -32.15 5.28 40.29
CA ALA E 226 -32.85 4.98 39.04
C ALA E 226 -34.28 4.57 39.36
N MET E 227 -35.18 4.88 38.44
CA MET E 227 -36.56 4.46 38.58
C MET E 227 -36.69 2.96 38.28
N SER E 228 -37.75 2.36 38.83
CA SER E 228 -37.96 0.93 38.64
C SER E 228 -38.09 0.59 37.16
N GLY E 229 -37.34 -0.42 36.73
CA GLY E 229 -37.40 -0.88 35.36
C GLY E 229 -36.55 -0.10 34.38
N GLN E 230 -35.85 0.93 34.83
CA GLN E 230 -35.06 1.79 33.95
C GLN E 230 -33.58 1.53 34.19
N SER E 231 -32.82 1.44 33.09
CA SER E 231 -31.39 1.23 33.18
C SER E 231 -30.68 2.52 33.57
N ALA E 232 -29.51 2.37 34.18
CA ALA E 232 -28.72 3.52 34.59
C ALA E 232 -27.25 3.17 34.47
N SER E 233 -26.42 4.21 34.32
CA SER E 233 -24.99 4.04 34.14
C SER E 233 -24.24 5.15 34.87
N PHE E 234 -23.00 4.85 35.24
CA PHE E 234 -22.17 5.80 35.96
C PHE E 234 -20.71 5.54 35.60
N LEU E 235 -19.97 6.63 35.42
CA LEU E 235 -18.54 6.55 35.13
C LEU E 235 -17.82 7.63 35.92
N ALA E 236 -16.65 7.28 36.46
CA ALA E 236 -15.87 8.23 37.26
C ALA E 236 -14.38 8.14 36.96
N GLY E 237 -13.98 7.57 35.83
CA GLY E 237 -12.57 7.44 35.50
C GLY E 237 -12.15 8.33 34.36
N GLY E 238 -12.02 7.75 33.17
CA GLY E 238 -11.60 8.52 32.02
C GLY E 238 -11.59 7.65 30.78
N GLU E 239 -11.04 8.22 29.70
CA GLU E 239 -10.94 7.55 28.41
C GLU E 239 -9.60 7.87 27.79
N PHE E 240 -8.92 6.85 27.29
CA PHE E 240 -7.64 7.01 26.62
C PHE E 240 -7.74 6.53 25.18
N PRO E 241 -6.87 7.02 24.29
CA PRO E 241 -7.00 6.72 22.86
C PRO E 241 -6.90 5.22 22.55
N TYR E 256 -11.88 5.15 21.69
CA TYR E 256 -11.43 5.40 23.06
C TYR E 256 -11.97 4.33 24.01
N LYS E 257 -11.14 3.93 24.97
CA LYS E 257 -11.45 2.87 25.91
C LYS E 257 -11.60 3.46 27.30
N GLU E 258 -12.67 3.10 27.99
CA GLU E 258 -12.96 3.64 29.31
C GLU E 258 -12.20 2.88 30.39
N PHE E 259 -12.10 3.51 31.56
CA PHE E 259 -11.52 2.88 32.74
C PHE E 259 -11.98 3.65 33.96
N GLY E 260 -11.50 3.24 35.12
CA GLY E 260 -11.93 3.83 36.37
C GLY E 260 -13.22 3.21 36.89
N ILE E 261 -13.76 3.84 37.93
CA ILE E 261 -14.99 3.36 38.54
C ILE E 261 -16.11 3.39 37.51
N ARG E 262 -16.73 2.24 37.26
CA ARG E 262 -17.88 2.14 36.37
C ARG E 262 -18.97 1.36 37.08
N LEU E 263 -20.21 1.61 36.68
CA LEU E 263 -21.34 0.93 37.28
C LEU E 263 -22.53 1.02 36.35
N THR E 264 -23.04 -0.13 35.92
CA THR E 264 -24.29 -0.22 35.17
C THR E 264 -25.23 -1.15 35.93
N LEU E 265 -26.48 -0.73 36.07
CA LEU E 265 -27.44 -1.49 36.86
C LEU E 265 -28.85 -1.21 36.35
N THR E 266 -29.78 -2.05 36.79
CA THR E 266 -31.17 -1.98 36.37
C THR E 266 -32.07 -2.54 37.47
N PRO E 267 -32.56 -1.70 38.38
CA PRO E 267 -33.37 -2.21 39.50
C PRO E 267 -34.84 -2.34 39.15
N THR E 268 -35.42 -3.46 39.57
CA THR E 268 -36.84 -3.73 39.40
C THR E 268 -37.45 -4.00 40.76
N VAL E 269 -38.47 -3.22 41.11
CA VAL E 269 -39.18 -3.39 42.38
C VAL E 269 -40.40 -4.26 42.11
N MET E 270 -40.43 -5.43 42.73
CA MET E 270 -41.49 -6.40 42.50
C MET E 270 -42.69 -6.10 43.39
N ASN E 271 -43.81 -6.74 43.06
CA ASN E 271 -45.06 -6.49 43.77
C ASN E 271 -44.97 -6.82 45.26
N ASN E 272 -44.02 -7.66 45.65
CA ASN E 272 -43.79 -7.98 47.06
C ASN E 272 -42.80 -7.05 47.71
N ARG E 273 -42.45 -5.94 47.06
CA ARG E 273 -41.55 -4.91 47.56
C ARG E 273 -40.09 -5.37 47.61
N ARG E 274 -39.79 -6.56 47.11
CA ARG E 274 -38.40 -6.99 47.00
C ARG E 274 -37.78 -6.41 45.73
N ILE E 275 -36.47 -6.21 45.77
CA ILE E 275 -35.73 -5.52 44.70
C ILE E 275 -34.90 -6.56 43.97
N ALA E 276 -35.10 -6.66 42.66
CA ALA E 276 -34.30 -7.51 41.79
C ALA E 276 -33.29 -6.64 41.07
N LEU E 277 -32.01 -6.93 41.25
CA LEU E 277 -30.93 -6.11 40.73
C LEU E 277 -30.17 -6.85 39.64
N LYS E 278 -30.09 -6.23 38.47
CA LYS E 278 -29.11 -6.57 37.45
C LYS E 278 -27.99 -5.55 37.56
N VAL E 279 -26.81 -5.99 37.96
CA VAL E 279 -25.73 -5.09 38.37
C VAL E 279 -24.42 -5.58 37.78
N ALA E 280 -23.56 -4.63 37.41
CA ALA E 280 -22.28 -4.94 36.77
C ALA E 280 -21.25 -3.88 37.15
N PRO E 281 -20.70 -3.96 38.36
CA PRO E 281 -19.68 -2.99 38.77
C PRO E 281 -18.33 -3.26 38.14
N GLU E 282 -17.51 -2.22 38.10
CA GLU E 282 -16.12 -2.34 37.66
C GLU E 282 -15.24 -1.37 38.44
N VAL E 283 -13.98 -1.74 38.60
CA VAL E 283 -12.95 -0.88 39.16
C VAL E 283 -11.66 -1.17 38.41
N SER E 284 -11.20 -0.20 37.62
CA SER E 284 -10.05 -0.40 36.76
C SER E 284 -9.11 0.79 36.84
N GLU E 285 -7.86 0.56 36.45
CA GLU E 285 -6.84 1.59 36.48
C GLU E 285 -5.77 1.23 35.47
N LEU E 286 -4.97 2.23 35.11
CA LEU E 286 -3.97 2.06 34.07
C LEU E 286 -2.77 1.26 34.59
N ASP E 287 -2.26 0.37 33.74
CA ASP E 287 -1.04 -0.37 33.99
C ASP E 287 -0.15 -0.23 32.76
N TYR E 288 1.10 0.16 32.96
CA TYR E 288 1.98 0.61 31.89
C TYR E 288 2.83 -0.55 31.41
N SER E 289 2.55 -1.04 30.19
CA SER E 289 3.35 -2.05 29.53
C SER E 289 2.80 -2.26 28.12
N ALA E 290 3.55 -2.99 27.31
CA ALA E 290 3.11 -3.39 25.97
C ALA E 290 3.02 -2.19 25.03
N GLY E 291 2.59 -2.46 23.79
CA GLY E 291 2.46 -1.44 22.77
C GLY E 291 1.51 -1.92 21.70
N ILE E 292 1.25 -1.03 20.73
CA ILE E 292 0.29 -1.31 19.67
C ILE E 292 0.68 -0.50 18.44
N GLN E 293 0.19 -0.94 17.27
CA GLN E 293 0.49 -0.29 16.00
C GLN E 293 -0.76 0.22 15.30
N SER E 294 -1.94 0.03 15.88
CA SER E 294 -3.19 0.43 15.26
C SER E 294 -4.15 0.89 16.34
N GLY E 295 -4.87 1.98 16.06
CA GLY E 295 -5.78 2.54 17.04
C GLY E 295 -5.11 3.14 18.26
N GLY E 296 -3.80 3.31 18.24
CA GLY E 296 -3.10 3.88 19.37
C GLY E 296 -1.61 3.66 19.23
N VAL E 297 -0.88 4.16 20.23
CA VAL E 297 0.58 3.99 20.29
C VAL E 297 0.98 3.86 21.75
N ALA E 298 1.88 2.90 22.03
CA ALA E 298 2.41 2.69 23.37
C ALA E 298 1.29 2.67 24.40
N VAL E 299 0.11 2.19 24.01
CA VAL E 299 -1.06 2.28 24.88
C VAL E 299 -0.81 1.42 26.12
N PRO E 300 -1.20 1.87 27.31
CA PRO E 300 -0.98 1.08 28.52
C PRO E 300 -2.00 -0.05 28.66
N ALA E 301 -1.72 -0.93 29.61
CA ALA E 301 -2.63 -2.00 29.97
C ALA E 301 -3.55 -1.56 31.11
N LEU E 302 -4.52 -2.40 31.43
CA LEU E 302 -5.49 -2.13 32.48
C LEU E 302 -5.41 -3.20 33.56
N ARG E 303 -5.47 -2.76 34.82
CA ARG E 303 -5.67 -3.64 35.97
C ARG E 303 -7.15 -3.58 36.32
N VAL E 304 -7.87 -4.68 36.07
CA VAL E 304 -9.32 -4.68 36.05
C VAL E 304 -9.86 -5.64 37.10
N ARG E 305 -10.87 -5.19 37.83
CA ARG E 305 -11.64 -6.02 38.75
C ARG E 305 -13.11 -5.70 38.53
N ARG E 306 -13.86 -6.65 37.98
CA ARG E 306 -15.25 -6.42 37.62
C ARG E 306 -16.08 -7.65 37.96
N THR E 307 -17.40 -7.42 38.05
CA THR E 307 -18.36 -8.46 38.33
C THR E 307 -19.64 -8.17 37.56
N ASP E 308 -20.41 -9.23 37.29
CA ASP E 308 -21.70 -9.10 36.62
C ASP E 308 -22.58 -10.27 37.06
N THR E 309 -23.76 -9.95 37.58
CA THR E 309 -24.65 -10.97 38.15
C THR E 309 -26.03 -10.35 38.31
N SER E 310 -26.98 -11.22 38.68
CA SER E 310 -28.35 -10.80 38.98
C SER E 310 -28.78 -11.43 40.30
N VAL E 311 -29.42 -10.63 41.15
CA VAL E 311 -29.79 -11.05 42.50
C VAL E 311 -31.12 -10.41 42.87
N MET E 312 -31.69 -10.89 43.98
CA MET E 312 -32.92 -10.34 44.55
C MET E 312 -32.70 -10.07 46.03
N LEU E 313 -33.08 -8.88 46.48
CA LEU E 313 -32.93 -8.50 47.87
C LEU E 313 -34.16 -7.70 48.30
N ALA E 314 -34.37 -7.63 49.61
CA ALA E 314 -35.38 -6.77 50.18
C ALA E 314 -34.76 -5.42 50.54
N ASP E 315 -35.62 -4.42 50.70
CA ASP E 315 -35.16 -3.07 51.01
C ASP E 315 -34.21 -3.07 52.20
N GLY E 316 -32.97 -2.67 51.95
CA GLY E 316 -31.97 -2.57 52.99
C GLY E 316 -31.08 -3.78 53.14
N GLU E 317 -31.46 -4.93 52.59
CA GLU E 317 -30.64 -6.12 52.70
C GLU E 317 -29.40 -5.99 51.81
N SER E 318 -28.43 -6.88 52.03
CA SER E 318 -27.14 -6.78 51.39
C SER E 318 -26.66 -8.16 50.96
N PHE E 319 -25.76 -8.16 49.98
CA PHE E 319 -25.10 -9.38 49.51
C PHE E 319 -23.62 -9.11 49.32
N VAL E 320 -22.81 -10.13 49.58
CA VAL E 320 -21.45 -10.17 49.05
C VAL E 320 -21.53 -10.92 47.72
N ILE E 321 -21.82 -10.19 46.65
CA ILE E 321 -22.06 -10.82 45.35
C ILE E 321 -20.78 -11.46 44.81
N SER E 322 -19.62 -11.03 45.28
CA SER E 322 -18.37 -11.56 44.76
C SER E 322 -17.29 -11.41 45.81
N GLY E 323 -16.32 -12.31 45.76
CA GLY E 323 -15.19 -12.27 46.68
C GLY E 323 -14.08 -13.17 46.18
N LEU E 324 -12.88 -12.90 46.67
CA LEU E 324 -11.70 -13.63 46.21
C LEU E 324 -10.64 -13.63 47.29
N THR E 325 -9.95 -14.75 47.42
CA THR E 325 -8.70 -14.85 48.16
C THR E 325 -7.70 -15.57 47.26
N SER E 326 -6.50 -15.00 47.14
CA SER E 326 -5.50 -15.52 46.22
C SER E 326 -4.14 -15.48 46.87
N SER E 327 -3.26 -16.36 46.40
CA SER E 327 -1.89 -16.41 46.89
C SER E 327 -1.02 -17.05 45.84
N ASN E 328 0.14 -16.46 45.60
CA ASN E 328 1.10 -16.96 44.61
C ASN E 328 2.49 -16.93 45.22
N SER E 329 3.27 -17.96 44.93
CA SER E 329 4.64 -18.05 45.40
C SER E 329 5.50 -18.64 44.29
N VAL E 330 6.65 -18.02 44.06
CA VAL E 330 7.60 -18.48 43.05
C VAL E 330 9.00 -18.37 43.63
N SER E 331 9.80 -19.42 43.45
CA SER E 331 11.14 -19.46 43.99
C SER E 331 12.07 -20.13 42.99
N ASN E 332 13.36 -19.78 43.10
CA ASN E 332 14.38 -20.36 42.23
C ASN E 332 15.73 -20.19 42.90
N VAL E 333 16.55 -21.23 42.82
CA VAL E 333 17.90 -21.23 43.40
C VAL E 333 18.88 -21.76 42.36
N ASP E 334 19.96 -21.03 42.14
CA ASP E 334 21.04 -21.44 41.26
C ASP E 334 22.33 -21.48 42.07
N LYS E 335 23.11 -22.54 41.89
CA LYS E 335 24.31 -22.73 42.68
C LYS E 335 25.40 -23.35 41.82
N PHE E 336 26.65 -23.05 42.16
CA PHE E 336 27.76 -23.81 41.61
C PHE E 336 27.71 -25.24 42.17
N PRO E 337 27.91 -26.26 41.32
CA PRO E 337 27.57 -27.63 41.74
C PRO E 337 28.12 -28.05 43.09
N TRP E 338 29.44 -28.02 43.26
CA TRP E 338 30.05 -28.50 44.48
C TRP E 338 30.19 -27.41 45.54
N LEU E 339 30.61 -26.20 45.14
CA LEU E 339 30.87 -25.16 46.12
C LEU E 339 29.58 -24.63 46.75
N GLY E 340 28.45 -24.75 46.05
CA GLY E 340 27.21 -24.19 46.54
C GLY E 340 26.71 -24.83 47.82
N ASP E 341 27.20 -26.01 48.15
CA ASP E 341 26.75 -26.75 49.34
C ASP E 341 27.67 -26.56 50.54
N ILE E 342 28.70 -25.74 50.43
CA ILE E 342 29.53 -25.45 51.60
C ILE E 342 28.67 -24.78 52.67
N PRO E 343 28.70 -25.22 53.92
CA PRO E 343 27.69 -24.73 54.89
C PRO E 343 27.72 -23.23 55.11
N ILE E 344 28.88 -22.59 55.02
CA ILE E 344 29.02 -21.16 55.28
C ILE E 344 29.34 -20.40 54.00
N LEU E 345 30.46 -20.73 53.35
CA LEU E 345 30.89 -20.02 52.16
C LEU E 345 30.03 -20.33 50.94
N GLY E 346 29.13 -21.31 51.03
CA GLY E 346 28.32 -21.66 49.88
C GLY E 346 27.42 -20.52 49.42
N ALA E 347 27.03 -19.63 50.33
CA ALA E 347 26.14 -18.54 49.98
C ALA E 347 26.71 -17.68 48.85
N PHE E 348 28.03 -17.53 48.80
CA PHE E 348 28.66 -16.72 47.75
C PHE E 348 28.67 -17.43 46.41
N PHE E 349 28.34 -18.72 46.36
CA PHE E 349 28.26 -19.47 45.12
C PHE E 349 26.81 -19.79 44.75
N ARG E 350 25.85 -19.01 45.26
CA ARG E 350 24.44 -19.23 45.00
C ARG E 350 23.77 -17.94 44.56
N SER E 351 22.77 -18.09 43.70
CA SER E 351 21.89 -17.01 43.30
C SER E 351 20.46 -17.42 43.60
N THR E 352 19.64 -16.44 44.00
CA THR E 352 18.32 -16.74 44.52
C THR E 352 17.32 -15.69 44.05
N LYS E 353 16.05 -16.10 44.01
CA LYS E 353 14.95 -15.23 43.63
C LYS E 353 13.69 -15.74 44.32
N LEU E 354 12.91 -14.82 44.86
CA LEU E 354 11.66 -15.16 45.55
C LEU E 354 10.63 -14.09 45.25
N ASP E 355 9.43 -14.52 44.88
CA ASP E 355 8.31 -13.63 44.63
C ASP E 355 7.06 -14.21 45.27
N LYS E 356 6.41 -13.41 46.11
CA LYS E 356 5.19 -13.83 46.78
C LYS E 356 4.15 -12.72 46.66
N ASP E 357 2.89 -13.13 46.61
CA ASP E 357 1.79 -12.18 46.45
C ASP E 357 0.55 -12.73 47.13
N ASP E 358 -0.26 -11.83 47.67
CA ASP E 358 -1.52 -12.17 48.31
C ASP E 358 -2.54 -11.11 47.95
N ARG E 359 -3.82 -11.47 48.04
CA ARG E 359 -4.88 -10.58 47.61
C ARG E 359 -6.19 -11.00 48.26
N GLU E 360 -7.06 -10.01 48.48
CA GLU E 360 -8.40 -10.23 48.99
C GLU E 360 -9.33 -9.19 48.39
N LEU E 361 -10.57 -9.60 48.10
CA LEU E 361 -11.54 -8.74 47.45
C LEU E 361 -12.89 -8.86 48.12
N LEU E 362 -13.70 -7.83 47.96
CA LEU E 362 -15.10 -7.84 48.37
C LEU E 362 -15.88 -6.89 47.49
N MET E 363 -17.05 -7.34 47.04
CA MET E 363 -18.01 -6.48 46.35
C MET E 363 -19.37 -6.68 47.00
N ILE E 364 -19.93 -5.60 47.54
CA ILE E 364 -21.16 -5.65 48.32
C ILE E 364 -22.16 -4.70 47.70
N VAL E 365 -23.42 -5.13 47.62
CA VAL E 365 -24.49 -4.34 47.05
C VAL E 365 -25.57 -4.15 48.11
N THR E 366 -26.21 -2.98 48.08
CA THR E 366 -27.25 -2.66 49.05
C THR E 366 -28.27 -1.71 48.43
N PRO E 367 -29.46 -2.20 48.09
CA PRO E 367 -30.49 -1.32 47.53
C PRO E 367 -31.41 -0.72 48.59
N HIS E 368 -31.76 0.55 48.38
CA HIS E 368 -32.67 1.27 49.25
C HIS E 368 -33.79 1.89 48.43
N LEU E 369 -35.01 1.83 48.96
CA LEU E 369 -36.11 2.58 48.38
C LEU E 369 -36.09 4.00 48.94
N VAL E 370 -36.16 4.99 48.04
CA VAL E 370 -35.97 6.39 48.41
C VAL E 370 -37.05 7.24 47.77
N GLN E 371 -37.13 8.47 48.25
CA GLN E 371 -38.06 9.47 47.74
C GLN E 371 -37.30 10.79 47.55
N PRO E 372 -37.79 11.65 46.66
CA PRO E 372 -37.07 12.90 46.41
C PRO E 372 -37.03 13.80 47.64
N LEU E 373 -35.97 14.60 47.71
CA LEU E 373 -35.90 15.64 48.74
C LEU E 373 -37.04 16.63 48.55
N ALA E 374 -37.56 17.13 49.67
CA ALA E 374 -38.67 18.06 49.62
C ALA E 374 -38.25 19.38 49.00
N ALA E 375 -39.25 20.14 48.52
CA ALA E 375 -38.96 21.39 47.83
C ALA E 375 -38.21 22.37 48.73
N ASP E 376 -38.45 22.32 50.04
CA ASP E 376 -37.81 23.23 50.98
C ASP E 376 -36.53 22.65 51.59
N ALA E 377 -36.12 21.45 51.17
CA ALA E 377 -35.00 20.79 51.80
C ALA E 377 -33.69 21.50 51.47
N GLN E 378 -32.79 21.56 52.45
CA GLN E 378 -31.43 22.00 52.21
C GLN E 378 -30.65 20.87 51.55
N LEU E 379 -30.02 21.16 50.42
CA LEU E 379 -29.37 20.13 49.65
C LEU E 379 -28.14 19.59 50.38
N PRO E 380 -27.81 18.32 50.18
CA PRO E 380 -26.50 17.83 50.64
C PRO E 380 -25.37 18.56 49.95
N ASP E 381 -24.25 18.71 50.65
CA ASP E 381 -23.15 19.50 50.14
C ASP E 381 -21.84 18.90 50.64
N LEU E 382 -20.75 19.36 50.04
CA LEU E 382 -19.39 18.96 50.39
C LEU E 382 -18.59 20.20 50.77
N PRO E 383 -17.54 20.04 51.60
CA PRO E 383 -16.81 21.22 52.07
C PRO E 383 -16.39 22.13 50.94
N THR E 412 -29.39 11.64 81.42
CA THR E 412 -28.91 12.87 82.02
C THR E 412 -28.79 13.99 80.97
N GLY E 413 -28.90 13.61 79.70
CA GLY E 413 -28.81 14.54 78.60
C GLY E 413 -27.44 14.64 77.96
N LEU E 414 -26.41 14.15 78.65
CA LEU E 414 -25.07 14.20 78.10
C LEU E 414 -24.94 13.21 76.94
N SER E 415 -23.90 13.43 76.13
CA SER E 415 -23.69 12.62 74.93
C SER E 415 -23.39 11.16 75.24
N ASP E 416 -22.86 10.88 76.43
CA ASP E 416 -22.37 9.73 77.17
C ASP E 416 -20.97 9.35 76.70
N GLU F 28 -2.83 21.88 65.21
CA GLU F 28 -2.98 20.74 64.32
C GLU F 28 -2.24 19.53 64.87
N CYS F 29 -2.46 18.37 64.25
CA CYS F 29 -1.85 17.11 64.65
C CYS F 29 -0.92 16.65 63.54
N SER F 30 0.39 16.81 63.76
CA SER F 30 1.39 16.45 62.76
C SER F 30 1.93 15.05 63.05
N GLN F 31 1.02 14.09 62.97
CA GLN F 31 1.35 12.68 63.19
C GLN F 31 0.39 11.84 62.39
N GLN F 32 0.92 11.03 61.46
CA GLN F 32 0.11 10.14 60.63
C GLN F 32 0.69 8.73 60.71
N LEU F 33 -0.21 7.75 60.72
CA LEU F 33 0.17 6.36 60.83
C LEU F 33 -0.01 5.62 59.51
N GLY F 34 0.82 4.61 59.31
CA GLY F 34 0.85 3.90 58.04
C GLY F 34 -0.38 3.04 57.81
N GLN F 35 -0.56 2.67 56.55
CA GLN F 35 -1.69 1.83 56.13
C GLN F 35 -1.70 0.47 56.80
N GLU F 36 -0.65 0.12 57.53
CA GLU F 36 -0.65 -1.11 58.31
C GLU F 36 -1.23 -0.91 59.70
N GLN F 37 -0.90 0.20 60.36
CA GLN F 37 -1.37 0.49 61.71
C GLN F 37 -2.51 1.50 61.74
N GLU F 38 -2.92 2.04 60.59
CA GLU F 38 -4.11 2.88 60.48
C GLU F 38 -5.32 2.11 60.02
N LEU F 39 -5.12 1.15 59.10
CA LEU F 39 -6.13 0.16 58.81
C LEU F 39 -6.56 -0.55 60.09
N GLN F 40 -5.73 -0.47 61.13
CA GLN F 40 -6.01 -1.04 62.43
C GLN F 40 -6.87 -0.10 63.28
N MET F 41 -6.54 1.21 63.26
CA MET F 41 -7.38 2.18 63.95
C MET F 41 -8.80 2.19 63.37
N ASN F 42 -8.95 1.89 62.08
CA ASN F 42 -10.29 1.74 61.53
C ASN F 42 -11.07 0.65 62.26
N MET F 43 -10.45 -0.52 62.43
CA MET F 43 -11.10 -1.60 63.18
C MET F 43 -11.36 -1.19 64.62
N VAL F 44 -10.43 -0.46 65.22
CA VAL F 44 -10.62 0.03 66.58
C VAL F 44 -11.90 0.87 66.66
N ARG F 45 -12.04 1.83 65.74
CA ARG F 45 -13.25 2.65 65.70
C ARG F 45 -14.49 1.80 65.52
N ASP F 46 -14.43 0.81 64.61
CA ASP F 46 -15.56 -0.08 64.42
C ASP F 46 -15.95 -0.74 65.74
N MET F 47 -14.97 -1.21 66.49
CA MET F 47 -15.26 -1.81 67.80
C MET F 47 -15.87 -0.78 68.74
N ILE F 48 -15.34 0.44 68.74
CA ILE F 48 -15.86 1.48 69.64
C ILE F 48 -17.35 1.69 69.41
N ARG F 49 -17.73 1.88 68.15
CA ARG F 49 -19.14 2.12 67.85
C ARG F 49 -19.98 0.85 67.82
N GLU F 50 -19.35 -0.32 67.89
CA GLU F 50 -20.08 -1.58 67.95
C GLU F 50 -20.55 -1.93 69.36
N GLY F 51 -20.12 -1.17 70.37
CA GLY F 51 -20.33 -1.57 71.75
C GLY F 51 -19.25 -2.47 72.29
N ARG F 52 -18.21 -2.74 71.50
CA ARG F 52 -17.09 -3.59 71.90
C ARG F 52 -15.93 -2.78 72.45
N LEU F 53 -16.22 -1.72 73.20
CA LEU F 53 -15.21 -0.85 73.80
C LEU F 53 -14.03 -1.66 74.36
N HIS F 54 -14.33 -2.76 75.05
CA HIS F 54 -13.28 -3.54 75.69
C HIS F 54 -12.40 -4.24 74.66
N ALA F 55 -13.02 -4.81 73.61
CA ALA F 55 -12.25 -5.38 72.52
C ALA F 55 -11.44 -4.30 71.81
N ALA F 56 -12.01 -3.11 71.66
CA ALA F 56 -11.25 -1.99 71.10
C ALA F 56 -10.04 -1.67 71.96
N LEU F 57 -10.22 -1.72 73.29
CA LEU F 57 -9.09 -1.53 74.21
C LEU F 57 -8.04 -2.60 73.99
N ALA F 58 -8.47 -3.84 73.83
CA ALA F 58 -7.52 -4.92 73.55
C ALA F 58 -6.71 -4.62 72.29
N ASN F 59 -7.40 -4.30 71.21
CA ASN F 59 -6.72 -4.06 69.94
C ASN F 59 -5.80 -2.84 70.02
N LEU F 60 -6.21 -1.80 70.75
CA LEU F 60 -5.33 -0.66 70.99
C LEU F 60 -4.09 -1.07 71.77
N GLU F 61 -4.27 -1.87 72.82
CA GLU F 61 -3.14 -2.40 73.57
C GLU F 61 -2.18 -3.14 72.66
N SER F 62 -2.72 -3.84 71.65
CA SER F 62 -1.87 -4.42 70.63
C SER F 62 -1.04 -3.35 69.92
N MET F 63 -1.67 -2.22 69.61
CA MET F 63 -1.02 -1.13 68.92
C MET F 63 -0.07 -0.40 69.86
N PRO F 64 0.86 0.41 69.32
CA PRO F 64 1.92 0.97 70.14
C PRO F 64 1.38 1.95 71.18
N PRO F 65 1.77 1.81 72.45
CA PRO F 65 1.44 2.85 73.43
C PRO F 65 2.30 4.08 73.23
N GLY F 66 1.71 5.24 73.50
CA GLY F 66 2.33 6.52 73.23
C GLY F 66 1.83 7.18 71.95
N LEU F 67 1.16 6.43 71.09
CA LEU F 67 0.53 7.00 69.91
C LEU F 67 -0.66 7.85 70.32
N LEU F 68 -0.62 9.15 70.01
CA LEU F 68 -1.64 10.07 70.49
C LEU F 68 -3.04 9.56 70.15
N ASP F 69 -3.25 9.10 68.92
CA ASP F 69 -4.55 8.56 68.54
C ASP F 69 -4.94 7.38 69.44
N VAL F 70 -4.03 6.42 69.59
CA VAL F 70 -4.30 5.27 70.44
C VAL F 70 -4.49 5.72 71.88
N ARG F 71 -3.72 6.71 72.32
CA ARG F 71 -3.84 7.17 73.70
C ARG F 71 -5.23 7.76 73.97
N GLU F 72 -5.70 8.63 73.09
CA GLU F 72 -7.02 9.24 73.28
C GLU F 72 -8.13 8.22 73.14
N GLU F 73 -8.00 7.28 72.20
CA GLU F 73 -9.02 6.25 72.06
C GLU F 73 -9.10 5.39 73.32
N ARG F 74 -7.93 5.01 73.85
CA ARG F 74 -7.89 4.25 75.09
C ARG F 74 -8.54 5.03 76.22
N ALA F 75 -8.24 6.33 76.32
CA ALA F 75 -8.84 7.14 77.37
C ALA F 75 -10.36 7.17 77.24
N LEU F 76 -10.87 7.33 76.01
CA LEU F 76 -12.31 7.28 75.78
C LEU F 76 -12.89 5.98 76.33
N ILE F 77 -12.30 4.85 75.94
CA ILE F 77 -12.80 3.55 76.41
C ILE F 77 -12.75 3.48 77.93
N LEU F 78 -11.62 3.86 78.52
CA LEU F 78 -11.46 3.78 79.96
C LEU F 78 -12.52 4.60 80.68
N ARG F 79 -12.76 5.83 80.22
CA ARG F 79 -13.77 6.67 80.86
C ARG F 79 -15.15 6.06 80.74
N ARG F 80 -15.49 5.54 79.57
CA ARG F 80 -16.84 4.99 79.40
C ARG F 80 -17.04 3.73 80.22
N ILE F 81 -16.02 2.87 80.30
CA ILE F 81 -16.17 1.60 81.02
C ILE F 81 -16.00 1.73 82.52
N GLY F 82 -15.52 2.87 83.00
CA GLY F 82 -15.35 3.08 84.42
C GLY F 82 -13.96 2.83 84.96
N ASP F 83 -12.96 2.66 84.09
CA ASP F 83 -11.61 2.44 84.56
C ASP F 83 -11.08 3.70 85.26
N PRO F 84 -10.12 3.53 86.18
CA PRO F 84 -9.57 4.69 86.90
C PRO F 84 -8.43 5.40 86.19
N ARG F 85 -7.94 4.86 85.07
CA ARG F 85 -6.79 5.44 84.38
C ARG F 85 -7.18 6.45 83.31
N ALA F 86 -8.45 6.51 82.92
CA ALA F 86 -8.89 7.52 81.95
C ALA F 86 -8.48 8.92 82.39
N ARG F 87 -8.54 9.20 83.70
CA ARG F 87 -8.17 10.51 84.20
C ARG F 87 -6.73 10.84 83.79
N ALA F 88 -5.80 9.95 84.08
CA ALA F 88 -4.40 10.19 83.73
C ALA F 88 -4.19 10.26 82.23
N GLU F 89 -4.90 9.42 81.46
CA GLU F 89 -4.76 9.45 80.01
C GLU F 89 -5.16 10.82 79.48
N TYR F 90 -6.33 11.31 79.87
CA TYR F 90 -6.72 12.67 79.50
C TYR F 90 -5.69 13.69 79.96
N GLN F 91 -5.20 13.53 81.20
CA GLN F 91 -4.22 14.48 81.74
C GLN F 91 -2.99 14.57 80.86
N ALA F 92 -2.42 13.42 80.49
CA ALA F 92 -1.23 13.42 79.65
C ALA F 92 -1.50 14.06 78.30
N LEU F 93 -2.66 13.78 77.71
CA LEU F 93 -2.99 14.27 76.38
C LEU F 93 -3.32 15.76 76.36
N LEU F 94 -3.54 16.38 77.53
CA LEU F 94 -3.76 17.82 77.55
C LEU F 94 -2.60 18.58 76.93
N GLU F 95 -1.38 18.08 77.10
CA GLU F 95 -0.17 18.76 76.64
C GLU F 95 0.27 18.31 75.24
N THR F 96 -0.66 17.85 74.41
CA THR F 96 -0.36 17.35 73.08
C THR F 96 -1.36 17.94 72.09
N CYS F 97 -1.24 17.54 70.82
CA CYS F 97 -2.24 17.95 69.83
C CYS F 97 -3.62 17.43 70.21
N LYS F 98 -3.68 16.37 71.02
CA LYS F 98 -4.96 15.88 71.52
C LYS F 98 -5.36 16.67 72.77
N ALA F 99 -5.36 18.00 72.66
CA ALA F 99 -5.75 18.87 73.77
C ALA F 99 -7.27 18.97 73.92
N PRO F 100 -8.00 19.38 72.87
CA PRO F 100 -9.46 19.55 73.04
C PRO F 100 -10.15 18.35 73.66
N GLU F 101 -9.89 17.15 73.15
CA GLU F 101 -10.59 15.98 73.67
C GLU F 101 -10.11 15.61 75.07
N ALA F 102 -8.87 15.94 75.42
CA ALA F 102 -8.40 15.73 76.78
C ALA F 102 -9.14 16.64 77.76
N HIS F 103 -9.27 17.93 77.42
CA HIS F 103 -10.05 18.84 78.25
C HIS F 103 -11.49 18.33 78.37
N HIS F 104 -12.07 17.90 77.25
CA HIS F 104 -13.45 17.41 77.28
C HIS F 104 -13.58 16.16 78.15
N GLY F 105 -12.61 15.25 78.08
CA GLY F 105 -12.60 14.07 78.91
C GLY F 105 -12.54 14.39 80.38
N LEU F 106 -11.62 15.29 80.76
CA LEU F 106 -11.56 15.71 82.16
C LEU F 106 -12.87 16.37 82.61
N GLY F 107 -13.47 17.17 81.74
CA GLY F 107 -14.77 17.76 82.04
C GLY F 107 -15.84 16.71 82.28
N LEU F 108 -15.93 15.72 81.40
CA LEU F 108 -16.90 14.65 81.59
C LEU F 108 -16.62 13.85 82.85
N LEU F 109 -15.34 13.68 83.20
CA LEU F 109 -15.01 13.06 84.49
C LEU F 109 -15.58 13.87 85.65
N ALA F 110 -15.33 15.19 85.63
CA ALA F 110 -15.88 16.06 86.67
C ALA F 110 -17.40 15.94 86.73
N LEU F 111 -18.06 15.87 85.57
CA LEU F 111 -19.50 15.68 85.55
C LEU F 111 -19.89 14.34 86.18
N ARG F 112 -19.16 13.27 85.86
CA ARG F 112 -19.43 11.97 86.46
C ARG F 112 -19.32 12.04 87.98
N ASN F 113 -18.30 12.74 88.49
CA ASN F 113 -18.17 12.94 89.92
C ASN F 113 -19.22 13.88 90.49
N GLY F 114 -19.95 14.61 89.64
CA GLY F 114 -20.93 15.57 90.09
C GLY F 114 -20.38 16.96 90.35
N ASP F 115 -19.06 17.13 90.27
CA ASP F 115 -18.43 18.43 90.50
C ASP F 115 -18.59 19.29 89.24
N SER F 116 -19.79 19.88 89.11
CA SER F 116 -20.10 20.69 87.94
C SER F 116 -19.24 21.95 87.86
N ALA F 117 -18.69 22.41 88.99
CA ALA F 117 -17.94 23.66 89.02
C ALA F 117 -16.80 23.67 88.02
N ARG F 118 -15.83 22.77 88.19
CA ARG F 118 -14.72 22.68 87.25
C ARG F 118 -15.14 22.03 85.94
N ALA F 119 -16.21 21.24 85.94
CA ALA F 119 -16.69 20.64 84.70
C ALA F 119 -17.09 21.70 83.70
N VAL F 120 -17.80 22.74 84.16
CA VAL F 120 -18.20 23.81 83.26
C VAL F 120 -16.97 24.51 82.69
N LEU F 121 -15.97 24.77 83.54
CA LEU F 121 -14.76 25.44 83.09
C LEU F 121 -14.05 24.62 82.00
N GLU F 122 -13.87 23.33 82.26
CA GLU F 122 -13.15 22.50 81.28
C GLU F 122 -13.96 22.33 80.00
N LEU F 123 -15.28 22.21 80.10
CA LEU F 123 -16.10 22.11 78.91
C LEU F 123 -16.06 23.41 78.11
N ARG F 124 -16.03 24.56 78.80
CA ARG F 124 -15.86 25.82 78.09
C ARG F 124 -14.54 25.86 77.34
N GLU F 125 -13.46 25.43 78.01
CA GLU F 125 -12.16 25.42 77.34
C GLU F 125 -12.19 24.52 76.10
N ALA F 126 -12.74 23.32 76.25
CA ALA F 126 -12.79 22.39 75.12
C ALA F 126 -13.62 22.94 73.98
N ALA F 127 -14.82 23.44 74.28
CA ALA F 127 -15.67 24.02 73.25
C ALA F 127 -15.00 25.22 72.58
N ARG F 128 -14.14 25.94 73.30
CA ARG F 128 -13.40 27.04 72.69
C ARG F 128 -12.37 26.51 71.70
N LEU F 129 -11.52 25.58 72.15
CA LEU F 129 -10.38 25.18 71.33
C LEU F 129 -10.80 24.50 70.04
N ARG F 130 -11.85 23.65 70.08
CA ARG F 130 -12.40 23.03 68.88
C ARG F 130 -13.90 23.29 68.88
N PRO F 131 -14.34 24.41 68.28
CA PRO F 131 -15.75 24.81 68.45
C PRO F 131 -16.74 23.94 67.70
N THR F 132 -16.42 23.49 66.50
CA THR F 132 -17.43 22.85 65.65
C THR F 132 -17.91 21.52 66.21
N GLU F 133 -17.26 20.99 67.24
CA GLU F 133 -17.64 19.70 67.79
C GLU F 133 -19.01 19.79 68.46
N SER F 134 -20.03 19.22 67.81
CA SER F 134 -21.39 19.25 68.35
C SER F 134 -21.44 18.59 69.73
N ARG F 135 -20.72 17.48 69.90
CA ARG F 135 -20.70 16.78 71.18
C ARG F 135 -20.20 17.70 72.29
N PHE F 136 -19.11 18.44 72.04
CA PHE F 136 -18.59 19.36 73.05
C PHE F 136 -19.61 20.43 73.40
N ARG F 137 -20.26 21.01 72.39
CA ARG F 137 -21.24 22.06 72.64
C ARG F 137 -22.43 21.55 73.44
N ASN F 138 -22.92 20.36 73.09
CA ASN F 138 -24.07 19.81 73.79
C ASN F 138 -23.73 19.40 75.21
N ASP F 139 -22.48 19.00 75.47
CA ASP F 139 -22.07 18.72 76.84
C ASP F 139 -21.88 19.99 77.65
N LEU F 140 -21.26 21.02 77.04
CA LEU F 140 -21.07 22.28 77.74
C LEU F 140 -22.40 22.94 78.08
N GLY F 141 -23.39 22.83 77.18
CA GLY F 141 -24.70 23.39 77.48
C GLY F 141 -25.34 22.72 78.69
N VAL F 142 -25.24 21.39 78.76
CA VAL F 142 -25.78 20.67 79.92
C VAL F 142 -25.04 21.07 81.18
N ALA F 143 -23.72 21.21 81.10
CA ALA F 143 -22.95 21.63 82.27
C ALA F 143 -23.39 23.02 82.74
N LEU F 144 -23.58 23.94 81.80
CA LEU F 144 -24.05 25.28 82.18
C LEU F 144 -25.44 25.22 82.80
N LEU F 145 -26.34 24.48 82.17
CA LEU F 145 -27.69 24.34 82.72
C LEU F 145 -27.67 23.82 84.14
N LYS F 146 -26.82 22.82 84.41
CA LYS F 146 -26.65 22.34 85.79
C LYS F 146 -26.07 23.44 86.67
N ARG F 147 -25.12 24.22 86.16
CA ARG F 147 -24.46 25.24 86.96
C ARG F 147 -25.30 26.49 87.16
N GLY F 148 -26.28 26.74 86.30
CA GLY F 148 -27.22 27.83 86.47
C GLY F 148 -27.12 28.95 85.47
N ASP F 149 -26.10 28.96 84.61
CA ASP F 149 -25.99 29.98 83.56
C ASP F 149 -26.96 29.63 82.43
N ARG F 150 -28.24 29.95 82.68
CA ARG F 150 -29.29 29.55 81.76
C ARG F 150 -29.14 30.21 80.40
N VAL F 151 -28.73 31.49 80.37
CA VAL F 151 -28.54 32.16 79.09
C VAL F 151 -27.37 31.55 78.34
N GLY F 152 -26.26 31.30 79.04
CA GLY F 152 -25.13 30.63 78.41
C GLY F 152 -25.46 29.20 78.02
N ALA F 153 -26.25 28.52 78.85
CA ALA F 153 -26.69 27.17 78.50
C ALA F 153 -27.53 27.18 77.23
N ARG F 154 -28.41 28.17 77.09
CA ARG F 154 -29.19 28.31 75.87
C ARG F 154 -28.28 28.57 74.68
N PHE F 155 -27.29 29.44 74.85
CA PHE F 155 -26.32 29.70 73.80
C PHE F 155 -25.67 28.40 73.33
N GLU F 156 -25.16 27.62 74.28
CA GLU F 156 -24.42 26.40 73.92
C GLU F 156 -25.34 25.34 73.33
N PHE F 157 -26.54 25.19 73.89
CA PHE F 157 -27.49 24.23 73.34
C PHE F 157 -27.88 24.61 71.92
N ILE F 158 -28.09 25.89 71.66
CA ILE F 158 -28.43 26.31 70.30
C ILE F 158 -27.26 26.05 69.36
N THR F 159 -26.03 26.31 69.82
CA THR F 159 -24.87 26.00 68.98
C THR F 159 -24.85 24.51 68.62
N ALA F 160 -25.03 23.65 69.62
CA ALA F 160 -25.02 22.21 69.37
C ALA F 160 -26.15 21.80 68.44
N LEU F 161 -27.36 22.30 68.68
CA LEU F 161 -28.51 21.94 67.86
C LEU F 161 -28.36 22.41 66.42
N GLU F 162 -27.71 23.56 66.22
CA GLU F 162 -27.47 24.05 64.86
C GLU F 162 -26.38 23.24 64.18
N LEU F 163 -25.32 22.88 64.91
CA LEU F 163 -24.25 22.08 64.33
C LEU F 163 -24.80 20.75 63.79
N GLN F 164 -25.52 20.02 64.64
CA GLN F 164 -26.08 18.75 64.23
C GLN F 164 -27.24 18.97 63.25
N GLN F 165 -27.39 18.04 62.32
CA GLN F 165 -28.41 18.13 61.27
C GLN F 165 -29.78 17.87 61.88
N GLY F 166 -30.31 18.89 62.56
CA GLY F 166 -31.58 18.80 63.24
C GLY F 166 -31.48 18.38 64.69
N GLY F 167 -30.45 17.62 65.06
CA GLY F 167 -30.23 17.24 66.43
C GLY F 167 -31.16 16.17 66.95
N LYS F 168 -30.64 15.31 67.82
CA LYS F 168 -31.46 14.35 68.57
C LYS F 168 -31.37 14.62 70.07
N LEU F 169 -30.16 14.68 70.61
CA LEU F 169 -29.98 15.07 72.00
C LEU F 169 -30.08 16.58 72.13
N PRO F 170 -29.44 17.37 71.25
CA PRO F 170 -29.57 18.83 71.34
C PRO F 170 -30.99 19.35 71.32
N ALA F 171 -31.85 18.77 70.48
CA ALA F 171 -33.21 19.30 70.34
C ALA F 171 -33.97 19.19 71.66
N THR F 172 -33.93 18.02 72.29
CA THR F 172 -34.57 17.88 73.60
C THR F 172 -33.77 18.52 74.71
N ASN F 173 -32.48 18.81 74.49
CA ASN F 173 -31.69 19.57 75.45
C ASN F 173 -32.11 21.03 75.51
N LEU F 174 -32.60 21.57 74.40
CA LEU F 174 -33.19 22.91 74.41
C LEU F 174 -34.67 22.88 74.77
N LEU F 175 -35.39 21.82 74.40
CA LEU F 175 -36.78 21.69 74.80
C LEU F 175 -36.92 21.63 76.32
N GLY F 176 -36.10 20.80 76.99
CA GLY F 176 -36.15 20.71 78.44
C GLY F 176 -35.69 21.97 79.12
N LEU F 177 -34.72 22.68 78.53
CA LEU F 177 -34.34 23.98 79.06
C LEU F 177 -35.53 24.95 78.99
N LEU F 178 -36.24 24.95 77.87
CA LEU F 178 -37.45 25.77 77.76
C LEU F 178 -38.49 25.37 78.81
N TYR F 179 -38.68 24.06 78.98
CA TYR F 179 -39.63 23.58 79.99
C TYR F 179 -39.24 24.07 81.38
N LEU F 180 -37.96 23.96 81.73
CA LEU F 180 -37.48 24.51 82.99
C LEU F 180 -37.75 26.02 83.05
N GLN F 181 -37.68 26.70 81.92
CA GLN F 181 -37.96 28.13 81.87
C GLN F 181 -39.44 28.47 81.75
N GLY F 182 -40.29 27.47 81.49
CA GLY F 182 -41.72 27.67 81.51
C GLY F 182 -42.34 28.19 80.25
N ASP F 183 -41.55 28.47 79.21
CA ASP F 183 -42.11 28.95 77.95
C ASP F 183 -42.77 27.79 77.19
N ARG F 184 -43.95 27.39 77.66
CA ARG F 184 -44.60 26.20 77.09
C ARG F 184 -44.94 26.40 75.62
N GLU F 185 -45.40 27.59 75.23
CA GLU F 185 -45.77 27.79 73.84
C GLU F 185 -44.53 27.88 72.94
N ASP F 186 -43.42 28.42 73.43
CA ASP F 186 -42.17 28.36 72.68
C ASP F 186 -41.72 26.91 72.53
N ALA F 187 -41.85 26.13 73.60
CA ALA F 187 -41.53 24.71 73.51
C ALA F 187 -42.40 24.02 72.45
N GLN F 188 -43.69 24.37 72.40
CA GLN F 188 -44.58 23.80 71.40
C GLN F 188 -44.21 24.26 69.99
N ARG F 189 -43.79 25.52 69.86
CA ARG F 189 -43.21 25.98 68.60
C ARG F 189 -42.08 25.06 68.16
N LEU F 190 -41.20 24.69 69.09
CA LEU F 190 -40.13 23.77 68.73
C LEU F 190 -40.66 22.38 68.44
N ILE F 191 -41.70 21.94 69.15
CA ILE F 191 -42.31 20.65 68.86
C ILE F 191 -42.75 20.60 67.40
N GLU F 192 -43.40 21.67 66.94
CA GLU F 192 -43.85 21.75 65.55
C GLU F 192 -42.67 21.81 64.60
N ARG F 193 -41.71 22.70 64.87
CA ARG F 193 -40.61 22.91 63.94
C ARG F 193 -39.74 21.66 63.81
N LEU F 194 -39.22 21.16 64.93
CA LEU F 194 -38.41 19.95 64.93
C LEU F 194 -39.22 18.72 64.53
N GLN F 195 -40.56 18.80 64.61
CA GLN F 195 -41.42 17.64 64.39
C GLN F 195 -41.18 16.56 65.44
N LEU F 196 -41.06 16.98 66.69
CA LEU F 196 -40.85 16.05 67.79
C LEU F 196 -42.05 15.12 67.96
N ASP F 197 -41.78 13.94 68.49
CA ASP F 197 -42.79 12.93 68.75
C ASP F 197 -42.93 12.69 70.25
N ALA F 198 -44.10 12.20 70.65
CA ALA F 198 -44.35 11.93 72.06
C ALA F 198 -43.31 10.97 72.63
N ARG F 199 -42.83 10.02 71.81
CA ARG F 199 -41.76 9.14 72.24
C ARG F 199 -40.56 9.92 72.74
N ASP F 200 -40.34 11.11 72.18
CA ASP F 200 -39.31 12.01 72.67
C ASP F 200 -39.82 13.02 73.70
N ILE F 201 -41.13 13.29 73.71
CA ILE F 201 -41.68 14.20 74.72
C ILE F 201 -41.55 13.60 76.10
N ARG F 202 -41.76 12.29 76.23
CA ARG F 202 -41.60 11.64 77.52
C ARG F 202 -40.18 11.81 78.05
N ALA F 203 -39.18 11.52 77.21
CA ALA F 203 -37.80 11.72 77.62
C ALA F 203 -37.51 13.19 77.86
N ALA F 204 -38.18 14.09 77.12
CA ALA F 204 -37.96 15.52 77.33
C ALA F 204 -38.40 15.93 78.73
N GLU F 205 -39.59 15.52 79.15
CA GLU F 205 -40.02 15.85 80.50
C GLU F 205 -39.13 15.17 81.54
N ALA F 206 -38.71 13.94 81.26
CA ALA F 206 -37.83 13.24 82.20
C ALA F 206 -36.53 14.01 82.41
N ARG F 207 -35.91 14.46 81.31
CA ARG F 207 -34.65 15.20 81.44
C ARG F 207 -34.88 16.59 82.02
N ALA F 208 -36.03 17.21 81.73
CA ALA F 208 -36.35 18.48 82.36
C ALA F 208 -36.40 18.33 83.87
N ARG F 209 -37.01 17.25 84.35
CA ARG F 209 -36.93 16.95 85.78
C ARG F 209 -35.49 16.69 86.20
N SER F 210 -34.72 15.97 85.39
CA SER F 210 -33.33 15.70 85.72
C SER F 210 -32.55 16.99 85.96
N TRP F 211 -32.66 17.94 85.03
CA TRP F 211 -31.98 19.21 85.21
C TRP F 211 -32.53 19.94 86.43
N GLY F 212 -31.64 20.56 87.19
CA GLY F 212 -32.02 21.29 88.39
C GLY F 212 -31.77 20.48 89.65
N PRO G 131 -34.57 -21.13 49.55
CA PRO G 131 -33.75 -20.16 48.83
C PRO G 131 -33.63 -20.48 47.35
N ASN G 132 -33.57 -19.44 46.51
CA ASN G 132 -33.46 -19.58 45.07
C ASN G 132 -32.19 -18.94 44.53
N GLN G 133 -31.22 -18.66 45.40
CA GLN G 133 -29.97 -18.01 45.02
C GLN G 133 -28.80 -18.86 45.50
N VAL G 134 -27.77 -18.94 44.65
CA VAL G 134 -26.68 -19.88 44.83
C VAL G 134 -25.37 -19.11 44.93
N GLN G 135 -24.56 -19.45 45.93
CA GLN G 135 -23.19 -18.98 46.05
C GLN G 135 -22.28 -20.15 45.70
N THR G 136 -21.41 -19.95 44.71
CA THR G 136 -20.52 -21.01 44.22
C THR G 136 -19.10 -20.69 44.64
N ASP G 137 -18.46 -21.63 45.32
CA ASP G 137 -17.09 -21.48 45.78
C ASP G 137 -16.18 -22.37 44.95
N ILE G 138 -15.16 -21.77 44.35
CA ILE G 138 -14.16 -22.47 43.56
C ILE G 138 -12.87 -22.52 44.37
N ARG G 139 -12.15 -23.63 44.25
CA ARG G 139 -10.88 -23.81 44.94
C ARG G 139 -9.88 -24.39 43.96
N PHE G 140 -8.84 -23.64 43.65
CA PHE G 140 -7.83 -24.02 42.68
C PHE G 140 -6.46 -24.05 43.34
N VAL G 141 -5.70 -25.10 43.07
CA VAL G 141 -4.36 -25.26 43.61
C VAL G 141 -3.46 -25.82 42.52
N GLU G 142 -2.25 -25.27 42.40
CA GLU G 142 -1.25 -25.77 41.48
C GLU G 142 0.10 -25.77 42.17
N VAL G 143 0.82 -26.88 42.07
CA VAL G 143 2.17 -27.01 42.58
C VAL G 143 3.05 -27.56 41.46
N SER G 144 4.20 -26.93 41.26
CA SER G 144 5.12 -27.35 40.20
C SER G 144 6.54 -27.24 40.71
N ARG G 145 7.37 -28.17 40.28
CA ARG G 145 8.79 -28.18 40.63
C ARG G 145 9.61 -28.44 39.37
N SER G 146 10.85 -27.96 39.39
CA SER G 146 11.73 -28.11 38.24
C SER G 146 13.16 -28.22 38.73
N LYS G 147 13.99 -28.85 37.90
CA LYS G 147 15.42 -28.94 38.15
C LYS G 147 16.16 -28.76 36.83
N LEU G 148 17.41 -28.33 36.93
CA LEU G 148 18.21 -28.02 35.75
C LEU G 148 19.68 -28.25 36.08
N LYS G 149 20.38 -28.95 35.18
CA LYS G 149 21.81 -29.17 35.32
C LYS G 149 22.47 -29.02 33.96
N GLN G 150 23.74 -28.61 33.99
CA GLN G 150 24.54 -28.49 32.77
C GLN G 150 26.00 -28.35 33.17
N ALA G 151 26.88 -28.71 32.24
CA ALA G 151 28.31 -28.61 32.49
C ALA G 151 29.06 -28.71 31.17
N SER G 152 30.11 -27.90 31.03
CA SER G 152 30.95 -27.92 29.84
C SER G 152 32.29 -27.30 30.21
N THR G 153 33.31 -27.64 29.41
CA THR G 153 34.66 -27.18 29.66
C THR G 153 35.39 -26.95 28.34
N SER G 154 36.24 -25.93 28.33
CA SER G 154 37.07 -25.62 27.18
C SER G 154 38.38 -25.02 27.67
N PHE G 155 39.41 -25.10 26.84
CA PHE G 155 40.72 -24.58 27.24
C PHE G 155 41.55 -24.28 25.99
N VAL G 156 42.61 -23.51 26.20
CA VAL G 156 43.56 -23.16 25.15
C VAL G 156 44.96 -23.17 25.76
N ARG G 157 45.95 -23.43 24.90
CA ARG G 157 47.35 -23.42 25.32
C ARG G 157 48.18 -22.75 24.23
N ARG G 158 49.32 -22.21 24.64
CA ARG G 158 50.15 -21.38 23.77
C ARG G 158 51.61 -21.68 24.03
N GLY G 159 52.46 -21.17 23.13
CA GLY G 159 53.90 -21.28 23.26
C GLY G 159 54.49 -22.37 22.39
N GLY G 160 55.05 -21.98 21.24
CA GLY G 160 55.61 -22.95 20.32
C GLY G 160 54.53 -23.79 19.70
N ASN G 161 53.92 -24.65 20.53
CA ASN G 161 52.75 -25.41 20.15
C ASN G 161 51.49 -24.58 20.39
N LEU G 162 50.36 -25.11 19.91
CA LEU G 162 49.07 -24.51 20.17
C LEU G 162 48.04 -25.62 20.24
N TRP G 163 47.22 -25.60 21.29
CA TRP G 163 46.15 -26.58 21.46
C TRP G 163 44.85 -25.86 21.78
N VAL G 164 43.75 -26.45 21.32
CA VAL G 164 42.42 -25.91 21.58
C VAL G 164 41.46 -27.08 21.69
N LEU G 165 40.53 -26.99 22.64
CA LEU G 165 39.44 -27.94 22.78
C LEU G 165 38.18 -27.15 23.09
N GLY G 166 37.32 -26.99 22.08
CA GLY G 166 36.09 -26.25 22.23
C GLY G 166 34.91 -27.17 22.39
N ALA G 167 34.20 -27.03 23.50
CA ALA G 167 33.01 -27.82 23.73
C ALA G 167 31.91 -27.40 22.76
N PRO G 168 30.91 -28.25 22.54
CA PRO G 168 29.87 -27.94 21.55
C PRO G 168 29.28 -26.55 21.71
N GLY G 169 29.40 -25.72 20.68
CA GLY G 169 28.86 -24.38 20.69
C GLY G 169 29.71 -23.35 21.41
N SER G 170 30.88 -23.71 21.90
CA SER G 170 31.71 -22.79 22.68
C SER G 170 32.68 -22.00 21.82
N LEU G 171 33.23 -22.60 20.76
CA LEU G 171 34.29 -22.01 19.98
C LEU G 171 33.81 -21.26 18.75
N GLY G 172 32.50 -21.15 18.55
CA GLY G 172 31.98 -20.51 17.35
C GLY G 172 32.36 -19.05 17.21
N ASP G 173 32.81 -18.42 18.30
CA ASP G 173 33.08 -16.98 18.27
C ASP G 173 34.39 -16.63 17.59
N ILE G 174 35.27 -17.61 17.34
CA ILE G 174 36.67 -17.34 17.02
C ILE G 174 37.02 -17.96 15.68
N LYS G 175 37.86 -17.25 14.93
CA LYS G 175 38.48 -17.77 13.72
C LYS G 175 39.99 -17.64 13.85
N VAL G 176 40.72 -18.57 13.27
CA VAL G 176 42.17 -18.61 13.34
C VAL G 176 42.73 -18.11 12.00
N ASN G 177 43.85 -17.41 12.07
CA ASN G 177 44.39 -16.75 10.88
C ASN G 177 44.98 -17.78 9.91
N ALA G 178 45.29 -17.30 8.71
CA ALA G 178 45.77 -18.19 7.66
C ALA G 178 47.11 -18.81 8.02
N ASP G 179 48.00 -18.05 8.65
CA ASP G 179 49.36 -18.52 8.92
C ASP G 179 49.48 -19.29 10.22
N GLY G 180 48.39 -19.47 10.96
CA GLY G 180 48.42 -20.29 12.15
C GLY G 180 49.24 -19.74 13.28
N SER G 181 49.50 -18.43 13.31
CA SER G 181 50.30 -17.85 14.38
C SER G 181 49.50 -17.61 15.65
N GLY G 182 48.18 -17.65 15.58
CA GLY G 182 47.36 -17.43 16.76
C GLY G 182 45.91 -17.23 16.38
N LEU G 183 45.07 -17.27 17.41
CA LEU G 183 43.63 -17.07 17.20
C LEU G 183 43.34 -15.61 16.91
N GLY G 184 42.22 -15.38 16.21
CA GLY G 184 41.85 -14.05 15.79
C GLY G 184 40.45 -13.63 16.23
N GLY G 185 39.98 -14.14 17.37
CA GLY G 185 38.67 -13.79 17.86
C GLY G 185 38.65 -13.71 19.38
N THR G 186 37.52 -13.23 19.90
CA THR G 186 37.32 -13.06 21.33
C THR G 186 36.36 -14.12 21.83
N PHE G 187 36.71 -14.75 22.95
CA PHE G 187 35.87 -15.80 23.54
C PHE G 187 34.62 -15.20 24.17
N GLY G 188 33.52 -15.95 24.11
CA GLY G 188 32.28 -15.57 24.74
C GLY G 188 32.00 -16.39 25.99
N THR G 189 30.80 -16.18 26.54
CA THR G 189 30.38 -16.83 27.76
C THR G 189 28.97 -17.39 27.60
N GLY G 190 28.74 -18.56 28.20
CA GLY G 190 27.39 -19.09 28.27
C GLY G 190 26.55 -18.28 29.25
N SER G 191 25.36 -17.87 28.80
CA SER G 191 24.55 -16.94 29.59
C SER G 191 23.90 -17.62 30.79
N SER G 192 23.40 -18.85 30.61
CA SER G 192 22.44 -19.42 31.57
C SER G 192 23.06 -19.84 32.89
N GLY G 193 24.36 -20.16 32.93
CA GLY G 193 24.96 -20.76 34.11
C GLY G 193 26.14 -19.96 34.61
N PHE G 194 26.65 -20.40 35.76
CA PHE G 194 27.86 -19.81 36.31
C PHE G 194 29.02 -20.01 35.35
N ASN G 195 29.75 -18.92 35.08
CA ASN G 195 30.90 -18.95 34.19
C ASN G 195 32.16 -18.72 35.03
N LEU G 196 33.08 -19.68 34.97
CA LEU G 196 34.38 -19.57 35.63
C LEU G 196 35.47 -19.58 34.57
N ILE G 197 36.43 -18.67 34.71
CA ILE G 197 37.53 -18.52 33.77
C ILE G 197 38.83 -18.53 34.55
N PHE G 198 39.90 -18.94 33.88
CA PHE G 198 41.23 -18.96 34.49
C PHE G 198 42.26 -18.68 33.41
N GLY G 199 42.91 -17.52 33.51
CA GLY G 199 44.07 -17.23 32.70
C GLY G 199 45.33 -17.49 33.49
N GLY G 200 46.19 -18.37 32.97
CA GLY G 200 47.38 -18.77 33.68
C GLY G 200 48.64 -18.62 32.84
N GLY G 201 48.70 -17.56 32.05
CA GLY G 201 49.82 -17.35 31.16
C GLY G 201 49.60 -18.06 29.84
N LYS G 202 50.31 -19.19 29.64
CA LYS G 202 50.07 -20.00 28.46
C LYS G 202 48.69 -20.64 28.51
N TRP G 203 48.33 -21.22 29.64
CA TRP G 203 47.02 -21.86 29.77
C TRP G 203 45.91 -20.83 29.82
N LEU G 204 44.76 -21.22 29.27
CA LEU G 204 43.54 -20.43 29.38
C LEU G 204 42.36 -21.40 29.31
N SER G 205 41.45 -21.30 30.27
CA SER G 205 40.38 -22.28 30.41
C SER G 205 39.08 -21.58 30.75
N PHE G 206 37.97 -22.23 30.39
CA PHE G 206 36.64 -21.74 30.69
C PHE G 206 35.79 -22.92 31.14
N MET G 207 34.86 -22.65 32.06
CA MET G 207 33.97 -23.68 32.57
C MET G 207 32.59 -23.07 32.81
N ASN G 208 31.56 -23.76 32.32
CA ASN G 208 30.18 -23.39 32.56
C ASN G 208 29.51 -24.53 33.31
N ALA G 209 28.84 -24.21 34.42
CA ALA G 209 28.19 -25.22 35.22
C ALA G 209 26.99 -24.61 35.92
N LEU G 210 26.05 -25.47 36.28
CA LEU G 210 24.84 -25.05 36.98
C LEU G 210 24.08 -26.29 37.45
N GLU G 211 23.57 -26.22 38.67
CA GLU G 211 22.54 -27.16 39.12
C GLU G 211 21.53 -26.34 39.91
N GLY G 212 20.34 -26.12 39.32
CA GLY G 212 19.36 -25.25 39.91
C GLY G 212 18.00 -25.93 39.98
N SER G 213 17.18 -25.41 40.88
CA SER G 213 15.85 -25.95 41.12
C SER G 213 14.88 -24.80 41.34
N GLY G 214 13.61 -25.06 41.05
CA GLY G 214 12.58 -24.06 41.21
C GLY G 214 11.34 -24.65 41.83
N PHE G 215 10.59 -23.78 42.50
CA PHE G 215 9.35 -24.17 43.15
C PHE G 215 8.32 -23.07 42.92
N ALA G 216 7.09 -23.46 42.59
CA ALA G 216 6.01 -22.52 42.34
C ALA G 216 4.75 -23.05 42.98
N TYR G 217 3.96 -22.13 43.55
CA TYR G 217 2.71 -22.47 44.22
C TYR G 217 1.68 -21.42 43.90
N THR G 218 0.44 -21.86 43.69
CA THR G 218 -0.65 -20.97 43.34
C THR G 218 -1.92 -21.44 44.04
N LEU G 219 -2.69 -20.48 44.55
CA LEU G 219 -3.95 -20.75 45.22
C LEU G 219 -4.94 -19.65 44.90
N ALA G 220 -6.17 -20.03 44.57
CA ALA G 220 -7.21 -19.07 44.24
C ALA G 220 -8.54 -19.62 44.70
N ARG G 221 -9.32 -18.78 45.40
CA ARG G 221 -10.61 -19.19 45.94
C ARG G 221 -11.67 -18.14 45.61
N PRO G 222 -11.98 -17.95 44.33
CA PRO G 222 -13.02 -17.01 43.95
C PRO G 222 -14.40 -17.49 44.38
N SER G 223 -15.28 -16.54 44.66
CA SER G 223 -16.66 -16.82 45.01
C SER G 223 -17.56 -15.88 44.21
N LEU G 224 -18.79 -16.33 43.96
CA LEU G 224 -19.71 -15.57 43.12
C LEU G 224 -21.12 -16.01 43.42
N VAL G 225 -22.03 -15.04 43.51
CA VAL G 225 -23.44 -15.28 43.80
C VAL G 225 -24.25 -14.96 42.56
N ALA G 226 -25.31 -15.75 42.37
CA ALA G 226 -26.21 -15.54 41.23
C ALA G 226 -27.55 -16.18 41.52
N MET G 227 -28.60 -15.59 40.96
CA MET G 227 -29.92 -16.17 41.08
C MET G 227 -30.06 -17.39 40.17
N SER G 228 -31.00 -18.26 40.53
CA SER G 228 -31.20 -19.49 39.77
C SER G 228 -31.56 -19.16 38.32
N GLY G 229 -30.86 -19.81 37.39
CA GLY G 229 -31.13 -19.64 35.98
C GLY G 229 -30.48 -18.44 35.35
N GLN G 230 -29.74 -17.63 36.10
CA GLN G 230 -29.12 -16.42 35.60
C GLN G 230 -27.61 -16.61 35.49
N SER G 231 -27.05 -16.15 34.37
CA SER G 231 -25.62 -16.23 34.18
C SER G 231 -24.89 -15.17 34.99
N ALA G 232 -23.63 -15.46 35.32
CA ALA G 232 -22.81 -14.53 36.08
C ALA G 232 -21.37 -14.65 35.62
N SER G 233 -20.60 -13.58 35.84
CA SER G 233 -19.22 -13.52 35.40
C SER G 233 -18.40 -12.77 36.45
N PHE G 234 -17.10 -13.07 36.47
CA PHE G 234 -16.19 -12.46 37.42
C PHE G 234 -14.80 -12.39 36.80
N LEU G 235 -14.12 -11.26 37.02
CA LEU G 235 -12.77 -11.06 36.54
C LEU G 235 -11.96 -10.38 37.62
N ALA G 236 -10.70 -10.81 37.78
CA ALA G 236 -9.83 -10.24 38.80
C ALA G 236 -8.41 -10.04 38.31
N GLY G 237 -8.18 -10.02 36.99
CA GLY G 237 -6.85 -9.86 36.46
C GLY G 237 -6.64 -8.53 35.78
N GLY G 238 -6.69 -8.52 34.45
CA GLY G 238 -6.47 -7.30 33.71
C GLY G 238 -6.64 -7.54 32.22
N GLU G 239 -6.29 -6.52 31.45
CA GLU G 239 -6.38 -6.56 30.00
C GLU G 239 -5.17 -5.87 29.40
N PHE G 240 -4.55 -6.50 28.42
CA PHE G 240 -3.40 -5.96 27.73
C PHE G 240 -3.73 -5.76 26.25
N PRO G 241 -3.02 -4.85 25.56
CA PRO G 241 -3.38 -4.53 24.17
C PRO G 241 -3.29 -5.72 23.23
N TYR G 256 -8.33 -5.89 23.09
CA TYR G 256 -7.68 -6.22 24.36
C TYR G 256 -8.02 -7.64 24.80
N LYS G 257 -7.04 -8.32 25.37
CA LYS G 257 -7.17 -9.71 25.79
C LYS G 257 -7.10 -9.80 27.30
N GLU G 258 -8.04 -10.53 27.89
CA GLU G 258 -8.12 -10.64 29.33
C GLU G 258 -7.17 -11.71 29.86
N PHE G 259 -6.91 -11.65 31.16
CA PHE G 259 -6.13 -12.67 31.85
C PHE G 259 -6.41 -12.54 33.34
N GLY G 260 -5.73 -13.37 34.13
CA GLY G 260 -5.97 -13.41 35.55
C GLY G 260 -7.14 -14.32 35.90
N ILE G 261 -7.52 -14.26 37.18
CA ILE G 261 -8.63 -15.07 37.68
C ILE G 261 -9.90 -14.70 36.92
N ARG G 262 -10.52 -15.68 36.28
CA ARG G 262 -11.78 -15.49 35.60
C ARG G 262 -12.73 -16.61 36.02
N LEU G 263 -14.03 -16.33 35.95
CA LEU G 263 -15.03 -17.32 36.34
C LEU G 263 -16.36 -16.94 35.71
N THR G 264 -16.90 -17.83 34.90
CA THR G 264 -18.25 -17.72 34.35
C THR G 264 -19.03 -18.96 34.74
N LEU G 265 -20.25 -18.77 35.22
CA LEU G 265 -21.05 -19.88 35.71
C LEU G 265 -22.53 -19.55 35.57
N THR G 266 -23.35 -20.59 35.71
CA THR G 266 -24.79 -20.47 35.56
C THR G 266 -25.49 -21.53 36.41
N PRO G 267 -25.84 -21.22 37.66
CA PRO G 267 -26.44 -22.24 38.53
C PRO G 267 -27.95 -22.35 38.35
N THR G 268 -28.43 -23.59 38.31
CA THR G 268 -29.84 -23.89 38.23
C THR G 268 -30.22 -24.77 39.40
N VAL G 269 -31.19 -24.33 40.19
CA VAL G 269 -31.68 -25.09 41.34
C VAL G 269 -32.90 -25.87 40.89
N MET G 270 -32.80 -27.19 40.93
CA MET G 270 -33.86 -28.06 40.43
C MET G 270 -34.90 -28.30 41.52
N ASN G 271 -36.05 -28.84 41.08
CA ASN G 271 -37.17 -29.04 42.00
C ASN G 271 -36.83 -29.96 43.15
N ASN G 272 -35.81 -30.81 43.00
CA ASN G 272 -35.35 -31.68 44.07
C ASN G 272 -34.29 -31.02 44.95
N ARG G 273 -34.08 -29.71 44.81
CA ARG G 273 -33.14 -28.92 45.58
C ARG G 273 -31.68 -29.21 45.24
N ARG G 274 -31.43 -30.04 44.22
CA ARG G 274 -30.07 -30.24 43.75
C ARG G 274 -29.68 -29.11 42.80
N ILE G 275 -28.38 -28.82 42.75
CA ILE G 275 -27.85 -27.68 42.01
C ILE G 275 -27.11 -28.21 40.79
N ALA G 276 -27.53 -27.75 39.61
CA ALA G 276 -26.85 -28.06 38.36
C ALA G 276 -25.99 -26.88 37.96
N LEU G 277 -24.70 -27.10 37.82
CA LEU G 277 -23.74 -26.02 37.58
C LEU G 277 -23.14 -26.15 36.19
N LYS G 278 -23.27 -25.08 35.40
CA LYS G 278 -22.45 -24.86 34.21
C LYS G 278 -21.36 -23.88 34.61
N VAL G 279 -20.12 -24.34 34.63
CA VAL G 279 -19.02 -23.60 35.23
C VAL G 279 -17.81 -23.66 34.32
N ALA G 280 -17.04 -22.57 34.29
CA ALA G 280 -15.87 -22.44 33.42
C ALA G 280 -14.83 -21.57 34.08
N PRO G 281 -14.09 -22.10 35.05
CA PRO G 281 -13.04 -21.32 35.71
C PRO G 281 -11.80 -21.16 34.85
N GLU G 282 -11.02 -20.13 35.16
CA GLU G 282 -9.73 -19.91 34.53
C GLU G 282 -8.76 -19.28 35.54
N VAL G 283 -7.48 -19.58 35.35
CA VAL G 283 -6.40 -18.95 36.09
C VAL G 283 -5.24 -18.75 35.12
N SER G 284 -4.94 -17.51 34.79
CA SER G 284 -3.94 -17.20 33.77
C SER G 284 -3.04 -16.07 34.25
N GLU G 285 -1.85 -16.00 33.64
CA GLU G 285 -0.87 -14.98 33.98
C GLU G 285 0.03 -14.77 32.78
N LEU G 286 0.73 -13.64 32.79
CA LEU G 286 1.56 -13.26 31.66
C LEU G 286 2.85 -14.08 31.61
N ASP G 287 3.23 -14.46 30.40
CA ASP G 287 4.51 -15.11 30.12
C ASP G 287 5.17 -14.37 28.98
N TYR G 288 6.43 -14.00 29.16
CA TYR G 288 7.11 -13.05 28.29
C TYR G 288 7.91 -13.80 27.23
N SER G 289 7.44 -13.72 25.99
CA SER G 289 8.16 -14.29 24.84
C SER G 289 7.38 -13.91 23.59
N ALA G 290 8.02 -14.14 22.43
CA ALA G 290 7.38 -13.97 21.14
C ALA G 290 7.10 -12.50 20.83
N GLY G 291 6.49 -12.25 19.67
CA GLY G 291 6.17 -10.90 19.24
C GLY G 291 5.06 -10.95 18.20
N ILE G 292 4.63 -9.77 17.77
CA ILE G 292 3.52 -9.65 16.83
C ILE G 292 3.68 -8.36 16.05
N GLN G 293 3.02 -8.30 14.87
CA GLN G 293 3.09 -7.13 13.99
C GLN G 293 1.73 -6.50 13.76
N SER G 294 0.66 -7.03 14.36
CA SER G 294 -0.68 -6.53 14.14
C SER G 294 -1.46 -6.67 15.44
N GLY G 295 -2.24 -5.65 15.78
CA GLY G 295 -3.00 -5.65 17.01
C GLY G 295 -2.16 -5.56 18.26
N GLY G 296 -0.88 -5.28 18.14
CA GLY G 296 -0.01 -5.20 19.31
C GLY G 296 1.44 -5.19 18.88
N VAL G 297 2.31 -5.11 19.89
CA VAL G 297 3.76 -5.13 19.68
C VAL G 297 4.40 -5.85 20.87
N ALA G 298 5.35 -6.74 20.56
CA ALA G 298 6.10 -7.46 21.59
C ALA G 298 5.16 -8.03 22.66
N VAL G 299 3.95 -8.40 22.25
CA VAL G 299 2.93 -8.82 23.22
C VAL G 299 3.40 -10.09 23.92
N PRO G 300 3.19 -10.24 25.22
CA PRO G 300 3.64 -11.45 25.91
C PRO G 300 2.68 -12.62 25.68
N ALA G 301 3.14 -13.80 26.09
CA ALA G 301 2.33 -15.00 26.05
C ALA G 301 1.60 -15.19 27.38
N LEU G 302 0.71 -16.17 27.42
CA LEU G 302 -0.08 -16.47 28.61
C LEU G 302 0.20 -17.89 29.08
N ARG G 303 0.33 -18.04 30.40
CA ARG G 303 0.34 -19.34 31.06
C ARG G 303 -1.06 -19.59 31.60
N VAL G 304 -1.78 -20.53 30.99
CA VAL G 304 -3.22 -20.66 31.16
C VAL G 304 -3.55 -22.03 31.75
N ARG G 305 -4.44 -22.04 32.73
CA ARG G 305 -5.03 -23.25 33.29
C ARG G 305 -6.52 -23.00 33.42
N ARG G 306 -7.32 -23.70 32.61
CA ARG G 306 -8.76 -23.47 32.57
C ARG G 306 -9.50 -24.79 32.45
N THR G 307 -10.79 -24.76 32.81
CA THR G 307 -11.66 -25.91 32.72
C THR G 307 -13.06 -25.43 32.35
N ASP G 308 -13.83 -26.34 31.74
CA ASP G 308 -15.21 -26.07 31.38
C ASP G 308 -15.98 -27.38 31.37
N THR G 309 -17.07 -27.43 32.12
CA THR G 309 -17.82 -28.67 32.30
C THR G 309 -19.17 -28.33 32.90
N SER G 310 -20.03 -29.34 32.98
CA SER G 310 -21.34 -29.24 33.61
C SER G 310 -21.54 -30.41 34.56
N VAL G 311 -22.06 -30.12 35.75
CA VAL G 311 -22.19 -31.12 36.82
C VAL G 311 -23.46 -30.84 37.60
N MET G 312 -23.83 -31.79 38.45
CA MET G 312 -24.96 -31.67 39.36
C MET G 312 -24.51 -32.04 40.77
N LEU G 313 -24.84 -31.21 41.74
CA LEU G 313 -24.49 -31.45 43.13
C LEU G 313 -25.65 -31.04 44.02
N ALA G 314 -25.64 -31.56 45.24
CA ALA G 314 -26.58 -31.12 46.27
C ALA G 314 -25.94 -30.01 47.10
N ASP G 315 -26.79 -29.27 47.80
CA ASP G 315 -26.33 -28.14 48.60
C ASP G 315 -25.19 -28.57 49.53
N GLY G 316 -24.02 -27.98 49.32
CA GLY G 316 -22.87 -28.24 50.15
C GLY G 316 -21.93 -29.31 49.63
N GLU G 317 -22.37 -30.14 48.69
CA GLU G 317 -21.51 -31.17 48.15
C GLU G 317 -20.43 -30.56 47.25
N SER G 318 -19.42 -31.36 46.93
CA SER G 318 -18.25 -30.87 46.23
C SER G 318 -17.80 -31.88 45.18
N PHE G 319 -17.08 -31.38 44.18
CA PHE G 319 -16.48 -32.19 43.14
C PHE G 319 -15.05 -31.73 42.90
N VAL G 320 -14.18 -32.69 42.57
CA VAL G 320 -12.93 -32.36 41.89
C VAL G 320 -13.20 -32.46 40.40
N ILE G 321 -13.68 -31.37 39.81
CA ILE G 321 -14.10 -31.41 38.41
C ILE G 321 -12.92 -31.63 37.48
N SER G 322 -11.71 -31.33 37.92
CA SER G 322 -10.54 -31.46 37.06
C SER G 322 -9.31 -31.67 37.93
N GLY G 323 -8.33 -32.37 37.36
CA GLY G 323 -7.08 -32.62 38.03
C GLY G 323 -6.04 -33.10 37.04
N LEU G 324 -4.78 -32.96 37.43
CA LEU G 324 -3.68 -33.30 36.55
C LEU G 324 -2.45 -33.67 37.37
N THR G 325 -1.72 -34.66 36.89
CA THR G 325 -0.36 -34.95 37.33
C THR G 325 0.49 -35.11 36.10
N SER G 326 1.64 -34.44 36.07
CA SER G 326 2.49 -34.40 34.89
C SER G 326 3.94 -34.52 35.31
N SER G 327 4.75 -35.03 34.38
CA SER G 327 6.19 -35.15 34.63
C SER G 327 6.89 -35.19 33.28
N ASN G 328 7.98 -34.44 33.18
CA ASN G 328 8.79 -34.38 31.96
C ASN G 328 10.25 -34.48 32.32
N SER G 329 11.00 -35.21 31.51
CA SER G 329 12.43 -35.35 31.69
C SER G 329 13.12 -35.32 30.34
N VAL G 330 14.20 -34.55 30.25
CA VAL G 330 14.98 -34.45 29.02
C VAL G 330 16.46 -34.46 29.40
N SER G 331 17.25 -35.25 28.67
CA SER G 331 18.66 -35.39 28.95
C SER G 331 19.43 -35.47 27.65
N ASN G 332 20.71 -35.08 27.72
CA ASN G 332 21.59 -35.13 26.57
C ASN G 332 23.03 -35.14 27.06
N VAL G 333 23.86 -35.96 26.41
CA VAL G 333 25.27 -36.07 26.75
C VAL G 333 26.08 -36.01 25.46
N ASP G 334 27.09 -35.15 25.45
CA ASP G 334 28.02 -35.05 24.34
C ASP G 334 29.43 -35.30 24.87
N LYS G 335 30.21 -36.10 24.13
CA LYS G 335 31.53 -36.50 24.59
C LYS G 335 32.48 -36.59 23.40
N PHE G 336 33.75 -36.34 23.67
CA PHE G 336 34.78 -36.68 22.70
C PHE G 336 34.86 -38.20 22.57
N PRO G 337 34.95 -38.74 21.34
CA PRO G 337 34.72 -40.18 21.15
C PRO G 337 35.49 -41.09 22.10
N TRP G 338 36.82 -41.00 22.08
CA TRP G 338 37.64 -41.91 22.88
C TRP G 338 37.92 -41.37 24.29
N LEU G 339 38.23 -40.08 24.40
CA LEU G 339 38.62 -39.53 25.70
C LEU G 339 37.43 -39.45 26.66
N GLY G 340 36.21 -39.36 26.13
CA GLY G 340 35.05 -39.19 26.99
C GLY G 340 34.78 -40.37 27.90
N ASP G 341 35.35 -41.53 27.61
CA ASP G 341 35.12 -42.74 28.40
C ASP G 341 36.21 -43.00 29.43
N ILE G 342 37.19 -42.12 29.56
CA ILE G 342 38.19 -42.29 30.61
C ILE G 342 37.49 -42.23 31.97
N PRO G 343 37.74 -43.17 32.88
CA PRO G 343 36.89 -43.24 34.09
C PRO G 343 36.91 -41.98 34.94
N ILE G 344 38.03 -41.27 34.99
CA ILE G 344 38.16 -40.07 35.83
C ILE G 344 38.26 -38.81 34.98
N LEU G 345 39.27 -38.73 34.12
CA LEU G 345 39.48 -37.53 33.31
C LEU G 345 38.44 -37.37 32.21
N GLY G 346 37.60 -38.37 31.97
CA GLY G 346 36.60 -38.27 30.91
C GLY G 346 35.62 -37.13 31.13
N ALA G 347 35.36 -36.76 32.39
CA ALA G 347 34.39 -35.71 32.67
C ALA G 347 34.75 -34.41 31.98
N PHE G 348 36.04 -34.12 31.82
CA PHE G 348 36.47 -32.88 31.17
C PHE G 348 36.29 -32.94 29.65
N PHE G 349 35.98 -34.11 29.09
CA PHE G 349 35.72 -34.25 27.67
C PHE G 349 34.24 -34.52 27.39
N ARG G 350 33.36 -34.13 28.31
CA ARG G 350 31.93 -34.36 28.18
C ARG G 350 31.17 -33.07 28.43
N SER G 351 30.04 -32.93 27.74
CA SER G 351 29.07 -31.87 27.99
C SER G 351 27.73 -32.50 28.26
N THR G 352 26.96 -31.88 29.16
CA THR G 352 25.75 -32.49 29.68
C THR G 352 24.65 -31.45 29.84
N LYS G 353 23.41 -31.91 29.80
CA LYS G 353 22.24 -31.08 29.99
C LYS G 353 21.13 -31.95 30.54
N LEU G 354 20.41 -31.43 31.54
CA LEU G 354 19.30 -32.15 32.16
C LEU G 354 18.21 -31.16 32.52
N ASP G 355 16.98 -31.51 32.15
CA ASP G 355 15.81 -30.70 32.47
C ASP G 355 14.70 -31.62 32.95
N LYS G 356 14.17 -31.33 34.13
CA LYS G 356 13.08 -32.12 34.72
C LYS G 356 12.01 -31.17 35.23
N ASP G 357 10.77 -31.63 35.18
CA ASP G 357 9.63 -30.81 35.59
C ASP G 357 8.53 -31.72 36.13
N ASP G 358 7.80 -31.22 37.11
CA ASP G 358 6.67 -31.93 37.69
C ASP G 358 5.57 -30.91 37.99
N ARG G 359 4.34 -31.41 38.07
CA ARG G 359 3.20 -30.52 38.23
C ARG G 359 2.02 -31.30 38.79
N GLU G 360 1.17 -30.59 39.54
CA GLU G 360 -0.06 -31.14 40.08
C GLU G 360 -1.10 -30.03 40.14
N LEU G 361 -2.36 -30.40 39.85
CA LEU G 361 -3.45 -29.44 39.79
C LEU G 361 -4.67 -29.97 40.51
N LEU G 362 -5.52 -29.04 40.92
CA LEU G 362 -6.83 -29.37 41.48
C LEU G 362 -7.78 -28.20 41.22
N MET G 363 -8.99 -28.52 40.78
CA MET G 363 -10.07 -27.55 40.68
C MET G 363 -11.30 -28.14 41.34
N ILE G 364 -11.79 -27.47 42.37
CA ILE G 364 -12.88 -27.97 43.20
C ILE G 364 -14.00 -26.93 43.22
N VAL G 365 -15.23 -27.40 43.11
CA VAL G 365 -16.41 -26.55 43.11
C VAL G 365 -17.30 -26.95 44.27
N THR G 366 -17.97 -25.95 44.85
CA THR G 366 -18.85 -26.17 45.98
C THR G 366 -19.98 -25.15 45.99
N PRO G 367 -21.20 -25.56 45.63
CA PRO G 367 -22.33 -24.63 45.66
C PRO G 367 -23.08 -24.63 46.98
N HIS G 368 -23.49 -23.44 47.41
CA HIS G 368 -24.27 -23.26 48.62
C HIS G 368 -25.52 -22.45 48.32
N LEU G 369 -26.64 -22.85 48.92
CA LEU G 369 -27.84 -22.04 48.89
C LEU G 369 -27.77 -21.00 50.01
N VAL G 370 -28.01 -19.74 49.66
CA VAL G 370 -27.80 -18.62 50.57
C VAL G 370 -28.99 -17.69 50.53
N GLN G 371 -29.03 -16.78 51.51
CA GLN G 371 -30.05 -15.76 51.62
C GLN G 371 -29.37 -14.43 51.93
N PRO G 372 -30.03 -13.32 51.59
CA PRO G 372 -29.39 -12.02 51.82
C PRO G 372 -29.17 -11.74 53.29
N LEU G 373 -28.14 -10.95 53.58
CA LEU G 373 -27.93 -10.46 54.94
C LEU G 373 -29.11 -9.60 55.36
N ALA G 374 -29.46 -9.68 56.65
CA ALA G 374 -30.59 -8.93 57.16
C ALA G 374 -30.31 -7.43 57.14
N ALA G 375 -31.39 -6.64 57.18
CA ALA G 375 -31.25 -5.19 57.09
C ALA G 375 -30.40 -4.63 58.22
N ASP G 376 -30.42 -5.26 59.38
CA ASP G 376 -29.65 -4.80 60.53
C ASP G 376 -28.28 -5.46 60.65
N ALA G 377 -27.91 -6.32 59.69
CA ALA G 377 -26.68 -7.07 59.81
C ALA G 377 -25.47 -6.16 59.66
N GLN G 378 -24.42 -6.46 60.43
CA GLN G 378 -23.13 -5.82 60.23
C GLN G 378 -22.44 -6.47 59.04
N LEU G 379 -22.01 -5.65 58.08
CA LEU G 379 -21.46 -6.19 56.85
C LEU G 379 -20.12 -6.87 57.10
N PRO G 380 -19.78 -7.89 56.32
CA PRO G 380 -18.41 -8.41 56.34
C PRO G 380 -17.43 -7.35 55.89
N ASP G 381 -16.22 -7.41 56.43
CA ASP G 381 -15.22 -6.38 56.18
C ASP G 381 -13.84 -7.00 56.19
N LEU G 382 -12.87 -6.23 55.72
CA LEU G 382 -11.47 -6.60 55.66
C LEU G 382 -10.65 -5.59 56.45
N PRO G 383 -9.48 -5.99 56.97
CA PRO G 383 -8.71 -5.07 57.81
C PRO G 383 -8.51 -3.71 57.15
N THR G 412 -16.10 -27.53 81.30
CA THR G 412 -15.57 -26.62 82.32
C THR G 412 -15.64 -25.17 81.87
N GLY G 413 -15.95 -24.97 80.58
CA GLY G 413 -16.07 -23.64 80.01
C GLY G 413 -14.83 -23.16 79.30
N LEU G 414 -13.68 -23.78 79.56
CA LEU G 414 -12.45 -23.39 78.92
C LEU G 414 -12.49 -23.75 77.43
N SER G 415 -11.60 -23.11 76.67
CA SER G 415 -11.56 -23.29 75.22
C SER G 415 -11.18 -24.71 74.82
N ASP G 416 -10.45 -25.42 75.67
CA ASP G 416 -9.81 -26.73 75.75
C ASP G 416 -8.50 -26.74 74.99
N GLU H 28 7.19 -8.80 67.89
CA GLU H 28 6.93 -9.45 66.61
C GLU H 28 7.78 -10.70 66.47
N CYS H 29 7.49 -11.50 65.44
CA CYS H 29 8.20 -12.75 65.16
C CYS H 29 8.95 -12.58 63.85
N SER H 30 10.27 -12.41 63.93
CA SER H 30 11.10 -12.21 62.76
C SER H 30 11.72 -13.54 62.33
N GLN H 31 10.84 -14.46 61.96
CA GLN H 31 11.24 -15.78 61.48
C GLN H 31 10.18 -16.28 60.52
N GLN H 32 10.58 -16.56 59.28
CA GLN H 32 9.67 -17.07 58.26
C GLN H 32 10.28 -18.31 57.63
N LEU H 33 9.43 -19.28 57.33
CA LEU H 33 9.86 -20.55 56.76
C LEU H 33 9.49 -20.66 55.29
N GLY H 34 10.31 -21.40 54.54
CA GLY H 34 10.15 -21.49 53.10
C GLY H 34 8.92 -22.27 52.69
N GLN H 35 8.55 -22.09 51.42
CA GLN H 35 7.39 -22.75 50.83
C GLN H 35 7.52 -24.27 50.83
N GLU H 36 8.69 -24.79 51.18
CA GLU H 36 8.85 -26.24 51.33
C GLU H 36 8.49 -26.72 52.74
N GLN H 37 8.90 -25.98 53.76
CA GLN H 37 8.64 -26.34 55.15
C GLN H 37 7.49 -25.55 55.78
N GLU H 38 6.89 -24.61 55.05
CA GLU H 38 5.68 -23.93 55.49
C GLU H 38 4.43 -24.53 54.89
N LEU H 39 4.51 -24.97 53.63
CA LEU H 39 3.49 -25.84 53.07
C LEU H 39 3.29 -27.08 53.96
N GLN H 40 4.28 -27.36 54.80
CA GLN H 40 4.22 -28.47 55.74
C GLN H 40 3.49 -28.07 57.02
N MET H 41 3.78 -26.87 57.54
CA MET H 41 3.03 -26.37 58.69
C MET H 41 1.54 -26.24 58.37
N ASN H 42 1.19 -25.97 57.12
CA ASN H 42 -0.22 -25.99 56.74
C ASN H 42 -0.84 -27.35 57.01
N MET H 43 -0.17 -28.42 56.57
CA MET H 43 -0.65 -29.77 56.83
C MET H 43 -0.70 -30.05 58.33
N VAL H 44 0.30 -29.57 59.07
CA VAL H 44 0.32 -29.74 60.52
C VAL H 44 -0.95 -29.14 61.12
N ARG H 45 -1.27 -27.89 60.74
CA ARG H 45 -2.49 -27.26 61.24
C ARG H 45 -3.72 -28.06 60.86
N ASP H 46 -3.77 -28.55 59.63
CA ASP H 46 -4.89 -29.38 59.20
C ASP H 46 -5.07 -30.57 60.13
N MET H 47 -3.95 -31.23 60.47
CA MET H 47 -4.01 -32.35 61.40
C MET H 47 -4.49 -31.90 62.78
N ILE H 48 -4.00 -30.75 63.24
CA ILE H 48 -4.39 -30.26 64.57
C ILE H 48 -5.90 -30.11 64.65
N ARG H 49 -6.49 -29.44 63.67
CA ARG H 49 -7.93 -29.22 63.70
C ARG H 49 -8.73 -30.44 63.23
N GLU H 50 -8.07 -31.46 62.68
CA GLU H 50 -8.74 -32.68 62.28
C GLU H 50 -8.97 -33.64 63.44
N GLY H 51 -8.41 -33.36 64.61
CA GLY H 51 -8.38 -34.32 65.69
C GLY H 51 -7.21 -35.28 65.63
N ARG H 52 -6.29 -35.07 64.68
CA ARG H 52 -5.10 -35.90 64.50
C ARG H 52 -3.89 -35.30 65.19
N LEU H 53 -4.08 -34.69 66.37
CA LEU H 53 -3.01 -34.08 67.13
C LEU H 53 -1.74 -34.93 67.12
N HIS H 54 -1.89 -36.25 67.28
CA HIS H 54 -0.72 -37.12 67.38
C HIS H 54 -0.01 -37.23 66.04
N ALA H 55 -0.78 -37.34 64.95
CA ALA H 55 -0.17 -37.31 63.61
C ALA H 55 0.48 -35.95 63.34
N ALA H 56 -0.14 -34.88 63.82
CA ALA H 56 0.49 -33.56 63.71
C ALA H 56 1.82 -33.54 64.46
N LEU H 57 1.85 -34.17 65.63
CA LEU H 57 3.11 -34.28 66.38
C LEU H 57 4.14 -35.05 65.59
N ALA H 58 3.73 -36.14 64.95
CA ALA H 58 4.64 -36.89 64.10
C ALA H 58 5.23 -36.00 63.01
N ASN H 59 4.36 -35.30 62.28
CA ASN H 59 4.82 -34.48 61.17
C ASN H 59 5.71 -33.33 61.65
N LEU H 60 5.39 -32.76 62.82
CA LEU H 60 6.27 -31.75 63.41
C LEU H 60 7.64 -32.34 63.75
N GLU H 61 7.64 -33.53 64.36
CA GLU H 61 8.90 -34.21 64.65
C GLU H 61 9.72 -34.40 63.37
N SER H 62 9.04 -34.63 62.25
CA SER H 62 9.73 -34.64 60.96
C SER H 62 10.40 -33.30 60.71
N MET H 63 9.69 -32.21 61.01
CA MET H 63 10.20 -30.86 60.79
C MET H 63 11.27 -30.52 61.83
N PRO H 64 12.08 -29.48 61.58
CA PRO H 64 13.24 -29.23 62.42
C PRO H 64 12.85 -28.85 63.83
N PRO H 65 13.45 -29.49 64.84
CA PRO H 65 13.25 -29.01 66.22
C PRO H 65 14.03 -27.74 66.48
N GLY H 66 13.46 -26.87 67.31
CA GLY H 66 13.99 -25.55 67.54
C GLY H 66 13.28 -24.45 66.77
N LEU H 67 12.49 -24.82 65.76
CA LEU H 67 11.67 -23.85 65.05
C LEU H 67 10.54 -23.39 65.95
N LEU H 68 10.50 -22.09 66.24
CA LEU H 68 9.54 -21.56 67.20
C LEU H 68 8.12 -22.01 66.87
N ASP H 69 7.73 -21.90 65.61
CA ASP H 69 6.39 -22.36 65.20
C ASP H 69 6.18 -23.82 65.53
N VAL H 70 7.14 -24.67 65.11
CA VAL H 70 7.03 -26.10 65.40
C VAL H 70 7.08 -26.34 66.90
N ARG H 71 7.87 -25.56 67.63
CA ARG H 71 7.97 -25.75 69.08
C ARG H 71 6.63 -25.48 69.76
N GLU H 72 6.00 -24.36 69.43
CA GLU H 72 4.71 -24.03 70.04
C GLU H 72 3.61 -24.98 69.60
N GLU H 73 3.62 -25.40 68.34
CA GLU H 73 2.62 -26.37 67.90
C GLU H 73 2.77 -27.69 68.65
N ARG H 74 4.02 -28.16 68.80
CA ARG H 74 4.27 -29.36 69.56
C ARG H 74 3.80 -29.22 70.99
N ALA H 75 4.08 -28.07 71.61
CA ALA H 75 3.63 -27.84 72.98
C ALA H 75 2.11 -27.90 73.09
N LEU H 76 1.41 -27.28 72.14
CA LEU H 76 -0.05 -27.37 72.10
C LEU H 76 -0.50 -28.83 72.09
N ILE H 77 0.05 -29.61 71.17
CA ILE H 77 -0.33 -31.02 71.08
C ILE H 77 -0.03 -31.74 72.39
N LEU H 78 1.16 -31.54 72.93
CA LEU H 78 1.56 -32.23 74.16
C LEU H 78 0.61 -31.91 75.30
N ARG H 79 0.26 -30.62 75.46
CA ARG H 79 -0.65 -30.25 76.54
C ARG H 79 -2.02 -30.87 76.35
N ARG H 80 -2.53 -30.87 75.12
CA ARG H 80 -3.87 -31.40 74.90
C ARG H 80 -3.90 -32.92 75.11
N ILE H 81 -2.86 -33.63 74.66
CA ILE H 81 -2.85 -35.10 74.75
C ILE H 81 -2.45 -35.60 76.13
N GLY H 82 -1.93 -34.75 77.00
CA GLY H 82 -1.54 -35.15 78.32
C GLY H 82 -0.07 -35.47 78.50
N ASP H 83 0.78 -35.15 77.52
CA ASP H 83 2.20 -35.42 77.66
C ASP H 83 2.80 -34.55 78.76
N PRO H 84 3.90 -35.00 79.39
CA PRO H 84 4.53 -34.22 80.46
C PRO H 84 5.51 -33.17 79.98
N ARG H 85 5.83 -33.12 78.69
CA ARG H 85 6.83 -32.20 78.18
C ARG H 85 6.25 -30.87 77.73
N ALA H 86 4.93 -30.76 77.59
CA ALA H 86 4.31 -29.49 77.22
C ALA H 86 4.75 -28.38 78.17
N ARG H 87 4.89 -28.70 79.46
CA ARG H 87 5.31 -27.71 80.44
C ARG H 87 6.65 -27.09 80.04
N ALA H 88 7.65 -27.93 79.77
CA ALA H 88 8.96 -27.43 79.38
C ALA H 88 8.92 -26.70 78.06
N GLU H 89 8.12 -27.19 77.10
CA GLU H 89 8.03 -26.52 75.80
C GLU H 89 7.51 -25.10 75.98
N TYR H 90 6.40 -24.94 76.71
CA TYR H 90 5.92 -23.61 77.03
C TYR H 90 6.99 -22.79 77.76
N GLN H 91 7.67 -23.42 78.71
CA GLN H 91 8.70 -22.71 79.49
C GLN H 91 9.77 -22.12 78.58
N ALA H 92 10.30 -22.95 77.66
CA ALA H 92 11.34 -22.47 76.76
C ALA H 92 10.84 -21.34 75.88
N LEU H 93 9.60 -21.45 75.39
CA LEU H 93 9.05 -20.47 74.47
C LEU H 93 8.68 -19.15 75.15
N LEU H 94 8.64 -19.11 76.49
CA LEU H 94 8.38 -17.85 77.18
C LEU H 94 9.40 -16.79 76.82
N GLU H 95 10.65 -17.20 76.57
CA GLU H 95 11.75 -16.27 76.30
C GLU H 95 11.97 -16.04 74.81
N THR H 96 10.94 -16.18 73.99
CA THR H 96 11.02 -16.03 72.54
C THR H 96 9.86 -15.16 72.06
N CYS H 97 9.79 -14.97 70.75
CA CYS H 97 8.63 -14.26 70.17
C CYS H 97 7.34 -15.02 70.46
N LYS H 98 7.44 -16.33 70.73
CA LYS H 98 6.27 -17.10 71.14
C LYS H 98 6.05 -16.97 72.64
N ALA H 99 6.01 -15.75 73.13
CA ALA H 99 5.78 -15.48 74.55
C ALA H 99 4.30 -15.60 74.93
N PRO H 100 3.40 -14.85 74.29
CA PRO H 100 1.98 -14.89 74.70
C PRO H 100 1.43 -16.31 74.82
N GLU H 101 1.64 -17.15 73.80
CA GLU H 101 1.06 -18.49 73.84
C GLU H 101 1.77 -19.37 74.85
N ALA H 102 3.05 -19.10 75.14
CA ALA H 102 3.74 -19.85 76.20
C ALA H 102 3.14 -19.52 77.57
N HIS H 103 2.93 -18.23 77.85
CA HIS H 103 2.26 -17.85 79.09
C HIS H 103 0.88 -18.49 79.17
N HIS H 104 0.14 -18.45 78.06
CA HIS H 104 -1.21 -19.03 78.05
C HIS H 104 -1.17 -20.53 78.29
N GLY H 105 -0.19 -21.23 77.69
CA GLY H 105 -0.02 -22.65 77.92
C GLY H 105 0.27 -23.00 79.35
N LEU H 106 1.21 -22.27 79.97
CA LEU H 106 1.49 -22.48 81.38
C LEU H 106 0.26 -22.21 82.24
N GLY H 107 -0.50 -21.18 81.90
CA GLY H 107 -1.75 -20.91 82.61
C GLY H 107 -2.74 -22.05 82.50
N LEU H 108 -2.94 -22.56 81.29
CA LEU H 108 -3.84 -23.70 81.11
C LEU H 108 -3.33 -24.93 81.85
N LEU H 109 -2.01 -25.12 81.91
CA LEU H 109 -1.46 -26.20 82.74
C LEU H 109 -1.86 -26.02 84.20
N ALA H 110 -1.65 -24.81 84.73
CA ALA H 110 -2.05 -24.53 86.11
C ALA H 110 -3.53 -24.82 86.32
N LEU H 111 -4.37 -24.44 85.34
CA LEU H 111 -5.79 -24.74 85.43
C LEU H 111 -6.04 -26.24 85.46
N ARG H 112 -5.33 -26.99 84.60
CA ARG H 112 -5.47 -28.45 84.60
C ARG H 112 -5.12 -29.03 85.97
N ASN H 113 -4.05 -28.53 86.58
CA ASN H 113 -3.69 -28.95 87.93
C ASN H 113 -4.66 -28.44 88.99
N GLY H 114 -5.54 -27.51 88.65
CA GLY H 114 -6.46 -26.92 89.61
C GLY H 114 -5.91 -25.75 90.38
N ASP H 115 -4.63 -25.42 90.20
CA ASP H 115 -4.00 -24.29 90.90
C ASP H 115 -4.39 -23.00 90.18
N SER H 116 -5.61 -22.54 90.49
CA SER H 116 -6.13 -21.33 89.86
C SER H 116 -5.32 -20.09 90.22
N ALA H 117 -4.61 -20.10 91.34
CA ALA H 117 -3.91 -18.92 91.83
C ALA H 117 -2.95 -18.37 90.78
N ARG H 118 -1.94 -19.16 90.42
CA ARG H 118 -0.99 -18.74 89.40
C ARG H 118 -1.59 -18.79 88.00
N ALA H 119 -2.63 -19.60 87.80
CA ALA H 119 -3.28 -19.65 86.49
C ALA H 119 -3.87 -18.30 86.12
N VAL H 120 -4.53 -17.64 87.08
CA VAL H 120 -5.10 -16.33 86.82
C VAL H 120 -4.00 -15.34 86.46
N LEU H 121 -2.88 -15.37 87.20
CA LEU H 121 -1.78 -14.47 86.92
C LEU H 121 -1.24 -14.65 85.50
N GLU H 122 -0.97 -15.91 85.13
CA GLU H 122 -0.40 -16.17 83.81
C GLU H 122 -1.40 -15.85 82.70
N LEU H 123 -2.69 -16.13 82.92
CA LEU H 123 -3.69 -15.77 81.93
C LEU H 123 -3.81 -14.26 81.78
N ARG H 124 -3.70 -13.53 82.89
CA ARG H 124 -3.69 -12.07 82.81
C ARG H 124 -2.51 -11.59 81.98
N GLU H 125 -1.32 -12.14 82.23
CA GLU H 125 -0.14 -11.75 81.46
C GLU H 125 -0.35 -12.02 79.98
N ALA H 126 -0.84 -13.22 79.65
CA ALA H 126 -1.04 -13.58 78.24
C ALA H 126 -2.06 -12.67 77.58
N ALA H 127 -3.21 -12.46 78.23
CA ALA H 127 -4.23 -11.57 77.69
C ALA H 127 -3.70 -10.15 77.53
N ARG H 128 -2.77 -9.74 78.38
CA ARG H 128 -2.17 -8.41 78.21
C ARG H 128 -1.30 -8.36 76.98
N LEU H 129 -0.36 -9.31 76.85
CA LEU H 129 0.64 -9.20 75.79
C LEU H 129 0.03 -9.30 74.40
N ARG H 130 -0.96 -10.17 74.20
CA ARG H 130 -1.69 -10.27 72.93
C ARG H 130 -3.17 -10.18 73.25
N PRO H 131 -3.73 -8.97 73.28
CA PRO H 131 -5.11 -8.81 73.79
C PRO H 131 -6.19 -9.36 72.87
N THR H 132 -6.05 -9.20 71.55
CA THR H 132 -7.16 -9.52 70.66
C THR H 132 -7.51 -11.00 70.64
N GLU H 133 -6.69 -11.85 71.23
CA GLU H 133 -6.94 -13.29 71.21
C GLU H 133 -8.19 -13.62 72.02
N SER H 134 -9.28 -13.95 71.32
CA SER H 134 -10.54 -14.30 72.00
C SER H 134 -10.34 -15.48 72.94
N ARG H 135 -9.58 -16.48 72.50
CA ARG H 135 -9.33 -17.66 73.33
C ARG H 135 -8.68 -17.26 74.66
N PHE H 136 -7.67 -16.40 74.62
CA PHE H 136 -7.02 -15.95 75.85
C PHE H 136 -8.00 -15.24 76.77
N ARG H 137 -8.82 -14.35 76.20
CA ARG H 137 -9.78 -13.60 77.02
C ARG H 137 -10.80 -14.52 77.66
N ASN H 138 -11.31 -15.49 76.90
CA ASN H 138 -12.32 -16.39 77.44
C ASN H 138 -11.74 -17.35 78.47
N ASP H 139 -10.45 -17.69 78.36
CA ASP H 139 -9.81 -18.49 79.39
C ASP H 139 -9.53 -17.68 80.64
N LEU H 140 -9.05 -16.45 80.48
CA LEU H 140 -8.78 -15.59 81.63
C LEU H 140 -10.06 -15.28 82.39
N GLY H 141 -11.17 -15.09 81.68
CA GLY H 141 -12.43 -14.84 82.37
C GLY H 141 -12.85 -16.02 83.23
N VAL H 142 -12.71 -17.23 82.70
CA VAL H 142 -13.03 -18.43 83.47
C VAL H 142 -12.11 -18.53 84.68
N ALA H 143 -10.82 -18.27 84.48
CA ALA H 143 -9.89 -18.31 85.61
C ALA H 143 -10.28 -17.32 86.70
N LEU H 144 -10.64 -16.09 86.30
CA LEU H 144 -11.09 -15.10 87.29
C LEU H 144 -12.35 -15.56 87.99
N LEU H 145 -13.33 -16.04 87.24
CA LEU H 145 -14.57 -16.53 87.83
C LEU H 145 -14.29 -17.61 88.87
N LYS H 146 -13.39 -18.54 88.56
CA LYS H 146 -12.99 -19.53 89.54
C LYS H 146 -12.30 -18.89 90.74
N ARG H 147 -11.47 -17.87 90.49
CA ARG H 147 -10.71 -17.24 91.56
C ARG H 147 -11.54 -16.29 92.41
N GLY H 148 -12.66 -15.78 91.88
CA GLY H 148 -13.59 -14.97 92.65
C GLY H 148 -13.68 -13.52 92.23
N ASP H 149 -12.81 -13.05 91.34
CA ASP H 149 -12.90 -11.67 90.85
C ASP H 149 -14.03 -11.58 89.83
N ARG H 150 -15.26 -11.54 90.36
CA ARG H 150 -16.44 -11.60 89.50
C ARG H 150 -16.52 -10.40 88.56
N VAL H 151 -16.16 -9.20 89.05
CA VAL H 151 -16.21 -8.03 88.19
C VAL H 151 -15.15 -8.14 87.09
N GLY H 152 -13.93 -8.56 87.45
CA GLY H 152 -12.91 -8.78 86.45
C GLY H 152 -13.26 -9.93 85.52
N ALA H 153 -13.89 -10.98 86.05
CA ALA H 153 -14.33 -12.07 85.20
C ALA H 153 -15.37 -11.60 84.20
N ARG H 154 -16.29 -10.73 84.63
CA ARG H 154 -17.26 -10.16 83.72
C ARG H 154 -16.57 -9.32 82.65
N PHE H 155 -15.59 -8.51 83.06
CA PHE H 155 -14.80 -7.74 82.10
C PHE H 155 -14.20 -8.64 81.02
N GLU H 156 -13.52 -9.71 81.45
CA GLU H 156 -12.82 -10.57 80.51
C GLU H 156 -13.79 -11.35 79.64
N PHE H 157 -14.88 -11.85 80.23
CA PHE H 157 -15.88 -12.56 79.44
C PHE H 157 -16.51 -11.66 78.40
N ILE H 158 -16.79 -10.40 78.76
CA ILE H 158 -17.35 -9.47 77.79
C ILE H 158 -16.35 -9.19 76.68
N THR H 159 -15.06 -9.03 77.04
CA THR H 159 -14.06 -8.84 76.00
C THR H 159 -14.05 -10.02 75.03
N ALA H 160 -14.05 -11.24 75.56
CA ALA H 160 -14.03 -12.42 74.69
C ALA H 160 -15.29 -12.49 73.83
N LEU H 161 -16.46 -12.26 74.44
CA LEU H 161 -17.71 -12.35 73.70
C LEU H 161 -17.81 -11.29 72.61
N GLU H 162 -17.23 -10.11 72.86
CA GLU H 162 -17.23 -9.07 71.83
C GLU H 162 -16.25 -9.39 70.72
N LEU H 163 -15.07 -9.92 71.07
CA LEU H 163 -14.09 -10.29 70.05
C LEU H 163 -14.68 -11.30 69.07
N GLN H 164 -15.23 -12.39 69.59
CA GLN H 164 -15.82 -13.41 68.75
C GLN H 164 -17.12 -12.90 68.14
N GLN H 165 -17.41 -13.35 66.91
CA GLN H 165 -18.58 -12.90 66.16
C GLN H 165 -19.82 -13.55 66.78
N GLY H 166 -20.26 -12.96 67.89
CA GLY H 166 -21.40 -13.47 68.63
C GLY H 166 -21.06 -14.45 69.73
N GLY H 167 -19.97 -15.19 69.57
CA GLY H 167 -19.51 -16.11 70.59
C GLY H 167 -20.32 -17.39 70.70
N LYS H 168 -19.64 -18.48 71.02
CA LYS H 168 -20.30 -19.74 71.38
C LYS H 168 -19.98 -20.13 72.82
N LEU H 169 -18.70 -20.20 73.17
CA LEU H 169 -18.30 -20.44 74.54
C LEU H 169 -18.43 -19.14 75.33
N PRO H 170 -17.95 -18.00 74.81
CA PRO H 170 -18.12 -16.73 75.55
C PRO H 170 -19.53 -16.40 75.96
N ALA H 171 -20.50 -16.64 75.08
CA ALA H 171 -21.88 -16.25 75.36
C ALA H 171 -22.41 -16.97 76.59
N THR H 172 -22.23 -18.29 76.64
CA THR H 172 -22.65 -19.03 77.82
C THR H 172 -21.70 -18.87 78.98
N ASN H 173 -20.47 -18.39 78.74
CA ASN H 173 -19.56 -18.05 79.82
C ASN H 173 -20.00 -16.81 80.57
N LEU H 174 -20.67 -15.89 79.88
CA LEU H 174 -21.29 -14.76 80.57
C LEU H 174 -22.69 -15.08 81.08
N LEU H 175 -23.43 -15.93 80.37
CA LEU H 175 -24.74 -16.36 80.87
C LEU H 175 -24.63 -17.09 82.20
N GLY H 176 -23.69 -18.03 82.31
CA GLY H 176 -23.50 -18.74 83.56
C GLY H 176 -22.97 -17.86 84.68
N LEU H 177 -22.13 -16.89 84.33
CA LEU H 177 -21.71 -15.90 85.32
C LEU H 177 -22.91 -15.12 85.85
N LEU H 178 -23.80 -14.70 84.95
CA LEU H 178 -25.04 -14.03 85.37
C LEU H 178 -25.87 -14.95 86.26
N TYR H 179 -26.01 -16.21 85.87
CA TYR H 179 -26.77 -17.17 86.68
C TYR H 179 -26.17 -17.29 88.08
N LEU H 180 -24.84 -17.43 88.17
CA LEU H 180 -24.18 -17.42 89.46
C LEU H 180 -24.47 -16.13 90.22
N GLN H 181 -24.61 -15.02 89.51
CA GLN H 181 -24.93 -13.74 90.13
C GLN H 181 -26.42 -13.53 90.36
N GLY H 182 -27.28 -14.38 89.81
CA GLY H 182 -28.69 -14.36 90.12
C GLY H 182 -29.52 -13.40 89.31
N ASP H 183 -28.92 -12.64 88.39
CA ASP H 183 -29.68 -11.72 87.56
C ASP H 183 -30.42 -12.49 86.48
N ARG H 184 -31.51 -13.16 86.87
CA ARG H 184 -32.20 -14.04 85.93
C ARG H 184 -32.78 -13.27 84.75
N GLU H 185 -33.33 -12.08 85.00
CA GLU H 185 -33.93 -11.33 83.90
C GLU H 185 -32.86 -10.73 82.98
N ASP H 186 -31.70 -10.36 83.51
CA ASP H 186 -30.58 -9.98 82.64
C ASP H 186 -30.12 -11.17 81.81
N ALA H 187 -30.05 -12.34 82.42
CA ALA H 187 -29.72 -13.55 81.68
C ALA H 187 -30.73 -13.78 80.55
N GLN H 188 -32.02 -13.58 80.84
CA GLN H 188 -33.04 -13.75 79.81
C GLN H 188 -32.91 -12.69 78.72
N ARG H 189 -32.55 -11.46 79.09
CA ARG H 189 -32.20 -10.45 78.10
C ARG H 189 -31.14 -10.97 77.15
N LEU H 190 -30.11 -11.62 77.70
CA LEU H 190 -29.08 -12.19 76.83
C LEU H 190 -29.61 -13.36 76.03
N ILE H 191 -30.51 -14.16 76.62
CA ILE H 191 -31.13 -15.26 75.86
C ILE H 191 -31.80 -14.70 74.60
N GLU H 192 -32.55 -13.61 74.76
CA GLU H 192 -33.21 -13.00 73.62
C GLU H 192 -32.21 -12.42 72.64
N ARG H 193 -31.24 -11.63 73.15
CA ARG H 193 -30.31 -10.94 72.27
C ARG H 193 -29.44 -11.92 71.48
N LEU H 194 -28.73 -12.80 72.19
CA LEU H 194 -27.91 -13.81 71.55
C LEU H 194 -28.73 -14.81 70.76
N GLN H 195 -30.04 -14.92 71.04
CA GLN H 195 -30.90 -15.93 70.45
C GLN H 195 -30.46 -17.33 70.88
N LEU H 196 -30.15 -17.49 72.16
CA LEU H 196 -29.74 -18.78 72.69
C LEU H 196 -30.87 -19.80 72.59
N ASP H 197 -30.48 -21.07 72.50
CA ASP H 197 -31.41 -22.18 72.42
C ASP H 197 -31.30 -23.06 73.66
N ALA H 198 -32.38 -23.77 73.97
CA ALA H 198 -32.38 -24.65 75.13
C ALA H 198 -31.24 -25.66 75.07
N ARG H 199 -30.88 -26.11 73.86
CA ARG H 199 -29.73 -26.99 73.71
C ARG H 199 -28.48 -26.39 74.34
N ASP H 200 -28.39 -25.05 74.34
CA ASP H 200 -27.31 -24.37 75.04
C ASP H 200 -27.68 -23.95 76.46
N ILE H 201 -28.98 -23.84 76.76
CA ILE H 201 -29.38 -23.51 78.13
C ILE H 201 -29.02 -24.63 79.08
N ARG H 202 -29.17 -25.89 78.64
CA ARG H 202 -28.78 -27.01 79.49
C ARG H 202 -27.30 -26.94 79.84
N ALA H 203 -26.44 -26.76 78.83
CA ALA H 203 -25.02 -26.62 79.09
C ALA H 203 -24.73 -25.37 79.92
N ALA H 204 -25.53 -24.32 79.75
CA ALA H 204 -25.33 -23.10 80.54
C ALA H 204 -25.54 -23.37 82.01
N GLU H 205 -26.63 -24.04 82.36
CA GLU H 205 -26.85 -24.36 83.78
C GLU H 205 -25.79 -25.34 84.28
N ALA H 206 -25.38 -26.29 83.44
CA ALA H 206 -24.34 -27.23 83.83
C ALA H 206 -23.05 -26.50 84.18
N ARG H 207 -22.63 -25.57 83.33
CA ARG H 207 -21.39 -24.84 83.60
C ARG H 207 -21.55 -23.87 84.75
N ALA H 208 -22.75 -23.29 84.93
CA ALA H 208 -23.01 -22.46 86.09
C ALA H 208 -22.80 -23.25 87.37
N ARG H 209 -23.29 -24.49 87.41
CA ARG H 209 -22.98 -25.37 88.53
C ARG H 209 -21.48 -25.64 88.60
N SER H 210 -20.84 -25.86 87.45
CA SER H 210 -19.40 -26.12 87.44
C SER H 210 -18.63 -24.98 88.12
N TRP H 211 -18.91 -23.74 87.73
CA TRP H 211 -18.25 -22.61 88.36
C TRP H 211 -18.61 -22.54 89.84
N GLY H 212 -17.63 -22.22 90.67
CA GLY H 212 -17.83 -22.13 92.11
C GLY H 212 -17.36 -23.37 92.83
N PRO I 131 -25.49 -43.64 39.29
CA PRO I 131 -24.83 -42.38 38.96
C PRO I 131 -24.94 -42.01 37.49
N ASN I 132 -25.06 -40.71 37.21
CA ASN I 132 -25.17 -40.21 35.85
C ASN I 132 -24.02 -39.28 35.49
N GLN I 133 -22.93 -39.31 36.25
CA GLN I 133 -21.78 -38.44 36.03
C GLN I 133 -20.53 -39.30 35.92
N VAL I 134 -19.65 -38.91 35.00
CA VAL I 134 -18.51 -39.73 34.59
C VAL I 134 -17.22 -38.95 34.85
N GLN I 135 -16.26 -39.61 35.48
CA GLN I 135 -14.90 -39.11 35.60
C GLN I 135 -14.02 -39.92 34.65
N THR I 136 -13.33 -39.24 33.75
CA THR I 136 -12.51 -39.88 32.73
C THR I 136 -11.05 -39.64 33.05
N ASP I 137 -10.28 -40.72 33.16
CA ASP I 137 -8.86 -40.65 33.45
C ASP I 137 -8.07 -41.01 32.20
N ILE I 138 -7.18 -40.11 31.79
CA ILE I 138 -6.30 -40.30 30.65
C ILE I 138 -4.90 -40.57 31.17
N ARG I 139 -4.17 -41.45 30.48
CA ARG I 139 -2.80 -41.78 30.86
C ARG I 139 -1.96 -41.80 29.58
N PHE I 140 -1.00 -40.88 29.50
CA PHE I 140 -0.16 -40.72 28.33
C PHE I 140 1.30 -40.88 28.73
N VAL I 141 2.04 -41.64 27.93
CA VAL I 141 3.45 -41.90 28.15
C VAL I 141 4.18 -41.84 26.82
N GLU I 142 5.34 -41.17 26.80
CA GLU I 142 6.19 -41.14 25.62
C GLU I 142 7.64 -41.30 26.05
N VAL I 143 8.35 -42.19 25.38
CA VAL I 143 9.78 -42.39 25.59
C VAL I 143 10.47 -42.31 24.24
N SER I 144 11.56 -41.56 24.18
CA SER I 144 12.30 -41.39 22.95
C SER I 144 13.78 -41.36 23.25
N ARG I 145 14.56 -41.94 22.35
CA ARG I 145 16.02 -41.97 22.47
C ARG I 145 16.63 -41.58 21.13
N SER I 146 17.84 -41.03 21.19
CA SER I 146 18.53 -40.59 19.99
C SER I 146 20.02 -40.77 20.18
N LYS I 147 20.72 -40.89 19.05
CA LYS I 147 22.18 -40.94 19.04
C LYS I 147 22.69 -40.15 17.85
N LEU I 148 23.93 -39.68 17.96
CA LEU I 148 24.52 -38.82 16.94
C LEU I 148 26.02 -39.02 16.93
N LYS I 149 26.59 -39.19 15.74
CA LYS I 149 28.03 -39.32 15.57
C LYS I 149 28.46 -38.54 14.35
N GLN I 150 29.70 -38.07 14.39
CA GLN I 150 30.29 -37.35 13.26
C GLN I 150 31.79 -37.26 13.48
N ALA I 151 32.52 -37.10 12.38
CA ALA I 151 33.97 -36.97 12.44
C ALA I 151 34.49 -36.42 11.13
N SER I 152 35.49 -35.54 11.23
CA SER I 152 36.12 -34.97 10.05
C SER I 152 37.49 -34.44 10.45
N THR I 153 38.37 -34.30 9.47
CA THR I 153 39.74 -33.87 9.72
C THR I 153 40.23 -33.01 8.54
N SER I 154 41.04 -32.02 8.87
CA SER I 154 41.67 -31.17 7.88
C SER I 154 43.02 -30.72 8.40
N PHE I 155 43.91 -30.33 7.49
CA PHE I 155 45.25 -29.91 7.90
C PHE I 155 45.85 -29.03 6.81
N VAL I 156 46.91 -28.32 7.20
CA VAL I 156 47.68 -27.46 6.30
C VAL I 156 49.15 -27.60 6.64
N ARG I 157 50.00 -27.37 5.64
CA ARG I 157 51.44 -27.41 5.83
C ARG I 157 52.07 -26.26 5.06
N ARG I 158 53.25 -25.84 5.49
CA ARG I 158 53.90 -24.65 4.98
C ARG I 158 55.39 -24.88 4.88
N GLY I 159 56.07 -23.95 4.18
CA GLY I 159 57.51 -23.97 4.07
C GLY I 159 57.98 -24.51 2.73
N GLY I 160 58.34 -23.62 1.81
CA GLY I 160 58.77 -24.04 0.49
C GLY I 160 57.62 -24.63 -0.28
N ASN I 161 57.19 -25.82 0.15
CA ASN I 161 55.99 -26.45 -0.36
C ASN I 161 54.76 -25.93 0.38
N LEU I 162 53.59 -26.30 -0.12
CA LEU I 162 52.33 -25.99 0.55
C LEU I 162 51.36 -27.13 0.25
N TRP I 163 50.72 -27.63 1.30
CA TRP I 163 49.72 -28.69 1.16
C TRP I 163 48.47 -28.30 1.93
N VAL I 164 47.33 -28.74 1.41
CA VAL I 164 46.05 -28.50 2.06
C VAL I 164 45.15 -29.69 1.78
N LEU I 165 44.38 -30.10 2.79
CA LEU I 165 43.35 -31.12 2.63
C LEU I 165 42.14 -30.67 3.43
N GLY I 166 41.12 -30.17 2.72
CA GLY I 166 39.91 -29.69 3.35
C GLY I 166 38.80 -30.69 3.23
N ALA I 167 38.28 -31.11 4.38
CA ALA I 167 37.16 -32.04 4.39
C ALA I 167 35.90 -31.34 3.86
N PRO I 168 34.91 -32.12 3.42
CA PRO I 168 33.72 -31.51 2.81
C PRO I 168 33.13 -30.39 3.66
N GLY I 169 33.05 -29.19 3.09
CA GLY I 169 32.48 -28.04 3.76
C GLY I 169 33.41 -27.34 4.74
N SER I 170 34.66 -27.78 4.86
CA SER I 170 35.57 -27.20 5.84
C SER I 170 36.37 -26.02 5.31
N LEU I 171 36.75 -26.05 4.02
CA LEU I 171 37.66 -25.09 3.45
C LEU I 171 36.97 -23.93 2.75
N GLY I 172 35.64 -23.86 2.80
CA GLY I 172 34.92 -22.82 2.08
C GLY I 172 35.23 -21.42 2.55
N ASP I 173 35.83 -21.27 3.74
CA ASP I 173 36.05 -19.95 4.32
C ASP I 173 37.23 -19.22 3.69
N ILE I 174 38.08 -19.90 2.93
CA ILE I 174 39.40 -19.39 2.57
C ILE I 174 39.55 -19.34 1.05
N LYS I 175 40.23 -18.30 0.58
CA LYS I 175 40.66 -18.18 -0.80
C LYS I 175 42.17 -17.97 -0.81
N VAL I 176 42.82 -18.49 -1.85
CA VAL I 176 44.26 -18.41 -2.01
C VAL I 176 44.58 -17.34 -3.04
N ASN I 177 45.68 -16.63 -2.82
CA ASN I 177 46.01 -15.48 -3.65
C ASN I 177 46.46 -15.93 -5.04
N ALA I 178 46.55 -14.95 -5.94
CA ALA I 178 46.88 -15.25 -7.34
C ALA I 178 48.28 -15.83 -7.48
N ASP I 179 49.24 -15.35 -6.69
CA ASP I 179 50.64 -15.74 -6.84
C ASP I 179 50.99 -16.99 -6.04
N GLY I 180 50.04 -17.56 -5.31
CA GLY I 180 50.28 -18.82 -4.63
C GLY I 180 51.26 -18.74 -3.49
N SER I 181 51.49 -17.55 -2.92
CA SER I 181 52.43 -17.39 -1.82
C SER I 181 51.84 -17.83 -0.48
N GLY I 182 50.53 -17.95 -0.38
CA GLY I 182 49.91 -18.34 0.88
C GLY I 182 48.41 -18.14 0.82
N LEU I 183 47.74 -18.69 1.81
CA LEU I 183 46.29 -18.57 1.92
C LEU I 183 45.91 -17.15 2.34
N GLY I 184 44.69 -16.76 1.97
CA GLY I 184 44.22 -15.41 2.24
C GLY I 184 42.90 -15.36 3.00
N GLY I 185 42.64 -16.35 3.84
CA GLY I 185 41.41 -16.38 4.61
C GLY I 185 41.64 -16.96 6.00
N THR I 186 40.59 -16.86 6.81
CA THR I 186 40.62 -17.35 8.19
C THR I 186 39.78 -18.61 8.30
N PHE I 187 40.33 -19.62 8.97
CA PHE I 187 39.63 -20.89 9.14
C PHE I 187 38.48 -20.74 10.13
N GLY I 188 37.41 -21.50 9.89
CA GLY I 188 36.28 -21.55 10.78
C GLY I 188 36.22 -22.85 11.57
N THR I 189 35.12 -23.01 12.31
CA THR I 189 34.92 -24.17 13.16
C THR I 189 33.52 -24.74 12.96
N GLY I 190 33.42 -26.07 13.01
CA GLY I 190 32.11 -26.70 13.03
C GLY I 190 31.42 -26.47 14.36
N SER I 191 30.16 -26.03 14.30
CA SER I 191 29.47 -25.62 15.52
C SER I 191 29.04 -26.81 16.38
N SER I 192 28.55 -27.88 15.74
CA SER I 192 27.78 -28.88 16.46
C SER I 192 28.62 -29.79 17.36
N GLY I 193 29.91 -29.97 17.09
CA GLY I 193 30.71 -30.95 17.78
C GLY I 193 31.93 -30.34 18.43
N PHE I 194 32.63 -31.18 19.19
CA PHE I 194 33.91 -30.78 19.78
C PHE I 194 34.90 -30.42 18.68
N ASN I 195 35.54 -29.27 18.82
CA ASN I 195 36.54 -28.80 17.87
C ASN I 195 37.91 -28.83 18.53
N LEU I 196 38.83 -29.58 17.95
CA LEU I 196 40.21 -29.63 18.39
C LEU I 196 41.12 -29.08 17.31
N ILE I 197 42.06 -28.24 17.72
CA ILE I 197 43.00 -27.59 16.80
C ILE I 197 44.41 -27.82 17.31
N PHE I 198 45.37 -27.79 16.39
CA PHE I 198 46.78 -27.95 16.75
C PHE I 198 47.60 -27.13 15.78
N GLY I 199 48.23 -26.07 16.28
CA GLY I 199 49.24 -25.35 15.54
C GLY I 199 50.61 -25.80 15.97
N GLY I 200 51.40 -26.28 15.00
CA GLY I 200 52.71 -26.83 15.29
C GLY I 200 53.80 -26.22 14.45
N GLY I 201 53.70 -24.92 14.20
CA GLY I 201 54.66 -24.25 13.35
C GLY I 201 54.26 -24.34 11.89
N LYS I 202 54.95 -25.18 11.13
CA LYS I 202 54.55 -25.44 9.76
C LYS I 202 53.21 -26.16 9.70
N TRP I 203 53.05 -27.21 10.50
CA TRP I 203 51.81 -27.97 10.50
C TRP I 203 50.68 -27.17 11.15
N LEU I 204 49.47 -27.39 10.65
CA LEU I 204 48.26 -26.84 11.26
C LEU I 204 47.11 -27.78 10.92
N SER I 205 46.37 -28.21 11.94
CA SER I 205 45.37 -29.24 11.77
C SER I 205 44.11 -28.88 12.57
N PHE I 206 42.98 -29.42 12.10
CA PHE I 206 41.70 -29.24 12.76
C PHE I 206 40.97 -30.58 12.76
N MET I 207 40.19 -30.82 13.81
CA MET I 207 39.43 -32.05 13.94
C MET I 207 38.09 -31.74 14.60
N ASN I 208 37.02 -32.24 14.00
CA ASN I 208 35.68 -32.14 14.56
C ASN I 208 35.18 -33.56 14.81
N ALA I 209 34.68 -33.80 16.02
CA ALA I 209 34.20 -35.13 16.38
C ALA I 209 33.11 -35.00 17.43
N LEU I 210 32.26 -36.01 17.50
CA LEU I 210 31.17 -36.05 18.46
C LEU I 210 30.54 -37.44 18.43
N GLU I 211 30.23 -37.96 19.62
CA GLU I 211 29.31 -39.08 19.75
C GLU I 211 28.41 -38.78 20.94
N GLY I 212 27.15 -38.45 20.66
CA GLY I 212 26.25 -38.02 21.70
C GLY I 212 24.94 -38.79 21.65
N SER I 213 24.26 -38.79 22.79
CA SER I 213 23.00 -39.50 22.94
C SER I 213 22.05 -38.66 23.77
N GLY I 214 20.76 -38.88 23.57
CA GLY I 214 19.74 -38.15 24.29
C GLY I 214 18.63 -39.07 24.75
N PHE I 215 17.98 -38.66 25.82
CA PHE I 215 16.86 -39.40 26.39
C PHE I 215 15.79 -38.41 26.82
N ALA I 216 14.53 -38.74 26.51
CA ALA I 216 13.40 -37.90 26.86
C ALA I 216 12.27 -38.77 27.36
N TYR I 217 11.57 -38.26 28.37
CA TYR I 217 10.45 -38.98 28.99
C TYR I 217 9.35 -37.99 29.30
N THR I 218 8.11 -38.42 29.08
CA THR I 218 6.95 -37.57 29.32
C THR I 218 5.82 -38.42 29.90
N LEU I 219 5.12 -37.84 30.88
CA LEU I 219 3.99 -38.51 31.52
C LEU I 219 2.94 -37.47 31.85
N ALA I 220 1.68 -37.78 31.55
CA ALA I 220 0.58 -36.88 31.82
C ALA I 220 -0.65 -37.71 32.17
N ARG I 221 -1.33 -37.33 33.26
CA ARG I 221 -2.51 -38.04 33.74
C ARG I 221 -3.63 -37.06 34.05
N PRO I 222 -4.14 -36.37 33.03
CA PRO I 222 -5.26 -35.47 33.25
C PRO I 222 -6.53 -36.22 33.61
N SER I 223 -7.39 -35.56 34.39
CA SER I 223 -8.69 -36.09 34.77
C SER I 223 -9.73 -35.00 34.59
N LEU I 224 -10.97 -35.41 34.34
CA LEU I 224 -12.03 -34.46 34.05
C LEU I 224 -13.37 -35.11 34.31
N VAL I 225 -14.27 -34.36 34.93
CA VAL I 225 -15.61 -34.84 35.28
C VAL I 225 -16.62 -34.11 34.43
N ALA I 226 -17.68 -34.82 34.05
CA ALA I 226 -18.75 -34.23 33.25
C ALA I 226 -20.01 -35.06 33.39
N MET I 227 -21.15 -34.40 33.31
CA MET I 227 -22.42 -35.09 33.33
C MET I 227 -22.68 -35.80 32.01
N SER I 228 -23.52 -36.83 32.06
CA SER I 228 -23.80 -37.62 30.87
C SER I 228 -24.40 -36.74 29.78
N GLY I 229 -23.85 -36.86 28.58
CA GLY I 229 -24.34 -36.12 27.44
C GLY I 229 -23.83 -34.70 27.32
N GLN I 230 -23.01 -34.24 28.24
CA GLN I 230 -22.51 -32.87 28.25
C GLN I 230 -21.04 -32.84 27.87
N SER I 231 -20.67 -31.90 27.01
CA SER I 231 -19.29 -31.76 26.59
C SER I 231 -18.47 -31.08 27.70
N ALA I 232 -17.17 -31.37 27.70
CA ALA I 232 -16.26 -30.78 28.67
C ALA I 232 -14.91 -30.55 28.02
N SER I 233 -14.15 -29.61 28.58
CA SER I 233 -12.85 -29.24 28.03
C SER I 233 -11.90 -28.93 29.18
N PHE I 234 -10.61 -29.10 28.90
CA PHE I 234 -9.57 -28.86 29.89
C PHE I 234 -8.31 -28.40 29.18
N LEU I 235 -7.62 -27.42 29.79
CA LEU I 235 -6.37 -26.91 29.26
C LEU I 235 -5.42 -26.69 30.42
N ALA I 236 -4.14 -27.03 30.20
CA ALA I 236 -3.13 -26.86 31.24
C ALA I 236 -1.82 -26.33 30.70
N GLY I 237 -1.80 -25.73 29.51
CA GLY I 237 -0.58 -25.23 28.94
C GLY I 237 -0.52 -23.72 28.88
N GLY I 238 -0.78 -23.15 27.71
CA GLY I 238 -0.73 -21.71 27.57
C GLY I 238 -1.13 -21.30 26.17
N GLU I 239 -0.94 -20.01 25.89
CA GLU I 239 -1.26 -19.44 24.59
C GLU I 239 -0.18 -18.45 24.21
N PHE I 240 0.29 -18.53 22.98
CA PHE I 240 1.30 -17.63 22.44
C PHE I 240 0.73 -16.86 21.27
N PRO I 241 1.29 -15.68 20.96
CA PRO I 241 0.71 -14.81 19.92
C PRO I 241 0.68 -15.47 18.54
N TYR I 256 -4.32 -16.05 19.02
CA TYR I 256 -3.46 -16.82 19.92
C TYR I 256 -3.69 -18.32 19.72
N LYS I 257 -2.61 -19.08 19.79
CA LYS I 257 -2.63 -20.53 19.56
C LYS I 257 -2.31 -21.25 20.86
N GLU I 258 -3.12 -22.25 21.20
CA GLU I 258 -2.97 -22.98 22.44
C GLU I 258 -1.92 -24.08 22.30
N PHE I 259 -1.45 -24.55 23.45
CA PHE I 259 -0.54 -25.69 23.51
C PHE I 259 -0.58 -26.24 24.93
N GLY I 260 0.24 -27.26 25.17
CA GLY I 260 0.23 -27.95 26.45
C GLY I 260 -0.84 -29.02 26.52
N ILE I 261 -1.01 -29.55 27.73
CA ILE I 261 -2.00 -30.60 27.95
C ILE I 261 -3.38 -30.06 27.62
N ARG I 262 -4.07 -30.72 26.69
CA ARG I 262 -5.43 -30.39 26.34
C ARG I 262 -6.27 -31.66 26.35
N LEU I 263 -7.57 -31.50 26.58
CA LEU I 263 -8.47 -32.65 26.64
C LEU I 263 -9.89 -32.16 26.42
N THR I 264 -10.53 -32.67 25.37
CA THR I 264 -11.95 -32.46 25.11
C THR I 264 -12.62 -33.82 25.02
N LEU I 265 -13.76 -33.97 25.70
CA LEU I 265 -14.44 -35.26 25.74
C LEU I 265 -15.92 -35.04 25.96
N THR I 266 -16.68 -36.11 25.75
CA THR I 266 -18.14 -36.07 25.86
C THR I 266 -18.66 -37.46 26.24
N PRO I 267 -18.81 -37.76 27.53
CA PRO I 267 -19.23 -39.10 27.93
C PRO I 267 -20.75 -39.26 27.94
N THR I 268 -21.19 -40.40 27.40
CA THR I 268 -22.60 -40.78 27.39
C THR I 268 -22.75 -42.11 28.09
N VAL I 269 -23.59 -42.15 29.12
CA VAL I 269 -23.86 -43.37 29.86
C VAL I 269 -25.13 -43.99 29.28
N MET I 270 -24.98 -45.19 28.72
CA MET I 270 -26.08 -45.85 28.04
C MET I 270 -26.94 -46.63 29.03
N ASN I 271 -28.12 -47.05 28.57
CA ASN I 271 -29.07 -47.72 29.44
C ASN I 271 -28.52 -49.02 30.02
N ASN I 272 -27.52 -49.61 29.38
CA ASN I 272 -26.87 -50.81 29.88
C ASN I 272 -25.70 -50.50 30.80
N ARG I 273 -25.55 -49.24 31.23
CA ARG I 273 -24.52 -48.77 32.14
C ARG I 273 -23.12 -48.75 31.51
N ARG I 274 -23.02 -49.02 30.20
CA ARG I 274 -21.75 -48.87 29.51
C ARG I 274 -21.55 -47.42 29.12
N ILE I 275 -20.29 -47.01 29.02
CA ILE I 275 -19.91 -45.61 28.80
C ILE I 275 -19.37 -45.49 27.39
N ALA I 276 -19.98 -44.61 26.59
CA ALA I 276 -19.51 -44.30 25.26
C ALA I 276 -18.76 -42.97 25.32
N LEU I 277 -17.50 -42.98 24.93
CA LEU I 277 -16.61 -41.83 25.05
C LEU I 277 -16.26 -41.28 23.68
N LYS I 278 -16.54 -39.99 23.48
CA LYS I 278 -15.93 -39.21 22.41
C LYS I 278 -14.82 -38.39 23.05
N VAL I 279 -13.58 -38.69 22.69
CA VAL I 279 -12.41 -38.19 23.41
C VAL I 279 -11.36 -37.73 22.41
N ALA I 280 -10.64 -36.67 22.77
CA ALA I 280 -9.63 -36.07 21.89
C ALA I 280 -8.52 -35.47 22.73
N PRO I 281 -7.62 -36.29 23.25
CA PRO I 281 -6.50 -35.77 24.04
C PRO I 281 -5.42 -35.14 23.18
N GLU I 282 -4.63 -34.28 23.81
CA GLU I 282 -3.46 -33.69 23.18
C GLU I 282 -2.36 -33.47 24.21
N VAL I 283 -1.12 -33.53 23.75
CA VAL I 283 0.05 -33.17 24.54
C VAL I 283 1.03 -32.48 23.61
N SER I 284 1.24 -31.18 23.82
CA SER I 284 2.06 -30.38 22.92
C SER I 284 2.99 -29.48 23.72
N GLU I 285 4.06 -29.05 23.06
CA GLU I 285 5.05 -28.18 23.67
C GLU I 285 5.74 -27.39 22.59
N LEU I 286 6.41 -26.31 23.00
CA LEU I 286 7.03 -25.40 22.06
C LEU I 286 8.31 -25.99 21.48
N ASP I 287 8.51 -25.78 20.18
CA ASP I 287 9.74 -26.13 19.48
C ASP I 287 10.19 -24.90 18.70
N TYR I 288 11.44 -24.53 18.86
CA TYR I 288 11.95 -23.23 18.42
C TYR I 288 12.59 -23.37 17.03
N SER I 289 11.92 -22.81 16.02
CA SER I 289 12.46 -22.76 14.67
C SER I 289 11.48 -21.94 13.82
N ALA I 290 11.93 -21.60 12.61
CA ALA I 290 11.08 -20.94 11.62
C ALA I 290 10.72 -19.52 12.04
N GLY I 291 9.92 -18.85 11.20
CA GLY I 291 9.50 -17.49 11.46
C GLY I 291 8.24 -17.19 10.65
N ILE I 292 7.71 -15.99 10.85
CA ILE I 292 6.45 -15.58 10.22
C ILE I 292 6.45 -14.06 10.07
N GLN I 293 5.62 -13.58 9.15
CA GLN I 293 5.51 -12.14 8.88
C GLN I 293 4.11 -11.59 9.12
N SER I 294 3.17 -12.44 9.57
CA SER I 294 1.80 -12.02 9.78
C SER I 294 1.24 -12.79 10.96
N GLY I 295 0.50 -12.08 11.82
CA GLY I 295 -0.05 -12.69 13.01
C GLY I 295 0.98 -13.08 14.05
N GLY I 296 2.21 -12.64 13.91
CA GLY I 296 3.26 -13.00 14.85
C GLY I 296 4.62 -12.66 14.29
N VAL I 297 5.64 -12.94 15.10
CA VAL I 297 7.03 -12.74 14.72
C VAL I 297 7.87 -13.83 15.36
N ALA I 298 8.79 -14.41 14.58
CA ALA I 298 9.72 -15.43 15.07
C ALA I 298 8.98 -16.49 15.89
N VAL I 299 7.73 -16.75 15.52
CA VAL I 299 6.89 -17.65 16.33
C VAL I 299 7.50 -19.04 16.33
N PRO I 300 7.51 -19.76 17.45
CA PRO I 300 8.09 -21.10 17.47
C PRO I 300 7.15 -22.15 16.87
N ALA I 301 7.70 -23.33 16.66
CA ALA I 301 6.92 -24.48 16.20
C ALA I 301 6.42 -25.28 17.40
N LEU I 302 5.58 -26.26 17.12
CA LEU I 302 5.00 -27.13 18.14
C LEU I 302 5.39 -28.58 17.91
N ARG I 303 5.74 -29.27 18.99
CA ARG I 303 5.90 -30.72 18.99
C ARG I 303 4.60 -31.30 19.56
N VAL I 304 3.82 -31.95 18.69
CA VAL I 304 2.44 -32.29 18.98
C VAL I 304 2.24 -33.80 18.94
N ARG I 305 1.52 -34.31 19.92
CA ARG I 305 1.07 -35.70 19.97
C ARG I 305 -0.40 -35.68 20.39
N ARG I 306 -1.30 -36.03 19.48
CA ARG I 306 -2.73 -35.94 19.74
C ARG I 306 -3.44 -37.15 19.15
N THR I 307 -4.65 -37.40 19.66
CA THR I 307 -5.50 -38.48 19.18
C THR I 307 -6.95 -38.02 19.24
N ASP I 308 -7.78 -38.64 18.41
CA ASP I 308 -9.21 -38.37 18.40
C ASP I 308 -9.94 -39.62 17.91
N THR I 309 -10.89 -40.10 18.70
CA THR I 309 -11.57 -41.35 18.41
C THR I 309 -12.81 -41.44 19.27
N SER I 310 -13.62 -42.47 19.01
CA SER I 310 -14.81 -42.77 19.79
C SER I 310 -14.82 -44.25 20.14
N VAL I 311 -15.15 -44.56 21.40
CA VAL I 311 -15.08 -45.92 21.92
C VAL I 311 -16.21 -46.13 22.92
N MET I 312 -16.41 -47.39 23.29
CA MET I 312 -17.38 -47.78 24.32
C MET I 312 -16.70 -48.68 25.33
N LEU I 313 -16.90 -48.38 26.61
CA LEU I 313 -16.31 -49.16 27.69
C LEU I 313 -17.33 -49.28 28.82
N ALA I 314 -17.11 -50.28 29.67
CA ALA I 314 -17.87 -50.43 30.90
C ALA I 314 -17.14 -49.72 32.05
N ASP I 315 -17.89 -49.43 33.10
CA ASP I 315 -17.33 -48.73 34.25
C ASP I 315 -16.05 -49.40 34.73
N GLY I 316 -14.94 -48.68 34.65
CA GLY I 316 -13.66 -49.16 35.11
C GLY I 316 -12.79 -49.81 34.06
N GLU I 317 -13.36 -50.19 32.92
CA GLU I 317 -12.56 -50.80 31.87
C GLU I 317 -11.67 -49.75 31.20
N SER I 318 -10.70 -50.24 30.43
CA SER I 318 -9.67 -49.38 29.86
C SER I 318 -9.38 -49.78 28.42
N PHE I 319 -8.84 -48.84 27.67
CA PHE I 319 -8.38 -49.07 26.30
C PHE I 319 -7.03 -48.41 26.09
N VAL I 320 -6.20 -49.04 25.27
CA VAL I 320 -5.08 -48.34 24.65
C VAL I 320 -5.59 -47.81 23.31
N ILE I 321 -6.19 -46.63 23.33
CA ILE I 321 -6.84 -46.09 22.13
C ILE I 321 -5.81 -45.77 21.06
N SER I 322 -4.55 -45.59 21.41
CA SER I 322 -3.54 -45.22 20.44
C SER I 322 -2.18 -45.67 20.94
N GLY I 323 -1.29 -45.95 20.00
CA GLY I 323 0.07 -46.35 20.32
C GLY I 323 0.94 -46.25 19.09
N LEU I 324 2.25 -46.17 19.34
CA LEU I 324 3.20 -45.99 18.25
C LEU I 324 4.55 -46.56 18.65
N THR I 325 5.22 -47.17 17.70
CA THR I 325 6.64 -47.49 17.78
C THR I 325 7.29 -47.03 16.49
N SER I 326 8.40 -46.29 16.62
CA SER I 326 9.04 -45.68 15.48
C SER I 326 10.55 -45.83 15.59
N SER I 327 11.21 -45.81 14.44
CA SER I 327 12.67 -45.88 14.41
C SER I 327 13.15 -45.27 13.10
N ASN I 328 14.19 -44.44 13.19
CA ASN I 328 14.78 -43.78 12.03
C ASN I 328 16.28 -43.89 12.12
N SER I 329 16.92 -44.12 10.98
CA SER I 329 18.36 -44.20 10.88
C SER I 329 18.81 -43.53 9.60
N VAL I 330 19.85 -42.69 9.71
CA VAL I 330 20.42 -41.99 8.57
C VAL I 330 21.94 -42.02 8.71
N SER I 331 22.61 -42.34 7.61
CA SER I 331 24.06 -42.45 7.61
C SER I 331 24.61 -41.89 6.31
N ASN I 332 25.87 -41.45 6.38
CA ASN I 332 26.56 -40.91 5.20
C ASN I 332 28.05 -40.99 5.44
N VAL I 333 28.79 -41.37 4.40
CA VAL I 333 30.24 -41.48 4.46
C VAL I 333 30.83 -40.80 3.23
N ASP I 334 31.80 -39.92 3.46
CA ASP I 334 32.54 -39.27 2.41
C ASP I 334 34.02 -39.59 2.58
N LYS I 335 34.69 -39.91 1.47
CA LYS I 335 36.07 -40.34 1.52
C LYS I 335 36.82 -39.81 0.31
N PHE I 336 38.12 -39.59 0.48
CA PHE I 336 38.98 -39.37 -0.67
C PHE I 336 39.08 -40.67 -1.47
N PRO I 337 38.98 -40.62 -2.80
CA PRO I 337 38.76 -41.84 -3.58
C PRO I 337 39.70 -42.99 -3.24
N TRP I 338 41.02 -42.79 -3.40
CA TRP I 338 41.97 -43.87 -3.20
C TRP I 338 42.46 -43.96 -1.76
N LEU I 339 42.75 -42.83 -1.12
CA LEU I 339 43.33 -42.86 0.22
C LEU I 339 42.32 -43.31 1.27
N GLY I 340 41.02 -43.12 1.00
CA GLY I 340 40.01 -43.45 1.99
C GLY I 340 39.92 -44.93 2.32
N ASP I 341 40.47 -45.79 1.47
CA ASP I 341 40.40 -47.24 1.68
C ASP I 341 41.66 -47.81 2.33
N ILE I 342 42.62 -46.98 2.70
CA ILE I 342 43.78 -47.49 3.43
C ILE I 342 43.30 -48.09 4.75
N PRO I 343 43.73 -49.30 5.11
CA PRO I 343 43.09 -49.97 6.26
C PRO I 343 43.21 -49.21 7.57
N ILE I 344 44.30 -48.48 7.78
CA ILE I 344 44.54 -47.76 9.04
C ILE I 344 44.46 -46.25 8.83
N LEU I 345 45.31 -45.70 7.96
CA LEU I 345 45.36 -44.26 7.74
C LEU I 345 44.15 -43.73 6.98
N GLY I 346 43.31 -44.62 6.44
CA GLY I 346 42.15 -44.16 5.68
C GLY I 346 41.19 -43.33 6.50
N ALA I 347 41.13 -43.58 7.81
CA ALA I 347 40.19 -42.84 8.66
C ALA I 347 40.40 -41.34 8.57
N PHE I 348 41.63 -40.89 8.39
CA PHE I 348 41.92 -39.46 8.29
C PHE I 348 41.49 -38.88 6.95
N PHE I 349 41.14 -39.71 5.98
CA PHE I 349 40.65 -39.24 4.68
C PHE I 349 39.15 -39.50 4.52
N ARG I 350 38.42 -39.64 5.62
CA ARG I 350 37.00 -39.92 5.59
C ARG I 350 36.25 -38.96 6.50
N SER I 351 35.02 -38.64 6.09
CA SER I 351 34.08 -37.88 6.90
C SER I 351 32.81 -38.69 7.05
N THR I 352 32.19 -38.59 8.22
CA THR I 352 31.09 -39.49 8.57
C THR I 352 30.01 -38.73 9.33
N LYS I 353 28.79 -39.25 9.25
CA LYS I 353 27.64 -38.70 9.95
C LYS I 353 26.66 -39.82 10.20
N LEU I 354 26.10 -39.85 11.41
CA LEU I 354 25.13 -40.87 11.79
C LEU I 354 24.08 -40.25 12.69
N ASP I 355 22.81 -40.51 12.38
CA ASP I 355 21.69 -40.04 13.17
C ASP I 355 20.70 -41.17 13.34
N LYS I 356 20.36 -41.48 14.59
CA LYS I 356 19.40 -42.54 14.91
C LYS I 356 18.40 -42.00 15.92
N ASP I 357 17.18 -42.52 15.84
CA ASP I 357 16.11 -42.08 16.72
C ASP I 357 15.14 -43.23 16.93
N ASP I 358 14.56 -43.27 18.14
CA ASP I 358 13.55 -44.26 18.49
C ASP I 358 12.49 -43.59 19.34
N ARG I 359 11.30 -44.19 19.36
CA ARG I 359 10.18 -43.56 20.05
C ARG I 359 9.12 -44.62 20.37
N GLU I 360 8.40 -44.39 21.45
CA GLU I 360 7.28 -45.23 21.85
C GLU I 360 6.23 -44.36 22.52
N LEU I 361 4.96 -44.69 22.28
CA LEU I 361 3.84 -43.90 22.80
C LEU I 361 2.77 -44.81 23.37
N LEU I 362 1.97 -44.23 24.26
CA LEU I 362 0.78 -44.90 24.78
C LEU I 362 -0.23 -43.83 25.20
N MET I 363 -1.49 -44.03 24.81
CA MET I 363 -2.60 -43.22 25.31
C MET I 363 -3.68 -44.16 25.79
N ILE I 364 -4.02 -44.05 27.08
CA ILE I 364 -4.94 -44.96 27.74
C ILE I 364 -6.07 -44.14 28.36
N VAL I 365 -7.29 -44.64 28.21
CA VAL I 365 -8.48 -43.99 28.74
C VAL I 365 -9.16 -44.92 29.73
N THR I 366 -9.75 -44.34 30.77
CA THR I 366 -10.43 -45.12 31.80
C THR I 366 -11.58 -44.32 32.40
N PRO I 367 -12.83 -44.64 32.06
CA PRO I 367 -13.96 -43.93 32.66
C PRO I 367 -14.49 -44.57 33.92
N HIS I 368 -14.85 -43.73 34.89
CA HIS I 368 -15.43 -44.16 36.15
C HIS I 368 -16.73 -43.43 36.40
N LEU I 369 -17.73 -44.15 36.91
CA LEU I 369 -18.94 -43.52 37.40
C LEU I 369 -18.72 -43.06 38.84
N VAL I 370 -19.05 -41.81 39.12
CA VAL I 370 -18.72 -41.18 40.39
C VAL I 370 -19.93 -40.44 40.93
N GLN I 371 -19.83 -40.06 42.20
CA GLN I 371 -20.85 -39.28 42.88
C GLN I 371 -20.17 -38.16 43.65
N PRO I 372 -20.90 -37.08 43.94
CA PRO I 372 -20.27 -35.94 44.62
C PRO I 372 -19.82 -36.31 46.03
N LEU I 373 -18.78 -35.62 46.49
CA LEU I 373 -18.37 -35.75 47.89
C LEU I 373 -19.49 -35.27 48.81
N ALA I 374 -19.62 -35.93 49.96
CA ALA I 374 -20.67 -35.59 50.89
C ALA I 374 -20.44 -34.21 51.49
N ALA I 375 -21.52 -33.63 52.02
CA ALA I 375 -21.44 -32.28 52.56
C ALA I 375 -20.43 -32.17 53.70
N ASP I 376 -20.24 -33.25 54.45
CA ASP I 376 -19.31 -33.26 55.57
C ASP I 376 -17.93 -33.76 55.20
N ALA I 377 -17.69 -34.08 53.94
CA ALA I 377 -16.44 -34.70 53.54
C ALA I 377 -15.29 -33.70 53.64
N GLN I 378 -14.12 -34.20 54.05
CA GLN I 378 -12.90 -33.41 53.99
C GLN I 378 -12.39 -33.43 52.55
N LEU I 379 -12.14 -32.24 52.01
CA LEU I 379 -11.79 -32.13 50.60
C LEU I 379 -10.41 -32.72 50.34
N PRO I 380 -10.17 -33.27 49.15
CA PRO I 380 -8.80 -33.62 48.77
C PRO I 380 -7.94 -32.37 48.71
N ASP I 381 -6.65 -32.54 48.99
CA ASP I 381 -5.74 -31.41 49.09
C ASP I 381 -4.36 -31.85 48.64
N LEU I 382 -3.50 -30.86 48.42
CA LEU I 382 -2.12 -31.03 48.03
C LEU I 382 -1.21 -30.37 49.06
N PRO I 383 0.04 -30.86 49.19
CA PRO I 383 0.92 -30.32 50.24
C PRO I 383 0.97 -28.80 50.24
N THR I 412 -1.96 -61.31 62.18
CA THR I 412 -1.29 -60.89 63.41
C THR I 412 -1.48 -59.39 63.65
N GLY I 413 -2.00 -58.69 62.64
CA GLY I 413 -2.25 -57.27 62.74
C GLY I 413 -1.15 -56.40 62.15
N LEU I 414 0.04 -56.97 61.96
CA LEU I 414 1.14 -56.21 61.39
C LEU I 414 0.88 -55.91 59.92
N SER I 415 1.61 -54.91 59.40
CA SER I 415 1.41 -54.45 58.03
C SER I 415 1.77 -55.52 57.00
N ASP I 416 2.65 -56.45 57.35
CA ASP I 416 3.32 -57.61 56.77
C ASP I 416 4.49 -57.16 55.90
N GLU J 28 18.33 -36.50 55.42
CA GLU J 28 17.89 -36.55 54.03
C GLU J 28 18.74 -37.54 53.23
N CYS J 29 18.30 -37.83 52.01
CA CYS J 29 18.99 -38.76 51.12
C CYS J 29 19.51 -37.98 49.93
N SER J 30 20.83 -37.74 49.90
CA SER J 30 21.45 -36.97 48.84
C SER J 30 22.03 -37.91 47.78
N GLN J 31 21.12 -38.67 47.17
CA GLN J 31 21.47 -39.60 46.11
C GLN J 31 20.29 -39.74 45.18
N GLN J 32 20.49 -39.42 43.91
CA GLN J 32 19.44 -39.53 42.90
C GLN J 32 19.98 -40.30 41.71
N LEU J 33 19.12 -41.13 41.12
CA LEU J 33 19.48 -41.98 40.00
C LEU J 33 18.88 -41.48 38.69
N GLY J 34 19.59 -41.75 37.60
CA GLY J 34 19.19 -41.22 36.31
C GLY J 34 17.94 -41.85 35.75
N GLN J 35 17.36 -41.18 34.76
CA GLN J 35 16.14 -41.63 34.10
C GLN J 35 16.31 -42.98 33.41
N GLU J 36 17.54 -43.49 33.34
CA GLU J 36 17.76 -44.83 32.81
C GLU J 36 17.65 -45.91 33.89
N GLN J 37 18.19 -45.64 35.08
CA GLN J 37 18.18 -46.59 36.19
C GLN J 37 17.12 -46.27 37.24
N GLU J 38 16.39 -45.17 37.08
CA GLU J 38 15.24 -44.85 37.94
C GLU J 38 13.93 -45.27 37.31
N LEU J 39 13.82 -45.12 35.99
CA LEU J 39 12.74 -45.74 35.24
C LEU J 39 12.72 -47.24 35.52
N GLN J 40 13.85 -47.78 35.99
CA GLN J 40 13.97 -49.18 36.36
C GLN J 40 13.45 -49.45 37.78
N MET J 41 13.78 -48.56 38.72
CA MET J 41 13.21 -48.68 40.06
C MET J 41 11.69 -48.58 40.03
N ASN J 42 11.13 -47.82 39.09
CA ASN J 42 9.68 -47.81 38.94
C ASN J 42 9.15 -49.21 38.66
N MET J 43 9.77 -49.92 37.70
CA MET J 43 9.37 -51.29 37.41
C MET J 43 9.58 -52.19 38.61
N VAL J 44 10.67 -51.97 39.35
CA VAL J 44 10.92 -52.75 40.56
C VAL J 44 9.76 -52.60 41.53
N ARG J 45 9.35 -51.35 41.79
CA ARG J 45 8.21 -51.11 42.67
C ARG J 45 6.95 -51.79 42.15
N ASP J 46 6.71 -51.69 40.84
CA ASP J 46 5.57 -52.37 40.24
C ASP J 46 5.58 -53.85 40.57
N MET J 47 6.75 -54.48 40.43
CA MET J 47 6.87 -55.90 40.77
C MET J 47 6.61 -56.13 42.25
N ILE J 48 7.13 -55.25 43.11
CA ILE J 48 6.95 -55.42 44.55
C ILE J 48 5.47 -55.47 44.90
N ARG J 49 4.71 -54.49 44.40
CA ARG J 49 3.29 -54.45 44.71
C ARG J 49 2.46 -55.42 43.86
N GLU J 50 3.05 -56.03 42.85
CA GLU J 50 2.36 -57.03 42.03
C GLU J 50 2.35 -58.41 42.67
N GLY J 51 3.08 -58.60 43.77
CA GLY J 51 3.31 -59.93 44.28
C GLY J 51 4.48 -60.65 43.65
N ARG J 52 5.23 -59.96 42.78
CA ARG J 52 6.40 -60.52 42.10
C ARG J 52 7.68 -60.16 42.81
N LEU J 53 7.67 -60.14 44.15
CA LEU J 53 8.84 -59.83 44.96
C LEU J 53 10.11 -60.46 44.40
N HIS J 54 10.02 -61.73 43.99
CA HIS J 54 11.21 -62.44 43.54
C HIS J 54 11.70 -61.89 42.20
N ALA J 55 10.77 -61.59 41.28
CA ALA J 55 11.15 -60.92 40.04
C ALA J 55 11.72 -59.54 40.30
N ALA J 56 11.15 -58.83 41.28
CA ALA J 56 11.72 -57.55 41.68
C ALA J 56 13.15 -57.72 42.19
N LEU J 57 13.39 -58.79 42.94
CA LEU J 57 14.75 -59.09 43.39
C LEU J 57 15.66 -59.33 42.21
N ALA J 58 15.18 -60.08 41.21
CA ALA J 58 15.97 -60.31 40.01
C ALA J 58 16.35 -58.98 39.35
N ASN J 59 15.35 -58.12 39.13
CA ASN J 59 15.61 -56.85 38.44
C ASN J 59 16.53 -55.95 39.26
N LEU J 60 16.39 -55.97 40.58
CA LEU J 60 17.32 -55.24 41.44
C LEU J 60 18.74 -55.78 41.30
N GLU J 61 18.88 -57.11 41.32
CA GLU J 61 20.18 -57.72 41.11
C GLU J 61 20.79 -57.27 39.79
N SER J 62 19.94 -57.06 38.77
CA SER J 62 20.42 -56.45 37.54
C SER J 62 21.00 -55.07 37.82
N MET J 63 20.32 -54.30 38.66
CA MET J 63 20.76 -52.94 38.98
C MET J 63 21.97 -52.98 39.91
N PRO J 64 22.69 -51.86 40.04
CA PRO J 64 23.97 -51.88 40.75
C PRO J 64 23.81 -52.19 42.22
N PRO J 65 24.57 -53.14 42.75
CA PRO J 65 24.59 -53.33 44.21
C PRO J 65 25.37 -52.22 44.89
N GLY J 66 24.91 -51.85 46.10
CA GLY J 66 25.44 -50.72 46.81
C GLY J 66 24.59 -49.47 46.70
N LEU J 67 23.65 -49.44 45.76
CA LEU J 67 22.70 -48.35 45.65
C LEU J 67 21.71 -48.42 46.81
N LEU J 68 21.69 -47.38 47.66
CA LEU J 68 20.88 -47.42 48.87
C LEU J 68 19.44 -47.82 48.56
N ASP J 69 18.85 -47.22 47.54
CA ASP J 69 17.47 -47.57 47.17
C ASP J 69 17.37 -49.06 46.84
N VAL J 70 18.26 -49.54 45.96
CA VAL J 70 18.25 -50.96 45.61
C VAL J 70 18.54 -51.81 46.82
N ARG J 71 19.42 -51.36 47.71
CA ARG J 71 19.75 -52.14 48.89
C ARG J 71 18.53 -52.32 49.79
N GLU J 72 17.82 -51.22 50.07
CA GLU J 72 16.65 -51.32 50.94
C GLU J 72 15.52 -52.10 50.28
N GLU J 73 15.33 -51.93 48.97
CA GLU J 73 14.30 -52.70 48.29
C GLU J 73 14.61 -54.19 48.36
N ARG J 74 15.87 -54.56 48.11
CA ARG J 74 16.28 -55.94 48.22
C ARG J 74 16.04 -56.47 49.62
N ALA J 75 16.39 -55.68 50.64
CA ALA J 75 16.16 -56.11 52.02
C ALA J 75 14.68 -56.37 52.29
N LEU J 76 13.82 -55.46 51.80
CA LEU J 76 12.38 -55.66 51.93
C LEU J 76 11.97 -57.01 51.34
N ILE J 77 12.39 -57.26 50.11
CA ILE J 77 12.03 -58.52 49.45
C ILE J 77 12.56 -59.71 50.25
N LEU J 78 13.82 -59.65 50.67
CA LEU J 78 14.43 -60.76 51.40
C LEU J 78 13.67 -61.05 52.68
N ARG J 79 13.32 -60.00 53.44
CA ARG J 79 12.59 -60.22 54.68
C ARG J 79 11.22 -60.83 54.42
N ARG J 80 10.51 -60.33 53.40
CA ARG J 80 9.17 -60.86 53.15
C ARG J 80 9.22 -62.31 52.66
N ILE J 81 10.19 -62.65 51.83
CA ILE J 81 10.25 -64.00 51.26
C ILE J 81 10.89 -65.02 52.19
N GLY J 82 11.52 -64.57 53.27
CA GLY J 82 12.13 -65.47 54.22
C GLY J 82 13.62 -65.70 54.05
N ASP J 83 14.29 -64.90 53.20
CA ASP J 83 15.71 -65.08 53.01
C ASP J 83 16.46 -64.71 54.30
N PRO J 84 17.66 -65.27 54.50
CA PRO J 84 18.43 -64.98 55.72
C PRO J 84 19.30 -63.74 55.63
N ARG J 85 19.40 -63.10 54.46
CA ARG J 85 20.28 -61.96 54.28
C ARG J 85 19.60 -60.63 54.54
N ALA J 86 18.27 -60.61 54.64
CA ALA J 86 17.57 -59.36 54.96
C ALA J 86 18.13 -58.73 56.23
N ARG J 87 18.48 -59.57 57.22
CA ARG J 87 19.03 -59.05 58.47
C ARG J 87 20.27 -58.19 58.20
N ALA J 88 21.23 -58.74 57.46
CA ALA J 88 22.45 -58.00 57.16
C ALA J 88 22.17 -56.77 56.32
N GLU J 89 21.25 -56.88 55.35
CA GLU J 89 20.92 -55.73 54.51
C GLU J 89 20.40 -54.58 55.37
N TYR J 90 19.43 -54.86 56.23
CA TYR J 90 18.96 -53.84 57.17
C TYR J 90 20.11 -53.32 58.02
N GLN J 91 20.96 -54.23 58.51
CA GLN J 91 22.07 -53.82 59.37
C GLN J 91 22.97 -52.81 58.68
N ALA J 92 23.37 -53.10 57.43
CA ALA J 92 24.24 -52.19 56.71
C ALA J 92 23.57 -50.84 56.49
N LEU J 93 22.27 -50.85 56.17
CA LEU J 93 21.55 -49.62 55.87
C LEU J 93 21.26 -48.78 57.10
N LEU J 94 21.43 -49.32 58.30
CA LEU J 94 21.25 -48.51 59.51
C LEU J 94 22.18 -47.31 59.52
N GLU J 95 23.38 -47.44 58.95
CA GLU J 95 24.39 -46.40 58.98
C GLU J 95 24.37 -45.52 57.73
N THR J 96 23.21 -45.40 57.08
CA THR J 96 23.06 -44.63 55.85
C THR J 96 21.81 -43.75 55.96
N CYS J 97 21.52 -43.01 54.89
CA CYS J 97 20.27 -42.25 54.84
C CYS J 97 19.07 -43.18 54.95
N LYS J 98 19.24 -44.45 54.59
CA LYS J 98 18.17 -45.43 54.76
C LYS J 98 18.21 -45.99 56.18
N ALA J 99 18.20 -45.10 57.17
CA ALA J 99 18.20 -45.49 58.58
C ALA J 99 16.80 -45.91 59.05
N PRO J 100 15.79 -45.04 58.93
CA PRO J 100 14.46 -45.40 59.46
C PRO J 100 13.98 -46.77 59.02
N GLU J 101 14.04 -47.06 57.72
CA GLU J 101 13.51 -48.33 57.24
C GLU J 101 14.40 -49.50 57.66
N ALA J 102 15.70 -49.26 57.86
CA ALA J 102 16.57 -50.32 58.38
C ALA J 102 16.19 -50.68 59.82
N HIS J 103 16.00 -49.66 60.66
CA HIS J 103 15.53 -49.93 62.02
C HIS J 103 14.20 -50.66 62.00
N HIS J 104 13.28 -50.21 61.13
CA HIS J 104 11.97 -50.86 61.04
C HIS J 104 12.09 -52.31 60.59
N GLY J 105 12.98 -52.58 59.63
CA GLY J 105 13.22 -53.93 59.17
C GLY J 105 13.75 -54.84 60.26
N LEU J 106 14.76 -54.35 61.00
CA LEU J 106 15.27 -55.14 62.11
C LEU J 106 14.18 -55.38 63.17
N GLY J 107 13.35 -54.38 63.43
CA GLY J 107 12.23 -54.56 64.33
C GLY J 107 11.26 -55.63 63.87
N LEU J 108 10.88 -55.59 62.59
CA LEU J 108 10.00 -56.62 62.06
C LEU J 108 10.65 -57.99 62.09
N LEU J 109 11.97 -58.07 61.90
CA LEU J 109 12.67 -59.34 62.08
C LEU J 109 12.52 -59.84 63.50
N ALA J 110 12.77 -58.97 64.49
CA ALA J 110 12.60 -59.35 65.88
C ALA J 110 11.17 -59.83 66.14
N LEU J 111 10.18 -59.15 65.56
CA LEU J 111 8.80 -59.61 65.69
C LEU J 111 8.60 -60.99 65.08
N ARG J 112 9.18 -61.22 63.90
CA ARG J 112 9.09 -62.55 63.28
C ARG J 112 9.66 -63.62 64.18
N ASN J 113 10.81 -63.33 64.82
CA ASN J 113 11.39 -64.26 65.77
C ASN J 113 10.60 -64.36 67.07
N GLY J 114 9.65 -63.45 67.29
CA GLY J 114 8.88 -63.43 68.52
C GLY J 114 9.51 -62.65 69.65
N ASP J 115 10.74 -62.16 69.47
CA ASP J 115 11.44 -61.39 70.50
C ASP J 115 10.90 -59.96 70.49
N SER J 116 9.74 -59.79 71.13
CA SER J 116 9.09 -58.48 71.16
C SER J 116 9.91 -57.45 71.94
N ALA J 117 10.80 -57.88 72.82
CA ALA J 117 11.54 -56.96 73.68
C ALA J 117 12.30 -55.93 72.87
N ARG J 118 13.26 -56.39 72.06
CA ARG J 118 14.02 -55.47 71.22
C ARG J 118 13.20 -54.97 70.03
N ALA J 119 12.16 -55.71 69.64
CA ALA J 119 11.31 -55.26 68.54
C ALA J 119 10.63 -53.94 68.89
N VAL J 120 10.12 -53.83 70.12
CA VAL J 120 9.48 -52.59 70.54
C VAL J 120 10.48 -51.45 70.52
N LEU J 121 11.70 -51.68 71.00
CA LEU J 121 12.72 -50.64 71.00
C LEU J 121 13.03 -50.16 69.60
N GLU J 122 13.27 -51.09 68.67
CA GLU J 122 13.62 -50.71 67.31
C GLU J 122 12.45 -50.02 66.61
N LEU J 123 11.22 -50.50 66.84
CA LEU J 123 10.06 -49.85 66.26
C LEU J 123 9.88 -48.44 66.81
N ARG J 124 10.14 -48.25 68.11
CA ARG J 124 10.11 -46.90 68.67
C ARG J 124 11.13 -46.01 67.99
N GLU J 125 12.35 -46.50 67.81
CA GLU J 125 13.38 -45.71 67.14
C GLU J 125 12.94 -45.32 65.73
N ALA J 126 12.44 -46.30 64.98
CA ALA J 126 12.02 -46.03 63.61
C ALA J 126 10.88 -45.03 63.56
N ALA J 127 9.85 -45.24 64.38
CA ALA J 127 8.73 -44.31 64.42
C ALA J 127 9.19 -42.91 64.84
N ARG J 128 10.24 -42.82 65.65
CA ARG J 128 10.76 -41.50 66.00
C ARG J 128 11.42 -40.83 64.81
N LEU J 129 12.34 -41.53 64.15
CA LEU J 129 13.17 -40.89 63.12
C LEU J 129 12.34 -40.44 61.93
N ARG J 130 11.35 -41.23 61.50
CA ARG J 130 10.43 -40.84 60.43
C ARG J 130 9.01 -41.03 60.96
N PRO J 131 8.43 -40.01 61.59
CA PRO J 131 7.16 -40.22 62.28
C PRO J 131 5.96 -40.43 61.38
N THR J 132 5.87 -39.71 60.26
CA THR J 132 4.64 -39.71 59.48
C THR J 132 4.33 -41.05 58.85
N GLU J 133 5.27 -42.00 58.89
CA GLU J 133 5.05 -43.30 58.27
C GLU J 133 3.96 -44.07 59.01
N SER J 134 2.78 -44.17 58.40
CA SER J 134 1.66 -44.89 59.02
C SER J 134 2.04 -46.34 59.30
N ARG J 135 2.74 -46.97 58.36
CA ARG J 135 3.16 -48.36 58.55
C ARG J 135 4.00 -48.53 59.82
N PHE J 136 4.97 -47.63 60.03
CA PHE J 136 5.80 -47.70 61.22
C PHE J 136 4.96 -47.56 62.49
N ARG J 137 4.04 -46.59 62.49
CA ARG J 137 3.21 -46.37 63.67
C ARG J 137 2.33 -47.57 63.97
N ASN J 138 1.72 -48.15 62.94
CA ASN J 138 0.84 -49.29 63.15
C ASN J 138 1.61 -50.54 63.57
N ASP J 139 2.87 -50.67 63.14
CA ASP J 139 3.69 -51.78 63.62
C ASP J 139 4.14 -51.56 65.06
N LEU J 140 4.56 -50.34 65.39
CA LEU J 140 4.99 -50.04 66.74
C LEU J 140 3.84 -50.21 67.73
N GLY J 141 2.62 -49.83 67.34
CA GLY J 141 1.49 -50.04 68.22
C GLY J 141 1.24 -51.51 68.53
N VAL J 142 1.33 -52.36 67.50
CA VAL J 142 1.17 -53.79 67.70
C VAL J 142 2.28 -54.32 68.60
N ALA J 143 3.51 -53.87 68.38
CA ALA J 143 4.62 -54.31 69.23
C ALA J 143 4.38 -53.92 70.69
N LEU J 144 3.92 -52.68 70.93
CA LEU J 144 3.62 -52.27 72.29
C LEU J 144 2.50 -53.10 72.89
N LEU J 145 1.43 -53.30 72.14
CA LEU J 145 0.31 -54.11 72.61
C LEU J 145 0.78 -55.50 73.03
N LYS J 146 1.64 -56.11 72.22
CA LYS J 146 2.23 -57.39 72.59
C LYS J 146 3.08 -57.27 73.85
N ARG J 147 3.83 -56.17 73.97
CA ARG J 147 4.74 -55.99 75.10
C ARG J 147 4.03 -55.58 76.38
N GLY J 148 2.83 -55.01 76.29
CA GLY J 148 2.01 -54.70 77.44
C GLY J 148 1.82 -53.23 77.73
N ASP J 149 2.52 -52.34 77.04
CA ASP J 149 2.32 -50.90 77.22
C ASP J 149 1.03 -50.49 76.50
N ARG J 150 -0.10 -50.79 77.15
CA ARG J 150 -1.40 -50.59 76.52
C ARG J 150 -1.67 -49.11 76.23
N VAL J 151 -1.27 -48.22 77.14
CA VAL J 151 -1.48 -46.80 76.90
C VAL J 151 -0.61 -46.32 75.73
N GLY J 152 0.66 -46.73 75.71
CA GLY J 152 1.51 -46.41 74.58
C GLY J 152 1.05 -47.06 73.29
N ALA J 153 0.54 -48.29 73.40
CA ALA J 153 0.00 -48.96 72.22
C ALA J 153 -1.21 -48.20 71.68
N ARG J 154 -2.07 -47.70 72.57
CA ARG J 154 -3.19 -46.87 72.13
C ARG J 154 -2.70 -45.60 71.46
N PHE J 155 -1.68 -44.96 72.04
CA PHE J 155 -1.09 -43.77 71.44
C PHE J 155 -0.65 -44.07 70.00
N GLU J 156 0.12 -45.14 69.82
CA GLU J 156 0.69 -45.44 68.51
C GLU J 156 -0.39 -45.86 67.52
N PHE J 157 -1.36 -46.66 67.97
CA PHE J 157 -2.45 -47.06 67.09
C PHE J 157 -3.27 -45.86 66.65
N ILE J 158 -3.52 -44.91 67.57
CA ILE J 158 -4.26 -43.71 67.19
C ILE J 158 -3.45 -42.89 66.19
N THR J 159 -2.13 -42.78 66.41
CA THR J 159 -1.31 -42.06 65.43
C THR J 159 -1.44 -42.70 64.05
N ALA J 160 -1.31 -44.02 63.98
CA ALA J 160 -1.40 -44.71 62.69
C ALA J 160 -2.78 -44.53 62.07
N LEU J 161 -3.84 -44.69 62.86
CA LEU J 161 -5.19 -44.57 62.34
C LEU J 161 -5.49 -43.16 61.85
N GLU J 162 -4.92 -42.14 62.51
CA GLU J 162 -5.11 -40.77 62.07
C GLU J 162 -4.31 -40.49 60.81
N LEU J 163 -3.09 -41.00 60.73
CA LEU J 163 -2.27 -40.80 59.53
C LEU J 163 -2.98 -41.34 58.28
N GLN J 164 -3.41 -42.60 58.35
CA GLN J 164 -4.10 -43.21 57.22
C GLN J 164 -5.50 -42.60 57.08
N GLN J 165 -5.96 -42.51 55.83
CA GLN J 165 -7.26 -41.90 55.51
C GLN J 165 -8.37 -42.85 55.94
N GLY J 166 -8.63 -42.86 57.25
CA GLY J 166 -9.62 -43.74 57.83
C GLY J 166 -9.08 -45.06 58.33
N GLY J 167 -8.01 -45.55 57.72
CA GLY J 167 -7.37 -46.78 58.16
C GLY J 167 -8.12 -48.04 57.80
N LYS J 168 -7.37 -49.10 57.51
CA LYS J 168 -7.92 -50.44 57.37
C LYS J 168 -7.36 -51.38 58.42
N LEU J 169 -6.05 -51.47 58.53
CA LEU J 169 -5.42 -52.24 59.60
C LEU J 169 -5.45 -51.43 60.89
N PRO J 170 -5.10 -50.14 60.87
CA PRO J 170 -5.17 -49.35 62.10
C PRO J 170 -6.51 -49.35 62.81
N ALA J 171 -7.60 -49.28 62.04
CA ALA J 171 -8.93 -49.18 62.66
C ALA J 171 -9.23 -50.41 63.49
N THR J 172 -9.02 -51.60 62.93
CA THR J 172 -9.21 -52.82 63.70
C THR J 172 -8.09 -53.08 64.68
N ASN J 173 -6.94 -52.42 64.50
CA ASN J 173 -5.87 -52.50 65.50
C ASN J 173 -6.22 -51.75 66.77
N LEU J 174 -7.02 -50.69 66.66
CA LEU J 174 -7.55 -50.04 67.85
C LEU J 174 -8.84 -50.68 68.35
N LEU J 175 -9.66 -51.21 67.45
CA LEU J 175 -10.86 -51.93 67.87
C LEU J 175 -10.51 -53.14 68.72
N GLY J 176 -9.54 -53.95 68.27
CA GLY J 176 -9.14 -55.12 69.05
C GLY J 176 -8.45 -54.76 70.34
N LEU J 177 -7.71 -53.64 70.36
CA LEU J 177 -7.16 -53.15 71.61
C LEU J 177 -8.28 -52.79 72.59
N LEU J 178 -9.31 -52.12 72.09
CA LEU J 178 -10.48 -51.82 72.93
C LEU J 178 -11.14 -53.10 73.43
N TYR J 179 -11.30 -54.08 72.55
CA TYR J 179 -11.89 -55.36 72.94
C TYR J 179 -11.07 -56.01 74.04
N LEU J 180 -9.75 -56.05 73.89
CA LEU J 180 -8.88 -56.53 74.95
C LEU J 180 -9.09 -55.73 76.23
N GLN J 181 -9.37 -54.44 76.11
CA GLN J 181 -9.61 -53.60 77.27
C GLN J 181 -11.05 -53.65 77.76
N GLY J 182 -11.96 -54.26 77.02
CA GLY J 182 -13.31 -54.51 77.49
C GLY J 182 -14.29 -53.37 77.30
N ASP J 183 -13.86 -52.24 76.75
CA ASP J 183 -14.78 -51.13 76.52
C ASP J 183 -15.66 -51.42 75.31
N ARG J 184 -16.64 -52.30 75.50
CA ARG J 184 -17.46 -52.75 74.39
C ARG J 184 -18.24 -51.60 73.75
N GLU J 185 -18.78 -50.70 74.57
CA GLU J 185 -19.57 -49.59 74.01
C GLU J 185 -18.67 -48.57 73.31
N ASP J 186 -17.45 -48.35 73.79
CA ASP J 186 -16.51 -47.52 73.04
C ASP J 186 -16.15 -48.19 71.71
N ALA J 187 -15.95 -49.50 71.73
CA ALA J 187 -15.71 -50.22 70.49
C ALA J 187 -16.88 -50.06 69.53
N GLN J 188 -18.12 -50.12 70.04
CA GLN J 188 -19.29 -49.92 69.20
C GLN J 188 -19.37 -48.49 68.67
N ARG J 189 -18.98 -47.52 69.50
CA ARG J 189 -18.83 -46.16 69.03
C ARG J 189 -17.91 -46.11 67.81
N LEU J 190 -16.80 -46.82 67.87
CA LEU J 190 -15.91 -46.86 66.71
C LEU J 190 -16.53 -47.62 65.54
N ILE J 191 -17.30 -48.67 65.83
CA ILE J 191 -18.01 -49.39 64.76
C ILE J 191 -18.88 -48.42 63.99
N GLU J 192 -19.62 -47.58 64.71
CA GLU J 192 -20.48 -46.59 64.05
C GLU J 192 -19.66 -45.56 63.30
N ARG J 193 -18.65 -44.97 63.98
CA ARG J 193 -17.89 -43.89 63.37
C ARG J 193 -17.13 -44.35 62.13
N LEU J 194 -16.30 -45.37 62.27
CA LEU J 194 -15.56 -45.93 61.15
C LEU J 194 -16.47 -46.56 60.11
N GLN J 195 -17.71 -46.90 60.49
CA GLN J 195 -18.63 -47.64 59.63
C GLN J 195 -18.09 -49.05 59.33
N LEU J 196 -17.58 -49.71 60.36
CA LEU J 196 -17.05 -51.05 60.21
C LEU J 196 -18.15 -52.03 59.83
N ASP J 197 -17.75 -53.09 59.14
CA ASP J 197 -18.65 -54.14 58.70
C ASP J 197 -18.32 -55.45 59.40
N ALA J 198 -19.31 -56.33 59.49
CA ALA J 198 -19.10 -57.62 60.13
C ALA J 198 -17.96 -58.40 59.49
N ARG J 199 -17.78 -58.24 58.17
CA ARG J 199 -16.65 -58.85 57.49
C ARG J 199 -15.33 -58.46 58.16
N ASP J 200 -15.28 -57.26 58.73
CA ASP J 200 -14.12 -56.85 59.51
C ASP J 200 -14.27 -57.11 61.00
N ILE J 201 -15.50 -57.27 61.49
CA ILE J 201 -15.68 -57.61 62.90
C ILE J 201 -15.14 -58.99 63.20
N ARG J 202 -15.33 -59.94 62.28
CA ARG J 202 -14.77 -61.27 62.48
C ARG J 202 -13.26 -61.22 62.63
N ALA J 203 -12.58 -60.53 61.70
CA ALA J 203 -11.14 -60.40 61.81
C ALA J 203 -10.76 -59.60 63.06
N ALA J 204 -11.60 -58.66 63.48
CA ALA J 204 -11.31 -57.89 64.67
C ALA J 204 -11.27 -58.79 65.90
N GLU J 205 -12.27 -59.64 66.07
CA GLU J 205 -12.25 -60.56 67.20
C GLU J 205 -11.10 -61.55 67.08
N ALA J 206 -10.81 -62.00 65.85
CA ALA J 206 -9.69 -62.92 65.66
C ALA J 206 -8.38 -62.29 66.11
N ARG J 207 -8.12 -61.05 65.71
CA ARG J 207 -6.88 -60.40 66.10
C ARG J 207 -6.88 -60.04 67.58
N ALA J 208 -8.05 -59.71 68.14
CA ALA J 208 -8.14 -59.48 69.59
C ALA J 208 -7.70 -60.73 70.34
N ARG J 209 -8.15 -61.90 69.90
CA ARG J 209 -7.64 -63.14 70.46
C ARG J 209 -6.14 -63.28 70.21
N SER J 210 -5.69 -62.91 69.00
CA SER J 210 -4.26 -63.00 68.69
C SER J 210 -3.42 -62.21 69.69
N TRP J 211 -3.80 -60.95 69.92
CA TRP J 211 -3.07 -60.15 70.90
C TRP J 211 -3.19 -60.76 72.29
N GLY J 212 -2.09 -60.74 73.03
CA GLY J 212 -2.06 -61.29 74.37
C GLY J 212 -1.45 -62.67 74.41
N PRO K 131 -17.59 -58.54 19.03
CA PRO K 131 -17.03 -57.20 19.21
C PRO K 131 -17.38 -56.25 18.07
N ASN K 132 -17.58 -54.97 18.41
CA ASN K 132 -17.92 -53.95 17.44
C ASN K 132 -16.87 -52.84 17.37
N GLN K 133 -15.68 -53.10 17.89
CA GLN K 133 -14.60 -52.12 17.92
C GLN K 133 -13.36 -52.71 17.29
N VAL K 134 -12.65 -51.88 16.52
CA VAL K 134 -11.57 -52.34 15.65
C VAL K 134 -10.28 -51.62 16.05
N GLN K 135 -9.21 -52.39 16.19
CA GLN K 135 -7.86 -51.87 16.33
C GLN K 135 -7.13 -52.11 15.02
N THR K 136 -6.61 -51.04 14.43
CA THR K 136 -5.95 -51.10 13.13
C THR K 136 -4.46 -50.88 13.32
N ASP K 137 -3.66 -51.83 12.84
CA ASP K 137 -2.21 -51.75 12.94
C ASP K 137 -1.62 -51.45 11.56
N ILE K 138 -0.84 -50.38 11.48
CA ILE K 138 -0.15 -49.99 10.26
C ILE K 138 1.33 -50.32 10.42
N ARG K 139 1.95 -50.74 9.33
CA ARG K 139 3.37 -51.06 9.32
C ARG K 139 4.00 -50.45 8.08
N PHE K 140 4.91 -49.50 8.29
CA PHE K 140 5.55 -48.77 7.21
C PHE K 140 7.06 -48.95 7.28
N VAL K 141 7.67 -49.21 6.14
CA VAL K 141 9.11 -49.40 6.05
C VAL K 141 9.60 -48.70 4.79
N GLU K 142 10.73 -47.99 4.91
CA GLU K 142 11.37 -47.37 3.76
C GLU K 142 12.88 -47.56 3.89
N VAL K 143 13.50 -48.00 2.79
CA VAL K 143 14.94 -48.14 2.71
C VAL K 143 15.41 -47.42 1.45
N SER K 144 16.45 -46.61 1.59
CA SER K 144 16.98 -45.86 0.46
C SER K 144 18.49 -45.82 0.55
N ARG K 145 19.13 -45.87 -0.62
CA ARG K 145 20.58 -45.82 -0.71
C ARG K 145 20.96 -44.82 -1.81
N SER K 146 22.15 -44.24 -1.68
CA SER K 146 22.62 -43.26 -2.65
C SER K 146 24.13 -43.37 -2.76
N LYS K 147 24.64 -42.92 -3.90
CA LYS K 147 26.08 -42.83 -4.13
C LYS K 147 26.36 -41.55 -4.89
N LEU K 148 27.60 -41.06 -4.77
CA LEU K 148 27.98 -39.79 -5.36
C LEU K 148 29.48 -39.83 -5.67
N LYS K 149 29.85 -39.41 -6.87
CA LYS K 149 31.24 -39.32 -7.27
C LYS K 149 31.45 -38.04 -8.07
N GLN K 150 32.66 -37.51 -7.99
CA GLN K 150 33.04 -36.33 -8.76
C GLN K 150 34.56 -36.20 -8.72
N ALA K 151 35.10 -35.51 -9.73
CA ALA K 151 36.53 -35.28 -9.81
C ALA K 151 36.81 -34.17 -10.79
N SER K 152 37.79 -33.33 -10.46
CA SER K 152 38.21 -32.25 -11.34
C SER K 152 39.61 -31.82 -10.92
N THR K 153 40.32 -31.18 -11.85
CA THR K 153 41.69 -30.77 -11.63
C THR K 153 41.97 -29.47 -12.36
N SER K 154 42.79 -28.63 -11.74
CA SER K 154 43.23 -27.37 -12.33
C SER K 154 44.63 -27.07 -11.84
N PHE K 155 45.35 -26.24 -12.60
CA PHE K 155 46.72 -25.91 -12.23
C PHE K 155 47.12 -24.59 -12.88
N VAL K 156 48.22 -24.03 -12.38
CA VAL K 156 48.80 -22.79 -12.89
C VAL K 156 50.31 -22.92 -12.84
N ARG K 157 50.98 -22.21 -13.75
CA ARG K 157 52.43 -22.18 -13.80
C ARG K 157 52.89 -20.75 -14.06
N ARG K 158 54.12 -20.47 -13.64
CA ARG K 158 54.64 -19.10 -13.66
C ARG K 158 56.11 -19.13 -14.05
N GLY K 159 56.64 -17.93 -14.35
CA GLY K 159 58.04 -17.76 -14.65
C GLY K 159 58.30 -17.62 -16.14
N GLY K 160 58.49 -16.40 -16.60
CA GLY K 160 58.71 -16.16 -18.02
C GLY K 160 57.47 -16.47 -18.82
N ASN K 161 57.14 -17.75 -18.90
CA ASN K 161 55.89 -18.22 -19.47
C ASN K 161 54.79 -18.19 -18.42
N LEU K 162 53.55 -18.42 -18.87
CA LEU K 162 52.42 -18.55 -17.97
C LEU K 162 51.44 -19.53 -18.60
N TRP K 163 50.99 -20.50 -17.81
CA TRP K 163 50.01 -21.49 -18.26
C TRP K 163 48.90 -21.60 -17.25
N VAL K 164 47.69 -21.87 -17.74
CA VAL K 164 46.53 -22.05 -16.90
C VAL K 164 45.62 -23.08 -17.56
N LEU K 165 45.04 -23.96 -16.73
CA LEU K 165 44.03 -24.91 -17.19
C LEU K 165 42.95 -24.96 -16.12
N GLY K 166 41.82 -24.30 -16.39
CA GLY K 166 40.72 -24.26 -15.46
C GLY K 166 39.63 -25.22 -15.86
N ALA K 167 39.31 -26.14 -14.95
CA ALA K 167 38.24 -27.08 -15.20
C ALA K 167 36.89 -26.35 -15.19
N PRO K 168 35.86 -26.96 -15.79
CA PRO K 168 34.57 -26.25 -15.91
C PRO K 168 34.10 -25.67 -14.58
N GLY K 169 33.90 -24.35 -14.55
CA GLY K 169 33.42 -23.68 -13.37
C GLY K 169 34.47 -23.38 -12.32
N SER K 170 35.73 -23.70 -12.56
CA SER K 170 36.78 -23.52 -11.56
C SER K 170 37.44 -22.15 -11.63
N LEU K 171 37.61 -21.59 -12.83
CA LEU K 171 38.39 -20.39 -13.04
C LEU K 171 37.56 -19.12 -13.05
N GLY K 172 36.26 -19.21 -12.81
CA GLY K 172 35.40 -18.03 -12.88
C GLY K 172 35.74 -16.95 -11.89
N ASP K 173 36.53 -17.27 -10.86
CA ASP K 173 36.80 -16.31 -9.79
C ASP K 173 37.84 -15.27 -10.18
N ILE K 174 38.58 -15.47 -11.27
CA ILE K 174 39.81 -14.74 -11.54
C ILE K 174 39.71 -14.03 -12.88
N LYS K 175 40.28 -12.82 -12.93
CA LYS K 175 40.47 -12.07 -14.15
C LYS K 175 41.96 -11.74 -14.29
N VAL K 176 42.44 -11.70 -15.53
CA VAL K 176 43.84 -11.43 -15.82
C VAL K 176 43.96 -9.99 -16.30
N ASN K 177 45.06 -9.34 -15.94
CA ASN K 177 45.21 -7.91 -16.22
C ASN K 177 45.45 -7.67 -17.70
N ALA K 178 45.37 -6.40 -18.09
CA ALA K 178 45.47 -6.03 -19.50
C ALA K 178 46.85 -6.36 -20.06
N ASP K 179 47.91 -6.17 -19.28
CA ASP K 179 49.27 -6.33 -19.78
C ASP K 179 49.78 -7.76 -19.66
N GLY K 180 48.97 -8.68 -19.15
CA GLY K 180 49.36 -10.08 -19.13
C GLY K 180 50.51 -10.40 -18.21
N SER K 181 50.78 -9.57 -17.21
CA SER K 181 51.89 -9.81 -16.30
C SER K 181 51.54 -10.83 -15.21
N GLY K 182 50.27 -11.11 -15.01
CA GLY K 182 49.87 -12.05 -13.98
C GLY K 182 48.38 -11.99 -13.74
N LEU K 183 47.90 -12.99 -13.01
CA LEU K 183 46.48 -13.06 -12.68
C LEU K 183 46.13 -12.00 -11.62
N GLY K 184 44.86 -11.61 -11.62
CA GLY K 184 44.40 -10.57 -10.72
C GLY K 184 43.22 -10.97 -9.85
N GLY K 185 43.13 -12.25 -9.50
CA GLY K 185 42.04 -12.73 -8.66
C GLY K 185 42.50 -13.81 -7.72
N THR K 186 41.61 -14.19 -6.81
CA THR K 186 41.86 -15.21 -5.81
C THR K 186 41.09 -16.48 -6.15
N PHE K 187 41.77 -17.62 -6.08
CA PHE K 187 41.14 -18.90 -6.40
C PHE K 187 40.16 -19.30 -5.31
N GLY K 188 39.09 -19.98 -5.70
CA GLY K 188 38.12 -20.53 -4.78
C GLY K 188 38.23 -22.03 -4.65
N THR K 189 37.26 -22.60 -3.93
CA THR K 189 37.24 -24.03 -3.65
C THR K 189 35.84 -24.58 -3.89
N GLY K 190 35.78 -25.80 -4.41
CA GLY K 190 34.51 -26.50 -4.50
C GLY K 190 34.04 -26.94 -3.13
N SER K 191 32.78 -26.65 -2.82
CA SER K 191 32.28 -26.86 -1.47
C SER K 191 32.02 -28.34 -1.17
N SER K 192 31.47 -29.07 -2.15
CA SER K 192 30.86 -30.36 -1.85
C SER K 192 31.85 -31.48 -1.55
N GLY K 193 33.09 -31.40 -2.05
CA GLY K 193 34.02 -32.50 -1.97
C GLY K 193 35.31 -32.12 -1.29
N PHE K 194 36.15 -33.13 -1.09
CA PHE K 194 37.49 -32.90 -0.55
C PHE K 194 38.28 -32.01 -1.50
N ASN K 195 38.91 -30.98 -0.95
CA ASN K 195 39.72 -30.05 -1.73
C ASN K 195 41.18 -30.24 -1.33
N LEU K 196 42.02 -30.57 -2.31
CA LEU K 196 43.46 -30.68 -2.12
C LEU K 196 44.15 -29.62 -2.97
N ILE K 197 45.13 -28.95 -2.36
CA ILE K 197 45.89 -27.90 -3.01
C ILE K 197 47.36 -28.18 -2.84
N PHE K 198 48.16 -27.68 -3.77
CA PHE K 198 49.61 -27.83 -3.72
C PHE K 198 50.25 -26.60 -4.33
N GLY K 199 50.92 -25.80 -3.49
CA GLY K 199 51.78 -24.74 -3.98
C GLY K 199 53.21 -25.20 -3.98
N GLY K 200 53.85 -25.13 -5.15
CA GLY K 200 55.20 -25.64 -5.31
C GLY K 200 56.13 -24.62 -5.94
N GLY K 201 55.95 -23.35 -5.57
CA GLY K 201 56.74 -22.29 -6.16
C GLY K 201 56.11 -21.78 -7.43
N LYS K 202 56.69 -22.14 -8.57
CA LYS K 202 56.08 -21.81 -9.85
C LYS K 202 54.77 -22.56 -10.04
N TRP K 203 54.77 -23.86 -9.78
CA TRP K 203 53.56 -24.67 -9.93
C TRP K 203 52.54 -24.34 -8.86
N LEU K 204 51.27 -24.44 -9.23
CA LEU K 204 50.16 -24.32 -8.30
C LEU K 204 49.00 -25.13 -8.86
N SER K 205 48.44 -26.03 -8.05
CA SER K 205 47.45 -26.97 -8.51
C SER K 205 46.33 -27.11 -7.48
N PHE K 206 45.16 -27.50 -7.97
CA PHE K 206 44.00 -27.75 -7.14
C PHE K 206 43.32 -29.02 -7.64
N MET K 207 42.72 -29.76 -6.70
CA MET K 207 42.03 -30.99 -7.04
C MET K 207 40.81 -31.13 -6.14
N ASN K 208 39.66 -31.42 -6.74
CA ASN K 208 38.43 -31.71 -6.02
C ASN K 208 38.01 -33.13 -6.36
N ALA K 209 37.73 -33.93 -5.33
CA ALA K 209 37.34 -35.31 -5.53
C ALA K 209 36.44 -35.75 -4.39
N LEU K 210 35.64 -36.77 -4.67
CA LEU K 210 34.72 -37.33 -3.68
C LEU K 210 34.13 -38.61 -4.23
N GLU K 211 34.03 -39.63 -3.38
CA GLU K 211 33.18 -40.78 -3.63
C GLU K 211 32.47 -41.10 -2.32
N GLY K 212 31.17 -40.81 -2.25
CA GLY K 212 30.44 -40.96 -1.02
C GLY K 212 29.16 -41.75 -1.22
N SER K 213 28.68 -42.31 -0.13
CA SER K 213 27.48 -43.14 -0.14
C SER K 213 26.66 -42.83 1.10
N GLY K 214 25.36 -43.07 0.99
CA GLY K 214 24.45 -42.82 2.09
C GLY K 214 23.46 -43.95 2.24
N PHE K 215 22.98 -44.11 3.46
CA PHE K 215 21.98 -45.12 3.79
C PHE K 215 20.96 -44.52 4.74
N ALA K 216 19.69 -44.81 4.49
CA ALA K 216 18.60 -44.30 5.32
C ALA K 216 17.59 -45.41 5.54
N TYR K 217 17.05 -45.46 6.75
CA TYR K 217 16.07 -46.47 7.13
C TYR K 217 15.01 -45.83 7.99
N THR K 218 13.76 -46.24 7.78
CA THR K 218 12.63 -45.69 8.52
C THR K 218 11.63 -46.81 8.81
N LEU K 219 11.08 -46.79 10.03
CA LEU K 219 10.09 -47.76 10.45
C LEU K 219 9.08 -47.07 11.35
N ALA K 220 7.80 -47.35 11.10
CA ALA K 220 6.73 -46.76 11.89
C ALA K 220 5.60 -47.77 12.01
N ARG K 221 5.10 -47.96 13.23
CA ARG K 221 4.03 -48.93 13.50
C ARG K 221 2.95 -48.28 14.36
N PRO K 222 2.26 -47.28 13.82
CA PRO K 222 1.17 -46.67 14.57
C PRO K 222 -0.01 -47.61 14.72
N SER K 223 -0.74 -47.46 15.82
CA SER K 223 -1.95 -48.21 16.09
C SER K 223 -3.04 -47.25 16.56
N LEU K 224 -4.29 -47.63 16.32
CA LEU K 224 -5.41 -46.75 16.62
C LEU K 224 -6.67 -47.58 16.75
N VAL K 225 -7.48 -47.27 17.75
CA VAL K 225 -8.73 -47.97 18.03
C VAL K 225 -9.89 -47.04 17.73
N ALA K 226 -10.98 -47.62 17.22
CA ALA K 226 -12.17 -46.85 16.91
C ALA K 226 -13.37 -47.79 16.84
N MET K 227 -14.53 -47.25 17.20
CA MET K 227 -15.76 -48.00 17.10
C MET K 227 -16.21 -48.09 15.65
N SER K 228 -17.00 -49.12 15.35
CA SER K 228 -17.46 -49.34 13.99
C SER K 228 -18.24 -48.14 13.49
N GLY K 229 -17.89 -47.68 12.29
CA GLY K 229 -18.58 -46.57 11.67
C GLY K 229 -18.14 -45.20 12.13
N GLN K 230 -17.18 -45.10 13.04
CA GLN K 230 -16.73 -43.83 13.58
C GLN K 230 -15.34 -43.50 13.06
N SER K 231 -15.14 -42.25 12.66
CA SER K 231 -13.85 -41.81 12.17
C SER K 231 -12.88 -41.61 13.33
N ALA K 232 -11.59 -41.73 13.03
CA ALA K 232 -10.55 -41.54 14.04
C ALA K 232 -9.34 -40.93 13.38
N SER K 233 -8.52 -40.25 14.19
CA SER K 233 -7.34 -39.56 13.71
C SER K 233 -6.22 -39.69 14.72
N PHE K 234 -4.99 -39.60 14.23
CA PHE K 234 -3.81 -39.71 15.08
C PHE K 234 -2.69 -38.86 14.48
N LEU K 235 -1.95 -38.18 15.35
CA LEU K 235 -0.81 -37.37 14.95
C LEU K 235 0.31 -37.59 15.94
N ALA K 236 1.54 -37.67 15.43
CA ALA K 236 2.70 -37.87 16.30
C ALA K 236 3.90 -37.04 15.88
N GLY K 237 3.71 -35.99 15.09
CA GLY K 237 4.81 -35.18 14.63
C GLY K 237 4.81 -33.79 15.24
N GLY K 238 4.35 -32.81 14.49
CA GLY K 238 4.34 -31.44 14.98
C GLY K 238 3.71 -30.51 13.98
N GLU K 239 3.82 -29.22 14.27
CA GLU K 239 3.27 -28.16 13.42
C GLU K 239 4.25 -27.02 13.37
N PHE K 240 4.52 -26.51 12.17
CA PHE K 240 5.40 -25.38 11.97
C PHE K 240 4.63 -24.22 11.34
N PRO K 241 5.10 -22.99 11.51
CA PRO K 241 4.33 -21.82 11.05
C PRO K 241 4.09 -21.82 9.54
N TYR K 256 -0.74 -23.01 10.38
CA TYR K 256 0.28 -24.02 10.72
C TYR K 256 0.06 -25.30 9.91
N LYS K 257 1.15 -25.91 9.49
CA LYS K 257 1.13 -27.11 8.67
C LYS K 257 1.68 -28.28 9.45
N GLU K 258 0.96 -29.40 9.41
CA GLU K 258 1.33 -30.58 10.17
C GLU K 258 2.38 -31.41 9.43
N PHE K 259 3.04 -32.29 10.18
CA PHE K 259 3.97 -33.24 9.61
C PHE K 259 4.18 -34.35 10.62
N GLY K 260 5.05 -35.30 10.28
CA GLY K 260 5.28 -36.46 11.11
C GLY K 260 4.26 -37.55 10.84
N ILE K 261 4.30 -38.57 11.71
CA ILE K 261 3.39 -39.70 11.57
C ILE K 261 1.96 -39.21 11.71
N ARG K 262 1.15 -39.47 10.69
CA ARG K 262 -0.26 -39.15 10.70
C ARG K 262 -1.05 -40.37 10.26
N LEU K 263 -2.30 -40.46 10.71
CA LEU K 263 -3.15 -41.59 10.37
C LEU K 263 -4.60 -41.20 10.58
N THR K 264 -5.39 -41.26 9.51
CA THR K 264 -6.83 -41.10 9.57
C THR K 264 -7.48 -42.34 8.97
N LEU K 265 -8.48 -42.88 9.66
CA LEU K 265 -9.11 -44.11 9.22
C LEU K 265 -10.55 -44.16 9.71
N THR K 266 -11.30 -45.10 9.15
CA THR K 266 -12.72 -45.25 9.46
C THR K 266 -13.13 -46.71 9.25
N PRO K 267 -13.07 -47.55 10.29
CA PRO K 267 -13.38 -48.97 10.11
C PRO K 267 -14.87 -49.26 10.24
N THR K 268 -15.36 -50.10 9.33
CA THR K 268 -16.74 -50.55 9.34
C THR K 268 -16.74 -52.08 9.39
N VAL K 269 -17.41 -52.63 10.41
CA VAL K 269 -17.52 -54.07 10.56
C VAL K 269 -18.84 -54.50 9.93
N MET K 270 -18.76 -55.32 8.89
CA MET K 270 -19.94 -55.72 8.14
C MET K 270 -20.59 -56.94 8.80
N ASN K 271 -21.82 -57.22 8.36
CA ASN K 271 -22.61 -58.30 8.96
C ASN K 271 -21.94 -59.65 8.82
N ASN K 272 -21.03 -59.81 7.87
CA ASN K 272 -20.28 -61.04 7.70
C ASN K 272 -18.98 -61.05 8.49
N ARG K 273 -18.80 -60.10 9.41
CA ARG K 273 -17.65 -59.97 10.29
C ARG K 273 -16.38 -59.54 9.55
N ARG K 274 -16.48 -59.21 8.26
CA ARG K 274 -15.34 -58.66 7.55
C ARG K 274 -15.25 -57.16 7.80
N ILE K 275 -14.03 -56.63 7.74
CA ILE K 275 -13.73 -55.25 8.10
C ILE K 275 -13.43 -54.48 6.82
N ALA K 276 -14.19 -53.41 6.59
CA ALA K 276 -13.95 -52.49 5.49
C ALA K 276 -13.23 -51.26 6.02
N LEU K 277 -12.05 -50.99 5.49
CA LEU K 277 -11.19 -49.92 6.00
C LEU K 277 -11.08 -48.80 4.98
N LYS K 278 -11.42 -47.59 5.40
CA LYS K 278 -11.01 -46.37 4.72
C LYS K 278 -9.83 -45.80 5.50
N VAL K 279 -8.66 -45.79 4.88
CA VAL K 279 -7.41 -45.54 5.59
C VAL K 279 -6.55 -44.61 4.76
N ALA K 280 -5.81 -43.74 5.45
CA ALA K 280 -4.97 -42.72 4.80
C ALA K 280 -3.75 -42.44 5.67
N PRO K 281 -2.76 -43.32 5.64
CA PRO K 281 -1.54 -43.09 6.43
C PRO K 281 -0.63 -42.05 5.80
N GLU K 282 0.22 -41.47 6.64
CA GLU K 282 1.26 -40.56 6.17
C GLU K 282 2.50 -40.70 7.04
N VAL K 283 3.66 -40.42 6.44
CA VAL K 283 4.93 -40.35 7.13
C VAL K 283 5.72 -39.22 6.49
N SER K 284 5.93 -38.13 7.22
CA SER K 284 6.57 -36.95 6.67
C SER K 284 7.60 -36.40 7.65
N GLU K 285 8.53 -35.61 7.11
CA GLU K 285 9.59 -35.02 7.90
C GLU K 285 10.07 -33.77 7.19
N LEU K 286 10.76 -32.92 7.95
CA LEU K 286 11.20 -31.63 7.43
C LEU K 286 12.39 -31.79 6.48
N ASP K 287 12.36 -31.02 5.40
CA ASP K 287 13.47 -30.91 4.47
C ASP K 287 13.76 -29.43 4.25
N TYR K 288 15.02 -29.05 4.39
CA TYR K 288 15.41 -27.64 4.50
C TYR K 288 15.81 -27.11 3.13
N SER K 289 14.98 -26.25 2.57
CA SER K 289 15.29 -25.55 1.31
C SER K 289 14.16 -24.55 1.05
N ALA K 290 14.40 -23.68 0.07
CA ALA K 290 13.38 -22.74 -0.40
C ALA K 290 13.06 -21.68 0.64
N GLY K 291 12.11 -20.79 0.30
CA GLY K 291 11.70 -19.73 1.18
C GLY K 291 10.32 -19.23 0.77
N ILE K 292 9.80 -18.29 1.54
CA ILE K 292 8.45 -17.77 1.33
C ILE K 292 8.38 -16.35 1.87
N GLN K 293 7.39 -15.59 1.38
CA GLN K 293 7.21 -14.20 1.78
C GLN K 293 5.85 -13.95 2.43
N SER K 294 5.02 -14.98 2.57
CA SER K 294 3.68 -14.83 3.14
C SER K 294 3.35 -16.09 3.93
N GLY K 295 2.73 -15.89 5.09
CA GLY K 295 2.40 -17.00 5.96
C GLY K 295 3.60 -17.71 6.57
N GLY K 296 4.78 -17.13 6.46
CA GLY K 296 5.97 -17.75 7.01
C GLY K 296 7.22 -17.09 6.48
N VAL K 297 8.36 -17.58 6.95
CA VAL K 297 9.67 -17.11 6.50
C VAL K 297 10.63 -18.28 6.48
N ALA K 298 11.42 -18.37 5.41
CA ALA K 298 12.45 -19.42 5.27
C ALA K 298 11.88 -20.78 5.62
N VAL K 299 10.59 -20.99 5.35
CA VAL K 299 9.93 -22.22 5.80
C VAL K 299 10.57 -23.41 5.09
N PRO K 300 10.78 -24.54 5.76
CA PRO K 300 11.39 -25.69 5.11
C PRO K 300 10.39 -26.46 4.25
N ALA K 301 10.93 -27.39 3.46
CA ALA K 301 10.12 -28.28 2.66
C ALA K 301 9.84 -29.58 3.43
N LEU K 302 8.99 -30.42 2.86
CA LEU K 302 8.61 -31.68 3.46
C LEU K 302 8.99 -32.84 2.57
N ARG K 303 9.53 -33.89 3.17
CA ARG K 303 9.73 -35.19 2.52
C ARG K 303 8.56 -36.09 2.93
N VAL K 304 7.67 -36.37 1.99
CA VAL K 304 6.36 -36.92 2.28
C VAL K 304 6.20 -38.28 1.60
N ARG K 305 5.66 -39.24 2.35
CA ARG K 305 5.26 -40.53 1.83
C ARG K 305 3.89 -40.84 2.41
N ARG K 306 2.86 -40.85 1.56
CA ARG K 306 1.49 -41.02 2.02
C ARG K 306 0.72 -41.91 1.07
N THR K 307 -0.38 -42.48 1.57
CA THR K 307 -1.27 -43.32 0.78
C THR K 307 -2.70 -43.08 1.24
N ASP K 308 -3.64 -43.35 0.34
CA ASP K 308 -5.06 -43.24 0.63
C ASP K 308 -5.82 -44.23 -0.26
N THR K 309 -6.62 -45.09 0.37
CA THR K 309 -7.30 -46.15 -0.36
C THR K 309 -8.38 -46.73 0.54
N SER K 310 -9.20 -47.61 -0.05
CA SER K 310 -10.24 -48.32 0.68
C SER K 310 -10.15 -49.80 0.34
N VAL K 311 -10.26 -50.65 1.36
CA VAL K 311 -10.07 -52.09 1.21
C VAL K 311 -11.02 -52.82 2.16
N MET K 312 -11.12 -54.14 1.97
CA MET K 312 -11.91 -55.02 2.83
C MET K 312 -11.05 -56.19 3.24
N LEU K 313 -11.04 -56.50 4.54
CA LEU K 313 -10.27 -57.61 5.07
C LEU K 313 -11.08 -58.31 6.15
N ALA K 314 -10.70 -59.55 6.44
CA ALA K 314 -11.25 -60.28 7.57
C ALA K 314 -10.36 -60.07 8.79
N ASP K 315 -10.93 -60.34 9.96
CA ASP K 315 -10.22 -60.15 11.21
C ASP K 315 -8.86 -60.84 11.17
N GLY K 316 -7.80 -60.05 11.28
CA GLY K 316 -6.45 -60.56 11.31
C GLY K 316 -5.75 -60.60 9.96
N GLU K 317 -6.48 -60.50 8.86
CA GLU K 317 -5.85 -60.52 7.55
C GLU K 317 -5.10 -59.21 7.30
N SER K 318 -4.26 -59.22 6.27
CA SER K 318 -3.36 -58.10 6.01
C SER K 318 -3.29 -57.82 4.52
N PHE K 319 -2.90 -56.60 4.19
CA PHE K 319 -2.67 -56.16 2.82
C PHE K 319 -1.39 -55.36 2.74
N VAL K 320 -0.69 -55.49 1.62
CA VAL K 320 0.29 -54.48 1.23
C VAL K 320 -0.43 -53.49 0.35
N ILE K 321 -1.06 -52.49 0.97
CA ILE K 321 -1.90 -51.56 0.22
C ILE K 321 -1.07 -50.70 -0.73
N SER K 322 0.22 -50.57 -0.49
CA SER K 322 1.05 -49.72 -1.33
C SER K 322 2.49 -50.21 -1.27
N GLY K 323 3.22 -49.97 -2.35
CA GLY K 323 4.62 -50.34 -2.42
C GLY K 323 5.28 -49.64 -3.59
N LEU K 324 6.60 -49.54 -3.51
CA LEU K 324 7.37 -48.83 -4.52
C LEU K 324 8.78 -49.39 -4.59
N THR K 325 9.30 -49.46 -5.81
CA THR K 325 10.71 -49.64 -6.06
C THR K 325 11.14 -48.60 -7.08
N SER K 326 12.24 -47.90 -6.79
CA SER K 326 12.67 -46.79 -7.62
C SER K 326 14.18 -46.83 -7.79
N SER K 327 14.65 -46.25 -8.89
CA SER K 327 16.08 -46.16 -9.15
C SER K 327 16.32 -45.00 -10.10
N ASN K 328 17.34 -44.21 -9.79
CA ASN K 328 17.72 -43.05 -10.61
C ASN K 328 19.22 -43.04 -10.79
N SER K 329 19.66 -42.69 -11.99
CA SER K 329 21.08 -42.60 -12.29
C SER K 329 21.30 -41.39 -13.19
N VAL K 330 22.31 -40.59 -12.87
CA VAL K 330 22.67 -39.42 -13.64
C VAL K 330 24.19 -39.35 -13.74
N SER K 331 24.69 -39.10 -14.94
CA SER K 331 26.12 -39.06 -15.19
C SER K 331 26.44 -37.95 -16.16
N ASN K 332 27.68 -37.46 -16.08
CA ASN K 332 28.15 -36.41 -16.97
C ASN K 332 29.67 -36.44 -17.00
N VAL K 333 30.23 -36.26 -18.19
CA VAL K 333 31.68 -36.25 -18.39
C VAL K 333 32.05 -35.05 -19.24
N ASP K 334 33.02 -34.26 -18.79
CA ASP K 334 33.55 -33.15 -19.54
C ASP K 334 35.05 -33.37 -19.73
N LYS K 335 35.54 -33.11 -20.94
CA LYS K 335 36.93 -33.39 -21.27
C LYS K 335 37.45 -32.32 -22.21
N PHE K 336 38.76 -32.08 -22.14
CA PHE K 336 39.42 -31.30 -23.16
C PHE K 336 39.42 -32.12 -24.47
N PRO K 337 39.10 -31.50 -25.61
CA PRO K 337 38.80 -32.29 -26.81
C PRO K 337 39.81 -33.38 -27.16
N TRP K 338 41.07 -33.00 -27.36
CA TRP K 338 42.08 -33.96 -27.80
C TRP K 338 42.79 -34.62 -26.62
N LEU K 339 43.16 -33.85 -25.60
CA LEU K 339 43.94 -34.40 -24.50
C LEU K 339 43.12 -35.35 -23.64
N GLY K 340 41.80 -35.20 -23.61
CA GLY K 340 40.98 -36.02 -22.75
C GLY K 340 40.98 -37.49 -23.09
N ASP K 341 41.41 -37.84 -24.30
CA ASP K 341 41.41 -39.23 -24.75
C ASP K 341 42.77 -39.91 -24.60
N ILE K 342 43.76 -39.23 -24.03
CA ILE K 342 45.03 -39.90 -23.76
C ILE K 342 44.80 -41.05 -22.79
N PRO K 343 45.31 -42.25 -23.05
CA PRO K 343 44.88 -43.41 -22.24
C PRO K 343 45.19 -43.28 -20.76
N ILE K 344 46.28 -42.62 -20.39
CA ILE K 344 46.70 -42.48 -19.00
C ILE K 344 46.55 -41.05 -18.50
N LEU K 345 47.23 -40.10 -19.15
CA LEU K 345 47.20 -38.71 -18.71
C LEU K 345 45.87 -38.03 -19.00
N GLY K 346 44.98 -38.66 -19.76
CA GLY K 346 43.70 -38.04 -20.07
C GLY K 346 42.86 -37.74 -18.85
N ALA K 347 43.02 -38.52 -17.79
CA ALA K 347 42.21 -38.32 -16.59
C ALA K 347 42.36 -36.92 -16.03
N PHE K 348 43.54 -36.32 -16.16
CA PHE K 348 43.77 -34.97 -15.66
C PHE K 348 43.11 -33.91 -16.52
N PHE K 349 42.62 -34.26 -17.71
CA PHE K 349 41.92 -33.34 -18.59
C PHE K 349 40.42 -33.64 -18.64
N ARG K 350 39.89 -34.32 -17.62
CA ARG K 350 38.49 -34.69 -17.59
C ARG K 350 37.87 -34.28 -16.26
N SER K 351 36.59 -33.94 -16.31
CA SER K 351 35.77 -33.71 -15.13
C SER K 351 34.56 -34.62 -15.19
N THR K 352 34.13 -35.10 -14.03
CA THR K 352 33.13 -36.15 -13.96
C THR K 352 32.17 -35.90 -12.81
N LYS K 353 30.97 -36.45 -12.95
CA LYS K 353 29.93 -36.36 -11.94
C LYS K 353 29.03 -37.58 -12.07
N LEU K 354 28.68 -38.18 -10.94
CA LEU K 354 27.81 -39.35 -10.92
C LEU K 354 26.90 -39.28 -9.71
N ASP K 355 25.61 -39.50 -9.94
CA ASP K 355 24.62 -39.52 -8.87
C ASP K 355 23.70 -40.71 -9.09
N LYS K 356 23.58 -41.56 -8.07
CA LYS K 356 22.71 -42.73 -8.13
C LYS K 356 21.87 -42.79 -6.86
N ASP K 357 20.67 -43.34 -6.99
CA ASP K 357 19.74 -43.42 -5.88
C ASP K 357 18.85 -44.64 -6.06
N ASP K 358 18.47 -45.25 -4.94
CA ASP K 358 17.57 -46.39 -4.93
C ASP K 358 16.64 -46.25 -3.73
N ARG K 359 15.49 -46.91 -3.81
CA ARG K 359 14.47 -46.76 -2.79
C ARG K 359 13.52 -47.94 -2.82
N GLU K 360 12.97 -48.28 -1.66
CA GLU K 360 11.95 -49.31 -1.53
C GLU K 360 11.00 -48.92 -0.41
N LEU K 361 9.72 -49.23 -0.59
CA LEU K 361 8.68 -48.86 0.35
C LEU K 361 7.74 -50.02 0.60
N LEU K 362 7.08 -49.97 1.76
CA LEU K 362 6.01 -50.89 2.08
C LEU K 362 5.05 -50.21 3.05
N MET K 363 3.76 -50.36 2.80
CA MET K 363 2.71 -49.94 3.73
C MET K 363 1.75 -51.09 3.90
N ILE K 364 1.62 -51.58 5.14
CA ILE K 364 0.84 -52.77 5.44
C ILE K 364 -0.19 -52.42 6.51
N VAL K 365 -1.40 -52.92 6.33
CA VAL K 365 -2.51 -52.67 7.24
C VAL K 365 -3.00 -54.00 7.79
N THR K 366 -3.43 -53.98 9.06
CA THR K 366 -3.91 -55.19 9.71
C THR K 366 -4.96 -54.84 10.75
N PRO K 367 -6.24 -55.11 10.48
CA PRO K 367 -7.28 -54.83 11.47
C PRO K 367 -7.58 -56.02 12.38
N HIS K 368 -7.81 -55.70 13.66
CA HIS K 368 -8.16 -56.69 14.66
C HIS K 368 -9.43 -56.26 15.39
N LEU K 369 -10.31 -57.23 15.65
CA LEU K 369 -11.44 -56.99 16.52
C LEU K 369 -11.00 -57.19 17.97
N VAL K 370 -11.32 -56.21 18.83
CA VAL K 370 -10.80 -56.16 20.18
C VAL K 370 -11.93 -55.84 21.15
N GLN K 371 -11.64 -56.04 22.43
CA GLN K 371 -12.55 -55.74 23.52
C GLN K 371 -11.78 -55.00 24.60
N PRO K 372 -12.48 -54.22 25.43
CA PRO K 372 -11.78 -53.44 26.46
C PRO K 372 -11.10 -54.33 27.49
N LEU K 373 -10.02 -53.81 28.06
CA LEU K 373 -9.38 -54.49 29.19
C LEU K 373 -10.35 -54.57 30.36
N ALA K 374 -10.27 -55.67 31.10
CA ALA K 374 -11.18 -55.86 32.22
C ALA K 374 -10.88 -54.86 33.33
N ALA K 375 -11.88 -54.67 34.21
CA ALA K 375 -11.75 -53.68 35.28
C ALA K 375 -10.57 -53.98 36.19
N ASP K 376 -10.24 -55.26 36.36
CA ASP K 376 -9.14 -55.66 37.23
C ASP K 376 -7.82 -55.83 36.50
N ALA K 377 -7.78 -55.55 35.20
CA ALA K 377 -6.59 -55.80 34.41
C ALA K 377 -5.47 -54.84 34.78
N GLN K 378 -4.24 -55.35 34.77
CA GLN K 378 -3.06 -54.51 34.89
C GLN K 378 -2.80 -53.85 33.54
N LEU K 379 -2.67 -52.52 33.55
CA LEU K 379 -2.56 -51.78 32.31
C LEU K 379 -1.21 -52.08 31.64
N PRO K 380 -1.16 -52.02 30.31
CA PRO K 380 0.13 -52.04 29.62
C PRO K 380 0.94 -50.81 30.01
N ASP K 381 2.26 -50.98 30.01
CA ASP K 381 3.15 -49.91 30.47
C ASP K 381 4.45 -49.98 29.70
N LEU K 382 5.23 -48.91 29.84
CA LEU K 382 6.54 -48.76 29.22
C LEU K 382 7.59 -48.54 30.31
N PRO K 383 8.85 -48.89 30.03
CA PRO K 383 9.87 -48.79 31.09
C PRO K 383 9.88 -47.41 31.74
N THR K 412 9.81 -82.02 28.40
CA THR K 412 10.66 -82.10 29.58
C THR K 412 10.47 -80.88 30.49
N GLY K 413 9.78 -79.87 29.97
CA GLY K 413 9.51 -78.65 30.71
C GLY K 413 10.48 -77.53 30.43
N LEU K 414 11.63 -77.84 29.84
CA LEU K 414 12.61 -76.81 29.53
C LEU K 414 12.09 -75.92 28.40
N SER K 415 12.71 -74.74 28.28
CA SER K 415 12.28 -73.76 27.29
C SER K 415 12.49 -74.22 25.87
N ASP K 416 13.44 -75.13 25.64
CA ASP K 416 14.04 -75.85 24.52
C ASP K 416 15.05 -74.96 23.80
N GLU L 28 28.06 -54.90 30.64
CA GLU L 28 27.40 -54.40 29.44
C GLU L 28 28.13 -54.85 28.19
N CYS L 29 27.52 -54.63 27.03
CA CYS L 29 28.07 -55.01 25.74
C CYS L 29 28.37 -53.75 24.95
N SER L 30 29.66 -53.39 24.86
CA SER L 30 30.08 -52.18 24.17
C SER L 30 30.51 -52.53 22.74
N GLN L 31 29.53 -53.02 21.98
CA GLN L 31 29.73 -53.37 20.58
C GLN L 31 28.42 -53.21 19.85
N GLN L 32 28.40 -52.35 18.84
CA GLN L 32 27.20 -52.11 18.03
C GLN L 32 27.56 -52.24 16.56
N LEU L 33 26.64 -52.81 15.80
CA LEU L 33 26.85 -53.06 14.37
C LEU L 33 26.02 -52.10 13.53
N GLY L 34 26.55 -51.80 12.34
CA GLY L 34 25.94 -50.81 11.47
C GLY L 34 24.63 -51.26 10.87
N GLN L 35 23.88 -50.28 10.37
CA GLN L 35 22.58 -50.53 9.74
C GLN L 35 22.67 -51.41 8.51
N GLU L 36 23.89 -51.73 8.05
CA GLU L 36 24.05 -52.68 6.96
C GLU L 36 24.15 -54.12 7.47
N GLN L 37 24.88 -54.35 8.57
CA GLN L 37 25.06 -55.67 9.13
C GLN L 37 24.18 -55.94 10.35
N GLU L 38 23.40 -54.95 10.80
CA GLU L 38 22.40 -55.15 11.86
C GLU L 38 21.01 -55.37 11.28
N LEU L 39 20.69 -54.68 10.20
CA LEU L 39 19.52 -55.03 9.40
C LEU L 39 19.59 -56.49 8.98
N GLN L 40 20.79 -57.07 9.02
CA GLN L 40 21.01 -58.47 8.71
C GLN L 40 20.73 -59.38 9.92
N MET L 41 21.19 -58.95 11.10
CA MET L 41 20.85 -59.69 12.32
C MET L 41 19.35 -59.74 12.54
N ASN L 42 18.62 -58.70 12.11
CA ASN L 42 17.16 -58.77 12.17
C ASN L 42 16.63 -59.95 11.38
N MET L 43 17.11 -60.11 10.13
CA MET L 43 16.70 -61.25 9.32
C MET L 43 17.13 -62.56 9.97
N VAL L 44 18.32 -62.58 10.57
CA VAL L 44 18.79 -63.78 11.27
C VAL L 44 17.78 -64.17 12.35
N ARG L 45 17.39 -63.20 13.18
CA ARG L 45 16.40 -63.48 14.23
C ARG L 45 15.10 -63.98 13.64
N ASP L 46 14.65 -63.35 12.54
CA ASP L 46 13.44 -63.81 11.87
C ASP L 46 13.54 -65.28 11.50
N MET L 47 14.69 -65.67 10.95
CA MET L 47 14.90 -67.08 10.60
C MET L 47 14.90 -67.95 11.86
N ILE L 48 15.52 -67.48 12.93
CA ILE L 48 15.59 -68.27 14.16
C ILE L 48 14.18 -68.61 14.64
N ARG L 49 13.32 -67.59 14.74
CA ARG L 49 11.97 -67.82 15.22
C ARG L 49 11.04 -68.40 14.16
N GLU L 50 11.48 -68.46 12.90
CA GLU L 50 10.69 -69.07 11.83
C GLU L 50 10.82 -70.58 11.79
N GLY L 51 11.73 -71.16 12.57
CA GLY L 51 12.07 -72.56 12.42
C GLY L 51 13.14 -72.81 11.40
N ARG L 52 13.72 -71.76 10.81
CA ARG L 52 14.78 -71.84 9.82
C ARG L 52 16.16 -71.71 10.43
N LEU L 53 16.36 -72.26 11.63
CA LEU L 53 17.63 -72.23 12.33
C LEU L 53 18.81 -72.43 11.38
N HIS L 54 18.69 -73.39 10.47
CA HIS L 54 19.81 -73.72 9.59
C HIS L 54 20.06 -72.60 8.58
N ALA L 55 18.99 -72.03 8.02
CA ALA L 55 19.14 -70.87 7.17
C ALA L 55 19.71 -69.68 7.94
N ALA L 56 19.29 -69.52 9.19
CA ALA L 56 19.88 -68.49 10.04
C ALA L 56 21.37 -68.72 10.22
N LEU L 57 21.77 -69.99 10.39
CA LEU L 57 23.19 -70.32 10.47
C LEU L 57 23.90 -69.95 9.19
N ALA L 58 23.29 -70.23 8.05
CA ALA L 58 23.87 -69.83 6.77
C ALA L 58 24.11 -68.33 6.72
N ASN L 59 23.07 -67.55 7.04
CA ASN L 59 23.17 -66.10 6.95
C ASN L 59 24.19 -65.56 7.95
N LEU L 60 24.27 -66.16 9.14
CA LEU L 60 25.31 -65.78 10.10
C LEU L 60 26.70 -66.07 9.54
N GLU L 61 26.87 -67.26 8.96
CA GLU L 61 28.14 -67.59 8.31
C GLU L 61 28.51 -66.56 7.27
N SER L 62 27.51 -66.02 6.58
CA SER L 62 27.76 -64.88 5.68
C SER L 62 28.34 -63.71 6.46
N MET L 63 27.79 -63.44 7.64
CA MET L 63 28.23 -62.33 8.47
C MET L 63 29.58 -62.64 9.11
N PRO L 64 30.28 -61.63 9.62
CA PRO L 64 31.66 -61.83 10.07
C PRO L 64 31.74 -62.76 11.26
N PRO L 65 32.61 -63.77 11.22
CA PRO L 65 32.87 -64.56 12.42
C PRO L 65 33.72 -63.79 13.42
N GLY L 66 33.46 -64.02 14.70
CA GLY L 66 34.06 -63.27 15.77
C GLY L 66 33.17 -62.19 16.34
N LEU L 67 32.09 -61.84 15.64
CA LEU L 67 31.11 -60.90 16.16
C LEU L 67 30.32 -61.56 17.28
N LEU L 68 30.41 -60.99 18.49
CA LEU L 68 29.81 -61.63 19.66
C LEU L 68 28.35 -61.99 19.40
N ASP L 69 27.58 -61.07 18.84
CA ASP L 69 26.17 -61.35 18.54
C ASP L 69 26.05 -62.55 17.60
N VAL L 70 26.81 -62.53 16.50
CA VAL L 70 26.77 -63.64 15.55
C VAL L 70 27.28 -64.91 16.22
N ARG L 71 28.28 -64.80 17.09
CA ARG L 71 28.82 -65.98 17.75
C ARG L 71 27.77 -66.65 18.64
N GLU L 72 27.09 -65.85 19.46
CA GLU L 72 26.07 -66.42 20.35
C GLU L 72 24.88 -66.95 19.57
N GLU L 73 24.47 -66.25 18.51
CA GLU L 73 23.37 -66.75 17.70
C GLU L 73 23.72 -68.08 17.06
N ARG L 74 24.94 -68.18 16.51
CA ARG L 74 25.40 -69.44 15.94
C ARG L 74 25.41 -70.54 16.98
N ALA L 75 25.89 -70.23 18.19
CA ALA L 75 25.90 -71.24 19.26
C ALA L 75 24.49 -71.72 19.58
N LEU L 76 23.54 -70.79 19.66
CA LEU L 76 22.14 -71.15 19.88
C LEU L 76 21.67 -72.14 18.82
N ILE L 77 21.90 -71.81 17.55
CA ILE L 77 21.48 -72.69 16.46
C ILE L 77 22.16 -74.05 16.58
N LEU L 78 23.47 -74.05 16.80
CA LEU L 78 24.22 -75.30 16.88
C LEU L 78 23.68 -76.19 18.00
N ARG L 79 23.43 -75.62 19.18
CA ARG L 79 22.92 -76.41 20.28
C ARG L 79 21.54 -76.97 19.96
N ARG L 80 20.67 -76.16 19.37
CA ARG L 80 19.32 -76.65 19.10
C ARG L 80 19.32 -77.73 18.02
N ILE L 81 20.16 -77.60 16.99
CA ILE L 81 20.16 -78.55 15.89
C ILE L 81 20.97 -79.80 16.18
N GLY L 82 21.76 -79.81 17.25
CA GLY L 82 22.53 -80.97 17.62
C GLY L 82 23.98 -80.95 17.17
N ASP L 83 24.48 -79.81 16.68
CA ASP L 83 25.86 -79.75 16.24
C ASP L 83 26.80 -79.90 17.45
N PRO L 84 28.02 -80.38 17.22
CA PRO L 84 28.98 -80.56 18.32
C PRO L 84 29.79 -79.34 18.67
N ARG L 85 29.68 -78.25 17.90
CA ARG L 85 30.49 -77.06 18.13
C ARG L 85 29.83 -76.05 19.05
N ALA L 86 28.53 -76.19 19.32
CA ALA L 86 27.85 -75.28 20.25
C ALA L 86 28.59 -75.22 21.58
N ARG L 87 29.12 -76.35 22.04
CA ARG L 87 29.85 -76.38 23.30
C ARG L 87 31.01 -75.38 23.28
N ALA L 88 31.85 -75.46 22.25
CA ALA L 88 32.98 -74.55 22.15
C ALA L 88 32.54 -73.11 21.97
N GLU L 89 31.47 -72.88 21.20
CA GLU L 89 30.99 -71.52 21.00
C GLU L 89 30.58 -70.90 22.34
N TYR L 90 29.76 -71.61 23.11
CA TYR L 90 29.43 -71.16 24.45
C TYR L 90 30.69 -70.95 25.28
N GLN L 91 31.63 -71.90 25.20
CA GLN L 91 32.86 -71.79 26.00
C GLN L 91 33.60 -70.50 25.71
N ALA L 92 33.80 -70.19 24.42
CA ALA L 92 34.52 -68.97 24.07
C ALA L 92 33.78 -67.72 24.56
N LEU L 93 32.45 -67.72 24.45
CA LEU L 93 31.66 -66.56 24.81
C LEU L 93 31.55 -66.36 26.32
N LEU L 94 31.93 -67.35 27.12
CA LEU L 94 31.93 -67.17 28.58
C LEU L 94 32.81 -65.99 28.99
N GLU L 95 33.90 -65.76 28.27
CA GLU L 95 34.88 -64.74 28.62
C GLU L 95 34.63 -63.41 27.90
N THR L 96 33.38 -63.13 27.52
CA THR L 96 33.01 -61.92 26.80
C THR L 96 31.78 -61.31 27.45
N CYS L 97 31.29 -60.21 26.87
CA CYS L 97 30.03 -59.63 27.32
C CYS L 97 28.88 -60.61 27.17
N LYS L 98 29.03 -61.59 26.26
CA LYS L 98 28.04 -62.65 26.12
C LYS L 98 28.31 -63.76 27.13
N ALA L 99 28.44 -63.38 28.42
CA ALA L 99 28.68 -64.34 29.48
C ALA L 99 27.40 -65.06 29.91
N PRO L 100 26.35 -64.33 30.32
CA PRO L 100 25.14 -65.00 30.81
C PRO L 100 24.63 -66.09 29.88
N GLU L 101 24.48 -65.79 28.59
CA GLU L 101 23.92 -66.77 27.67
C GLU L 101 24.90 -67.90 27.41
N ALA L 102 26.20 -67.65 27.52
CA ALA L 102 27.18 -68.74 27.40
C ALA L 102 27.05 -69.72 28.57
N HIS L 103 26.96 -69.20 29.79
CA HIS L 103 26.73 -70.06 30.95
C HIS L 103 25.43 -70.84 30.77
N HIS L 104 24.38 -70.16 30.33
CA HIS L 104 23.08 -70.82 30.14
C HIS L 104 23.17 -71.91 29.08
N GLY L 105 23.90 -71.66 27.99
CA GLY L 105 24.10 -72.65 26.95
C GLY L 105 24.82 -73.88 27.46
N LEU L 106 25.92 -73.67 28.18
CA LEU L 106 26.63 -74.80 28.76
C LEU L 106 25.73 -75.58 29.73
N GLY L 107 24.93 -74.87 30.51
CA GLY L 107 23.97 -75.53 31.39
C GLY L 107 22.97 -76.39 30.64
N LEU L 108 22.39 -75.84 29.58
CA LEU L 108 21.46 -76.61 28.76
C LEU L 108 22.15 -77.80 28.11
N LEU L 109 23.42 -77.66 27.72
CA LEU L 109 24.18 -78.80 27.22
C LEU L 109 24.27 -79.89 28.29
N ALA L 110 24.66 -79.50 29.51
CA ALA L 110 24.72 -80.46 30.60
C ALA L 110 23.37 -81.14 30.81
N LEU L 111 22.28 -80.38 30.72
CA LEU L 111 20.95 -80.98 30.83
C LEU L 111 20.69 -81.97 29.70
N ARG L 112 21.08 -81.62 28.47
CA ARG L 112 20.92 -82.53 27.35
C ARG L 112 21.66 -83.84 27.61
N ASN L 113 22.89 -83.75 28.14
CA ASN L 113 23.65 -84.94 28.50
C ASN L 113 23.07 -85.66 29.71
N GLY L 114 22.15 -85.03 30.45
CA GLY L 114 21.59 -85.61 31.64
C GLY L 114 22.38 -85.34 32.91
N ASP L 115 23.54 -84.71 32.80
CA ASP L 115 24.38 -84.40 33.96
C ASP L 115 23.81 -83.16 34.65
N SER L 116 22.76 -83.40 35.45
CA SER L 116 22.09 -82.30 36.14
C SER L 116 23.00 -81.62 37.17
N ALA L 117 24.03 -82.32 37.65
CA ALA L 117 24.87 -81.79 38.72
C ALA L 117 25.47 -80.44 38.35
N ARG L 118 26.29 -80.40 37.30
CA ARG L 118 26.88 -79.15 36.87
C ARG L 118 25.86 -78.27 36.14
N ALA L 119 24.80 -78.86 35.59
CA ALA L 119 23.77 -78.07 34.94
C ALA L 119 23.12 -77.10 35.93
N VAL L 120 22.81 -77.58 37.13
CA VAL L 120 22.22 -76.70 38.13
C VAL L 120 23.17 -75.57 38.49
N LEU L 121 24.45 -75.88 38.64
CA LEU L 121 25.43 -74.85 38.97
C LEU L 121 25.50 -73.78 37.90
N GLU L 122 25.60 -74.20 36.64
CA GLU L 122 25.72 -73.22 35.55
C GLU L 122 24.43 -72.43 35.38
N LEU L 123 23.28 -73.07 35.55
CA LEU L 123 22.02 -72.34 35.47
C LEU L 123 21.89 -71.34 36.61
N ARG L 124 22.35 -71.69 37.80
CA ARG L 124 22.38 -70.74 38.90
C ARG L 124 23.24 -69.53 38.55
N GLU L 125 24.44 -69.79 38.02
CA GLU L 125 25.32 -68.69 37.64
C GLU L 125 24.65 -67.79 36.61
N ALA L 126 24.06 -68.38 35.58
CA ALA L 126 23.42 -67.59 34.53
C ALA L 126 22.25 -66.77 35.09
N ALA L 127 21.38 -67.42 35.86
CA ALA L 127 20.26 -66.71 36.46
C ALA L 127 20.74 -65.59 37.39
N ARG L 128 21.90 -65.76 38.01
CA ARG L 128 22.44 -64.68 38.83
C ARG L 128 22.88 -63.50 37.97
N LEU L 129 23.70 -63.76 36.96
CA LEU L 129 24.33 -62.66 36.22
C LEU L 129 23.31 -61.81 35.47
N ARG L 130 22.28 -62.43 34.88
CA ARG L 130 21.19 -61.71 34.22
C ARG L 130 19.89 -62.25 34.79
N PRO L 131 19.39 -61.67 35.87
CA PRO L 131 18.25 -62.28 36.58
C PRO L 131 16.93 -62.18 35.84
N THR L 132 16.64 -61.07 35.18
CA THR L 132 15.30 -60.85 34.65
C THR L 132 14.93 -61.81 33.54
N GLU L 133 15.88 -62.59 33.03
CA GLU L 133 15.60 -63.50 31.94
C GLU L 133 14.67 -64.62 32.40
N SER L 134 13.41 -64.56 31.97
CA SER L 134 12.42 -65.57 32.35
C SER L 134 12.88 -66.96 31.91
N ARG L 135 13.44 -67.06 30.70
CA ARG L 135 13.92 -68.34 30.21
C ARG L 135 14.96 -68.96 31.15
N PHE L 136 15.93 -68.16 31.59
CA PHE L 136 16.94 -68.65 32.52
C PHE L 136 16.31 -69.15 33.81
N ARG L 137 15.38 -68.38 34.37
CA ARG L 137 14.74 -68.76 35.62
C ARG L 137 13.96 -70.05 35.48
N ASN L 138 13.21 -70.19 34.38
CA ASN L 138 12.41 -71.39 34.19
C ASN L 138 13.26 -72.61 33.91
N ASP L 139 14.44 -72.43 33.30
CA ASP L 139 15.36 -73.55 33.13
C ASP L 139 16.04 -73.93 34.44
N LEU L 140 16.46 -72.93 35.21
CA LEU L 140 17.10 -73.21 36.50
C LEU L 140 16.13 -73.90 37.45
N GLY L 141 14.85 -73.51 37.43
CA GLY L 141 13.88 -74.18 38.28
C GLY L 141 13.73 -75.65 37.93
N VAL L 142 13.68 -75.96 36.63
CA VAL L 142 13.59 -77.36 36.20
C VAL L 142 14.84 -78.11 36.62
N ALA L 143 16.01 -77.49 36.46
CA ALA L 143 17.25 -78.15 36.87
C ALA L 143 17.24 -78.45 38.36
N LEU L 144 16.80 -77.49 39.18
CA LEU L 144 16.71 -77.73 40.62
C LEU L 144 15.72 -78.85 40.93
N LEU L 145 14.55 -78.80 40.32
CA LEU L 145 13.55 -79.84 40.53
C LEU L 145 14.11 -81.22 40.23
N LYS L 146 14.85 -81.34 39.11
CA LYS L 146 15.52 -82.60 38.81
C LYS L 146 16.56 -82.94 39.87
N ARG L 147 17.30 -81.94 40.35
CA ARG L 147 18.38 -82.18 41.31
C ARG L 147 17.87 -82.44 42.72
N GLY L 148 16.65 -81.99 43.06
CA GLY L 148 16.03 -82.30 44.33
C GLY L 148 15.84 -81.11 45.26
N ASP L 149 16.39 -79.95 44.94
CA ASP L 149 16.18 -78.75 45.76
C ASP L 149 14.79 -78.20 45.48
N ARG L 150 13.79 -78.86 46.07
CA ARG L 150 12.39 -78.53 45.79
C ARG L 150 12.04 -77.11 46.21
N VAL L 151 12.56 -76.66 47.36
CA VAL L 151 12.27 -75.30 47.80
C VAL L 151 12.93 -74.29 46.85
N GLY L 152 14.19 -74.53 46.49
CA GLY L 152 14.84 -73.67 45.52
C GLY L 152 14.19 -73.75 44.15
N ALA L 153 13.74 -74.94 43.76
CA ALA L 153 13.03 -75.08 42.49
C ALA L 153 11.74 -74.28 42.51
N ARG L 154 11.02 -74.30 43.63
CA ARG L 154 9.82 -73.48 43.76
C ARG L 154 10.16 -72.00 43.66
N PHE L 155 11.24 -71.59 44.33
CA PHE L 155 11.70 -70.20 44.23
C PHE L 155 11.91 -69.80 42.78
N GLU L 156 12.67 -70.61 42.03
CA GLU L 156 13.02 -70.25 40.67
C GLU L 156 11.80 -70.31 39.75
N PHE L 157 10.95 -71.32 39.92
CA PHE L 157 9.74 -71.40 39.11
C PHE L 157 8.83 -70.21 39.36
N ILE L 158 8.70 -69.78 40.62
CA ILE L 158 7.88 -68.61 40.91
C ILE L 158 8.49 -67.37 40.28
N THR L 159 9.82 -67.23 40.34
CA THR L 159 10.46 -66.10 39.69
C THR L 159 10.13 -66.08 38.20
N ALA L 160 10.28 -67.22 37.53
CA ALA L 160 9.99 -67.29 36.10
C ALA L 160 8.53 -66.99 35.81
N LEU L 161 7.62 -67.58 36.59
CA LEU L 161 6.19 -67.37 36.36
C LEU L 161 5.78 -65.94 36.59
N GLU L 162 6.42 -65.25 37.54
CA GLU L 162 6.13 -63.85 37.78
C GLU L 162 6.70 -62.97 36.68
N LEU L 163 7.91 -63.28 36.22
CA LEU L 163 8.52 -62.51 35.13
C LEU L 163 7.63 -62.52 33.89
N GLN L 164 7.25 -63.72 33.44
CA GLN L 164 6.40 -63.84 32.27
C GLN L 164 4.98 -63.38 32.59
N GLN L 165 4.32 -62.79 31.59
CA GLN L 165 2.98 -62.24 31.76
C GLN L 165 1.98 -63.38 31.87
N GLY L 166 1.93 -63.98 33.06
CA GLY L 166 1.07 -65.11 33.33
C GLY L 166 1.72 -66.46 33.10
N GLY L 167 2.69 -66.54 32.20
CA GLY L 167 3.43 -67.76 31.97
C GLY L 167 2.67 -68.82 31.19
N LYS L 168 3.39 -69.57 30.37
CA LYS L 168 2.85 -70.76 29.71
C LYS L 168 3.61 -72.00 30.17
N LEU L 169 4.92 -72.00 30.04
CA LEU L 169 5.73 -73.10 30.57
C LEU L 169 5.89 -72.94 32.08
N PRO L 170 6.20 -71.73 32.58
CA PRO L 170 6.31 -71.56 34.04
C PRO L 170 5.09 -71.99 34.84
N ALA L 171 3.90 -71.70 34.33
CA ALA L 171 2.68 -72.00 35.10
C ALA L 171 2.55 -73.50 35.34
N THR L 172 2.71 -74.30 34.29
CA THR L 172 2.67 -75.74 34.46
C THR L 172 3.94 -76.30 35.07
N ASN L 173 5.04 -75.52 35.05
CA ASN L 173 6.25 -75.92 35.75
C ASN L 173 6.10 -75.83 37.25
N LEU L 174 5.26 -74.92 37.73
CA LEU L 174 4.91 -74.89 39.15
C LEU L 174 3.74 -75.79 39.48
N LEU L 175 2.80 -75.96 38.55
CA LEU L 175 1.70 -76.90 38.77
C LEU L 175 2.21 -78.33 38.95
N GLY L 176 3.12 -78.77 38.07
CA GLY L 176 3.68 -80.10 38.19
C GLY L 176 4.55 -80.28 39.41
N LEU L 177 5.26 -79.22 39.81
CA LEU L 177 5.99 -79.27 41.07
C LEU L 177 5.03 -79.47 42.23
N LEU L 178 3.91 -78.75 42.24
CA LEU L 178 2.89 -78.95 43.26
C LEU L 178 2.36 -80.38 43.23
N TYR L 179 2.08 -80.89 42.04
CA TYR L 179 1.60 -82.27 41.90
C TYR L 179 2.60 -83.25 42.49
N LEU L 180 3.89 -83.09 42.15
CA LEU L 180 4.93 -83.90 42.77
C LEU L 180 4.91 -83.76 44.28
N GLN L 181 4.57 -82.57 44.79
CA GLN L 181 4.50 -82.35 46.22
C GLN L 181 3.16 -82.74 46.83
N GLY L 182 2.16 -83.05 46.01
CA GLY L 182 0.91 -83.60 46.50
C GLY L 182 -0.11 -82.60 46.96
N ASP L 183 0.19 -81.30 46.92
CA ASP L 183 -0.79 -80.29 47.33
C ASP L 183 -1.84 -80.12 46.26
N ARG L 184 -2.76 -81.09 46.17
CA ARG L 184 -3.73 -81.09 45.07
C ARG L 184 -4.64 -79.85 45.13
N GLU L 185 -5.06 -79.45 46.33
CA GLU L 185 -5.96 -78.29 46.41
C GLU L 185 -5.22 -76.99 46.13
N ASP L 186 -3.94 -76.88 46.49
CA ASP L 186 -3.16 -75.73 46.06
C ASP L 186 -3.00 -75.71 44.55
N ALA L 187 -2.76 -76.89 43.95
CA ALA L 187 -2.71 -76.98 42.50
C ALA L 187 -4.02 -76.52 41.88
N GLN L 188 -5.16 -76.91 42.48
CA GLN L 188 -6.46 -76.48 41.96
C GLN L 188 -6.66 -74.98 42.14
N ARG L 189 -6.17 -74.43 43.25
CA ARG L 189 -6.13 -72.98 43.42
C ARG L 189 -5.43 -72.34 42.23
N LEU L 190 -4.29 -72.90 41.81
CA LEU L 190 -3.61 -72.34 40.65
C LEU L 190 -4.39 -72.58 39.37
N ILE L 191 -5.07 -73.73 39.26
CA ILE L 191 -5.92 -73.97 38.10
C ILE L 191 -6.94 -72.85 37.94
N GLU L 192 -7.57 -72.48 39.05
CA GLU L 192 -8.55 -71.40 39.03
C GLU L 192 -7.90 -70.06 38.72
N ARG L 193 -6.81 -69.73 39.42
CA ARG L 193 -6.19 -68.42 39.27
C ARG L 193 -5.63 -68.23 37.87
N LEU L 194 -4.75 -69.13 37.43
CA LEU L 194 -4.19 -69.08 36.09
C LEU L 194 -5.24 -69.29 35.01
N GLN L 195 -6.39 -69.87 35.36
CA GLN L 195 -7.42 -70.25 34.40
C GLN L 195 -6.90 -71.33 33.44
N LEU L 196 -6.20 -72.31 34.00
CA LEU L 196 -5.67 -73.40 33.19
C LEU L 196 -6.79 -74.23 32.57
N ASP L 197 -6.48 -74.84 31.43
CA ASP L 197 -7.41 -75.69 30.70
C ASP L 197 -6.93 -77.13 30.70
N ALA L 198 -7.87 -78.05 30.53
CA ALA L 198 -7.53 -79.47 30.50
C ALA L 198 -6.48 -79.77 29.43
N ARG L 199 -6.53 -79.05 28.31
CA ARG L 199 -5.50 -79.19 27.28
C ARG L 199 -4.11 -79.01 27.87
N ASP L 200 -3.99 -78.17 28.90
CA ASP L 200 -2.74 -78.02 29.62
C ASP L 200 -2.64 -78.92 30.84
N ILE L 201 -3.77 -79.39 31.38
CA ILE L 201 -3.71 -80.32 32.52
C ILE L 201 -3.08 -81.64 32.09
N ARG L 202 -3.39 -82.11 30.89
CA ARG L 202 -2.78 -83.34 30.39
C ARG L 202 -1.26 -83.21 30.35
N ALA L 203 -0.76 -82.13 29.73
CA ALA L 203 0.67 -81.91 29.70
C ALA L 203 1.23 -81.70 31.10
N ALA L 204 0.44 -81.12 32.00
CA ALA L 204 0.90 -80.92 33.37
C ALA L 204 1.16 -82.26 34.05
N GLU L 205 0.22 -83.18 33.96
CA GLU L 205 0.45 -84.50 34.57
C GLU L 205 1.60 -85.22 33.86
N ALA L 206 1.70 -85.07 32.53
CA ALA L 206 2.80 -85.70 31.80
C ALA L 206 4.14 -85.21 32.32
N ARG L 207 4.30 -83.90 32.47
CA ARG L 207 5.57 -83.36 32.94
C ARG L 207 5.80 -83.67 34.41
N ALA L 208 4.73 -83.73 35.21
CA ALA L 208 4.87 -84.16 36.60
C ALA L 208 5.45 -85.57 36.67
N ARG L 209 4.97 -86.46 35.81
CA ARG L 209 5.60 -87.78 35.70
C ARG L 209 7.04 -87.64 35.21
N SER L 210 7.28 -86.75 34.25
CA SER L 210 8.65 -86.57 33.74
C SER L 210 9.61 -86.20 34.86
N TRP L 211 9.24 -85.21 35.67
CA TRP L 211 10.10 -84.84 36.80
C TRP L 211 10.22 -86.01 37.78
N GLY L 212 11.42 -86.20 38.30
CA GLY L 212 11.69 -87.27 39.24
C GLY L 212 12.33 -88.46 38.58
N PRO M 131 -12.68 -62.40 -6.58
CA PRO M 131 -12.13 -61.24 -5.90
C PRO M 131 -12.69 -59.93 -6.44
N ASN M 132 -12.86 -58.94 -5.56
CA ASN M 132 -13.39 -57.64 -5.92
C ASN M 132 -12.39 -56.52 -5.63
N GLN M 133 -11.12 -56.86 -5.44
CA GLN M 133 -10.08 -55.88 -5.12
C GLN M 133 -8.94 -56.03 -6.11
N VAL M 134 -8.38 -54.89 -6.53
CA VAL M 134 -7.46 -54.81 -7.64
C VAL M 134 -6.14 -54.22 -7.15
N GLN M 135 -5.04 -54.87 -7.51
CA GLN M 135 -3.70 -54.33 -7.33
C GLN M 135 -3.18 -53.91 -8.70
N THR M 136 -2.79 -52.64 -8.82
CA THR M 136 -2.35 -52.07 -10.09
C THR M 136 -0.86 -51.82 -10.02
N ASP M 137 -0.12 -52.39 -10.97
CA ASP M 137 1.33 -52.22 -11.05
C ASP M 137 1.67 -51.30 -12.21
N ILE M 138 2.41 -50.24 -11.92
CA ILE M 138 2.88 -49.29 -12.91
C ILE M 138 4.37 -49.51 -13.12
N ARG M 139 4.82 -49.36 -14.36
CA ARG M 139 6.23 -49.52 -14.70
C ARG M 139 6.63 -48.37 -15.61
N PHE M 140 7.53 -47.52 -15.13
CA PHE M 140 7.96 -46.33 -15.84
C PHE M 140 9.47 -46.38 -16.06
N VAL M 141 9.90 -46.06 -17.28
CA VAL M 141 11.31 -46.05 -17.64
C VAL M 141 11.58 -44.85 -18.51
N GLU M 142 12.68 -44.15 -18.23
CA GLU M 142 13.12 -43.03 -19.06
C GLU M 142 14.63 -43.11 -19.25
N VAL M 143 15.08 -42.98 -20.49
CA VAL M 143 16.49 -42.93 -20.82
C VAL M 143 16.73 -41.70 -21.69
N SER M 144 17.75 -40.93 -21.34
CA SER M 144 18.07 -39.71 -22.08
C SER M 144 19.58 -39.58 -22.19
N ARG M 145 20.02 -39.06 -23.33
CA ARG M 145 21.43 -38.82 -23.59
C ARG M 145 21.60 -37.43 -24.17
N SER M 146 22.78 -36.85 -23.96
CA SER M 146 23.06 -35.51 -24.45
C SER M 146 24.54 -35.41 -24.79
N LYS M 147 24.84 -34.47 -25.68
CA LYS M 147 26.22 -34.15 -26.03
C LYS M 147 26.34 -32.64 -26.19
N LEU M 148 27.57 -32.15 -26.02
CA LEU M 148 27.82 -30.71 -26.05
C LEU M 148 29.24 -30.47 -26.52
N LYS M 149 29.40 -29.54 -27.46
CA LYS M 149 30.71 -29.15 -27.96
C LYS M 149 30.75 -27.64 -28.14
N GLN M 150 31.94 -27.08 -28.00
CA GLN M 150 32.16 -25.65 -28.20
C GLN M 150 33.66 -25.40 -28.31
N ALA M 151 34.01 -24.30 -28.98
CA ALA M 151 35.41 -23.94 -29.14
C ALA M 151 35.50 -22.48 -29.57
N SER M 152 36.49 -21.78 -29.03
CA SER M 152 36.73 -20.39 -29.38
C SER M 152 38.17 -20.05 -29.01
N THR M 153 38.70 -19.01 -29.66
CA THR M 153 40.08 -18.60 -29.46
C THR M 153 40.20 -17.09 -29.57
N SER M 154 41.09 -16.53 -28.76
CA SER M 154 41.39 -15.11 -28.78
C SER M 154 42.84 -14.91 -28.41
N PHE M 155 43.41 -13.77 -28.81
CA PHE M 155 44.81 -13.50 -28.52
C PHE M 155 45.07 -12.01 -28.57
N VAL M 156 46.21 -11.61 -28.01
CA VAL M 156 46.66 -10.22 -28.01
C VAL M 156 48.17 -10.21 -28.23
N ARG M 157 48.66 -9.12 -28.80
CA ARG M 157 50.09 -8.93 -29.02
C ARG M 157 50.46 -7.50 -28.69
N ARG M 158 51.73 -7.30 -28.36
CA ARG M 158 52.20 -6.02 -27.84
C ARG M 158 53.59 -5.74 -28.39
N GLY M 159 54.04 -4.49 -28.20
CA GLY M 159 55.36 -4.07 -28.59
C GLY M 159 55.38 -3.28 -29.88
N GLY M 160 55.44 -1.95 -29.78
CA GLY M 160 55.43 -1.12 -30.96
C GLY M 160 54.08 -1.17 -31.64
N ASN M 161 53.78 -2.32 -32.23
CA ASN M 161 52.47 -2.60 -32.78
C ASN M 161 51.55 -3.14 -31.68
N LEU M 162 50.27 -3.26 -32.02
CA LEU M 162 49.30 -3.88 -31.13
C LEU M 162 48.26 -4.57 -31.99
N TRP M 163 47.97 -5.83 -31.66
CA TRP M 163 46.96 -6.61 -32.36
C TRP M 163 46.02 -7.25 -31.36
N VAL M 164 44.77 -7.41 -31.76
CA VAL M 164 43.76 -8.05 -30.94
C VAL M 164 42.79 -8.78 -31.85
N LEU M 165 42.37 -9.98 -31.43
CA LEU M 165 41.33 -10.72 -32.12
C LEU M 165 40.44 -11.33 -31.05
N GLY M 166 39.26 -10.74 -30.85
CA GLY M 166 38.32 -11.20 -29.85
C GLY M 166 37.21 -12.00 -30.48
N ALA M 167 37.07 -13.24 -30.05
CA ALA M 167 35.99 -14.08 -30.54
C ALA M 167 34.65 -13.56 -30.03
N PRO M 168 33.55 -13.94 -30.69
CA PRO M 168 32.24 -13.39 -30.30
C PRO M 168 31.97 -13.48 -28.81
N GLY M 169 31.74 -12.33 -28.18
CA GLY M 169 31.44 -12.28 -26.77
C GLY M 169 32.64 -12.36 -25.84
N SER M 170 33.86 -12.43 -26.37
CA SER M 170 35.04 -12.60 -25.54
C SER M 170 35.65 -11.28 -25.09
N LEU M 171 35.61 -10.25 -25.93
CA LEU M 171 36.32 -9.01 -25.69
C LEU M 171 35.46 -7.94 -25.03
N GLY M 172 34.21 -8.25 -24.68
CA GLY M 172 33.32 -7.24 -24.11
C GLY M 172 33.79 -6.66 -22.79
N ASP M 173 34.74 -7.32 -22.13
CA ASP M 173 35.16 -6.90 -20.79
C ASP M 173 36.10 -5.69 -20.83
N ILE M 174 36.65 -5.34 -21.98
CA ILE M 174 37.80 -4.45 -22.05
C ILE M 174 37.46 -3.23 -22.92
N LYS M 175 37.98 -2.08 -22.50
CA LYS M 175 37.96 -0.86 -23.29
C LYS M 175 39.39 -0.36 -23.45
N VAL M 176 39.67 0.26 -24.60
CA VAL M 176 40.99 0.76 -24.92
C VAL M 176 40.99 2.28 -24.74
N ASN M 177 42.12 2.81 -24.28
CA ASN M 177 42.19 4.22 -23.92
C ASN M 177 42.17 5.10 -25.17
N ALA M 178 41.99 6.40 -24.93
CA ALA M 178 41.86 7.35 -26.03
C ALA M 178 43.13 7.43 -26.86
N ASP M 179 44.30 7.36 -26.23
CA ASP M 179 45.56 7.57 -26.92
C ASP M 179 46.13 6.28 -27.52
N GLY M 180 45.44 5.15 -27.37
CA GLY M 180 45.86 3.93 -28.01
C GLY M 180 47.16 3.35 -27.49
N SER M 181 47.56 3.70 -26.27
CA SER M 181 48.81 3.19 -25.72
C SER M 181 48.67 1.78 -25.17
N GLY M 182 47.46 1.31 -24.93
CA GLY M 182 47.25 -0.02 -24.38
C GLY M 182 45.82 -0.21 -23.95
N LEU M 183 45.49 -1.46 -23.68
CA LEU M 183 44.15 -1.81 -23.21
C LEU M 183 43.95 -1.35 -21.78
N GLY M 184 42.68 -1.12 -21.42
CA GLY M 184 42.35 -0.61 -20.09
C GLY M 184 41.33 -1.46 -19.35
N GLY M 185 41.33 -2.77 -19.59
CA GLY M 185 40.41 -3.66 -18.91
C GLY M 185 41.05 -5.00 -18.63
N THR M 186 40.32 -5.81 -17.86
CA THR M 186 40.77 -7.14 -17.45
C THR M 186 39.99 -8.20 -18.22
N PHE M 187 40.69 -9.18 -18.75
CA PHE M 187 40.06 -10.26 -19.51
C PHE M 187 39.28 -11.19 -18.58
N GLY M 188 38.17 -11.73 -19.09
CA GLY M 188 37.38 -12.70 -18.38
C GLY M 188 37.55 -14.10 -18.95
N THR M 189 36.74 -15.02 -18.42
CA THR M 189 36.80 -16.42 -18.81
C THR M 189 35.39 -16.94 -19.07
N GLY M 190 35.29 -17.83 -20.07
CA GLY M 190 34.04 -18.53 -20.30
C GLY M 190 33.81 -19.57 -19.20
N SER M 191 32.60 -19.56 -18.63
CA SER M 191 32.33 -20.38 -17.46
C SER M 191 32.17 -21.86 -17.81
N SER M 192 31.49 -22.15 -18.92
CA SER M 192 30.96 -23.49 -19.15
C SER M 192 32.03 -24.53 -19.51
N GLY M 193 33.16 -24.11 -20.08
CA GLY M 193 34.12 -25.06 -20.63
C GLY M 193 35.50 -24.88 -20.03
N PHE M 194 36.39 -25.80 -20.40
CA PHE M 194 37.78 -25.69 -20.01
C PHE M 194 38.39 -24.42 -20.57
N ASN M 195 39.07 -23.66 -19.71
CA ASN M 195 39.72 -22.42 -20.09
C ASN M 195 41.23 -22.62 -20.02
N LEU M 196 41.90 -22.41 -21.14
CA LEU M 196 43.35 -22.45 -21.22
C LEU M 196 43.88 -21.09 -21.59
N ILE M 197 44.92 -20.65 -20.89
CA ILE M 197 45.53 -19.34 -21.11
C ILE M 197 47.03 -19.54 -21.27
N PHE M 198 47.65 -18.59 -21.99
CA PHE M 198 49.10 -18.63 -22.19
C PHE M 198 49.59 -17.19 -22.28
N GLY M 199 50.37 -16.78 -21.28
CA GLY M 199 51.10 -15.53 -21.35
C GLY M 199 52.53 -15.80 -21.75
N GLY M 200 52.97 -15.18 -22.85
CA GLY M 200 54.29 -15.43 -23.39
C GLY M 200 55.07 -14.15 -23.63
N GLY M 201 54.93 -13.20 -22.71
CA GLY M 201 55.58 -11.92 -22.86
C GLY M 201 54.73 -10.97 -23.69
N LYS M 202 55.14 -10.75 -24.94
CA LYS M 202 54.31 -9.96 -25.85
C LYS M 202 53.01 -10.67 -26.18
N TRP M 203 53.09 -11.96 -26.52
CA TRP M 203 51.90 -12.72 -26.86
C TRP M 203 51.06 -12.99 -25.61
N LEU M 204 49.74 -13.04 -25.82
CA LEU M 204 48.79 -13.44 -24.79
C LEU M 204 47.58 -14.04 -25.49
N SER M 205 47.19 -15.24 -25.09
CA SER M 205 46.16 -15.99 -25.78
C SER M 205 45.23 -16.66 -24.79
N PHE M 206 44.00 -16.92 -25.24
CA PHE M 206 43.00 -17.62 -24.46
C PHE M 206 42.28 -18.60 -25.36
N MET M 207 41.87 -19.73 -24.78
CA MET M 207 41.16 -20.76 -25.52
C MET M 207 40.11 -21.39 -24.62
N ASN M 208 38.88 -21.49 -25.13
CA ASN M 208 37.79 -22.17 -24.46
C ASN M 208 37.37 -23.35 -25.33
N ALA M 209 37.28 -24.53 -24.73
CA ALA M 209 36.90 -25.72 -25.47
C ALA M 209 36.20 -26.70 -24.53
N LEU M 210 35.40 -27.57 -25.12
CA LEU M 210 34.67 -28.58 -24.37
C LEU M 210 34.03 -29.56 -25.35
N GLU M 211 34.10 -30.84 -25.02
CA GLU M 211 33.25 -31.85 -25.63
C GLU M 211 32.78 -32.77 -24.53
N GLY M 212 31.50 -32.66 -24.16
CA GLY M 212 30.98 -33.40 -23.03
C GLY M 212 29.70 -34.14 -23.40
N SER M 213 29.42 -35.17 -22.60
CA SER M 213 28.26 -36.02 -22.82
C SER M 213 27.64 -36.36 -21.47
N GLY M 214 26.35 -36.64 -21.50
CA GLY M 214 25.62 -36.98 -20.29
C GLY M 214 24.70 -38.15 -20.53
N PHE M 215 24.43 -38.87 -19.45
CA PHE M 215 23.53 -40.01 -19.48
C PHE M 215 22.66 -39.99 -18.22
N ALA M 216 21.37 -40.25 -18.40
CA ALA M 216 20.42 -40.26 -17.30
C ALA M 216 19.49 -41.45 -17.46
N TYR M 217 19.15 -42.07 -16.33
CA TYR M 217 18.27 -43.23 -16.31
C TYR M 217 17.34 -43.13 -15.12
N THR M 218 16.09 -43.52 -15.32
CA THR M 218 15.08 -43.46 -14.28
C THR M 218 14.17 -44.68 -14.37
N LEU M 219 13.83 -45.23 -13.21
CA LEU M 219 12.95 -46.40 -13.14
C LEU M 219 12.07 -46.25 -11.91
N ALA M 220 10.78 -46.52 -12.07
CA ALA M 220 9.84 -46.44 -10.96
C ALA M 220 8.77 -47.50 -11.16
N ARG M 221 8.48 -48.25 -10.10
CA ARG M 221 7.50 -49.34 -10.14
C ARG M 221 6.55 -49.23 -8.95
N PRO M 222 5.75 -48.16 -8.89
CA PRO M 222 4.78 -48.04 -7.80
C PRO M 222 3.67 -49.07 -7.93
N SER M 223 3.12 -49.47 -6.79
CA SER M 223 1.99 -50.38 -6.73
C SER M 223 0.97 -49.83 -5.73
N LEU M 224 -0.29 -50.18 -5.95
CA LEU M 224 -1.37 -49.63 -5.14
C LEU M 224 -2.57 -50.55 -5.23
N VAL M 225 -3.22 -50.78 -4.09
CA VAL M 225 -4.39 -51.65 -3.99
C VAL M 225 -5.60 -50.80 -3.69
N ALA M 226 -6.74 -51.20 -4.26
CA ALA M 226 -7.99 -50.49 -4.02
C ALA M 226 -9.16 -51.42 -4.33
N MET M 227 -10.26 -51.20 -3.62
CA MET M 227 -11.47 -51.95 -3.88
C MET M 227 -12.14 -51.45 -5.15
N SER M 228 -12.94 -52.32 -5.76
CA SER M 228 -13.61 -51.98 -7.01
C SER M 228 -14.50 -50.75 -6.82
N GLY M 229 -14.35 -49.79 -7.72
CA GLY M 229 -15.17 -48.59 -7.70
C GLY M 229 -14.70 -47.51 -6.74
N GLN M 230 -13.61 -47.73 -6.01
CA GLN M 230 -13.11 -46.78 -5.03
C GLN M 230 -11.83 -46.13 -5.55
N SER M 231 -11.74 -44.82 -5.37
CA SER M 231 -10.55 -44.09 -5.79
C SER M 231 -9.41 -44.31 -4.79
N ALA M 232 -8.19 -44.17 -5.28
CA ALA M 232 -7.00 -44.34 -4.44
C ALA M 232 -5.93 -43.38 -4.93
N SER M 233 -5.01 -43.05 -4.02
CA SER M 233 -3.94 -42.11 -4.30
C SER M 233 -2.66 -42.56 -3.60
N PHE M 234 -1.53 -42.14 -4.16
CA PHE M 234 -0.23 -42.49 -3.62
C PHE M 234 0.75 -41.37 -3.92
N LEU M 235 1.61 -41.07 -2.95
CA LEU M 235 2.64 -40.07 -3.10
C LEU M 235 3.91 -40.57 -2.46
N ALA M 236 5.05 -40.31 -3.11
CA ALA M 236 6.34 -40.76 -2.59
C ALA M 236 7.43 -39.71 -2.77
N GLY M 237 7.08 -38.44 -2.98
CA GLY M 237 8.07 -37.41 -3.17
C GLY M 237 8.14 -36.44 -2.02
N GLY M 238 7.53 -35.26 -2.18
CA GLY M 238 7.57 -34.26 -1.14
C GLY M 238 6.75 -33.05 -1.54
N GLU M 239 6.87 -32.00 -0.72
CA GLU M 239 6.17 -30.75 -0.94
C GLU M 239 7.10 -29.61 -0.61
N PHE M 240 7.15 -28.60 -1.49
CA PHE M 240 7.95 -27.42 -1.29
C PHE M 240 7.06 -26.19 -1.24
N PRO M 241 7.52 -25.10 -0.59
CA PRO M 241 6.66 -23.93 -0.39
C PRO M 241 6.18 -23.30 -1.69
N TYR M 256 1.58 -25.20 -0.83
CA TYR M 256 2.66 -26.14 -1.11
C TYR M 256 2.35 -26.97 -2.36
N LYS M 257 3.38 -27.23 -3.15
CA LYS M 257 3.26 -27.95 -4.42
C LYS M 257 3.95 -29.30 -4.30
N GLU M 258 3.27 -30.34 -4.73
CA GLU M 258 3.79 -31.70 -4.63
C GLU M 258 4.73 -32.02 -5.79
N PHE M 259 5.52 -33.07 -5.61
CA PHE M 259 6.38 -33.59 -6.67
C PHE M 259 6.79 -35.00 -6.28
N GLY M 260 7.61 -35.62 -7.12
CA GLY M 260 8.00 -37.00 -6.92
C GLY M 260 6.98 -37.97 -7.51
N ILE M 261 7.19 -39.24 -7.18
CA ILE M 261 6.30 -40.29 -7.68
C ILE M 261 4.90 -40.04 -7.16
N ARG M 262 3.94 -39.91 -8.07
CA ARG M 262 2.54 -39.77 -7.73
C ARG M 262 1.73 -40.75 -8.56
N LEU M 263 0.57 -41.14 -8.02
CA LEU M 263 -0.29 -42.09 -8.72
C LEU M 263 -1.70 -41.97 -8.16
N THR M 264 -2.65 -41.64 -9.03
CA THR M 264 -4.07 -41.66 -8.72
C THR M 264 -4.77 -42.58 -9.71
N LEU M 265 -5.63 -43.45 -9.20
CA LEU M 265 -6.29 -44.42 -10.05
C LEU M 265 -7.63 -44.82 -9.44
N THR M 266 -8.44 -45.49 -10.25
CA THR M 266 -9.78 -45.90 -9.86
C THR M 266 -10.18 -47.15 -10.63
N PRO M 267 -9.93 -48.34 -10.09
CA PRO M 267 -10.23 -49.57 -10.83
C PRO M 267 -11.67 -50.03 -10.65
N THR M 268 -12.28 -50.44 -11.76
CA THR M 268 -13.62 -50.99 -11.77
C THR M 268 -13.58 -52.38 -12.39
N VAL M 269 -14.05 -53.37 -11.64
CA VAL M 269 -14.10 -54.75 -12.12
C VAL M 269 -15.49 -54.99 -12.70
N MET M 270 -15.56 -55.25 -13.99
CA MET M 270 -16.83 -55.41 -14.68
C MET M 270 -17.34 -56.85 -14.55
N ASN M 271 -18.61 -57.03 -14.90
CA ASN M 271 -19.26 -58.32 -14.73
C ASN M 271 -18.59 -59.42 -15.54
N ASN M 272 -17.85 -59.06 -16.59
CA ASN M 272 -17.09 -60.03 -17.38
C ASN M 272 -15.68 -60.25 -16.85
N ARG M 273 -15.39 -59.77 -15.64
CA ARG M 273 -14.11 -59.92 -14.96
C ARG M 273 -12.99 -59.10 -15.59
N ARG M 274 -13.31 -58.26 -16.58
CA ARG M 274 -12.31 -57.35 -17.11
C ARG M 274 -12.22 -56.10 -16.24
N ILE M 275 -11.04 -55.49 -16.23
CA ILE M 275 -10.73 -54.37 -15.34
C ILE M 275 -10.66 -53.10 -16.17
N ALA M 276 -11.47 -52.12 -15.81
CA ALA M 276 -11.44 -50.80 -16.42
C ALA M 276 -10.68 -49.85 -15.49
N LEU M 277 -9.61 -49.27 -16.00
CA LEU M 277 -8.71 -48.45 -15.19
C LEU M 277 -8.79 -46.99 -15.62
N LYS M 278 -9.09 -46.12 -14.66
CA LYS M 278 -8.84 -44.69 -14.78
C LYS M 278 -7.56 -44.40 -14.00
N VAL M 279 -6.51 -44.02 -14.71
CA VAL M 279 -5.16 -43.98 -14.13
C VAL M 279 -4.47 -42.70 -14.57
N ALA M 280 -3.66 -42.14 -13.67
CA ALA M 280 -2.96 -40.88 -13.91
C ALA M 280 -1.63 -40.88 -13.18
N PRO M 281 -0.63 -41.56 -13.72
CA PRO M 281 0.69 -41.58 -13.09
C PRO M 281 1.46 -40.29 -13.31
N GLU M 282 2.42 -40.05 -12.43
CA GLU M 282 3.34 -38.93 -12.57
C GLU M 282 4.72 -39.31 -12.03
N VAL M 283 5.75 -38.69 -12.60
CA VAL M 283 7.11 -38.80 -12.12
C VAL M 283 7.77 -37.44 -12.31
N SER M 284 8.06 -36.76 -11.20
CA SER M 284 8.56 -35.39 -11.25
C SER M 284 9.73 -35.23 -10.28
N GLU M 285 10.53 -34.20 -10.53
CA GLU M 285 11.69 -33.91 -9.71
C GLU M 285 12.02 -32.43 -9.85
N LEU M 286 12.81 -31.94 -8.90
CA LEU M 286 13.11 -30.52 -8.85
C LEU M 286 14.13 -30.13 -9.91
N ASP M 287 13.92 -28.98 -10.53
CA ASP M 287 14.86 -28.37 -11.47
C ASP M 287 15.06 -26.93 -11.04
N TYR M 288 16.31 -26.52 -10.92
CA TYR M 288 16.68 -25.27 -10.25
C TYR M 288 16.84 -24.16 -11.29
N SER M 289 15.91 -23.22 -11.29
CA SER M 289 15.98 -22.03 -12.14
C SER M 289 14.81 -21.13 -11.79
N ALA M 290 14.86 -19.89 -12.30
CA ALA M 290 13.75 -18.95 -12.18
C ALA M 290 13.57 -18.47 -10.74
N GLY M 291 12.56 -17.64 -10.52
CA GLY M 291 12.27 -17.09 -9.21
C GLY M 291 10.83 -16.60 -9.18
N ILE M 292 10.41 -16.14 -8.00
CA ILE M 292 9.03 -15.72 -7.78
C ILE M 292 9.02 -14.68 -6.66
N GLN M 293 7.94 -13.88 -6.63
CA GLN M 293 7.78 -12.82 -5.63
C GLN M 293 6.54 -13.01 -4.77
N SER M 294 5.78 -14.08 -4.98
CA SER M 294 4.54 -14.31 -4.24
C SER M 294 4.38 -15.81 -4.05
N GLY M 295 3.96 -16.20 -2.84
CA GLY M 295 3.80 -17.61 -2.52
C GLY M 295 5.10 -18.38 -2.45
N GLY M 296 6.23 -17.71 -2.45
CA GLY M 296 7.51 -18.38 -2.40
C GLY M 296 8.63 -17.44 -2.75
N VAL M 297 9.86 -17.98 -2.71
CA VAL M 297 11.06 -17.22 -3.07
C VAL M 297 12.04 -18.18 -3.73
N ALA M 298 12.65 -17.73 -4.83
CA ALA M 298 13.66 -18.50 -5.54
C ALA M 298 13.20 -19.94 -5.75
N VAL M 299 11.89 -20.13 -5.92
CA VAL M 299 11.34 -21.49 -5.98
C VAL M 299 11.88 -22.19 -7.22
N PRO M 300 12.23 -23.47 -7.14
CA PRO M 300 12.76 -24.17 -8.32
C PRO M 300 11.65 -24.58 -9.28
N ALA M 301 12.08 -25.02 -10.46
CA ALA M 301 11.19 -25.56 -11.46
C ALA M 301 11.07 -27.08 -11.31
N LEU M 302 10.16 -27.66 -12.07
CA LEU M 302 9.92 -29.10 -12.04
C LEU M 302 10.18 -29.71 -13.41
N ARG M 303 10.84 -30.87 -13.41
CA ARG M 303 10.97 -31.73 -14.57
C ARG M 303 9.90 -32.82 -14.45
N VAL M 304 8.88 -32.75 -15.30
CA VAL M 304 7.65 -33.50 -15.11
C VAL M 304 7.42 -34.44 -16.29
N ARG M 305 7.03 -35.67 -15.97
CA ARG M 305 6.59 -36.66 -16.95
C ARG M 305 5.34 -37.32 -16.39
N ARG M 306 4.19 -37.05 -17.01
CA ARG M 306 2.91 -37.54 -16.49
C ARG M 306 2.03 -38.00 -17.63
N THR M 307 1.03 -38.82 -17.29
CA THR M 307 0.06 -39.32 -18.23
C THR M 307 -1.29 -39.43 -17.53
N ASP M 308 -2.36 -39.39 -18.33
CA ASP M 308 -3.71 -39.55 -17.84
C ASP M 308 -4.58 -40.12 -18.95
N THR M 309 -5.24 -41.24 -18.67
CA THR M 309 -6.01 -41.95 -19.69
C THR M 309 -6.91 -42.95 -19.01
N SER M 310 -7.78 -43.57 -19.80
CA SER M 310 -8.67 -44.63 -19.33
C SER M 310 -8.60 -45.80 -20.31
N VAL M 311 -8.52 -47.01 -19.76
CA VAL M 311 -8.32 -48.22 -20.55
C VAL M 311 -9.08 -49.37 -19.91
N MET M 312 -9.18 -50.48 -20.64
CA MET M 312 -9.79 -51.71 -20.16
C MET M 312 -8.84 -52.87 -20.43
N LEU M 313 -8.61 -53.70 -19.42
CA LEU M 313 -7.74 -54.85 -19.54
C LEU M 313 -8.34 -56.02 -18.77
N ALA M 314 -7.89 -57.22 -19.12
CA ALA M 314 -8.23 -58.42 -18.36
C ALA M 314 -7.16 -58.67 -17.30
N ASP M 315 -7.53 -59.47 -16.30
CA ASP M 315 -6.62 -59.78 -15.21
C ASP M 315 -5.27 -60.25 -15.73
N GLY M 316 -4.23 -59.48 -15.42
CA GLY M 316 -2.88 -59.82 -15.81
C GLY M 316 -2.40 -59.22 -17.11
N GLU M 317 -3.31 -58.71 -17.95
CA GLU M 317 -2.90 -58.11 -19.21
C GLU M 317 -2.23 -56.75 -18.95
N SER M 318 -1.57 -56.24 -19.97
CA SER M 318 -0.76 -55.04 -19.84
C SER M 318 -0.94 -54.14 -21.05
N PHE M 319 -0.65 -52.86 -20.85
CA PHE M 319 -0.65 -51.86 -21.91
C PHE M 319 0.58 -50.99 -21.80
N VAL M 320 1.09 -50.55 -22.94
CA VAL M 320 1.97 -49.39 -22.97
C VAL M 320 1.09 -48.18 -23.23
N ILE M 321 0.54 -47.61 -22.15
CA ILE M 321 -0.44 -46.53 -22.28
C ILE M 321 0.20 -45.27 -22.86
N SER M 322 1.51 -45.14 -22.77
CA SER M 322 2.18 -43.93 -23.25
C SER M 322 3.61 -44.26 -23.59
N GLY M 323 4.15 -43.51 -24.56
CA GLY M 323 5.54 -43.68 -24.97
C GLY M 323 5.98 -42.49 -25.77
N LEU M 324 7.29 -42.31 -25.84
CA LEU M 324 7.86 -41.16 -26.52
C LEU M 324 9.26 -41.49 -27.02
N THR M 325 9.58 -40.97 -28.20
CA THR M 325 10.94 -40.90 -28.70
C THR M 325 11.17 -39.48 -29.20
N SER M 326 12.27 -38.87 -28.79
CA SER M 326 12.54 -37.48 -29.09
C SER M 326 14.00 -37.29 -29.45
N SER M 327 14.27 -36.26 -30.24
CA SER M 327 15.64 -35.93 -30.62
C SER M 327 15.69 -34.46 -30.99
N ASN M 328 16.72 -33.77 -30.50
CA ASN M 328 16.93 -32.36 -30.76
C ASN M 328 18.38 -32.12 -31.11
N SER M 329 18.62 -31.25 -32.10
CA SER M 329 19.96 -30.90 -32.51
C SER M 329 20.00 -29.41 -32.80
N VAL M 330 21.03 -28.73 -32.29
CA VAL M 330 21.23 -27.31 -32.51
C VAL M 330 22.71 -27.07 -32.78
N SER M 331 23.00 -26.28 -33.81
CA SER M 331 24.36 -25.99 -34.20
C SER M 331 24.49 -24.54 -34.61
N ASN M 332 25.72 -24.02 -34.49
CA ASN M 332 26.01 -22.65 -34.87
C ASN M 332 27.50 -22.52 -35.12
N VAL M 333 27.86 -21.79 -36.17
CA VAL M 333 29.25 -21.56 -36.53
C VAL M 333 29.45 -20.08 -36.81
N ASP M 334 30.46 -19.48 -36.19
CA ASP M 334 30.84 -18.11 -36.44
C ASP M 334 32.29 -18.07 -36.90
N LYS M 335 32.56 -17.27 -37.93
CA LYS M 335 33.89 -17.25 -38.53
C LYS M 335 34.23 -15.84 -38.97
N PHE M 336 35.52 -15.52 -38.97
CA PHE M 336 35.98 -14.33 -39.64
C PHE M 336 35.79 -14.49 -41.14
N PRO M 337 35.28 -13.47 -41.84
CA PRO M 337 34.80 -13.69 -43.21
C PRO M 337 35.77 -14.42 -44.14
N TRP M 338 36.98 -13.87 -44.33
CA TRP M 338 37.93 -14.46 -45.26
C TRP M 338 38.84 -15.48 -44.61
N LEU M 339 39.34 -15.20 -43.41
CA LEU M 339 40.31 -16.09 -42.78
C LEU M 339 39.67 -17.40 -42.33
N GLY M 340 38.36 -17.39 -42.06
CA GLY M 340 37.71 -18.57 -41.55
C GLY M 340 37.70 -19.75 -42.50
N ASP M 341 37.94 -19.52 -43.78
CA ASP M 341 37.91 -20.56 -44.79
C ASP M 341 39.29 -21.11 -45.14
N ILE M 342 40.34 -20.64 -44.46
CA ILE M 342 41.66 -21.24 -44.69
C ILE M 342 41.61 -22.71 -44.31
N PRO M 343 42.10 -23.63 -45.14
CA PRO M 343 41.85 -25.06 -44.88
C PRO M 343 42.39 -25.55 -43.54
N ILE M 344 43.50 -25.00 -43.07
CA ILE M 344 44.14 -25.45 -41.83
C ILE M 344 44.03 -24.39 -40.74
N LEU M 345 44.58 -23.20 -40.99
CA LEU M 345 44.58 -22.15 -39.98
C LEU M 345 43.20 -21.53 -39.75
N GLY M 346 42.22 -21.86 -40.60
CA GLY M 346 40.89 -21.28 -40.43
C GLY M 346 40.25 -21.63 -39.09
N ALA M 347 40.61 -22.78 -38.52
CA ALA M 347 40.00 -23.20 -37.26
C ALA M 347 40.19 -22.16 -36.17
N PHE M 348 41.32 -21.45 -36.17
CA PHE M 348 41.59 -20.44 -35.16
C PHE M 348 40.77 -19.16 -35.37
N PHE M 349 40.11 -19.03 -36.52
CA PHE M 349 39.25 -17.89 -36.80
C PHE M 349 37.77 -18.28 -36.79
N ARG M 350 37.42 -19.36 -36.10
CA ARG M 350 36.06 -19.85 -36.05
C ARG M 350 35.65 -20.12 -34.61
N SER M 351 34.37 -19.91 -34.34
CA SER M 351 33.74 -20.29 -33.07
C SER M 351 32.57 -21.20 -33.37
N THR M 352 32.34 -22.18 -32.48
CA THR M 352 31.40 -23.24 -32.76
C THR M 352 30.63 -23.61 -31.49
N LYS M 353 29.44 -24.15 -31.71
CA LYS M 353 28.58 -24.61 -30.63
C LYS M 353 27.70 -25.73 -31.17
N LEU M 354 27.56 -26.79 -30.37
CA LEU M 354 26.73 -27.93 -30.76
C LEU M 354 26.03 -28.47 -29.53
N ASP M 355 24.73 -28.71 -29.65
CA ASP M 355 23.92 -29.28 -28.59
C ASP M 355 23.01 -30.35 -29.18
N LYS M 356 23.08 -31.56 -28.63
CA LYS M 356 22.25 -32.66 -29.10
C LYS M 356 21.63 -33.34 -27.88
N ASP M 357 20.43 -33.89 -28.08
CA ASP M 357 19.70 -34.53 -27.00
C ASP M 357 18.83 -35.63 -27.58
N ASP M 358 18.65 -36.70 -26.81
CA ASP M 358 17.79 -37.81 -27.18
C ASP M 358 17.07 -38.30 -25.93
N ARG M 359 15.94 -38.96 -26.14
CA ARG M 359 15.10 -39.37 -25.03
C ARG M 359 14.18 -40.49 -25.46
N GLU M 360 13.83 -41.36 -24.49
CA GLU M 360 12.89 -42.43 -24.70
C GLU M 360 12.12 -42.66 -23.41
N LEU M 361 10.83 -42.98 -23.54
CA LEU M 361 9.95 -43.15 -22.39
C LEU M 361 9.09 -44.39 -22.56
N LEU M 362 8.63 -44.91 -21.42
CA LEU M 362 7.65 -45.99 -21.39
C LEU M 362 6.85 -45.88 -20.11
N MET M 363 5.53 -46.03 -20.22
CA MET M 363 4.64 -46.15 -19.07
C MET M 363 3.75 -47.36 -19.30
N ILE M 364 3.84 -48.34 -18.40
CA ILE M 364 3.15 -49.61 -18.55
C ILE M 364 2.29 -49.85 -17.31
N VAL M 365 1.08 -50.34 -17.54
CA VAL M 365 0.13 -50.61 -16.47
C VAL M 365 -0.23 -52.09 -16.50
N THR M 366 -0.44 -52.67 -15.31
CA THR M 366 -0.78 -54.08 -15.20
C THR M 366 -1.66 -54.31 -13.98
N PRO M 367 -2.96 -54.56 -14.16
CA PRO M 367 -3.83 -54.84 -13.03
C PRO M 367 -3.94 -56.31 -12.70
N HIS M 368 -3.97 -56.61 -11.40
CA HIS M 368 -4.13 -57.97 -10.90
C HIS M 368 -5.27 -58.01 -9.90
N LEU M 369 -6.08 -59.08 -9.97
CA LEU M 369 -7.06 -59.35 -8.93
C LEU M 369 -6.39 -60.11 -7.79
N VAL M 370 -6.58 -59.63 -6.57
CA VAL M 370 -5.85 -60.12 -5.41
C VAL M 370 -6.82 -60.36 -4.25
N GLN M 371 -6.32 -61.06 -3.24
CA GLN M 371 -7.05 -61.35 -2.03
C GLN M 371 -6.14 -61.08 -0.84
N PRO M 372 -6.72 -60.80 0.33
CA PRO M 372 -5.88 -60.49 1.49
C PRO M 372 -5.02 -61.66 1.92
N LEU M 373 -3.87 -61.35 2.51
CA LEU M 373 -3.04 -62.37 3.13
C LEU M 373 -3.81 -63.04 4.26
N ALA M 374 -3.58 -64.34 4.44
CA ALA M 374 -4.28 -65.08 5.46
C ALA M 374 -3.84 -64.65 6.85
N ALA M 375 -4.69 -64.95 7.84
CA ALA M 375 -4.41 -64.50 9.21
C ALA M 375 -3.10 -65.05 9.73
N ASP M 376 -2.70 -66.25 9.27
CA ASP M 376 -1.47 -66.87 9.72
C ASP M 376 -0.28 -66.57 8.81
N ALA M 377 -0.46 -65.76 7.78
CA ALA M 377 0.59 -65.54 6.81
C ALA M 377 1.73 -64.72 7.41
N GLN M 378 2.96 -65.07 7.02
CA GLN M 378 4.12 -64.25 7.34
C GLN M 378 4.14 -63.05 6.40
N LEU M 379 4.23 -61.85 6.97
CA LEU M 379 4.12 -60.65 6.18
C LEU M 379 5.35 -60.49 5.27
N PRO M 380 5.18 -59.86 4.11
CA PRO M 380 6.35 -59.46 3.33
C PRO M 380 7.17 -58.44 4.10
N ASP M 381 8.48 -58.47 3.85
CA ASP M 381 9.40 -57.62 4.62
C ASP M 381 10.56 -57.22 3.72
N LEU M 382 11.33 -56.25 4.21
CA LEU M 382 12.51 -55.73 3.56
C LEU M 382 13.71 -55.89 4.48
N PRO M 383 14.93 -55.98 3.92
CA PRO M 383 16.10 -56.24 4.76
C PRO M 383 16.18 -55.29 5.95
N THR M 412 16.51 -84.89 -12.28
CA THR M 412 17.54 -85.41 -11.38
C THR M 412 17.47 -84.72 -10.01
N GLY M 413 16.68 -83.64 -9.93
CA GLY M 413 16.50 -82.91 -8.70
C GLY M 413 17.38 -81.69 -8.58
N LEU M 414 18.43 -81.59 -9.39
CA LEU M 414 19.31 -80.44 -9.35
C LEU M 414 18.60 -79.21 -9.90
N SER M 415 19.16 -78.04 -9.56
CA SER M 415 18.55 -76.77 -9.94
C SER M 415 18.54 -76.56 -11.45
N ASP M 416 19.46 -77.18 -12.17
CA ASP M 416 19.89 -77.29 -13.56
C ASP M 416 20.74 -76.07 -13.95
N GLU N 28 34.13 -59.78 -0.77
CA GLU N 28 33.27 -58.88 -1.52
C GLU N 28 33.81 -58.68 -2.93
N CYS N 29 33.01 -58.05 -3.78
CA CYS N 29 33.36 -57.78 -5.18
C CYS N 29 33.49 -56.26 -5.35
N SER N 30 34.74 -55.79 -5.45
CA SER N 30 35.01 -54.37 -5.58
C SER N 30 35.20 -54.02 -7.05
N GLN N 31 34.14 -54.23 -7.82
CA GLN N 31 34.12 -53.92 -9.24
C GLN N 31 32.70 -53.58 -9.65
N GLN N 32 32.49 -52.38 -10.16
CA GLN N 32 31.17 -51.93 -10.62
C GLN N 32 31.29 -51.38 -12.02
N LEU N 33 30.27 -51.65 -12.83
CA LEU N 33 30.26 -51.24 -14.22
C LEU N 33 29.28 -50.08 -14.45
N GLY N 34 29.60 -49.26 -15.44
CA GLY N 34 28.83 -48.05 -15.69
C GLY N 34 27.45 -48.32 -16.25
N GLN N 35 26.61 -47.30 -16.16
CA GLN N 35 25.23 -47.38 -16.65
C GLN N 35 25.14 -47.62 -18.15
N GLU N 36 26.28 -47.60 -18.85
CA GLU N 36 26.29 -47.97 -20.26
C GLU N 36 26.51 -49.47 -20.46
N GLN N 37 27.40 -50.07 -19.69
CA GLN N 37 27.72 -51.49 -19.80
C GLN N 37 27.05 -52.34 -18.71
N GLU N 38 26.33 -51.72 -17.78
CA GLU N 38 25.52 -52.45 -16.79
C GLU N 38 24.07 -52.54 -17.22
N LEU N 39 23.55 -51.47 -17.83
CA LEU N 39 22.28 -51.55 -18.54
C LEU N 39 22.31 -52.68 -19.57
N GLN N 40 23.52 -53.11 -19.94
CA GLN N 40 23.73 -54.21 -20.87
C GLN N 40 23.67 -55.56 -20.15
N MET N 41 24.30 -55.65 -18.98
CA MET N 41 24.19 -56.87 -18.18
C MET N 41 22.74 -57.15 -17.80
N ASN N 42 21.93 -56.11 -17.63
CA ASN N 42 20.50 -56.33 -17.41
C ASN N 42 19.88 -57.11 -18.57
N MET N 43 20.15 -56.67 -19.81
CA MET N 43 19.65 -57.37 -20.97
C MET N 43 20.22 -58.79 -21.04
N VAL N 44 21.49 -58.95 -20.67
CA VAL N 44 22.09 -60.29 -20.64
C VAL N 44 21.29 -61.19 -19.71
N ARG N 45 21.01 -60.73 -18.50
CA ARG N 45 20.21 -61.52 -17.56
C ARG N 45 18.85 -61.84 -18.14
N ASP N 46 18.21 -60.85 -18.76
CA ASP N 46 16.91 -61.08 -19.39
C ASP N 46 17.00 -62.24 -20.38
N MET N 47 18.05 -62.23 -21.21
CA MET N 47 18.25 -63.33 -22.16
C MET N 47 18.46 -64.65 -21.44
N ILE N 48 19.24 -64.63 -20.35
CA ILE N 48 19.53 -65.87 -19.62
C ILE N 48 18.23 -66.51 -19.16
N ARG N 49 17.37 -65.73 -18.51
CA ARG N 49 16.12 -66.27 -18.00
C ARG N 49 15.05 -66.42 -19.07
N GLU N 50 15.28 -65.89 -20.27
CA GLU N 50 14.34 -66.05 -21.38
C GLU N 50 14.51 -67.37 -22.11
N GLY N 51 15.54 -68.14 -21.79
CA GLY N 51 15.90 -69.30 -22.59
C GLY N 51 16.80 -68.98 -23.75
N ARG N 52 17.24 -67.73 -23.87
CA ARG N 52 18.12 -67.28 -24.95
C ARG N 52 19.58 -67.29 -24.53
N LEU N 53 19.99 -68.29 -23.74
CA LEU N 53 21.35 -68.43 -23.26
C LEU N 53 22.37 -68.09 -24.35
N HIS N 54 22.13 -68.57 -25.57
CA HIS N 54 23.10 -68.38 -26.64
C HIS N 54 23.16 -66.91 -27.08
N ALA N 55 21.99 -66.27 -27.18
CA ALA N 55 21.97 -64.83 -27.45
C ALA N 55 22.62 -64.06 -26.31
N ALA N 56 22.40 -64.49 -25.08
CA ALA N 56 23.10 -63.87 -23.95
C ALA N 56 24.61 -64.02 -24.09
N LEU N 57 25.06 -65.19 -24.56
CA LEU N 57 26.49 -65.39 -24.82
C LEU N 57 26.97 -64.42 -25.88
N ALA N 58 26.19 -64.25 -26.94
CA ALA N 58 26.55 -63.28 -27.98
C ALA N 58 26.73 -61.89 -27.39
N ASN N 59 25.73 -61.43 -26.63
CA ASN N 59 25.78 -60.08 -26.08
C ASN N 59 26.93 -59.93 -25.09
N LEU N 60 27.22 -60.97 -24.31
CA LEU N 60 28.39 -60.95 -23.43
C LEU N 60 29.68 -60.84 -24.23
N GLU N 61 29.79 -61.63 -25.31
CA GLU N 61 30.94 -61.54 -26.19
C GLU N 61 31.11 -60.12 -26.71
N SER N 62 30.00 -59.43 -26.96
CA SER N 62 30.07 -58.01 -27.28
C SER N 62 30.74 -57.23 -26.15
N MET N 63 30.38 -57.56 -24.91
CA MET N 63 30.92 -56.88 -23.74
C MET N 63 32.36 -57.31 -23.49
N PRO N 64 33.11 -56.55 -22.68
CA PRO N 64 34.54 -56.78 -22.56
C PRO N 64 34.85 -58.13 -21.92
N PRO N 65 35.72 -58.93 -22.52
CA PRO N 65 36.20 -60.14 -21.84
C PRO N 65 37.17 -59.79 -20.73
N GLY N 66 37.13 -60.58 -19.65
CA GLY N 66 37.88 -60.30 -18.45
C GLY N 66 37.06 -59.66 -17.35
N LEU N 67 35.88 -59.16 -17.68
CA LEU N 67 34.96 -58.63 -16.67
C LEU N 67 34.39 -59.79 -15.87
N LEU N 68 34.65 -59.79 -14.55
CA LEU N 68 34.27 -60.92 -13.72
C LEU N 68 32.79 -61.28 -13.90
N ASP N 69 31.92 -60.27 -13.90
CA ASP N 69 30.49 -60.54 -14.10
C ASP N 69 30.25 -61.22 -15.45
N VAL N 70 30.82 -60.65 -16.51
CA VAL N 70 30.66 -61.25 -17.84
C VAL N 70 31.30 -62.62 -17.88
N ARG N 71 32.43 -62.80 -17.19
CA ARG N 71 33.10 -64.09 -17.20
C ARG N 71 32.23 -65.18 -16.57
N GLU N 72 31.67 -64.89 -15.39
CA GLU N 72 30.82 -65.88 -14.72
C GLU N 72 29.53 -66.13 -15.48
N GLU N 73 28.94 -65.08 -16.06
CA GLU N 73 27.73 -65.28 -16.85
C GLU N 73 28.01 -66.17 -18.05
N ARG N 74 29.13 -65.91 -18.74
CA ARG N 74 29.53 -66.74 -19.87
C ARG N 74 29.73 -68.18 -19.43
N ALA N 75 30.39 -68.38 -18.29
CA ALA N 75 30.60 -69.73 -17.79
C ALA N 75 29.28 -70.45 -17.52
N LEU N 76 28.33 -69.74 -16.91
CA LEU N 76 27.00 -70.29 -16.70
C LEU N 76 26.40 -70.78 -18.02
N ILE N 77 26.40 -69.90 -19.02
CA ILE N 77 25.83 -70.26 -20.32
C ILE N 77 26.56 -71.46 -20.89
N LEU N 78 27.89 -71.44 -20.88
CA LEU N 78 28.68 -72.52 -21.46
C LEU N 78 28.35 -73.85 -20.79
N ARG N 79 28.27 -73.86 -19.46
CA ARG N 79 27.97 -75.11 -18.76
C ARG N 79 26.58 -75.61 -19.11
N ARG N 80 25.60 -74.71 -19.16
CA ARG N 80 24.24 -75.16 -19.44
C ARG N 80 24.10 -75.66 -20.87
N ILE N 81 24.75 -75.01 -21.83
CA ILE N 81 24.60 -75.39 -23.24
C ILE N 81 25.48 -76.57 -23.63
N GLY N 82 26.43 -76.96 -22.79
CA GLY N 82 27.29 -78.09 -23.08
C GLY N 82 28.64 -77.74 -23.67
N ASP N 83 29.02 -76.46 -23.67
CA ASP N 83 30.31 -76.08 -24.21
C ASP N 83 31.44 -76.65 -23.34
N PRO N 84 32.62 -76.86 -23.91
CA PRO N 84 33.75 -77.42 -23.15
C PRO N 84 34.57 -76.38 -22.39
N ARG N 85 34.31 -75.09 -22.59
CA ARG N 85 35.11 -74.04 -21.97
C ARG N 85 34.58 -73.59 -20.62
N ALA N 86 33.34 -73.96 -20.27
CA ALA N 86 32.81 -73.61 -18.96
C ALA N 86 33.75 -74.06 -17.85
N ARG N 87 34.38 -75.23 -18.00
CA ARG N 87 35.30 -75.72 -16.99
C ARG N 87 36.41 -74.70 -16.73
N ALA N 88 37.08 -74.25 -17.79
CA ALA N 88 38.15 -73.29 -17.63
C ALA N 88 37.65 -71.96 -17.09
N GLU N 89 36.46 -71.52 -17.54
CA GLU N 89 35.91 -70.26 -17.04
C GLU N 89 35.71 -70.32 -15.53
N TYR N 90 35.05 -71.37 -15.05
CA TYR N 90 34.93 -71.57 -13.61
C TYR N 90 36.31 -71.63 -12.95
N GLN N 91 37.24 -72.35 -13.57
CA GLN N 91 38.58 -72.48 -12.98
C GLN N 91 39.23 -71.12 -12.76
N ALA N 92 39.21 -70.27 -13.79
CA ALA N 92 39.82 -68.95 -13.67
C ALA N 92 39.15 -68.13 -12.58
N LEU N 93 37.82 -68.20 -12.51
CA LEU N 93 37.06 -67.39 -11.56
C LEU N 93 37.19 -67.88 -10.12
N LEU N 94 37.73 -69.08 -9.90
CA LEU N 94 37.95 -69.53 -8.53
C LEU N 94 38.85 -68.58 -7.76
N GLU N 95 39.82 -67.96 -8.45
CA GLU N 95 40.81 -67.09 -7.80
C GLU N 95 40.41 -65.62 -7.83
N THR N 96 39.11 -65.32 -7.87
CA THR N 96 38.59 -63.96 -7.93
C THR N 96 37.46 -63.81 -6.92
N CYS N 97 36.86 -62.62 -6.89
CA CYS N 97 35.67 -62.42 -6.05
C CYS N 97 34.54 -63.34 -6.48
N LYS N 98 34.57 -63.81 -7.73
CA LYS N 98 33.60 -64.80 -8.19
C LYS N 98 34.06 -66.20 -7.81
N ALA N 99 34.39 -66.40 -6.54
CA ALA N 99 34.82 -67.71 -6.04
C ALA N 99 33.64 -68.66 -5.81
N PRO N 100 32.66 -68.27 -4.98
CA PRO N 100 31.56 -69.21 -4.68
C PRO N 100 30.93 -69.83 -5.91
N GLU N 101 30.57 -69.01 -6.90
CA GLU N 101 29.90 -69.55 -8.08
C GLU N 101 30.85 -70.37 -8.95
N ALA N 102 32.15 -70.06 -8.92
CA ALA N 102 33.12 -70.89 -9.63
C ALA N 102 33.20 -72.29 -9.01
N HIS N 103 33.31 -72.35 -7.68
CA HIS N 103 33.29 -73.65 -7.01
C HIS N 103 32.00 -74.39 -7.33
N HIS N 104 30.87 -73.69 -7.28
CA HIS N 104 29.58 -74.33 -7.57
C HIS N 104 29.52 -74.84 -9.00
N GLY N 105 30.05 -74.07 -9.95
CA GLY N 105 30.12 -74.50 -11.34
C GLY N 105 30.94 -75.75 -11.54
N LEU N 106 32.14 -75.77 -10.94
CA LEU N 106 32.97 -76.97 -11.02
C LEU N 106 32.26 -78.17 -10.39
N GLY N 107 31.57 -77.95 -9.27
CA GLY N 107 30.79 -79.01 -8.65
C GLY N 107 29.71 -79.56 -9.57
N LEU N 108 28.94 -78.65 -10.19
CA LEU N 108 27.91 -79.09 -11.13
C LEU N 108 28.52 -79.80 -12.33
N LEU N 109 29.70 -79.38 -12.77
CA LEU N 109 30.40 -80.13 -13.82
C LEU N 109 30.69 -81.55 -13.37
N ALA N 110 31.27 -81.70 -12.17
CA ALA N 110 31.53 -83.03 -11.63
C ALA N 110 30.25 -83.86 -11.56
N LEU N 111 29.14 -83.24 -11.16
CA LEU N 111 27.87 -83.94 -11.14
C LEU N 111 27.46 -84.37 -12.55
N ARG N 112 27.63 -83.49 -13.54
CA ARG N 112 27.31 -83.85 -14.92
C ARG N 112 28.13 -85.06 -15.37
N ASN N 113 29.42 -85.09 -15.02
CA ASN N 113 30.25 -86.23 -15.32
C ASN N 113 29.90 -87.46 -14.49
N GLY N 114 29.09 -87.30 -13.44
CA GLY N 114 28.75 -88.40 -12.56
C GLY N 114 29.73 -88.62 -11.43
N ASP N 115 30.84 -87.90 -11.39
CA ASP N 115 31.85 -88.03 -10.34
C ASP N 115 31.36 -87.28 -9.11
N SER N 116 30.47 -87.93 -8.36
CA SER N 116 29.89 -87.32 -7.18
C SER N 116 30.93 -87.07 -6.08
N ALA N 117 32.04 -87.80 -6.10
CA ALA N 117 33.03 -87.70 -5.03
C ALA N 117 33.52 -86.28 -4.84
N ARG N 118 34.17 -85.72 -5.87
CA ARG N 118 34.64 -84.34 -5.78
C ARG N 118 33.50 -83.34 -5.90
N ALA N 119 32.37 -83.74 -6.50
CA ALA N 119 31.23 -82.84 -6.60
C ALA N 119 30.73 -82.46 -5.21
N VAL N 120 30.63 -83.44 -4.31
CA VAL N 120 30.18 -83.14 -2.95
C VAL N 120 31.15 -82.18 -2.27
N LEU N 121 32.45 -82.41 -2.44
CA LEU N 121 33.44 -81.53 -1.82
C LEU N 121 33.30 -80.10 -2.31
N GLU N 122 33.21 -79.92 -3.63
CA GLU N 122 33.13 -78.57 -4.19
C GLU N 122 31.81 -77.90 -3.81
N LEU N 123 30.71 -78.67 -3.79
CA LEU N 123 29.44 -78.10 -3.37
C LEU N 123 29.47 -77.70 -1.90
N ARG N 124 30.13 -78.49 -1.06
CA ARG N 124 30.30 -78.10 0.34
C ARG N 124 31.07 -76.80 0.45
N GLU N 125 32.17 -76.68 -0.30
CA GLU N 125 32.95 -75.44 -0.27
C GLU N 125 32.09 -74.25 -0.70
N ALA N 126 31.36 -74.40 -1.79
CA ALA N 126 30.54 -73.30 -2.30
C ALA N 126 29.46 -72.92 -1.28
N ALA N 127 28.74 -73.91 -0.77
CA ALA N 127 27.71 -73.64 0.23
C ALA N 127 28.30 -72.99 1.48
N ARG N 128 29.55 -73.29 1.81
CA ARG N 128 30.19 -72.64 2.94
C ARG N 128 30.45 -71.17 2.65
N LEU N 129 31.11 -70.88 1.52
CA LEU N 129 31.58 -69.52 1.26
C LEU N 129 30.42 -68.53 1.11
N ARG N 130 29.33 -68.94 0.44
CA ARG N 130 28.13 -68.11 0.32
C ARG N 130 26.95 -68.95 0.76
N PRO N 131 26.61 -68.95 2.06
CA PRO N 131 25.62 -69.91 2.56
C PRO N 131 24.20 -69.63 2.12
N THR N 132 23.78 -68.37 2.07
CA THR N 132 22.36 -68.08 1.88
C THR N 132 21.84 -68.49 0.52
N GLU N 133 22.72 -68.88 -0.40
CA GLU N 133 22.29 -69.27 -1.74
C GLU N 133 21.48 -70.55 -1.71
N SER N 134 20.16 -70.43 -1.89
CA SER N 134 19.28 -71.60 -1.87
C SER N 134 19.70 -72.61 -2.93
N ARG N 135 20.06 -72.13 -4.12
CA ARG N 135 20.48 -73.01 -5.20
C ARG N 135 21.68 -73.87 -4.77
N PHE N 136 22.68 -73.25 -4.15
CA PHE N 136 23.85 -74.00 -3.68
C PHE N 136 23.45 -75.07 -2.67
N ARG N 137 22.60 -74.70 -1.71
CA ARG N 137 22.19 -75.65 -0.67
C ARG N 137 21.42 -76.82 -1.27
N ASN N 138 20.51 -76.54 -2.20
CA ASN N 138 19.72 -77.61 -2.80
C ASN N 138 20.56 -78.51 -3.70
N ASP N 139 21.61 -77.97 -4.31
CA ASP N 139 22.52 -78.81 -5.09
C ASP N 139 23.41 -79.65 -4.19
N LEU N 140 23.93 -79.05 -3.11
CA LEU N 140 24.77 -79.79 -2.18
C LEU N 140 23.99 -80.92 -1.51
N GLY N 141 22.72 -80.69 -1.19
CA GLY N 141 21.92 -81.74 -0.60
C GLY N 141 21.75 -82.92 -1.53
N VAL N 142 21.49 -82.65 -2.82
CA VAL N 142 21.38 -83.72 -3.80
C VAL N 142 22.70 -84.45 -3.93
N ALA N 143 23.81 -83.72 -3.96
CA ALA N 143 25.12 -84.37 -4.05
C ALA N 143 25.36 -85.29 -2.86
N LEU N 144 25.03 -84.82 -1.65
CA LEU N 144 25.18 -85.66 -0.46
C LEU N 144 24.29 -86.89 -0.55
N LEU N 145 23.03 -86.70 -0.92
CA LEU N 145 22.11 -87.83 -1.05
C LEU N 145 22.65 -88.88 -2.01
N LYS N 146 23.20 -88.43 -3.15
CA LYS N 146 23.85 -89.36 -4.06
C LYS N 146 25.06 -90.03 -3.41
N ARG N 147 25.83 -89.27 -2.64
CA ARG N 147 27.06 -89.80 -2.04
C ARG N 147 26.79 -90.68 -0.82
N GLY N 148 25.63 -90.54 -0.17
CA GLY N 148 25.23 -91.43 0.91
C GLY N 148 25.17 -90.79 2.27
N ASP N 149 25.63 -89.55 2.44
CA ASP N 149 25.52 -88.85 3.72
C ASP N 149 24.08 -88.36 3.90
N ARG N 150 23.21 -89.31 4.27
CA ARG N 150 21.78 -89.02 4.34
C ARG N 150 21.47 -87.96 5.40
N VAL N 151 22.15 -88.00 6.55
CA VAL N 151 21.90 -87.01 7.57
C VAL N 151 22.37 -85.63 7.09
N GLY N 152 23.56 -85.56 6.49
CA GLY N 152 24.02 -84.31 5.93
C GLY N 152 23.16 -83.85 4.76
N ALA N 153 22.69 -84.80 3.95
CA ALA N 153 21.78 -84.45 2.86
C ALA N 153 20.49 -83.86 3.40
N ARG N 154 19.96 -84.42 4.48
CA ARG N 154 18.78 -83.86 5.13
C ARG N 154 19.06 -82.46 5.64
N PHE N 155 20.21 -82.27 6.27
CA PHE N 155 20.62 -80.95 6.74
C PHE N 155 20.58 -79.93 5.58
N GLU N 156 21.23 -80.28 4.47
CA GLU N 156 21.34 -79.33 3.37
C GLU N 156 20.00 -79.10 2.68
N PHE N 157 19.21 -80.16 2.52
CA PHE N 157 17.88 -79.99 1.92
C PHE N 157 17.00 -79.12 2.79
N ILE N 158 17.06 -79.30 4.11
CA ILE N 158 16.27 -78.45 5.00
C ILE N 158 16.74 -77.00 4.91
N THR N 159 18.06 -76.78 4.84
CA THR N 159 18.54 -75.42 4.68
C THR N 159 17.98 -74.80 3.41
N ALA N 160 18.05 -75.52 2.29
CA ALA N 160 17.54 -74.99 1.03
C ALA N 160 16.04 -74.74 1.09
N LEU N 161 15.28 -75.69 1.65
CA LEU N 161 13.84 -75.54 1.72
C LEU N 161 13.42 -74.38 2.63
N GLU N 162 14.20 -74.13 3.68
CA GLU N 162 13.91 -72.99 4.55
C GLU N 162 14.27 -71.67 3.88
N LEU N 163 15.40 -71.64 3.17
CA LEU N 163 15.80 -70.42 2.48
C LEU N 163 14.72 -69.99 1.49
N GLN N 164 14.31 -70.90 0.61
CA GLN N 164 13.28 -70.58 -0.37
C GLN N 164 11.92 -70.45 0.32
N GLN N 165 11.09 -69.56 -0.24
CA GLN N 165 9.78 -69.25 0.34
C GLN N 165 8.84 -70.43 0.06
N GLY N 166 9.00 -71.47 0.87
CA GLY N 166 8.23 -72.68 0.72
C GLY N 166 8.87 -73.73 -0.16
N GLY N 167 9.68 -73.33 -1.12
CA GLY N 167 10.41 -74.26 -1.96
C GLY N 167 9.56 -74.94 -3.02
N LYS N 168 10.16 -75.19 -4.18
CA LYS N 168 9.56 -76.03 -5.21
C LYS N 168 10.40 -77.27 -5.46
N LEU N 169 11.68 -77.09 -5.75
CA LEU N 169 12.59 -78.22 -5.87
C LEU N 169 12.99 -78.71 -4.48
N PRO N 170 13.35 -77.82 -3.55
CA PRO N 170 13.68 -78.28 -2.19
C PRO N 170 12.63 -79.13 -1.51
N ALA N 171 11.36 -78.77 -1.67
CA ALA N 171 10.30 -79.49 -0.95
C ALA N 171 10.24 -80.94 -1.39
N THR N 172 10.25 -81.20 -2.70
CA THR N 172 10.28 -82.57 -3.17
C THR N 172 11.66 -83.20 -3.05
N ASN N 173 12.70 -82.39 -2.88
CA ASN N 173 14.03 -82.94 -2.59
C ASN N 173 14.12 -83.52 -1.19
N LEU N 174 13.34 -82.99 -0.25
CA LEU N 174 13.23 -83.60 1.07
C LEU N 174 12.15 -84.67 1.11
N LEU N 175 11.07 -84.51 0.34
CA LEU N 175 10.05 -85.56 0.27
C LEU N 175 10.63 -86.87 -0.28
N GLY N 176 11.40 -86.79 -1.38
CA GLY N 176 11.99 -87.98 -1.94
C GLY N 176 13.06 -88.59 -1.04
N LEU N 177 13.79 -87.74 -0.31
CA LEU N 177 14.72 -88.26 0.69
C LEU N 177 13.97 -89.04 1.77
N LEU N 178 12.85 -88.50 2.23
CA LEU N 178 12.01 -89.23 3.19
C LEU N 178 11.52 -90.54 2.61
N TYR N 179 11.07 -90.51 1.35
CA TYR N 179 10.60 -91.73 0.68
C TYR N 179 11.72 -92.77 0.64
N LEU N 180 12.93 -92.36 0.24
CA LEU N 180 14.07 -93.25 0.30
C LEU N 180 14.30 -93.78 1.71
N GLN N 181 14.02 -92.96 2.72
CA GLN N 181 14.17 -93.38 4.11
C GLN N 181 12.96 -94.13 4.65
N GLY N 182 11.84 -94.15 3.91
CA GLY N 182 10.71 -94.98 4.27
C GLY N 182 9.75 -94.37 5.27
N ASP N 183 10.00 -93.17 5.76
CA ASP N 183 9.08 -92.53 6.70
C ASP N 183 7.86 -92.01 5.96
N ARG N 184 6.96 -92.92 5.58
CA ARG N 184 5.83 -92.55 4.75
C ARG N 184 4.91 -91.56 5.45
N GLU N 185 4.67 -91.74 6.75
CA GLU N 185 3.78 -90.83 7.46
C GLU N 185 4.42 -89.46 7.68
N ASP N 186 5.74 -89.41 7.88
CA ASP N 186 6.41 -88.11 7.90
C ASP N 186 6.32 -87.43 6.54
N ALA N 187 6.49 -88.20 5.47
CA ALA N 187 6.31 -87.65 4.14
C ALA N 187 4.90 -87.10 3.96
N GLN N 188 3.89 -87.82 4.47
CA GLN N 188 2.51 -87.34 4.38
C GLN N 188 2.30 -86.08 5.22
N ARG N 189 2.95 -86.02 6.38
CA ARG N 189 2.97 -84.79 7.16
C ARG N 189 3.46 -83.63 6.30
N LEU N 190 4.52 -83.85 5.54
CA LEU N 190 5.00 -82.79 4.66
C LEU N 190 4.03 -82.52 3.51
N ILE N 191 3.37 -83.56 3.01
CA ILE N 191 2.35 -83.37 1.98
C ILE N 191 1.29 -82.39 2.48
N GLU N 192 0.83 -82.60 3.71
CA GLU N 192 -0.17 -81.71 4.29
C GLU N 192 0.40 -80.31 4.51
N ARG N 193 1.57 -80.22 5.15
CA ARG N 193 2.12 -78.92 5.51
C ARG N 193 2.44 -78.08 4.27
N LEU N 194 3.26 -78.63 3.36
CA LEU N 194 3.60 -77.94 2.12
C LEU N 194 2.39 -77.77 1.21
N GLN N 195 1.33 -78.55 1.42
CA GLN N 195 0.17 -78.57 0.53
C GLN N 195 0.56 -79.07 -0.86
N LEU N 196 1.36 -80.13 -0.89
CA LEU N 196 1.79 -80.72 -2.15
C LEU N 196 0.60 -81.29 -2.92
N ASP N 197 0.74 -81.33 -4.24
CA ASP N 197 -0.27 -81.85 -5.15
C ASP N 197 0.24 -83.11 -5.85
N ALA N 198 -0.69 -83.95 -6.28
CA ALA N 198 -0.32 -85.17 -6.97
C ALA N 198 0.54 -84.89 -8.19
N ARG N 199 0.30 -83.75 -8.87
CA ARG N 199 1.15 -83.35 -9.98
C ARG N 199 2.62 -83.29 -9.56
N ASP N 200 2.87 -82.98 -8.29
CA ASP N 200 4.22 -83.04 -7.75
C ASP N 200 4.54 -84.36 -7.07
N ILE N 201 3.53 -85.12 -6.66
CA ILE N 201 3.80 -86.44 -6.07
C ILE N 201 4.38 -87.38 -7.11
N ARG N 202 3.89 -87.31 -8.35
CA ARG N 202 4.45 -88.15 -9.41
C ARG N 202 5.94 -87.86 -9.60
N ALA N 203 6.30 -86.59 -9.73
CA ALA N 203 7.70 -86.24 -9.85
C ALA N 203 8.48 -86.59 -8.59
N ALA N 204 7.83 -86.54 -7.43
CA ALA N 204 8.50 -86.91 -6.19
C ALA N 204 8.90 -88.37 -6.21
N GLU N 205 7.99 -89.26 -6.57
CA GLU N 205 8.35 -90.67 -6.65
C GLU N 205 9.38 -90.91 -7.76
N ALA N 206 9.26 -90.19 -8.87
CA ALA N 206 10.25 -90.34 -9.94
C ALA N 206 11.65 -89.99 -9.46
N ARG N 207 11.78 -88.87 -8.76
CA ARG N 207 13.10 -88.47 -8.27
C ARG N 207 13.57 -89.36 -7.13
N ALA N 208 12.65 -89.86 -6.31
CA ALA N 208 13.03 -90.83 -5.28
C ALA N 208 13.65 -92.06 -5.92
N ARG N 209 13.06 -92.55 -7.01
CA ARG N 209 13.70 -93.61 -7.78
C ARG N 209 15.04 -93.14 -8.35
N SER N 210 15.10 -91.91 -8.85
CA SER N 210 16.35 -91.39 -9.39
C SER N 210 17.47 -91.45 -8.36
N TRP N 211 17.22 -90.96 -7.16
CA TRP N 211 18.24 -91.02 -6.11
C TRP N 211 18.54 -92.47 -5.77
N GLY N 212 19.82 -92.76 -5.55
CA GLY N 212 20.26 -94.11 -5.22
C GLY N 212 20.83 -94.83 -6.43
N PRO O 131 -11.88 -54.35 -31.66
CA PRO O 131 -11.26 -53.54 -30.62
C PRO O 131 -11.93 -52.19 -30.44
N ASN O 132 -11.98 -51.70 -29.20
CA ASN O 132 -12.60 -50.43 -28.88
C ASN O 132 -11.60 -49.45 -28.26
N GLN O 133 -10.31 -49.72 -28.41
CA GLN O 133 -9.25 -48.89 -27.84
C GLN O 133 -8.29 -48.47 -28.93
N VAL O 134 -7.84 -47.22 -28.88
CA VAL O 134 -7.10 -46.58 -29.96
C VAL O 134 -5.74 -46.14 -29.43
N GLN O 135 -4.69 -46.46 -30.19
CA GLN O 135 -3.36 -45.93 -29.96
C GLN O 135 -3.08 -44.91 -31.07
N THR O 136 -2.75 -43.69 -30.67
CA THR O 136 -2.54 -42.58 -31.60
C THR O 136 -1.06 -42.24 -31.62
N ASP O 137 -0.47 -42.27 -32.82
CA ASP O 137 0.94 -41.95 -33.00
C ASP O 137 1.06 -40.59 -33.68
N ILE O 138 1.81 -39.69 -33.05
CA ILE O 138 2.08 -38.36 -33.58
C ILE O 138 3.53 -38.34 -34.05
N ARG O 139 3.77 -37.62 -35.15
CA ARG O 139 5.11 -37.48 -35.71
C ARG O 139 5.33 -36.02 -36.07
N PHE O 140 6.27 -35.38 -35.38
CA PHE O 140 6.55 -33.96 -35.55
C PHE O 140 8.00 -33.77 -35.97
N VAL O 141 8.22 -32.92 -36.97
CA VAL O 141 9.55 -32.62 -37.47
C VAL O 141 9.64 -31.13 -37.75
N GLU O 142 10.76 -30.52 -37.34
CA GLU O 142 11.02 -29.12 -37.65
C GLU O 142 12.48 -28.97 -38.04
N VAL O 143 12.72 -28.27 -39.15
CA VAL O 143 14.06 -27.94 -39.61
C VAL O 143 14.12 -26.44 -39.86
N SER O 144 15.16 -25.80 -39.36
CA SER O 144 15.33 -24.36 -39.52
C SER O 144 16.79 -24.06 -39.76
N ARG O 145 17.03 -23.05 -40.61
CA ARG O 145 18.37 -22.60 -40.92
C ARG O 145 18.40 -21.08 -40.84
N SER O 146 19.59 -20.54 -40.56
CA SER O 146 19.75 -19.10 -40.43
C SER O 146 21.15 -18.72 -40.89
N LYS O 147 21.28 -17.47 -41.31
CA LYS O 147 22.57 -16.89 -41.66
C LYS O 147 22.62 -15.46 -41.15
N LEU O 148 23.85 -14.97 -40.95
CA LEU O 148 24.05 -13.65 -40.37
C LEU O 148 25.37 -13.09 -40.88
N LYS O 149 25.35 -11.84 -41.33
CA LYS O 149 26.56 -11.15 -41.77
C LYS O 149 26.52 -9.72 -41.26
N GLN O 150 27.71 -9.16 -41.06
CA GLN O 150 27.85 -7.77 -40.64
C GLN O 150 29.30 -7.35 -40.83
N ALA O 151 29.51 -6.05 -40.98
CA ALA O 151 30.85 -5.51 -41.14
C ALA O 151 30.83 -4.01 -40.90
N SER O 152 31.88 -3.52 -40.23
CA SER O 152 32.02 -2.10 -39.97
C SER O 152 33.49 -1.81 -39.68
N THR O 153 33.88 -0.55 -39.87
CA THR O 153 35.26 -0.15 -39.70
C THR O 153 35.32 1.27 -39.13
N SER O 154 36.32 1.51 -38.30
CA SER O 154 36.57 2.83 -37.73
C SER O 154 38.06 2.98 -37.50
N PHE O 155 38.53 4.23 -37.44
CA PHE O 155 39.94 4.48 -37.24
C PHE O 155 40.15 5.87 -36.67
N VAL O 156 41.35 6.10 -36.15
CA VAL O 156 41.77 7.38 -35.60
C VAL O 156 43.22 7.63 -35.99
N ARG O 157 43.58 8.91 -36.08
CA ARG O 157 44.94 9.30 -36.38
C ARG O 157 45.33 10.48 -35.50
N ARG O 158 46.63 10.64 -35.29
CA ARG O 158 47.15 11.60 -34.34
C ARG O 158 48.41 12.24 -34.89
N GLY O 159 48.85 13.32 -34.23
CA GLY O 159 50.09 13.99 -34.56
C GLY O 159 49.87 15.25 -35.36
N GLY O 160 49.92 16.39 -34.69
CA GLY O 160 49.69 17.67 -35.37
C GLY O 160 48.25 17.77 -35.81
N ASN O 161 47.89 16.97 -36.81
CA ASN O 161 46.52 16.82 -37.24
C ASN O 161 45.80 15.79 -36.39
N LEU O 162 44.49 15.70 -36.57
CA LEU O 162 43.69 14.67 -35.92
C LEU O 162 42.55 14.31 -36.85
N TRP O 163 42.35 13.01 -37.08
CA TRP O 163 41.25 12.52 -37.90
C TRP O 163 40.51 11.42 -37.18
N VAL O 164 39.21 11.35 -37.42
CA VAL O 164 38.37 10.31 -36.85
C VAL O 164 37.28 9.96 -37.85
N LEU O 165 36.98 8.67 -37.95
CA LEU O 165 35.85 8.19 -38.75
C LEU O 165 35.16 7.10 -37.95
N GLY O 166 34.02 7.43 -37.36
CA GLY O 166 33.26 6.50 -36.55
C GLY O 166 32.09 5.94 -37.31
N ALA O 167 32.05 4.63 -37.46
CA ALA O 167 30.94 3.98 -38.12
C ALA O 167 29.68 4.11 -37.26
N PRO O 168 28.50 3.95 -37.86
CA PRO O 168 27.25 4.16 -37.10
C PRO O 168 27.23 3.40 -35.79
N GLY O 169 27.08 4.14 -34.68
CA GLY O 169 27.01 3.54 -33.36
C GLY O 169 28.34 3.18 -32.74
N SER O 170 29.46 3.47 -33.41
CA SER O 170 30.77 3.07 -32.91
C SER O 170 31.40 4.12 -32.00
N LEU O 171 31.20 5.40 -32.28
CA LEU O 171 31.90 6.48 -31.62
C LEU O 171 31.13 7.08 -30.44
N GLY O 172 29.97 6.52 -30.10
CA GLY O 172 29.16 7.10 -29.04
C GLY O 172 29.82 7.10 -27.67
N ASP O 173 30.88 6.30 -27.50
CA ASP O 173 31.50 6.15 -26.19
C ASP O 173 32.38 7.33 -25.81
N ILE O 174 32.73 8.21 -26.75
CA ILE O 174 33.83 9.15 -26.59
C ILE O 174 33.33 10.57 -26.76
N LYS O 175 33.87 11.48 -25.96
CA LYS O 175 33.69 12.91 -26.12
C LYS O 175 35.06 13.57 -26.24
N VAL O 176 35.14 14.64 -27.01
CA VAL O 176 36.38 15.36 -27.25
C VAL O 176 36.36 16.63 -26.42
N ASN O 177 37.53 17.02 -25.93
CA ASN O 177 37.62 18.13 -25.00
C ASN O 177 37.38 19.47 -25.71
N ALA O 178 37.21 20.51 -24.90
CA ALA O 178 36.87 21.83 -25.45
C ALA O 178 37.99 22.38 -26.32
N ASP O 179 39.25 22.16 -25.95
CA ASP O 179 40.38 22.76 -26.64
C ASP O 179 40.87 21.92 -27.81
N GLY O 180 40.25 20.78 -28.07
CA GLY O 180 40.59 20.00 -29.25
C GLY O 180 41.97 19.38 -29.21
N SER O 181 42.55 19.20 -28.04
CA SER O 181 43.89 18.63 -27.94
C SER O 181 43.88 17.11 -28.04
N GLY O 182 42.73 16.47 -27.88
CA GLY O 182 42.66 15.03 -27.95
C GLY O 182 41.32 14.53 -27.45
N LEU O 183 41.08 13.25 -27.73
CA LEU O 183 39.83 12.63 -27.29
C LEU O 183 39.86 12.39 -25.78
N GLY O 184 38.66 12.33 -25.19
CA GLY O 184 38.53 12.18 -23.76
C GLY O 184 37.68 11.00 -23.33
N GLY O 185 37.67 9.91 -24.12
CA GLY O 185 36.89 8.74 -23.79
C GLY O 185 37.61 7.48 -24.21
N THR O 186 37.04 6.35 -23.80
CA THR O 186 37.58 5.03 -24.08
C THR O 186 36.71 4.33 -25.11
N PHE O 187 37.35 3.74 -26.12
CA PHE O 187 36.63 3.05 -27.18
C PHE O 187 36.04 1.74 -26.67
N GLY O 188 34.88 1.37 -27.21
CA GLY O 188 34.24 0.12 -26.91
C GLY O 188 34.35 -0.88 -28.05
N THR O 189 33.66 -2.01 -27.88
CA THR O 189 33.69 -3.10 -28.84
C THR O 189 32.28 -3.59 -29.13
N GLY O 190 32.04 -3.95 -30.39
CA GLY O 190 30.79 -4.62 -30.73
C GLY O 190 30.77 -6.03 -30.19
N SER O 191 29.67 -6.38 -29.51
CA SER O 191 29.62 -7.65 -28.79
C SER O 191 29.44 -8.84 -29.74
N SER O 192 28.59 -8.69 -30.77
CA SER O 192 28.08 -9.85 -31.49
C SER O 192 29.09 -10.52 -32.41
N GLY O 193 30.11 -9.80 -32.88
CA GLY O 193 30.99 -10.31 -33.91
C GLY O 193 32.45 -10.28 -33.48
N PHE O 194 33.28 -10.86 -34.34
CA PHE O 194 34.73 -10.80 -34.13
C PHE O 194 35.19 -9.35 -34.14
N ASN O 195 35.98 -8.99 -33.14
CA ASN O 195 36.54 -7.65 -33.02
C ASN O 195 38.04 -7.70 -33.24
N LEU O 196 38.51 -6.97 -34.24
CA LEU O 196 39.94 -6.84 -34.52
C LEU O 196 40.36 -5.40 -34.32
N ILE O 197 41.49 -5.22 -33.63
CA ILE O 197 42.02 -3.89 -33.34
C ILE O 197 43.47 -3.84 -33.78
N PHE O 198 43.95 -2.64 -34.07
CA PHE O 198 45.34 -2.43 -34.46
C PHE O 198 45.78 -1.07 -33.97
N GLY O 199 46.69 -1.05 -33.00
CA GLY O 199 47.37 0.18 -32.62
C GLY O 199 48.72 0.23 -33.29
N GLY O 200 48.95 1.30 -34.04
CA GLY O 200 50.18 1.44 -34.82
C GLY O 200 50.88 2.76 -34.56
N GLY O 201 50.85 3.22 -33.31
CA GLY O 201 51.44 4.49 -32.96
C GLY O 201 50.45 5.62 -33.17
N LYS O 202 50.63 6.40 -34.24
CA LYS O 202 49.65 7.42 -34.58
C LYS O 202 48.34 6.79 -35.02
N TRP O 203 48.40 5.80 -35.90
CA TRP O 203 47.19 5.13 -36.37
C TRP O 203 46.56 4.28 -35.27
N LEU O 204 45.23 4.20 -35.30
CA LEU O 204 44.48 3.31 -34.44
C LEU O 204 43.19 2.95 -35.17
N SER O 205 42.89 1.66 -35.29
CA SER O 205 41.79 1.20 -36.10
C SER O 205 41.05 0.07 -35.39
N PHE O 206 39.78 -0.08 -35.74
CA PHE O 206 38.93 -1.13 -35.21
C PHE O 206 38.10 -1.70 -36.35
N MET O 207 37.81 -2.99 -36.28
CA MET O 207 37.03 -3.67 -37.30
C MET O 207 36.15 -4.72 -36.63
N ASN O 208 34.86 -4.71 -36.98
CA ASN O 208 33.92 -5.72 -36.53
C ASN O 208 33.39 -6.44 -37.76
N ALA O 209 33.43 -7.77 -37.74
CA ALA O 209 32.97 -8.56 -38.87
C ALA O 209 32.46 -9.90 -38.37
N LEU O 210 31.60 -10.50 -39.17
CA LEU O 210 31.02 -11.81 -38.86
C LEU O 210 30.26 -12.32 -40.06
N GLU O 211 30.42 -13.61 -40.35
CA GLU O 211 29.50 -14.32 -41.23
C GLU O 211 29.25 -15.68 -40.60
N GLY O 212 28.04 -15.87 -40.05
CA GLY O 212 27.73 -17.06 -39.31
C GLY O 212 26.44 -17.69 -39.78
N SER O 213 26.31 -18.98 -39.50
CA SER O 213 25.15 -19.76 -39.90
C SER O 213 24.77 -20.70 -38.77
N GLY O 214 23.50 -21.07 -38.76
CA GLY O 214 22.99 -21.96 -37.74
C GLY O 214 22.07 -23.00 -38.35
N PHE O 215 22.00 -24.14 -37.65
CA PHE O 215 21.14 -25.23 -38.07
C PHE O 215 20.48 -25.83 -36.83
N ALA O 216 19.19 -26.12 -36.93
CA ALA O 216 18.43 -26.70 -35.83
C ALA O 216 17.52 -27.78 -36.37
N TYR O 217 17.38 -28.86 -35.60
CA TYR O 217 16.56 -30.00 -35.99
C TYR O 217 15.83 -30.51 -34.75
N THR O 218 14.57 -30.88 -34.94
CA THR O 218 13.74 -31.37 -33.85
C THR O 218 12.87 -32.52 -34.35
N LEU O 219 12.73 -33.55 -33.52
CA LEU O 219 11.91 -34.71 -33.84
C LEU O 219 11.24 -35.20 -32.58
N ALA O 220 9.94 -35.50 -32.66
CA ALA O 220 9.19 -35.99 -31.53
C ALA O 220 8.13 -36.96 -32.02
N ARG O 221 8.04 -38.12 -31.37
CA ARG O 221 7.09 -39.16 -31.75
C ARG O 221 6.35 -39.67 -30.52
N PRO O 222 5.54 -38.81 -29.90
CA PRO O 222 4.76 -39.27 -28.75
C PRO O 222 3.66 -40.24 -29.16
N SER O 223 3.32 -41.15 -28.26
CA SER O 223 2.24 -42.10 -28.44
C SER O 223 1.39 -42.13 -27.19
N LEU O 224 0.11 -42.48 -27.36
CA LEU O 224 -0.84 -42.43 -26.26
C LEU O 224 -2.01 -43.33 -26.59
N VAL O 225 -2.46 -44.09 -25.59
CA VAL O 225 -3.57 -45.03 -25.74
C VAL O 225 -4.74 -44.51 -24.93
N ALA O 226 -5.94 -44.74 -25.45
CA ALA O 226 -7.16 -44.32 -24.77
C ALA O 226 -8.34 -45.12 -25.29
N MET O 227 -9.31 -45.35 -24.42
CA MET O 227 -10.53 -46.02 -24.82
C MET O 227 -11.41 -45.09 -25.64
N SER O 228 -12.28 -45.68 -26.46
CA SER O 228 -13.15 -44.89 -27.32
C SER O 228 -14.02 -43.97 -26.49
N GLY O 229 -14.06 -42.70 -26.89
CA GLY O 229 -14.89 -41.72 -26.23
C GLY O 229 -14.30 -41.11 -24.97
N GLN O 230 -13.10 -41.52 -24.56
CA GLN O 230 -12.48 -41.04 -23.35
C GLN O 230 -11.32 -40.12 -23.69
N SER O 231 -11.23 -39.00 -22.96
CA SER O 231 -10.15 -38.06 -23.15
C SER O 231 -8.86 -38.58 -22.53
N ALA O 232 -7.73 -38.12 -23.07
CA ALA O 232 -6.43 -38.51 -22.56
C ALA O 232 -5.47 -37.35 -22.71
N SER O 233 -4.42 -37.36 -21.87
CA SER O 233 -3.44 -36.29 -21.86
C SER O 233 -2.06 -36.87 -21.61
N PHE O 234 -1.04 -36.15 -22.07
CA PHE O 234 0.34 -36.57 -21.92
C PHE O 234 1.23 -35.34 -21.82
N LEU O 235 2.22 -35.41 -20.94
CA LEU O 235 3.19 -34.34 -20.77
C LEU O 235 4.56 -34.95 -20.59
N ALA O 236 5.57 -34.33 -21.22
CA ALA O 236 6.94 -34.83 -21.12
C ALA O 236 7.96 -33.72 -20.96
N GLY O 237 7.55 -32.52 -20.53
CA GLY O 237 8.46 -31.41 -20.38
C GLY O 237 8.69 -31.04 -18.94
N GLY O 238 8.03 -29.97 -18.50
CA GLY O 238 8.21 -29.51 -17.13
C GLY O 238 7.31 -28.34 -16.84
N GLU O 239 7.53 -27.74 -15.67
CA GLU O 239 6.77 -26.58 -15.22
C GLU O 239 7.70 -25.61 -14.54
N PHE O 240 7.59 -24.33 -14.88
CA PHE O 240 8.38 -23.28 -14.29
C PHE O 240 7.48 -22.28 -13.59
N PRO O 241 8.00 -21.54 -12.59
CA PRO O 241 7.15 -20.66 -11.79
C PRO O 241 6.45 -19.57 -12.60
N TYR O 256 2.11 -22.09 -12.06
CA TYR O 256 3.16 -22.72 -12.87
C TYR O 256 2.67 -22.95 -14.30
N LYS O 257 3.56 -22.75 -15.26
CA LYS O 257 3.26 -22.85 -16.68
C LYS O 257 4.00 -24.04 -17.26
N GLU O 258 3.29 -24.87 -18.02
CA GLU O 258 3.85 -26.08 -18.59
C GLU O 258 4.59 -25.77 -19.89
N PHE O 259 5.44 -26.71 -20.29
CA PHE O 259 6.13 -26.64 -21.57
C PHE O 259 6.63 -28.04 -21.91
N GLY O 260 7.32 -28.15 -23.03
CA GLY O 260 7.77 -29.44 -23.52
C GLY O 260 6.70 -30.15 -24.33
N ILE O 261 6.99 -31.41 -24.65
CA ILE O 261 6.07 -32.22 -25.43
C ILE O 261 4.76 -32.36 -24.66
N ARG O 262 3.66 -31.94 -25.29
CA ARG O 262 2.33 -32.09 -24.73
C ARG O 262 1.42 -32.69 -25.79
N LEU O 263 0.38 -33.38 -25.33
CA LEU O 263 -0.56 -34.02 -26.26
C LEU O 263 -1.86 -34.29 -25.52
N THR O 264 -2.95 -33.70 -26.02
CA THR O 264 -4.30 -33.99 -25.56
C THR O 264 -5.12 -34.46 -26.75
N LEU O 265 -5.87 -35.54 -26.57
CA LEU O 265 -6.63 -36.12 -27.67
C LEU O 265 -7.84 -36.85 -27.12
N THR O 266 -8.75 -37.19 -28.03
CA THR O 266 -10.00 -37.85 -27.68
C THR O 266 -10.49 -38.68 -28.86
N PRO O 267 -10.12 -39.96 -28.95
CA PRO O 267 -10.50 -40.78 -30.10
C PRO O 267 -11.87 -41.40 -29.95
N THR O 268 -12.64 -41.35 -31.03
CA THR O 268 -13.96 -41.96 -31.11
C THR O 268 -13.98 -42.94 -32.28
N VAL O 269 -14.29 -44.19 -31.99
CA VAL O 269 -14.39 -45.22 -33.01
C VAL O 269 -15.85 -45.32 -33.44
N MET O 270 -16.11 -45.02 -34.70
CA MET O 270 -17.47 -44.98 -35.21
C MET O 270 -17.92 -46.37 -35.66
N ASN O 271 -19.23 -46.51 -35.88
CA ASN O 271 -19.80 -47.80 -36.22
C ASN O 271 -19.24 -48.37 -37.51
N ASN O 272 -18.69 -47.54 -38.38
CA ASN O 272 -18.04 -47.97 -39.61
C ASN O 272 -16.56 -48.27 -39.43
N ARG O 273 -16.09 -48.34 -38.18
CA ARG O 273 -14.71 -48.65 -37.82
C ARG O 273 -13.73 -47.52 -38.17
N ARG O 274 -14.23 -46.38 -38.63
CA ARG O 274 -13.36 -45.23 -38.83
C ARG O 274 -13.16 -44.48 -37.52
N ILE O 275 -12.02 -43.83 -37.40
CA ILE O 275 -11.59 -43.18 -36.16
C ILE O 275 -11.69 -41.68 -36.34
N ALA O 276 -12.46 -41.02 -35.48
CA ALA O 276 -12.56 -39.57 -35.44
C ALA O 276 -11.69 -39.06 -34.30
N LEU O 277 -10.73 -38.21 -34.64
CA LEU O 277 -9.74 -37.73 -33.68
C LEU O 277 -9.93 -36.25 -33.41
N LYS O 278 -10.09 -35.91 -32.14
CA LYS O 278 -9.90 -34.55 -31.64
C LYS O 278 -8.52 -34.51 -30.99
N VAL O 279 -7.61 -33.76 -31.59
CA VAL O 279 -6.19 -33.84 -31.25
C VAL O 279 -5.61 -32.44 -31.16
N ALA O 280 -4.68 -32.25 -30.22
CA ALA O 280 -4.07 -30.94 -29.98
C ALA O 280 -2.63 -31.13 -29.50
N PRO O 281 -1.71 -31.42 -30.42
CA PRO O 281 -0.31 -31.59 -30.04
C PRO O 281 0.38 -30.25 -29.78
N GLU O 282 1.46 -30.32 -29.01
CA GLU O 282 2.32 -29.17 -28.77
C GLU O 282 3.77 -29.62 -28.64
N VAL O 283 4.68 -28.72 -29.01
CA VAL O 283 6.11 -28.89 -28.81
C VAL O 283 6.69 -27.54 -28.47
N SER O 284 7.14 -27.37 -27.23
CA SER O 284 7.59 -26.07 -26.74
C SER O 284 8.88 -26.23 -25.95
N GLU O 285 9.61 -25.13 -25.84
CA GLU O 285 10.88 -25.11 -25.12
C GLU O 285 11.14 -23.70 -24.65
N LEU O 286 12.05 -23.58 -23.69
CA LEU O 286 12.33 -22.30 -23.06
C LEU O 286 13.16 -21.40 -23.97
N ASP O 287 12.81 -20.12 -23.98
CA ASP O 287 13.56 -19.08 -24.67
C ASP O 287 13.80 -17.95 -23.69
N TYR O 288 15.04 -17.52 -23.56
CA TYR O 288 15.48 -16.65 -22.47
C TYR O 288 15.44 -15.19 -22.92
N SER O 289 14.49 -14.43 -22.38
CA SER O 289 14.40 -13.00 -22.62
C SER O 289 13.27 -12.45 -21.76
N ALA O 290 13.20 -11.12 -21.67
CA ALA O 290 12.11 -10.43 -21.00
C ALA O 290 12.15 -10.64 -19.48
N GLY O 291 11.16 -10.08 -18.78
CA GLY O 291 11.07 -10.18 -17.34
C GLY O 291 9.65 -9.89 -16.91
N ILE O 292 9.41 -10.03 -15.60
CA ILE O 292 8.08 -9.87 -15.03
C ILE O 292 8.21 -9.43 -13.58
N GLN O 293 7.13 -8.82 -13.06
CA GLN O 293 7.11 -8.32 -11.69
C GLN O 293 6.03 -8.98 -10.84
N SER O 294 5.27 -9.92 -11.40
CA SER O 294 4.18 -10.57 -10.68
C SER O 294 4.09 -12.01 -11.14
N GLY O 295 3.88 -12.92 -10.19
CA GLY O 295 3.82 -14.34 -10.51
C GLY O 295 5.13 -14.93 -10.96
N GLY O 296 6.23 -14.23 -10.81
CA GLY O 296 7.52 -14.74 -11.24
C GLY O 296 8.54 -13.63 -11.28
N VAL O 297 9.77 -14.01 -11.64
CA VAL O 297 10.88 -13.07 -11.79
C VAL O 297 11.76 -13.55 -12.93
N ALA O 298 12.17 -12.61 -13.79
CA ALA O 298 13.08 -12.90 -14.90
C ALA O 298 12.62 -14.14 -15.66
N VAL O 299 11.31 -14.37 -15.72
CA VAL O 299 10.80 -15.61 -16.29
C VAL O 299 11.15 -15.65 -17.77
N PRO O 300 11.55 -16.80 -18.32
CA PRO O 300 11.90 -16.87 -19.74
C PRO O 300 10.66 -16.93 -20.63
N ALA O 301 10.90 -16.77 -21.92
CA ALA O 301 9.87 -16.91 -22.94
C ALA O 301 9.82 -18.34 -23.45
N LEU O 302 8.82 -18.63 -24.26
CA LEU O 302 8.62 -19.96 -24.84
C LEU O 302 8.68 -19.89 -26.36
N ARG O 303 9.36 -20.87 -26.96
CA ARG O 303 9.32 -21.12 -28.39
C ARG O 303 8.31 -22.25 -28.62
N VAL O 304 7.17 -21.93 -29.20
CA VAL O 304 6.00 -22.80 -29.20
C VAL O 304 5.61 -23.16 -30.63
N ARG O 305 5.32 -24.44 -30.84
CA ARG O 305 4.75 -24.93 -32.09
C ARG O 305 3.62 -25.89 -31.71
N ARG O 306 2.38 -25.50 -31.99
CA ARG O 306 1.22 -26.27 -31.58
C ARG O 306 0.17 -26.28 -32.67
N THR O 307 -0.73 -27.27 -32.60
CA THR O 307 -1.83 -27.40 -33.52
C THR O 307 -3.05 -27.93 -32.78
N ASP O 308 -4.23 -27.65 -33.32
CA ASP O 308 -5.48 -28.14 -32.76
C ASP O 308 -6.50 -28.26 -33.89
N THR O 309 -7.08 -29.43 -34.05
CA THR O 309 -7.98 -29.70 -35.17
C THR O 309 -8.73 -30.99 -34.88
N SER O 310 -9.70 -31.29 -35.74
CA SER O 310 -10.48 -32.52 -35.67
C SER O 310 -10.53 -33.14 -37.06
N VAL O 311 -10.33 -34.47 -37.12
CA VAL O 311 -10.22 -35.19 -38.39
C VAL O 311 -10.85 -36.57 -38.22
N MET O 312 -11.03 -37.25 -39.35
CA MET O 312 -11.52 -38.62 -39.39
C MET O 312 -10.59 -39.45 -40.26
N LEU O 313 -10.19 -40.61 -39.75
CA LEU O 313 -9.31 -41.51 -40.49
C LEU O 313 -9.75 -42.95 -40.25
N ALA O 314 -9.32 -43.83 -41.14
CA ALA O 314 -9.51 -45.26 -40.95
C ALA O 314 -8.28 -45.85 -40.27
N ASP O 315 -8.46 -47.03 -39.69
CA ASP O 315 -7.38 -47.69 -38.97
C ASP O 315 -6.11 -47.77 -39.82
N GLY O 316 -5.06 -47.11 -39.36
CA GLY O 316 -3.78 -47.11 -40.03
C GLY O 316 -3.54 -45.96 -40.98
N GLU O 317 -4.57 -45.24 -41.38
CA GLU O 317 -4.39 -44.12 -42.29
C GLU O 317 -3.73 -42.95 -41.54
N SER O 318 -3.26 -41.98 -42.31
CA SER O 318 -2.47 -40.89 -41.78
C SER O 318 -2.86 -39.57 -42.43
N PHE O 319 -2.58 -38.48 -41.73
CA PHE O 319 -2.78 -37.13 -42.23
C PHE O 319 -1.57 -36.28 -41.90
N VAL O 320 -1.27 -35.33 -42.79
CA VAL O 320 -0.44 -34.20 -42.43
C VAL O 320 -1.38 -33.09 -42.00
N ILE O 321 -1.77 -33.09 -40.72
CA ILE O 321 -2.78 -32.16 -40.24
C ILE O 321 -2.28 -30.73 -40.28
N SER O 322 -0.97 -30.52 -40.31
CA SER O 322 -0.43 -29.17 -40.30
C SER O 322 0.95 -29.18 -40.95
N GLY O 323 1.30 -28.04 -41.52
CA GLY O 323 2.60 -27.88 -42.16
C GLY O 323 2.88 -26.42 -42.41
N LEU O 324 4.16 -26.10 -42.57
CA LEU O 324 4.58 -24.72 -42.74
C LEU O 324 5.88 -24.67 -43.51
N THR O 325 5.99 -23.67 -44.38
CA THR O 325 7.25 -23.26 -44.97
C THR O 325 7.35 -21.74 -44.82
N SER O 326 8.50 -21.28 -44.32
CA SER O 326 8.67 -19.87 -44.01
C SER O 326 10.05 -19.41 -44.45
N SER O 327 10.16 -18.11 -44.72
CA SER O 327 11.44 -17.53 -45.11
C SER O 327 11.39 -16.04 -44.79
N ASN O 328 12.47 -15.53 -44.19
CA ASN O 328 12.59 -14.14 -43.83
C ASN O 328 13.96 -13.64 -44.23
N SER O 329 14.01 -12.41 -44.75
CA SER O 329 15.26 -11.78 -45.14
C SER O 329 15.21 -10.31 -44.75
N VAL O 330 16.29 -9.82 -44.14
CA VAL O 330 16.41 -8.44 -43.73
C VAL O 330 17.82 -7.96 -44.06
N SER O 331 17.92 -6.78 -44.66
CA SER O 331 19.20 -6.24 -45.06
C SER O 331 19.22 -4.73 -44.81
N ASN O 332 20.43 -4.20 -44.63
CA ASN O 332 20.62 -2.78 -44.41
C ASN O 332 22.05 -2.42 -44.77
N VAL O 333 22.21 -1.28 -45.42
CA VAL O 333 23.52 -0.78 -45.83
C VAL O 333 23.63 0.69 -45.45
N ASP O 334 24.71 1.06 -44.77
CA ASP O 334 25.00 2.43 -44.43
C ASP O 334 26.36 2.80 -45.03
N LYS O 335 26.44 3.99 -45.62
CA LYS O 335 27.65 4.39 -46.32
C LYS O 335 27.88 5.88 -46.14
N PHE O 336 29.14 6.28 -46.16
CA PHE O 336 29.46 7.69 -46.29
C PHE O 336 29.03 8.17 -47.68
N PRO O 337 28.38 9.34 -47.78
CA PRO O 337 27.69 9.70 -49.03
C PRO O 337 28.53 9.53 -50.30
N TRP O 338 29.67 10.22 -50.38
CA TRP O 338 30.46 10.19 -51.60
C TRP O 338 31.50 9.08 -51.60
N LEU O 339 32.18 8.87 -50.48
CA LEU O 339 33.27 7.89 -50.45
C LEU O 339 32.74 6.46 -50.54
N GLY O 340 31.50 6.22 -50.12
CA GLY O 340 30.97 4.87 -50.09
C GLY O 340 30.84 4.22 -51.46
N ASP O 341 30.86 5.02 -52.53
CA ASP O 341 30.69 4.51 -53.88
C ASP O 341 32.01 4.30 -54.61
N ILE O 342 33.14 4.52 -53.95
CA ILE O 342 34.42 4.22 -54.59
C ILE O 342 34.48 2.73 -54.89
N PRO O 343 34.85 2.31 -56.10
CA PRO O 343 34.69 0.89 -56.47
C PRO O 343 35.45 -0.08 -55.58
N ILE O 344 36.61 0.31 -55.06
CA ILE O 344 37.45 -0.56 -54.24
C ILE O 344 37.49 -0.09 -52.79
N LEU O 345 37.96 1.14 -52.56
CA LEU O 345 38.10 1.65 -51.20
C LEU O 345 36.76 1.96 -50.55
N GLY O 346 35.66 1.94 -51.30
CA GLY O 346 34.36 2.26 -50.73
C GLY O 346 33.96 1.32 -49.60
N ALA O 347 34.43 0.07 -49.65
CA ALA O 347 34.04 -0.90 -48.64
C ALA O 347 34.39 -0.43 -47.23
N PHE O 348 35.48 0.32 -47.08
CA PHE O 348 35.88 0.82 -45.76
C PHE O 348 35.00 1.97 -45.28
N PHE O 349 34.16 2.52 -46.15
CA PHE O 349 33.24 3.58 -45.79
C PHE O 349 31.79 3.09 -45.75
N ARG O 350 31.59 1.79 -45.57
CA ARG O 350 30.27 1.19 -45.56
C ARG O 350 30.10 0.29 -44.34
N SER O 351 28.88 0.24 -43.84
CA SER O 351 28.48 -0.70 -42.80
C SER O 351 27.30 -1.50 -43.30
N THR O 352 27.24 -2.78 -42.93
CA THR O 352 26.29 -3.71 -43.51
C THR O 352 25.75 -4.65 -42.45
N LYS O 353 24.56 -5.17 -42.71
CA LYS O 353 23.89 -6.13 -41.84
C LYS O 353 22.97 -6.98 -42.70
N LEU O 354 22.99 -8.29 -42.45
CA LEU O 354 22.14 -9.23 -43.19
C LEU O 354 21.66 -10.31 -42.23
N ASP O 355 20.37 -10.59 -42.27
CA ASP O 355 19.76 -11.64 -41.48
C ASP O 355 18.79 -12.42 -42.35
N LYS O 356 18.98 -13.74 -42.40
CA LYS O 356 18.12 -14.62 -43.19
C LYS O 356 17.72 -15.81 -42.33
N ASP O 357 16.53 -16.32 -42.59
CA ASP O 357 16.00 -17.45 -41.82
C ASP O 357 15.07 -18.26 -42.70
N ASP O 358 15.05 -19.57 -42.46
CA ASP O 358 14.17 -20.48 -43.16
C ASP O 358 13.68 -21.54 -42.18
N ARG O 359 12.54 -22.14 -42.50
CA ARG O 359 11.91 -23.07 -41.58
C ARG O 359 10.96 -23.98 -42.35
N GLU O 360 10.80 -25.20 -41.82
CA GLU O 360 9.86 -26.16 -42.35
C GLU O 360 9.32 -27.01 -41.20
N LEU O 361 8.04 -27.36 -41.29
CA LEU O 361 7.36 -28.10 -40.22
C LEU O 361 6.52 -29.22 -40.80
N LEU O 362 6.26 -30.21 -39.96
CA LEU O 362 5.32 -31.28 -40.28
C LEU O 362 4.74 -31.82 -38.98
N MET O 363 3.42 -32.03 -38.98
CA MET O 363 2.74 -32.72 -37.90
C MET O 363 1.86 -33.80 -38.51
N ILE O 364 2.12 -35.06 -38.16
CA ILE O 364 1.45 -36.19 -38.76
C ILE O 364 0.81 -37.03 -37.66
N VAL O 365 -0.40 -37.49 -37.91
CA VAL O 365 -1.16 -38.29 -36.95
C VAL O 365 -1.48 -39.63 -37.58
N THR O 366 -1.49 -40.67 -36.75
CA THR O 366 -1.76 -42.03 -37.23
C THR O 366 -2.43 -42.85 -36.14
N PRO O 367 -3.73 -43.11 -36.24
CA PRO O 367 -4.40 -43.94 -35.23
C PRO O 367 -4.42 -45.41 -35.58
N HIS O 368 -4.23 -46.24 -34.55
CA HIS O 368 -4.26 -47.69 -34.68
C HIS O 368 -5.23 -48.27 -33.66
N LEU O 369 -6.00 -49.27 -34.09
CA LEU O 369 -6.79 -50.06 -33.17
C LEU O 369 -5.93 -51.16 -32.57
N VAL O 370 -5.93 -51.29 -31.24
CA VAL O 370 -5.02 -52.15 -30.53
C VAL O 370 -5.77 -52.96 -29.49
N GLN O 371 -5.10 -53.97 -28.96
CA GLN O 371 -5.62 -54.83 -27.91
C GLN O 371 -4.53 -55.02 -26.86
N PRO O 372 -4.92 -55.33 -25.63
CA PRO O 372 -3.92 -55.46 -24.56
C PRO O 372 -2.97 -56.62 -24.81
N LEU O 373 -1.74 -56.48 -24.30
CA LEU O 373 -0.80 -57.59 -24.33
C LEU O 373 -1.35 -58.76 -23.51
N ALA O 374 -1.07 -59.97 -23.96
CA ALA O 374 -1.57 -61.15 -23.28
C ALA O 374 -0.92 -61.31 -21.91
N ALA O 375 -1.59 -62.08 -21.06
CA ALA O 375 -1.11 -62.25 -19.69
C ALA O 375 0.29 -62.85 -19.64
N ASP O 376 0.64 -63.68 -20.62
CA ASP O 376 1.95 -64.33 -20.66
C ASP O 376 2.96 -63.55 -21.50
N ALA O 377 2.59 -62.39 -22.03
CA ALA O 377 3.46 -61.66 -22.93
C ALA O 377 4.67 -61.10 -22.19
N GLN O 378 5.82 -61.11 -22.86
CA GLN O 378 6.99 -60.40 -22.37
C GLN O 378 6.83 -58.92 -22.67
N LEU O 379 6.98 -58.09 -21.65
CA LEU O 379 6.71 -56.67 -21.81
C LEU O 379 7.77 -56.02 -22.71
N PRO O 380 7.40 -54.97 -23.44
CA PRO O 380 8.42 -54.16 -24.11
C PRO O 380 9.33 -53.51 -23.09
N ASP O 381 10.58 -53.29 -23.50
CA ASP O 381 11.59 -52.78 -22.57
C ASP O 381 12.58 -51.93 -23.34
N LEU O 382 13.38 -51.19 -22.58
CA LEU O 382 14.43 -50.33 -23.09
C LEU O 382 15.77 -50.76 -22.51
N PRO O 383 16.88 -50.47 -23.21
CA PRO O 383 18.18 -50.96 -22.72
C PRO O 383 18.42 -50.62 -21.27
N THR O 412 16.61 -69.27 -50.54
CA THR O 412 17.78 -70.02 -50.11
C THR O 412 17.91 -70.00 -48.58
N GLY O 413 17.11 -69.15 -47.93
CA GLY O 413 17.12 -69.04 -46.49
C GLY O 413 17.97 -67.91 -45.96
N LEU O 414 18.88 -67.38 -46.78
CA LEU O 414 19.72 -66.27 -46.35
C LEU O 414 18.89 -65.00 -46.20
N SER O 415 19.47 -64.04 -45.46
CA SER O 415 18.77 -62.79 -45.16
C SER O 415 18.51 -61.95 -46.39
N ASP O 416 19.31 -62.11 -47.44
CA ASP O 416 19.52 -61.57 -48.77
C ASP O 416 20.26 -60.24 -48.69
N GLU P 28 35.17 -50.03 -31.61
CA GLU P 28 34.18 -48.98 -31.76
C GLU P 28 34.47 -48.14 -33.00
N CYS P 29 33.52 -47.27 -33.36
CA CYS P 29 33.64 -46.41 -34.52
C CYS P 29 33.70 -44.97 -34.04
N SER P 30 34.90 -44.38 -34.07
CA SER P 30 35.11 -43.01 -33.61
C SER P 30 35.05 -42.04 -34.78
N GLN P 31 33.88 -42.00 -35.41
CA GLN P 31 33.62 -41.11 -36.54
C GLN P 31 32.14 -40.77 -36.55
N GLN P 32 31.82 -39.49 -36.45
CA GLN P 32 30.44 -39.02 -36.48
C GLN P 32 30.32 -37.91 -37.50
N LEU P 33 29.19 -37.90 -38.20
CA LEU P 33 28.93 -36.92 -39.26
C LEU P 33 27.90 -35.89 -38.82
N GLY P 34 28.03 -34.69 -39.38
CA GLY P 34 27.20 -33.58 -38.96
C GLY P 34 25.76 -33.72 -39.39
N GLN P 35 24.91 -32.91 -38.75
CA GLN P 35 23.48 -32.90 -39.04
C GLN P 35 23.15 -32.49 -40.47
N GLU P 36 24.16 -32.05 -41.23
CA GLU P 36 23.95 -31.77 -42.65
C GLU P 36 24.18 -33.01 -43.51
N GLN P 37 25.20 -33.81 -43.22
CA GLN P 37 25.53 -35.00 -43.97
C GLN P 37 25.08 -36.29 -43.30
N GLU P 38 24.50 -36.21 -42.10
CA GLU P 38 23.88 -37.36 -41.45
C GLU P 38 22.38 -37.40 -41.66
N LEU P 39 21.74 -36.23 -41.67
CA LEU P 39 20.37 -36.11 -42.16
C LEU P 39 20.27 -36.68 -43.57
N GLN P 40 21.42 -36.78 -44.26
CA GLN P 40 21.50 -37.35 -45.59
C GLN P 40 21.59 -38.88 -45.55
N MET P 41 22.41 -39.41 -44.63
CA MET P 41 22.46 -40.86 -44.45
C MET P 41 21.10 -41.41 -44.03
N ASN P 42 20.29 -40.62 -43.32
CA ASN P 42 18.93 -41.06 -43.03
C ASN P 42 18.15 -41.31 -44.32
N MET P 43 18.21 -40.36 -45.26
CA MET P 43 17.55 -40.54 -46.55
C MET P 43 18.13 -41.73 -47.29
N VAL P 44 19.45 -41.91 -47.21
CA VAL P 44 20.08 -43.05 -47.85
C VAL P 44 19.47 -44.35 -47.32
N ARG P 45 19.38 -44.48 -46.01
CA ARG P 45 18.76 -45.67 -45.42
C ARG P 45 17.33 -45.85 -45.88
N ASP P 46 16.57 -44.74 -45.92
CA ASP P 46 15.20 -44.80 -46.40
C ASP P 46 15.16 -45.41 -47.81
N MET P 47 16.06 -44.95 -48.68
CA MET P 47 16.13 -45.50 -50.03
C MET P 47 16.50 -46.98 -50.01
N ILE P 48 17.44 -47.36 -49.15
CA ILE P 48 17.87 -48.75 -49.07
C ILE P 48 16.68 -49.65 -48.76
N ARG P 49 15.92 -49.30 -47.74
CA ARG P 49 14.79 -50.14 -47.36
C ARG P 49 13.55 -49.91 -48.23
N GLU P 50 13.58 -48.89 -49.09
CA GLU P 50 12.48 -48.65 -50.02
C GLU P 50 12.56 -49.51 -51.27
N GLY P 51 13.65 -50.24 -51.46
CA GLY P 51 13.90 -50.90 -52.72
C GLY P 51 14.59 -50.02 -53.74
N ARG P 52 14.98 -48.80 -53.36
CA ARG P 52 15.66 -47.85 -54.23
C ARG P 52 17.17 -47.90 -54.05
N LEU P 53 17.73 -49.11 -53.85
CA LEU P 53 19.16 -49.30 -53.68
C LEU P 53 19.97 -48.43 -54.63
N HIS P 54 19.55 -48.36 -55.90
CA HIS P 54 20.33 -47.63 -56.89
C HIS P 54 20.28 -46.13 -56.64
N ALA P 55 19.09 -45.61 -56.28
CA ALA P 55 18.99 -44.21 -55.89
C ALA P 55 19.79 -43.94 -54.62
N ALA P 56 19.79 -44.89 -53.69
CA ALA P 56 20.64 -44.75 -52.50
C ALA P 56 22.11 -44.68 -52.91
N LEU P 57 22.51 -45.48 -53.89
CA LEU P 57 23.88 -45.41 -54.40
C LEU P 57 24.16 -44.05 -54.98
N ALA P 58 23.21 -43.50 -55.74
CA ALA P 58 23.37 -42.15 -56.29
C ALA P 58 23.61 -41.15 -55.18
N ASN P 59 22.74 -41.16 -54.17
CA ASN P 59 22.84 -40.18 -53.08
C ASN P 59 24.13 -40.36 -52.29
N LEU P 60 24.57 -41.60 -52.10
CA LEU P 60 25.86 -41.85 -51.46
C LEU P 60 27.00 -41.28 -52.31
N GLU P 61 26.96 -41.51 -53.62
CA GLU P 61 27.95 -40.94 -54.51
C GLU P 61 28.00 -39.43 -54.36
N SER P 62 26.84 -38.81 -54.13
CA SER P 62 26.82 -37.39 -53.81
C SER P 62 27.64 -37.12 -52.55
N MET P 63 27.49 -37.98 -51.55
CA MET P 63 28.19 -37.82 -50.28
C MET P 63 29.67 -38.17 -50.44
N PRO P 64 30.52 -37.77 -49.50
CA PRO P 64 31.96 -37.90 -49.68
C PRO P 64 32.40 -39.35 -49.74
N PRO P 65 33.19 -39.73 -50.75
CA PRO P 65 33.80 -41.06 -50.74
C PRO P 65 34.93 -41.14 -49.73
N GLY P 66 35.08 -42.31 -49.12
CA GLY P 66 36.01 -42.51 -48.03
C GLY P 66 35.36 -42.49 -46.66
N LEU P 67 34.13 -42.00 -46.57
CA LEU P 67 33.38 -42.06 -45.32
C LEU P 67 32.97 -43.50 -45.04
N LEU P 68 33.44 -44.04 -43.91
CA LEU P 68 33.23 -45.46 -43.62
C LEU P 68 31.76 -45.83 -43.74
N ASP P 69 30.87 -45.03 -43.18
CA ASP P 69 29.44 -45.30 -43.29
C ASP P 69 29.00 -45.36 -44.75
N VAL P 70 29.37 -44.33 -45.52
CA VAL P 70 29.02 -44.31 -46.93
C VAL P 70 29.68 -45.46 -47.66
N ARG P 71 30.91 -45.82 -47.28
CA ARG P 71 31.61 -46.91 -47.95
C ARG P 71 30.88 -48.23 -47.75
N GLU P 72 30.51 -48.54 -46.50
CA GLU P 72 29.81 -49.80 -46.24
C GLU P 72 28.42 -49.81 -46.84
N GLU P 73 27.71 -48.68 -46.82
CA GLU P 73 26.40 -48.64 -47.44
C GLU P 73 26.51 -48.88 -48.95
N ARG P 74 27.49 -48.25 -49.59
CA ARG P 74 27.72 -48.47 -51.01
C ARG P 74 28.03 -49.93 -51.29
N ALA P 75 28.88 -50.54 -50.45
CA ALA P 75 29.20 -51.96 -50.63
C ALA P 75 27.96 -52.83 -50.53
N LEU P 76 27.10 -52.55 -49.55
CA LEU P 76 25.83 -53.27 -49.42
C LEU P 76 25.04 -53.19 -50.72
N ILE P 77 24.86 -51.97 -51.23
CA ILE P 77 24.10 -51.78 -52.47
C ILE P 77 24.75 -52.55 -53.61
N LEU P 78 26.07 -52.41 -53.75
CA LEU P 78 26.78 -53.05 -54.85
C LEU P 78 26.60 -54.56 -54.81
N ARG P 79 26.75 -55.16 -53.62
CA ARG P 79 26.59 -56.61 -53.51
C ARG P 79 25.17 -57.03 -53.85
N ARG P 80 24.18 -56.30 -53.37
CA ARG P 80 22.80 -56.71 -53.63
C ARG P 80 22.45 -56.57 -55.11
N ILE P 81 22.91 -55.50 -55.76
CA ILE P 81 22.55 -55.25 -57.16
C ILE P 81 23.38 -56.06 -58.14
N GLY P 82 24.47 -56.68 -57.70
CA GLY P 82 25.30 -57.48 -58.57
C GLY P 82 26.52 -56.78 -59.12
N ASP P 83 26.87 -55.60 -58.60
CA ASP P 83 28.04 -54.90 -59.08
C ASP P 83 29.31 -55.68 -58.72
N PRO P 84 30.39 -55.51 -59.48
CA PRO P 84 31.64 -56.22 -59.19
C PRO P 84 32.55 -55.55 -58.18
N ARG P 85 32.22 -54.33 -57.74
CA ARG P 85 33.08 -53.57 -56.84
C ARG P 85 32.76 -53.80 -55.37
N ALA P 86 31.62 -54.41 -55.06
CA ALA P 86 31.29 -54.72 -53.68
C ALA P 86 32.41 -55.50 -53.01
N ARG P 87 33.04 -56.42 -53.75
CA ARG P 87 34.12 -57.22 -53.20
C ARG P 87 35.23 -56.31 -52.66
N ALA P 88 35.71 -55.38 -53.49
CA ALA P 88 36.77 -54.49 -53.06
C ALA P 88 36.32 -53.57 -51.93
N GLU P 89 35.07 -53.10 -51.97
CA GLU P 89 34.57 -52.23 -50.90
C GLU P 89 34.62 -52.96 -49.56
N TYR P 90 34.08 -54.17 -49.51
CA TYR P 90 34.19 -54.99 -48.31
C TYR P 90 35.66 -55.19 -47.93
N GLN P 91 36.50 -55.49 -48.92
CA GLN P 91 37.92 -55.73 -48.64
C GLN P 91 38.56 -54.54 -47.93
N ALA P 92 38.35 -53.33 -48.47
CA ALA P 92 38.94 -52.15 -47.86
C ALA P 92 38.43 -51.93 -46.44
N LEU P 93 37.13 -52.17 -46.23
CA LEU P 93 36.51 -51.91 -44.93
C LEU P 93 36.89 -52.96 -43.89
N LEU P 94 37.49 -54.08 -44.28
CA LEU P 94 37.95 -55.07 -43.30
C LEU P 94 38.93 -54.46 -42.32
N GLU P 95 39.75 -53.51 -42.78
CA GLU P 95 40.81 -52.91 -41.97
C GLU P 95 40.37 -51.62 -41.29
N THR P 96 39.08 -51.46 -41.01
CA THR P 96 38.52 -50.26 -40.41
C THR P 96 37.56 -50.67 -39.28
N CYS P 97 36.94 -49.66 -38.65
CA CYS P 97 35.90 -49.97 -37.66
C CYS P 97 34.75 -50.72 -38.30
N LYS P 98 34.58 -50.60 -39.62
CA LYS P 98 33.57 -51.38 -40.33
C LYS P 98 34.13 -52.76 -40.68
N ALA P 99 34.67 -53.46 -39.69
CA ALA P 99 35.21 -54.79 -39.87
C ALA P 99 34.11 -55.86 -39.93
N PRO P 100 33.27 -55.97 -38.89
CA PRO P 100 32.26 -57.04 -38.89
C PRO P 100 31.45 -57.12 -40.17
N GLU P 101 30.91 -56.00 -40.64
CA GLU P 101 30.07 -56.05 -41.84
C GLU P 101 30.89 -56.30 -43.10
N ALA P 102 32.17 -55.93 -43.10
CA ALA P 102 33.03 -56.28 -44.23
C ALA P 102 33.26 -57.78 -44.32
N HIS P 103 33.57 -58.41 -43.17
CA HIS P 103 33.70 -59.86 -43.14
C HIS P 103 32.40 -60.52 -43.59
N HIS P 104 31.27 -60.01 -43.09
CA HIS P 104 29.97 -60.58 -43.44
C HIS P 104 29.70 -60.43 -44.94
N GLY P 105 30.05 -59.28 -45.52
CA GLY P 105 29.89 -59.05 -46.94
C GLY P 105 30.71 -60.01 -47.78
N LEU P 106 31.99 -60.17 -47.42
CA LEU P 106 32.82 -61.14 -48.13
C LEU P 106 32.26 -62.55 -48.00
N GLY P 107 31.76 -62.91 -46.82
CA GLY P 107 31.12 -64.20 -46.64
C GLY P 107 29.91 -64.40 -47.55
N LEU P 108 29.04 -63.39 -47.60
CA LEU P 108 27.88 -63.47 -48.49
C LEU P 108 28.30 -63.54 -49.94
N LEU P 109 29.39 -62.85 -50.31
CA LEU P 109 29.93 -63.01 -51.67
C LEU P 109 30.33 -64.46 -51.93
N ALA P 110 31.09 -65.05 -51.00
CA ALA P 110 31.48 -66.44 -51.15
C ALA P 110 30.24 -67.34 -51.29
N LEU P 111 29.20 -67.06 -50.50
CA LEU P 111 27.96 -67.82 -50.64
C LEU P 111 27.34 -67.65 -52.02
N ARG P 112 27.33 -66.41 -52.53
CA ARG P 112 26.80 -66.17 -53.87
C ARG P 112 27.56 -66.98 -54.91
N ASN P 113 28.90 -67.03 -54.78
CA ASN P 113 29.70 -67.85 -55.67
C ASN P 113 29.52 -69.34 -55.42
N GLY P 114 28.89 -69.73 -54.32
CA GLY P 114 28.73 -71.12 -53.97
C GLY P 114 29.88 -71.73 -53.19
N ASP P 115 30.96 -70.98 -53.00
CA ASP P 115 32.13 -71.47 -52.26
C ASP P 115 31.84 -71.37 -50.77
N SER P 116 31.09 -72.36 -50.28
CA SER P 116 30.70 -72.37 -48.87
C SER P 116 31.89 -72.52 -47.93
N ALA P 117 33.00 -73.06 -48.41
CA ALA P 117 34.15 -73.35 -47.56
C ALA P 117 34.63 -72.10 -46.82
N ARG P 118 35.08 -71.09 -47.57
CA ARG P 118 35.52 -69.84 -46.96
C ARG P 118 34.35 -69.00 -46.47
N ALA P 119 33.16 -69.22 -47.03
CA ALA P 119 31.99 -68.48 -46.55
C ALA P 119 31.71 -68.78 -45.09
N VAL P 120 31.79 -70.06 -44.71
CA VAL P 120 31.55 -70.43 -43.32
C VAL P 120 32.59 -69.76 -42.42
N LEU P 121 33.85 -69.77 -42.84
CA LEU P 121 34.91 -69.16 -42.05
C LEU P 121 34.65 -67.67 -41.82
N GLU P 122 34.34 -66.95 -42.91
CA GLU P 122 34.14 -65.50 -42.79
C GLU P 122 32.88 -65.20 -41.99
N LEU P 123 31.82 -66.00 -42.16
CA LEU P 123 30.61 -65.79 -41.37
C LEU P 123 30.87 -66.06 -39.89
N ARG P 124 31.68 -67.07 -39.58
CA ARG P 124 32.07 -67.31 -38.20
C ARG P 124 32.81 -66.11 -37.62
N GLU P 125 33.77 -65.58 -38.39
CA GLU P 125 34.51 -64.41 -37.92
C GLU P 125 33.56 -63.23 -37.66
N ALA P 126 32.66 -62.96 -38.59
CA ALA P 126 31.74 -61.84 -38.44
C ALA P 126 30.83 -62.04 -37.23
N ALA P 127 30.23 -63.22 -37.11
CA ALA P 127 29.37 -63.51 -35.96
C ALA P 127 30.14 -63.41 -34.65
N ARG P 128 31.43 -63.70 -34.67
CA ARG P 128 32.23 -63.54 -33.45
C ARG P 128 32.40 -62.06 -33.11
N LEU P 129 32.86 -61.26 -34.06
CA LEU P 129 33.24 -59.88 -33.75
C LEU P 129 32.05 -59.04 -33.30
N ARG P 130 30.88 -59.22 -33.93
CA ARG P 130 29.65 -58.54 -33.50
C ARG P 130 28.58 -59.60 -33.33
N PRO P 131 28.46 -60.19 -32.13
CA PRO P 131 27.59 -61.36 -31.99
C PRO P 131 26.11 -61.07 -32.06
N THR P 132 25.65 -59.95 -31.49
CA THR P 132 24.21 -59.74 -31.34
C THR P 132 23.49 -59.57 -32.66
N GLU P 133 24.22 -59.44 -33.77
CA GLU P 133 23.59 -59.25 -35.07
C GLU P 133 22.83 -60.50 -35.50
N SER P 134 21.50 -60.43 -35.43
CA SER P 134 20.66 -61.58 -35.81
C SER P 134 20.93 -61.99 -37.25
N ARG P 135 21.08 -61.00 -38.14
CA ARG P 135 21.35 -61.30 -39.54
C ARG P 135 22.62 -62.13 -39.71
N PHE P 136 23.69 -61.75 -39.01
CA PHE P 136 24.94 -62.51 -39.09
C PHE P 136 24.74 -63.94 -38.60
N ARG P 137 24.04 -64.11 -37.48
CA ARG P 137 23.83 -65.44 -36.93
C ARG P 137 23.01 -66.31 -37.87
N ASN P 138 21.96 -65.75 -38.45
CA ASN P 138 21.11 -66.53 -39.34
C ASN P 138 21.81 -66.86 -40.65
N ASP P 139 22.73 -66.00 -41.10
CA ASP P 139 23.53 -66.34 -42.28
C ASP P 139 24.58 -67.40 -41.96
N LEU P 140 25.25 -67.28 -40.83
CA LEU P 140 26.25 -68.26 -40.44
C LEU P 140 25.62 -69.64 -40.23
N GLY P 141 24.41 -69.69 -39.67
CA GLY P 141 23.75 -70.97 -39.51
C GLY P 141 23.46 -71.64 -40.84
N VAL P 142 22.99 -70.86 -41.81
CA VAL P 142 22.74 -71.41 -43.15
C VAL P 142 24.05 -71.89 -43.77
N ALA P 143 25.12 -71.11 -43.62
CA ALA P 143 26.41 -71.54 -44.16
C ALA P 143 26.87 -72.85 -43.53
N LEU P 144 26.73 -72.98 -42.21
CA LEU P 144 27.09 -74.23 -41.55
C LEU P 144 26.23 -75.39 -42.05
N LEU P 145 24.92 -75.17 -42.13
CA LEU P 145 24.02 -76.21 -42.62
C LEU P 145 24.43 -76.69 -44.01
N LYS P 146 24.78 -75.74 -44.89
CA LYS P 146 25.29 -76.12 -46.20
C LYS P 146 26.61 -76.88 -46.08
N ARG P 147 27.48 -76.47 -45.16
CA ARG P 147 28.80 -77.08 -45.02
C ARG P 147 28.76 -78.43 -44.30
N GLY P 148 27.71 -78.69 -43.51
CA GLY P 148 27.52 -79.98 -42.88
C GLY P 148 27.66 -80.01 -41.38
N ASP P 149 28.11 -78.92 -40.76
CA ASP P 149 28.19 -78.86 -39.29
C ASP P 149 26.79 -78.64 -38.73
N ARG P 150 26.01 -79.73 -38.70
CA ARG P 150 24.61 -79.65 -38.32
C ARG P 150 24.44 -79.18 -36.87
N VAL P 151 25.30 -79.65 -35.97
CA VAL P 151 25.20 -79.22 -34.57
C VAL P 151 25.54 -77.73 -34.46
N GLY P 152 26.61 -77.30 -35.12
CA GLY P 152 26.95 -75.89 -35.14
C GLY P 152 25.89 -75.06 -35.85
N ALA P 153 25.32 -75.60 -36.93
CA ALA P 153 24.25 -74.90 -37.62
C ALA P 153 23.04 -74.73 -36.70
N ARG P 154 22.71 -75.75 -35.92
CA ARG P 154 21.63 -75.64 -34.95
C ARG P 154 21.95 -74.58 -33.90
N PHE P 155 23.19 -74.57 -33.42
CA PHE P 155 23.63 -73.54 -32.48
C PHE P 155 23.37 -72.15 -33.05
N GLU P 156 23.85 -71.91 -34.26
CA GLU P 156 23.75 -70.57 -34.85
C GLU P 156 22.31 -70.20 -35.17
N PHE P 157 21.53 -71.15 -35.68
CA PHE P 157 20.13 -70.88 -35.96
C PHE P 157 19.37 -70.56 -34.69
N ILE P 158 19.65 -71.27 -33.60
CA ILE P 158 18.99 -70.97 -32.34
C ILE P 158 19.40 -69.59 -31.84
N THR P 159 20.68 -69.24 -31.98
CA THR P 159 21.10 -67.90 -31.59
C THR P 159 20.32 -66.85 -32.36
N ALA P 160 20.23 -67.01 -33.68
CA ALA P 160 19.50 -66.03 -34.50
C ALA P 160 18.03 -65.98 -34.13
N LEU P 161 17.39 -67.14 -33.95
CA LEU P 161 15.98 -67.18 -33.63
C LEU P 161 15.69 -66.58 -32.27
N GLU P 162 16.62 -66.72 -31.32
CA GLU P 162 16.44 -66.11 -30.00
C GLU P 162 16.65 -64.61 -30.07
N LEU P 163 17.65 -64.16 -30.83
CA LEU P 163 17.90 -62.73 -30.97
C LEU P 163 16.67 -62.01 -31.52
N GLN P 164 16.13 -62.49 -32.63
CA GLN P 164 14.96 -61.89 -33.23
C GLN P 164 13.73 -62.19 -32.38
N GLN P 165 12.79 -61.23 -32.36
CA GLN P 165 11.58 -61.33 -31.54
C GLN P 165 10.64 -62.35 -32.18
N GLY P 166 10.96 -63.63 -31.95
CA GLY P 166 10.21 -64.72 -32.52
C GLY P 166 10.73 -65.23 -33.85
N GLY P 167 11.36 -64.36 -34.63
CA GLY P 167 11.96 -64.77 -35.88
C GLY P 167 10.98 -65.00 -37.01
N LYS P 168 11.39 -64.67 -38.23
CA LYS P 168 10.65 -65.04 -39.43
C LYS P 168 11.48 -65.95 -40.32
N LEU P 169 12.69 -65.56 -40.66
CA LEU P 169 13.60 -66.43 -41.39
C LEU P 169 14.23 -67.43 -40.42
N PRO P 170 14.70 -67.00 -39.25
CA PRO P 170 15.27 -67.96 -38.30
C PRO P 170 14.37 -69.13 -37.93
N ALA P 171 13.07 -68.85 -37.74
CA ALA P 171 12.16 -69.91 -37.28
C ALA P 171 12.08 -71.03 -38.30
N THR P 172 11.88 -70.69 -39.57
CA THR P 172 11.87 -71.71 -40.60
C THR P 172 13.27 -72.20 -40.96
N ASN P 173 14.30 -71.45 -40.59
CA ASN P 173 15.67 -71.94 -40.74
C ASN P 173 16.00 -73.06 -39.78
N LEU P 174 15.38 -73.05 -38.60
CA LEU P 174 15.49 -74.18 -37.69
C LEU P 174 14.46 -75.27 -37.97
N LEU P 175 13.27 -74.90 -38.45
CA LEU P 175 12.29 -75.90 -38.84
C LEU P 175 12.79 -76.78 -39.97
N GLY P 176 13.38 -76.17 -41.02
CA GLY P 176 13.91 -76.94 -42.13
C GLY P 176 15.12 -77.76 -41.73
N LEU P 177 15.94 -77.25 -40.81
CA LEU P 177 17.03 -78.06 -40.28
C LEU P 177 16.49 -79.29 -39.56
N LEU P 178 15.44 -79.12 -38.77
CA LEU P 178 14.79 -80.26 -38.12
C LEU P 178 14.24 -81.24 -39.16
N TYR P 179 13.59 -80.71 -40.19
CA TYR P 179 13.06 -81.56 -41.26
C TYR P 179 14.18 -82.37 -41.91
N LEU P 180 15.30 -81.71 -42.24
CA LEU P 180 16.47 -82.44 -42.74
C LEU P 180 16.93 -83.49 -41.76
N GLN P 181 16.79 -83.22 -40.46
CA GLN P 181 17.18 -84.18 -39.44
C GLN P 181 16.09 -85.20 -39.12
N GLY P 182 14.88 -85.01 -39.63
CA GLY P 182 13.84 -86.02 -39.52
C GLY P 182 13.03 -86.00 -38.24
N ASP P 183 13.33 -85.10 -37.31
CA ASP P 183 12.56 -85.02 -36.07
C ASP P 183 11.22 -84.36 -36.34
N ARG P 184 10.30 -85.10 -36.96
CA ARG P 184 9.03 -84.50 -37.38
C ARG P 184 8.22 -84.01 -36.19
N GLU P 185 8.20 -84.76 -35.09
CA GLU P 185 7.40 -84.34 -33.94
C GLU P 185 8.04 -83.14 -33.23
N ASP P 186 9.36 -83.05 -33.20
CA ASP P 186 10.00 -81.83 -32.71
C ASP P 186 9.67 -80.65 -33.60
N ALA P 187 9.68 -80.86 -34.92
CA ALA P 187 9.28 -79.81 -35.83
C ALA P 187 7.84 -79.37 -35.55
N GLN P 188 6.95 -80.33 -35.29
CA GLN P 188 5.56 -79.99 -34.97
C GLN P 188 5.46 -79.25 -33.64
N ARG P 189 6.28 -79.64 -32.67
CA ARG P 189 6.40 -78.87 -31.43
C ARG P 189 6.71 -77.41 -31.75
N LEU P 190 7.64 -77.18 -32.67
CA LEU P 190 7.94 -75.80 -33.04
C LEU P 190 6.79 -75.16 -33.81
N ILE P 191 6.08 -75.94 -34.63
CA ILE P 191 4.90 -75.41 -35.32
C ILE P 191 3.91 -74.85 -34.31
N GLU P 192 3.66 -75.61 -33.24
CA GLU P 192 2.75 -75.17 -32.20
C GLU P 192 3.31 -73.95 -31.46
N ARG P 193 4.56 -74.03 -31.02
CA ARG P 193 5.13 -72.96 -30.20
C ARG P 193 5.22 -71.65 -30.98
N LEU P 194 5.90 -71.67 -32.13
CA LEU P 194 6.01 -70.48 -32.97
C LEU P 194 4.67 -70.05 -33.54
N GLN P 195 3.67 -70.95 -33.56
CA GLN P 195 2.39 -70.70 -34.20
C GLN P 195 2.56 -70.51 -35.70
N LEU P 196 3.37 -71.37 -36.31
CA LEU P 196 3.60 -71.30 -37.75
C LEU P 196 2.33 -71.61 -38.52
N ASP P 197 2.25 -71.05 -39.73
CA ASP P 197 1.12 -71.23 -40.62
C ASP P 197 1.55 -72.00 -41.87
N ALA P 198 0.58 -72.66 -42.50
CA ALA P 198 0.87 -73.43 -43.71
C ALA P 198 1.52 -72.56 -44.78
N ARG P 199 1.13 -71.28 -44.84
CA ARG P 199 1.78 -70.35 -45.76
C ARG P 199 3.30 -70.34 -45.57
N ASP P 200 3.75 -70.59 -44.33
CA ASP P 200 5.17 -70.74 -44.07
C ASP P 200 5.63 -72.19 -44.09
N ILE P 201 4.72 -73.15 -43.92
CA ILE P 201 5.11 -74.55 -44.01
C ILE P 201 5.55 -74.90 -45.44
N ARG P 202 4.86 -74.35 -46.44
CA ARG P 202 5.26 -74.59 -47.82
C ARG P 202 6.69 -74.11 -48.06
N ALA P 203 6.99 -72.87 -47.66
CA ALA P 203 8.34 -72.36 -47.80
C ALA P 203 9.32 -73.16 -46.95
N ALA P 204 8.87 -73.68 -45.81
CA ALA P 204 9.75 -74.48 -44.96
C ALA P 204 10.18 -75.75 -45.67
N GLU P 205 9.24 -76.47 -46.27
CA GLU P 205 9.62 -77.67 -47.01
C GLU P 205 10.47 -77.31 -48.23
N ALA P 206 10.16 -76.19 -48.89
CA ALA P 206 10.95 -75.77 -50.04
C ALA P 206 12.40 -75.54 -49.63
N ARG P 207 12.62 -74.81 -48.54
CA ARG P 207 13.99 -74.53 -48.10
C ARG P 207 14.66 -75.78 -47.55
N ALA P 208 13.90 -76.67 -46.92
CA ALA P 208 14.46 -77.95 -46.49
C ALA P 208 15.01 -78.72 -47.68
N ARG P 209 14.26 -78.74 -48.78
CA ARG P 209 14.80 -79.31 -50.02
C ARG P 209 16.01 -78.51 -50.49
N SER P 210 15.96 -77.18 -50.40
CA SER P 210 17.09 -76.37 -50.83
C SER P 210 18.37 -76.76 -50.10
N TRP P 211 18.30 -76.85 -48.76
CA TRP P 211 19.47 -77.27 -48.00
C TRP P 211 19.87 -78.69 -48.38
N GLY P 212 21.17 -78.92 -48.48
CA GLY P 212 21.70 -80.22 -48.84
C GLY P 212 22.08 -80.30 -50.30
N PRO Q 131 -15.37 -36.22 -50.49
CA PRO Q 131 -14.61 -35.88 -49.28
C PRO Q 131 -15.29 -34.80 -48.44
N ASN Q 132 -15.15 -34.92 -47.12
CA ASN Q 132 -15.74 -33.97 -46.19
C ASN Q 132 -14.68 -33.26 -45.34
N GLN Q 133 -13.42 -33.32 -45.77
CA GLN Q 133 -12.31 -32.71 -45.03
C GLN Q 133 -11.55 -31.78 -45.95
N VAL Q 134 -11.13 -30.64 -45.40
CA VAL Q 134 -10.60 -29.53 -46.18
C VAL Q 134 -9.18 -29.22 -45.70
N GLN Q 135 -8.26 -29.10 -46.65
CA GLN Q 135 -6.93 -28.58 -46.40
C GLN Q 135 -6.86 -27.17 -46.97
N THR Q 136 -6.50 -26.21 -46.11
CA THR Q 136 -6.47 -24.80 -46.48
C THR Q 136 -5.03 -24.34 -46.55
N ASP Q 137 -4.64 -23.79 -47.70
CA ASP Q 137 -3.29 -23.29 -47.91
C ASP Q 137 -3.31 -21.77 -47.93
N ILE Q 138 -2.50 -21.16 -47.07
CA ILE Q 138 -2.34 -19.72 -47.00
C ILE Q 138 -1.00 -19.35 -47.60
N ARG Q 139 -0.96 -18.21 -48.29
CA ARG Q 139 0.27 -17.72 -48.90
C ARG Q 139 0.38 -16.23 -48.60
N PHE Q 140 1.41 -15.86 -47.84
CA PHE Q 140 1.62 -14.49 -47.41
C PHE Q 140 2.98 -14.00 -47.89
N VAL Q 141 3.01 -12.79 -48.43
CA VAL Q 141 4.23 -12.17 -48.92
C VAL Q 141 4.23 -10.71 -48.52
N GLU Q 142 5.39 -10.23 -48.03
CA GLU Q 142 5.56 -8.82 -47.73
C GLU Q 142 6.93 -8.38 -48.20
N VAL Q 143 6.97 -7.24 -48.91
CA VAL Q 143 8.21 -6.63 -49.35
C VAL Q 143 8.18 -5.17 -48.92
N SER Q 144 9.28 -4.71 -48.33
CA SER Q 144 9.37 -3.34 -47.87
C SER Q 144 10.77 -2.81 -48.13
N ARG Q 145 10.84 -1.53 -48.47
CA ARG Q 145 12.11 -0.85 -48.73
C ARG Q 145 12.10 0.48 -47.99
N SER Q 146 13.31 0.95 -47.67
CA SER Q 146 13.45 2.21 -46.95
C SER Q 146 14.74 2.88 -47.37
N LYS Q 147 14.77 4.20 -47.20
CA LYS Q 147 15.97 4.99 -47.43
C LYS Q 147 16.07 6.05 -46.36
N LEU Q 148 17.29 6.52 -46.13
CA LEU Q 148 17.55 7.48 -45.06
C LEU Q 148 18.76 8.33 -45.45
N LYS Q 149 18.63 9.65 -45.28
CA LYS Q 149 19.73 10.56 -45.53
C LYS Q 149 19.73 11.63 -44.45
N GLN Q 150 20.92 12.16 -44.18
CA GLN Q 150 21.09 13.24 -43.21
C GLN Q 150 22.49 13.83 -43.39
N ALA Q 151 22.63 15.08 -42.97
CA ALA Q 151 23.91 15.76 -43.06
C ALA Q 151 23.89 17.00 -42.17
N SER Q 152 25.02 17.26 -41.52
CA SER Q 152 25.17 18.43 -40.68
C SER Q 152 26.66 18.70 -40.49
N THR Q 153 26.97 19.96 -40.16
CA THR Q 153 28.35 20.38 -40.00
C THR Q 153 28.47 21.41 -38.89
N SER Q 154 29.57 21.36 -38.16
CA SER Q 154 29.88 22.32 -37.12
C SER Q 154 31.38 22.51 -37.06
N PHE Q 155 31.81 23.64 -36.51
CA PHE Q 155 33.24 23.92 -36.42
C PHE Q 155 33.50 24.93 -35.31
N VAL Q 156 34.76 25.03 -34.92
CA VAL Q 156 35.23 25.97 -33.91
C VAL Q 156 36.59 26.51 -34.34
N ARG Q 157 36.89 27.73 -33.91
CA ARG Q 157 38.18 28.35 -34.19
C ARG Q 157 38.67 29.06 -32.94
N ARG Q 158 39.98 29.23 -32.86
CA ARG Q 158 40.62 29.74 -31.65
C ARG Q 158 41.77 30.66 -32.03
N GLY Q 159 42.28 31.39 -31.02
CA GLY Q 159 43.42 32.26 -31.19
C GLY Q 159 43.04 33.71 -31.32
N GLY Q 160 43.17 34.46 -30.22
CA GLY Q 160 42.80 35.86 -30.24
C GLY Q 160 41.31 36.02 -30.39
N ASN Q 161 40.81 35.69 -31.58
CA ASN Q 161 39.39 35.62 -31.84
C ASN Q 161 38.85 34.25 -31.45
N LEU Q 162 37.52 34.13 -31.47
CA LEU Q 162 36.87 32.85 -31.25
C LEU Q 162 35.60 32.82 -32.08
N TRP Q 163 35.40 31.73 -32.81
CA TRP Q 163 34.21 31.54 -33.62
C TRP Q 163 33.62 30.17 -33.36
N VAL Q 164 32.30 30.08 -33.45
CA VAL Q 164 31.60 28.82 -33.28
C VAL Q 164 30.37 28.84 -34.18
N LEU Q 165 30.08 27.69 -34.79
CA LEU Q 165 28.86 27.51 -35.56
C LEU Q 165 28.34 26.11 -35.24
N GLY Q 166 27.30 26.05 -34.41
CA GLY Q 166 26.71 24.79 -34.02
C GLY Q 166 25.44 24.51 -34.78
N ALA Q 167 25.42 23.39 -35.48
CA ALA Q 167 24.23 22.99 -36.20
C ALA Q 167 23.12 22.60 -35.22
N PRO Q 168 21.86 22.61 -35.66
CA PRO Q 168 20.75 22.35 -34.74
C PRO Q 168 20.96 21.10 -33.90
N GLY Q 169 20.98 21.27 -32.57
CA GLY Q 169 21.14 20.16 -31.65
C GLY Q 169 22.56 19.70 -31.44
N SER Q 170 23.55 20.35 -32.05
CA SER Q 170 24.93 19.90 -31.95
C SER Q 170 25.68 20.51 -30.77
N LEU Q 171 25.40 21.77 -30.44
CA LEU Q 171 26.17 22.52 -29.46
C LEU Q 171 25.58 22.46 -28.06
N GLY Q 172 24.51 21.71 -27.84
CA GLY Q 172 23.86 21.69 -26.54
C GLY Q 172 24.73 21.17 -25.41
N ASP Q 173 25.83 20.49 -25.75
CA ASP Q 173 26.65 19.84 -24.73
C ASP Q 173 27.56 20.81 -23.99
N ILE Q 174 27.73 22.04 -24.49
CA ILE Q 174 28.81 22.91 -24.07
C ILE Q 174 28.25 24.23 -23.55
N LYS Q 175 28.90 24.74 -22.49
CA LYS Q 175 28.65 26.07 -21.98
C LYS Q 175 29.96 26.85 -21.98
N VAL Q 176 29.88 28.15 -22.21
CA VAL Q 176 31.04 29.02 -22.27
C VAL Q 176 31.13 29.81 -20.97
N ASN Q 177 32.36 30.05 -20.51
CA ASN Q 177 32.56 30.66 -19.21
C ASN Q 177 32.17 32.14 -19.22
N ALA Q 178 32.10 32.72 -18.02
CA ALA Q 178 31.65 34.09 -17.88
C ALA Q 178 32.59 35.07 -18.56
N ASP Q 179 33.90 34.83 -18.49
CA ASP Q 179 34.89 35.78 -18.99
C ASP Q 179 35.20 35.58 -20.47
N GLY Q 180 34.58 34.61 -21.13
CA GLY Q 180 34.75 34.45 -22.55
C GLY Q 180 36.13 34.01 -22.98
N SER Q 181 36.91 33.40 -22.09
CA SER Q 181 38.26 32.96 -22.44
C SER Q 181 38.27 31.65 -23.20
N GLY Q 182 37.18 30.90 -23.19
CA GLY Q 182 37.14 29.63 -23.88
C GLY Q 182 35.91 28.84 -23.48
N LEU Q 183 35.66 27.78 -24.25
CA LEU Q 183 34.52 26.91 -23.98
C LEU Q 183 34.80 26.06 -22.74
N GLY Q 184 33.71 25.63 -22.08
CA GLY Q 184 33.82 24.86 -20.86
C GLY Q 184 33.08 23.54 -20.89
N GLY Q 185 32.98 22.91 -22.07
CA GLY Q 185 32.30 21.64 -22.18
C GLY Q 185 32.97 20.75 -23.21
N THR Q 186 32.50 19.51 -23.26
CA THR Q 186 33.03 18.50 -24.17
C THR Q 186 32.02 18.24 -25.29
N PHE Q 187 32.50 18.21 -26.52
CA PHE Q 187 31.64 17.97 -27.67
C PHE Q 187 31.18 16.51 -27.72
N GLY Q 188 29.96 16.31 -28.20
CA GLY Q 188 29.41 14.99 -28.41
C GLY Q 188 29.36 14.61 -29.87
N THR Q 189 28.74 13.45 -30.12
CA THR Q 189 28.64 12.89 -31.46
C THR Q 189 27.21 12.45 -31.75
N GLY Q 190 26.79 12.63 -32.99
CA GLY Q 190 25.51 12.08 -33.42
C GLY Q 190 25.61 10.57 -33.56
N SER Q 191 24.66 9.85 -32.97
CA SER Q 191 24.75 8.40 -32.89
C SER Q 191 24.45 7.73 -34.22
N SER Q 192 23.45 8.22 -34.95
CA SER Q 192 22.86 7.44 -36.04
C SER Q 192 23.73 7.34 -37.29
N GLY Q 193 24.64 8.29 -37.53
CA GLY Q 193 25.35 8.35 -38.78
C GLY Q 193 26.86 8.33 -38.58
N PHE Q 194 27.56 8.26 -39.71
CA PHE Q 194 29.01 8.36 -39.69
C PHE Q 194 29.44 9.71 -39.13
N ASN Q 195 30.36 9.69 -38.18
CA ASN Q 195 30.89 10.89 -37.55
C ASN Q 195 32.34 11.07 -37.98
N LEU Q 196 32.63 12.21 -38.61
CA LEU Q 196 33.98 12.58 -38.98
C LEU Q 196 34.39 13.83 -38.22
N ILE Q 197 35.61 13.82 -37.69
CA ILE Q 197 36.15 14.92 -36.92
C ILE Q 197 37.51 15.29 -37.48
N PHE Q 198 37.90 16.54 -37.27
CA PHE Q 198 39.20 17.03 -37.72
C PHE Q 198 39.67 18.09 -36.74
N GLY Q 199 40.73 17.77 -35.99
CA GLY Q 199 41.43 18.76 -35.20
C GLY Q 199 42.66 19.24 -35.95
N GLY Q 200 42.73 20.54 -36.17
CA GLY Q 200 43.81 21.12 -36.96
C GLY Q 200 44.51 22.26 -36.25
N GLY Q 201 44.68 22.13 -34.94
CA GLY Q 201 45.27 23.18 -34.15
C GLY Q 201 44.23 24.18 -33.70
N LYS Q 202 44.22 25.36 -34.33
CA LYS Q 202 43.17 26.33 -34.05
C LYS Q 202 41.82 25.83 -34.54
N TRP Q 203 41.76 25.32 -35.77
CA TRP Q 203 40.51 24.81 -36.31
C TRP Q 203 40.10 23.52 -35.64
N LEU Q 204 38.78 23.34 -35.52
CA LEU Q 204 38.20 22.09 -35.05
C LEU Q 204 36.81 21.96 -35.68
N SER Q 205 36.54 20.83 -36.31
CA SER Q 205 35.34 20.65 -37.09
C SER Q 205 34.75 19.27 -36.86
N PHE Q 206 33.44 19.16 -37.06
CA PHE Q 206 32.72 17.90 -36.95
C PHE Q 206 31.73 17.81 -38.10
N MET Q 207 31.50 16.59 -38.56
CA MET Q 207 30.58 16.35 -39.66
C MET Q 207 29.85 15.04 -39.42
N ASN Q 208 28.52 15.06 -39.55
CA ASN Q 208 27.69 13.88 -39.47
C ASN Q 208 26.99 13.72 -40.81
N ALA Q 209 27.07 12.51 -41.38
CA ALA Q 209 26.45 12.26 -42.67
C ALA Q 209 26.07 10.79 -42.76
N LEU Q 210 25.10 10.51 -43.62
CA LEU Q 210 24.62 9.15 -43.84
C LEU Q 210 23.69 9.13 -45.04
N GLU Q 211 23.83 8.12 -45.87
CA GLU Q 211 22.81 7.78 -46.85
C GLU Q 211 22.69 6.25 -46.85
N GLY Q 212 21.60 5.74 -46.28
CA GLY Q 212 21.45 4.31 -46.11
C GLY Q 212 20.11 3.84 -46.64
N SER Q 213 20.07 2.54 -46.93
CA SER Q 213 18.88 1.90 -47.49
C SER Q 213 18.71 0.54 -46.85
N GLY Q 214 17.47 0.08 -46.83
CA GLY Q 214 17.15 -1.21 -46.25
C GLY Q 214 16.18 -1.98 -47.12
N PHE Q 215 16.25 -3.29 -47.01
CA PHE Q 215 15.36 -4.18 -47.74
C PHE Q 215 14.94 -5.32 -46.82
N ALA Q 216 13.65 -5.66 -46.86
CA ALA Q 216 13.10 -6.73 -46.04
C ALA Q 216 12.14 -7.54 -46.87
N TYR Q 217 12.16 -8.86 -46.65
CA TYR Q 217 11.31 -9.79 -47.38
C TYR Q 217 10.81 -10.86 -46.41
N THR Q 218 9.55 -11.23 -46.58
CA THR Q 218 8.92 -12.23 -45.72
C THR Q 218 8.01 -13.11 -46.55
N LEU Q 219 8.03 -14.41 -46.25
CA LEU Q 219 7.20 -15.39 -46.93
C LEU Q 219 6.76 -16.44 -45.94
N ALA Q 220 5.48 -16.79 -45.97
CA ALA Q 220 4.93 -17.79 -45.08
C ALA Q 220 3.83 -18.55 -45.80
N ARG Q 221 3.88 -19.88 -45.72
CA ARG Q 221 2.91 -20.74 -46.40
C ARG Q 221 2.39 -21.80 -45.43
N PRO Q 222 1.68 -21.39 -44.39
CA PRO Q 222 1.10 -22.36 -43.46
C PRO Q 222 -0.02 -23.16 -44.12
N SER Q 223 -0.19 -24.39 -43.66
CA SER Q 223 -1.25 -25.27 -44.11
C SER Q 223 -1.90 -25.93 -42.90
N LEU Q 224 -3.18 -26.27 -43.04
CA LEU Q 224 -3.93 -26.81 -41.91
C LEU Q 224 -5.11 -27.59 -42.43
N VAL Q 225 -5.37 -28.74 -41.83
CA VAL Q 225 -6.47 -29.63 -42.22
C VAL Q 225 -7.51 -29.61 -41.12
N ALA Q 226 -8.78 -29.71 -41.52
CA ALA Q 226 -9.88 -29.75 -40.56
C ALA Q 226 -11.10 -30.35 -41.23
N MET Q 227 -11.91 -31.02 -40.43
CA MET Q 227 -13.16 -31.58 -40.92
C MET Q 227 -14.19 -30.47 -41.11
N SER Q 228 -15.16 -30.73 -41.98
CA SER Q 228 -16.18 -29.73 -42.29
C SER Q 228 -16.94 -29.34 -41.03
N GLY Q 229 -17.07 -28.04 -40.81
CA GLY Q 229 -17.81 -27.52 -39.68
C GLY Q 229 -17.04 -27.46 -38.38
N GLN Q 230 -15.78 -27.89 -38.36
CA GLN Q 230 -14.98 -27.93 -37.15
C GLN Q 230 -13.91 -26.84 -37.19
N SER Q 231 -13.74 -26.15 -36.07
CA SER Q 231 -12.73 -25.11 -35.98
C SER Q 231 -11.34 -25.73 -35.83
N ALA Q 232 -10.33 -24.98 -36.25
CA ALA Q 232 -8.95 -25.43 -36.15
C ALA Q 232 -8.06 -24.22 -35.89
N SER Q 233 -6.89 -24.48 -35.30
CA SER Q 233 -5.96 -23.44 -34.93
C SER Q 233 -4.53 -23.94 -35.16
N PHE Q 234 -3.63 -22.99 -35.38
CA PHE Q 234 -2.23 -23.31 -35.63
C PHE Q 234 -1.37 -22.16 -35.12
N LEU Q 235 -0.24 -22.51 -34.50
CA LEU Q 235 0.71 -21.53 -34.01
C LEU Q 235 2.11 -22.02 -34.31
N ALA Q 236 2.99 -21.11 -34.71
CA ALA Q 236 4.37 -21.46 -35.04
C ALA Q 236 5.36 -20.43 -34.53
N GLY Q 237 5.00 -19.58 -33.58
CA GLY Q 237 5.89 -18.56 -33.08
C GLY Q 237 6.34 -18.83 -31.65
N GLY Q 238 5.74 -18.13 -30.70
CA GLY Q 238 6.12 -18.29 -29.32
C GLY Q 238 5.25 -17.45 -28.41
N GLU Q 239 5.64 -17.39 -27.15
CA GLU Q 239 4.93 -16.63 -26.14
C GLU Q 239 5.94 -15.95 -25.23
N PHE Q 240 5.73 -14.68 -24.95
CA PHE Q 240 6.58 -13.90 -24.07
C PHE Q 240 5.77 -13.40 -22.88
N PRO Q 241 6.43 -13.12 -21.74
CA PRO Q 241 5.70 -12.75 -20.52
C PRO Q 241 4.85 -11.50 -20.67
N TYR Q 256 0.72 -14.41 -20.73
CA TYR Q 256 1.64 -14.52 -21.86
C TYR Q 256 0.93 -14.15 -23.16
N LYS Q 257 1.66 -13.47 -24.05
CA LYS Q 257 1.13 -12.99 -25.31
C LYS Q 257 1.80 -13.73 -26.46
N GLU Q 258 1.00 -14.21 -27.40
CA GLU Q 258 1.49 -14.99 -28.51
C GLU Q 258 2.00 -14.09 -29.63
N PHE Q 259 2.80 -14.67 -30.51
CA PHE Q 259 3.27 -14.00 -31.71
C PHE Q 259 3.74 -15.06 -32.70
N GLY Q 260 4.25 -14.61 -33.84
CA GLY Q 260 4.65 -15.50 -34.90
C GLY Q 260 3.48 -15.90 -35.78
N ILE Q 261 3.75 -16.87 -36.66
CA ILE Q 261 2.74 -17.34 -37.59
C ILE Q 261 1.57 -17.92 -36.80
N ARG Q 262 0.38 -17.38 -37.01
CA ARG Q 262 -0.84 -17.88 -36.42
C ARG Q 262 -1.89 -18.05 -37.50
N LEU Q 263 -2.83 -18.98 -37.25
CA LEU Q 263 -3.88 -19.24 -38.23
C LEU Q 263 -5.04 -19.91 -37.53
N THR Q 264 -6.21 -19.29 -37.57
CA THR Q 264 -7.46 -19.86 -37.10
C THR Q 264 -8.45 -19.85 -38.25
N LEU Q 265 -9.13 -20.97 -38.47
CA LEU Q 265 -10.04 -21.08 -39.59
C LEU Q 265 -11.12 -22.10 -39.28
N THR Q 266 -12.16 -22.09 -40.11
CA THR Q 266 -13.32 -22.96 -39.92
C THR Q 266 -13.97 -23.24 -41.28
N PRO Q 267 -13.59 -24.32 -41.96
CA PRO Q 267 -14.13 -24.58 -43.29
C PRO Q 267 -15.44 -25.34 -43.25
N THR Q 268 -16.38 -24.90 -44.09
CA THR Q 268 -17.68 -25.54 -44.25
C THR Q 268 -17.85 -25.92 -45.72
N VAL Q 269 -18.09 -27.20 -45.97
CA VAL Q 269 -18.31 -27.69 -47.32
C VAL Q 269 -19.82 -27.74 -47.55
N MET Q 270 -20.30 -26.94 -48.50
CA MET Q 270 -21.72 -26.82 -48.75
C MET Q 270 -22.20 -27.91 -49.71
N ASN Q 271 -23.52 -28.07 -49.79
CA ASN Q 271 -24.11 -29.14 -50.58
C ASN Q 271 -23.74 -29.04 -52.05
N ASN Q 272 -23.36 -27.86 -52.52
CA ASN Q 272 -22.91 -27.67 -53.90
C ASN Q 272 -21.42 -27.87 -54.06
N ARG Q 273 -20.75 -28.42 -53.05
CA ARG Q 273 -19.32 -28.72 -53.05
C ARG Q 273 -18.44 -27.47 -52.99
N ARG Q 274 -19.04 -26.29 -52.83
CA ARG Q 274 -18.25 -25.09 -52.63
C ARG Q 274 -17.86 -24.96 -51.16
N ILE Q 275 -16.72 -24.32 -50.91
CA ILE Q 275 -16.12 -24.24 -49.58
C ILE Q 275 -16.29 -22.82 -49.07
N ALA Q 276 -16.92 -22.68 -47.91
CA ALA Q 276 -17.06 -21.40 -47.23
C ALA Q 276 -16.03 -21.35 -46.11
N LEU Q 277 -15.16 -20.35 -46.15
CA LEU Q 277 -14.04 -20.24 -45.23
C LEU Q 277 -14.22 -19.04 -44.31
N LYS Q 278 -14.19 -19.31 -43.01
CA LYS Q 278 -13.95 -18.29 -42.00
C LYS Q 278 -12.49 -18.39 -41.59
N VAL Q 279 -11.70 -17.38 -41.91
CA VAL Q 279 -10.25 -17.46 -41.83
C VAL Q 279 -9.70 -16.19 -41.21
N ALA Q 280 -8.64 -16.33 -40.43
CA ALA Q 280 -8.03 -15.21 -39.71
C ALA Q 280 -6.54 -15.44 -39.57
N PRO Q 281 -5.77 -15.21 -40.63
CA PRO Q 281 -4.32 -15.39 -40.55
C PRO Q 281 -3.63 -14.25 -39.81
N GLU Q 282 -2.44 -14.54 -39.31
CA GLU Q 282 -1.58 -13.53 -38.70
C GLU Q 282 -0.12 -13.85 -38.98
N VAL Q 283 0.70 -12.79 -39.04
CA VAL Q 283 2.14 -12.90 -39.13
C VAL Q 283 2.73 -11.77 -38.30
N SER Q 284 3.37 -12.12 -37.19
CA SER Q 284 3.86 -11.12 -36.24
C SER Q 284 5.27 -11.48 -35.79
N GLU Q 285 5.97 -10.46 -35.29
CA GLU Q 285 7.34 -10.63 -34.83
C GLU Q 285 7.64 -9.55 -33.81
N LEU Q 286 8.69 -9.78 -33.03
CA LEU Q 286 9.03 -8.86 -31.94
C LEU Q 286 9.67 -7.59 -32.47
N ASP Q 287 9.29 -6.46 -31.86
CA ASP Q 287 9.90 -5.17 -32.12
C ASP Q 287 10.26 -4.56 -30.78
N TYR Q 288 11.49 -4.10 -30.64
CA TYR Q 288 12.07 -3.75 -29.35
C TYR Q 288 11.93 -2.25 -29.10
N SER Q 289 11.06 -1.90 -28.17
CA SER Q 289 10.89 -0.51 -27.72
C SER Q 289 9.90 -0.51 -26.57
N ALA Q 290 9.81 0.65 -25.90
CA ALA Q 290 8.82 0.86 -24.85
C ALA Q 290 9.11 0.02 -23.60
N GLY Q 291 8.24 0.14 -22.60
CA GLY Q 291 8.39 -0.59 -21.36
C GLY Q 291 7.04 -0.66 -20.66
N ILE Q 292 7.02 -1.35 -19.52
CA ILE Q 292 5.80 -1.59 -18.78
C ILE Q 292 6.15 -1.81 -17.31
N GLN Q 293 5.16 -1.60 -16.43
CA GLN Q 293 5.34 -1.73 -14.99
C GLN Q 293 4.44 -2.80 -14.38
N SER Q 294 3.62 -3.47 -15.19
CA SER Q 294 2.68 -4.47 -14.70
C SER Q 294 2.55 -5.57 -15.73
N GLY Q 295 2.52 -6.81 -15.26
CA GLY Q 295 2.45 -7.95 -16.15
C GLY Q 295 3.69 -8.17 -17.00
N GLY Q 296 4.78 -7.49 -16.70
CA GLY Q 296 5.99 -7.64 -17.47
C GLY Q 296 6.97 -6.54 -17.16
N VAL Q 297 8.13 -6.61 -17.81
CA VAL Q 297 9.17 -5.59 -17.68
C VAL Q 297 9.87 -5.44 -19.02
N ALA Q 298 10.11 -4.19 -19.42
CA ALA Q 298 10.83 -3.89 -20.66
C ALA Q 298 10.30 -4.71 -21.82
N VAL Q 299 9.00 -5.02 -21.80
CA VAL Q 299 8.43 -5.93 -22.78
C VAL Q 299 8.55 -5.30 -24.17
N PRO Q 300 8.87 -6.05 -25.21
CA PRO Q 300 8.99 -5.47 -26.55
C PRO Q 300 7.63 -5.26 -27.20
N ALA Q 301 7.66 -4.54 -28.31
CA ALA Q 301 6.47 -4.32 -29.13
C ALA Q 301 6.38 -5.39 -30.22
N LEU Q 302 5.27 -5.39 -30.93
CA LEU Q 302 5.02 -6.36 -32.00
C LEU Q 302 4.83 -5.64 -33.32
N ARG Q 303 5.43 -6.19 -34.38
CA ARG Q 303 5.16 -5.80 -35.75
C ARG Q 303 4.16 -6.81 -36.32
N VAL Q 304 2.93 -6.37 -36.54
CA VAL Q 304 1.81 -7.28 -36.77
C VAL Q 304 1.20 -7.01 -38.14
N ARG Q 305 0.91 -8.09 -38.85
CA ARG Q 305 0.16 -8.06 -40.10
C ARG Q 305 -0.87 -9.18 -40.04
N ARG Q 306 -2.15 -8.83 -39.95
CA ARG Q 306 -3.20 -9.82 -39.77
C ARG Q 306 -4.41 -9.45 -40.60
N THR Q 307 -5.26 -10.46 -40.85
CA THR Q 307 -6.50 -10.29 -41.59
C THR Q 307 -7.56 -11.19 -41.00
N ASP Q 308 -8.82 -10.82 -41.20
CA ASP Q 308 -9.95 -11.62 -40.75
C ASP Q 308 -11.13 -11.34 -41.67
N THR Q 309 -11.70 -12.38 -42.25
CA THR Q 309 -12.76 -12.23 -43.25
C THR Q 309 -13.43 -13.57 -43.45
N SER Q 310 -14.52 -13.56 -44.22
CA SER Q 310 -15.24 -14.77 -44.60
C SER Q 310 -15.49 -14.74 -46.11
N VAL Q 311 -15.27 -15.87 -46.77
CA VAL Q 311 -15.36 -15.96 -48.22
C VAL Q 311 -15.90 -17.34 -48.59
N MET Q 312 -16.25 -17.49 -49.87
CA MET Q 312 -16.70 -18.75 -50.44
C MET Q 312 -15.90 -19.02 -51.71
N LEU Q 313 -15.39 -20.25 -51.83
CA LEU Q 313 -14.62 -20.65 -53.00
C LEU Q 313 -14.97 -22.09 -53.36
N ALA Q 314 -14.68 -22.45 -54.60
CA ALA Q 314 -14.79 -23.83 -55.03
C ALA Q 314 -13.44 -24.54 -54.85
N ASP Q 315 -13.50 -25.87 -54.84
CA ASP Q 315 -12.29 -26.67 -54.64
C ASP Q 315 -11.19 -26.24 -55.59
N GLY Q 316 -10.09 -25.75 -55.03
CA GLY Q 316 -8.93 -25.35 -55.79
C GLY Q 316 -8.88 -23.88 -56.16
N GLU Q 317 -9.99 -23.16 -56.06
CA GLU Q 317 -9.99 -21.75 -56.40
C GLU Q 317 -9.25 -20.95 -55.31
N SER Q 318 -8.93 -19.70 -55.63
CA SER Q 318 -8.10 -18.88 -54.78
C SER Q 318 -8.63 -17.46 -54.72
N PHE Q 319 -8.26 -16.75 -53.66
CA PHE Q 319 -8.58 -15.35 -53.48
C PHE Q 319 -7.36 -14.61 -52.97
N VAL Q 320 -7.23 -13.34 -53.39
CA VAL Q 320 -6.38 -12.41 -52.68
C VAL Q 320 -7.28 -11.68 -51.68
N ILE Q 321 -7.44 -12.28 -50.50
CA ILE Q 321 -8.39 -11.75 -49.52
C ILE Q 321 -7.94 -10.40 -49.00
N SER Q 322 -6.66 -10.07 -49.10
CA SER Q 322 -6.16 -8.81 -48.57
C SER Q 322 -4.91 -8.41 -49.32
N GLY Q 323 -4.69 -7.10 -49.39
CA GLY Q 323 -3.51 -6.56 -50.05
C GLY Q 323 -3.32 -5.11 -49.67
N LEU Q 324 -2.09 -4.64 -49.84
CA LEU Q 324 -1.74 -3.29 -49.45
C LEU Q 324 -0.58 -2.78 -50.27
N THR Q 325 -0.64 -1.50 -50.62
CA THR Q 325 0.49 -0.76 -51.13
C THR Q 325 0.58 0.54 -50.35
N SER Q 326 1.78 0.86 -49.86
CA SER Q 326 1.96 2.01 -48.98
C SER Q 326 3.23 2.74 -49.36
N SER Q 327 3.26 4.03 -49.04
CA SER Q 327 4.45 4.85 -49.28
C SER Q 327 4.41 6.04 -48.34
N ASN Q 328 5.56 6.33 -47.74
CA ASN Q 328 5.70 7.44 -46.82
C ASN Q 328 6.97 8.20 -47.13
N SER Q 329 6.90 9.53 -47.05
CA SER Q 329 8.05 10.38 -47.29
C SER Q 329 8.03 11.52 -46.28
N VAL Q 330 9.18 11.79 -45.67
CA VAL Q 330 9.33 12.88 -44.72
C VAL Q 330 10.65 13.58 -44.99
N SER Q 331 10.62 14.91 -45.02
CA SER Q 331 11.80 15.69 -45.30
C SER Q 331 11.82 16.93 -44.42
N ASN Q 332 13.03 17.45 -44.19
CA ASN Q 332 13.21 18.65 -43.39
C ASN Q 332 14.56 19.26 -43.75
N VAL Q 333 14.58 20.59 -43.85
CA VAL Q 333 15.80 21.33 -44.15
C VAL Q 333 15.92 22.50 -43.19
N ASP Q 334 17.08 22.63 -42.57
CA ASP Q 334 17.39 23.75 -41.70
C ASP Q 334 18.62 24.46 -42.25
N LYS Q 335 18.58 25.79 -42.26
CA LYS Q 335 19.65 26.58 -42.87
C LYS Q 335 19.86 27.86 -42.08
N PHE Q 336 21.09 28.35 -42.09
CA PHE Q 336 21.34 29.70 -41.62
C PHE Q 336 20.69 30.68 -42.58
N PRO Q 337 20.00 31.72 -42.08
CA PRO Q 337 19.11 32.51 -42.94
C PRO Q 337 19.73 32.98 -44.24
N TRP Q 338 20.82 33.75 -44.17
CA TRP Q 338 21.41 34.33 -45.37
C TRP Q 338 22.46 33.42 -46.00
N LEU Q 339 23.32 32.81 -45.19
CA LEU Q 339 24.42 32.03 -45.73
C LEU Q 339 23.93 30.74 -46.38
N GLY Q 340 22.78 30.22 -45.94
CA GLY Q 340 22.30 28.95 -46.44
C GLY Q 340 21.96 28.95 -47.92
N ASP Q 341 21.79 30.12 -48.52
CA ASP Q 341 21.41 30.24 -49.93
C ASP Q 341 22.61 30.49 -50.84
N ILE Q 342 23.82 30.51 -50.31
CA ILE Q 342 24.99 30.64 -51.19
C ILE Q 342 25.04 29.43 -52.12
N PRO Q 343 25.22 29.62 -53.42
CA PRO Q 343 25.04 28.49 -54.35
C PRO Q 343 25.96 27.31 -54.09
N ILE Q 344 27.18 27.54 -53.61
CA ILE Q 344 28.17 26.49 -53.38
C ILE Q 344 28.43 26.29 -51.90
N LEU Q 345 28.89 27.34 -51.21
CA LEU Q 345 29.24 27.22 -49.80
C LEU Q 345 28.01 27.10 -48.90
N GLY Q 346 26.80 27.30 -49.44
CA GLY Q 346 25.61 27.21 -48.61
C GLY Q 346 25.42 25.84 -47.98
N ALA Q 347 25.91 24.79 -48.63
CA ALA Q 347 25.72 23.44 -48.11
C ALA Q 347 26.27 23.29 -46.69
N PHE Q 348 27.35 24.00 -46.38
CA PHE Q 348 27.95 23.92 -45.04
C PHE Q 348 27.13 24.67 -44.00
N PHE Q 349 26.14 25.46 -44.41
CA PHE Q 349 25.27 26.16 -43.48
C PHE Q 349 23.86 25.55 -43.48
N ARG Q 350 23.72 24.30 -43.87
CA ARG Q 350 22.44 23.63 -43.95
C ARG Q 350 22.50 22.28 -43.24
N SER Q 351 21.37 21.90 -42.66
CA SER Q 351 21.17 20.56 -42.10
C SER Q 351 19.95 19.95 -42.75
N THR Q 352 19.99 18.64 -42.95
CA THR Q 352 18.98 17.97 -43.77
C THR Q 352 18.64 16.62 -43.16
N LYS Q 353 17.44 16.14 -43.47
CA LYS Q 353 16.95 14.85 -43.03
C LYS Q 353 15.93 14.37 -44.04
N LEU Q 354 16.02 13.09 -44.40
CA LEU Q 354 15.09 12.48 -45.35
C LEU Q 354 14.80 11.06 -44.93
N ASP Q 355 13.52 10.70 -44.91
CA ASP Q 355 13.08 9.34 -44.58
C ASP Q 355 12.01 8.94 -45.57
N LYS Q 356 12.22 7.79 -46.23
CA LYS Q 356 11.27 7.27 -47.19
C LYS Q 356 11.05 5.79 -46.91
N ASP Q 357 9.84 5.32 -47.20
CA ASP Q 357 9.47 3.94 -46.94
C ASP Q 357 8.44 3.50 -47.96
N ASP Q 358 8.50 2.21 -48.33
CA ASP Q 358 7.54 1.61 -49.24
C ASP Q 358 7.24 0.20 -48.75
N ARG Q 359 6.08 -0.31 -49.16
CA ARG Q 359 5.63 -1.61 -48.67
C ARG Q 359 4.60 -2.20 -49.62
N GLU Q 360 4.56 -3.53 -49.67
CA GLU Q 360 3.57 -4.25 -50.44
C GLU Q 360 3.25 -5.55 -49.73
N LEU Q 361 1.98 -5.95 -49.78
CA LEU Q 361 1.50 -7.13 -49.07
C LEU Q 361 0.61 -7.98 -49.97
N LEU Q 362 0.52 -9.26 -49.62
CA LEU Q 362 -0.43 -10.17 -50.25
C LEU Q 362 -0.78 -11.26 -49.27
N MET Q 363 -2.07 -11.58 -49.17
CA MET Q 363 -2.55 -12.74 -48.43
C MET Q 363 -3.49 -13.52 -49.32
N ILE Q 364 -3.14 -14.77 -49.61
CA ILE Q 364 -3.87 -15.60 -50.55
C ILE Q 364 -4.30 -16.88 -49.85
N VAL Q 365 -5.53 -17.30 -50.12
CA VAL Q 365 -6.10 -18.50 -49.52
C VAL Q 365 -6.48 -19.47 -50.63
N THR Q 366 -6.32 -20.76 -50.36
CA THR Q 366 -6.63 -21.80 -51.34
C THR Q 366 -7.09 -23.07 -50.64
N PRO Q 367 -8.38 -23.38 -50.68
CA PRO Q 367 -8.86 -24.63 -50.06
C PRO Q 367 -8.89 -25.80 -51.01
N HIS Q 368 -8.51 -26.97 -50.49
CA HIS Q 368 -8.53 -28.21 -51.24
C HIS Q 368 -9.31 -29.27 -50.46
N LEU Q 369 -10.11 -30.06 -51.18
CA LEU Q 369 -10.72 -31.24 -50.60
C LEU Q 369 -9.74 -32.40 -50.68
N VAL Q 370 -9.53 -33.08 -49.55
CA VAL Q 370 -8.48 -34.09 -49.43
C VAL Q 370 -9.04 -35.33 -48.75
N GLN Q 371 -8.26 -36.40 -48.83
CA GLN Q 371 -8.58 -37.67 -48.20
C GLN Q 371 -7.33 -38.18 -47.49
N PRO Q 372 -7.50 -39.04 -46.48
CA PRO Q 372 -6.34 -39.52 -45.73
C PRO Q 372 -5.41 -40.36 -46.60
N LEU Q 373 -4.12 -40.34 -46.25
CA LEU Q 373 -3.17 -41.24 -46.88
C LEU Q 373 -3.55 -42.68 -46.60
N ALA Q 374 -3.31 -43.55 -47.57
CA ALA Q 374 -3.66 -44.95 -47.42
C ALA Q 374 -2.80 -45.62 -46.36
N ALA Q 375 -3.30 -46.75 -45.86
CA ALA Q 375 -2.59 -47.45 -44.78
C ALA Q 375 -1.19 -47.87 -45.19
N ASP Q 376 -0.99 -48.15 -46.47
CA ASP Q 376 0.32 -48.59 -46.97
C ASP Q 376 1.16 -47.44 -47.50
N ALA Q 377 0.68 -46.20 -47.41
CA ALA Q 377 1.38 -45.08 -48.02
C ALA Q 377 2.67 -44.78 -47.27
N GLN Q 378 3.70 -44.39 -48.02
CA GLN Q 378 4.91 -43.86 -47.42
C GLN Q 378 4.66 -42.41 -47.02
N LEU Q 379 4.96 -42.09 -45.77
CA LEU Q 379 4.63 -40.77 -45.25
C LEU Q 379 5.51 -39.71 -45.90
N PRO Q 380 5.00 -38.49 -46.04
CA PRO Q 380 5.86 -37.36 -46.41
C PRO Q 380 6.91 -37.13 -45.34
N ASP Q 381 8.08 -36.65 -45.77
CA ASP Q 381 9.21 -36.50 -44.86
C ASP Q 381 10.03 -35.30 -45.30
N LEU Q 382 10.93 -34.89 -44.40
CA LEU Q 382 11.86 -33.80 -44.62
C LEU Q 382 13.29 -34.31 -44.47
N PRO Q 383 14.26 -33.64 -45.12
CA PRO Q 383 15.64 -34.16 -45.07
C PRO Q 383 16.10 -34.46 -43.66
N THR Q 412 10.07 -38.74 -77.62
CA THR Q 412 11.32 -39.49 -77.72
C THR Q 412 11.69 -40.11 -76.38
N GLY Q 413 10.99 -39.71 -75.32
CA GLY Q 413 11.23 -40.23 -73.99
C GLY Q 413 12.12 -39.36 -73.14
N LEU Q 414 12.87 -38.44 -73.76
CA LEU Q 414 13.74 -37.56 -73.01
C LEU Q 414 12.92 -36.56 -72.19
N SER Q 415 13.58 -35.97 -71.20
CA SER Q 415 12.90 -35.05 -70.28
C SER Q 415 12.42 -33.78 -70.98
N ASP Q 416 13.05 -33.40 -72.08
CA ASP Q 416 13.02 -32.31 -73.05
C ASP Q 416 13.73 -31.09 -72.50
N GLU R 28 30.93 -27.87 -54.82
CA GLU R 28 29.89 -26.96 -54.36
C GLU R 28 29.96 -25.64 -55.12
N CYS R 29 28.94 -24.80 -54.93
CA CYS R 29 28.84 -23.51 -55.60
C CYS R 29 28.95 -22.42 -54.54
N SER R 30 30.11 -21.76 -54.48
CA SER R 30 30.35 -20.72 -53.48
C SER R 30 30.08 -19.35 -54.10
N GLN R 31 28.82 -19.16 -54.48
CA GLN R 31 28.36 -17.89 -55.05
C GLN R 31 26.89 -17.73 -54.72
N GLN R 32 26.55 -16.65 -54.02
CA GLN R 32 25.17 -16.34 -53.65
C GLN R 32 24.85 -14.91 -54.06
N LEU R 33 23.63 -14.71 -54.53
CA LEU R 33 23.18 -13.41 -54.99
C LEU R 33 22.20 -12.77 -54.00
N GLY R 34 22.21 -11.44 -53.99
CA GLY R 34 21.43 -10.70 -53.02
C GLY R 34 19.94 -10.77 -53.27
N GLN R 35 19.18 -10.41 -52.24
CA GLN R 35 17.72 -10.41 -52.29
C GLN R 35 17.16 -9.46 -53.33
N GLU R 36 18.02 -8.64 -53.95
CA GLU R 36 17.58 -7.80 -55.05
C GLU R 36 17.69 -8.52 -56.40
N GLN R 37 18.77 -9.26 -56.63
CA GLN R 37 19.01 -9.97 -57.87
C GLN R 37 18.70 -11.46 -57.78
N GLU R 38 18.32 -11.96 -56.61
CA GLU R 38 17.85 -13.34 -56.45
C GLU R 38 16.33 -13.42 -56.45
N LEU R 39 15.67 -12.43 -55.86
CA LEU R 39 14.24 -12.25 -56.06
C LEU R 39 13.93 -12.15 -57.56
N GLN R 40 14.95 -11.84 -58.36
CA GLN R 40 14.83 -11.77 -59.80
C GLN R 40 14.97 -13.15 -60.45
N MET R 41 15.94 -13.94 -59.98
CA MET R 41 16.06 -15.32 -60.46
C MET R 41 14.80 -16.12 -60.16
N ASN R 42 14.10 -15.80 -59.07
CA ASN R 42 12.81 -16.44 -58.82
C ASN R 42 11.85 -16.19 -59.97
N MET R 43 11.72 -14.93 -60.39
CA MET R 43 10.86 -14.60 -61.53
C MET R 43 11.35 -15.29 -62.79
N VAL R 44 12.67 -15.35 -62.98
CA VAL R 44 13.22 -16.05 -64.14
C VAL R 44 12.74 -17.50 -64.16
N ARG R 45 12.87 -18.19 -63.04
CA ARG R 45 12.39 -19.57 -62.95
C ARG R 45 10.91 -19.66 -63.26
N ASP R 46 10.12 -18.73 -62.70
CA ASP R 46 8.69 -18.71 -62.98
C ASP R 46 8.43 -18.65 -64.48
N MET R 47 9.17 -17.77 -65.17
CA MET R 47 9.03 -17.68 -66.62
C MET R 47 9.44 -18.98 -67.29
N ILE R 48 10.52 -19.60 -66.82
CA ILE R 48 11.00 -20.85 -67.43
C ILE R 48 9.90 -21.89 -67.41
N ARG R 49 9.31 -22.11 -66.24
CA ARG R 49 8.27 -23.12 -66.11
C ARG R 49 6.91 -22.66 -66.62
N GLU R 50 6.76 -21.37 -66.94
CA GLU R 50 5.52 -20.86 -67.51
C GLU R 50 5.42 -21.08 -69.02
N GLY R 51 6.49 -21.55 -69.66
CA GLY R 51 6.55 -21.57 -71.10
C GLY R 51 7.04 -20.28 -71.71
N ARG R 52 7.45 -19.32 -70.88
CA ARG R 52 7.96 -18.02 -71.32
C ARG R 52 9.47 -18.00 -71.39
N LEU R 53 10.09 -19.11 -71.82
CA LEU R 53 11.53 -19.23 -71.94
C LEU R 53 12.17 -17.96 -72.51
N HIS R 54 11.54 -17.39 -73.55
CA HIS R 54 12.13 -16.23 -74.21
C HIS R 54 12.07 -14.99 -73.32
N ALA R 55 10.95 -14.80 -72.62
CA ALA R 55 10.87 -13.72 -71.63
C ALA R 55 11.86 -13.95 -70.50
N ALA R 56 12.04 -15.20 -70.09
CA ALA R 56 13.07 -15.51 -69.09
C ALA R 56 14.45 -15.13 -69.61
N LEU R 57 14.71 -15.39 -70.89
CA LEU R 57 15.97 -14.97 -71.49
C LEU R 57 16.12 -13.47 -71.45
N ALA R 58 15.04 -12.74 -71.76
CA ALA R 58 15.08 -11.28 -71.67
C ALA R 58 15.46 -10.84 -70.26
N ASN R 59 14.77 -11.36 -69.26
CA ASN R 59 15.02 -10.95 -67.88
C ASN R 59 16.42 -11.33 -67.43
N LEU R 60 16.92 -12.49 -67.86
CA LEU R 60 18.31 -12.86 -67.58
C LEU R 60 19.28 -11.87 -68.22
N GLU R 61 19.03 -11.53 -69.50
CA GLU R 61 19.85 -10.53 -70.16
C GLU R 61 19.87 -9.22 -69.38
N SER R 62 18.75 -8.89 -68.75
CA SER R 62 18.75 -7.75 -67.82
C SER R 62 19.75 -7.98 -66.69
N MET R 63 19.79 -9.19 -66.16
CA MET R 63 20.69 -9.52 -65.07
C MET R 63 22.13 -9.64 -65.57
N PRO R 64 23.11 -9.60 -64.66
CA PRO R 64 24.51 -9.50 -65.07
C PRO R 64 24.97 -10.73 -65.83
N PRO R 65 25.59 -10.56 -67.00
CA PRO R 65 26.24 -11.71 -67.66
C PRO R 65 27.51 -12.10 -66.95
N GLY R 66 27.79 -13.40 -66.94
CA GLY R 66 28.89 -13.96 -66.18
C GLY R 66 28.47 -14.59 -64.87
N LEU R 67 27.26 -14.31 -64.42
CA LEU R 67 26.72 -14.97 -63.23
C LEU R 67 26.41 -16.43 -63.57
N LEU R 68 27.07 -17.35 -62.86
CA LEU R 68 26.95 -18.78 -63.19
C LEU R 68 25.48 -19.19 -63.28
N ASP R 69 24.68 -18.80 -62.29
CA ASP R 69 23.25 -19.14 -62.32
C ASP R 69 22.59 -18.60 -63.59
N VAL R 70 22.80 -17.31 -63.87
CA VAL R 70 22.22 -16.72 -65.07
C VAL R 70 22.79 -17.37 -66.32
N ARG R 71 24.07 -17.74 -66.30
CA ARG R 71 24.68 -18.36 -67.46
C ARG R 71 24.03 -19.71 -67.77
N GLU R 72 23.88 -20.55 -66.76
CA GLU R 72 23.26 -21.86 -66.97
C GLU R 72 21.80 -21.75 -67.33
N GLU R 73 21.07 -20.81 -66.73
CA GLU R 73 19.67 -20.62 -67.08
C GLU R 73 19.54 -20.20 -68.54
N ARG R 74 20.39 -19.24 -68.96
CA ARG R 74 20.39 -18.81 -70.35
C ARG R 74 20.69 -19.98 -71.28
N ALA R 75 21.68 -20.80 -70.92
CA ALA R 75 22.01 -21.95 -71.75
C ALA R 75 20.82 -22.90 -71.87
N LEU R 76 20.13 -23.16 -70.76
CA LEU R 76 18.92 -23.99 -70.81
C LEU R 76 17.92 -23.43 -71.82
N ILE R 77 17.63 -22.13 -71.71
CA ILE R 77 16.67 -21.51 -72.62
C ILE R 77 17.15 -21.64 -74.06
N LEU R 78 18.42 -21.31 -74.30
CA LEU R 78 18.96 -21.35 -75.66
C LEU R 78 18.84 -22.75 -76.26
N ARG R 79 19.19 -23.78 -75.49
CA ARG R 79 19.09 -25.14 -76.00
C ARG R 79 17.65 -25.51 -76.31
N ARG R 80 16.73 -25.16 -75.43
CA ARG R 80 15.34 -25.55 -75.66
C ARG R 80 14.75 -24.81 -76.85
N ILE R 81 15.07 -23.53 -77.03
CA ILE R 81 14.47 -22.74 -78.10
C ILE R 81 15.16 -22.95 -79.45
N GLY R 82 16.32 -23.60 -79.47
CA GLY R 82 17.02 -23.86 -80.71
C GLY R 82 18.12 -22.89 -81.05
N ASP R 83 18.52 -22.01 -80.12
CA ASP R 83 19.58 -21.07 -80.39
C ASP R 83 20.91 -21.80 -80.58
N PRO R 84 21.85 -21.22 -81.33
CA PRO R 84 23.14 -21.87 -81.55
C PRO R 84 24.18 -21.61 -80.48
N ARG R 85 23.90 -20.73 -79.51
CA ARG R 85 24.88 -20.36 -78.49
C ARG R 85 24.81 -21.24 -77.25
N ALA R 86 23.74 -22.02 -77.08
CA ALA R 86 23.65 -22.92 -75.94
C ALA R 86 24.89 -23.81 -75.84
N ARG R 87 25.41 -24.25 -77.00
CA ARG R 87 26.59 -25.10 -77.00
C ARG R 87 27.75 -24.42 -76.27
N ALA R 88 28.06 -23.19 -76.66
CA ALA R 88 29.15 -22.46 -76.04
C ALA R 88 28.87 -22.17 -74.57
N GLU R 89 27.61 -21.85 -74.23
CA GLU R 89 27.27 -21.58 -72.84
C GLU R 89 27.56 -22.81 -71.97
N TYR R 90 27.06 -23.96 -72.39
CA TYR R 90 27.39 -25.21 -71.69
C TYR R 90 28.91 -25.41 -71.64
N GLN R 91 29.59 -25.17 -72.76
CA GLN R 91 31.04 -25.37 -72.81
C GLN R 91 31.75 -24.55 -71.75
N ALA R 92 31.43 -23.26 -71.66
CA ALA R 92 32.07 -22.40 -70.68
C ALA R 92 31.79 -22.87 -69.25
N LEU R 93 30.55 -23.29 -68.99
CA LEU R 93 30.14 -23.69 -67.65
C LEU R 93 30.71 -25.04 -67.23
N LEU R 94 31.27 -25.82 -68.17
CA LEU R 94 31.91 -27.07 -67.78
C LEU R 94 33.02 -26.85 -66.78
N GLU R 95 33.73 -25.73 -66.88
CA GLU R 95 34.89 -25.44 -66.03
C GLU R 95 34.53 -24.62 -64.80
N THR R 96 33.30 -24.72 -64.32
CA THR R 96 32.81 -23.96 -63.16
C THR R 96 32.06 -24.90 -62.23
N CYS R 97 31.53 -24.34 -61.14
CA CYS R 97 30.67 -25.13 -60.26
C CYS R 97 29.44 -25.64 -61.00
N LYS R 98 29.07 -24.98 -62.10
CA LYS R 98 27.98 -25.47 -62.93
C LYS R 98 28.51 -26.50 -63.93
N ALA R 99 29.21 -27.50 -63.43
CA ALA R 99 29.76 -28.57 -64.26
C ALA R 99 28.69 -29.61 -64.62
N PRO R 100 28.03 -30.24 -63.64
CA PRO R 100 27.06 -31.30 -63.98
C PRO R 100 26.06 -30.89 -65.05
N GLU R 101 25.43 -29.74 -64.90
CA GLU R 101 24.41 -29.34 -65.86
C GLU R 101 25.02 -28.96 -67.20
N ALA R 102 26.27 -28.49 -67.22
CA ALA R 102 26.94 -28.22 -68.49
C ALA R 102 27.19 -29.53 -69.25
N HIS R 103 27.71 -30.55 -68.56
CA HIS R 103 27.88 -31.85 -69.19
C HIS R 103 26.54 -32.37 -69.70
N HIS R 104 25.49 -32.24 -68.88
CA HIS R 104 24.17 -32.72 -69.28
C HIS R 104 23.65 -31.97 -70.51
N GLY R 105 23.87 -30.65 -70.55
CA GLY R 105 23.48 -29.85 -71.70
C GLY R 105 24.18 -30.28 -72.97
N LEU R 106 25.51 -30.45 -72.90
CA LEU R 106 26.24 -30.93 -74.06
C LEU R 106 25.74 -32.31 -74.50
N GLY R 107 25.45 -33.19 -73.55
CA GLY R 107 24.88 -34.48 -73.86
C GLY R 107 23.55 -34.39 -74.59
N LEU R 108 22.65 -33.54 -74.08
CA LEU R 108 21.37 -33.34 -74.75
C LEU R 108 21.55 -32.73 -76.13
N LEU R 109 22.54 -31.86 -76.30
CA LEU R 109 22.86 -31.36 -77.64
C LEU R 109 23.25 -32.50 -78.57
N ALA R 110 24.17 -33.36 -78.10
CA ALA R 110 24.57 -34.52 -78.90
C ALA R 110 23.35 -35.38 -79.25
N LEU R 111 22.44 -35.57 -78.30
CA LEU R 111 21.22 -36.31 -78.58
C LEU R 111 20.38 -35.61 -79.65
N ARG R 112 20.25 -34.29 -79.56
CA ARG R 112 19.50 -33.54 -80.56
C ARG R 112 20.11 -33.74 -81.95
N ASN R 113 21.44 -33.72 -82.04
CA ASN R 113 22.12 -34.00 -83.30
C ASN R 113 22.03 -35.46 -83.72
N GLY R 114 21.59 -36.35 -82.82
CA GLY R 114 21.52 -37.76 -83.10
C GLY R 114 22.80 -38.52 -82.83
N ASP R 115 23.88 -37.83 -82.48
CA ASP R 115 25.17 -38.48 -82.19
C ASP R 115 25.11 -39.06 -80.78
N SER R 116 24.48 -40.24 -80.68
CA SER R 116 24.32 -40.89 -79.39
C SER R 116 25.66 -41.32 -78.78
N ALA R 117 26.69 -41.49 -79.60
CA ALA R 117 27.97 -42.00 -79.12
C ALA R 117 28.53 -41.15 -77.98
N ARG R 118 28.83 -39.88 -78.27
CA ARG R 118 29.33 -38.99 -77.23
C ARG R 118 28.23 -38.56 -76.27
N ALA R 119 26.96 -38.62 -76.69
CA ALA R 119 25.87 -38.27 -75.80
C ALA R 119 25.83 -39.20 -74.59
N VAL R 120 26.01 -40.50 -74.83
CA VAL R 120 26.02 -41.45 -73.72
C VAL R 120 27.17 -41.16 -72.77
N LEU R 121 28.35 -40.86 -73.31
CA LEU R 121 29.50 -40.55 -72.47
C LEU R 121 29.24 -39.33 -71.60
N GLU R 122 28.74 -38.25 -72.20
CA GLU R 122 28.52 -37.03 -71.42
C GLU R 122 27.39 -37.22 -70.40
N LEU R 123 26.34 -37.96 -70.77
CA LEU R 123 25.28 -38.23 -69.82
C LEU R 123 25.78 -39.09 -68.66
N ARG R 124 26.66 -40.05 -68.94
CA ARG R 124 27.27 -40.83 -67.86
C ARG R 124 28.06 -39.93 -66.93
N GLU R 125 28.87 -39.03 -67.50
CA GLU R 125 29.64 -38.11 -66.67
C GLU R 125 28.72 -37.26 -65.79
N ALA R 126 27.68 -36.70 -66.38
CA ALA R 126 26.76 -35.85 -65.63
C ALA R 126 26.06 -36.63 -64.53
N ALA R 127 25.52 -37.80 -64.85
CA ALA R 127 24.86 -38.63 -63.86
C ALA R 127 25.84 -39.04 -62.75
N ARG R 128 27.12 -39.17 -63.06
CA ARG R 128 28.10 -39.47 -62.02
C ARG R 128 28.28 -38.29 -61.09
N LEU R 129 28.55 -37.11 -61.64
CA LEU R 129 28.94 -35.97 -60.81
C LEU R 129 27.82 -35.52 -59.88
N ARG R 130 26.57 -35.52 -60.36
CA ARG R 130 25.41 -35.21 -59.51
C ARG R 130 24.41 -36.34 -59.69
N PRO R 131 24.50 -37.39 -58.86
CA PRO R 131 23.70 -38.60 -59.14
C PRO R 131 22.21 -38.44 -58.87
N THR R 132 21.82 -37.73 -57.81
CA THR R 132 20.42 -37.74 -57.39
C THR R 132 19.49 -37.09 -58.40
N GLU R 133 20.03 -36.43 -59.42
CA GLU R 133 19.19 -35.75 -60.40
C GLU R 133 18.41 -36.76 -61.23
N SER R 134 17.11 -36.87 -60.97
CA SER R 134 16.25 -37.80 -61.70
C SER R 134 16.29 -37.52 -63.20
N ARG R 135 16.27 -36.25 -63.57
CA ARG R 135 16.31 -35.87 -64.99
C ARG R 135 17.57 -36.43 -65.66
N PHE R 136 18.73 -36.28 -65.03
CA PHE R 136 19.96 -36.81 -65.59
C PHE R 136 19.88 -38.33 -65.76
N ARG R 137 19.38 -39.03 -64.75
CA ARG R 137 19.30 -40.49 -64.82
C ARG R 137 18.36 -40.94 -65.92
N ASN R 138 17.21 -40.28 -66.05
CA ASN R 138 16.25 -40.67 -67.08
C ASN R 138 16.74 -40.34 -68.48
N ASP R 139 17.56 -39.29 -68.62
CA ASP R 139 18.16 -39.01 -69.93
C ASP R 139 19.27 -40.00 -70.26
N LEU R 140 20.12 -40.32 -69.27
CA LEU R 140 21.20 -41.27 -69.50
C LEU R 140 20.65 -42.65 -69.84
N GLY R 141 19.54 -43.05 -69.21
CA GLY R 141 18.95 -44.33 -69.54
C GLY R 141 18.47 -44.39 -70.97
N VAL R 142 17.82 -43.31 -71.44
CA VAL R 142 17.38 -43.26 -72.83
C VAL R 142 18.58 -43.30 -73.76
N ALA R 143 19.64 -42.56 -73.43
CA ALA R 143 20.84 -42.58 -74.27
C ALA R 143 21.42 -43.99 -74.35
N LEU R 144 21.50 -44.70 -73.22
CA LEU R 144 22.00 -46.06 -73.24
C LEU R 144 21.10 -46.96 -74.08
N LEU R 145 19.80 -46.86 -73.87
CA LEU R 145 18.86 -47.67 -74.65
C LEU R 145 19.05 -47.46 -76.14
N LYS R 146 19.23 -46.20 -76.55
CA LYS R 146 19.53 -45.93 -77.96
C LYS R 146 20.87 -46.54 -78.36
N ARG R 147 21.87 -46.48 -77.48
CA ARG R 147 23.20 -46.96 -77.81
C ARG R 147 23.32 -48.48 -77.75
N GLY R 148 22.42 -49.16 -77.02
CA GLY R 148 22.37 -50.61 -77.01
C GLY R 148 22.75 -51.26 -75.71
N ASP R 149 23.27 -50.52 -74.73
CA ASP R 149 23.58 -51.09 -73.42
C ASP R 149 22.28 -51.26 -72.63
N ARG R 150 21.56 -52.33 -72.99
CA ARG R 150 20.23 -52.55 -72.42
C ARG R 150 20.29 -52.78 -70.92
N VAL R 151 21.29 -53.50 -70.43
CA VAL R 151 21.40 -53.73 -68.99
C VAL R 151 21.72 -52.41 -68.28
N GLY R 152 22.66 -51.64 -68.82
CA GLY R 152 22.95 -50.33 -68.25
C GLY R 152 21.77 -49.38 -68.38
N ALA R 153 21.05 -49.46 -69.50
CA ALA R 153 19.86 -48.64 -69.66
C ALA R 153 18.81 -48.99 -68.61
N ARG R 154 18.64 -50.27 -68.33
CA ARG R 154 17.73 -50.70 -67.27
C ARG R 154 18.19 -50.17 -65.92
N PHE R 155 19.49 -50.25 -65.64
CA PHE R 155 20.04 -49.69 -64.41
C PHE R 155 19.66 -48.22 -64.27
N GLU R 156 19.92 -47.43 -65.31
CA GLU R 156 19.70 -45.99 -65.23
C GLU R 156 18.21 -45.65 -65.16
N PHE R 157 17.39 -46.36 -65.92
CA PHE R 157 15.95 -46.13 -65.86
C PHE R 157 15.40 -46.46 -64.49
N ILE R 158 15.87 -47.55 -63.88
CA ILE R 158 15.42 -47.89 -62.54
C ILE R 158 15.87 -46.83 -61.54
N THR R 159 17.10 -46.33 -61.68
CA THR R 159 17.54 -45.26 -60.79
C THR R 159 16.61 -44.04 -60.92
N ALA R 160 16.32 -43.64 -62.15
CA ALA R 160 15.44 -42.48 -62.36
C ALA R 160 14.04 -42.73 -61.80
N LEU R 161 13.48 -43.91 -62.07
CA LEU R 161 12.14 -44.22 -61.61
C LEU R 161 12.05 -44.29 -60.10
N GLU R 162 13.13 -44.75 -59.45
CA GLU R 162 13.15 -44.79 -57.98
C GLU R 162 13.30 -43.38 -57.41
N LEU R 163 14.16 -42.56 -58.01
CA LEU R 163 14.34 -41.19 -57.53
C LEU R 163 13.02 -40.43 -57.55
N GLN R 164 12.32 -40.43 -58.68
CA GLN R 164 11.05 -39.74 -58.78
C GLN R 164 9.98 -40.49 -57.99
N GLN R 165 9.04 -39.73 -57.44
CA GLN R 165 7.98 -40.29 -56.59
C GLN R 165 6.98 -41.02 -57.48
N GLY R 166 7.36 -42.24 -57.89
CA GLY R 166 6.56 -43.04 -58.77
C GLY R 166 6.86 -42.88 -60.24
N GLY R 167 7.34 -41.70 -60.64
CA GLY R 167 7.74 -41.47 -62.01
C GLY R 167 6.60 -41.29 -62.97
N LYS R 168 6.79 -40.42 -63.97
CA LYS R 168 5.88 -40.30 -65.10
C LYS R 168 6.58 -40.67 -66.40
N LEU R 169 7.71 -40.04 -66.69
CA LEU R 169 8.51 -40.42 -67.84
C LEU R 169 9.31 -41.67 -67.52
N PRO R 170 9.96 -41.75 -66.34
CA PRO R 170 10.70 -42.97 -66.00
C PRO R 170 9.90 -44.26 -66.06
N ALA R 171 8.65 -44.22 -65.60
CA ALA R 171 7.86 -45.45 -65.54
C ALA R 171 7.64 -46.03 -66.92
N THR R 172 7.23 -45.20 -67.88
CA THR R 172 7.07 -45.66 -69.25
C THR R 172 8.40 -45.82 -69.97
N ASN R 173 9.47 -45.21 -69.44
CA ASN R 173 10.81 -45.45 -69.98
C ASN R 173 11.32 -46.84 -69.66
N LEU R 174 10.90 -47.40 -68.53
CA LEU R 174 11.19 -48.80 -68.24
C LEU R 174 10.16 -49.75 -68.83
N LEU R 175 8.90 -49.32 -68.93
CA LEU R 175 7.89 -50.15 -69.59
C LEU R 175 8.23 -50.40 -71.05
N GLY R 176 8.61 -49.34 -71.78
CA GLY R 176 8.98 -49.51 -73.18
C GLY R 176 10.27 -50.30 -73.36
N LEU R 177 11.21 -50.16 -72.42
CA LEU R 177 12.39 -51.00 -72.45
C LEU R 177 12.00 -52.47 -72.28
N LEU R 178 11.10 -52.76 -71.36
CA LEU R 178 10.59 -54.12 -71.21
C LEU R 178 9.91 -54.61 -72.49
N TYR R 179 9.09 -53.75 -73.09
CA TYR R 179 8.42 -54.11 -74.34
C TYR R 179 9.44 -54.44 -75.42
N LEU R 180 10.46 -53.60 -75.57
CA LEU R 180 11.55 -53.92 -76.49
C LEU R 180 12.20 -55.25 -76.15
N GLN R 181 12.27 -55.58 -74.86
CA GLN R 181 12.84 -56.85 -74.42
C GLN R 181 11.85 -58.00 -74.45
N GLY R 182 10.56 -57.74 -74.65
CA GLY R 182 9.58 -58.79 -74.86
C GLY R 182 8.99 -59.39 -73.61
N ASP R 183 9.42 -58.96 -72.43
CA ASP R 183 8.85 -59.49 -71.19
C ASP R 183 7.47 -58.91 -70.95
N ARG R 184 6.48 -59.40 -71.71
CA ARG R 184 5.14 -58.80 -71.65
C ARG R 184 4.52 -58.95 -70.27
N GLU R 185 4.70 -60.11 -69.62
CA GLU R 185 4.09 -60.29 -68.32
C GLU R 185 4.80 -59.47 -67.23
N ASP R 186 6.11 -59.27 -67.35
CA ASP R 186 6.79 -58.33 -66.45
C ASP R 186 6.28 -56.91 -66.68
N ALA R 187 6.09 -56.54 -67.94
CA ALA R 187 5.51 -55.24 -68.23
C ALA R 187 4.13 -55.10 -67.60
N GLN R 188 3.32 -56.16 -67.67
CA GLN R 188 2.00 -56.13 -67.06
C GLN R 188 2.08 -56.05 -65.54
N ARG R 189 3.06 -56.74 -64.95
CA ARG R 189 3.36 -56.56 -63.54
C ARG R 189 3.57 -55.10 -63.21
N LEU R 190 4.34 -54.39 -64.05
CA LEU R 190 4.54 -52.97 -63.81
C LEU R 190 3.26 -52.18 -64.05
N ILE R 191 2.45 -52.59 -65.04
CA ILE R 191 1.16 -51.93 -65.26
C ILE R 191 0.33 -51.96 -63.98
N GLU R 192 0.28 -53.13 -63.34
CA GLU R 192 -0.47 -53.26 -62.09
C GLU R 192 0.17 -52.44 -60.98
N ARG R 193 1.48 -52.57 -60.79
CA ARG R 193 2.15 -51.93 -59.67
C ARG R 193 2.08 -50.40 -59.79
N LEU R 194 2.56 -49.86 -60.91
CA LEU R 194 2.50 -48.42 -61.15
C LEU R 194 1.07 -47.92 -61.28
N GLN R 195 0.11 -48.81 -61.56
CA GLN R 195 -1.26 -48.43 -61.84
C GLN R 195 -1.35 -47.59 -63.12
N LEU R 196 -0.62 -48.02 -64.15
CA LEU R 196 -0.62 -47.32 -65.43
C LEU R 196 -2.00 -47.38 -66.07
N ASP R 197 -2.29 -46.37 -66.90
CA ASP R 197 -3.54 -46.26 -67.62
C ASP R 197 -3.30 -46.37 -69.12
N ALA R 198 -4.34 -46.78 -69.84
CA ALA R 198 -4.23 -46.92 -71.29
C ALA R 198 -3.79 -45.61 -71.94
N ARG R 199 -4.21 -44.47 -71.38
CA ARG R 199 -3.75 -43.18 -71.88
C ARG R 199 -2.22 -43.11 -71.90
N ASP R 200 -1.57 -43.82 -70.98
CA ASP R 200 -0.12 -43.94 -70.99
C ASP R 200 0.37 -45.18 -71.72
N ILE R 201 -0.48 -46.21 -71.87
CA ILE R 201 -0.07 -47.39 -72.62
C ILE R 201 0.14 -47.05 -74.09
N ARG R 202 -0.71 -46.18 -74.64
CA ARG R 202 -0.53 -45.76 -76.03
C ARG R 202 0.83 -45.10 -76.23
N ALA R 203 1.15 -44.13 -75.37
CA ALA R 203 2.45 -43.49 -75.46
C ALA R 203 3.58 -44.48 -75.18
N ALA R 204 3.33 -45.47 -74.33
CA ALA R 204 4.35 -46.47 -74.05
C ALA R 204 4.70 -47.27 -75.30
N GLU R 205 3.69 -47.74 -76.02
CA GLU R 205 3.98 -48.46 -77.25
C GLU R 205 4.61 -47.53 -78.29
N ALA R 206 4.16 -46.28 -78.35
CA ALA R 206 4.75 -45.33 -79.29
C ALA R 206 6.24 -45.14 -79.02
N ARG R 207 6.61 -44.95 -77.76
CA ARG R 207 8.03 -44.76 -77.43
C ARG R 207 8.82 -46.05 -77.58
N ALA R 208 8.19 -47.20 -77.31
CA ALA R 208 8.85 -48.48 -77.57
C ALA R 208 9.21 -48.60 -79.04
N ARG R 209 8.30 -48.21 -79.93
CA ARG R 209 8.65 -48.13 -81.35
C ARG R 209 9.74 -47.10 -81.58
N SER R 210 9.67 -45.96 -80.90
CA SER R 210 10.69 -44.93 -81.06
C SER R 210 12.08 -45.48 -80.76
N TRP R 211 12.23 -46.14 -79.62
CA TRP R 211 13.53 -46.74 -79.28
C TRP R 211 13.90 -47.81 -80.29
N GLY R 212 15.17 -47.84 -80.66
CA GLY R 212 15.67 -48.81 -81.63
C GLY R 212 15.81 -48.21 -83.01
N PRO S 131 -22.36 -12.18 -58.73
CA PRO S 131 -21.42 -12.32 -57.62
C PRO S 131 -21.98 -11.78 -56.30
N ASN S 132 -21.63 -12.44 -55.20
CA ASN S 132 -22.08 -12.05 -53.87
C ASN S 132 -20.92 -11.68 -52.95
N GLN S 133 -19.75 -11.43 -53.52
CA GLN S 133 -18.55 -11.09 -52.75
C GLN S 133 -17.98 -9.79 -53.25
N VAL S 134 -17.50 -8.96 -52.32
CA VAL S 134 -17.13 -7.58 -52.60
C VAL S 134 -15.67 -7.37 -52.23
N GLN S 135 -14.92 -6.76 -53.14
CA GLN S 135 -13.57 -6.28 -52.86
C GLN S 135 -13.63 -4.76 -52.75
N THR S 136 -13.17 -4.24 -51.62
CA THR S 136 -13.24 -2.80 -51.33
C THR S 136 -11.84 -2.23 -51.38
N ASP S 137 -11.66 -1.20 -52.21
CA ASP S 137 -10.37 -0.53 -52.36
C ASP S 137 -10.44 0.84 -51.71
N ILE S 138 -9.51 1.09 -50.78
CA ILE S 138 -9.40 2.37 -50.09
C ILE S 138 -8.18 3.09 -50.65
N ARG S 139 -8.28 4.41 -50.76
CA ARG S 139 -7.18 5.23 -51.24
C ARG S 139 -7.05 6.44 -50.35
N PHE S 140 -5.93 6.55 -49.64
CA PHE S 140 -5.70 7.62 -48.68
C PHE S 140 -4.44 8.39 -49.07
N VAL S 141 -4.54 9.71 -49.02
CA VAL S 141 -3.42 10.60 -49.35
C VAL S 141 -3.40 11.74 -48.34
N GLU S 142 -2.19 12.07 -47.86
CA GLU S 142 -2.01 13.21 -46.99
C GLU S 142 -0.75 13.95 -47.40
N VAL S 143 -0.85 15.27 -47.53
CA VAL S 143 0.28 16.13 -47.82
C VAL S 143 0.28 17.26 -46.79
N SER S 144 1.44 17.53 -46.22
CA SER S 144 1.58 18.56 -45.21
C SER S 144 2.90 19.28 -45.40
N ARG S 145 2.88 20.58 -45.14
CA ARG S 145 4.07 21.43 -45.24
C ARG S 145 4.15 22.30 -44.00
N SER S 146 5.37 22.69 -43.66
CA SER S 146 5.60 23.53 -42.48
C SER S 146 6.78 24.43 -42.74
N LYS S 147 6.80 25.55 -42.01
CA LYS S 147 7.93 26.47 -42.03
C LYS S 147 8.17 26.98 -40.61
N LEU S 148 9.41 27.41 -40.37
CA LEU S 148 9.81 27.83 -39.03
C LEU S 148 10.91 28.88 -39.16
N LYS S 149 10.78 29.97 -38.42
CA LYS S 149 11.79 31.01 -38.38
C LYS S 149 11.95 31.50 -36.96
N GLN S 150 13.15 31.97 -36.63
CA GLN S 150 13.44 32.54 -35.32
C GLN S 150 14.77 33.28 -35.41
N ALA S 151 14.95 34.24 -34.50
CA ALA S 151 16.18 35.01 -34.46
C ALA S 151 16.27 35.73 -33.13
N SER S 152 17.48 35.79 -32.58
CA SER S 152 17.73 36.50 -31.33
C SER S 152 19.22 36.80 -31.24
N THR S 153 19.56 37.81 -30.44
CA THR S 153 20.93 38.25 -30.30
C THR S 153 21.19 38.71 -28.87
N SER S 154 22.41 38.45 -28.40
CA SER S 154 22.85 38.89 -27.09
C SER S 154 24.34 39.18 -27.16
N PHE S 155 24.82 40.00 -26.23
CA PHE S 155 26.24 40.35 -26.21
C PHE S 155 26.64 40.81 -24.82
N VAL S 156 27.95 40.84 -24.60
CA VAL S 156 28.54 41.31 -23.35
C VAL S 156 29.80 42.10 -23.67
N ARG S 157 30.14 43.04 -22.79
CA ARG S 157 31.35 43.84 -22.95
C ARG S 157 32.02 43.98 -21.59
N ARG S 158 33.32 44.22 -21.61
CA ARG S 158 34.13 44.22 -20.40
C ARG S 158 35.18 45.32 -20.48
N GLY S 159 35.82 45.59 -19.34
CA GLY S 159 36.90 46.55 -19.26
C GLY S 159 36.47 47.87 -18.67
N GLY S 160 36.75 48.08 -17.39
CA GLY S 160 36.34 49.31 -16.74
C GLY S 160 34.84 49.38 -16.60
N ASN S 161 34.17 49.55 -17.73
CA ASN S 161 32.73 49.46 -17.81
C ASN S 161 32.30 48.00 -17.99
N LEU S 162 30.99 47.78 -17.90
CA LEU S 162 30.41 46.48 -18.17
C LEU S 162 29.03 46.68 -18.75
N TRP S 163 28.74 46.01 -19.86
CA TRP S 163 27.43 46.08 -20.50
C TRP S 163 26.94 44.67 -20.79
N VAL S 164 25.62 44.50 -20.73
CA VAL S 164 24.99 43.24 -21.04
C VAL S 164 23.64 43.52 -21.67
N LEU S 165 23.28 42.74 -22.68
CA LEU S 165 21.96 42.78 -23.29
C LEU S 165 21.53 41.35 -23.54
N GLY S 166 20.64 40.83 -22.70
CA GLY S 166 20.16 39.47 -22.82
C GLY S 166 18.79 39.43 -23.45
N ALA S 167 18.69 38.72 -24.57
CA ALA S 167 17.41 38.55 -25.23
C ALA S 167 16.48 37.69 -24.38
N PRO S 168 15.17 37.77 -24.60
CA PRO S 168 14.23 37.03 -23.75
C PRO S 168 14.61 35.56 -23.58
N GLY S 169 14.83 35.14 -22.33
CA GLY S 169 15.17 33.77 -22.02
C GLY S 169 16.62 33.40 -22.23
N SER S 170 17.48 34.34 -22.61
CA SER S 170 18.87 34.03 -22.92
C SER S 170 19.78 34.13 -21.69
N LEU S 171 19.52 35.09 -20.80
CA LEU S 171 20.42 35.41 -19.71
C LEU S 171 20.07 34.70 -18.40
N GLY S 172 19.07 33.84 -18.41
CA GLY S 172 18.65 33.19 -17.17
C GLY S 172 19.70 32.32 -16.53
N ASP S 173 20.75 31.96 -17.28
CA ASP S 173 21.74 31.02 -16.77
C ASP S 173 22.73 31.66 -15.80
N ILE S 174 22.78 32.99 -15.72
CA ILE S 174 23.89 33.70 -15.11
C ILE S 174 23.39 34.59 -13.98
N LYS S 175 24.18 34.67 -12.92
CA LYS S 175 23.98 35.62 -11.83
C LYS S 175 25.26 36.43 -11.67
N VAL S 176 25.11 37.70 -11.29
CA VAL S 176 26.22 38.61 -11.11
C VAL S 176 26.50 38.76 -9.62
N ASN S 177 27.77 38.91 -9.28
CA ASN S 177 28.17 38.91 -7.88
C ASN S 177 27.74 40.20 -7.18
N ALA S 178 27.85 40.20 -5.85
CA ALA S 178 27.39 41.33 -5.06
C ALA S 178 28.19 42.59 -5.35
N ASP S 179 29.50 42.47 -5.58
CA ASP S 179 30.36 43.63 -5.74
C ASP S 179 30.44 44.12 -7.18
N GLY S 180 29.75 43.48 -8.11
CA GLY S 180 29.69 43.96 -9.47
C GLY S 180 30.99 43.89 -10.23
N SER S 181 31.92 43.03 -9.80
CA SER S 181 33.21 42.91 -10.48
C SER S 181 33.13 42.06 -11.74
N GLY S 182 32.08 41.28 -11.92
CA GLY S 182 31.95 40.44 -13.08
C GLY S 182 30.83 39.44 -12.92
N LEU S 183 30.49 38.80 -14.03
CA LEU S 183 29.44 37.78 -14.01
C LEU S 183 29.93 36.52 -13.34
N GLY S 184 28.98 35.74 -12.80
CA GLY S 184 29.30 34.54 -12.07
C GLY S 184 28.60 33.30 -12.58
N GLY S 185 28.33 33.23 -13.89
CA GLY S 185 27.67 32.08 -14.46
C GLY S 185 28.19 31.79 -15.86
N THR S 186 27.76 30.65 -16.39
CA THR S 186 28.16 30.18 -17.70
C THR S 186 26.99 30.33 -18.68
N PHE S 187 27.27 30.88 -19.85
CA PHE S 187 26.24 31.09 -20.86
C PHE S 187 25.81 29.76 -21.48
N GLY S 188 24.53 29.67 -21.84
CA GLY S 188 24.00 28.52 -22.53
C GLY S 188 23.72 28.80 -23.99
N THR S 189 23.10 27.81 -24.64
CA THR S 189 22.80 27.89 -26.06
C THR S 189 21.36 27.47 -26.31
N GLY S 190 20.73 28.13 -27.28
CA GLY S 190 19.42 27.69 -27.74
C GLY S 190 19.54 26.41 -28.55
N SER S 191 18.71 25.42 -28.20
CA SER S 191 18.86 24.09 -28.79
C SER S 191 18.37 24.04 -30.24
N SER S 192 17.25 24.70 -30.53
CA SER S 192 16.50 24.42 -31.75
C SER S 192 17.17 24.94 -33.02
N GLY S 193 17.99 25.99 -32.94
CA GLY S 193 18.50 26.65 -34.12
C GLY S 193 20.01 26.69 -34.15
N PHE S 194 20.52 27.19 -35.28
CA PHE S 194 21.96 27.41 -35.42
C PHE S 194 22.43 28.41 -34.38
N ASN S 195 23.50 28.07 -33.66
CA ASN S 195 24.09 28.93 -32.65
C ASN S 195 25.44 29.41 -33.14
N LEU S 196 25.60 30.73 -33.23
CA LEU S 196 26.86 31.36 -33.59
C LEU S 196 27.35 32.19 -32.42
N ILE S 197 28.64 32.06 -32.12
CA ILE S 197 29.27 32.77 -31.01
C ILE S 197 30.51 33.47 -31.53
N PHE S 198 30.89 34.55 -30.84
CA PHE S 198 32.09 35.30 -31.20
C PHE S 198 32.69 35.87 -29.93
N GLY S 199 33.86 35.36 -29.54
CA GLY S 199 34.65 35.98 -28.50
C GLY S 199 35.73 36.85 -29.12
N GLY S 200 35.73 38.13 -28.75
CA GLY S 200 36.65 39.09 -29.34
C GLY S 200 37.42 39.87 -28.30
N GLY S 201 37.81 39.20 -27.22
CA GLY S 201 38.49 39.85 -26.13
C GLY S 201 37.51 40.47 -25.15
N LYS S 202 37.36 41.79 -25.19
CA LYS S 202 36.35 42.45 -24.37
C LYS S 202 34.95 42.07 -24.85
N TRP S 203 34.71 42.15 -26.16
CA TRP S 203 33.39 41.81 -26.69
C TRP S 203 33.14 40.31 -26.61
N LEU S 204 31.86 39.97 -26.41
CA LEU S 204 31.40 38.59 -26.47
C LEU S 204 29.94 38.62 -26.89
N SER S 205 29.60 37.85 -27.92
CA SER S 205 28.29 37.91 -28.53
C SER S 205 27.78 36.51 -28.86
N PHE S 206 26.46 36.37 -28.91
CA PHE S 206 25.80 35.13 -29.27
C PHE S 206 24.64 35.46 -30.19
N MET S 207 24.37 34.54 -31.12
CA MET S 207 23.29 34.70 -32.07
C MET S 207 22.64 33.35 -32.34
N ASN S 208 21.31 33.31 -32.26
CA ASN S 208 20.54 32.13 -32.61
C ASN S 208 19.63 32.50 -33.77
N ALA S 209 19.65 31.67 -34.82
CA ALA S 209 18.84 31.94 -36.00
C ALA S 209 18.49 30.63 -36.68
N LEU S 210 17.40 30.65 -37.43
CA LEU S 210 16.94 29.48 -38.16
C LEU S 210 15.82 29.89 -39.10
N GLU S 211 15.85 29.36 -40.32
CA GLU S 211 14.69 29.37 -41.20
C GLU S 211 14.62 27.99 -41.85
N GLY S 212 13.65 27.18 -41.43
CA GLY S 212 13.57 25.81 -41.88
C GLY S 212 12.17 25.49 -42.39
N SER S 213 12.12 24.45 -43.22
CA SER S 213 10.87 24.01 -43.82
C SER S 213 10.85 22.48 -43.84
N GLY S 214 9.64 21.94 -43.86
CA GLY S 214 9.46 20.50 -43.88
C GLY S 214 8.38 20.11 -44.85
N PHE S 215 8.50 18.88 -45.34
CA PHE S 215 7.53 18.31 -46.27
C PHE S 215 7.29 16.86 -45.89
N ALA S 216 6.02 16.46 -45.91
CA ALA S 216 5.64 15.09 -45.57
C ALA S 216 4.59 14.62 -46.54
N TYR S 217 4.68 13.34 -46.92
CA TYR S 217 3.75 12.74 -47.87
C TYR S 217 3.44 11.32 -47.42
N THR S 218 2.18 10.93 -47.56
CA THR S 218 1.72 9.62 -47.15
C THR S 218 0.71 9.09 -48.17
N LEU S 219 0.82 7.80 -48.47
CA LEU S 219 -0.08 7.14 -49.41
C LEU S 219 -0.33 5.72 -48.92
N ALA S 220 -1.59 5.29 -48.94
CA ALA S 220 -1.95 3.96 -48.51
C ALA S 220 -3.14 3.49 -49.34
N ARG S 221 -3.04 2.26 -49.86
CA ARG S 221 -4.08 1.70 -50.71
C ARG S 221 -4.41 0.27 -50.26
N PRO S 222 -4.96 0.13 -49.05
CA PRO S 222 -5.35 -1.20 -48.59
C PRO S 222 -6.54 -1.73 -49.37
N SER S 223 -6.59 -3.06 -49.49
CA SER S 223 -7.70 -3.75 -50.13
C SER S 223 -8.12 -4.92 -49.25
N LEU S 224 -9.39 -5.30 -49.36
CA LEU S 224 -9.94 -6.34 -48.50
C LEU S 224 -11.17 -6.92 -49.15
N VAL S 225 -11.30 -8.24 -49.08
CA VAL S 225 -12.42 -8.97 -49.67
C VAL S 225 -13.27 -9.54 -48.55
N ALA S 226 -14.58 -9.57 -48.78
CA ALA S 226 -15.51 -10.12 -47.81
C ALA S 226 -16.81 -10.49 -48.50
N MET S 227 -17.46 -11.52 -47.97
CA MET S 227 -18.75 -11.93 -48.48
C MET S 227 -19.83 -10.95 -48.03
N SER S 228 -20.92 -10.90 -48.79
CA SER S 228 -22.00 -9.97 -48.49
C SER S 228 -22.56 -10.24 -47.10
N GLY S 229 -22.69 -9.17 -46.31
CA GLY S 229 -23.25 -9.26 -44.98
C GLY S 229 -22.28 -9.70 -43.91
N GLN S 230 -21.02 -9.97 -44.24
CA GLN S 230 -20.03 -10.46 -43.29
C GLN S 230 -19.02 -9.35 -43.00
N SER S 231 -18.69 -9.20 -41.72
CA SER S 231 -17.71 -8.22 -41.31
C SER S 231 -16.29 -8.70 -41.63
N ALA S 232 -15.39 -7.75 -41.81
CA ALA S 232 -13.99 -8.07 -42.10
C ALA S 232 -13.11 -7.01 -41.46
N SER S 233 -11.86 -7.39 -41.21
CA SER S 233 -10.90 -6.52 -40.55
C SER S 233 -9.52 -6.74 -41.16
N PHE S 234 -8.69 -5.70 -41.06
CA PHE S 234 -7.34 -5.75 -41.60
C PHE S 234 -6.44 -4.86 -40.76
N LEU S 235 -5.22 -5.33 -40.51
CA LEU S 235 -4.22 -4.57 -39.77
C LEU S 235 -2.88 -4.75 -40.44
N ALA S 236 -2.10 -3.67 -40.51
CA ALA S 236 -0.78 -3.72 -41.14
C ALA S 236 0.25 -2.91 -40.38
N GLY S 237 0.02 -2.60 -39.11
CA GLY S 237 0.96 -1.82 -38.33
C GLY S 237 1.64 -2.62 -37.25
N GLY S 238 1.18 -2.47 -36.01
CA GLY S 238 1.78 -3.17 -34.90
C GLY S 238 1.05 -2.89 -33.61
N GLU S 239 1.64 -3.35 -32.52
CA GLU S 239 1.08 -3.17 -31.18
C GLU S 239 2.20 -2.86 -30.22
N PHE S 240 2.01 -1.85 -29.38
CA PHE S 240 2.97 -1.46 -28.38
C PHE S 240 2.35 -1.60 -26.99
N PRO S 241 3.18 -1.76 -25.95
CA PRO S 241 2.65 -2.05 -24.60
C PRO S 241 1.75 -0.93 -24.07
N TYR S 256 -2.26 -3.91 -24.85
CA TYR S 256 -1.53 -3.43 -26.02
C TYR S 256 -2.45 -2.61 -26.92
N LYS S 257 -1.89 -1.55 -27.51
CA LYS S 257 -2.63 -0.62 -28.34
C LYS S 257 -2.14 -0.72 -29.77
N GLU S 258 -3.07 -0.83 -30.71
CA GLU S 258 -2.74 -1.00 -32.12
C GLU S 258 -2.44 0.35 -32.78
N PHE S 259 -1.79 0.27 -33.93
CA PHE S 259 -1.54 1.44 -34.75
C PHE S 259 -1.20 0.97 -36.16
N GLY S 260 -0.89 1.91 -37.04
CA GLY S 260 -0.64 1.59 -38.43
C GLY S 260 -1.93 1.51 -39.24
N ILE S 261 -1.78 1.05 -40.47
CA ILE S 261 -2.92 0.92 -41.37
C ILE S 261 -3.92 -0.05 -40.77
N ARG S 262 -5.15 0.42 -40.57
CA ARG S 262 -6.24 -0.41 -40.09
C ARG S 262 -7.45 -0.20 -40.98
N LEU S 263 -8.31 -1.22 -41.06
CA LEU S 263 -9.50 -1.13 -41.89
C LEU S 263 -10.51 -2.16 -41.41
N THR S 264 -11.69 -1.68 -41.01
CA THR S 264 -12.83 -2.53 -40.69
C THR S 264 -14.00 -2.11 -41.57
N LEU S 265 -14.67 -3.09 -42.17
CA LEU S 265 -15.75 -2.78 -43.10
C LEU S 265 -16.74 -3.95 -43.12
N THR S 266 -17.89 -3.68 -43.72
CA THR S 266 -18.99 -4.64 -43.78
C THR S 266 -19.84 -4.37 -45.02
N PRO S 267 -19.54 -5.01 -46.15
CA PRO S 267 -20.28 -4.72 -47.38
C PRO S 267 -21.55 -5.55 -47.50
N THR S 268 -22.63 -4.88 -47.92
CA THR S 268 -23.91 -5.51 -48.18
C THR S 268 -24.31 -5.23 -49.62
N VAL S 269 -24.55 -6.29 -50.38
CA VAL S 269 -24.98 -6.17 -51.76
C VAL S 269 -26.50 -6.26 -51.78
N MET S 270 -27.15 -5.18 -52.22
CA MET S 270 -28.60 -5.09 -52.19
C MET S 270 -29.19 -5.72 -53.46
N ASN S 271 -30.50 -5.94 -53.42
CA ASN S 271 -31.18 -6.62 -54.52
C ASN S 271 -31.07 -5.86 -55.83
N ASN S 272 -30.80 -4.55 -55.78
CA ASN S 272 -30.58 -3.75 -56.98
C ASN S 272 -29.13 -3.72 -57.41
N ARG S 273 -28.29 -4.58 -56.85
CA ARG S 273 -26.88 -4.72 -57.17
C ARG S 273 -26.03 -3.53 -56.69
N ARG S 274 -26.62 -2.60 -55.94
CA ARG S 274 -25.84 -1.55 -55.33
C ARG S 274 -25.22 -2.03 -54.03
N ILE S 275 -24.09 -1.44 -53.67
CA ILE S 275 -23.28 -1.88 -52.54
C ILE S 275 -23.40 -0.85 -51.44
N ALA S 276 -23.84 -1.29 -50.26
CA ALA S 276 -23.90 -0.46 -49.07
C ALA S 276 -22.71 -0.79 -48.19
N LEU S 277 -21.88 0.21 -47.92
CA LEU S 277 -20.63 0.02 -47.20
C LEU S 277 -20.69 0.67 -45.83
N LYS S 278 -20.44 -0.12 -44.78
CA LYS S 278 -20.07 0.39 -43.47
C LYS S 278 -18.56 0.25 -43.35
N VAL S 279 -17.87 1.38 -43.30
CA VAL S 279 -16.41 1.40 -43.45
C VAL S 279 -15.81 2.33 -42.42
N ALA S 280 -14.62 1.96 -41.93
CA ALA S 280 -13.94 2.72 -40.88
C ALA S 280 -12.44 2.59 -41.05
N PRO S 281 -11.86 3.33 -42.00
CA PRO S 281 -10.41 3.28 -42.20
C PRO S 281 -9.65 4.05 -41.13
N GLU S 282 -8.38 3.69 -40.97
CA GLU S 282 -7.47 4.42 -40.11
C GLU S 282 -6.06 4.40 -40.69
N VAL S 283 -5.29 5.44 -40.38
CA VAL S 283 -3.88 5.52 -40.70
C VAL S 283 -3.20 6.23 -39.54
N SER S 284 -2.37 5.50 -38.79
CA SER S 284 -1.77 6.03 -37.59
C SER S 284 -0.29 5.65 -37.53
N GLU S 285 0.46 6.41 -36.74
CA GLU S 285 1.89 6.18 -36.58
C GLU S 285 2.31 6.75 -35.24
N LEU S 286 3.49 6.31 -34.79
CA LEU S 286 3.97 6.70 -33.47
C LEU S 286 4.48 8.13 -33.46
N ASP S 287 4.18 8.84 -32.37
CA ASP S 287 4.70 10.18 -32.11
C ASP S 287 5.25 10.18 -30.70
N TYR S 288 6.48 10.64 -30.55
CA TYR S 288 7.26 10.45 -29.32
C TYR S 288 7.11 11.68 -28.42
N SER S 289 6.39 11.51 -27.31
CA SER S 289 6.26 12.55 -26.29
C SER S 289 5.47 11.96 -25.12
N ALA S 290 5.46 12.70 -24.02
CA ALA S 290 4.65 12.35 -22.85
C ALA S 290 5.16 11.08 -22.15
N GLY S 291 4.46 10.67 -21.10
CA GLY S 291 4.83 9.50 -20.33
C GLY S 291 3.62 9.00 -19.56
N ILE S 292 3.80 7.88 -18.86
CA ILE S 292 2.72 7.23 -18.14
C ILE S 292 3.31 6.44 -16.98
N GLN S 293 2.47 6.16 -15.98
CA GLN S 293 2.89 5.43 -14.79
C GLN S 293 2.12 4.12 -14.60
N SER S 294 1.20 3.79 -15.49
CA SER S 294 0.38 2.60 -15.37
C SER S 294 0.12 2.04 -16.76
N GLY S 295 0.20 0.72 -16.88
CA GLY S 295 0.01 0.07 -18.17
C GLY S 295 1.10 0.36 -19.18
N GLY S 296 2.21 0.94 -18.77
CA GLY S 296 3.29 1.25 -19.68
C GLY S 296 4.27 2.21 -19.04
N VAL S 297 5.31 2.54 -19.81
CA VAL S 297 6.33 3.49 -19.38
C VAL S 297 6.81 4.27 -20.60
N ALA S 298 6.94 5.59 -20.43
CA ALA S 298 7.44 6.46 -21.49
C ALA S 298 6.75 6.17 -22.82
N VAL S 299 5.49 5.76 -22.76
CA VAL S 299 4.78 5.32 -23.97
C VAL S 299 4.66 6.50 -24.92
N PRO S 300 4.83 6.30 -26.23
CA PRO S 300 4.72 7.41 -27.18
C PRO S 300 3.26 7.74 -27.48
N ALA S 301 3.09 8.88 -28.15
CA ALA S 301 1.78 9.31 -28.62
C ALA S 301 1.54 8.81 -30.04
N LEU S 302 0.33 9.01 -30.53
CA LEU S 302 -0.06 8.59 -31.87
C LEU S 302 -0.49 9.79 -32.71
N ARG S 303 -0.05 9.80 -33.97
CA ARG S 303 -0.55 10.72 -34.98
C ARG S 303 -1.59 9.96 -35.80
N VAL S 304 -2.86 10.33 -35.64
CA VAL S 304 -3.98 9.51 -36.08
C VAL S 304 -4.81 10.29 -37.11
N ARG S 305 -5.18 9.59 -38.18
CA ARG S 305 -6.12 10.09 -39.17
C ARG S 305 -7.09 8.95 -39.48
N ARG S 306 -8.35 9.11 -39.07
CA ARG S 306 -9.34 8.04 -39.20
C ARG S 306 -10.68 8.62 -39.62
N THR S 307 -11.53 7.75 -40.16
CA THR S 307 -12.87 8.10 -40.58
C THR S 307 -13.80 6.93 -40.31
N ASP S 308 -15.08 7.24 -40.15
CA ASP S 308 -16.11 6.21 -39.96
C ASP S 308 -17.43 6.75 -40.49
N THR S 309 -18.05 6.01 -41.40
CA THR S 309 -19.27 6.48 -42.07
C THR S 309 -19.92 5.29 -42.76
N SER S 310 -21.12 5.53 -43.29
CA SER S 310 -21.86 4.54 -44.06
C SER S 310 -22.35 5.19 -45.34
N VAL S 311 -22.21 4.48 -46.46
CA VAL S 311 -22.52 5.01 -47.79
C VAL S 311 -23.09 3.90 -48.65
N MET S 312 -23.64 4.29 -49.80
CA MET S 312 -24.13 3.35 -50.81
C MET S 312 -23.55 3.73 -52.16
N LEU S 313 -23.03 2.73 -52.88
CA LEU S 313 -22.45 2.95 -54.19
C LEU S 313 -22.82 1.78 -55.09
N ALA S 314 -22.71 2.02 -56.40
CA ALA S 314 -22.86 0.96 -57.38
C ALA S 314 -21.48 0.37 -57.71
N ASP S 315 -21.50 -0.83 -58.27
CA ASP S 315 -20.26 -1.52 -58.61
C ASP S 315 -19.33 -0.62 -59.41
N GLY S 316 -18.17 -0.32 -58.85
CA GLY S 316 -17.17 0.48 -59.51
C GLY S 316 -17.21 1.96 -59.19
N GLU S 317 -18.31 2.46 -58.63
CA GLU S 317 -18.40 3.88 -58.31
C GLU S 317 -17.52 4.19 -57.10
N SER S 318 -17.29 5.48 -56.88
CA SER S 318 -16.35 5.93 -55.86
C SER S 318 -16.91 7.13 -55.11
N PHE S 319 -16.39 7.34 -53.90
CA PHE S 319 -16.71 8.49 -53.09
C PHE S 319 -15.45 9.05 -52.47
N VAL S 320 -15.42 10.37 -52.30
CA VAL S 320 -14.49 10.99 -51.37
C VAL S 320 -15.23 11.12 -50.05
N ILE S 321 -15.19 10.06 -49.24
CA ILE S 321 -15.98 10.03 -48.01
C ILE S 321 -15.49 11.06 -47.00
N SER S 322 -14.26 11.52 -47.13
CA SER S 322 -13.71 12.46 -46.16
C SER S 322 -12.61 13.27 -46.83
N GLY S 323 -12.43 14.49 -46.34
CA GLY S 323 -11.40 15.38 -46.84
C GLY S 323 -11.18 16.53 -45.89
N LEU S 324 -10.01 17.14 -46.00
CA LEU S 324 -9.64 18.22 -45.10
C LEU S 324 -8.64 19.14 -45.77
N THR S 325 -8.79 20.44 -45.50
CA THR S 325 -7.78 21.43 -45.78
C THR S 325 -7.60 22.26 -44.52
N SER S 326 -6.35 22.45 -44.10
CA SER S 326 -6.06 23.13 -42.85
C SER S 326 -4.88 24.06 -43.02
N SER S 327 -4.84 25.09 -42.18
CA SER S 327 -3.73 26.04 -42.20
C SER S 327 -3.65 26.70 -40.83
N ASN S 328 -2.42 26.81 -40.31
CA ASN S 328 -2.17 27.43 -39.03
C ASN S 328 -0.98 28.36 -39.14
N SER S 329 -1.07 29.51 -38.49
CA SER S 329 0.00 30.49 -38.47
C SER S 329 0.11 31.07 -37.08
N VAL S 330 1.33 31.17 -36.57
CA VAL S 330 1.60 31.75 -35.26
C VAL S 330 2.85 32.61 -35.37
N SER S 331 2.77 33.82 -34.79
CA SER S 331 3.87 34.76 -34.86
C SER S 331 4.00 35.48 -33.53
N ASN S 332 5.22 35.97 -33.27
CA ASN S 332 5.50 36.71 -32.05
C ASN S 332 6.75 37.54 -32.27
N VAL S 333 6.72 38.78 -31.78
CA VAL S 333 7.85 39.71 -31.89
C VAL S 333 8.09 40.35 -30.53
N ASP S 334 9.34 40.31 -30.08
CA ASP S 334 9.75 40.96 -28.85
C ASP S 334 10.86 41.95 -29.19
N LYS S 335 10.78 43.16 -28.61
CA LYS S 335 11.71 44.22 -28.95
C LYS S 335 12.01 45.04 -27.70
N PHE S 336 13.21 45.61 -27.67
CA PHE S 336 13.50 46.64 -26.69
C PHE S 336 12.67 47.88 -27.02
N PRO S 337 12.04 48.52 -26.02
CA PRO S 337 11.00 49.52 -26.32
C PRO S 337 11.39 50.57 -27.35
N TRP S 338 12.46 51.33 -27.09
CA TRP S 338 12.83 52.42 -27.98
C TRP S 338 13.80 51.98 -29.08
N LEU S 339 14.79 51.17 -28.74
CA LEU S 339 15.81 50.80 -29.73
C LEU S 339 15.25 49.87 -30.80
N GLY S 340 14.20 49.12 -30.48
CA GLY S 340 13.68 48.14 -31.42
C GLY S 340 13.11 48.75 -32.69
N ASP S 341 12.81 50.04 -32.68
CA ASP S 341 12.21 50.72 -33.83
C ASP S 341 13.23 51.46 -34.70
N ILE S 342 14.51 51.36 -34.38
CA ILE S 342 15.52 51.96 -35.25
C ILE S 342 15.45 51.29 -36.61
N PRO S 343 15.42 52.04 -37.72
CA PRO S 343 15.11 51.40 -39.01
C PRO S 343 16.10 50.32 -39.42
N ILE S 344 17.37 50.45 -39.06
CA ILE S 344 18.41 49.49 -39.46
C ILE S 344 18.91 48.70 -38.25
N LEU S 345 19.46 49.38 -37.25
CA LEU S 345 20.03 48.70 -36.10
C LEU S 345 18.97 48.09 -35.19
N GLY S 346 17.69 48.37 -35.42
CA GLY S 346 16.64 47.83 -34.56
C GLY S 346 16.60 46.31 -34.58
N ALA S 347 17.00 45.70 -35.68
CA ALA S 347 16.94 44.24 -35.79
C ALA S 347 17.71 43.56 -34.67
N PHE S 348 18.81 44.16 -34.23
CA PHE S 348 19.62 43.56 -33.16
C PHE S 348 18.96 43.70 -31.80
N PHE S 349 17.90 44.49 -31.67
CA PHE S 349 17.16 44.65 -30.43
C PHE S 349 15.79 43.97 -30.51
N ARG S 350 15.63 43.00 -31.39
CA ARG S 350 14.37 42.30 -31.58
C ARG S 350 14.57 40.80 -31.55
N SER S 351 13.57 40.09 -31.05
CA SER S 351 13.50 38.64 -31.12
C SER S 351 12.21 38.25 -31.80
N THR S 352 12.25 37.17 -32.58
CA THR S 352 11.14 36.82 -33.45
C THR S 352 10.94 35.31 -33.47
N LYS S 353 9.72 34.91 -33.78
CA LYS S 353 9.34 33.51 -33.90
C LYS S 353 8.18 33.42 -34.88
N LEU S 354 8.25 32.43 -35.77
CA LEU S 354 7.20 32.21 -36.76
C LEU S 354 7.02 30.71 -36.98
N ASP S 355 5.77 30.27 -36.94
CA ASP S 355 5.43 28.87 -37.19
C ASP S 355 4.22 28.83 -38.11
N LYS S 356 4.35 28.11 -39.22
CA LYS S 356 3.27 27.96 -40.19
C LYS S 356 3.14 26.49 -40.56
N ASP S 357 1.91 26.08 -40.86
CA ASP S 357 1.63 24.69 -41.19
C ASP S 357 0.45 24.64 -42.15
N ASP S 358 0.49 23.65 -43.04
CA ASP S 358 -0.59 23.41 -44.00
C ASP S 358 -0.77 21.91 -44.15
N ARG S 359 -1.96 21.51 -44.59
CA ARG S 359 -2.29 20.10 -44.66
C ARG S 359 -3.44 19.88 -45.61
N GLU S 360 -3.46 18.71 -46.25
CA GLU S 360 -4.54 18.30 -47.11
C GLU S 360 -4.70 16.79 -47.01
N LEU S 361 -5.96 16.33 -47.07
CA LEU S 361 -6.28 14.92 -46.89
C LEU S 361 -7.28 14.47 -47.95
N LEU S 362 -7.28 13.16 -48.19
CA LEU S 362 -8.29 12.53 -49.03
C LEU S 362 -8.45 11.08 -48.58
N MET S 363 -9.70 10.64 -48.48
CA MET S 363 -10.02 9.23 -48.26
C MET S 363 -11.07 8.83 -49.28
N ILE S 364 -10.74 7.86 -50.12
CA ILE S 364 -11.59 7.45 -51.23
C ILE S 364 -11.86 5.96 -51.12
N VAL S 365 -13.11 5.58 -51.37
CA VAL S 365 -13.54 4.19 -51.29
C VAL S 365 -14.07 3.77 -52.65
N THR S 366 -13.83 2.50 -53.00
CA THR S 366 -14.27 1.96 -54.29
C THR S 366 -14.57 0.48 -54.18
N PRO S 367 -15.84 0.08 -54.17
CA PRO S 367 -16.18 -1.34 -54.10
C PRO S 367 -16.33 -1.98 -55.47
N HIS S 368 -15.85 -3.22 -55.57
CA HIS S 368 -15.95 -4.02 -56.78
C HIS S 368 -16.56 -5.37 -56.46
N LEU S 369 -17.45 -5.85 -57.33
CA LEU S 369 -17.92 -7.21 -57.25
C LEU S 369 -16.94 -8.13 -57.96
N VAL S 370 -16.53 -9.21 -57.29
CA VAL S 370 -15.45 -10.05 -57.76
C VAL S 370 -15.85 -11.52 -57.65
N GLN S 371 -15.07 -12.37 -58.29
CA GLN S 371 -15.25 -13.82 -58.25
C GLN S 371 -13.89 -14.46 -58.01
N PRO S 372 -13.87 -15.68 -57.47
CA PRO S 372 -12.59 -16.32 -57.17
C PRO S 372 -11.79 -16.61 -58.44
N LEU S 373 -10.47 -16.62 -58.28
CA LEU S 373 -9.60 -17.06 -59.37
C LEU S 373 -9.89 -18.52 -59.71
N ALA S 374 -9.79 -18.86 -60.99
CA ALA S 374 -10.08 -20.20 -61.42
C ALA S 374 -9.03 -21.19 -60.90
N ALA S 375 -9.41 -22.46 -60.88
CA ALA S 375 -8.52 -23.49 -60.32
C ALA S 375 -7.20 -23.55 -61.06
N ASP S 376 -7.19 -23.24 -62.36
CA ASP S 376 -5.98 -23.29 -63.16
C ASP S 376 -5.26 -21.94 -63.24
N ALA S 377 -5.76 -20.92 -62.55
CA ALA S 377 -5.20 -19.59 -62.68
C ALA S 377 -3.81 -19.51 -62.06
N GLN S 378 -2.93 -18.75 -62.69
CA GLN S 378 -1.64 -18.41 -62.09
C GLN S 378 -1.87 -17.31 -61.06
N LEU S 379 -1.38 -17.54 -59.84
CA LEU S 379 -1.66 -16.61 -58.76
C LEU S 379 -0.93 -15.28 -58.98
N PRO S 380 -1.49 -14.17 -58.50
CA PRO S 380 -0.72 -12.93 -58.45
C PRO S 380 0.48 -13.09 -57.54
N ASP S 381 1.54 -12.35 -57.86
CA ASP S 381 2.80 -12.50 -57.14
C ASP S 381 3.52 -11.17 -57.11
N LEU S 382 4.54 -11.09 -56.26
CA LEU S 382 5.39 -9.93 -56.10
C LEU S 382 6.83 -10.31 -56.38
N PRO S 383 7.67 -9.35 -56.79
CA PRO S 383 9.05 -9.70 -57.16
C PRO S 383 9.74 -10.53 -56.10
N THR S 412 -1.59 -0.29 -87.32
CA THR S 412 -0.35 -0.81 -87.91
C THR S 412 0.25 -1.91 -87.04
N GLY S 413 -0.28 -2.07 -85.83
CA GLY S 413 0.18 -3.08 -84.91
C GLY S 413 1.18 -2.59 -83.90
N LEU S 414 1.79 -1.43 -84.13
CA LEU S 414 2.74 -0.88 -83.19
C LEU S 414 2.04 -0.42 -81.92
N SER S 415 2.83 -0.25 -80.86
CA SER S 415 2.29 0.12 -79.56
C SER S 415 1.67 1.51 -79.55
N ASP S 416 2.10 2.39 -80.44
CA ASP S 416 1.89 3.78 -80.82
C ASP S 416 2.64 4.71 -79.89
N GLU T 28 22.38 1.61 -65.08
CA GLU T 28 21.41 2.13 -64.12
C GLU T 28 21.32 3.65 -64.23
N CYS T 29 20.32 4.23 -63.56
CA CYS T 29 20.08 5.67 -63.57
C CYS T 29 20.32 6.19 -62.16
N SER T 30 21.46 6.87 -61.96
CA SER T 30 21.83 7.39 -60.66
C SER T 30 21.43 8.86 -60.56
N GLN T 31 20.12 9.08 -60.65
CA GLN T 31 19.54 10.41 -60.53
C GLN T 31 18.14 10.28 -59.97
N GLN T 32 17.89 10.92 -58.83
CA GLN T 32 16.58 10.89 -58.19
C GLN T 32 16.16 12.33 -57.87
N LEU T 33 14.87 12.58 -58.03
CA LEU T 33 14.31 13.92 -57.82
C LEU T 33 13.50 13.97 -56.53
N GLY T 34 13.47 15.16 -55.93
CA GLY T 34 12.83 15.33 -54.64
C GLY T 34 11.33 15.23 -54.69
N GLN T 35 10.74 15.03 -53.51
CA GLN T 35 9.29 14.92 -53.36
C GLN T 35 8.54 16.17 -53.80
N GLU T 36 9.26 17.25 -54.10
CA GLU T 36 8.63 18.44 -54.65
C GLU T 36 8.54 18.39 -56.18
N GLN T 37 9.59 17.92 -56.84
CA GLN T 37 9.64 17.85 -58.30
C GLN T 37 9.39 16.44 -58.83
N GLU T 38 9.22 15.45 -57.96
CA GLU T 38 8.82 14.10 -58.36
C GLU T 38 7.33 13.88 -58.20
N LEU T 39 6.74 14.45 -57.16
CA LEU T 39 5.30 14.57 -57.06
C LEU T 39 4.74 15.26 -58.30
N GLN T 40 5.61 15.98 -59.01
CA GLN T 40 5.26 16.66 -60.25
C GLN T 40 5.33 15.72 -61.46
N MET T 41 6.38 14.90 -61.52
CA MET T 41 6.46 13.89 -62.56
C MET T 41 5.29 12.91 -62.48
N ASN T 42 4.76 12.67 -61.28
CA ASN T 42 3.55 11.86 -61.17
C ASN T 42 2.40 12.49 -61.95
N MET T 43 2.18 13.78 -61.74
CA MET T 43 1.14 14.49 -62.49
C MET T 43 1.43 14.48 -63.99
N VAL T 44 2.71 14.61 -64.36
CA VAL T 44 3.09 14.54 -65.77
C VAL T 44 2.64 13.21 -66.36
N ARG T 45 2.97 12.11 -65.68
CA ARG T 45 2.55 10.79 -66.16
C ARG T 45 1.04 10.70 -66.27
N ASP T 46 0.33 11.21 -65.26
CA ASP T 46 -1.13 11.22 -65.30
C ASP T 46 -1.63 11.90 -66.57
N MET T 47 -1.03 13.06 -66.90
CA MET T 47 -1.40 13.75 -68.13
C MET T 47 -1.07 12.91 -69.36
N ILE T 48 0.09 12.26 -69.36
CA ILE T 48 0.49 11.46 -70.52
C ILE T 48 -0.56 10.39 -70.80
N ARG T 49 -0.95 9.64 -69.78
CA ARG T 49 -1.93 8.58 -69.98
C ARG T 49 -3.36 9.08 -70.04
N GLU T 50 -3.60 10.37 -69.74
CA GLU T 50 -4.93 10.94 -69.85
C GLU T 50 -5.26 11.38 -71.28
N GLY T 51 -4.30 11.35 -72.18
CA GLY T 51 -4.47 11.96 -73.49
C GLY T 51 -4.12 13.43 -73.52
N ARG T 52 -3.61 13.97 -72.41
CA ARG T 52 -3.22 15.37 -72.31
C ARG T 52 -1.73 15.56 -72.57
N LEU T 53 -1.16 14.81 -73.51
CA LEU T 53 0.24 14.90 -73.87
C LEU T 53 0.74 16.34 -73.90
N HIS T 54 -0.06 17.24 -74.48
CA HIS T 54 0.38 18.62 -74.64
C HIS T 54 0.43 19.34 -73.29
N ALA T 55 -0.56 19.10 -72.43
CA ALA T 55 -0.51 19.64 -71.08
C ALA T 55 0.65 19.05 -70.30
N ALA T 56 0.93 17.75 -70.52
CA ALA T 56 2.12 17.15 -69.90
C ALA T 56 3.39 17.84 -70.38
N LEU T 57 3.44 18.19 -71.67
CA LEU T 57 4.58 18.94 -72.19
C LEU T 57 4.69 20.29 -71.51
N ALA T 58 3.55 20.97 -71.31
CA ALA T 58 3.57 22.24 -70.60
C ALA T 58 4.16 22.07 -69.20
N ASN T 59 3.65 21.10 -68.45
CA ASN T 59 4.11 20.91 -67.08
C ASN T 59 5.58 20.51 -67.03
N LEU T 60 6.03 19.70 -67.99
CA LEU T 60 7.45 19.38 -68.09
C LEU T 60 8.28 20.64 -68.37
N GLU T 61 7.82 21.47 -69.30
CA GLU T 61 8.50 22.73 -69.57
C GLU T 61 8.61 23.56 -68.29
N SER T 62 7.60 23.49 -67.43
CA SER T 62 7.71 24.11 -66.11
C SER T 62 8.89 23.52 -65.34
N MET T 63 9.05 22.20 -65.42
CA MET T 63 10.12 21.51 -64.71
C MET T 63 11.46 21.76 -65.39
N PRO T 64 12.57 21.50 -64.70
CA PRO T 64 13.89 21.90 -65.22
C PRO T 64 14.25 21.17 -66.50
N PRO T 65 14.68 21.88 -67.54
CA PRO T 65 15.23 21.20 -68.71
C PRO T 65 16.62 20.67 -68.42
N GLY T 66 16.93 19.52 -69.04
CA GLY T 66 18.15 18.80 -68.76
C GLY T 66 17.97 17.62 -67.82
N LEU T 67 16.84 17.56 -67.12
CA LEU T 67 16.51 16.41 -66.29
C LEU T 67 16.19 15.22 -67.18
N LEU T 68 16.98 14.15 -67.06
CA LEU T 68 16.85 13.01 -67.97
C LEU T 68 15.40 12.52 -68.03
N ASP T 69 14.75 12.38 -66.87
CA ASP T 69 13.36 11.95 -66.87
C ASP T 69 12.48 12.91 -67.66
N VAL T 70 12.61 14.21 -67.37
CA VAL T 70 11.83 15.21 -68.09
C VAL T 70 12.20 15.21 -69.57
N ARG T 71 13.48 15.00 -69.87
CA ARG T 71 13.91 15.00 -71.27
C ARG T 71 13.26 13.86 -72.05
N GLU T 72 13.29 12.65 -71.49
CA GLU T 72 12.69 11.52 -72.19
C GLU T 72 11.18 11.63 -72.27
N GLU T 73 10.54 12.14 -71.21
CA GLU T 73 9.10 12.32 -71.26
C GLU T 73 8.72 13.33 -72.35
N ARG T 74 9.46 14.44 -72.41
CA ARG T 74 9.23 15.43 -73.45
C ARG T 74 9.40 14.82 -74.84
N ALA T 75 10.46 14.01 -75.01
CA ALA T 75 10.68 13.37 -76.30
C ALA T 75 9.52 12.46 -76.68
N LEU T 76 9.02 11.68 -75.71
CA LEU T 76 7.84 10.85 -75.95
C LEU T 76 6.68 11.69 -76.46
N ILE T 77 6.37 12.77 -75.76
CA ILE T 77 5.26 13.64 -76.16
C ILE T 77 5.51 14.19 -77.56
N LEU T 78 6.71 14.70 -77.80
CA LEU T 78 7.03 15.31 -79.09
C LEU T 78 6.84 14.30 -80.23
N ARG T 79 7.34 13.08 -80.04
CA ARG T 79 7.20 12.07 -81.09
C ARG T 79 5.74 11.73 -81.33
N ARG T 80 4.96 11.58 -80.27
CA ARG T 80 3.56 11.20 -80.46
C ARG T 80 2.77 12.32 -81.12
N ILE T 81 3.02 13.58 -80.76
CA ILE T 81 2.24 14.69 -81.29
C ILE T 81 2.70 15.14 -82.66
N GLY T 82 3.86 14.69 -83.12
CA GLY T 82 4.36 15.05 -84.43
C GLY T 82 5.36 16.18 -84.44
N ASP T 83 5.88 16.59 -83.28
CA ASP T 83 6.86 17.67 -83.26
C ASP T 83 8.16 17.21 -83.92
N PRO T 84 8.95 18.15 -84.46
CA PRO T 84 10.21 17.78 -85.11
C PRO T 84 11.40 17.66 -84.18
N ARG T 85 11.25 18.00 -82.90
CA ARG T 85 12.37 17.98 -81.97
C ARG T 85 12.53 16.66 -81.24
N ALA T 86 11.52 15.78 -81.30
CA ALA T 86 11.64 14.47 -80.67
C ALA T 86 12.90 13.74 -81.14
N ARG T 87 13.25 13.89 -82.43
CA ARG T 87 14.43 13.26 -82.96
C ARG T 87 15.68 13.66 -82.17
N ALA T 88 15.88 14.97 -82.01
CA ALA T 88 17.04 15.45 -81.28
C ALA T 88 17.00 15.04 -79.81
N GLU T 89 15.80 15.08 -79.20
CA GLU T 89 15.69 14.68 -77.81
C GLU T 89 16.14 13.23 -77.62
N TYR T 90 15.62 12.32 -78.44
CA TYR T 90 16.09 10.94 -78.40
C TYR T 90 17.59 10.88 -78.65
N GLN T 91 18.07 11.65 -79.62
CA GLN T 91 19.50 11.63 -79.95
C GLN T 91 20.36 11.97 -78.74
N ALA T 92 20.02 13.07 -78.06
CA ALA T 92 20.79 13.47 -76.89
C ALA T 92 20.75 12.41 -75.80
N LEU T 93 19.59 11.80 -75.58
CA LEU T 93 19.41 10.83 -74.51
C LEU T 93 20.08 9.49 -74.82
N LEU T 94 20.50 9.25 -76.06
CA LEU T 94 21.22 8.02 -76.36
C LEU T 94 22.48 7.89 -75.52
N GLU T 95 23.14 9.00 -75.21
CA GLU T 95 24.41 9.00 -74.49
C GLU T 95 24.23 9.18 -72.98
N THR T 96 23.09 8.76 -72.43
CA THR T 96 22.78 8.91 -71.01
C THR T 96 22.22 7.58 -70.49
N CYS T 97 21.85 7.57 -69.21
CA CYS T 97 21.17 6.40 -68.66
C CYS T 97 19.86 6.14 -69.38
N LYS T 98 19.29 7.17 -70.01
CA LYS T 98 18.09 6.99 -70.83
C LYS T 98 18.48 6.54 -72.23
N ALA T 99 19.29 5.49 -72.32
CA ALA T 99 19.72 4.94 -73.61
C ALA T 99 18.63 4.07 -74.25
N PRO T 100 18.16 3.02 -73.57
CA PRO T 100 17.18 2.12 -74.20
C PRO T 100 16.01 2.85 -74.84
N GLU T 101 15.37 3.76 -74.11
CA GLU T 101 14.20 4.43 -74.66
C GLU T 101 14.57 5.42 -75.75
N ALA T 102 15.79 5.96 -75.73
CA ALA T 102 16.25 6.81 -76.83
C ALA T 102 16.40 6.00 -78.11
N HIS T 103 17.05 4.84 -78.02
CA HIS T 103 17.15 3.95 -79.18
C HIS T 103 15.76 3.58 -79.68
N HIS T 104 14.86 3.24 -78.76
CA HIS T 104 13.50 2.85 -79.15
C HIS T 104 12.77 4.00 -79.84
N GLY T 105 12.95 5.22 -79.33
CA GLY T 105 12.36 6.41 -79.94
C GLY T 105 12.85 6.64 -81.34
N LEU T 106 14.17 6.58 -81.54
CA LEU T 106 14.72 6.72 -82.89
C LEU T 106 14.20 5.62 -83.81
N GLY T 107 14.09 4.39 -83.30
CA GLY T 107 13.51 3.32 -84.09
C GLY T 107 12.08 3.60 -84.51
N LEU T 108 11.25 4.05 -83.57
CA LEU T 108 9.87 4.38 -83.90
C LEU T 108 9.81 5.55 -84.88
N LEU T 109 10.74 6.50 -84.78
CA LEU T 109 10.82 7.56 -85.79
C LEU T 109 11.09 6.97 -87.17
N ALA T 110 12.09 6.09 -87.27
CA ALA T 110 12.38 5.43 -88.53
C ALA T 110 11.15 4.69 -89.06
N LEU T 111 10.41 4.03 -88.17
CA LEU T 111 9.18 3.36 -88.60
C LEU T 111 8.16 4.38 -89.12
N ARG T 112 8.01 5.50 -88.44
CA ARG T 112 7.09 6.55 -88.90
C ARG T 112 7.47 7.01 -90.30
N ASN T 113 8.78 7.20 -90.55
CA ASN T 113 9.25 7.56 -91.88
C ASN T 113 9.12 6.43 -92.88
N GLY T 114 8.87 5.20 -92.42
CA GLY T 114 8.79 4.05 -93.28
C GLY T 114 10.12 3.36 -93.55
N ASP T 115 11.22 3.94 -93.07
CA ASP T 115 12.55 3.35 -93.28
C ASP T 115 12.74 2.22 -92.28
N SER T 116 12.17 1.06 -92.62
CA SER T 116 12.24 -0.10 -91.74
C SER T 116 13.67 -0.62 -91.57
N ALA T 117 14.56 -0.32 -92.51
CA ALA T 117 15.91 -0.87 -92.48
C ALA T 117 16.62 -0.54 -91.17
N ARG T 118 16.84 0.75 -90.90
CA ARG T 118 17.48 1.15 -89.65
C ARG T 118 16.53 1.01 -88.46
N ALA T 119 15.22 1.02 -88.70
CA ALA T 119 14.28 0.84 -87.60
C ALA T 119 14.46 -0.51 -86.94
N VAL T 120 14.63 -1.56 -87.75
CA VAL T 120 14.84 -2.89 -87.18
C VAL T 120 16.12 -2.92 -86.36
N LEU T 121 17.19 -2.30 -86.87
CA LEU T 121 18.45 -2.28 -86.14
C LEU T 121 18.31 -1.60 -84.80
N GLU T 122 17.69 -0.41 -84.79
CA GLU T 122 17.56 0.33 -83.53
C GLU T 122 16.63 -0.39 -82.56
N LEU T 123 15.55 -0.99 -83.08
CA LEU T 123 14.66 -1.75 -82.20
C LEU T 123 15.36 -2.97 -81.62
N ARG T 124 16.21 -3.64 -82.42
CA ARG T 124 17.01 -4.73 -81.88
C ARG T 124 17.92 -4.26 -80.76
N GLU T 125 18.59 -3.12 -80.97
CA GLU T 125 19.47 -2.59 -79.93
C GLU T 125 18.68 -2.29 -78.66
N ALA T 126 17.54 -1.63 -78.79
CA ALA T 126 16.73 -1.28 -77.63
C ALA T 126 16.24 -2.53 -76.90
N ALA T 127 15.69 -3.48 -77.65
CA ALA T 127 15.23 -4.72 -77.04
C ALA T 127 16.38 -5.47 -76.36
N ARG T 128 17.60 -5.33 -76.87
CA ARG T 128 18.74 -5.96 -76.20
C ARG T 128 19.03 -5.29 -74.87
N LEU T 129 19.18 -3.95 -74.89
CA LEU T 129 19.68 -3.26 -73.71
C LEU T 129 18.70 -3.36 -72.53
N ARG T 130 17.39 -3.28 -72.78
CA ARG T 130 16.38 -3.49 -71.74
C ARG T 130 15.39 -4.51 -72.26
N PRO T 131 15.64 -5.80 -72.01
CA PRO T 131 14.84 -6.84 -72.67
C PRO T 131 13.42 -6.96 -72.17
N THR T 132 13.18 -6.81 -70.87
CA THR T 132 11.87 -7.14 -70.31
C THR T 132 10.77 -6.20 -70.80
N GLU T 133 11.12 -5.11 -71.49
CA GLU T 133 10.12 -4.17 -71.94
C GLU T 133 9.24 -4.80 -73.02
N SER T 134 7.99 -5.12 -72.65
CA SER T 134 7.06 -5.73 -73.60
C SER T 134 6.84 -4.83 -74.82
N ARG T 135 6.73 -3.53 -74.58
CA ARG T 135 6.53 -2.58 -75.67
C ARG T 135 7.68 -2.67 -76.69
N PHE T 136 8.92 -2.70 -76.22
CA PHE T 136 10.07 -2.81 -77.12
C PHE T 136 10.00 -4.11 -77.92
N ARG T 137 9.69 -5.22 -77.27
CA ARG T 137 9.64 -6.51 -77.97
C ARG T 137 8.54 -6.52 -79.02
N ASN T 138 7.37 -5.99 -78.68
CA ASN T 138 6.27 -5.99 -79.64
C ASN T 138 6.51 -5.03 -80.81
N ASP T 139 7.27 -3.96 -80.58
CA ASP T 139 7.64 -3.08 -81.69
C ASP T 139 8.71 -3.72 -82.56
N LEU T 140 9.71 -4.35 -81.95
CA LEU T 140 10.77 -5.01 -82.72
C LEU T 140 10.21 -6.15 -83.56
N GLY T 141 9.23 -6.89 -83.01
CA GLY T 141 8.63 -7.95 -83.80
C GLY T 141 7.92 -7.43 -85.03
N VAL T 142 7.18 -6.33 -84.89
CA VAL T 142 6.52 -5.72 -86.04
C VAL T 142 7.55 -5.23 -87.04
N ALA T 143 8.63 -4.62 -86.57
CA ALA T 143 9.68 -4.16 -87.47
C ALA T 143 10.28 -5.33 -88.25
N LEU T 144 10.56 -6.44 -87.57
CA LEU T 144 11.09 -7.62 -88.25
C LEU T 144 10.09 -8.15 -89.28
N LEU T 145 8.83 -8.27 -88.88
CA LEU T 145 7.80 -8.76 -89.79
C LEU T 145 7.74 -7.89 -91.06
N LYS T 146 7.81 -6.57 -90.89
CA LYS T 146 7.88 -5.69 -92.05
C LYS T 146 9.16 -5.94 -92.86
N ARG T 147 10.28 -6.17 -92.17
CA ARG T 147 11.56 -6.33 -92.87
C ARG T 147 11.72 -7.71 -93.49
N GLY T 148 10.97 -8.72 -93.04
CA GLY T 148 10.96 -10.02 -93.66
C GLY T 148 11.57 -11.15 -92.84
N ASP T 149 12.21 -10.85 -91.72
CA ASP T 149 12.75 -11.89 -90.85
C ASP T 149 11.60 -12.51 -90.05
N ARG T 150 10.86 -13.38 -90.74
CA ARG T 150 9.65 -13.95 -90.16
C ARG T 150 9.96 -14.81 -88.92
N VAL T 151 11.05 -15.57 -88.95
CA VAL T 151 11.39 -16.38 -87.78
C VAL T 151 11.78 -15.47 -86.62
N GLY T 152 12.61 -14.46 -86.89
CA GLY T 152 12.94 -13.50 -85.84
C GLY T 152 11.74 -12.71 -85.38
N ALA T 153 10.84 -12.36 -86.30
CA ALA T 153 9.62 -11.67 -85.92
C ALA T 153 8.76 -12.54 -85.01
N ARG T 154 8.68 -13.83 -85.30
CA ARG T 154 7.96 -14.76 -84.43
C ARG T 154 8.62 -14.82 -83.06
N PHE T 155 9.95 -14.89 -83.02
CA PHE T 155 10.68 -14.87 -81.76
C PHE T 155 10.29 -13.64 -80.93
N GLU T 156 10.36 -12.46 -81.54
CA GLU T 156 10.11 -11.22 -80.81
C GLU T 156 8.65 -11.10 -80.40
N PHE T 157 7.73 -11.48 -81.28
CA PHE T 157 6.31 -11.44 -80.93
C PHE T 157 6.00 -12.38 -79.79
N ILE T 158 6.60 -13.57 -79.79
CA ILE T 158 6.38 -14.50 -78.68
C ILE T 158 6.95 -13.94 -77.39
N THR T 159 8.13 -13.31 -77.46
CA THR T 159 8.68 -12.68 -76.26
C THR T 159 7.71 -11.64 -75.71
N ALA T 160 7.21 -10.77 -76.58
CA ALA T 160 6.28 -9.72 -76.14
C ALA T 160 5.00 -10.33 -75.57
N LEU T 161 4.43 -11.32 -76.25
CA LEU T 161 3.19 -11.92 -75.81
C LEU T 161 3.36 -12.65 -74.48
N GLU T 162 4.53 -13.24 -74.24
CA GLU T 162 4.79 -13.89 -72.96
C GLU T 162 5.00 -12.87 -71.85
N LEU T 163 5.72 -11.78 -72.16
CA LEU T 163 5.94 -10.75 -71.14
C LEU T 163 4.61 -10.19 -70.64
N GLN T 164 3.75 -9.77 -71.55
CA GLN T 164 2.46 -9.23 -71.18
C GLN T 164 1.55 -10.34 -70.67
N GLN T 165 0.69 -9.99 -69.70
CA GLN T 165 -0.21 -10.96 -69.06
C GLN T 165 -1.32 -11.33 -70.04
N GLY T 166 -0.97 -12.21 -70.98
CA GLY T 166 -1.89 -12.63 -72.02
C GLY T 166 -1.82 -11.81 -73.29
N GLY T 167 -1.45 -10.54 -73.19
CA GLY T 167 -1.28 -9.70 -74.36
C GLY T 167 -2.58 -9.23 -74.98
N LYS T 168 -2.57 -8.01 -75.51
CA LYS T 168 -3.66 -7.50 -76.34
C LYS T 168 -3.17 -7.20 -77.75
N LEU T 169 -2.12 -6.40 -77.88
CA LEU T 169 -1.50 -6.17 -79.18
C LEU T 169 -0.62 -7.36 -79.55
N PRO T 170 0.21 -7.87 -78.63
CA PRO T 170 1.03 -9.05 -78.96
C PRO T 170 0.26 -10.25 -79.48
N ALA T 171 -0.90 -10.53 -78.88
CA ALA T 171 -1.64 -11.74 -79.26
C ALA T 171 -2.06 -11.68 -80.72
N THR T 172 -2.64 -10.56 -81.14
CA THR T 172 -3.00 -10.41 -82.54
C THR T 172 -1.80 -10.12 -83.43
N ASN T 173 -0.68 -9.69 -82.84
CA ASN T 173 0.56 -9.53 -83.60
C ASN T 173 1.15 -10.88 -83.99
N LEU T 174 0.93 -11.91 -83.19
CA LEU T 174 1.31 -13.26 -83.58
C LEU T 174 0.22 -13.96 -84.39
N LEU T 175 -1.05 -13.65 -84.12
CA LEU T 175 -2.13 -14.21 -84.93
C LEU T 175 -2.02 -13.77 -86.39
N GLY T 176 -1.79 -12.47 -86.62
CA GLY T 176 -1.65 -11.98 -87.99
C GLY T 176 -0.39 -12.48 -88.66
N LEU T 177 0.68 -12.67 -87.90
CA LEU T 177 1.87 -13.31 -88.45
C LEU T 177 1.55 -14.73 -88.90
N LEU T 178 0.82 -15.47 -88.09
CA LEU T 178 0.38 -16.82 -88.48
C LEU T 178 -0.48 -16.76 -89.74
N TYR T 179 -1.42 -15.81 -89.78
CA TYR T 179 -2.27 -15.66 -90.97
C TYR T 179 -1.43 -15.40 -92.21
N LEU T 180 -0.47 -14.47 -92.11
CA LEU T 180 0.47 -14.26 -93.22
C LEU T 180 1.20 -15.54 -93.58
N GLN T 181 1.48 -16.39 -92.59
CA GLN T 181 2.15 -17.66 -92.84
C GLN T 181 1.20 -18.78 -93.23
N GLY T 182 -0.11 -18.57 -93.13
CA GLY T 182 -1.08 -19.51 -93.65
C GLY T 182 -1.44 -20.65 -92.73
N ASP T 183 -0.84 -20.74 -91.54
CA ASP T 183 -1.19 -21.80 -90.60
C ASP T 183 -2.53 -21.52 -89.95
N ARG T 184 -3.61 -21.71 -90.71
CA ARG T 184 -4.94 -21.34 -90.22
C ARG T 184 -5.32 -22.13 -88.97
N GLU T 185 -5.01 -23.42 -88.93
CA GLU T 185 -5.40 -24.21 -87.77
C GLU T 185 -4.54 -23.87 -86.55
N ASP T 186 -3.27 -23.52 -86.73
CA ASP T 186 -2.49 -23.00 -85.61
C ASP T 186 -3.06 -21.68 -85.12
N ALA T 187 -3.46 -20.82 -86.05
CA ALA T 187 -4.12 -19.58 -85.66
C ALA T 187 -5.38 -19.86 -84.85
N GLN T 188 -6.17 -20.86 -85.27
CA GLN T 188 -7.37 -21.23 -84.54
C GLN T 188 -7.04 -21.80 -83.17
N ARG T 189 -5.96 -22.58 -83.08
CA ARG T 189 -5.44 -23.00 -81.79
C ARG T 189 -5.22 -21.80 -80.88
N LEU T 190 -4.62 -20.74 -81.42
CA LEU T 190 -4.43 -19.54 -80.60
C LEU T 190 -5.75 -18.85 -80.30
N ILE T 191 -6.70 -18.87 -81.25
CA ILE T 191 -8.02 -18.31 -80.98
C ILE T 191 -8.63 -18.97 -79.74
N GLU T 192 -8.54 -20.30 -79.69
CA GLU T 192 -9.07 -21.02 -78.53
C GLU T 192 -8.29 -20.71 -77.27
N ARG T 193 -6.96 -20.79 -77.34
CA ARG T 193 -6.14 -20.63 -76.15
C ARG T 193 -6.27 -19.22 -75.58
N LEU T 194 -5.99 -18.19 -76.39
CA LEU T 194 -6.13 -16.81 -75.96
C LEU T 194 -7.57 -16.44 -75.67
N GLN T 195 -8.54 -17.21 -76.18
CA GLN T 195 -9.96 -16.87 -76.08
C GLN T 195 -10.26 -15.58 -76.84
N LEU T 196 -9.70 -15.45 -78.04
CA LEU T 196 -9.93 -14.28 -78.86
C LEU T 196 -11.40 -14.18 -79.27
N ASP T 197 -11.83 -12.95 -79.51
CA ASP T 197 -13.19 -12.65 -79.94
C ASP T 197 -13.20 -12.09 -81.36
N ALA T 198 -14.33 -12.24 -82.03
CA ALA T 198 -14.45 -11.73 -83.40
C ALA T 198 -14.16 -10.24 -83.46
N ARG T 199 -14.52 -9.49 -82.40
CA ARG T 199 -14.17 -8.08 -82.34
C ARG T 199 -12.67 -7.86 -82.54
N ASP T 200 -11.86 -8.83 -82.11
CA ASP T 200 -10.43 -8.80 -82.37
C ASP T 200 -10.03 -9.55 -83.63
N ILE T 201 -10.86 -10.49 -84.10
CA ILE T 201 -10.55 -11.18 -85.34
C ILE T 201 -10.59 -10.22 -86.53
N ARG T 202 -11.55 -9.28 -86.52
CA ARG T 202 -11.60 -8.30 -87.60
C ARG T 202 -10.31 -7.48 -87.65
N ALA T 203 -9.88 -6.95 -86.50
CA ALA T 203 -8.63 -6.22 -86.47
C ALA T 203 -7.45 -7.11 -86.81
N ALA T 204 -7.53 -8.40 -86.46
CA ALA T 204 -6.44 -9.32 -86.79
C ALA T 204 -6.29 -9.45 -88.30
N GLU T 205 -7.38 -9.67 -89.02
CA GLU T 205 -7.27 -9.75 -90.47
C GLU T 205 -6.84 -8.42 -91.06
N ALA T 206 -7.33 -7.31 -90.50
CA ALA T 206 -6.93 -5.99 -90.99
C ALA T 206 -5.42 -5.81 -90.88
N ARG T 207 -4.86 -6.14 -89.71
CA ARG T 207 -3.41 -5.97 -89.54
C ARG T 207 -2.63 -6.99 -90.35
N ALA T 208 -3.17 -8.19 -90.53
CA ALA T 208 -2.52 -9.17 -91.40
C ALA T 208 -2.40 -8.60 -92.82
N ARG T 209 -3.45 -7.96 -93.31
CA ARG T 209 -3.35 -7.25 -94.58
C ARG T 209 -2.32 -6.13 -94.48
N SER T 210 -2.32 -5.40 -93.36
CA SER T 210 -1.37 -4.30 -93.19
C SER T 210 0.07 -4.79 -93.35
N TRP T 211 0.42 -5.87 -92.65
CA TRP T 211 1.76 -6.42 -92.78
C TRP T 211 1.99 -6.91 -94.20
N GLY T 212 3.20 -6.67 -94.72
CA GLY T 212 3.55 -7.07 -96.07
C GLY T 212 3.45 -5.91 -97.04
N PRO U 131 -31.24 12.28 -54.50
CA PRO U 131 -30.14 11.77 -53.70
C PRO U 131 -30.49 11.62 -52.22
N ASN U 132 -29.94 10.59 -51.57
CA ASN U 132 -30.19 10.33 -50.16
C ASN U 132 -28.90 10.37 -49.34
N GLN U 133 -27.84 10.96 -49.89
CA GLN U 133 -26.55 11.04 -49.22
C GLN U 133 -26.10 12.49 -49.17
N VAL U 134 -25.50 12.87 -48.03
CA VAL U 134 -25.22 14.27 -47.72
C VAL U 134 -23.72 14.43 -47.50
N GLN U 135 -23.14 15.44 -48.14
CA GLN U 135 -21.79 15.88 -47.86
C GLN U 135 -21.87 17.19 -47.09
N THR U 136 -21.25 17.22 -45.91
CA THR U 136 -21.31 18.37 -45.02
C THR U 136 -19.95 19.05 -44.99
N ASP U 137 -19.93 20.34 -45.29
CA ASP U 137 -18.71 21.13 -45.31
C ASP U 137 -18.70 22.07 -44.11
N ILE U 138 -17.65 21.98 -43.31
CA ILE U 138 -17.45 22.84 -42.15
C ILE U 138 -16.36 23.85 -42.48
N ARG U 139 -16.51 25.07 -41.98
CA ARG U 139 -15.53 26.12 -42.20
C ARG U 139 -15.30 26.84 -40.88
N PHE U 140 -14.08 26.73 -40.36
CA PHE U 140 -13.72 27.30 -39.07
C PHE U 140 -12.56 28.28 -39.25
N VAL U 141 -12.68 29.43 -38.61
CA VAL U 141 -11.66 30.47 -38.66
C VAL U 141 -11.51 31.07 -37.27
N GLU U 142 -10.25 31.27 -36.85
CA GLU U 142 -9.96 31.94 -35.60
C GLU U 142 -8.80 32.90 -35.81
N VAL U 143 -8.97 34.13 -35.33
CA VAL U 143 -7.92 35.14 -35.35
C VAL U 143 -7.77 35.70 -33.95
N SER U 144 -6.54 35.80 -33.48
CA SER U 144 -6.28 36.32 -32.14
C SER U 144 -5.03 37.17 -32.17
N ARG U 145 -5.04 38.22 -31.36
CA ARG U 145 -3.90 39.13 -31.24
C ARG U 145 -3.65 39.39 -29.76
N SER U 146 -2.40 39.71 -29.44
CA SER U 146 -2.01 39.97 -28.07
C SER U 146 -0.90 41.01 -28.05
N LYS U 147 -0.79 41.70 -26.92
CA LYS U 147 0.29 42.65 -26.68
C LYS U 147 0.74 42.51 -25.24
N LEU U 148 1.99 42.91 -24.98
CA LEU U 148 2.59 42.75 -23.67
C LEU U 148 3.63 43.85 -23.47
N LYS U 149 3.58 44.50 -22.31
CA LYS U 149 4.56 45.52 -21.96
C LYS U 149 4.94 45.35 -20.49
N GLN U 150 6.16 45.75 -20.17
CA GLN U 150 6.65 45.72 -18.79
C GLN U 150 7.92 46.55 -18.71
N ALA U 151 8.22 47.04 -17.51
CA ALA U 151 9.42 47.82 -17.30
C ALA U 151 9.71 47.91 -15.81
N SER U 152 10.99 47.85 -15.46
CA SER U 152 11.41 47.96 -14.06
C SER U 152 12.89 48.34 -14.05
N THR U 153 13.33 48.92 -12.94
CA THR U 153 14.69 49.39 -12.81
C THR U 153 15.17 49.21 -11.38
N SER U 154 16.45 48.90 -11.23
CA SER U 154 17.09 48.77 -9.93
C SER U 154 18.54 49.19 -10.07
N PHE U 155 19.15 49.57 -8.94
CA PHE U 155 20.53 50.02 -8.96
C PHE U 155 21.15 49.86 -7.58
N VAL U 156 22.47 49.93 -7.54
CA VAL U 156 23.25 49.87 -6.31
C VAL U 156 24.41 50.84 -6.42
N ARG U 157 24.86 51.33 -5.27
CA ARG U 157 26.01 52.23 -5.21
C ARG U 157 26.88 51.83 -4.03
N ARG U 158 28.16 52.19 -4.11
CA ARG U 158 29.15 51.74 -3.16
C ARG U 158 30.14 52.86 -2.87
N GLY U 159 30.96 52.67 -1.83
CA GLY U 159 32.01 53.60 -1.48
C GLY U 159 31.64 54.49 -0.33
N GLY U 160 32.12 54.15 0.87
CA GLY U 160 31.79 54.94 2.05
C GLY U 160 30.33 54.79 2.40
N ASN U 161 29.48 55.37 1.56
CA ASN U 161 28.05 55.19 1.64
C ASN U 161 27.63 53.92 0.90
N LEU U 162 26.36 53.55 1.06
CA LEU U 162 25.79 52.44 0.32
C LEU U 162 24.32 52.75 0.08
N TRP U 163 23.88 52.59 -1.16
CA TRP U 163 22.48 52.81 -1.53
C TRP U 163 21.98 51.63 -2.34
N VAL U 164 20.70 51.33 -2.18
CA VAL U 164 20.06 50.25 -2.93
C VAL U 164 18.62 50.65 -3.18
N LEU U 165 18.12 50.35 -4.38
CA LEU U 165 16.72 50.53 -4.72
C LEU U 165 16.30 49.31 -5.53
N GLY U 166 15.57 48.40 -4.89
CA GLY U 166 15.11 47.19 -5.53
C GLY U 166 13.66 47.29 -5.92
N ALA U 167 13.39 47.13 -7.22
CA ALA U 167 12.03 47.14 -7.70
C ALA U 167 11.28 45.90 -7.20
N PRO U 168 9.95 45.95 -7.20
CA PRO U 168 9.18 44.82 -6.64
C PRO U 168 9.62 43.48 -7.19
N GLY U 169 10.05 42.58 -6.29
CA GLY U 169 10.47 41.25 -6.67
C GLY U 169 11.89 41.14 -7.22
N SER U 170 12.64 42.23 -7.25
CA SER U 170 13.97 42.23 -7.84
C SER U 170 15.07 41.88 -6.83
N LEU U 171 14.93 42.33 -5.59
CA LEU U 171 15.98 42.23 -4.59
C LEU U 171 15.87 41.00 -3.70
N GLY U 172 14.91 40.12 -3.95
CA GLY U 172 14.70 38.98 -3.08
C GLY U 172 15.87 38.01 -3.03
N ASP U 173 16.80 38.11 -4.00
CA ASP U 173 17.88 37.14 -4.09
C ASP U 173 19.00 37.40 -3.08
N ILE U 174 19.02 38.56 -2.44
CA ILE U 174 20.20 39.04 -1.73
C ILE U 174 19.86 39.30 -0.27
N LYS U 175 20.82 38.99 0.60
CA LYS U 175 20.77 39.35 2.01
C LYS U 175 22.03 40.14 2.35
N VAL U 176 21.91 41.09 3.27
CA VAL U 176 23.01 41.94 3.68
C VAL U 176 23.52 41.46 5.02
N ASN U 177 24.83 41.56 5.23
CA ASN U 177 25.45 41.00 6.42
C ASN U 177 25.11 41.82 7.65
N ALA U 178 25.43 41.25 8.82
CA ALA U 178 25.07 41.88 10.09
C ALA U 178 25.77 43.22 10.27
N ASP U 179 27.03 43.33 9.85
CA ASP U 179 27.83 44.52 10.11
C ASP U 179 27.66 45.59 9.03
N GLY U 180 26.84 45.35 8.01
CA GLY U 180 26.55 46.36 7.02
C GLY U 180 27.72 46.75 6.15
N SER U 181 28.73 45.89 6.02
CA SER U 181 29.89 46.21 5.19
C SER U 181 29.63 45.98 3.71
N GLY U 182 28.59 45.25 3.35
CA GLY U 182 28.30 44.98 1.96
C GLY U 182 27.24 43.91 1.82
N LEU U 183 26.74 43.78 0.59
CA LEU U 183 25.74 42.76 0.30
C LEU U 183 26.37 41.38 0.28
N GLY U 184 25.53 40.37 0.53
CA GLY U 184 26.01 39.00 0.62
C GLY U 184 25.27 38.03 -0.29
N GLY U 185 24.79 38.51 -1.45
CA GLY U 185 24.08 37.67 -2.37
C GLY U 185 24.37 38.05 -3.81
N THR U 186 23.89 37.23 -4.72
CA THR U 186 24.08 37.41 -6.16
C THR U 186 22.77 37.86 -6.79
N PHE U 187 22.84 38.88 -7.63
CA PHE U 187 21.65 39.40 -8.30
C PHE U 187 21.17 38.44 -9.38
N GLY U 188 19.85 38.38 -9.57
CA GLY U 188 19.24 37.61 -10.61
C GLY U 188 18.73 38.46 -11.75
N THR U 189 18.03 37.79 -12.68
CA THR U 189 17.51 38.44 -13.87
C THR U 189 16.06 38.04 -14.09
N GLY U 190 15.26 39.00 -14.57
CA GLY U 190 13.90 38.67 -15.00
C GLY U 190 13.93 37.88 -16.29
N SER U 191 13.19 36.77 -16.31
CA SER U 191 13.28 35.84 -17.43
C SER U 191 12.56 36.37 -18.68
N SER U 192 11.39 36.99 -18.50
CA SER U 192 10.47 37.18 -19.61
C SER U 192 10.90 38.27 -20.60
N GLY U 193 11.70 39.24 -20.17
CA GLY U 193 11.99 40.40 -20.99
C GLY U 193 13.47 40.60 -21.20
N PHE U 194 13.79 41.58 -22.06
CA PHE U 194 15.17 41.97 -22.27
C PHE U 194 15.78 42.47 -20.96
N ASN U 195 16.96 41.95 -20.63
CA ASN U 195 17.68 42.35 -19.43
C ASN U 195 18.92 43.13 -19.83
N LEU U 196 19.02 44.37 -19.35
CA LEU U 196 20.20 45.20 -19.56
C LEU U 196 20.85 45.48 -18.22
N ILE U 197 22.17 45.36 -18.18
CA ILE U 197 22.95 45.59 -16.97
C ILE U 197 24.07 46.55 -17.29
N PHE U 198 24.53 47.26 -16.26
CA PHE U 198 25.63 48.20 -16.39
C PHE U 198 26.42 48.22 -15.09
N GLY U 199 27.65 47.71 -15.14
CA GLY U 199 28.58 47.89 -14.05
C GLY U 199 29.52 49.04 -14.35
N GLY U 200 29.55 50.03 -13.47
CA GLY U 200 30.33 51.23 -13.68
C GLY U 200 31.24 51.56 -12.52
N GLY U 201 31.81 50.53 -11.91
CA GLY U 201 32.65 50.71 -10.74
C GLY U 201 31.82 50.74 -9.47
N LYS U 202 31.64 51.93 -8.91
CA LYS U 202 30.74 52.08 -7.76
C LYS U 202 29.31 51.80 -8.16
N TRP U 203 28.85 52.41 -9.26
CA TRP U 203 27.48 52.22 -9.71
C TRP U 203 27.27 50.82 -10.26
N LEU U 204 26.06 50.30 -10.06
CA LEU U 204 25.63 49.05 -10.66
C LEU U 204 24.12 49.11 -10.83
N SER U 205 23.64 48.84 -12.04
CA SER U 205 22.24 49.03 -12.37
C SER U 205 21.73 47.86 -13.21
N PHE U 206 20.42 47.64 -13.14
CA PHE U 206 19.75 46.62 -13.91
C PHE U 206 18.45 47.19 -14.44
N MET U 207 18.05 46.75 -15.63
CA MET U 207 16.82 47.21 -16.26
C MET U 207 16.18 46.05 -17.01
N ASN U 208 14.89 45.85 -16.78
CA ASN U 208 14.10 44.86 -17.50
C ASN U 208 13.01 45.60 -18.26
N ALA U 209 12.88 45.32 -19.56
CA ALA U 209 11.88 45.99 -20.38
C ALA U 209 11.46 45.07 -21.50
N LEU U 210 10.26 45.32 -22.01
CA LEU U 210 9.72 44.53 -23.12
C LEU U 210 8.45 45.20 -23.63
N GLU U 211 8.30 45.25 -24.94
CA GLU U 211 7.02 45.54 -25.56
C GLU U 211 6.88 44.57 -26.74
N GLY U 212 6.01 43.57 -26.60
CA GLY U 212 5.89 42.53 -27.59
C GLY U 212 4.44 42.32 -28.00
N SER U 213 4.28 41.74 -29.18
CA SER U 213 2.97 41.49 -29.75
C SER U 213 2.98 40.13 -30.43
N GLY U 214 1.80 39.54 -30.52
CA GLY U 214 1.66 38.23 -31.15
C GLY U 214 0.44 38.20 -32.05
N PHE U 215 0.52 37.32 -33.04
CA PHE U 215 -0.57 37.12 -33.98
C PHE U 215 -0.71 35.63 -34.25
N ALA U 216 -1.95 35.15 -34.29
CA ALA U 216 -2.23 33.74 -34.54
C ALA U 216 -3.42 33.64 -35.46
N TYR U 217 -3.36 32.67 -36.38
CA TYR U 217 -4.41 32.45 -37.36
C TYR U 217 -4.60 30.95 -37.54
N THR U 218 -5.86 30.55 -37.67
CA THR U 218 -6.21 29.14 -37.83
C THR U 218 -7.35 29.01 -38.83
N LEU U 219 -7.26 27.99 -39.68
CA LEU U 219 -8.28 27.71 -40.68
C LEU U 219 -8.41 26.21 -40.84
N ALA U 220 -9.65 25.72 -40.88
CA ALA U 220 -9.90 24.30 -41.04
C ALA U 220 -11.19 24.12 -41.82
N ARG U 221 -11.15 23.26 -42.84
CA ARG U 221 -12.29 23.01 -43.71
C ARG U 221 -12.51 21.51 -43.88
N PRO U 222 -12.85 20.81 -42.81
CA PRO U 222 -13.12 19.39 -42.93
C PRO U 222 -14.41 19.13 -43.70
N SER U 223 -14.44 17.98 -44.38
CA SER U 223 -15.62 17.53 -45.11
C SER U 223 -15.86 16.06 -44.79
N LEU U 224 -17.12 15.65 -44.88
CA LEU U 224 -17.49 14.30 -44.50
C LEU U 224 -18.80 13.93 -45.17
N VAL U 225 -18.88 12.70 -45.68
CA VAL U 225 -20.06 12.20 -46.37
C VAL U 225 -20.70 11.13 -45.52
N ALA U 226 -22.03 11.07 -45.56
CA ALA U 226 -22.77 10.07 -44.82
C ALA U 226 -24.15 9.91 -45.42
N MET U 227 -24.69 8.70 -45.32
CA MET U 227 -26.03 8.44 -45.77
C MET U 227 -27.05 9.01 -44.79
N SER U 228 -28.25 9.28 -45.31
CA SER U 228 -29.29 9.88 -44.49
C SER U 228 -29.61 8.98 -43.29
N GLY U 229 -29.64 9.59 -42.11
CA GLY U 229 -29.97 8.88 -40.89
C GLY U 229 -28.83 8.11 -40.26
N GLN U 230 -27.64 8.14 -40.84
CA GLN U 230 -26.50 7.39 -40.35
C GLN U 230 -25.48 8.34 -39.74
N SER U 231 -24.95 7.96 -38.57
CA SER U 231 -23.94 8.76 -37.91
C SER U 231 -22.58 8.60 -38.60
N ALA U 232 -21.74 9.62 -38.46
CA ALA U 232 -20.41 9.60 -39.05
C ALA U 232 -19.46 10.35 -38.13
N SER U 233 -18.17 10.02 -38.24
CA SER U 233 -17.15 10.61 -37.40
C SER U 233 -15.87 10.81 -38.22
N PHE U 234 -15.07 11.77 -37.79
CA PHE U 234 -13.83 12.10 -38.47
C PHE U 234 -12.83 12.62 -37.45
N LEU U 235 -11.57 12.21 -37.60
CA LEU U 235 -10.49 12.66 -36.74
C LEU U 235 -9.26 12.91 -37.59
N ALA U 236 -8.54 13.99 -37.29
CA ALA U 236 -7.34 14.35 -38.04
C ALA U 236 -6.22 14.83 -37.14
N GLY U 237 -6.25 14.55 -35.84
CA GLY U 237 -5.22 15.00 -34.94
C GLY U 237 -4.35 13.88 -34.42
N GLY U 238 -4.61 13.44 -33.19
CA GLY U 238 -3.81 12.39 -32.61
C GLY U 238 -4.34 12.02 -31.24
N GLU U 239 -3.57 11.19 -30.55
CA GLU U 239 -3.91 10.73 -29.21
C GLU U 239 -2.65 10.69 -28.37
N PHE U 240 -2.73 11.22 -27.15
CA PHE U 240 -1.63 11.23 -26.21
C PHE U 240 -2.01 10.45 -24.97
N PRO U 241 -1.03 9.92 -24.22
CA PRO U 241 -1.32 9.04 -23.08
C PRO U 241 -2.16 9.73 -22.00
N TYR U 256 -6.15 7.00 -23.47
CA TYR U 256 -5.64 8.01 -24.39
C TYR U 256 -6.71 9.05 -24.71
N LYS U 257 -6.29 10.30 -24.84
CA LYS U 257 -7.18 11.43 -25.07
C LYS U 257 -6.92 12.00 -26.45
N GLU U 258 -7.99 12.22 -27.21
CA GLU U 258 -7.88 12.70 -28.57
C GLU U 258 -7.73 14.22 -28.60
N PHE U 259 -7.27 14.72 -29.74
CA PHE U 259 -7.19 16.15 -29.99
C PHE U 259 -7.07 16.36 -31.51
N GLY U 260 -6.94 17.61 -31.91
CA GLY U 260 -6.91 17.95 -33.31
C GLY U 260 -8.31 18.11 -33.89
N ILE U 261 -8.34 18.24 -35.22
CA ILE U 261 -9.61 18.40 -35.92
C ILE U 261 -10.48 17.18 -35.67
N ARG U 262 -11.67 17.40 -35.12
CA ARG U 262 -12.64 16.34 -34.92
C ARG U 262 -13.99 16.80 -35.45
N LEU U 263 -14.82 15.84 -35.85
CA LEU U 263 -16.13 16.16 -36.39
C LEU U 263 -17.02 14.94 -36.29
N THR U 264 -18.13 15.08 -35.57
CA THR U 264 -19.18 14.07 -35.51
C THR U 264 -20.49 14.71 -35.95
N LEU U 265 -21.22 14.03 -36.82
CA LEU U 265 -22.45 14.60 -37.37
C LEU U 265 -23.39 13.47 -37.76
N THR U 266 -24.64 13.86 -38.01
CA THR U 266 -25.70 12.91 -38.35
C THR U 266 -26.75 13.60 -39.21
N PRO U 267 -26.62 13.56 -40.54
CA PRO U 267 -27.56 14.27 -41.41
C PRO U 267 -28.81 13.46 -41.72
N THR U 268 -29.96 14.15 -41.65
CA THR U 268 -31.25 13.56 -41.98
C THR U 268 -31.88 14.39 -43.08
N VAL U 269 -32.21 13.75 -44.20
CA VAL U 269 -32.87 14.42 -45.32
C VAL U 269 -34.37 14.20 -45.17
N MET U 270 -35.10 15.29 -44.99
CA MET U 270 -36.53 15.22 -44.74
C MET U 270 -37.30 15.15 -46.06
N ASN U 271 -38.59 14.81 -45.95
CA ASN U 271 -39.42 14.61 -47.13
C ASN U 271 -39.53 15.87 -47.97
N ASN U 272 -39.30 17.04 -47.39
CA ASN U 272 -39.30 18.29 -48.13
C ASN U 272 -37.94 18.66 -48.69
N ARG U 273 -36.99 17.71 -48.68
CA ARG U 273 -35.65 17.87 -49.21
C ARG U 273 -34.77 18.80 -48.38
N ARG U 274 -35.26 19.26 -47.23
CA ARG U 274 -34.42 20.02 -46.33
C ARG U 274 -33.58 19.08 -45.46
N ILE U 275 -32.42 19.57 -45.05
CA ILE U 275 -31.43 18.76 -44.34
C ILE U 275 -31.40 19.20 -42.88
N ALA U 276 -31.63 18.26 -41.98
CA ALA U 276 -31.52 18.48 -40.55
C ALA U 276 -30.19 17.92 -40.08
N LEU U 277 -29.36 18.78 -39.50
CA LEU U 277 -28.00 18.41 -39.11
C LEU U 277 -27.86 18.40 -37.60
N LYS U 278 -27.42 17.27 -37.06
CA LYS U 278 -26.86 17.19 -35.72
C LYS U 278 -25.34 17.16 -35.88
N VAL U 279 -24.68 18.22 -35.42
CA VAL U 279 -23.27 18.44 -35.75
C VAL U 279 -22.54 18.89 -34.50
N ALA U 280 -21.28 18.46 -34.38
CA ALA U 280 -20.46 18.75 -33.21
C ALA U 280 -19.00 18.86 -33.61
N PRO U 281 -18.60 19.98 -34.21
CA PRO U 281 -17.20 20.16 -34.60
C PRO U 281 -16.30 20.47 -33.42
N GLU U 282 -15.01 20.19 -33.61
CA GLU U 282 -13.99 20.56 -32.64
C GLU U 282 -12.69 20.92 -33.36
N VAL U 283 -11.92 21.80 -32.72
CA VAL U 283 -10.58 22.15 -33.16
C VAL U 283 -9.73 22.34 -31.91
N SER U 284 -8.78 21.45 -31.68
CA SER U 284 -8.00 21.47 -30.46
C SER U 284 -6.53 21.24 -30.77
N GLU U 285 -5.68 21.66 -29.83
CA GLU U 285 -4.24 21.52 -29.98
C GLU U 285 -3.61 21.49 -28.60
N LEU U 286 -2.37 21.02 -28.55
CA LEU U 286 -1.69 20.83 -27.27
C LEU U 286 -1.22 22.16 -26.69
N ASP U 287 -1.37 22.30 -25.38
CA ASP U 287 -0.85 23.44 -24.63
C ASP U 287 -0.07 22.88 -23.44
N TYR U 288 1.15 23.35 -23.27
CA TYR U 288 2.12 22.73 -22.36
C TYR U 288 2.09 23.42 -21.01
N SER U 289 1.56 22.73 -20.00
CA SER U 289 1.57 23.21 -18.63
C SER U 289 1.00 22.10 -17.74
N ALA U 290 1.15 22.28 -16.43
CA ALA U 290 0.55 21.38 -15.44
C ALA U 290 1.20 20.00 -15.46
N GLY U 291 0.69 19.11 -14.60
CA GLY U 291 1.20 17.76 -14.50
C GLY U 291 0.15 16.87 -13.87
N ILE U 292 0.48 15.58 -13.77
CA ILE U 292 -0.46 14.58 -13.26
C ILE U 292 0.34 13.42 -12.66
N GLN U 293 -0.33 12.66 -11.78
CA GLN U 293 0.30 11.53 -11.10
C GLN U 293 -0.39 10.20 -11.41
N SER U 294 -1.43 10.21 -12.24
CA SER U 294 -2.19 9.00 -12.54
C SER U 294 -2.66 9.07 -13.98
N GLY U 295 -2.56 7.95 -14.69
CA GLY U 295 -2.94 7.92 -16.09
C GLY U 295 -2.03 8.71 -17.01
N GLY U 296 -0.89 9.16 -16.53
CA GLY U 296 0.02 9.94 -17.34
C GLY U 296 1.06 10.61 -16.48
N VAL U 297 1.95 11.34 -17.17
CA VAL U 297 3.01 12.10 -16.51
C VAL U 297 3.25 13.38 -17.30
N ALA U 298 3.38 14.50 -16.59
CA ALA U 298 3.68 15.80 -17.21
C ALA U 298 2.79 16.04 -18.42
N VAL U 299 1.56 15.52 -18.38
CA VAL U 299 0.69 15.57 -19.56
C VAL U 299 0.38 17.03 -19.88
N PRO U 300 0.34 17.44 -21.14
CA PRO U 300 0.04 18.83 -21.47
C PRO U 300 -1.45 19.12 -21.40
N ALA U 301 -1.76 20.42 -21.47
CA ALA U 301 -3.13 20.87 -21.52
C ALA U 301 -3.59 21.02 -22.98
N LEU U 302 -4.87 21.30 -23.16
CA LEU U 302 -5.46 21.46 -24.47
C LEU U 302 -6.05 22.85 -24.63
N ARG U 303 -5.82 23.45 -25.81
CA ARG U 303 -6.50 24.66 -26.23
C ARG U 303 -7.65 24.24 -27.15
N VAL U 304 -8.88 24.37 -26.67
CA VAL U 304 -10.03 23.73 -27.28
C VAL U 304 -11.04 24.78 -27.75
N ARG U 305 -11.56 24.59 -28.95
CA ARG U 305 -12.66 25.37 -29.49
C ARG U 305 -13.64 24.39 -30.13
N ARG U 306 -14.82 24.23 -29.53
CA ARG U 306 -15.79 23.25 -29.98
C ARG U 306 -17.19 23.81 -29.92
N THR U 307 -18.09 23.18 -30.68
CA THR U 307 -19.49 23.55 -30.71
C THR U 307 -20.33 22.29 -30.87
N ASP U 308 -21.58 22.37 -30.43
CA ASP U 308 -22.53 21.28 -30.57
C ASP U 308 -23.94 21.86 -30.62
N THR U 309 -24.68 21.53 -31.67
CA THR U 309 -26.00 22.13 -31.90
C THR U 309 -26.72 21.30 -32.94
N SER U 310 -28.00 21.62 -33.15
CA SER U 310 -28.82 21.00 -34.17
C SER U 310 -29.54 22.09 -34.96
N VAL U 311 -29.56 21.94 -36.28
CA VAL U 311 -30.10 22.96 -37.18
C VAL U 311 -30.77 22.28 -38.36
N MET U 312 -31.50 23.07 -39.14
CA MET U 312 -32.14 22.63 -40.37
C MET U 312 -31.79 23.60 -41.49
N LEU U 313 -31.36 23.07 -42.64
CA LEU U 313 -31.00 23.88 -43.79
C LEU U 313 -31.49 23.19 -45.05
N ALA U 314 -31.60 23.97 -46.12
CA ALA U 314 -31.87 23.44 -47.45
C ALA U 314 -30.56 23.19 -48.17
N ASP U 315 -30.63 22.34 -49.20
CA ASP U 315 -29.44 21.99 -49.97
C ASP U 315 -28.68 23.23 -50.41
N GLY U 316 -27.45 23.37 -49.93
CA GLY U 316 -26.59 24.47 -50.30
C GLY U 316 -26.63 25.66 -49.36
N GLU U 317 -27.63 25.76 -48.50
CA GLU U 317 -27.71 26.88 -47.57
C GLU U 317 -26.65 26.72 -46.47
N SER U 318 -26.42 27.80 -45.74
CA SER U 318 -25.34 27.86 -44.76
C SER U 318 -25.81 28.57 -43.50
N PHE U 319 -25.10 28.27 -42.40
CA PHE U 319 -25.32 28.92 -41.12
C PHE U 319 -23.99 29.28 -40.50
N VAL U 320 -23.97 30.40 -39.77
CA VAL U 320 -22.92 30.65 -38.80
C VAL U 320 -23.44 30.12 -37.47
N ILE U 321 -23.24 28.82 -37.22
CA ILE U 321 -23.82 28.19 -36.05
C ILE U 321 -23.20 28.73 -34.76
N SER U 322 -22.01 29.31 -34.83
CA SER U 322 -21.35 29.79 -33.63
C SER U 322 -20.39 30.91 -34.01
N GLY U 323 -20.17 31.81 -33.07
CA GLY U 323 -19.25 32.93 -33.26
C GLY U 323 -18.92 33.56 -31.94
N LEU U 324 -17.80 34.27 -31.92
CA LEU U 324 -17.32 34.89 -30.69
C LEU U 324 -16.47 36.09 -31.01
N THR U 325 -16.61 37.13 -30.19
CA THR U 325 -15.67 38.24 -30.12
C THR U 325 -15.32 38.46 -28.67
N SER U 326 -14.03 38.57 -28.37
CA SER U 326 -13.55 38.65 -27.01
C SER U 326 -12.45 39.69 -26.91
N SER U 327 -12.29 40.25 -25.72
CA SER U 327 -11.23 41.21 -25.45
C SER U 327 -10.94 41.22 -23.96
N ASN U 328 -9.66 41.22 -23.63
CA ASN U 328 -9.21 41.24 -22.24
C ASN U 328 -8.09 42.24 -22.09
N SER U 329 -8.10 42.98 -20.99
CA SER U 329 -7.07 43.95 -20.69
C SER U 329 -6.75 43.89 -19.20
N VAL U 330 -5.46 43.87 -18.87
CA VAL U 330 -5.00 43.85 -17.50
C VAL U 330 -3.81 44.79 -17.37
N SER U 331 -3.82 45.61 -16.32
CA SER U 331 -2.78 46.60 -16.12
C SER U 331 -2.46 46.69 -14.63
N ASN U 332 -1.23 47.12 -14.35
CA ASN U 332 -0.78 47.30 -12.98
C ASN U 332 0.40 48.26 -12.97
N VAL U 333 0.42 49.15 -11.99
CA VAL U 333 1.49 50.14 -11.83
C VAL U 333 1.93 50.14 -10.38
N ASP U 334 3.24 50.04 -10.15
CA ASP U 334 3.82 50.14 -8.83
C ASP U 334 4.84 51.28 -8.84
N LYS U 335 4.82 52.10 -7.79
CA LYS U 335 5.65 53.28 -7.74
C LYS U 335 6.13 53.51 -6.32
N PHE U 336 7.30 54.12 -6.20
CA PHE U 336 7.72 54.65 -4.91
C PHE U 336 6.81 55.83 -4.55
N PRO U 337 6.34 55.91 -3.29
CA PRO U 337 5.24 56.84 -2.98
C PRO U 337 5.42 58.26 -3.48
N TRP U 338 6.50 58.93 -3.06
CA TRP U 338 6.69 60.33 -3.42
C TRP U 338 7.48 60.51 -4.71
N LEU U 339 8.54 59.72 -4.91
CA LEU U 339 9.39 59.92 -6.08
C LEU U 339 8.69 59.49 -7.36
N GLY U 340 7.72 58.58 -7.28
CA GLY U 340 7.09 58.06 -8.48
C GLY U 340 6.30 59.09 -9.26
N ASP U 341 5.97 60.23 -8.64
CA ASP U 341 5.18 61.27 -9.28
C ASP U 341 6.03 62.40 -9.85
N ILE U 342 7.35 62.30 -9.79
CA ILE U 342 8.18 63.32 -10.43
C ILE U 342 7.91 63.29 -11.93
N PRO U 343 7.68 64.43 -12.57
CA PRO U 343 7.19 64.39 -13.96
C PRO U 343 8.12 63.70 -14.94
N ILE U 344 9.43 63.77 -14.73
CA ILE U 344 10.42 63.19 -15.64
C ILE U 344 11.13 62.01 -14.99
N LEU U 345 11.81 62.24 -13.87
CA LEU U 345 12.58 61.19 -13.22
C LEU U 345 11.69 60.14 -12.55
N GLY U 346 10.39 60.38 -12.45
CA GLY U 346 9.51 59.41 -11.79
C GLY U 346 9.50 58.06 -12.47
N ALA U 347 9.74 58.02 -13.78
CA ALA U 347 9.70 56.76 -14.51
C ALA U 347 10.67 55.73 -13.93
N PHE U 348 11.81 56.18 -13.41
CA PHE U 348 12.79 55.27 -12.83
C PHE U 348 12.36 54.74 -11.47
N PHE U 349 11.31 55.30 -10.87
CA PHE U 349 10.78 54.83 -9.60
C PHE U 349 9.43 54.13 -9.78
N ARG U 350 9.16 53.61 -10.98
CA ARG U 350 7.90 52.96 -11.28
C ARG U 350 8.15 51.62 -11.95
N SER U 351 7.26 50.66 -11.68
CA SER U 351 7.22 49.39 -12.37
C SER U 351 5.84 49.20 -12.97
N THR U 352 5.79 48.58 -14.15
CA THR U 352 4.57 48.53 -14.93
C THR U 352 4.41 47.17 -15.59
N LYS U 353 3.16 46.83 -15.88
CA LYS U 353 2.81 45.59 -16.55
C LYS U 353 1.51 45.81 -17.31
N LEU U 354 1.46 45.32 -18.53
CA LEU U 354 0.26 45.44 -19.37
C LEU U 354 0.09 44.18 -20.20
N ASP U 355 -1.12 43.65 -20.20
CA ASP U 355 -1.46 42.47 -20.99
C ASP U 355 -2.80 42.71 -21.66
N LYS U 356 -2.83 42.56 -22.99
CA LYS U 356 -4.05 42.74 -23.76
C LYS U 356 -4.20 41.56 -24.72
N ASP U 357 -5.45 41.21 -25.00
CA ASP U 357 -5.74 40.08 -25.87
C ASP U 357 -7.06 40.34 -26.59
N ASP U 358 -7.14 39.84 -27.82
CA ASP U 358 -8.35 39.93 -28.64
C ASP U 358 -8.51 38.63 -29.41
N ARG U 359 -9.75 38.36 -29.81
CA ARG U 359 -10.04 37.08 -30.46
C ARG U 359 -11.33 37.20 -31.25
N GLU U 360 -11.42 36.41 -32.32
CA GLU U 360 -12.61 36.31 -33.13
C GLU U 360 -12.72 34.90 -33.68
N LEU U 361 -13.95 34.39 -33.77
CA LEU U 361 -14.20 33.02 -34.19
C LEU U 361 -15.34 32.97 -35.19
N LEU U 362 -15.35 31.91 -35.98
CA LEU U 362 -16.47 31.60 -36.87
C LEU U 362 -16.51 30.10 -37.10
N MET U 363 -17.71 29.53 -37.02
CA MET U 363 -17.95 28.14 -37.41
C MET U 363 -19.15 28.13 -38.34
N ILE U 364 -18.93 27.65 -39.57
CA ILE U 364 -19.93 27.68 -40.62
C ILE U 364 -20.15 26.27 -41.14
N VAL U 365 -21.41 25.92 -41.37
CA VAL U 365 -21.78 24.60 -41.86
C VAL U 365 -22.51 24.75 -43.18
N THR U 366 -22.31 23.80 -44.08
CA THR U 366 -22.93 23.83 -45.40
C THR U 366 -23.17 22.42 -45.91
N PRO U 367 -24.41 21.94 -45.91
CA PRO U 367 -24.69 20.59 -46.43
C PRO U 367 -25.05 20.60 -47.91
N HIS U 368 -24.55 19.58 -48.61
CA HIS U 368 -24.83 19.37 -50.03
C HIS U 368 -25.34 17.96 -50.26
N LEU U 369 -26.34 17.83 -51.11
CA LEU U 369 -26.76 16.52 -51.59
C LEU U 369 -25.88 16.11 -52.76
N VAL U 370 -25.34 14.89 -52.70
CA VAL U 370 -24.33 14.43 -53.63
C VAL U 370 -24.67 13.03 -54.12
N GLN U 371 -23.98 12.62 -55.17
CA GLN U 371 -24.11 11.28 -55.74
C GLN U 371 -22.71 10.73 -56.01
N PRO U 372 -22.58 9.41 -56.06
CA PRO U 372 -21.24 8.83 -56.24
C PRO U 372 -20.65 9.19 -57.60
N LEU U 373 -19.32 9.25 -57.65
CA LEU U 373 -18.63 9.40 -58.92
C LEU U 373 -18.93 8.21 -59.83
N ALA U 374 -19.03 8.47 -61.12
CA ALA U 374 -19.35 7.42 -62.06
C ALA U 374 -18.20 6.41 -62.17
N ALA U 375 -18.54 5.22 -62.67
CA ALA U 375 -17.55 4.15 -62.75
C ALA U 375 -16.36 4.54 -63.60
N ASP U 376 -16.57 5.37 -64.62
CA ASP U 376 -15.50 5.80 -65.52
C ASP U 376 -14.84 7.10 -65.09
N ALA U 377 -15.25 7.67 -63.96
CA ALA U 377 -14.76 8.98 -63.56
C ALA U 377 -13.29 8.91 -63.16
N GLN U 378 -12.54 9.95 -63.50
CA GLN U 378 -11.19 10.12 -63.00
C GLN U 378 -11.27 10.65 -61.57
N LEU U 379 -10.59 9.96 -60.65
CA LEU U 379 -10.71 10.30 -59.25
C LEU U 379 -10.06 11.65 -58.96
N PRO U 380 -10.56 12.39 -57.96
CA PRO U 380 -9.83 13.56 -57.48
C PRO U 380 -8.50 13.14 -56.90
N ASP U 381 -7.52 14.04 -57.00
CA ASP U 381 -6.16 13.71 -56.59
C ASP U 381 -5.48 14.97 -56.07
N LEU U 382 -4.35 14.76 -55.42
CA LEU U 382 -3.51 15.81 -54.87
C LEU U 382 -2.12 15.73 -55.48
N PRO U 383 -1.38 16.85 -55.54
CA PRO U 383 -0.08 16.84 -56.21
C PRO U 383 0.80 15.69 -55.72
N THR U 412 -15.72 37.27 -77.41
CA THR U 412 -14.58 37.18 -78.32
C THR U 412 -13.81 35.87 -78.11
N GLY U 413 -14.13 35.15 -77.04
CA GLY U 413 -13.50 33.89 -76.74
C GLY U 413 -12.37 34.00 -75.74
N LEU U 414 -11.84 35.20 -75.53
CA LEU U 414 -10.75 35.38 -74.57
C LEU U 414 -11.26 35.18 -73.15
N SER U 415 -10.30 34.94 -72.24
CA SER U 415 -10.64 34.65 -70.84
C SER U 415 -11.29 35.84 -70.15
N ASP U 416 -11.03 37.05 -70.61
CA ASP U 416 -11.34 38.45 -70.30
C ASP U 416 -10.47 38.95 -69.16
N GLU V 28 11.48 31.67 -60.03
CA GLU V 28 10.67 31.64 -58.83
C GLU V 28 10.52 33.03 -58.23
N CYS V 29 9.63 33.17 -57.25
CA CYS V 29 9.35 34.43 -56.59
C CYS V 29 9.80 34.32 -55.14
N SER V 30 10.94 34.95 -54.83
CA SER V 30 11.50 34.90 -53.48
C SER V 30 11.08 36.14 -52.69
N GLN V 31 9.77 36.24 -52.50
CA GLN V 31 9.18 37.33 -51.73
C GLN V 31 7.89 36.85 -51.11
N GLN V 32 7.81 36.89 -49.78
CA GLN V 32 6.63 36.47 -49.04
C GLN V 32 6.23 37.57 -48.08
N LEU V 33 4.92 37.76 -47.93
CA LEU V 33 4.37 38.81 -47.08
C LEU V 33 3.77 38.22 -45.81
N GLY V 34 3.80 39.02 -44.74
CA GLY V 34 3.38 38.56 -43.44
C GLY V 34 1.89 38.35 -43.33
N GLN V 35 1.51 37.61 -42.29
CA GLN V 35 0.11 37.30 -42.01
C GLN V 35 -0.74 38.54 -41.75
N GLU V 36 -0.10 39.71 -41.63
CA GLU V 36 -0.85 40.96 -41.51
C GLU V 36 -1.18 41.56 -42.88
N GLN V 37 -0.24 41.53 -43.82
CA GLN V 37 -0.43 42.09 -45.15
C GLN V 37 -0.72 41.04 -46.21
N GLU V 38 -0.72 39.75 -45.86
CA GLU V 38 -1.14 38.68 -46.75
C GLU V 38 -2.58 38.27 -46.51
N LEU V 39 -3.01 38.27 -45.25
CA LEU V 39 -4.42 38.20 -44.91
C LEU V 39 -5.19 39.30 -45.64
N GLN V 40 -4.47 40.34 -46.06
CA GLN V 40 -5.04 41.46 -46.82
C GLN V 40 -5.13 41.14 -48.30
N MET V 41 -4.08 40.52 -48.86
CA MET V 41 -4.15 40.07 -50.25
C MET V 41 -5.26 39.05 -50.45
N ASN V 42 -5.58 38.26 -49.43
CA ASN V 42 -6.73 37.38 -49.53
C ASN V 42 -8.01 38.17 -49.79
N MET V 43 -8.23 39.22 -49.00
CA MET V 43 -9.40 40.08 -49.22
C MET V 43 -9.35 40.73 -50.58
N VAL V 44 -8.16 41.14 -51.03
CA VAL V 44 -8.01 41.73 -52.36
C VAL V 44 -8.51 40.74 -53.41
N ARG V 45 -8.04 39.49 -53.34
CA ARG V 45 -8.50 38.48 -54.29
C ARG V 45 -10.00 38.29 -54.22
N ASP V 46 -10.56 38.26 -53.00
CA ASP V 46 -12.00 38.14 -52.85
C ASP V 46 -12.72 39.26 -53.61
N MET V 47 -12.22 40.48 -53.47
CA MET V 47 -12.80 41.60 -54.20
C MET V 47 -12.65 41.41 -55.71
N ILE V 48 -11.49 40.93 -56.15
CA ILE V 48 -11.26 40.75 -57.58
C ILE V 48 -12.31 39.82 -58.17
N ARG V 49 -12.51 38.67 -57.54
CA ARG V 49 -13.48 37.71 -58.05
C ARG V 49 -14.92 38.06 -57.69
N GLU V 50 -15.13 39.05 -56.83
CA GLU V 50 -16.48 39.49 -56.49
C GLU V 50 -17.05 40.46 -57.52
N GLY V 51 -16.25 40.92 -58.47
CA GLY V 51 -16.65 42.01 -59.35
C GLY V 51 -16.35 43.37 -58.78
N ARG V 52 -15.68 43.44 -57.62
CA ARG V 52 -15.31 44.69 -56.95
C ARG V 52 -13.90 45.11 -57.29
N LEU V 53 -13.47 44.90 -58.54
CA LEU V 53 -12.14 45.26 -59.01
C LEU V 53 -11.69 46.61 -58.47
N HIS V 54 -12.60 47.60 -58.48
CA HIS V 54 -12.23 48.95 -58.07
C HIS V 54 -11.98 49.02 -56.57
N ALA V 55 -12.82 48.34 -55.78
CA ALA V 55 -12.56 48.24 -54.34
C ALA V 55 -11.27 47.48 -54.07
N ALA V 56 -10.99 46.45 -54.86
CA ALA V 56 -9.71 45.75 -54.75
C ALA V 56 -8.55 46.70 -55.03
N LEU V 57 -8.72 47.57 -56.03
CA LEU V 57 -7.70 48.58 -56.31
C LEU V 57 -7.52 49.50 -55.13
N ALA V 58 -8.62 49.92 -54.51
CA ALA V 58 -8.53 50.76 -53.31
C ALA V 58 -7.71 50.07 -52.23
N ASN V 59 -8.07 48.82 -51.92
CA ASN V 59 -7.39 48.09 -50.85
C ASN V 59 -5.92 47.85 -51.18
N LEU V 60 -5.61 47.59 -52.46
CA LEU V 60 -4.21 47.48 -52.88
C LEU V 60 -3.47 48.80 -52.67
N GLU V 61 -4.10 49.91 -53.07
CA GLU V 61 -3.51 51.22 -52.84
C GLU V 61 -3.22 51.44 -51.37
N SER V 62 -4.07 50.89 -50.49
CA SER V 62 -3.76 50.89 -49.06
C SER V 62 -2.46 50.15 -48.80
N MET V 63 -2.28 49.01 -49.47
CA MET V 63 -1.09 48.19 -49.29
C MET V 63 0.12 48.84 -49.96
N PRO V 64 1.33 48.41 -49.61
CA PRO V 64 2.53 49.12 -50.07
C PRO V 64 2.70 49.05 -51.57
N PRO V 65 2.93 50.18 -52.24
CA PRO V 65 3.31 50.13 -53.66
C PRO V 65 4.74 49.65 -53.82
N GLY V 66 4.98 48.92 -54.91
CA GLY V 66 6.25 48.27 -55.14
C GLY V 66 6.25 46.79 -54.80
N LEU V 67 5.25 46.33 -54.06
CA LEU V 67 5.10 44.91 -53.79
C LEU V 67 4.67 44.19 -55.07
N LEU V 68 5.50 43.25 -55.53
CA LEU V 68 5.25 42.61 -56.82
C LEU V 68 3.83 42.06 -56.90
N ASP V 69 3.38 41.37 -55.85
CA ASP V 69 2.01 40.85 -55.84
C ASP V 69 0.99 41.98 -56.01
N VAL V 70 1.13 43.03 -55.19
CA VAL V 70 0.21 44.16 -55.29
C VAL V 70 0.35 44.83 -56.65
N ARG V 71 1.57 44.89 -57.19
CA ARG V 71 1.76 45.54 -58.49
C ARG V 71 1.02 44.80 -59.59
N GLU V 72 1.18 43.48 -59.64
CA GLU V 72 0.50 42.70 -60.68
C GLU V 72 -1.00 42.69 -60.49
N GLU V 73 -1.48 42.63 -59.24
CA GLU V 73 -2.91 42.68 -59.01
C GLU V 73 -3.49 44.02 -59.48
N ARG V 74 -2.80 45.11 -59.15
CA ARG V 74 -3.22 46.42 -59.61
C ARG V 74 -3.26 46.49 -61.13
N ALA V 75 -2.22 45.94 -61.78
CA ALA V 75 -2.20 45.94 -63.24
C ALA V 75 -3.38 45.17 -63.81
N LEU V 76 -3.70 44.01 -63.23
CA LEU V 76 -4.87 43.25 -63.66
C LEU V 76 -6.13 44.12 -63.59
N ILE V 77 -6.34 44.76 -62.44
CA ILE V 77 -7.53 45.61 -62.27
C ILE V 77 -7.53 46.72 -63.30
N LEU V 78 -6.39 47.40 -63.45
CA LEU V 78 -6.30 48.53 -64.37
C LEU V 78 -6.64 48.11 -65.80
N ARG V 79 -6.09 46.98 -66.24
CA ARG V 79 -6.37 46.51 -67.59
C ARG V 79 -7.84 46.17 -67.77
N ARG V 80 -8.43 45.50 -66.79
CA ARG V 80 -9.83 45.10 -66.94
C ARG V 80 -10.75 46.31 -66.92
N ILE V 81 -10.48 47.31 -66.07
CA ILE V 81 -11.37 48.47 -65.95
C ILE V 81 -11.14 49.51 -67.03
N GLY V 82 -10.06 49.41 -67.80
CA GLY V 82 -9.79 50.35 -68.86
C GLY V 82 -8.84 51.47 -68.52
N ASP V 83 -8.15 51.39 -67.38
CA ASP V 83 -7.21 52.43 -67.01
C ASP V 83 -6.03 52.44 -67.96
N PRO V 84 -5.35 53.58 -68.13
CA PRO V 84 -4.21 53.66 -69.05
C PRO V 84 -2.88 53.26 -68.43
N ARG V 85 -2.83 53.00 -67.13
CA ARG V 85 -1.57 52.68 -66.46
C ARG V 85 -1.26 51.20 -66.41
N ALA V 86 -2.24 50.33 -66.72
CA ALA V 86 -1.98 48.90 -66.76
C ALA V 86 -0.80 48.58 -67.66
N ARG V 87 -0.67 49.30 -68.79
CA ARG V 87 0.43 49.06 -69.70
C ARG V 87 1.77 49.21 -68.99
N ALA V 88 1.97 50.33 -68.30
CA ALA V 88 3.22 50.57 -67.58
C ALA V 88 3.42 49.56 -66.46
N GLU V 89 2.34 49.21 -65.74
CA GLU V 89 2.46 48.24 -64.67
C GLU V 89 2.98 46.91 -65.20
N TYR V 90 2.35 46.39 -66.25
CA TYR V 90 2.86 45.19 -66.90
C TYR V 90 4.31 45.38 -67.35
N GLN V 91 4.61 46.54 -67.93
CA GLN V 91 5.96 46.80 -68.43
C GLN V 91 6.99 46.66 -67.31
N ALA V 92 6.74 47.32 -66.18
CA ALA V 92 7.68 47.25 -65.07
C ALA V 92 7.85 45.83 -64.56
N LEU V 93 6.75 45.07 -64.48
CA LEU V 93 6.78 43.72 -63.94
C LEU V 93 7.42 42.71 -64.88
N LEU V 94 7.64 43.08 -66.16
CA LEU V 94 8.34 42.17 -67.06
C LEU V 94 9.72 41.81 -66.54
N GLU V 95 10.39 42.74 -65.86
CA GLU V 95 11.75 42.56 -65.39
C GLU V 95 11.82 42.05 -63.95
N THR V 96 10.80 41.32 -63.49
CA THR V 96 10.72 40.81 -62.13
C THR V 96 10.28 39.35 -62.18
N CYS V 97 10.13 38.74 -61.00
CA CYS V 97 9.58 37.39 -60.93
C CYS V 97 8.17 37.34 -61.51
N LYS V 98 7.48 38.48 -61.54
CA LYS V 98 6.17 38.56 -62.19
C LYS V 98 6.34 38.81 -63.68
N ALA V 99 7.15 37.98 -64.34
CA ALA V 99 7.38 38.08 -65.77
C ALA V 99 6.24 37.47 -66.59
N PRO V 100 5.90 36.19 -66.38
CA PRO V 100 4.86 35.56 -67.21
C PRO V 100 3.58 36.38 -67.30
N GLU V 101 3.05 36.83 -66.16
CA GLU V 101 1.78 37.55 -66.19
C GLU V 101 1.95 38.95 -66.78
N ALA V 102 3.14 39.54 -66.68
CA ALA V 102 3.39 40.81 -67.35
C ALA V 102 3.35 40.66 -68.86
N HIS V 103 4.04 39.63 -69.38
CA HIS V 103 3.98 39.35 -70.81
C HIS V 103 2.53 39.10 -71.24
N HIS V 104 1.81 38.31 -70.45
CA HIS V 104 0.41 38.01 -70.78
C HIS V 104 -0.45 39.26 -70.78
N GLY V 105 -0.23 40.16 -69.82
CA GLY V 105 -0.94 41.42 -69.76
C GLY V 105 -0.69 42.29 -70.97
N LEU V 106 0.59 42.44 -71.34
CA LEU V 106 0.90 43.20 -72.55
C LEU V 106 0.27 42.57 -73.78
N GLY V 107 0.27 41.24 -73.86
CA GLY V 107 -0.40 40.56 -74.96
C GLY V 107 -1.88 40.85 -75.02
N LEU V 108 -2.56 40.76 -73.87
CA LEU V 108 -3.98 41.08 -73.84
C LEU V 108 -4.24 42.54 -74.18
N LEU V 109 -3.33 43.45 -73.80
CA LEU V 109 -3.44 44.83 -74.24
C LEU V 109 -3.38 44.92 -75.76
N ALA V 110 -2.38 44.27 -76.36
CA ALA V 110 -2.28 44.25 -77.81
C ALA V 110 -3.56 43.71 -78.45
N LEU V 111 -4.13 42.66 -77.86
CA LEU V 111 -5.39 42.13 -78.36
C LEU V 111 -6.52 43.16 -78.25
N ARG V 112 -6.58 43.86 -77.12
CA ARG V 112 -7.59 44.91 -76.96
C ARG V 112 -7.45 45.97 -78.04
N ASN V 113 -6.21 46.37 -78.35
CA ASN V 113 -5.98 47.31 -79.43
C ASN V 113 -6.23 46.71 -80.80
N GLY V 114 -6.37 45.39 -80.90
CA GLY V 114 -6.56 44.72 -82.17
C GLY V 114 -5.28 44.36 -82.88
N ASP V 115 -4.12 44.76 -82.36
CA ASP V 115 -2.83 44.46 -82.97
C ASP V 115 -2.45 43.03 -82.61
N SER V 116 -3.04 42.08 -83.34
CA SER V 116 -2.79 40.67 -83.09
C SER V 116 -1.34 40.27 -83.36
N ALA V 117 -0.62 41.03 -84.17
CA ALA V 117 0.73 40.66 -84.57
C ALA V 117 1.63 40.45 -83.36
N ARG V 118 1.86 41.50 -82.58
CA ARG V 118 2.68 41.39 -81.39
C ARG V 118 1.94 40.66 -80.27
N ALA V 119 0.61 40.64 -80.29
CA ALA V 119 -0.14 39.92 -79.27
C ALA V 119 0.19 38.44 -79.31
N VAL V 120 0.25 37.86 -80.50
CA VAL V 120 0.59 36.45 -80.63
C VAL V 120 1.99 36.19 -80.08
N LEU V 121 2.94 37.06 -80.40
CA LEU V 121 4.30 36.89 -79.92
C LEU V 121 4.36 36.91 -78.40
N GLU V 122 3.72 37.90 -77.78
CA GLU V 122 3.78 38.02 -76.32
C GLU V 122 3.03 36.87 -75.66
N LEU V 123 1.90 36.44 -76.23
CA LEU V 123 1.19 35.30 -75.68
C LEU V 123 2.01 34.02 -75.79
N ARG V 124 2.73 33.85 -76.90
CA ARG V 124 3.64 32.72 -77.02
C ARG V 124 4.70 32.75 -75.94
N GLU V 125 5.30 33.92 -75.71
CA GLU V 125 6.32 34.04 -74.67
C GLU V 125 5.74 33.67 -73.31
N ALA V 126 4.57 34.22 -72.98
CA ALA V 126 3.96 33.96 -71.68
C ALA V 126 3.63 32.47 -71.52
N ALA V 127 2.99 31.88 -72.53
CA ALA V 127 2.67 30.46 -72.48
C ALA V 127 3.93 29.61 -72.36
N ARG V 128 5.04 30.07 -72.91
CA ARG V 128 6.29 29.33 -72.76
C ARG V 128 6.78 29.39 -71.31
N LEU V 129 6.89 30.61 -70.76
CA LEU V 129 7.55 30.76 -69.47
C LEU V 129 6.79 30.06 -68.34
N ARG V 130 5.45 30.12 -68.36
CA ARG V 130 4.62 29.40 -67.39
C ARG V 130 3.59 28.61 -68.17
N PRO V 131 3.92 27.36 -68.55
CA PRO V 131 3.05 26.64 -69.49
C PRO V 131 1.72 26.19 -68.90
N THR V 132 1.70 25.73 -67.65
CA THR V 132 0.51 25.07 -67.12
C THR V 132 -0.68 26.01 -67.00
N GLU V 133 -0.48 27.32 -67.17
CA GLU V 133 -1.57 28.27 -67.03
C GLU V 133 -2.60 28.09 -68.15
N SER V 134 -3.75 27.52 -67.80
CA SER V 134 -4.81 27.29 -68.78
C SER V 134 -5.24 28.60 -69.43
N ARG V 135 -5.35 29.66 -68.63
CA ARG V 135 -5.75 30.97 -69.16
C ARG V 135 -4.79 31.44 -70.25
N PHE V 136 -3.48 31.32 -70.02
CA PHE V 136 -2.49 31.72 -71.02
C PHE V 136 -2.66 30.90 -72.29
N ARG V 137 -2.83 29.59 -72.16
CA ARG V 137 -2.95 28.72 -73.34
C ARG V 137 -4.20 29.07 -74.14
N ASN V 138 -5.32 29.28 -73.45
CA ASN V 138 -6.56 29.59 -74.15
C ASN V 138 -6.53 30.97 -74.80
N ASP V 139 -5.78 31.91 -74.22
CA ASP V 139 -5.62 33.21 -74.88
C ASP V 139 -4.69 33.12 -76.07
N LEU V 140 -3.59 32.39 -75.94
CA LEU V 140 -2.65 32.24 -77.05
C LEU V 140 -3.31 31.52 -78.22
N GLY V 141 -4.16 30.52 -77.94
CA GLY V 141 -4.86 29.85 -79.02
C GLY V 141 -5.77 30.79 -79.79
N VAL V 142 -6.50 31.64 -79.08
CA VAL V 142 -7.36 32.62 -79.74
C VAL V 142 -6.52 33.59 -80.56
N ALA V 143 -5.39 34.04 -80.01
CA ALA V 143 -4.52 34.94 -80.75
C ALA V 143 -4.02 34.28 -82.04
N LEU V 144 -3.60 33.02 -81.96
CA LEU V 144 -3.16 32.32 -83.16
C LEU V 144 -4.29 32.17 -84.16
N LEU V 145 -5.47 31.77 -83.69
CA LEU V 145 -6.62 31.64 -84.58
C LEU V 145 -6.91 32.95 -85.32
N LYS V 146 -6.84 34.07 -84.59
CA LYS V 146 -6.99 35.37 -85.25
C LYS V 146 -5.86 35.62 -86.24
N ARG V 147 -4.63 35.22 -85.89
CA ARG V 147 -3.48 35.49 -86.74
C ARG V 147 -3.38 34.55 -87.94
N GLY V 148 -4.02 33.37 -87.87
CA GLY V 148 -4.09 32.47 -89.01
C GLY V 148 -3.34 31.17 -88.85
N ASP V 149 -2.52 31.01 -87.80
CA ASP V 149 -1.82 29.76 -87.56
C ASP V 149 -2.81 28.74 -86.98
N ARG V 150 -3.63 28.18 -87.87
CA ARG V 150 -4.72 27.31 -87.44
C ARG V 150 -4.19 26.04 -86.77
N VAL V 151 -3.10 25.47 -87.28
CA VAL V 151 -2.55 24.28 -86.64
C VAL V 151 -1.99 24.62 -85.26
N GLY V 152 -1.25 25.73 -85.16
CA GLY V 152 -0.77 26.16 -83.86
C GLY V 152 -1.91 26.56 -82.94
N ALA V 153 -2.95 27.19 -83.48
CA ALA V 153 -4.12 27.52 -82.68
C ALA V 153 -4.79 26.27 -82.13
N ARG V 154 -4.89 25.23 -82.97
CA ARG V 154 -5.43 23.95 -82.50
C ARG V 154 -4.55 23.37 -81.39
N PHE V 155 -3.24 23.42 -81.57
CA PHE V 155 -2.31 22.97 -80.54
C PHE V 155 -2.60 23.67 -79.21
N GLU V 156 -2.66 25.00 -79.24
CA GLU V 156 -2.82 25.76 -78.00
C GLU V 156 -4.20 25.57 -77.39
N PHE V 157 -5.24 25.51 -78.22
CA PHE V 157 -6.58 25.27 -77.71
C PHE V 157 -6.67 23.90 -77.06
N ILE V 158 -6.05 22.89 -77.67
CA ILE V 158 -6.07 21.55 -77.08
C ILE V 158 -5.31 21.56 -75.75
N THR V 159 -4.17 22.26 -75.70
CA THR V 159 -3.46 22.36 -74.43
C THR V 159 -4.35 22.97 -73.35
N ALA V 160 -5.01 24.08 -73.66
CA ALA V 160 -5.88 24.73 -72.69
C ALA V 160 -7.03 23.82 -72.28
N LEU V 161 -7.68 23.18 -73.25
CA LEU V 161 -8.82 22.33 -72.95
C LEU V 161 -8.42 21.12 -72.12
N GLU V 162 -7.20 20.60 -72.32
CA GLU V 162 -6.73 19.48 -71.52
C GLU V 162 -6.36 19.93 -70.12
N LEU V 163 -5.73 21.11 -69.98
CA LEU V 163 -5.38 21.63 -68.67
C LEU V 163 -6.62 21.79 -67.80
N GLN V 164 -7.64 22.47 -68.31
CA GLN V 164 -8.86 22.67 -67.55
C GLN V 164 -9.65 21.37 -67.47
N GLN V 165 -10.35 21.18 -66.35
CA GLN V 165 -11.10 19.95 -66.09
C GLN V 165 -12.34 19.94 -66.97
N GLY V 166 -12.13 19.59 -68.23
CA GLY V 166 -13.19 19.57 -69.23
C GLY V 166 -13.36 20.85 -70.01
N GLY V 167 -13.01 21.99 -69.40
CA GLY V 167 -13.05 23.26 -70.09
C GLY V 167 -14.45 23.83 -70.27
N LYS V 168 -14.55 25.16 -70.19
CA LYS V 168 -15.78 25.87 -70.56
C LYS V 168 -15.53 26.80 -71.74
N LEU V 169 -14.54 27.66 -71.65
CA LEU V 169 -14.15 28.49 -72.78
C LEU V 169 -13.31 27.66 -73.75
N PRO V 170 -12.32 26.89 -73.27
CA PRO V 170 -11.53 26.05 -74.20
C PRO V 170 -12.34 25.13 -75.09
N ALA V 171 -13.38 24.50 -74.52
CA ALA V 171 -14.14 23.52 -75.30
C ALA V 171 -14.80 24.16 -76.51
N THR V 172 -15.48 25.29 -76.31
CA THR V 172 -16.06 26.00 -77.44
C THR V 172 -15.03 26.76 -78.25
N ASN V 173 -13.83 26.99 -77.69
CA ASN V 173 -12.74 27.57 -78.46
C ASN V 173 -12.18 26.60 -79.48
N LEU V 174 -12.24 25.31 -79.19
CA LEU V 174 -11.90 24.30 -80.19
C LEU V 174 -13.08 23.92 -81.07
N LEU V 175 -14.30 23.95 -80.52
CA LEU V 175 -15.48 23.70 -81.35
C LEU V 175 -15.62 24.74 -82.46
N GLY V 176 -15.47 26.03 -82.13
CA GLY V 176 -15.56 27.07 -83.14
C GLY V 176 -14.42 27.03 -84.13
N LEU V 177 -13.23 26.63 -83.68
CA LEU V 177 -12.13 26.41 -84.61
C LEU V 177 -12.48 25.30 -85.60
N LEU V 178 -13.05 24.21 -85.10
CA LEU V 178 -13.51 23.13 -85.99
C LEU V 178 -14.57 23.65 -86.96
N TYR V 179 -15.52 24.43 -86.46
CA TYR V 179 -16.56 24.99 -87.32
C TYR V 179 -15.94 25.85 -88.42
N LEU V 180 -15.00 26.72 -88.06
CA LEU V 180 -14.26 27.48 -89.07
C LEU V 180 -13.56 26.55 -90.05
N GLN V 181 -13.10 25.39 -89.59
CA GLN V 181 -12.45 24.43 -90.46
C GLN V 181 -13.42 23.51 -91.18
N GLY V 182 -14.70 23.52 -90.81
CA GLY V 182 -15.71 22.80 -91.56
C GLY V 182 -15.89 21.35 -91.20
N ASP V 183 -15.11 20.82 -90.26
CA ASP V 183 -15.27 19.43 -89.85
C ASP V 183 -16.49 19.27 -88.97
N ARG V 184 -17.67 19.31 -89.58
CA ARG V 184 -18.91 19.32 -88.81
C ARG V 184 -19.07 18.04 -88.00
N GLU V 185 -18.72 16.89 -88.57
CA GLU V 185 -18.89 15.63 -87.84
C GLU V 185 -17.86 15.49 -86.72
N ASP V 186 -16.64 16.01 -86.90
CA ASP V 186 -15.70 16.07 -85.78
C ASP V 186 -16.22 16.99 -84.69
N ALA V 187 -16.80 18.12 -85.07
CA ALA V 187 -17.41 19.00 -84.09
C ALA V 187 -18.52 18.28 -83.34
N GLN V 188 -19.34 17.50 -84.04
CA GLN V 188 -20.40 16.73 -83.39
C GLN V 188 -19.83 15.66 -82.47
N ARG V 189 -18.73 15.03 -82.89
CA ARG V 189 -18.00 14.14 -82.00
C ARG V 189 -17.67 14.85 -80.69
N LEU V 190 -17.19 16.09 -80.78
CA LEU V 190 -16.90 16.83 -79.55
C LEU V 190 -18.18 17.20 -78.80
N ILE V 191 -19.26 17.49 -79.52
CA ILE V 191 -20.54 17.75 -78.86
C ILE V 191 -20.92 16.57 -77.97
N GLU V 192 -20.79 15.36 -78.52
CA GLU V 192 -21.11 14.16 -77.75
C GLU V 192 -20.14 13.97 -76.60
N ARG V 193 -18.83 14.06 -76.87
CA ARG V 193 -17.84 13.78 -75.85
C ARG V 193 -17.91 14.77 -74.69
N LEU V 194 -17.79 16.07 -75.01
CA LEU V 194 -17.90 17.11 -74.00
C LEU V 194 -19.28 17.18 -73.38
N GLN V 195 -20.30 16.61 -74.04
CA GLN V 195 -21.69 16.74 -73.62
C GLN V 195 -22.15 18.20 -73.68
N LEU V 196 -21.80 18.88 -74.76
CA LEU V 196 -22.19 20.27 -74.95
C LEU V 196 -23.71 20.40 -75.07
N ASP V 197 -24.21 21.57 -74.69
CA ASP V 197 -25.63 21.88 -74.76
C ASP V 197 -25.88 23.00 -75.76
N ALA V 198 -27.10 23.05 -76.28
CA ALA V 198 -27.45 24.08 -77.25
C ALA V 198 -27.21 25.48 -76.69
N ARG V 199 -27.41 25.65 -75.37
CA ARG V 199 -27.10 26.92 -74.74
C ARG V 199 -25.66 27.35 -75.02
N ASP V 200 -24.77 26.37 -75.18
CA ASP V 200 -23.40 26.66 -75.58
C ASP V 200 -23.19 26.56 -77.08
N ILE V 201 -24.06 25.84 -77.80
CA ILE V 201 -23.93 25.79 -79.26
C ILE V 201 -24.19 27.16 -79.87
N ARG V 202 -25.16 27.90 -79.33
CA ARG V 202 -25.42 29.25 -79.84
C ARG V 202 -24.18 30.13 -79.70
N ALA V 203 -23.58 30.15 -78.51
CA ALA V 203 -22.36 30.91 -78.32
C ALA V 203 -21.22 30.37 -79.18
N ALA V 204 -21.21 29.06 -79.42
CA ALA V 204 -20.17 28.48 -80.27
C ALA V 204 -20.25 29.02 -81.69
N GLU V 205 -21.44 29.03 -82.27
CA GLU V 205 -21.57 29.60 -83.61
C GLU V 205 -21.28 31.09 -83.60
N ALA V 206 -21.70 31.80 -82.55
CA ALA V 206 -21.42 33.23 -82.46
C ALA V 206 -19.92 33.49 -82.47
N ARG V 207 -19.16 32.75 -81.67
CA ARG V 207 -17.72 32.95 -81.62
C ARG V 207 -17.04 32.47 -82.90
N ALA V 208 -17.58 31.41 -83.53
CA ALA V 208 -17.06 30.98 -84.82
C ALA V 208 -17.17 32.09 -85.84
N ARG V 209 -18.31 32.79 -85.85
CA ARG V 209 -18.43 33.98 -86.68
C ARG V 209 -17.44 35.06 -86.23
N SER V 210 -17.28 35.22 -84.91
CA SER V 210 -16.34 36.22 -84.41
C SER V 210 -14.93 35.99 -84.96
N TRP V 211 -14.44 34.75 -84.86
CA TRP V 211 -13.12 34.44 -85.40
C TRP V 211 -13.12 34.65 -86.91
N GLY V 212 -12.02 35.20 -87.41
CA GLY V 212 -11.87 35.46 -88.84
C GLY V 212 -12.16 36.90 -89.19
N PRO W 131 -39.98 31.55 -38.79
CA PRO W 131 -38.75 30.85 -38.45
C PRO W 131 -38.85 30.05 -37.16
N ASN W 132 -38.18 28.90 -37.11
CA ASN W 132 -38.19 28.03 -35.95
C ASN W 132 -36.79 27.84 -35.36
N GLN W 133 -35.85 28.70 -35.73
CA GLN W 133 -34.46 28.60 -35.29
C GLN W 133 -34.05 29.92 -34.65
N VAL W 134 -33.29 29.84 -33.56
CA VAL W 134 -33.00 30.98 -32.71
C VAL W 134 -31.49 31.18 -32.64
N GLN W 135 -31.05 32.42 -32.83
CA GLN W 135 -29.68 32.82 -32.58
C GLN W 135 -29.67 33.65 -31.30
N THR W 136 -28.87 33.23 -30.32
CA THR W 136 -28.81 33.87 -29.02
C THR W 136 -27.49 34.59 -28.88
N ASP W 137 -27.55 35.89 -28.58
CA ASP W 137 -26.37 36.72 -28.41
C ASP W 137 -26.19 37.04 -26.94
N ILE W 138 -25.02 36.73 -26.39
CA ILE W 138 -24.67 37.02 -25.02
C ILE W 138 -23.67 38.16 -25.01
N ARG W 139 -23.77 39.03 -24.01
CA ARG W 139 -22.87 40.16 -23.88
C ARG W 139 -22.44 40.25 -22.42
N PHE W 140 -21.15 40.05 -22.16
CA PHE W 140 -20.60 40.03 -20.82
C PHE W 140 -19.52 41.10 -20.70
N VAL W 141 -19.57 41.85 -19.60
CA VAL W 141 -18.60 42.91 -19.33
C VAL W 141 -18.24 42.85 -17.85
N GLU W 142 -16.93 42.98 -17.56
CA GLU W 142 -16.46 43.06 -16.19
C GLU W 142 -15.38 44.13 -16.11
N VAL W 143 -15.49 45.01 -15.12
CA VAL W 143 -14.49 46.02 -14.83
C VAL W 143 -14.14 45.94 -13.35
N SER W 144 -12.85 45.94 -13.06
CA SER W 144 -12.38 45.84 -11.68
C SER W 144 -11.18 46.74 -11.50
N ARG W 145 -11.09 47.34 -10.31
CA ARG W 145 -9.98 48.21 -9.95
C ARG W 145 -9.49 47.83 -8.57
N SER W 146 -8.22 48.11 -8.32
CA SER W 146 -7.61 47.78 -7.03
C SER W 146 -6.55 48.81 -6.70
N LYS W 147 -6.28 48.95 -5.41
CA LYS W 147 -5.20 49.80 -4.92
C LYS W 147 -4.52 49.10 -3.76
N LEU W 148 -3.26 49.47 -3.53
CA LEU W 148 -2.44 48.82 -2.51
C LEU W 148 -1.42 49.82 -1.99
N LYS W 149 -1.29 49.89 -0.66
CA LYS W 149 -0.29 50.74 -0.03
C LYS W 149 0.32 50.00 1.14
N GLN W 150 1.57 50.34 1.45
CA GLN W 150 2.27 49.76 2.59
C GLN W 150 3.52 50.59 2.85
N ALA W 151 3.99 50.54 4.09
CA ALA W 151 5.19 51.27 4.47
C ALA W 151 5.71 50.73 5.79
N SER W 152 7.04 50.64 5.90
CA SER W 152 7.67 50.19 7.13
C SER W 152 9.12 50.67 7.11
N THR W 153 9.72 50.75 8.29
CA THR W 153 11.07 51.25 8.44
C THR W 153 11.78 50.51 9.57
N SER W 154 13.08 50.29 9.39
CA SER W 154 13.92 49.67 10.40
C SER W 154 15.32 50.25 10.27
N PHE W 155 16.09 50.16 11.36
CA PHE W 155 17.44 50.70 11.35
C PHE W 155 18.27 50.03 12.43
N VAL W 156 19.59 50.19 12.31
CA VAL W 156 20.55 49.68 13.27
C VAL W 156 21.66 50.71 13.44
N ARG W 157 22.28 50.70 14.62
CA ARG W 157 23.39 51.59 14.92
C ARG W 157 24.45 50.81 15.68
N ARG W 158 25.69 51.28 15.59
CA ARG W 158 26.84 50.57 16.11
C ARG W 158 27.83 51.55 16.71
N GLY W 159 28.81 51.00 17.44
CA GLY W 159 29.88 51.78 18.03
C GLY W 159 29.68 52.05 19.50
N GLY W 160 30.35 51.28 20.35
CA GLY W 160 30.20 51.44 21.78
C GLY W 160 28.82 51.02 22.22
N ASN W 161 27.82 51.82 21.85
CA ASN W 161 26.43 51.48 22.04
C ASN W 161 25.94 50.63 20.87
N LEU W 162 24.72 50.10 21.02
CA LEU W 162 24.06 49.37 19.94
C LEU W 162 22.57 49.61 20.07
N TRP W 163 21.93 49.97 18.96
CA TRP W 163 20.49 50.19 18.92
C TRP W 163 19.90 49.43 17.74
N VAL W 164 18.67 48.97 17.92
CA VAL W 164 17.95 48.27 16.86
C VAL W 164 16.47 48.61 17.01
N LEU W 165 15.80 48.80 15.87
CA LEU W 165 14.35 48.97 15.84
C LEU W 165 13.84 48.18 14.65
N GLY W 166 13.25 47.02 14.91
CA GLY W 166 12.72 46.16 13.86
C GLY W 166 11.23 46.29 13.76
N ALA W 167 10.76 46.68 12.57
CA ALA W 167 9.34 46.77 12.33
C ALA W 167 8.71 45.37 12.33
N PRO W 168 7.40 45.28 12.54
CA PRO W 168 6.76 43.96 12.63
C PRO W 168 7.14 43.03 11.49
N GLY W 169 7.74 41.88 11.84
CA GLY W 169 8.13 40.89 10.86
C GLY W 169 9.44 41.16 10.14
N SER W 170 10.15 42.22 10.49
CA SER W 170 11.36 42.60 9.78
C SER W 170 12.62 41.96 10.38
N LEU W 171 12.67 41.81 11.70
CA LEU W 171 13.88 41.39 12.39
C LEU W 171 13.94 39.89 12.66
N GLY W 172 12.97 39.12 12.18
CA GLY W 172 12.94 37.70 12.48
C GLY W 172 14.13 36.93 11.93
N ASP W 173 14.89 37.52 11.00
CA ASP W 173 15.97 36.81 10.34
C ASP W 173 17.22 36.70 11.20
N ILE W 174 17.32 37.46 12.29
CA ILE W 174 18.58 37.70 12.97
C ILE W 174 18.48 37.28 14.43
N LYS W 175 19.57 36.70 14.94
CA LYS W 175 19.74 36.43 16.35
C LYS W 175 21.02 37.10 16.83
N VAL W 176 21.02 37.55 18.08
CA VAL W 176 22.16 38.25 18.67
C VAL W 176 22.89 37.28 19.58
N ASN W 177 24.21 37.41 19.64
CA ASN W 177 25.03 36.45 20.35
C ASN W 177 24.87 36.62 21.86
N ALA W 178 25.40 35.63 22.60
CA ALA W 178 25.23 35.63 24.05
C ALA W 178 25.92 36.80 24.71
N ASP W 179 27.09 37.21 24.21
CA ASP W 179 27.88 38.24 24.86
C ASP W 179 27.51 39.65 24.40
N GLY W 180 26.55 39.79 23.50
CA GLY W 180 26.07 41.10 23.12
C GLY W 180 27.06 41.94 22.36
N SER W 181 28.07 41.31 21.72
CA SER W 181 29.07 42.07 20.98
C SER W 181 28.58 42.48 19.59
N GLY W 182 27.51 41.87 19.10
CA GLY W 182 27.01 42.22 17.78
C GLY W 182 25.98 41.21 17.32
N LEU W 183 25.29 41.58 16.25
CA LEU W 183 24.27 40.70 15.67
C LEU W 183 24.93 39.52 14.96
N GLY W 184 24.19 38.43 14.85
CA GLY W 184 24.70 37.21 14.26
C GLY W 184 23.84 36.67 13.12
N GLY W 185 23.17 37.55 12.38
CA GLY W 185 22.34 37.12 11.27
C GLY W 185 22.39 38.11 10.13
N THR W 186 21.79 37.72 9.01
CA THR W 186 21.74 38.53 7.80
C THR W 186 20.33 39.07 7.61
N PHE W 187 20.24 40.36 7.31
CA PHE W 187 18.94 40.99 7.10
C PHE W 187 18.32 40.55 5.79
N GLY W 188 16.99 40.46 5.77
CA GLY W 188 16.24 40.15 4.58
C GLY W 188 15.52 41.37 4.01
N THR W 189 14.71 41.11 2.99
CA THR W 189 13.98 42.15 2.29
C THR W 189 12.52 41.74 2.11
N GLY W 190 11.63 42.73 2.21
CA GLY W 190 10.24 42.49 1.88
C GLY W 190 10.07 42.34 0.37
N SER W 191 9.37 41.29 -0.04
CA SER W 191 9.30 40.95 -1.46
C SER W 191 8.38 41.89 -2.23
N SER W 192 7.23 42.26 -1.64
CA SER W 192 6.14 42.82 -2.42
C SER W 192 6.37 44.26 -2.87
N GLY W 193 7.21 45.04 -2.18
CA GLY W 193 7.33 46.45 -2.43
C GLY W 193 8.75 46.86 -2.73
N PHE W 194 8.90 48.13 -3.09
CA PHE W 194 10.22 48.71 -3.29
C PHE W 194 11.01 48.66 -2.00
N ASN W 195 12.25 48.16 -2.09
CA ASN W 195 13.14 48.06 -0.95
C ASN W 195 14.28 49.06 -1.13
N LEU W 196 14.42 49.97 -0.17
CA LEU W 196 15.52 50.92 -0.14
C LEU W 196 16.38 50.66 1.09
N ILE W 197 17.69 50.66 0.90
CA ILE W 197 18.65 50.41 1.96
C ILE W 197 19.68 51.53 1.95
N PHE W 198 20.28 51.75 3.12
CA PHE W 198 21.32 52.77 3.27
C PHE W 198 22.30 52.30 4.32
N GLY W 199 23.52 51.99 3.90
CA GLY W 199 24.62 51.77 4.82
C GLY W 199 25.46 53.01 4.92
N GLY W 200 25.60 53.52 6.15
CA GLY W 200 26.31 54.77 6.38
C GLY W 200 27.38 54.65 7.44
N GLY W 201 28.08 53.51 7.44
CA GLY W 201 29.09 53.25 8.46
C GLY W 201 28.47 52.65 9.71
N LYS W 202 28.35 53.47 10.75
CA LYS W 202 27.65 53.01 11.95
C LYS W 202 26.18 52.80 11.67
N TRP W 203 25.53 53.77 11.04
CA TRP W 203 24.11 53.66 10.73
C TRP W 203 23.86 52.62 9.65
N LEU W 204 22.70 51.96 9.76
CA LEU W 204 22.22 51.06 8.73
C LEU W 204 20.70 51.04 8.81
N SER W 205 20.04 51.26 7.68
CA SER W 205 18.61 51.44 7.66
C SER W 205 18.00 50.71 6.47
N PHE W 206 16.72 50.36 6.61
CA PHE W 206 15.96 49.71 5.55
C PHE W 206 14.57 50.33 5.52
N MET W 207 14.00 50.41 4.31
CA MET W 207 12.68 50.97 4.13
C MET W 207 11.96 50.20 3.03
N ASN W 208 10.72 49.79 3.32
CA ASN W 208 9.85 49.15 2.36
C ASN W 208 8.63 50.03 2.16
N ALA W 209 8.30 50.33 0.90
CA ALA W 209 7.17 51.19 0.60
C ALA W 209 6.59 50.81 -0.75
N LEU W 210 5.33 51.14 -0.94
CA LEU W 210 4.63 50.86 -2.19
C LEU W 210 3.29 51.56 -2.17
N GLU W 211 2.92 52.15 -3.30
CA GLU W 211 1.54 52.56 -3.56
C GLU W 211 1.24 52.19 -5.01
N GLY W 212 0.43 51.14 -5.20
CA GLY W 212 0.18 50.63 -6.53
C GLY W 212 -1.31 50.47 -6.79
N SER W 213 -1.64 50.45 -8.07
CA SER W 213 -3.02 50.34 -8.52
C SER W 213 -3.08 49.42 -9.72
N GLY W 214 -4.24 48.81 -9.91
CA GLY W 214 -4.45 47.90 -11.02
C GLY W 214 -5.79 48.14 -11.67
N PHE W 215 -5.85 47.78 -12.94
CA PHE W 215 -7.07 47.90 -13.73
C PHE W 215 -7.22 46.68 -14.61
N ALA W 216 -8.43 46.14 -14.68
CA ALA W 216 -8.72 44.96 -15.48
C ALA W 216 -10.04 45.16 -16.20
N TYR W 217 -10.09 44.69 -17.45
CA TYR W 217 -11.29 44.81 -18.28
C TYR W 217 -11.47 43.53 -19.06
N THR W 218 -12.72 43.10 -19.20
CA THR W 218 -13.05 41.88 -19.91
C THR W 218 -14.33 42.07 -20.70
N LEU W 219 -14.36 41.54 -21.92
CA LEU W 219 -15.52 41.63 -22.79
C LEU W 219 -15.63 40.33 -23.57
N ALA W 220 -16.84 39.79 -23.66
CA ALA W 220 -17.08 38.56 -24.39
C ALA W 220 -18.47 38.62 -25.00
N ARG W 221 -18.57 38.29 -26.28
CA ARG W 221 -19.83 38.33 -27.02
C ARG W 221 -20.03 37.04 -27.80
N PRO W 222 -20.17 35.91 -27.11
CA PRO W 222 -20.44 34.66 -27.81
C PRO W 222 -21.81 34.64 -28.43
N SER W 223 -21.93 33.91 -29.54
CA SER W 223 -23.19 33.70 -30.23
C SER W 223 -23.34 32.22 -30.56
N LEU W 224 -24.59 31.77 -30.66
CA LEU W 224 -24.85 30.35 -30.87
C LEU W 224 -26.24 30.20 -31.44
N VAL W 225 -26.37 29.31 -32.43
CA VAL W 225 -27.63 29.04 -33.11
C VAL W 225 -28.10 27.64 -32.74
N ALA W 226 -29.41 27.49 -32.63
CA ALA W 226 -30.00 26.19 -32.30
C ALA W 226 -31.46 26.18 -32.72
N MET W 227 -31.93 25.00 -33.10
CA MET W 227 -33.32 24.83 -33.44
C MET W 227 -34.19 24.83 -32.17
N SER W 228 -35.46 25.18 -32.35
CA SER W 228 -36.37 25.26 -31.23
C SER W 228 -36.46 23.92 -30.51
N GLY W 229 -36.32 23.94 -29.19
CA GLY W 229 -36.43 22.75 -28.38
C GLY W 229 -35.18 21.90 -28.32
N GLN W 230 -34.10 22.28 -28.99
CA GLN W 230 -32.88 21.51 -29.02
C GLN W 230 -31.80 22.20 -28.20
N SER W 231 -31.08 21.41 -27.40
CA SER W 231 -29.99 21.93 -26.60
C SER W 231 -28.76 22.21 -27.46
N ALA W 232 -27.94 23.15 -27.00
CA ALA W 232 -26.72 23.51 -27.70
C ALA W 232 -25.66 23.88 -26.69
N SER W 233 -24.39 23.75 -27.11
CA SER W 233 -23.26 24.02 -26.24
C SER W 233 -22.15 24.67 -27.05
N PHE W 234 -21.31 25.43 -26.34
CA PHE W 234 -20.20 26.14 -26.97
C PHE W 234 -19.07 26.26 -25.97
N LEU W 235 -17.85 26.07 -26.45
CA LEU W 235 -16.65 26.21 -25.64
C LEU W 235 -15.58 26.93 -26.45
N ALA W 236 -14.85 27.83 -25.79
CA ALA W 236 -13.80 28.58 -26.47
C ALA W 236 -12.56 28.75 -25.61
N GLY W 237 -12.37 27.92 -24.58
CA GLY W 237 -11.22 28.04 -23.72
C GLY W 237 -10.24 26.89 -23.86
N GLY W 238 -10.29 25.95 -22.94
CA GLY W 238 -9.38 24.82 -22.98
C GLY W 238 -9.67 23.85 -21.86
N GLU W 239 -8.77 22.88 -21.72
CA GLU W 239 -8.88 21.86 -20.69
C GLU W 239 -7.50 21.58 -20.12
N PHE W 240 -7.40 21.52 -18.80
CA PHE W 240 -6.16 21.23 -18.12
C PHE W 240 -6.31 19.95 -17.30
N PRO W 241 -5.21 19.26 -17.00
CA PRO W 241 -5.29 17.95 -16.34
C PRO W 241 -5.96 18.02 -14.96
N TYR W 256 -10.06 15.83 -16.94
CA TYR W 256 -9.73 17.18 -17.38
C TYR W 256 -10.87 18.14 -17.06
N LYS W 257 -10.51 19.36 -16.67
CA LYS W 257 -11.45 20.38 -16.26
C LYS W 257 -11.44 21.52 -17.27
N GLU W 258 -12.62 21.94 -17.71
CA GLU W 258 -12.75 22.97 -18.72
C GLU W 258 -12.65 24.36 -18.10
N PHE W 259 -12.40 25.35 -18.95
CA PHE W 259 -12.39 26.74 -18.56
C PHE W 259 -12.52 27.59 -19.81
N GLY W 260 -12.49 28.91 -19.64
CA GLY W 260 -12.70 29.83 -20.74
C GLY W 260 -14.18 30.08 -20.99
N ILE W 261 -14.43 30.76 -22.11
CA ILE W 261 -15.80 31.09 -22.48
C ILE W 261 -16.58 29.81 -22.70
N ARG W 262 -17.68 29.65 -21.96
CA ARG W 262 -18.58 28.52 -22.11
C ARG W 262 -20.01 29.04 -22.20
N LEU W 263 -20.86 28.27 -22.87
CA LEU W 263 -22.25 28.66 -23.04
C LEU W 263 -23.08 27.44 -23.36
N THR W 264 -24.06 27.15 -22.51
CA THR W 264 -25.06 26.11 -22.76
C THR W 264 -26.44 26.76 -22.70
N LEU W 265 -27.28 26.45 -23.67
CA LEU W 265 -28.59 27.08 -23.74
C LEU W 265 -29.56 26.15 -24.46
N THR W 266 -30.84 26.48 -24.36
CA THR W 266 -31.92 25.69 -24.93
C THR W 266 -33.11 26.57 -25.24
N PRO W 267 -33.20 27.12 -26.47
CA PRO W 267 -34.29 28.04 -26.79
C PRO W 267 -35.54 27.33 -27.24
N THR W 268 -36.68 27.80 -26.74
CA THR W 268 -37.99 27.29 -27.12
C THR W 268 -38.82 28.46 -27.64
N VAL W 269 -39.31 28.33 -28.87
CA VAL W 269 -40.16 29.35 -29.48
C VAL W 269 -41.61 28.95 -29.25
N MET W 270 -42.33 29.78 -28.51
CA MET W 270 -43.70 29.47 -28.13
C MET W 270 -44.67 29.91 -29.22
N ASN W 271 -45.91 29.42 -29.11
CA ASN W 271 -46.92 29.68 -30.13
C ASN W 271 -47.20 31.16 -30.31
N ASN W 272 -46.91 31.98 -29.31
CA ASN W 272 -47.06 33.42 -29.40
C ASN W 272 -45.82 34.12 -29.93
N ARG W 273 -44.86 33.36 -30.46
CA ARG W 273 -43.62 33.86 -31.05
C ARG W 273 -42.65 34.42 -30.01
N ARG W 274 -42.96 34.28 -28.73
CA ARG W 274 -42.00 34.66 -27.70
C ARG W 274 -41.01 33.53 -27.46
N ILE W 275 -39.81 33.90 -27.03
CA ILE W 275 -38.70 32.96 -26.89
C ILE W 275 -38.44 32.73 -25.42
N ALA W 276 -38.50 31.47 -24.99
CA ALA W 276 -38.16 31.07 -23.64
C ALA W 276 -36.76 30.48 -23.64
N LEU W 277 -35.87 31.08 -22.87
CA LEU W 277 -34.46 30.72 -22.86
C LEU W 277 -34.07 30.08 -21.54
N LYS W 278 -33.52 28.87 -21.62
CA LYS W 278 -32.75 28.27 -20.55
C LYS W 278 -31.28 28.46 -20.90
N VAL W 279 -30.58 29.27 -20.12
CA VAL W 279 -29.25 29.75 -20.49
C VAL W 279 -28.33 29.68 -19.29
N ALA W 280 -27.06 29.36 -19.54
CA ALA W 280 -26.07 29.20 -18.48
C ALA W 280 -24.69 29.60 -19.00
N PRO W 281 -24.43 30.90 -19.08
CA PRO W 281 -23.12 31.37 -19.54
C PRO W 281 -22.05 31.23 -18.47
N GLU W 282 -20.80 31.19 -18.93
CA GLU W 282 -19.65 31.19 -18.05
C GLU W 282 -18.49 31.95 -18.69
N VAL W 283 -17.65 32.55 -17.85
CA VAL W 283 -16.41 33.17 -18.26
C VAL W 283 -15.38 32.90 -17.18
N SER W 284 -14.38 32.08 -17.50
CA SER W 284 -13.41 31.63 -16.51
C SER W 284 -12.00 31.71 -17.08
N GLU W 285 -11.02 31.75 -16.18
CA GLU W 285 -9.62 31.84 -16.57
C GLU W 285 -8.78 31.28 -15.43
N LEU W 286 -7.54 30.95 -15.76
CA LEU W 286 -6.65 30.29 -14.81
C LEU W 286 -6.13 31.28 -13.77
N ASP W 287 -6.07 30.83 -12.52
CA ASP W 287 -5.46 31.57 -11.43
C ASP W 287 -4.49 30.64 -10.73
N TYR W 288 -3.27 31.10 -10.53
CA TYR W 288 -2.15 30.24 -10.13
C TYR W 288 -1.98 30.28 -8.61
N SER W 289 -2.31 29.17 -7.96
CA SER W 289 -2.10 29.00 -6.53
C SER W 289 -2.49 27.58 -6.16
N ALA W 290 -2.14 27.19 -4.93
CA ALA W 290 -2.55 25.90 -4.37
C ALA W 290 -1.87 24.73 -5.07
N GLY W 291 -2.21 23.51 -4.65
CA GLY W 291 -1.64 22.30 -5.22
C GLY W 291 -2.56 21.14 -4.90
N ILE W 292 -2.18 19.97 -5.43
CA ILE W 292 -3.00 18.76 -5.30
C ILE W 292 -2.08 17.55 -5.38
N GLN W 293 -2.58 16.42 -4.85
CA GLN W 293 -1.81 15.16 -4.83
C GLN W 293 -2.51 14.04 -5.59
N SER W 294 -3.67 14.31 -6.18
CA SER W 294 -4.43 13.28 -6.89
C SER W 294 -5.13 13.92 -8.07
N GLY W 295 -5.12 13.23 -9.21
CA GLY W 295 -5.72 13.76 -10.41
C GLY W 295 -5.00 14.96 -11.00
N GLY W 296 -3.80 15.27 -10.52
CA GLY W 296 -3.07 16.41 -11.03
C GLY W 296 -1.91 16.74 -10.11
N VAL W 297 -1.16 17.78 -10.51
CA VAL W 297 -0.04 18.27 -9.73
C VAL W 297 0.04 19.78 -9.91
N ALA W 298 0.25 20.49 -8.80
CA ALA W 298 0.41 21.95 -8.82
C ALA W 298 -0.67 22.61 -9.67
N VAL W 299 -1.86 22.01 -9.69
CA VAL W 299 -2.91 22.48 -10.60
C VAL W 299 -3.31 23.89 -10.19
N PRO W 300 -3.56 24.80 -11.14
CA PRO W 300 -3.95 26.16 -10.77
C PRO W 300 -5.42 26.25 -10.37
N ALA W 301 -5.77 27.41 -9.83
CA ALA W 301 -7.15 27.72 -9.49
C ALA W 301 -7.83 28.44 -10.66
N LEU W 302 -9.13 28.64 -10.53
CA LEU W 302 -9.94 29.30 -11.54
C LEU W 302 -10.58 30.56 -11.00
N ARG W 303 -10.56 31.62 -11.80
CA ARG W 303 -11.33 32.82 -11.56
C ARG W 303 -12.60 32.74 -12.41
N VAL W 304 -13.74 32.53 -11.76
CA VAL W 304 -14.96 32.10 -12.42
C VAL W 304 -16.06 33.15 -12.23
N ARG W 305 -16.76 33.44 -13.32
CA ARG W 305 -17.96 34.27 -13.31
C ARG W 305 -19.00 33.58 -14.17
N ARG W 306 -20.06 33.07 -13.55
CA ARG W 306 -21.06 32.29 -14.27
C ARG W 306 -22.45 32.63 -13.77
N THR W 307 -23.45 32.30 -14.60
CA THR W 307 -24.85 32.52 -14.28
C THR W 307 -25.67 31.38 -14.86
N ASP W 308 -26.83 31.14 -14.26
CA ASP W 308 -27.76 30.12 -14.75
C ASP W 308 -29.17 30.54 -14.34
N THR W 309 -30.06 30.62 -15.33
CA THR W 309 -31.42 31.13 -15.10
C THR W 309 -32.28 30.77 -16.29
N SER W 310 -33.58 31.03 -16.15
CA SER W 310 -34.54 30.84 -17.23
C SER W 310 -35.41 32.08 -17.35
N VAL W 311 -35.64 32.52 -18.59
CA VAL W 311 -36.34 33.77 -18.86
C VAL W 311 -37.17 33.60 -20.13
N MET W 312 -38.05 34.58 -20.36
CA MET W 312 -38.86 34.65 -21.58
C MET W 312 -38.72 36.04 -22.18
N LEU W 313 -38.47 36.10 -23.48
CA LEU W 313 -38.33 37.36 -24.20
C LEU W 313 -38.99 37.24 -25.56
N ALA W 314 -39.30 38.39 -26.15
CA ALA W 314 -39.76 38.45 -27.53
C ALA W 314 -38.58 38.67 -28.45
N ASP W 315 -38.79 38.35 -29.73
CA ASP W 315 -37.74 38.48 -30.73
C ASP W 315 -37.09 39.86 -30.68
N GLY W 316 -35.81 39.89 -30.35
CA GLY W 316 -35.05 41.11 -30.31
C GLY W 316 -34.96 41.78 -28.95
N GLU W 317 -35.82 41.40 -28.00
CA GLU W 317 -35.77 41.99 -26.67
C GLU W 317 -34.54 41.48 -25.92
N SER W 318 -34.23 42.15 -24.81
CA SER W 318 -33.01 41.89 -24.07
C SER W 318 -33.28 41.93 -22.57
N PHE W 319 -32.40 41.26 -21.82
CA PHE W 319 -32.43 41.27 -20.38
C PHE W 319 -31.02 41.46 -19.83
N VAL W 320 -30.92 42.15 -18.70
CA VAL W 320 -29.73 42.04 -17.87
C VAL W 320 -30.01 40.94 -16.85
N ILE W 321 -29.74 39.69 -17.23
CA ILE W 321 -30.10 38.56 -16.39
C ILE W 321 -29.30 38.55 -15.09
N SER W 322 -28.16 39.23 -15.06
CA SER W 322 -27.32 39.20 -13.87
C SER W 322 -26.47 40.45 -13.85
N GLY W 323 -26.12 40.88 -12.63
CA GLY W 323 -25.28 42.05 -12.44
C GLY W 323 -24.75 42.08 -11.03
N LEU W 324 -23.66 42.81 -10.85
CA LEU W 324 -23.00 42.88 -9.55
C LEU W 324 -22.25 44.19 -9.41
N THR W 325 -22.28 44.75 -8.21
CA THR W 325 -21.38 45.81 -7.79
C THR W 325 -20.80 45.41 -6.45
N SER W 326 -19.48 45.51 -6.31
CA SER W 326 -18.80 45.03 -5.12
C SER W 326 -17.72 46.03 -4.73
N SER W 327 -17.39 46.03 -3.44
CA SER W 327 -16.32 46.88 -2.93
C SER W 327 -15.80 46.28 -1.64
N ASN W 328 -14.47 46.24 -1.51
CA ASN W 328 -13.81 45.71 -0.33
C ASN W 328 -12.71 46.65 0.09
N SER W 329 -12.56 46.84 1.40
CA SER W 329 -11.52 47.68 1.95
C SER W 329 -10.97 47.01 3.20
N VAL W 330 -9.64 46.98 3.32
CA VAL W 330 -8.96 46.40 4.47
C VAL W 330 -7.79 47.31 4.84
N SER W 331 -7.66 47.60 6.13
CA SER W 331 -6.62 48.49 6.61
C SER W 331 -6.06 47.96 7.92
N ASN W 332 -4.81 48.35 8.20
CA ASN W 332 -4.15 47.95 9.43
C ASN W 332 -3.02 48.92 9.70
N VAL W 333 -2.87 49.31 10.97
CA VAL W 333 -1.81 50.22 11.40
C VAL W 333 -1.14 49.65 12.63
N ASP W 334 0.19 49.57 12.60
CA ASP W 334 0.99 49.16 13.75
C ASP W 334 1.94 50.28 14.10
N LYS W 335 2.07 50.56 15.40
CA LYS W 335 2.87 51.68 15.86
C LYS W 335 3.57 51.32 17.16
N PHE W 336 4.73 51.92 17.38
CA PHE W 336 5.33 51.89 18.70
C PHE W 336 4.47 52.69 19.66
N PRO W 337 4.20 52.18 20.87
CA PRO W 337 3.14 52.78 21.70
C PRO W 337 3.20 54.29 21.86
N TRP W 338 4.31 54.81 22.39
CA TRP W 338 4.41 56.24 22.66
C TRP W 338 4.97 57.03 21.49
N LEU W 339 6.00 56.51 20.83
CA LEU W 339 6.65 57.27 19.76
C LEU W 339 5.77 57.38 18.52
N GLY W 340 4.85 56.42 18.33
CA GLY W 340 4.04 56.43 17.12
C GLY W 340 3.11 57.62 16.99
N ASP W 341 2.85 58.33 18.08
CA ASP W 341 1.94 59.46 18.08
C ASP W 341 2.65 60.80 17.95
N ILE W 342 3.97 60.81 17.80
CA ILE W 342 4.66 62.08 17.56
C ILE W 342 4.16 62.69 16.25
N PRO W 343 3.78 63.97 16.21
CA PRO W 343 3.07 64.48 15.03
C PRO W 343 3.86 64.37 13.73
N ILE W 344 5.18 64.47 13.78
CA ILE W 344 6.02 64.44 12.58
C ILE W 344 6.87 63.16 12.53
N LEU W 345 7.71 62.95 13.55
CA LEU W 345 8.60 61.80 13.56
C LEU W 345 7.87 60.48 13.81
N GLY W 346 6.59 60.52 14.18
CA GLY W 346 5.87 59.31 14.46
C GLY W 346 5.77 58.37 13.26
N ALA W 347 5.80 58.93 12.04
CA ALA W 347 5.67 58.10 10.85
C ALA W 347 6.75 57.03 10.78
N PHE W 348 7.95 57.32 11.29
CA PHE W 348 9.03 56.35 11.27
C PHE W 348 8.85 55.24 12.30
N PHE W 349 7.89 55.38 13.22
CA PHE W 349 7.59 54.36 14.20
C PHE W 349 6.25 53.67 13.91
N ARG W 350 5.80 53.72 12.66
CA ARG W 350 4.53 53.13 12.28
C ARG W 350 4.70 52.24 11.06
N SER W 351 3.90 51.18 10.99
CA SER W 351 3.78 50.34 9.82
C SER W 351 2.32 50.30 9.39
N THR W 352 2.10 50.24 8.08
CA THR W 352 0.77 50.42 7.53
C THR W 352 0.54 49.46 6.37
N LYS W 353 -0.73 49.16 6.13
CA LYS W 353 -1.15 48.30 5.03
C LYS W 353 -2.56 48.71 4.63
N LEU W 354 -2.80 48.79 3.33
CA LEU W 354 -4.12 49.16 2.80
C LEU W 354 -4.38 48.36 1.54
N ASP W 355 -5.57 47.77 1.46
CA ASP W 355 -6.00 47.02 0.29
C ASP W 355 -7.43 47.39 -0.03
N LYS W 356 -7.67 47.83 -1.27
CA LYS W 356 -9.01 48.21 -1.71
C LYS W 356 -9.28 47.55 -3.06
N ASP W 357 -10.54 47.24 -3.30
CA ASP W 357 -10.94 46.58 -4.54
C ASP W 357 -12.37 46.99 -4.89
N ASP W 358 -12.64 47.07 -6.18
CA ASP W 358 -13.96 47.38 -6.70
C ASP W 358 -14.21 46.54 -7.94
N ARG W 359 -15.48 46.34 -8.25
CA ARG W 359 -15.85 45.45 -9.34
C ARG W 359 -17.26 45.77 -9.82
N GLU W 360 -17.49 45.52 -11.11
CA GLU W 360 -18.80 45.67 -11.72
C GLU W 360 -18.95 44.63 -12.82
N LEU W 361 -20.17 44.09 -12.95
CA LEU W 361 -20.45 43.02 -13.89
C LEU W 361 -21.74 43.30 -14.65
N LEU W 362 -21.84 42.69 -15.83
CA LEU W 362 -23.07 42.69 -16.60
C LEU W 362 -23.12 41.44 -17.45
N MET W 363 -24.27 40.78 -17.48
CA MET W 363 -24.54 39.68 -18.41
C MET W 363 -25.87 39.95 -19.08
N ILE W 364 -25.84 40.07 -20.41
CA ILE W 364 -27.00 40.46 -21.19
C ILE W 364 -27.26 39.40 -22.25
N VAL W 365 -28.53 39.06 -22.45
CA VAL W 365 -28.94 38.05 -23.41
C VAL W 365 -29.88 38.70 -24.41
N THR W 366 -29.79 38.23 -25.66
CA THR W 366 -30.62 38.78 -26.73
C THR W 366 -30.90 37.71 -27.77
N PRO W 367 -32.12 37.16 -27.82
CA PRO W 367 -32.44 36.15 -28.83
C PRO W 367 -33.03 36.76 -30.11
N HIS W 368 -32.63 36.19 -31.24
CA HIS W 368 -33.13 36.60 -32.55
C HIS W 368 -33.63 35.38 -33.30
N LEU W 369 -34.76 35.54 -33.99
CA LEU W 369 -35.21 34.52 -34.94
C LEU W 369 -34.52 34.74 -36.27
N VAL W 370 -33.94 33.67 -36.82
CA VAL W 370 -33.08 33.77 -37.99
C VAL W 370 -33.46 32.68 -39.00
N GLN W 371 -32.93 32.83 -40.20
CA GLN W 371 -33.12 31.88 -41.29
C GLN W 371 -31.77 31.63 -41.94
N PRO W 372 -31.60 30.47 -42.60
CA PRO W 372 -30.31 30.16 -43.20
C PRO W 372 -29.96 31.13 -44.33
N LEU W 373 -28.65 31.32 -44.52
CA LEU W 373 -28.18 32.08 -45.68
C LEU W 373 -28.59 31.37 -46.96
N ALA W 374 -28.90 32.16 -47.98
CA ALA W 374 -29.34 31.59 -49.24
C ALA W 374 -28.21 30.84 -49.94
N ALA W 375 -28.59 29.96 -50.85
CA ALA W 375 -27.59 29.12 -51.53
C ALA W 375 -26.56 29.96 -52.28
N ASP W 376 -26.96 31.12 -52.78
CA ASP W 376 -26.06 31.99 -53.53
C ASP W 376 -25.38 33.04 -52.67
N ALA W 377 -25.61 33.03 -51.36
CA ALA W 377 -25.10 34.08 -50.49
C ALA W 377 -23.59 33.98 -50.36
N GLN W 378 -22.93 35.14 -50.31
CA GLN W 378 -21.52 35.20 -49.97
C GLN W 378 -21.38 35.05 -48.45
N LEU W 379 -20.55 34.10 -48.03
CA LEU W 379 -20.44 33.78 -46.62
C LEU W 379 -19.79 34.94 -45.85
N PRO W 380 -20.16 35.11 -44.58
CA PRO W 380 -19.38 36.02 -43.73
C PRO W 380 -17.96 35.53 -43.58
N ASP W 381 -17.03 36.47 -43.41
CA ASP W 381 -15.63 36.13 -43.37
C ASP W 381 -14.90 37.11 -42.45
N LEU W 382 -13.67 36.75 -42.11
CA LEU W 382 -12.78 37.53 -41.28
C LEU W 382 -11.51 37.85 -42.03
N PRO W 383 -10.82 38.96 -41.69
CA PRO W 383 -9.64 39.35 -42.47
C PRO W 383 -8.66 38.20 -42.65
N THR W 412 -29.06 65.33 -50.18
CA THR W 412 -28.08 65.75 -51.17
C THR W 412 -27.26 64.57 -51.67
N GLY W 413 -27.38 63.43 -51.00
CA GLY W 413 -26.68 62.22 -51.36
C GLY W 413 -25.40 62.00 -50.58
N LEU W 414 -24.87 63.03 -49.94
CA LEU W 414 -23.65 62.89 -49.16
C LEU W 414 -23.92 62.04 -47.91
N SER W 415 -22.82 61.54 -47.33
CA SER W 415 -22.92 60.65 -46.18
C SER W 415 -23.48 61.34 -44.95
N ASP W 416 -23.33 62.66 -44.86
CA ASP W 416 -23.63 63.75 -43.93
C ASP W 416 -22.59 63.79 -42.81
N GLU X 28 0.74 55.41 -40.85
CA GLU X 28 0.13 54.78 -39.69
C GLU X 28 0.04 55.77 -38.54
N CYS X 29 -0.68 55.38 -37.48
CA CYS X 29 -0.88 56.20 -36.30
C CYS X 29 -0.20 55.52 -35.12
N SER X 30 0.95 56.07 -34.72
CA SER X 30 1.73 55.49 -33.62
C SER X 30 1.41 56.22 -32.32
N GLN X 31 0.14 56.10 -31.93
CA GLN X 31 -0.35 56.70 -30.69
C GLN X 31 -1.50 55.86 -30.18
N GLN X 32 -1.36 55.32 -28.97
CA GLN X 32 -2.40 54.52 -28.34
C GLN X 32 -2.67 55.05 -26.94
N LEU X 33 -3.94 55.03 -26.55
CA LEU X 33 -4.37 55.54 -25.27
C LEU X 33 -4.74 54.41 -24.31
N GLY X 34 -4.56 54.67 -23.02
CA GLY X 34 -4.75 53.66 -22.00
C GLY X 34 -6.19 53.28 -21.81
N GLN X 35 -6.39 52.13 -21.16
CA GLN X 35 -7.72 51.60 -20.86
C GLN X 35 -8.54 52.52 -19.97
N GLU X 36 -7.93 53.58 -19.43
CA GLU X 36 -8.68 54.57 -18.68
C GLU X 36 -9.24 55.67 -19.58
N GLN X 37 -8.47 56.14 -20.56
CA GLN X 37 -8.88 57.20 -21.46
C GLN X 37 -9.31 56.69 -22.82
N GLU X 38 -9.22 55.38 -23.08
CA GLU X 38 -9.75 54.76 -24.29
C GLU X 38 -11.12 54.15 -24.07
N LEU X 39 -11.34 53.57 -22.88
CA LEU X 39 -12.68 53.23 -22.44
C LEU X 39 -13.58 54.46 -22.49
N GLN X 40 -12.97 55.64 -22.51
CA GLN X 40 -13.68 56.91 -22.61
C GLN X 40 -14.01 57.26 -24.06
N MET X 41 -13.05 57.05 -24.96
CA MET X 41 -13.32 57.24 -26.38
C MET X 41 -14.43 56.30 -26.86
N ASN X 42 -14.55 55.12 -26.26
CA ASN X 42 -15.68 54.26 -26.59
C ASN X 42 -17.01 54.96 -26.30
N MET X 43 -17.13 55.54 -25.10
CA MET X 43 -18.33 56.29 -24.76
C MET X 43 -18.53 57.47 -25.70
N VAL X 44 -17.44 58.14 -26.06
CA VAL X 44 -17.52 59.26 -27.00
C VAL X 44 -18.15 58.78 -28.31
N ARG X 45 -17.65 57.67 -28.86
CA ARG X 45 -18.23 57.13 -30.09
C ARG X 45 -19.70 56.79 -29.90
N ASP X 46 -20.04 56.18 -28.77
CA ASP X 46 -21.44 55.87 -28.48
C ASP X 46 -22.29 57.13 -28.57
N MET X 47 -21.82 58.22 -27.98
CA MET X 47 -22.53 59.49 -28.06
C MET X 47 -22.63 59.98 -29.50
N ILE X 48 -21.54 59.86 -30.26
CA ILE X 48 -21.55 60.33 -31.64
C ILE X 48 -22.65 59.65 -32.43
N ARG X 49 -22.72 58.32 -32.35
CA ARG X 49 -23.73 57.59 -33.10
C ARG X 49 -25.10 57.61 -32.44
N GLU X 50 -25.20 58.11 -31.21
CA GLU X 50 -26.49 58.23 -30.53
C GLU X 50 -27.24 59.49 -30.94
N GLY X 51 -26.62 60.39 -31.69
CA GLY X 51 -27.18 61.70 -31.92
C GLY X 51 -26.82 62.71 -30.85
N ARG X 52 -25.99 62.33 -29.89
CA ARG X 52 -25.55 63.19 -28.81
C ARG X 52 -24.22 63.86 -29.11
N LEU X 53 -23.99 64.25 -30.37
CA LEU X 53 -22.77 64.90 -30.79
C LEU X 53 -22.28 65.93 -29.78
N HIS X 54 -23.20 66.73 -29.24
CA HIS X 54 -22.81 67.80 -28.32
C HIS X 54 -22.31 67.24 -26.99
N ALA X 55 -23.00 66.21 -26.48
CA ALA X 55 -22.51 65.53 -25.28
C ALA X 55 -21.16 64.85 -25.56
N ALA X 56 -21.00 64.29 -26.75
CA ALA X 56 -19.70 63.74 -27.12
C ALA X 56 -18.63 64.83 -27.12
N LEU X 57 -18.97 66.02 -27.60
CA LEU X 57 -18.04 67.14 -27.53
C LEU X 57 -17.70 67.48 -26.10
N ALA X 58 -18.70 67.48 -25.22
CA ALA X 58 -18.43 67.72 -23.79
C ALA X 58 -17.43 66.71 -23.25
N ASN X 59 -17.70 65.42 -23.49
CA ASN X 59 -16.84 64.38 -22.94
C ASN X 59 -15.43 64.44 -23.54
N LEU X 60 -15.33 64.79 -24.82
CA LEU X 60 -14.01 65.01 -25.44
C LEU X 60 -13.29 66.17 -24.77
N GLU X 61 -14.00 67.28 -24.55
CA GLU X 61 -13.42 68.42 -23.84
C GLU X 61 -12.90 68.00 -22.48
N SER X 62 -13.59 67.06 -21.83
CA SER X 62 -13.05 66.47 -20.60
C SER X 62 -11.70 65.81 -20.88
N MET X 63 -11.59 65.10 -22.00
CA MET X 63 -10.37 64.39 -22.36
C MET X 63 -9.31 65.38 -22.83
N PRO X 64 -8.04 64.97 -22.87
CA PRO X 64 -6.96 65.91 -23.12
C PRO X 64 -7.03 66.51 -24.51
N PRO X 65 -6.93 67.83 -24.64
CA PRO X 65 -6.79 68.43 -25.96
C PRO X 65 -5.40 68.23 -26.51
N GLY X 66 -5.31 68.05 -27.83
CA GLY X 66 -4.09 67.70 -28.50
C GLY X 66 -3.99 66.23 -28.85
N LEU X 67 -4.84 65.39 -28.27
CA LEU X 67 -4.91 63.98 -28.63
C LEU X 67 -5.52 63.85 -30.02
N LEU X 68 -4.75 63.30 -30.96
CA LEU X 68 -5.19 63.25 -32.35
C LEU X 68 -6.59 62.65 -32.48
N ASP X 69 -6.84 61.54 -31.78
CA ASP X 69 -8.18 60.94 -31.83
C ASP X 69 -9.24 61.92 -31.34
N VAL X 70 -9.00 62.52 -30.17
CA VAL X 70 -9.95 63.49 -29.64
C VAL X 70 -10.05 64.70 -30.57
N ARG X 71 -8.94 65.11 -31.18
CA ARG X 71 -8.98 66.26 -32.06
C ARG X 71 -9.87 66.00 -33.27
N GLU X 72 -9.69 64.85 -33.93
CA GLU X 72 -10.50 64.53 -35.10
C GLU X 72 -11.95 64.30 -34.74
N GLU X 73 -12.22 63.67 -33.59
CA GLU X 73 -13.60 63.47 -33.17
C GLU X 73 -14.28 64.82 -32.93
N ARG X 74 -13.58 65.73 -32.24
CA ARG X 74 -14.10 67.06 -32.01
C ARG X 74 -14.38 67.76 -33.32
N ALA X 75 -13.45 67.66 -34.28
CA ALA X 75 -13.66 68.29 -35.58
C ALA X 75 -14.91 67.74 -36.27
N LEU X 76 -15.09 66.41 -36.22
CA LEU X 76 -16.30 65.81 -36.78
C LEU X 76 -17.54 66.43 -36.17
N ILE X 77 -17.59 66.49 -34.84
CA ILE X 77 -18.75 67.06 -34.16
C ILE X 77 -18.95 68.51 -34.58
N LEU X 78 -17.88 69.30 -34.57
CA LEU X 78 -17.97 70.71 -34.90
C LEU X 78 -18.52 70.91 -36.30
N ARG X 79 -18.02 70.14 -37.27
CA ARG X 79 -18.50 70.29 -38.64
C ARG X 79 -19.97 69.91 -38.75
N ARG X 80 -20.37 68.83 -38.09
CA ARG X 80 -21.77 68.41 -38.21
C ARG X 80 -22.71 69.40 -37.54
N ILE X 81 -22.33 69.95 -36.39
CA ILE X 81 -23.22 70.85 -35.65
C ILE X 81 -23.20 72.28 -36.17
N GLY X 82 -22.25 72.62 -37.04
CA GLY X 82 -22.19 73.94 -37.61
C GLY X 82 -21.22 74.89 -36.93
N ASP X 83 -20.35 74.39 -36.05
CA ASP X 83 -19.40 75.26 -35.38
C ASP X 83 -18.38 75.79 -36.40
N PRO X 84 -17.78 76.96 -36.13
CA PRO X 84 -16.80 77.53 -37.06
C PRO X 84 -15.38 77.03 -36.88
N ARG X 85 -15.11 76.24 -35.84
CA ARG X 85 -13.75 75.79 -35.55
C ARG X 85 -13.40 74.46 -36.20
N ALA X 86 -14.39 73.74 -36.72
CA ALA X 86 -14.10 72.49 -37.43
C ALA X 86 -13.07 72.70 -38.53
N ARG X 87 -13.15 73.84 -39.22
CA ARG X 87 -12.20 74.14 -40.29
C ARG X 87 -10.77 74.08 -39.77
N ALA X 88 -10.50 74.81 -38.68
CA ALA X 88 -9.16 74.83 -38.12
C ALA X 88 -8.75 73.47 -37.59
N GLU X 89 -9.69 72.74 -36.96
CA GLU X 89 -9.36 71.42 -36.45
C GLU X 89 -8.90 70.50 -37.58
N TYR X 90 -9.68 70.43 -38.66
CA TYR X 90 -9.24 69.68 -39.84
C TYR X 90 -7.90 70.19 -40.34
N GLN X 91 -7.73 71.51 -40.39
CA GLN X 91 -6.48 72.08 -40.90
C GLN X 91 -5.28 71.58 -40.10
N ALA X 92 -5.36 71.65 -38.77
CA ALA X 92 -4.25 71.20 -37.94
C ALA X 92 -3.97 69.72 -38.15
N LEU X 93 -5.02 68.91 -38.26
CA LEU X 93 -4.86 67.46 -38.38
C LEU X 93 -4.35 67.03 -39.75
N LEU X 94 -4.35 67.92 -40.75
CA LEU X 94 -3.79 67.57 -42.04
C LEU X 94 -2.33 67.15 -41.92
N GLU X 95 -1.59 67.76 -41.00
CA GLU X 95 -0.16 67.51 -40.85
C GLU X 95 0.16 66.44 -39.81
N THR X 96 -0.76 65.50 -39.58
CA THR X 96 -0.60 64.44 -38.59
C THR X 96 -1.00 63.11 -39.22
N CYS X 97 -0.95 62.05 -38.41
CA CYS X 97 -1.44 60.75 -38.88
C CYS X 97 -2.92 60.83 -39.23
N LYS X 98 -3.64 61.79 -38.66
CA LYS X 98 -5.04 62.02 -39.02
C LYS X 98 -5.12 62.89 -40.26
N ALA X 99 -4.41 62.52 -41.31
CA ALA X 99 -4.41 63.25 -42.58
C ALA X 99 -5.66 62.94 -43.41
N PRO X 100 -5.91 61.67 -43.75
CA PRO X 100 -7.06 61.37 -44.62
C PRO X 100 -8.36 62.02 -44.16
N GLU X 101 -8.72 61.88 -42.89
CA GLU X 101 -9.99 62.42 -42.43
C GLU X 101 -9.96 63.94 -42.36
N ALA X 102 -8.78 64.54 -42.17
CA ALA X 102 -8.68 66.00 -42.23
C ALA X 102 -8.96 66.51 -43.64
N HIS X 103 -8.34 65.88 -44.64
CA HIS X 103 -8.63 66.24 -46.03
C HIS X 103 -10.11 66.06 -46.33
N HIS X 104 -10.68 64.94 -45.88
CA HIS X 104 -12.10 64.68 -46.12
C HIS X 104 -12.98 65.72 -45.45
N GLY X 105 -12.63 66.13 -44.23
CA GLY X 105 -13.36 67.17 -43.53
C GLY X 105 -13.33 68.49 -44.26
N LEU X 106 -12.14 68.91 -44.69
CA LEU X 106 -12.04 70.15 -45.47
C LEU X 106 -12.85 70.05 -46.76
N GLY X 107 -12.82 68.90 -47.41
CA GLY X 107 -13.64 68.69 -48.59
C GLY X 107 -15.13 68.84 -48.32
N LEU X 108 -15.60 68.20 -47.26
CA LEU X 108 -17.01 68.34 -46.89
C LEU X 108 -17.36 69.78 -46.52
N LEU X 109 -16.42 70.50 -45.90
CA LEU X 109 -16.64 71.92 -45.66
C LEU X 109 -16.84 72.67 -46.98
N ALA X 110 -15.93 72.45 -47.94
CA ALA X 110 -16.06 73.06 -49.25
C ALA X 110 -17.42 72.73 -49.88
N LEU X 111 -17.85 71.48 -49.75
CA LEU X 111 -19.16 71.09 -50.26
C LEU X 111 -20.28 71.86 -49.55
N ARG X 112 -20.18 72.00 -48.22
CA ARG X 112 -21.18 72.77 -47.48
C ARG X 112 -21.24 74.20 -47.99
N ASN X 113 -20.09 74.81 -48.26
CA ASN X 113 -20.05 76.15 -48.84
C ASN X 113 -20.51 76.18 -50.28
N GLY X 114 -20.63 75.02 -50.93
CA GLY X 114 -21.00 74.95 -52.33
C GLY X 114 -19.84 75.05 -53.30
N ASP X 115 -18.63 75.30 -52.81
CA ASP X 115 -17.45 75.42 -53.66
C ASP X 115 -16.97 74.02 -54.02
N SER X 116 -17.65 73.43 -55.01
CA SER X 116 -17.33 72.07 -55.44
C SER X 116 -15.93 71.97 -56.04
N ALA X 117 -15.37 73.07 -56.54
CA ALA X 117 -14.09 73.03 -57.23
C ALA X 117 -13.00 72.41 -56.37
N ARG X 118 -12.68 73.05 -55.24
CA ARG X 118 -11.68 72.51 -54.34
C ARG X 118 -12.19 71.30 -53.57
N ALA X 119 -13.52 71.17 -53.42
CA ALA X 119 -14.07 70.02 -52.74
C ALA X 119 -13.71 68.72 -53.47
N VAL X 120 -13.83 68.73 -54.80
CA VAL X 120 -13.48 67.55 -55.57
C VAL X 120 -12.00 67.21 -55.39
N LEU X 121 -11.14 68.23 -55.42
CA LEU X 121 -9.71 67.99 -55.25
C LEU X 121 -9.41 67.36 -53.89
N GLU X 122 -9.96 67.92 -52.82
CA GLU X 122 -9.68 67.40 -51.49
C GLU X 122 -10.28 66.02 -51.30
N LEU X 123 -11.47 65.77 -51.85
CA LEU X 123 -12.05 64.44 -51.76
C LEU X 123 -11.23 63.43 -52.54
N ARG X 124 -10.69 63.81 -53.69
CA ARG X 124 -9.78 62.93 -54.43
C ARG X 124 -8.56 62.60 -53.59
N GLU X 125 -7.96 63.61 -52.96
CA GLU X 125 -6.79 63.36 -52.12
C GLU X 125 -7.13 62.39 -50.98
N ALA X 126 -8.25 62.63 -50.30
CA ALA X 126 -8.64 61.78 -49.19
C ALA X 126 -8.90 60.35 -49.65
N ALA X 127 -9.67 60.19 -50.72
CA ALA X 127 -9.94 58.85 -51.25
C ALA X 127 -8.67 58.16 -51.70
N ARG X 128 -7.66 58.92 -52.13
CA ARG X 128 -6.38 58.31 -52.48
C ARG X 128 -5.66 57.79 -51.25
N LEU X 129 -5.50 58.65 -50.24
CA LEU X 129 -4.65 58.29 -49.11
C LEU X 129 -5.20 57.11 -48.32
N ARG X 130 -6.52 57.04 -48.12
CA ARG X 130 -7.16 55.90 -47.47
C ARG X 130 -8.28 55.43 -48.38
N PRO X 131 -7.99 54.51 -49.30
CA PRO X 131 -8.98 54.18 -50.34
C PRO X 131 -10.18 53.38 -49.84
N THR X 132 -9.98 52.44 -48.93
CA THR X 132 -11.06 51.51 -48.59
C THR X 132 -12.24 52.19 -47.91
N GLU X 133 -12.10 53.45 -47.51
CA GLU X 133 -13.18 54.14 -46.82
C GLU X 133 -14.37 54.36 -47.76
N SER X 134 -15.44 53.59 -47.54
CA SER X 134 -16.64 53.70 -48.37
C SER X 134 -17.20 55.12 -48.32
N ARG X 135 -17.21 55.72 -47.12
CA ARG X 135 -17.72 57.08 -46.97
C ARG X 135 -16.96 58.06 -47.86
N PHE X 136 -15.63 57.98 -47.87
CA PHE X 136 -14.83 58.86 -48.72
C PHE X 136 -15.17 58.66 -50.19
N ARG X 137 -15.29 57.41 -50.62
CA ARG X 137 -15.58 57.14 -52.03
C ARG X 137 -16.95 57.67 -52.42
N ASN X 138 -17.95 57.46 -51.57
CA ASN X 138 -19.30 57.92 -51.89
C ASN X 138 -19.41 59.43 -51.86
N ASP X 139 -18.60 60.11 -51.03
CA ASP X 139 -18.58 61.56 -51.06
C ASP X 139 -17.85 62.09 -52.29
N LEU X 140 -16.72 61.48 -52.64
CA LEU X 140 -15.98 61.91 -53.82
C LEU X 140 -16.79 61.71 -55.09
N GLY X 141 -17.57 60.62 -55.17
CA GLY X 141 -18.41 60.42 -56.33
C GLY X 141 -19.46 61.50 -56.48
N VAL X 142 -20.09 61.89 -55.37
CA VAL X 142 -21.07 62.97 -55.41
C VAL X 142 -20.39 64.27 -55.82
N ALA X 143 -19.21 64.54 -55.28
CA ALA X 143 -18.49 65.76 -55.66
C ALA X 143 -18.19 65.77 -57.16
N LEU X 144 -17.73 64.65 -57.70
CA LEU X 144 -17.47 64.57 -59.14
C LEU X 144 -18.75 64.78 -59.94
N LEU X 145 -19.82 64.10 -59.55
CA LEU X 145 -21.10 64.25 -60.23
C LEU X 145 -21.53 65.71 -60.27
N LYS X 146 -21.39 66.41 -59.15
CA LYS X 146 -21.67 67.84 -59.14
C LYS X 146 -20.72 68.61 -60.06
N ARG X 147 -19.45 68.22 -60.09
CA ARG X 147 -18.46 68.94 -60.88
C ARG X 147 -18.53 68.62 -62.36
N GLY X 148 -19.11 67.47 -62.74
CA GLY X 148 -19.35 67.15 -64.13
C GLY X 148 -18.54 65.99 -64.67
N ASP X 149 -17.56 65.47 -63.92
CA ASP X 149 -16.80 64.30 -64.35
C ASP X 149 -17.65 63.05 -64.15
N ARG X 150 -18.59 62.85 -65.09
CA ARG X 150 -19.57 61.78 -64.94
C ARG X 150 -18.91 60.41 -64.97
N VAL X 151 -17.89 60.22 -65.82
CA VAL X 151 -17.21 58.92 -65.85
C VAL X 151 -16.45 58.68 -64.55
N GLY X 152 -15.74 59.71 -64.07
CA GLY X 152 -15.07 59.59 -62.79
C GLY X 152 -16.05 59.43 -61.64
N ALA X 153 -17.18 60.14 -61.72
CA ALA X 153 -18.21 59.99 -60.70
C ALA X 153 -18.75 58.55 -60.68
N ARG X 154 -18.95 57.97 -61.86
CA ARG X 154 -19.37 56.57 -61.94
C ARG X 154 -18.32 55.65 -61.33
N PHE X 155 -17.05 55.90 -61.65
CA PHE X 155 -15.96 55.14 -61.05
C PHE X 155 -16.04 55.17 -59.52
N GLU X 156 -16.14 56.37 -58.96
CA GLU X 156 -16.12 56.50 -57.50
C GLU X 156 -17.38 55.93 -56.86
N PHE X 157 -18.54 56.14 -57.47
CA PHE X 157 -19.77 55.57 -56.95
C PHE X 157 -19.72 54.06 -56.97
N ILE X 158 -19.18 53.46 -58.04
CA ILE X 158 -19.06 52.01 -58.09
C ILE X 158 -18.10 51.52 -57.03
N THR X 159 -17.00 52.23 -56.81
CA THR X 159 -16.08 51.85 -55.74
C THR X 159 -16.80 51.84 -54.40
N ALA X 160 -17.53 52.91 -54.11
CA ALA X 160 -18.25 52.99 -52.83
C ALA X 160 -19.30 51.89 -52.71
N LEU X 161 -20.08 51.67 -53.77
CA LEU X 161 -21.13 50.66 -53.73
C LEU X 161 -20.57 49.26 -53.58
N GLU X 162 -19.39 49.00 -54.15
CA GLU X 162 -18.75 47.70 -53.99
C GLU X 162 -18.18 47.53 -52.60
N LEU X 163 -17.57 48.59 -52.05
CA LEU X 163 -17.02 48.52 -50.69
C LEU X 163 -18.11 48.17 -49.69
N GLN X 164 -19.21 48.91 -49.70
CA GLN X 164 -20.31 48.64 -48.79
C GLN X 164 -21.03 47.36 -49.18
N GLN X 165 -21.54 46.64 -48.18
CA GLN X 165 -22.20 45.36 -48.39
C GLN X 165 -23.57 45.61 -49.01
N GLY X 166 -23.56 45.87 -50.32
CA GLY X 166 -24.76 46.16 -51.06
C GLY X 166 -25.09 47.64 -51.15
N GLY X 167 -24.68 48.44 -50.16
CA GLY X 167 -24.87 49.87 -50.21
C GLY X 167 -26.28 50.32 -49.94
N LYS X 168 -26.41 51.46 -49.27
CA LYS X 168 -27.70 52.14 -49.12
C LYS X 168 -27.67 53.51 -49.79
N LEU X 169 -26.70 54.35 -49.46
CA LEU X 169 -26.52 55.61 -50.14
C LEU X 169 -25.83 55.37 -51.49
N PRO X 170 -24.76 54.56 -51.53
CA PRO X 170 -24.11 54.29 -52.83
C PRO X 170 -25.03 53.76 -53.91
N ALA X 171 -25.94 52.86 -53.55
CA ALA X 171 -26.79 52.24 -54.57
C ALA X 171 -27.65 53.28 -55.28
N THR X 172 -28.32 54.14 -54.51
CA THR X 172 -29.09 55.20 -55.12
C THR X 172 -28.23 56.34 -55.65
N ASN X 173 -26.97 56.42 -55.21
CA ASN X 173 -26.03 57.38 -55.79
C ASN X 173 -25.62 57.00 -57.19
N LEU X 174 -25.60 55.71 -57.50
CA LEU X 174 -25.39 55.26 -58.88
C LEU X 174 -26.69 55.19 -59.67
N LEU X 175 -27.81 54.87 -59.01
CA LEU X 175 -29.10 54.89 -59.68
C LEU X 175 -29.45 56.28 -60.19
N GLY X 176 -29.28 57.31 -59.36
CA GLY X 176 -29.56 58.67 -59.78
C GLY X 176 -28.59 59.17 -60.83
N LEU X 177 -27.34 58.73 -60.76
CA LEU X 177 -26.40 59.05 -61.83
C LEU X 177 -26.87 58.44 -63.15
N LEU X 178 -27.32 57.19 -63.12
CA LEU X 178 -27.89 56.56 -64.32
C LEU X 178 -29.10 57.34 -64.81
N TYR X 179 -29.99 57.74 -63.89
CA TYR X 179 -31.17 58.52 -64.27
C TYR X 179 -30.75 59.82 -64.96
N LEU X 180 -29.79 60.54 -64.37
CA LEU X 180 -29.25 61.72 -65.03
C LEU X 180 -28.69 61.38 -66.41
N GLN X 181 -28.13 60.19 -66.57
CA GLN X 181 -27.60 59.76 -67.85
C GLN X 181 -28.65 59.14 -68.77
N GLY X 182 -29.86 58.89 -68.27
CA GLY X 182 -30.96 58.47 -69.12
C GLY X 182 -31.03 56.98 -69.41
N ASP X 183 -30.09 56.18 -68.92
CA ASP X 183 -30.15 54.74 -69.16
C ASP X 183 -31.21 54.11 -68.28
N ARG X 184 -32.48 54.29 -68.64
CA ARG X 184 -33.57 53.85 -67.79
C ARG X 184 -33.56 52.33 -67.61
N GLU X 185 -33.28 51.58 -68.67
CA GLU X 185 -33.29 50.13 -68.55
C GLU X 185 -32.09 49.62 -67.75
N ASP X 186 -30.94 50.28 -67.85
CA ASP X 186 -29.83 49.93 -66.96
C ASP X 186 -30.19 50.24 -65.51
N ALA X 187 -30.85 51.37 -65.27
CA ALA X 187 -31.32 51.68 -63.94
C ALA X 187 -32.28 50.60 -63.44
N GLN X 188 -33.17 50.11 -64.30
CA GLN X 188 -34.09 49.05 -63.92
C GLN X 188 -33.35 47.74 -63.65
N ARG X 189 -32.31 47.46 -64.45
CA ARG X 189 -31.43 46.34 -64.14
C ARG X 189 -30.91 46.45 -62.72
N LEU X 190 -30.48 47.64 -62.31
CA LEU X 190 -30.02 47.81 -60.93
C LEU X 190 -31.17 47.69 -59.94
N ILE X 191 -32.36 48.16 -60.30
CA ILE X 191 -33.52 47.99 -59.43
C ILE X 191 -33.73 46.51 -59.11
N GLU X 192 -33.65 45.68 -60.15
CA GLU X 192 -33.81 44.24 -59.95
C GLU X 192 -32.66 43.66 -59.14
N ARG X 193 -31.42 43.98 -59.52
CA ARG X 193 -30.26 43.38 -58.87
C ARG X 193 -30.17 43.78 -57.40
N LEU X 194 -30.14 45.08 -57.12
CA LEU X 194 -30.11 45.57 -55.75
C LEU X 194 -31.38 45.23 -54.98
N GLN X 195 -32.48 44.93 -55.69
CA GLN X 195 -33.78 44.71 -55.07
C GLN X 195 -34.29 46.01 -54.42
N LEU X 196 -34.13 47.12 -55.13
CA LEU X 196 -34.58 48.40 -54.62
C LEU X 196 -36.10 48.43 -54.48
N ASP X 197 -36.57 49.26 -53.55
CA ASP X 197 -37.99 49.44 -53.28
C ASP X 197 -38.43 50.85 -53.64
N ALA X 198 -39.72 51.00 -53.92
CA ALA X 198 -40.25 52.31 -54.27
C ALA X 198 -39.96 53.34 -53.19
N ARG X 199 -39.95 52.91 -51.93
CA ARG X 199 -39.58 53.82 -50.84
C ARG X 199 -38.22 54.45 -51.09
N ASP X 200 -37.33 53.73 -51.78
CA ASP X 200 -36.05 54.29 -52.20
C ASP X 200 -36.09 54.87 -53.61
N ILE X 201 -37.05 54.46 -54.44
CA ILE X 201 -37.15 55.05 -55.78
C ILE X 201 -37.55 56.52 -55.68
N ARG X 202 -38.43 56.86 -54.75
CA ARG X 202 -38.80 58.26 -54.57
C ARG X 202 -37.58 59.10 -54.23
N ALA X 203 -36.80 58.67 -53.24
CA ALA X 203 -35.59 59.39 -52.90
C ALA X 203 -34.59 59.38 -54.05
N ALA X 204 -34.59 58.31 -54.85
CA ALA X 204 -33.68 58.25 -55.99
C ALA X 204 -34.00 59.34 -57.00
N GLU X 205 -35.27 59.50 -57.35
CA GLU X 205 -35.63 60.56 -58.28
C GLU X 205 -35.39 61.94 -57.65
N ALA X 206 -35.65 62.07 -56.35
CA ALA X 206 -35.40 63.34 -55.68
C ALA X 206 -33.92 63.73 -55.78
N ARG X 207 -33.03 62.78 -55.49
CA ARG X 207 -31.60 63.09 -55.55
C ARG X 207 -31.13 63.27 -56.99
N ALA X 208 -31.73 62.53 -57.94
CA ALA X 208 -31.41 62.76 -59.35
C ALA X 208 -31.72 64.19 -59.74
N ARG X 209 -32.87 64.71 -59.30
CA ARG X 209 -33.15 66.13 -59.49
C ARG X 209 -32.13 66.99 -58.75
N SER X 210 -31.76 66.59 -57.53
CA SER X 210 -30.78 67.36 -56.77
C SER X 210 -29.48 67.52 -57.55
N TRP X 211 -28.94 66.42 -58.06
CA TRP X 211 -27.72 66.50 -58.86
C TRP X 211 -27.96 67.33 -60.11
N GLY X 212 -26.98 68.15 -60.46
CA GLY X 212 -27.07 69.01 -61.63
C GLY X 212 -27.46 70.43 -61.27
N PRO Y 131 -46.58 41.20 -15.18
CA PRO Y 131 -45.29 40.55 -15.35
C PRO Y 131 -45.16 39.26 -14.53
N ASN Y 132 -44.46 38.28 -15.10
CA ASN Y 132 -44.25 36.99 -14.44
C ASN Y 132 -42.78 36.71 -14.19
N GLN Y 133 -41.93 37.73 -14.27
CA GLN Y 133 -40.49 37.58 -14.09
C GLN Y 133 -40.01 38.53 -13.01
N VAL Y 134 -39.09 38.06 -12.18
CA VAL Y 134 -38.69 38.74 -10.96
C VAL Y 134 -37.19 39.03 -11.01
N GLN Y 135 -36.83 40.27 -10.70
CA GLN Y 135 -35.44 40.65 -10.48
C GLN Y 135 -35.25 40.85 -8.98
N THR Y 136 -34.29 40.13 -8.40
CA THR Y 136 -34.04 40.14 -6.96
C THR Y 136 -32.73 40.85 -6.70
N ASP Y 137 -32.78 41.88 -5.86
CA ASP Y 137 -31.61 42.67 -5.49
C ASP Y 137 -31.21 42.33 -4.06
N ILE Y 138 -29.96 41.93 -3.89
CA ILE Y 138 -29.39 41.63 -2.58
C ILE Y 138 -28.44 42.76 -2.21
N ARG Y 139 -28.40 43.10 -0.93
CA ARG Y 139 -27.52 44.14 -0.42
C ARG Y 139 -26.86 43.63 0.85
N PHE Y 140 -25.55 43.47 0.82
CA PHE Y 140 -24.78 42.92 1.93
C PHE Y 140 -23.72 43.93 2.36
N VAL Y 141 -23.61 44.12 3.67
CA VAL Y 141 -22.64 45.03 4.25
C VAL Y 141 -22.04 44.39 5.49
N GLU Y 142 -20.72 44.50 5.63
CA GLU Y 142 -20.03 44.03 6.82
C GLU Y 142 -18.97 45.06 7.22
N VAL Y 143 -18.95 45.40 8.50
CA VAL Y 143 -17.95 46.29 9.06
C VAL Y 143 -17.36 45.61 10.29
N SER Y 144 -16.04 45.60 10.38
CA SER Y 144 -15.35 44.97 11.50
C SER Y 144 -14.16 45.82 11.91
N ARG Y 145 -13.90 45.85 13.21
CA ARG Y 145 -12.76 46.58 13.76
C ARG Y 145 -12.05 45.68 14.76
N SER Y 146 -10.76 45.95 14.94
CA SER Y 146 -9.94 45.16 15.85
C SER Y 146 -8.87 46.04 16.45
N LYS Y 147 -8.40 45.63 17.63
CA LYS Y 147 -7.27 46.29 18.28
C LYS Y 147 -6.39 45.23 18.91
N LEU Y 148 -5.13 45.58 19.12
CA LEU Y 148 -4.14 44.63 19.62
C LEU Y 148 -3.07 45.40 20.39
N LYS Y 149 -2.73 44.91 21.58
CA LYS Y 149 -1.67 45.49 22.38
C LYS Y 149 -0.86 44.38 23.02
N GLN Y 150 0.42 44.66 23.27
CA GLN Y 150 1.31 43.73 23.93
C GLN Y 150 2.56 44.48 24.36
N ALA Y 151 3.23 43.94 25.39
CA ALA Y 151 4.45 44.55 25.88
C ALA Y 151 5.19 43.55 26.74
N SER Y 152 6.52 43.54 26.63
CA SER Y 152 7.37 42.67 27.42
C SER Y 152 8.78 43.24 27.43
N THR Y 153 9.55 42.87 28.44
CA THR Y 153 10.90 43.38 28.61
C THR Y 153 11.80 42.30 29.19
N SER Y 154 13.05 42.31 28.76
CA SER Y 154 14.07 41.39 29.28
C SER Y 154 15.41 42.10 29.23
N PHE Y 155 16.35 41.63 30.05
CA PHE Y 155 17.67 42.25 30.09
C PHE Y 155 18.68 41.25 30.64
N VAL Y 156 19.95 41.58 30.44
CA VAL Y 156 21.08 40.79 30.94
C VAL Y 156 22.17 41.75 31.39
N ARG Y 157 22.97 41.29 32.36
CA ARG Y 157 24.09 42.07 32.86
C ARG Y 157 25.29 41.15 33.05
N ARG Y 158 26.48 41.73 33.01
CA ARG Y 158 27.72 40.97 33.00
C ARG Y 158 28.76 41.68 33.85
N GLY Y 159 29.86 40.97 34.13
CA GLY Y 159 30.99 41.53 34.84
C GLY Y 159 31.02 41.11 36.29
N GLY Y 160 31.84 40.11 36.61
CA GLY Y 160 31.92 39.62 37.98
C GLY Y 160 30.65 38.92 38.37
N ASN Y 161 29.58 39.71 38.52
CA ASN Y 161 28.25 39.19 38.72
C ASN Y 161 27.59 38.89 37.38
N LEU Y 162 26.43 38.23 37.45
CA LEU Y 162 25.63 37.98 36.25
C LEU Y 162 24.17 38.00 36.67
N TRP Y 163 23.35 38.73 35.93
CA TRP Y 163 21.92 38.81 36.18
C TRP Y 163 21.17 38.58 34.87
N VAL Y 164 19.99 37.98 35.00
CA VAL Y 164 19.13 37.73 33.85
C VAL Y 164 17.69 37.83 34.33
N LEU Y 165 16.83 38.42 33.50
CA LEU Y 165 15.40 38.45 33.73
C LEU Y 165 14.72 38.22 32.39
N GLY Y 166 14.21 37.00 32.19
CA GLY Y 166 13.55 36.63 30.96
C GLY Y 166 12.05 36.65 31.12
N ALA Y 167 11.39 37.46 30.30
CA ALA Y 167 9.94 37.52 30.32
C ALA Y 167 9.36 36.20 29.79
N PRO Y 168 8.10 35.90 30.10
CA PRO Y 168 7.53 34.62 29.69
C PRO Y 168 7.74 34.31 28.22
N GLY Y 169 8.42 33.19 27.94
CA GLY Y 169 8.67 32.76 26.58
C GLY Y 169 9.84 33.44 25.89
N SER Y 170 10.56 34.32 26.57
CA SER Y 170 11.64 35.07 25.94
C SER Y 170 12.99 34.36 26.02
N LEU Y 171 13.26 33.66 27.13
CA LEU Y 171 14.58 33.10 27.40
C LEU Y 171 14.72 31.65 26.96
N GLY Y 172 13.71 31.08 26.32
CA GLY Y 172 13.77 29.67 25.96
C GLY Y 172 14.87 29.33 24.99
N ASP Y 173 15.45 30.33 24.31
CA ASP Y 173 16.43 30.07 23.27
C ASP Y 173 17.81 29.72 23.82
N ILE Y 174 18.06 29.95 25.11
CA ILE Y 174 19.41 29.99 25.65
C ILE Y 174 19.55 28.98 26.77
N LYS Y 175 20.73 28.35 26.82
CA LYS Y 175 21.14 27.50 27.93
C LYS Y 175 22.46 28.03 28.49
N VAL Y 176 22.65 27.89 29.79
CA VAL Y 176 23.85 28.36 30.47
C VAL Y 176 24.74 27.17 30.76
N ASN Y 177 26.05 27.39 30.68
CA ASN Y 177 27.00 26.30 30.79
C ASN Y 177 27.08 25.78 32.23
N ALA Y 178 27.75 24.64 32.38
CA ALA Y 178 27.82 23.98 33.68
C ALA Y 178 28.57 24.82 34.70
N ASP Y 179 29.63 25.51 34.28
CA ASP Y 179 30.49 26.24 35.20
C ASP Y 179 30.02 27.66 35.47
N GLY Y 180 28.92 28.08 34.85
CA GLY Y 180 28.35 29.38 35.15
C GLY Y 180 29.18 30.56 34.71
N SER Y 181 30.08 30.37 33.75
CA SER Y 181 30.93 31.46 33.28
C SER Y 181 30.21 32.38 32.30
N GLY Y 182 29.10 31.95 31.74
CA GLY Y 182 28.38 32.77 30.78
C GLY Y 182 27.31 31.97 30.07
N LEU Y 183 26.45 32.69 29.37
CA LEU Y 183 25.38 32.06 28.61
C LEU Y 183 25.94 31.38 27.37
N GLY Y 184 25.22 30.37 26.89
CA GLY Y 184 25.66 29.58 25.76
C GLY Y 184 24.66 29.50 24.62
N GLY Y 185 23.85 30.54 24.45
CA GLY Y 185 22.86 30.56 23.38
C GLY Y 185 22.69 31.95 22.80
N THR Y 186 21.93 32.02 21.72
CA THR Y 186 21.66 33.26 21.00
C THR Y 186 20.23 33.70 21.27
N PHE Y 187 20.05 34.98 21.58
CA PHE Y 187 18.72 35.51 21.85
C PHE Y 187 17.91 35.63 20.56
N GLY Y 188 16.60 35.42 20.69
CA GLY Y 188 15.67 35.59 19.60
C GLY Y 188 14.84 36.85 19.73
N THR Y 189 13.88 36.98 18.81
CA THR Y 189 13.02 38.15 18.75
C THR Y 189 11.56 37.72 18.60
N GLY Y 190 10.67 38.47 19.25
CA GLY Y 190 9.25 38.28 19.04
C GLY Y 190 8.84 38.78 17.66
N SER Y 191 8.11 37.94 16.92
CA SER Y 191 7.83 38.24 15.52
C SER Y 191 6.76 39.33 15.37
N SER Y 192 5.72 39.30 16.20
CA SER Y 192 4.50 40.03 15.92
C SER Y 192 4.62 41.55 16.11
N GLY Y 193 5.54 42.01 16.96
CA GLY Y 193 5.57 43.41 17.34
C GLY Y 193 6.92 44.04 17.07
N PHE Y 194 6.97 45.36 17.29
CA PHE Y 194 8.22 46.09 17.19
C PHE Y 194 9.22 45.56 18.21
N ASN Y 195 10.44 45.27 17.75
CA ASN Y 195 11.51 44.77 18.60
C ASN Y 195 12.57 45.85 18.72
N LEU Y 196 12.84 46.27 19.96
CA LEU Y 196 13.91 47.22 20.26
C LEU Y 196 14.95 46.54 21.11
N ILE Y 197 16.22 46.74 20.77
CA ILE Y 197 17.35 46.14 21.47
C ILE Y 197 18.33 47.25 21.83
N PHE Y 198 19.10 47.01 22.88
CA PHE Y 198 20.13 47.95 23.32
C PHE Y 198 21.28 47.17 23.92
N GLY Y 199 22.42 47.19 23.24
CA GLY Y 199 23.66 46.69 23.81
C GLY Y 199 24.47 47.86 24.35
N GLY Y 200 24.80 47.80 25.64
CA GLY Y 200 25.50 48.88 26.30
C GLY Y 200 26.74 48.42 27.03
N GLY Y 201 27.45 47.46 26.46
CA GLY Y 201 28.62 46.89 27.09
C GLY Y 201 28.23 45.76 28.03
N LYS Y 202 28.26 46.02 29.33
CA LYS Y 202 27.78 45.02 30.28
C LYS Y 202 26.28 44.82 30.15
N TRP Y 203 25.51 45.91 30.09
CA TRP Y 203 24.07 45.81 29.96
C TRP Y 203 23.67 45.31 28.58
N LEU Y 204 22.57 44.56 28.54
CA LEU Y 204 21.95 44.15 27.29
C LEU Y 204 20.46 43.96 27.56
N SER Y 205 19.62 44.58 26.74
CA SER Y 205 18.20 44.62 26.99
C SER Y 205 17.42 44.42 25.70
N PHE Y 206 16.20 43.92 25.84
CA PHE Y 206 15.30 43.72 24.72
C PHE Y 206 13.90 44.16 25.14
N MET Y 207 13.15 44.69 24.18
CA MET Y 207 11.79 45.15 24.44
C MET Y 207 10.92 44.85 23.23
N ASN Y 208 9.76 44.26 23.47
CA ASN Y 208 8.77 44.00 22.45
C ASN Y 208 7.51 44.77 22.82
N ALA Y 209 6.97 45.55 21.89
CA ALA Y 209 5.78 46.34 22.14
C ALA Y 209 5.00 46.52 20.85
N LEU Y 210 3.71 46.78 21.00
CA LEU Y 210 2.83 47.00 19.86
C LEU Y 210 1.50 47.49 20.37
N GLU Y 211 0.93 48.48 19.68
CA GLU Y 211 -0.48 48.81 19.81
C GLU Y 211 -1.00 49.08 18.40
N GLY Y 212 -1.81 48.15 17.87
CA GLY Y 212 -2.25 48.24 16.51
C GLY Y 212 -3.76 48.07 16.41
N SER Y 213 -4.29 48.57 15.30
CA SER Y 213 -5.72 48.53 15.05
C SER Y 213 -5.96 48.23 13.57
N GLY Y 214 -7.12 47.65 13.29
CA GLY Y 214 -7.47 47.29 11.94
C GLY Y 214 -8.91 47.65 11.65
N PHE Y 215 -9.17 47.88 10.36
CA PHE Y 215 -10.50 48.21 9.89
C PHE Y 215 -10.75 47.48 8.58
N ALA Y 216 -11.95 46.91 8.45
CA ALA Y 216 -12.33 46.17 7.25
C ALA Y 216 -13.75 46.53 6.88
N TYR Y 217 -14.00 46.65 5.57
CA TYR Y 217 -15.31 47.00 5.05
C TYR Y 217 -15.58 46.17 3.80
N THR Y 218 -16.82 45.72 3.66
CA THR Y 218 -17.23 44.90 2.54
C THR Y 218 -18.63 45.30 2.10
N LEU Y 219 -18.84 45.34 0.79
CA LEU Y 219 -20.13 45.68 0.20
C LEU Y 219 -20.33 44.86 -1.05
N ALA Y 220 -21.52 44.29 -1.20
CA ALA Y 220 -21.84 43.47 -2.36
C ALA Y 220 -23.32 43.66 -2.69
N ARG Y 221 -23.62 43.91 -3.96
CA ARG Y 221 -24.98 44.14 -4.42
C ARG Y 221 -25.27 43.30 -5.66
N PRO Y 222 -25.27 41.98 -5.53
CA PRO Y 222 -25.60 41.12 -6.67
C PRO Y 222 -27.06 41.24 -7.05
N SER Y 223 -27.34 41.05 -8.34
CA SER Y 223 -28.69 41.05 -8.87
C SER Y 223 -28.85 39.86 -9.80
N LEU Y 224 -30.08 39.37 -9.92
CA LEU Y 224 -30.34 38.17 -10.69
C LEU Y 224 -31.80 38.13 -11.09
N VAL Y 225 -32.06 37.75 -12.34
CA VAL Y 225 -33.41 37.68 -12.89
C VAL Y 225 -33.78 36.23 -13.12
N ALA Y 226 -35.04 35.91 -12.90
CA ALA Y 226 -35.53 34.56 -13.11
C ALA Y 226 -37.04 34.59 -13.30
N MET Y 227 -37.54 33.65 -14.08
CA MET Y 227 -38.96 33.51 -14.28
C MET Y 227 -39.61 32.88 -13.05
N SER Y 228 -40.90 33.15 -12.88
CA SER Y 228 -41.62 32.64 -11.71
C SER Y 228 -41.56 31.12 -11.67
N GLY Y 229 -41.20 30.59 -10.51
CA GLY Y 229 -41.15 29.17 -10.29
C GLY Y 229 -39.88 28.48 -10.78
N GLN Y 230 -38.94 29.23 -11.34
CA GLN Y 230 -37.71 28.67 -11.88
C GLN Y 230 -36.53 29.03 -10.99
N SER Y 231 -35.68 28.05 -10.73
CA SER Y 231 -34.49 28.28 -9.93
C SER Y 231 -33.42 29.01 -10.74
N ALA Y 232 -32.57 29.74 -10.03
CA ALA Y 232 -31.48 30.48 -10.65
C ALA Y 232 -30.28 30.48 -9.73
N SER Y 233 -29.10 30.66 -10.33
CA SER Y 233 -27.85 30.63 -9.59
C SER Y 233 -26.90 31.68 -10.16
N PHE Y 234 -25.98 32.14 -9.32
CA PHE Y 234 -25.00 33.14 -9.72
C PHE Y 234 -23.72 32.93 -8.93
N LEU Y 235 -22.60 33.09 -9.61
CA LEU Y 235 -21.28 32.98 -8.97
C LEU Y 235 -20.38 34.07 -9.52
N ALA Y 236 -19.58 34.66 -8.63
CA ALA Y 236 -18.67 35.74 -9.04
C ALA Y 236 -17.31 35.63 -8.38
N GLY Y 237 -16.94 34.47 -7.85
CA GLY Y 237 -15.67 34.31 -7.18
C GLY Y 237 -14.70 33.43 -7.95
N GLY Y 238 -14.57 32.18 -7.53
CA GLY Y 238 -13.65 31.28 -8.20
C GLY Y 238 -13.72 29.89 -7.59
N GLU Y 239 -12.79 29.05 -8.01
CA GLU Y 239 -12.70 27.68 -7.54
C GLU Y 239 -11.24 27.31 -7.34
N PHE Y 240 -10.93 26.70 -6.21
CA PHE Y 240 -9.59 26.27 -5.89
C PHE Y 240 -9.57 24.75 -5.71
N PRO Y 241 -8.41 24.10 -5.90
CA PRO Y 241 -8.35 22.64 -5.88
C PRO Y 241 -8.78 22.04 -4.55
N TYR Y 256 -13.09 20.53 -6.71
CA TYR Y 256 -12.88 21.97 -6.56
C TYR Y 256 -13.98 22.59 -5.69
N LYS Y 257 -13.59 23.55 -4.86
CA LYS Y 257 -14.48 24.20 -3.91
C LYS Y 257 -14.67 25.66 -4.31
N GLU Y 258 -15.91 26.11 -4.36
CA GLU Y 258 -16.23 27.46 -4.78
C GLU Y 258 -16.07 28.45 -3.62
N PHE Y 259 -15.98 29.72 -4.00
CA PHE Y 259 -15.95 30.81 -3.02
C PHE Y 259 -16.31 32.09 -3.75
N GLY Y 260 -16.29 33.20 -3.01
CA GLY Y 260 -16.70 34.48 -3.55
C GLY Y 260 -18.20 34.68 -3.48
N ILE Y 261 -18.65 35.74 -4.13
CA ILE Y 261 -20.08 36.08 -4.14
C ILE Y 261 -20.84 34.94 -4.78
N ARG Y 262 -21.80 34.37 -4.06
CA ARG Y 262 -22.68 33.34 -4.57
C ARG Y 262 -24.12 33.71 -4.23
N LEU Y 263 -25.05 33.21 -5.04
CA LEU Y 263 -26.46 33.51 -4.83
C LEU Y 263 -27.29 32.47 -5.55
N THR Y 264 -28.12 31.76 -4.80
CA THR Y 264 -29.11 30.84 -5.34
C THR Y 264 -30.48 31.26 -4.81
N LEU Y 265 -31.46 31.32 -5.70
CA LEU Y 265 -32.78 31.79 -5.31
C LEU Y 265 -33.83 31.17 -6.23
N THR Y 266 -35.09 31.31 -5.81
CA THR Y 266 -36.22 30.74 -6.53
C THR Y 266 -37.47 31.56 -6.26
N PRO Y 267 -37.77 32.55 -7.09
CA PRO Y 267 -38.92 33.43 -6.84
C PRO Y 267 -40.22 32.87 -7.39
N THR Y 268 -41.27 32.96 -6.58
CA THR Y 268 -42.61 32.55 -6.95
C THR Y 268 -43.54 33.73 -6.80
N VAL Y 269 -44.22 34.11 -7.87
CA VAL Y 269 -45.18 35.20 -7.86
C VAL Y 269 -46.56 34.60 -7.63
N MET Y 270 -47.18 34.95 -6.51
CA MET Y 270 -48.46 34.39 -6.13
C MET Y 270 -49.61 35.15 -6.78
N ASN Y 271 -50.80 34.55 -6.73
CA ASN Y 271 -51.96 35.13 -7.39
C ASN Y 271 -52.32 36.51 -6.85
N ASN Y 272 -51.89 36.84 -5.65
CA ASN Y 272 -52.09 38.16 -5.06
C ASN Y 272 -50.97 39.13 -5.40
N ARG Y 273 -50.09 38.78 -6.33
CA ARG Y 273 -48.98 39.59 -6.80
C ARG Y 273 -47.87 39.74 -5.76
N ARG Y 274 -47.96 39.04 -4.64
CA ARG Y 274 -46.86 39.02 -3.69
C ARG Y 274 -45.82 37.99 -4.10
N ILE Y 275 -44.57 38.26 -3.73
CA ILE Y 275 -43.42 37.46 -4.16
C ILE Y 275 -42.92 36.64 -2.99
N ALA Y 276 -42.88 35.33 -3.16
CA ALA Y 276 -42.32 34.41 -2.18
C ALA Y 276 -40.92 34.02 -2.63
N LEU Y 277 -39.93 34.31 -1.80
CA LEU Y 277 -38.53 34.12 -2.14
C LEU Y 277 -37.91 33.01 -1.31
N LYS Y 278 -37.35 32.01 -1.99
CA LYS Y 278 -36.40 31.08 -1.39
C LYS Y 278 -35.01 31.55 -1.83
N VAL Y 279 -34.22 32.01 -0.87
CA VAL Y 279 -32.98 32.72 -1.17
C VAL Y 279 -31.88 32.23 -0.24
N ALA Y 280 -30.66 32.18 -0.78
CA ALA Y 280 -29.50 31.67 -0.05
C ALA Y 280 -28.24 32.39 -0.50
N PRO Y 281 -28.03 33.62 -0.04
CA PRO Y 281 -26.82 34.36 -0.41
C PRO Y 281 -25.59 33.86 0.32
N GLU Y 282 -24.43 34.15 -0.27
CA GLU Y 282 -23.15 33.88 0.36
C GLU Y 282 -22.14 34.95 -0.03
N VAL Y 283 -21.19 35.20 0.87
CA VAL Y 283 -20.05 36.06 0.60
C VAL Y 283 -18.85 35.44 1.31
N SER Y 284 -17.89 34.94 0.54
CA SER Y 284 -16.76 34.21 1.09
C SER Y 284 -15.46 34.66 0.42
N GLU Y 285 -14.36 34.40 1.11
CA GLU Y 285 -13.04 34.78 0.62
C GLU Y 285 -12.01 33.86 1.26
N LEU Y 286 -10.83 33.83 0.66
CA LEU Y 286 -9.78 32.92 1.11
C LEU Y 286 -9.13 33.41 2.39
N ASP Y 287 -8.85 32.47 3.29
CA ASP Y 287 -8.10 32.72 4.51
C ASP Y 287 -7.00 31.67 4.59
N TYR Y 288 -5.77 32.12 4.81
CA TYR Y 288 -4.58 31.29 4.63
C TYR Y 288 -4.17 30.68 5.97
N SER Y 289 -4.37 29.38 6.11
CA SER Y 289 -3.91 28.63 7.28
C SER Y 289 -4.20 27.15 7.03
N ALA Y 290 -3.64 26.31 7.90
CA ALA Y 290 -3.92 24.87 7.88
C ALA Y 290 -3.33 24.19 6.64
N GLY Y 291 -3.57 22.88 6.54
CA GLY Y 291 -3.07 22.09 5.42
C GLY Y 291 -3.89 20.82 5.31
N ILE Y 292 -3.57 20.03 4.27
CA ILE Y 292 -4.32 18.82 3.97
C ILE Y 292 -3.40 17.85 3.23
N GLN Y 293 -3.77 16.56 3.27
CA GLN Y 293 -2.98 15.50 2.64
C GLN Y 293 -3.76 14.77 1.56
N SER Y 294 -5.01 15.14 1.30
CA SER Y 294 -5.85 14.45 0.33
C SER Y 294 -6.75 15.48 -0.33
N GLY Y 295 -6.90 15.35 -1.65
CA GLY Y 295 -7.70 16.28 -2.41
C GLY Y 295 -7.12 17.68 -2.51
N GLY Y 296 -5.87 17.86 -2.11
CA GLY Y 296 -5.25 19.18 -2.15
C GLY Y 296 -3.98 19.19 -1.34
N VAL Y 297 -3.33 20.36 -1.34
CA VAL Y 297 -2.10 20.57 -0.57
C VAL Y 297 -2.10 22.02 -0.08
N ALA Y 298 -1.73 22.20 1.19
CA ALA Y 298 -1.61 23.52 1.79
C ALA Y 298 -2.84 24.38 1.48
N VAL Y 299 -4.00 23.74 1.35
CA VAL Y 299 -5.20 24.45 0.90
C VAL Y 299 -5.57 25.51 1.93
N PRO Y 300 -5.99 26.70 1.52
CA PRO Y 300 -6.35 27.73 2.50
C PRO Y 300 -7.74 27.50 3.09
N ALA Y 301 -8.03 28.27 4.13
CA ALA Y 301 -9.34 28.27 4.75
C ALA Y 301 -10.22 29.35 4.12
N LEU Y 302 -11.49 29.35 4.51
CA LEU Y 302 -12.46 30.30 3.99
C LEU Y 302 -13.05 31.13 5.13
N ARG Y 303 -13.19 32.43 4.88
CA ARG Y 303 -13.94 33.34 5.73
C ARG Y 303 -15.32 33.50 5.10
N VAL Y 304 -16.34 32.93 5.74
CA VAL Y 304 -17.64 32.72 5.12
C VAL Y 304 -18.72 33.47 5.90
N ARG Y 305 -19.60 34.14 5.16
CA ARG Y 305 -20.80 34.76 5.71
C ARG Y 305 -21.95 34.42 4.76
N ARG Y 306 -22.88 33.59 5.23
CA ARG Y 306 -23.96 33.09 4.38
C ARG Y 306 -25.26 33.06 5.16
N THR Y 307 -26.37 33.03 4.41
CA THR Y 307 -27.70 32.95 4.98
C THR Y 307 -28.58 32.10 4.07
N ASP Y 308 -29.62 31.51 4.66
CA ASP Y 308 -30.59 30.72 3.90
C ASP Y 308 -31.93 30.79 4.63
N THR Y 309 -32.97 31.20 3.92
CA THR Y 309 -34.28 31.42 4.53
C THR Y 309 -35.31 31.53 3.42
N SER Y 310 -36.58 31.58 3.83
CA SER Y 310 -37.70 31.78 2.92
C SER Y 310 -38.61 32.87 3.48
N VAL Y 311 -39.04 33.77 2.61
CA VAL Y 311 -39.82 34.95 3.01
C VAL Y 311 -40.84 35.26 1.93
N MET Y 312 -41.77 36.17 2.25
CA MET Y 312 -42.76 36.67 1.32
C MET Y 312 -42.76 38.19 1.38
N LEU Y 313 -42.73 38.82 0.21
CA LEU Y 313 -42.74 40.28 0.12
C LEU Y 313 -43.61 40.70 -1.05
N ALA Y 314 -44.04 41.95 -1.03
CA ALA Y 314 -44.73 42.55 -2.16
C ALA Y 314 -43.71 43.26 -3.06
N ASP Y 315 -44.12 43.51 -4.29
CA ASP Y 315 -43.25 44.16 -5.26
C ASP Y 315 -42.64 45.43 -4.70
N GLY Y 316 -41.32 45.45 -4.56
CA GLY Y 316 -40.60 46.60 -4.09
C GLY Y 316 -40.31 46.61 -2.59
N GLU Y 317 -40.99 45.78 -1.81
CA GLU Y 317 -40.75 45.75 -0.38
C GLU Y 317 -39.40 45.08 -0.09
N SER Y 318 -38.93 45.24 1.15
CA SER Y 318 -37.60 44.80 1.52
C SER Y 318 -37.62 44.16 2.90
N PHE Y 319 -36.62 43.33 3.16
CA PHE Y 319 -36.41 42.71 4.46
C PHE Y 319 -34.94 42.77 4.82
N VAL Y 320 -34.67 42.92 6.12
CA VAL Y 320 -33.36 42.58 6.65
C VAL Y 320 -33.44 41.12 7.11
N ILE Y 321 -33.20 40.19 6.19
CA ILE Y 321 -33.39 38.78 6.48
C ILE Y 321 -32.39 38.29 7.52
N SER Y 322 -31.28 38.98 7.70
CA SER Y 322 -30.26 38.53 8.62
C SER Y 322 -29.45 39.73 9.09
N GLY Y 323 -28.92 39.61 10.30
CA GLY Y 323 -28.09 40.66 10.88
C GLY Y 323 -27.34 40.13 12.08
N LEU Y 324 -26.26 40.82 12.41
CA LEU Y 324 -25.40 40.38 13.50
C LEU Y 324 -24.67 41.56 14.10
N THR Y 325 -24.52 41.54 15.42
CA THR Y 325 -23.59 42.40 16.14
C THR Y 325 -22.80 41.52 17.09
N SER Y 326 -21.47 41.68 17.07
CA SER Y 326 -20.59 40.80 17.82
C SER Y 326 -19.49 41.63 18.47
N SER Y 327 -18.96 41.10 19.56
CA SER Y 327 -17.85 41.76 20.26
C SER Y 327 -17.10 40.70 21.06
N ASN Y 328 -15.78 40.75 20.98
CA ASN Y 328 -14.91 39.82 21.71
C ASN Y 328 -13.79 40.59 22.35
N SER Y 329 -13.43 40.20 23.58
CA SER Y 329 -12.34 40.82 24.29
C SER Y 329 -11.57 39.73 25.03
N VAL Y 330 -10.25 39.78 24.94
CA VAL Y 330 -9.37 38.83 25.62
C VAL Y 330 -8.19 39.60 26.19
N SER Y 331 -7.85 39.32 27.45
CA SER Y 331 -6.78 40.01 28.13
C SER Y 331 -6.00 39.02 28.98
N ASN Y 332 -4.73 39.37 29.23
CA ASN Y 332 -3.87 38.55 30.07
C ASN Y 332 -2.73 39.40 30.59
N VAL Y 333 -2.39 39.21 31.86
CA VAL Y 333 -1.30 39.95 32.51
C VAL Y 333 -0.42 38.96 33.25
N ASP Y 334 0.88 39.04 33.02
CA ASP Y 334 1.87 38.25 33.74
C ASP Y 334 2.84 39.19 34.43
N LYS Y 335 3.17 38.89 35.68
CA LYS Y 335 4.00 39.79 36.48
C LYS Y 335 4.91 38.96 37.38
N PHE Y 336 6.07 39.52 37.69
CA PHE Y 336 6.88 38.98 38.76
C PHE Y 336 6.16 39.21 40.09
N PRO Y 337 6.11 38.20 40.98
CA PRO Y 337 5.18 38.27 42.12
C PRO Y 337 5.23 39.56 42.91
N TRP Y 338 6.40 39.91 43.46
CA TRP Y 338 6.50 41.08 44.32
C TRP Y 338 6.83 42.35 43.55
N LEU Y 339 7.76 42.28 42.60
CA LEU Y 339 8.21 43.47 41.90
C LEU Y 339 7.13 44.02 40.96
N GLY Y 340 6.22 43.16 40.50
CA GLY Y 340 5.23 43.60 39.53
C GLY Y 340 4.26 44.64 40.07
N ASP Y 341 4.16 44.79 41.39
CA ASP Y 341 3.23 45.72 42.00
C ASP Y 341 3.87 47.04 42.39
N ILE Y 342 5.15 47.25 42.08
CA ILE Y 342 5.76 48.54 42.34
C ILE Y 342 5.04 49.61 41.51
N PRO Y 343 4.63 50.73 42.09
CA PRO Y 343 3.72 51.65 41.36
C PRO Y 343 4.29 52.17 40.06
N ILE Y 344 5.60 52.37 39.96
CA ILE Y 344 6.23 52.94 38.77
C ILE Y 344 7.09 51.89 38.06
N LEU Y 345 8.09 51.35 38.76
CA LEU Y 345 9.00 50.40 38.13
C LEU Y 345 8.36 49.04 37.87
N GLY Y 346 7.15 48.80 38.39
CA GLY Y 346 6.52 47.51 38.19
C GLY Y 346 6.26 47.19 36.74
N ALA Y 347 6.07 48.21 35.90
CA ALA Y 347 5.78 47.98 34.49
C ALA Y 347 6.86 47.14 33.82
N PHE Y 348 8.11 47.29 34.23
CA PHE Y 348 9.21 46.54 33.63
C PHE Y 348 9.22 45.08 34.09
N PHE Y 349 8.42 44.72 35.10
CA PHE Y 349 8.31 43.36 35.56
C PHE Y 349 6.97 42.73 35.19
N ARG Y 350 6.31 43.26 34.15
CA ARG Y 350 5.01 42.79 33.72
C ARG Y 350 5.01 42.53 32.22
N SER Y 351 4.24 41.53 31.80
CA SER Y 351 3.96 41.27 30.41
C SER Y 351 2.45 41.28 30.21
N THR Y 352 2.02 41.77 29.04
CA THR Y 352 0.61 42.05 28.81
C THR Y 352 0.22 41.67 27.39
N LYS Y 353 -1.06 41.38 27.21
CA LYS Y 353 -1.63 41.04 25.92
C LYS Y 353 -3.10 41.45 25.93
N LEU Y 354 -3.55 42.06 24.85
CA LEU Y 354 -4.94 42.49 24.71
C LEU Y 354 -5.39 42.29 23.28
N ASP Y 355 -6.55 41.68 23.10
CA ASP Y 355 -7.14 41.47 21.78
C ASP Y 355 -8.62 41.80 21.87
N LYS Y 356 -9.07 42.70 20.99
CA LYS Y 356 -10.47 43.11 20.94
C LYS Y 356 -10.94 43.09 19.50
N ASP Y 357 -12.22 42.79 19.31
CA ASP Y 357 -12.79 42.69 17.97
C ASP Y 357 -14.27 43.07 18.04
N ASP Y 358 -14.74 43.67 16.95
CA ASP Y 358 -16.14 44.05 16.81
C ASP Y 358 -16.57 43.81 15.38
N ARG Y 359 -17.87 43.64 15.18
CA ARG Y 359 -18.38 43.28 13.86
C ARG Y 359 -19.85 43.63 13.77
N GLU Y 360 -20.29 43.95 12.55
CA GLU Y 360 -21.68 44.22 12.26
C GLU Y 360 -21.98 43.74 10.84
N LEU Y 361 -23.19 43.21 10.65
CA LEU Y 361 -23.59 42.63 9.37
C LEU Y 361 -24.99 43.08 8.99
N LEU Y 362 -25.27 43.02 7.70
CA LEU Y 362 -26.61 43.24 7.17
C LEU Y 362 -26.75 42.48 5.87
N MET Y 363 -27.88 41.80 5.71
CA MET Y 363 -28.26 41.18 4.44
C MET Y 363 -29.69 41.59 4.14
N ILE Y 364 -29.88 42.27 3.00
CA ILE Y 364 -31.17 42.85 2.64
C ILE Y 364 -31.56 42.32 1.26
N VAL Y 365 -32.84 41.98 1.12
CA VAL Y 365 -33.37 41.46 -0.13
C VAL Y 365 -34.48 42.38 -0.61
N THR Y 366 -34.58 42.51 -1.93
CA THR Y 366 -35.59 43.38 -2.53
C THR Y 366 -36.00 42.84 -3.90
N PRO Y 367 -37.20 42.26 -4.02
CA PRO Y 367 -37.65 41.76 -5.32
C PRO Y 367 -38.46 42.80 -6.10
N HIS Y 368 -38.23 42.81 -7.40
CA HIS Y 368 -38.94 43.70 -8.31
C HIS Y 368 -39.53 42.88 -9.47
N LEU Y 369 -40.76 43.22 -9.86
CA LEU Y 369 -41.33 42.68 -11.08
C LEU Y 369 -40.87 43.51 -12.26
N VAL Y 370 -40.36 42.84 -13.29
CA VAL Y 370 -39.70 43.51 -14.42
C VAL Y 370 -40.21 42.93 -15.72
N GLN Y 371 -39.89 43.64 -16.80
CA GLN Y 371 -40.22 43.23 -18.16
C GLN Y 371 -38.99 43.43 -19.04
N PRO Y 372 -38.90 42.68 -20.14
CA PRO Y 372 -37.71 42.79 -20.99
C PRO Y 372 -37.57 44.18 -21.61
N LEU Y 373 -36.32 44.56 -21.87
CA LEU Y 373 -36.07 45.78 -22.63
C LEU Y 373 -36.66 45.66 -24.02
N ALA Y 374 -37.16 46.78 -24.55
CA ALA Y 374 -37.78 46.77 -25.85
C ALA Y 374 -36.75 46.51 -26.94
N ALA Y 375 -37.25 46.08 -28.11
CA ALA Y 375 -36.35 45.71 -29.20
C ALA Y 375 -35.48 46.88 -29.64
N ASP Y 376 -35.99 48.10 -29.51
CA ASP Y 376 -35.25 49.29 -29.92
C ASP Y 376 -34.47 49.93 -28.78
N ALA Y 377 -34.49 49.34 -27.59
CA ALA Y 377 -33.87 49.95 -26.44
C ALA Y 377 -32.35 49.95 -26.56
N GLN Y 378 -31.72 51.03 -26.09
CA GLN Y 378 -30.28 51.07 -25.94
C GLN Y 378 -29.89 50.29 -24.69
N LEU Y 379 -28.97 49.34 -24.85
CA LEU Y 379 -28.63 48.45 -23.75
C LEU Y 379 -27.90 49.22 -22.65
N PRO Y 380 -28.06 48.80 -21.39
CA PRO Y 380 -27.19 49.33 -20.33
C PRO Y 380 -25.74 48.95 -20.61
N ASP Y 381 -24.83 49.81 -20.17
CA ASP Y 381 -23.41 49.62 -20.47
C ASP Y 381 -22.58 50.16 -19.31
N LEU Y 382 -21.30 49.82 -19.34
CA LEU Y 382 -20.32 50.24 -18.37
C LEU Y 382 -19.19 50.98 -19.08
N PRO Y 383 -18.49 51.89 -18.37
CA PRO Y 383 -17.46 52.69 -19.05
C PRO Y 383 -16.49 51.84 -19.85
N THR Y 412 -38.57 77.46 -11.83
CA THR Y 412 -37.78 78.37 -12.67
C THR Y 412 -37.01 77.60 -13.74
N GLY Y 413 -37.00 76.28 -13.62
CA GLY Y 413 -36.33 75.42 -14.57
C GLY Y 413 -34.93 75.00 -14.16
N LEU Y 414 -34.34 75.71 -13.20
CA LEU Y 414 -33.01 75.35 -12.73
C LEU Y 414 -33.04 74.04 -11.96
N SER Y 415 -31.86 73.44 -11.82
CA SER Y 415 -31.74 72.13 -11.18
C SER Y 415 -32.11 72.17 -9.70
N ASP Y 416 -31.98 73.32 -9.06
CA ASP Y 416 -32.15 73.87 -7.72
C ASP Y 416 -30.96 73.52 -6.84
N GLU Z 28 -7.39 67.40 -11.92
CA GLU Z 28 -7.79 66.27 -11.08
C GLU Z 28 -7.72 66.65 -9.61
N CYS Z 29 -8.25 65.78 -8.75
CA CYS Z 29 -8.28 65.98 -7.31
C CYS Z 29 -7.40 64.93 -6.66
N SER Z 30 -6.21 65.36 -6.21
CA SER Z 30 -5.25 64.44 -5.60
C SER Z 30 -5.37 64.50 -4.08
N GLN Z 31 -6.55 64.11 -3.61
CA GLN Z 31 -6.85 64.05 -2.19
C GLN Z 31 -7.89 62.98 -1.95
N GLN Z 32 -7.54 61.99 -1.13
CA GLN Z 32 -8.44 60.89 -0.79
C GLN Z 32 -8.50 60.74 0.73
N LEU Z 33 -9.68 60.43 1.23
CA LEU Z 33 -9.92 60.30 2.65
C LEU Z 33 -10.09 58.84 3.05
N GLY Z 34 -9.71 58.53 4.29
CA GLY Z 34 -9.71 57.17 4.77
C GLY Z 34 -11.09 56.61 4.97
N GLN Z 35 -11.14 55.28 5.06
CA GLN Z 35 -12.39 54.55 5.27
C GLN Z 35 -13.08 54.90 6.58
N GLU Z 36 -12.42 55.68 7.44
CA GLU Z 36 -13.07 56.17 8.64
C GLU Z 36 -13.80 57.49 8.41
N GLN Z 37 -13.21 58.41 7.65
CA GLN Z 37 -13.79 59.71 7.36
C GLN Z 37 -14.43 59.80 5.98
N GLU Z 38 -14.34 58.75 5.17
CA GLU Z 38 -15.05 58.67 3.89
C GLU Z 38 -16.34 57.89 4.01
N LEU Z 39 -16.35 56.84 4.83
CA LEU Z 39 -17.59 56.21 5.26
C LEU Z 39 -18.52 57.25 5.88
N GLN Z 40 -17.95 58.38 6.30
CA GLN Z 40 -18.70 59.49 6.86
C GLN Z 40 -19.27 60.39 5.77
N MET Z 41 -18.46 60.69 4.75
CA MET Z 41 -18.97 61.45 3.60
C MET Z 41 -20.12 60.71 2.92
N ASN Z 42 -20.10 59.37 2.95
CA ASN Z 42 -21.25 58.63 2.43
C ASN Z 42 -22.53 59.01 3.17
N MET Z 43 -22.47 59.01 4.51
CA MET Z 43 -23.62 59.42 5.30
C MET Z 43 -24.00 60.87 5.02
N VAL Z 44 -23.00 61.72 4.84
CA VAL Z 44 -23.27 63.13 4.50
C VAL Z 44 -24.09 63.20 3.23
N ARG Z 45 -23.65 62.49 2.18
CA ARG Z 45 -24.41 62.48 0.93
C ARG Z 45 -25.82 61.96 1.14
N ASP Z 46 -25.96 60.89 1.92
CA ASP Z 46 -27.28 60.35 2.22
C ASP Z 46 -28.17 61.44 2.82
N MET Z 47 -27.63 62.21 3.77
CA MET Z 47 -28.40 63.30 4.35
C MET Z 47 -28.73 64.35 3.30
N ILE Z 48 -27.77 64.68 2.43
CA ILE Z 48 -28.02 65.70 1.40
C ILE Z 48 -29.22 65.33 0.55
N ARG Z 49 -29.23 64.09 0.04
CA ARG Z 49 -30.33 63.67 -0.81
C ARG Z 49 -31.58 63.26 -0.03
N GLU Z 50 -31.49 63.18 1.30
CA GLU Z 50 -32.65 62.87 2.12
C GLU Z 50 -33.50 64.10 2.42
N GLY Z 51 -33.03 65.29 2.07
CA GLY Z 51 -33.66 66.51 2.52
C GLY Z 51 -33.16 67.00 3.86
N ARG Z 52 -32.17 66.31 4.43
CA ARG Z 52 -31.58 66.67 5.72
C ARG Z 52 -30.34 67.53 5.56
N LEU Z 53 -30.33 68.43 4.59
CA LEU Z 53 -29.21 69.33 4.34
C LEU Z 53 -28.59 69.85 5.63
N HIS Z 54 -29.44 70.25 6.58
CA HIS Z 54 -28.93 70.85 7.82
C HIS Z 54 -28.21 69.82 8.68
N ALA Z 55 -28.77 68.61 8.77
CA ALA Z 55 -28.08 67.53 9.46
C ALA Z 55 -26.78 67.16 8.75
N ALA Z 56 -26.79 67.20 7.41
CA ALA Z 56 -25.55 67.00 6.67
C ALA Z 56 -24.53 68.06 7.02
N LEU Z 57 -24.98 69.31 7.16
CA LEU Z 57 -24.08 70.38 7.59
C LEU Z 57 -23.52 70.09 8.97
N ALA Z 58 -24.36 69.61 9.87
CA ALA Z 58 -23.88 69.25 11.21
C ALA Z 58 -22.77 68.20 11.12
N ASN Z 59 -23.04 67.12 10.38
CA ASN Z 59 -22.07 66.04 10.28
C ASN Z 59 -20.79 66.49 9.59
N LEU Z 60 -20.90 67.36 8.59
CA LEU Z 60 -19.71 67.94 7.97
C LEU Z 60 -18.92 68.77 8.98
N GLU Z 61 -19.62 69.60 9.75
CA GLU Z 61 -18.96 70.37 10.80
C GLU Z 61 -18.21 69.46 11.76
N SER Z 62 -18.76 68.26 12.01
CA SER Z 62 -18.01 67.26 12.76
C SER Z 62 -16.71 66.91 12.06
N MET Z 63 -16.76 66.76 10.74
CA MET Z 63 -15.60 66.40 9.94
C MET Z 63 -14.66 67.60 9.82
N PRO Z 64 -13.40 67.36 9.42
CA PRO Z 64 -12.40 68.43 9.48
C PRO Z 64 -12.71 69.56 8.51
N PRO Z 65 -12.68 70.81 8.98
CA PRO Z 65 -12.76 71.93 8.05
C PRO Z 65 -11.47 72.11 7.28
N GLY Z 66 -11.60 72.54 6.02
CA GLY Z 66 -10.49 72.62 5.11
C GLY Z 66 -10.41 71.47 4.14
N LEU Z 67 -11.13 70.38 4.40
CA LEU Z 67 -11.22 69.27 3.47
C LEU Z 67 -12.04 69.70 2.26
N LEU Z 68 -11.42 69.67 1.07
CA LEU Z 68 -12.08 70.19 -0.12
C LEU Z 68 -13.46 69.58 -0.31
N ASP Z 69 -13.57 68.26 -0.16
CA ASP Z 69 -14.88 67.61 -0.28
C ASP Z 69 -15.87 68.18 0.73
N VAL Z 70 -15.46 68.24 2.00
CA VAL Z 70 -16.34 68.79 3.03
C VAL Z 70 -16.63 70.26 2.75
N ARG Z 71 -15.64 70.99 2.24
CA ARG Z 71 -15.85 72.41 1.97
C ARG Z 71 -16.92 72.61 0.89
N GLU Z 72 -16.81 71.88 -0.21
CA GLU Z 72 -17.80 72.02 -1.28
C GLU Z 72 -19.17 71.52 -0.87
N GLU Z 73 -19.22 70.43 -0.11
CA GLU Z 73 -20.51 69.95 0.37
C GLU Z 73 -21.18 70.97 1.28
N ARG Z 74 -20.40 71.56 2.19
CA ARG Z 74 -20.92 72.61 3.06
C ARG Z 74 -21.43 73.79 2.23
N ALA Z 75 -20.66 74.19 1.22
CA ALA Z 75 -21.10 75.30 0.37
C ALA Z 75 -22.42 74.99 -0.33
N LEU Z 76 -22.56 73.76 -0.85
CA LEU Z 76 -23.82 73.33 -1.44
C LEU Z 76 -24.97 73.52 -0.46
N ILE Z 77 -24.80 72.98 0.76
CA ILE Z 77 -25.86 73.10 1.77
C ILE Z 77 -26.16 74.55 2.07
N LEU Z 78 -25.12 75.36 2.27
CA LEU Z 78 -25.30 76.76 2.62
C LEU Z 78 -26.08 77.50 1.53
N ARG Z 79 -25.72 77.27 0.26
CA ARG Z 79 -26.42 77.94 -0.82
C ARG Z 79 -27.87 77.51 -0.89
N ARG Z 80 -28.14 76.22 -0.73
CA ARG Z 80 -29.52 75.76 -0.83
C ARG Z 80 -30.37 76.27 0.33
N ILE Z 81 -29.82 76.31 1.54
CA ILE Z 81 -30.60 76.71 2.71
C ILE Z 81 -30.71 78.21 2.87
N GLY Z 82 -29.93 78.99 2.13
CA GLY Z 82 -29.99 80.43 2.20
C GLY Z 82 -28.95 81.08 3.09
N ASP Z 83 -27.94 80.33 3.54
CA ASP Z 83 -26.91 80.92 4.38
C ASP Z 83 -26.09 81.93 3.58
N PRO Z 84 -25.48 82.91 4.25
CA PRO Z 84 -24.68 83.92 3.55
C PRO Z 84 -23.24 83.53 3.30
N ARG Z 85 -22.78 82.40 3.83
CA ARG Z 85 -21.38 82.00 3.72
C ARG Z 85 -21.11 81.13 2.50
N ALA Z 86 -22.15 80.60 1.85
CA ALA Z 86 -21.95 79.82 0.64
C ALA Z 86 -21.11 80.58 -0.39
N ARG Z 87 -21.33 81.89 -0.49
CA ARG Z 87 -20.58 82.71 -1.43
C ARG Z 87 -19.08 82.58 -1.18
N ALA Z 88 -18.66 82.79 0.07
CA ALA Z 88 -17.24 82.69 0.40
C ALA Z 88 -16.71 81.28 0.21
N GLU Z 89 -17.52 80.27 0.57
CA GLU Z 89 -17.08 78.89 0.39
C GLU Z 89 -16.79 78.59 -1.07
N TYR Z 90 -17.72 78.93 -1.95
CA TYR Z 90 -17.46 78.80 -3.39
C TYR Z 90 -16.23 79.61 -3.79
N GLN Z 91 -16.11 80.83 -3.27
CA GLN Z 91 -14.98 81.68 -3.64
C GLN Z 91 -13.65 81.00 -3.31
N ALA Z 92 -13.52 80.48 -2.09
CA ALA Z 92 -12.28 79.83 -1.71
C ALA Z 92 -11.99 78.61 -2.57
N LEU Z 93 -13.02 77.83 -2.90
CA LEU Z 93 -12.85 76.60 -3.66
C LEU Z 93 -12.56 76.85 -5.13
N LEU Z 94 -12.74 78.09 -5.62
CA LEU Z 94 -12.38 78.38 -7.01
C LEU Z 94 -10.91 78.09 -7.29
N GLU Z 95 -10.05 78.31 -6.29
CA GLU Z 95 -8.61 78.16 -6.45
C GLU Z 95 -8.10 76.79 -6.04
N THR Z 96 -8.94 75.76 -6.13
CA THR Z 96 -8.60 74.39 -5.75
C THR Z 96 -9.06 73.43 -6.84
N CYS Z 97 -8.84 72.14 -6.60
CA CYS Z 97 -9.37 71.13 -7.52
C CYS Z 97 -10.89 71.20 -7.59
N LYS Z 98 -11.53 71.75 -6.57
CA LYS Z 98 -12.98 71.98 -6.60
C LYS Z 98 -13.28 73.30 -7.31
N ALA Z 99 -12.74 73.48 -8.51
CA ALA Z 99 -12.97 74.68 -9.30
C ALA Z 99 -14.33 74.64 -10.01
N PRO Z 100 -14.60 73.62 -10.83
CA PRO Z 100 -15.87 73.62 -11.59
C PRO Z 100 -17.09 73.89 -10.73
N GLU Z 101 -17.23 73.17 -9.61
CA GLU Z 101 -18.42 73.34 -8.79
C GLU Z 101 -18.42 74.68 -8.06
N ALA Z 102 -17.25 75.25 -7.79
CA ALA Z 102 -17.20 76.59 -7.21
C ALA Z 102 -17.71 77.63 -8.21
N HIS Z 103 -17.24 77.55 -9.45
CA HIS Z 103 -17.76 78.45 -10.49
C HIS Z 103 -19.27 78.27 -10.63
N HIS Z 104 -19.73 77.02 -10.65
CA HIS Z 104 -21.16 76.76 -10.79
C HIS Z 104 -21.96 77.32 -9.62
N GLY Z 105 -21.42 77.19 -8.40
CA GLY Z 105 -22.06 77.75 -7.22
C GLY Z 105 -22.19 79.26 -7.28
N LEU Z 106 -21.09 79.94 -7.64
CA LEU Z 106 -21.15 81.38 -7.81
C LEU Z 106 -22.15 81.78 -8.89
N GLY Z 107 -22.20 81.02 -9.98
CA GLY Z 107 -23.19 81.27 -11.01
C GLY Z 107 -24.62 81.15 -10.50
N LEU Z 108 -24.90 80.06 -9.77
CA LEU Z 108 -26.23 79.90 -9.20
C LEU Z 108 -26.55 80.99 -8.19
N LEU Z 109 -25.56 81.47 -7.44
CA LEU Z 109 -25.77 82.63 -6.59
C LEU Z 109 -26.19 83.84 -7.40
N ALA Z 110 -25.45 84.13 -8.47
CA ALA Z 110 -25.81 85.24 -9.34
C ALA Z 110 -27.24 85.09 -9.87
N LEU Z 111 -27.61 83.86 -10.25
CA LEU Z 111 -28.98 83.61 -10.68
C LEU Z 111 -29.98 83.89 -9.57
N ARG Z 112 -29.68 83.46 -8.35
CA ARG Z 112 -30.56 83.74 -7.22
C ARG Z 112 -30.74 85.23 -7.03
N ASN Z 113 -29.67 86.00 -7.15
CA ASN Z 113 -29.76 87.45 -7.08
C ASN Z 113 -30.45 88.06 -8.29
N GLY Z 114 -30.65 87.30 -9.36
CA GLY Z 114 -31.23 87.80 -10.58
C GLY Z 114 -30.25 88.42 -11.55
N ASP Z 115 -28.98 88.54 -11.17
CA ASP Z 115 -27.95 89.13 -12.03
C ASP Z 115 -27.51 88.07 -13.03
N SER Z 116 -28.32 87.91 -14.08
CA SER Z 116 -28.03 86.91 -15.10
C SER Z 116 -26.75 87.21 -15.88
N ALA Z 117 -26.31 88.46 -15.90
CA ALA Z 117 -25.15 88.85 -16.70
C ALA Z 117 -23.92 88.03 -16.36
N ARG Z 118 -23.44 88.15 -15.12
CA ARG Z 118 -22.29 87.36 -14.69
C ARG Z 118 -22.65 85.89 -14.47
N ALA Z 119 -23.92 85.59 -14.22
CA ALA Z 119 -24.33 84.20 -14.05
C ALA Z 119 -24.06 83.40 -15.30
N VAL Z 120 -24.38 83.97 -16.47
CA VAL Z 120 -24.13 83.27 -17.73
C VAL Z 120 -22.64 83.04 -17.91
N LEU Z 121 -21.82 84.04 -17.60
CA LEU Z 121 -20.38 83.89 -17.74
C LEU Z 121 -19.84 82.77 -16.87
N GLU Z 122 -20.23 82.76 -15.59
CA GLU Z 122 -19.72 81.75 -14.68
C GLU Z 122 -20.24 80.36 -15.04
N LEU Z 123 -21.50 80.26 -15.48
CA LEU Z 123 -22.03 78.98 -15.91
C LEU Z 123 -21.31 78.48 -17.16
N ARG Z 124 -20.98 79.39 -18.08
CA ARG Z 124 -20.18 79.00 -19.24
C ARG Z 124 -18.83 78.45 -18.80
N GLU Z 125 -18.16 79.15 -17.88
CA GLU Z 125 -16.87 78.67 -17.41
C GLU Z 125 -16.99 77.28 -16.78
N ALA Z 126 -17.99 77.09 -15.92
CA ALA Z 126 -18.17 75.80 -15.25
C ALA Z 126 -18.46 74.69 -16.26
N ALA Z 127 -19.39 74.94 -17.18
CA ALA Z 127 -19.71 73.95 -18.20
C ALA Z 127 -18.51 73.64 -19.07
N ARG Z 128 -17.60 74.61 -19.26
CA ARG Z 128 -16.38 74.34 -20.01
C ARG Z 128 -15.46 73.40 -19.24
N LEU Z 129 -15.16 73.76 -17.98
CA LEU Z 129 -14.12 73.03 -17.25
C LEU Z 129 -14.51 71.57 -17.00
N ARG Z 130 -15.78 71.30 -16.68
CA ARG Z 130 -16.28 69.93 -16.52
C ARG Z 130 -17.51 69.79 -17.39
N PRO Z 131 -17.35 69.40 -18.65
CA PRO Z 131 -18.48 69.45 -19.58
C PRO Z 131 -19.56 68.41 -19.33
N THR Z 132 -19.20 67.19 -18.97
CA THR Z 132 -20.18 66.11 -18.94
C THR Z 132 -21.25 66.31 -17.87
N GLU Z 133 -21.09 67.28 -16.98
CA GLU Z 133 -22.06 67.50 -15.91
C GLU Z 133 -23.39 67.99 -16.49
N SER Z 134 -24.39 67.10 -16.50
CA SER Z 134 -25.71 67.45 -17.02
C SER Z 134 -26.29 68.64 -16.27
N ARG Z 135 -26.12 68.66 -14.94
CA ARG Z 135 -26.64 69.76 -14.14
C ARG Z 135 -26.06 71.10 -14.60
N PHE Z 136 -24.75 71.16 -14.83
CA PHE Z 136 -24.12 72.39 -15.29
C PHE Z 136 -24.70 72.83 -16.65
N ARG Z 137 -24.84 71.88 -17.57
CA ARG Z 137 -25.35 72.21 -18.90
C ARG Z 137 -26.78 72.71 -18.83
N ASN Z 138 -27.62 72.07 -18.03
CA ASN Z 138 -29.01 72.49 -17.93
C ASN Z 138 -29.16 73.83 -17.22
N ASP Z 139 -28.25 74.15 -16.29
CA ASP Z 139 -28.28 75.48 -15.68
C ASP Z 139 -27.77 76.55 -16.64
N LEU Z 140 -26.69 76.26 -17.37
CA LEU Z 140 -26.16 77.22 -18.33
C LEU Z 140 -27.17 77.51 -19.43
N GLY Z 141 -27.91 76.49 -19.88
CA GLY Z 141 -28.93 76.73 -20.89
C GLY Z 141 -30.02 77.67 -20.40
N VAL Z 142 -30.47 77.47 -19.16
CA VAL Z 142 -31.47 78.37 -18.59
C VAL Z 142 -30.91 79.78 -18.46
N ALA Z 143 -29.66 79.91 -18.03
CA ALA Z 143 -29.05 81.23 -17.93
C ALA Z 143 -28.99 81.92 -19.29
N LEU Z 144 -28.59 81.18 -20.33
CA LEU Z 144 -28.57 81.76 -21.67
C LEU Z 144 -29.97 82.17 -22.12
N LEU Z 145 -30.94 81.29 -21.92
CA LEU Z 145 -32.32 81.60 -22.30
C LEU Z 145 -32.79 82.89 -21.63
N LYS Z 146 -32.48 83.04 -20.34
CA LYS Z 146 -32.80 84.30 -19.67
C LYS Z 146 -32.04 85.46 -20.27
N ARG Z 147 -30.77 85.25 -20.64
CA ARG Z 147 -29.95 86.33 -21.16
C ARG Z 147 -30.24 86.68 -22.61
N GLY Z 148 -30.85 85.76 -23.37
CA GLY Z 148 -31.30 86.04 -24.72
C GLY Z 148 -30.55 85.31 -25.81
N ASP Z 149 -29.46 84.63 -25.51
CA ASP Z 149 -28.74 83.84 -26.51
C ASP Z 149 -29.51 82.54 -26.77
N ARG Z 150 -30.59 82.68 -27.55
CA ARG Z 150 -31.50 81.56 -27.78
C ARG Z 150 -30.82 80.40 -28.49
N VAL Z 151 -29.95 80.69 -29.46
CA VAL Z 151 -29.25 79.63 -30.16
C VAL Z 151 -28.28 78.92 -29.22
N GLY Z 152 -27.53 79.69 -28.43
CA GLY Z 152 -26.65 79.10 -27.44
C GLY Z 152 -27.43 78.37 -26.35
N ALA Z 153 -28.58 78.92 -25.96
CA ALA Z 153 -29.43 78.25 -24.98
C ALA Z 153 -29.92 76.91 -25.52
N ARG Z 154 -30.29 76.87 -26.81
CA ARG Z 154 -30.68 75.61 -27.43
C ARG Z 154 -29.52 74.62 -27.43
N PHE Z 155 -28.32 75.11 -27.77
CA PHE Z 155 -27.13 74.26 -27.73
C PHE Z 155 -26.97 73.63 -26.36
N GLU Z 156 -27.01 74.46 -25.31
CA GLU Z 156 -26.75 73.95 -23.95
C GLU Z 156 -27.87 73.03 -23.48
N PHE Z 157 -29.12 73.38 -23.78
CA PHE Z 157 -30.24 72.52 -23.39
C PHE Z 157 -30.15 71.18 -24.09
N ILE Z 158 -29.78 71.17 -25.37
CA ILE Z 158 -29.63 69.89 -26.07
C ILE Z 158 -28.49 69.08 -25.47
N THR Z 159 -27.39 69.73 -25.12
CA THR Z 159 -26.30 69.02 -24.46
C THR Z 159 -26.79 68.36 -23.17
N ALA Z 160 -27.50 69.12 -22.34
CA ALA Z 160 -28.00 68.58 -21.07
C ALA Z 160 -28.99 67.44 -21.32
N LEU Z 161 -29.92 67.62 -22.26
CA LEU Z 161 -30.92 66.61 -22.52
C LEU Z 161 -30.30 65.32 -23.08
N GLU Z 162 -29.23 65.46 -23.85
CA GLU Z 162 -28.54 64.28 -24.37
C GLU Z 162 -27.74 63.58 -23.29
N LEU Z 163 -27.09 64.36 -22.42
CA LEU Z 163 -26.32 63.76 -21.32
C LEU Z 163 -27.22 62.91 -20.43
N GLN Z 164 -28.33 63.47 -19.97
CA GLN Z 164 -29.26 62.73 -19.13
C GLN Z 164 -30.00 61.68 -19.95
N GLN Z 165 -30.32 60.56 -19.30
CA GLN Z 165 -30.97 59.43 -19.97
C GLN Z 165 -32.43 59.80 -20.23
N GLY Z 166 -32.64 60.59 -21.27
CA GLY Z 166 -33.95 61.07 -21.65
C GLY Z 166 -34.33 62.40 -21.03
N GLY Z 167 -33.78 62.73 -19.87
CA GLY Z 167 -34.02 64.01 -19.24
C GLY Z 167 -35.38 64.16 -18.61
N LYS Z 168 -35.44 64.89 -17.50
CA LYS Z 168 -36.70 65.31 -16.89
C LYS Z 168 -36.82 66.83 -16.90
N LEU Z 169 -35.83 67.53 -16.36
CA LEU Z 169 -35.80 68.98 -16.43
C LEU Z 169 -35.32 69.41 -17.82
N PRO Z 170 -34.25 68.81 -18.37
CA PRO Z 170 -33.82 69.18 -19.72
C PRO Z 170 -34.88 69.09 -20.80
N ALA Z 171 -35.70 68.03 -20.75
CA ALA Z 171 -36.69 67.83 -21.82
C ALA Z 171 -37.68 68.99 -21.87
N THR Z 172 -38.24 69.37 -20.72
CA THR Z 172 -39.13 70.52 -20.69
C THR Z 172 -38.39 71.83 -20.77
N ASN Z 173 -37.08 71.85 -20.51
CA ASN Z 173 -36.27 73.04 -20.73
C ASN Z 173 -36.09 73.35 -22.20
N LEU Z 174 -36.08 72.33 -23.05
CA LEU Z 174 -36.08 72.54 -24.49
C LEU Z 174 -37.50 72.69 -25.04
N LEU Z 175 -38.48 72.01 -24.46
CA LEU Z 175 -39.86 72.19 -24.88
C LEU Z 175 -40.33 73.63 -24.67
N GLY Z 176 -40.05 74.21 -23.49
CA GLY Z 176 -40.44 75.58 -23.23
C GLY Z 176 -39.67 76.58 -24.06
N LEU Z 177 -38.40 76.28 -24.37
CA LEU Z 177 -37.66 77.12 -25.31
C LEU Z 177 -38.32 77.09 -26.68
N LEU Z 178 -38.73 75.92 -27.14
CA LEU Z 178 -39.47 75.82 -28.41
C LEU Z 178 -40.77 76.62 -28.35
N TYR Z 179 -41.50 76.48 -27.24
CA TYR Z 179 -42.75 77.24 -27.07
C TYR Z 179 -42.49 78.74 -27.15
N LEU Z 180 -41.46 79.22 -26.45
CA LEU Z 180 -41.06 80.62 -26.58
C LEU Z 180 -40.73 80.96 -28.03
N GLN Z 181 -40.17 80.02 -28.78
CA GLN Z 181 -39.84 80.23 -30.18
C GLN Z 181 -41.01 79.98 -31.12
N GLY Z 182 -42.11 79.41 -30.63
CA GLY Z 182 -43.32 79.30 -31.42
C GLY Z 182 -43.41 78.10 -32.32
N ASP Z 183 -42.38 77.25 -32.36
CA ASP Z 183 -42.43 76.05 -33.20
C ASP Z 183 -43.31 75.00 -32.56
N ARG Z 184 -44.63 75.21 -32.63
CA ARG Z 184 -45.56 74.33 -31.93
C ARG Z 184 -45.48 72.90 -32.44
N GLU Z 185 -45.35 72.71 -33.75
CA GLU Z 185 -45.31 71.35 -34.28
C GLU Z 185 -43.98 70.66 -33.97
N ASP Z 186 -42.88 71.40 -33.91
CA ASP Z 186 -41.63 70.82 -33.42
C ASP Z 186 -41.76 70.44 -31.95
N ALA Z 187 -42.40 71.29 -31.16
CA ALA Z 187 -42.66 70.94 -29.76
C ALA Z 187 -43.49 69.66 -29.68
N GLN Z 188 -44.50 69.52 -30.54
CA GLN Z 188 -45.32 68.31 -30.54
C GLN Z 188 -44.51 67.09 -30.97
N ARG Z 189 -43.61 67.28 -31.94
CA ARG Z 189 -42.65 66.24 -32.29
C ARG Z 189 -41.91 65.76 -31.04
N LEU Z 190 -41.46 66.70 -30.21
CA LEU Z 190 -40.78 66.30 -28.98
C LEU Z 190 -41.75 65.66 -27.99
N ILE Z 191 -43.00 66.12 -27.95
CA ILE Z 191 -44.00 65.48 -27.10
C ILE Z 191 -44.11 64.00 -27.44
N GLU Z 192 -44.18 63.70 -28.74
CA GLU Z 192 -44.26 62.31 -29.18
C GLU Z 192 -42.98 61.55 -28.86
N ARG Z 193 -41.83 62.12 -29.23
CA ARG Z 193 -40.57 61.42 -29.07
C ARG Z 193 -40.25 61.14 -27.60
N LEU Z 194 -40.21 62.20 -26.78
CA LEU Z 194 -39.97 62.04 -25.36
C LEU Z 194 -41.09 61.29 -24.65
N GLN Z 195 -42.28 61.21 -25.27
CA GLN Z 195 -43.46 60.64 -24.63
C GLN Z 195 -43.89 61.47 -23.42
N LEU Z 196 -43.88 62.78 -23.58
CA LEU Z 196 -44.28 63.68 -22.51
C LEU Z 196 -45.75 63.49 -22.17
N ASP Z 197 -46.09 63.80 -20.91
CA ASP Z 197 -47.45 63.70 -20.41
C ASP Z 197 -47.97 65.08 -20.05
N ALA Z 198 -49.30 65.21 -20.06
CA ALA Z 198 -49.92 66.49 -19.72
C ALA Z 198 -49.49 66.97 -18.34
N ARG Z 199 -49.26 66.05 -17.40
CA ARG Z 199 -48.74 66.42 -16.10
C ARG Z 199 -47.45 67.23 -16.23
N ASP Z 200 -46.67 66.96 -17.28
CA ASP Z 200 -45.50 67.76 -17.57
C ASP Z 200 -45.77 68.89 -18.55
N ILE Z 201 -46.84 68.79 -19.35
CA ILE Z 201 -47.18 69.89 -20.27
C ILE Z 201 -47.59 71.13 -19.48
N ARG Z 202 -48.32 70.94 -18.38
CA ARG Z 202 -48.70 72.09 -17.55
C ARG Z 202 -47.46 72.82 -17.04
N ALA Z 203 -46.52 72.08 -16.46
CA ALA Z 203 -45.29 72.69 -16.00
C ALA Z 203 -44.49 73.27 -17.16
N ALA Z 204 -44.59 72.66 -18.34
CA ALA Z 204 -43.88 73.18 -19.50
C ALA Z 204 -44.39 74.57 -19.87
N GLU Z 205 -45.70 74.74 -19.95
CA GLU Z 205 -46.24 76.07 -20.25
C GLU Z 205 -45.93 77.05 -19.12
N ALA Z 206 -45.98 76.58 -17.87
CA ALA Z 206 -45.66 77.45 -16.75
C ALA Z 206 -44.23 77.98 -16.86
N ARG Z 207 -43.28 77.10 -17.15
CA ARG Z 207 -41.89 77.54 -17.25
C ARG Z 207 -41.66 78.36 -18.52
N ALA Z 208 -42.38 78.06 -19.60
CA ALA Z 208 -42.31 78.89 -20.79
C ALA Z 208 -42.72 80.32 -20.47
N ARG Z 209 -43.79 80.49 -19.69
CA ARG Z 209 -44.14 81.81 -19.20
C ARG Z 209 -43.03 82.36 -18.30
N SER Z 210 -42.46 81.51 -17.44
CA SER Z 210 -41.39 81.97 -16.56
C SER Z 210 -40.23 82.57 -17.35
N TRP Z 211 -39.76 81.85 -18.37
CA TRP Z 211 -38.69 82.39 -19.20
C TRP Z 211 -39.15 83.66 -19.92
N GLY Z 212 -38.26 84.63 -20.00
CA GLY Z 212 -38.56 85.89 -20.64
C GLY Z 212 -38.92 86.97 -19.64
#